data_8WA1
#
_entry.id   8WA1
#
_cell.length_a   1.00
_cell.length_b   1.00
_cell.length_c   1.00
_cell.angle_alpha   90.00
_cell.angle_beta   90.00
_cell.angle_gamma   90.00
#
_symmetry.space_group_name_H-M   'P 1'
#
loop_
_entity.id
_entity.type
_entity.pdbx_description
1 polymer 'DNA-directed RNA polymerase subunit alpha'
2 polymer 'DNA-directed RNA polymerase subunit beta'
3 polymer 'DNA-directed RNA polymerase subunit gamma'
4 polymer PAP1(pTAC3)
5 polymer 'Pentatricopeptide repeat-containing protein At1g74850, chloroplastic-like'
6 polymer 'Protein PLASTID TRANSCRIPTIONALLY ACTIVE 10-like'
7 polymer 'superoxide dismutase'
8 polymer 'Protein PLASTID TRANSCRIPTIONALLY ACTIVE 12-like'
9 polymer 'Fructokinase-like 1, chloroplastic'
10 polymer 'Protein PLASTID TRANSCRIPTIONALLY ACTIVE 14-like isoform X2'
11 polymer PAP8(pTAC6)
12 polymer 'superoxide dismutase'
13 polymer 'Thioredoxin-like protein CITRX1, chloroplastic'
14 polymer 'UDP-N-acetylmuramoyl-L-alanyl-D-glutamate--2, 6-diaminopimelate ligase-like'
15 polymer 'Protein PLASTID TRANSCRIPTIONALLY ACTIVE 7-like isoform X1'
16 polymer PAP13(pTAC18)
17 polymer 'DNA (24-mer)'
18 polymer 'DNA (24-mer)'
19 polymer 'RNA (27-mer)'
20 polymer "DNA-directed RNA polymerase subunit beta''"
21 polymer 'Fructokinase-like 2, chloroplastic'
22 non-polymer 'ZINC ION'
23 non-polymer 'MAGNESIUM ION'
24 non-polymer 'FE (III) ION'
#
loop_
_entity_poly.entity_id
_entity_poly.type
_entity_poly.pdbx_seq_one_letter_code
_entity_poly.pdbx_strand_id
1 'polypeptide(L)'
;MVREKVTVSTRTLQWKCVESRTDSKRLYYGRFILSPLMKGQADTIGIAMRRALLGEIEGTCITRVKSEKVPHEYSTITGI
QESVHEILMNLKEIILRSNLYGTSDASICVKGPGSVTAQDIILPPYVEIVDNTQHIASLTEPIDFCIGLQIERNRGYLIK
TPHNFQDGSYPIDAVFMPVRNANHSIHSYGNGNEKQEILFLEIWTNGSLTPKEALHEASRNLIDLFIPFLHMEEDNLYLQ
DNQHTVPLSPFTFHDKLAKLIKNKKKIALKSIFIDQSELPSRIYNCLKMSNIYTLLDLLNNSQEDLMKIEHFRSEDVKRI
LGILEKYFVIDLAKNKF
;
A,a
2 'polypeptide(L)'
;MLGDGNEGISTIPGFNQIQFEGFCRFIDQGLTEELYKFPKIEDTDQEIEFQLFVETYQLVEPLIKERDAVYESLTYSSEL
YVSAGLIWKNSRDMQEQTIFIGNIPLMNSLGTSIVNGIYRIVINQILQSPGIYYRSELDHNGISVYTGTIISDWGGRSEL
EIDRKARIWARVSRKQKISILVLSSAMGLNLREILENVCYPEIFLSFLSDKERKKIGSKENAILEFYQQFACVGGDPVFS
ESLCKELQKKFFQQRCELGRIGRRNMNRRLNLDIPQNNTFLLPRDILAAADHLIGLKFGMGALDDMNHLKNKRIRSVADL
LQDQFGLALVRLENVVRGTICGAIRHKLIPTPQNLVTSTPLTTTYESFFGLHPLSQVLDRTNPLTQIVHGRKLSYLGPGG
LTGRTASFRIRDIHPSHYGRICPIDTSEGINVGLIGSLAIHARIGHWGSLESPFYEISERSTGVRMLYLSPGRDEYYMVA
AGNSLALNQDIQEEQVVPARYRQEFLTIAWEQVHLRSIFPFQYFSIGASLIPFIEHNDANRALMSSNMQRQAVPLSRSEK
CIVGTGLERQAALDSGALAIAEREGRVVYTNTDKILLAGNGDILSIPLVIYQRSNKNTCMHQKLQVPRGKCIKKGQILAD
GAATVGGELALGKNVLVAYMPWEGYNSEDAVLISERLVYEDIYTSFHIRKYEIQTHVTSQGPEKVTNEIPHLEAHLLRNL
DKNGIVMLGSWVETGDILVGKLTPQVVKESSYAPEDRLLRAILGIQVSTSKETCLKLPIGGRGRVIDVRWIQKRGGSSYN
PETIRVYILQKREIKVGDKVAGRHGNKGIISKILPRQDMPYLQDGRSVDMVFNPLGVPSRMNVGQIFECSLGLAGSLLDR
HYRIAPFDERYEQEASRKLVFSELYEASKQTANPWVFEPEYPGKSRIFDGRTGNPFEQPVIIGKPYILKLIHQVDDKIHG
RSSGHYALVTQQPLRGRAKQGGQRVGEMEVWALEGFGVAHILQEMLTYKSDHIRARQEVLGTTIIGGTIPNPEDAPESFR
LLVRELRSLALELNHFLVSEKNFQINRKEA
;
B
3 'polypeptide(L)'
;MNNNFSSMIDRYKHQQLRIGSVSPQQISAWATKILPNGEIVGEVTKPYTFHYKTNKPEKDGLFCERIFGPIKSGICACGN
YRVIGDEKEDPKFCEQCGVEFVDSRIRRYQMGYIKLACPVTHVWYLKRLPSYIANLLDKPLKELEGLVYCDFSFARPITK
KPTFLRLRGLFEYEIQSWKYSIPLFFTTQGFDTFRNREISTGAGAIREQLADLDLRIIIENSLVEWEELGEEGHTGNEWE
DRKVGRRKDFLVRRVELAKHFIRTNIEPEWMVLCLLPVLPPELRPIIQIDGGKLMSSDINELYRRVIYRNNTLTDLLTTS
RSTPGELVMCQEKLVQEAVDTLLDNGIRGQPMRDGHNKVYKSFSDVIEGKEGRFRETLLGKRVDYSGRSVIVVGPSLSLH
RCGLPREIAIELFQTFVIRGLIRQHLASNIGVAKSKIREKEPIVWEILQEVMQGHPVLLNRAPTLHRLGIQAFQPVLVEG
RAICLHPLVCKGFNADFDGDQMAVHVPLSLEAQVEARLLMFSHMNLLSPAIGDPISVPTQDMLIGLYVLTSGNHRGICVN
RYNPCNRRNYQNQKRSDNSHYKYTKEPFFSNSYDAIGAYRQKRINLDSPLWLRWRLDQRVIASRETPIEVHYESLGTFYE
IYGHYLIVRSLKKQILFIYIRTTVGHIALYREIEEAIQGFSRAYSSGT
;
C
4 'polypeptide(L)'
;MAGISIHYLPFNSKFTLPIPRPSISRSIKASVSSQPRKTRRRKQTQQQQHQLKTAEDDGSMASGTEKVLRLVFMEELMER
ARNADSKGVSQVIYDMIAAGLSPGPRSFHGFVVSHVLNRDNDGAMHALRRELSEGLRPLHETFLALVRLFGAKGLATRGL
EILAAMEKLKYDIRQAWLVLVEELVRSNHLEDANKVFLKGAEGGLRATDEIYDLLIEQDCKVGDHSNALTIAYEMEAAGR
MATTFHFNCLLSVQATCGIPEIAFATFENMEYGEDHMKPDTETYNWVIQAYTRAESYDRVQDVAELLGMMVEDHKRVQPN
VRTYALLVECFTKYCVVREAIRHFRGLKNFEGGTQVLYNDGKYGDPLSLYLRALCREGRIVELLEALEAMAKDNQPIPPR
AMILSRKYRTLVSSWIEPLQEEAELGYEIDYIARYVAEGGLTGDRKRWVPRRGKTPLDPDAEGFIYSNPRETSFKQRCLE
EWRLHHRKLLKTLHNEGPSILGKISESDYIRLVERLRKIIKGPEQNALKPKAASKMIVSELKEELEAQGLPTDGTRNVLY
QRVQKARRINRSRGRPLWVPPVEEEEEEVDEELDELISRIKLHEGNTEFWKRRFLGEGLNENHVQQSEIIDLEPTDVVDD
TDDAVDDISKEAEDDEAEDDEAQDEEEEVEQAESQPEVGDRKDKEVEAAKPLQMIGVQLLKDSDQTASSSRKSRRRLSRV
AAVDDDDDDWFPLDIQEAFVEMRKRNIFDVSDMYTITDAWGWTWEKEIKNKAPQRWSQEWEVELGIKVMTKVIELGGTPT
IGDCAVILRAAVRAPMPSAFLNILQTTHSLGYVFGSPLYDEIITLCLDLGELDAAIAIVADLETSGIKVPDETLDRVISA
RQSSDTPVNGSQ
;
D
5 'polypeptide(L)'
;MSLSCNSFSPVFTPVPPSHRFLFPAKIPNYGKLSPVHRRLLLTVAVRAKPKELILGNPTVTVEKGKYSYDVETLINKLSS
LPPRGSIARCLDTFKNKLSLTDFSHVFKEFAARGDWQRSLRLFKYMQRQIWCKPNEHIYTLMIGILGREGLLDKAFEIFD
EMPSHSVARTVFSYTAIINAYGRNGQYGTSLQLLEKMKQEKIIPSILTYNTVINSCARGGHEWEGLLSLFAEMRHEGIQP
DLVTYNTLLSACSSRGLGDEAEMVFRTMNEAGILPDVTTYSYLVDTFGKLGKLEKVSELLMEMEAGGTSPEVTSYNVLLE
AYAHSGSMKEAMDVFRQMQTAGCVANAETYSVLLNLYGKNGRYDQVRDLFLEMKMSNTEPDADTYNILIQVFGEGGYFKE
VVTLFHDMVEEKVEPNMETYEGLIYACGKGGLHDDAKRILLHMNGQGLVPSSKVYTGVIEAYGQAALYEEAVVAFNTMNE
VGSRPMVETFNSLIHAFAKGGLYKESEAIWFRMGEVGVPRNRDSFNGMIEGYRQGGQFEEAIKAYVEMEKARCDPDERTL
EAVLSVYCFAGLVDESEEQFQEIKSLGIQPSIICCCMMLAIYAKSERWNMAHELLNDVMTNKTSDMHQVIGQMIHGDFDD
ENNWQMVEYVFDKLNSEGCGLSMRFYNTLIEALWWLGQKERAARVLNEATKRGLFPELFRRNKLVWSVDVHRMWPGGACT
AISVWLNDMEELFHKGEELPQLASVVVVRGQTEKSSITRDFPVAKAAYSFLKDTVSSSFCFPGWNKGRIVCQKTQLKRIF
SSAEPSSGSSKGDRLIPLSNSPISLLGTQTSVSDAKRSESANADSKRSTKSDSELMASSV
;
E
6 'polypeptide(L)'
;MQTLQSSSLFFTFPSSKTLLKPQSSKFSSFSLFPSSLSKPSRPLTLHCFSSDEFPVGDDDAFLEAFGPKEKESEEEARRK
NWVDRGWAPWEEILSPEANFARKSLNEGEEVALQSPEAIEAFKMLSPNYRKKKISDMGITEDEYYAKQFEIKGEIPEPLS
TMWAGPLVVRHVPPRDWPPRGWEVDKKELEFIRETHKLQSVRVDYDKVEEMVKMETDDMGLDRYKMFLKQYNEWVAANKD
RLEKESYKYDQDYYPGRRKRGKDYQDGMYELPFYYPGQICAGKVTAIHLYQGAFVDIGGVHDGWVPIKRNDWYWIRHHIK
VGMHVIVEILAKRDPYRFRFPIEMRFIDPNIDHLIFNRFDFAPIFHRDEDTNLDELRRDCGRQPLPRKDPGVKVEEEPLL
SNHPYVDKLWQIHNAEQMILDDMEANPVKYKGKNLTELTDDEDFDEENRIEYSKAYYKKALLPKMITKVSVKELDLEAAF
AERQHHNKLRMEAQERGEVYKIPKLRRNIEMDEYDFIHWRRSLEEREAMLRDISCRRALGLPLEEPGRYVDPSAFGKDQY
DPDSPLYRYDYWGEPKNSEKSKQERMTDVHNKSIVGKGTVWYEMAYEDAVKERMQMEAQGIVRELYDEDSDSDEVGTDDD
DDDEEDFDYSILGDPSANVSNQPYVNGTESRLSDEGMFEDKS
;
F
7 'polypeptide(L)'
;MSWSSCNSLCTSSSRQLLVTTDLSSQLNIPSRLSNVKRSLHGHHGVPKVFAYYGLKTPPYKLDALEPYMSQKMLEVHWGE
HHRSYVEALNKQLEKNDILYGCTMEELIKVTYNNGNPLPEFSDAAQVWNHDFFWESMQPGGGDMPKLGLLQQIEKDFGSF
TNFREKFTEAALALFGSGWIWLVLKREEKRLAIVKTSNAVNPLVWNDIPLIGLDLWEHAYYLDYKNDKAKYVNVFMNHLV
SWDAALGRMARAQAFVNLGEPKIPVA
;
G
8 'polypeptide(L)'
;MASVLSTSLYQDRGLRTMVSTDGFVPSFCCPYRKTLFTGTIPVSIWQFKLVSSSPFQKAPLAPCIKCENKEKDQASQGSF
EQVSVERYPYHSYMDSTSGQLEPASGARASIPGQEYWPEGTASRVRAARAPEPTGTSTGTPSYGKNPGSRRKKYKASAAA
SKPSEINIISDDSAESPDNLPEEPKDLSSEYVIYQPEQEEEELTGYELDKRLGRPHPFIDPKTKKKIEKPLTSEELWWNW
RKPEKEQWSRWQRRRPDVETVFLKAMAETGQVKLYGDHPTLTETALYRARRHLYKKERLQAEKEKLEKIGPIAYYSEWVQ
AWKKDTSREAIQKHFEETGEDENTQLIEMFCHQTDREYRIMMGTDIRIPRDPLAMRMREDQIKQIWGGDPVYPTINYIQD
PDEVIDYRGPDFHEPTPNMLAYLKEHGKIISREELEKILAKEKTEEIEVAEIDEAMARAVDIGENDDEEEGSDAEVEEGD
EKITRNWSVLKSNPELRKSKEKPKKKDMSLEEAVDDSENLTDFLMDFDEDE
;
H
9 'polypeptide(L)'
;MASIHFLPQSLPHHSHNSLTHFNFSSIFFSSKLPHRKNTLKCSSNDHSTTTQEPPKHSPRGPKKSSRTAKKTSKPQKDSN
FETNIEKSNTQMELSKNADDKIEKYDDGVDFPYPNPPLVICFGAAQKEFVPTVRVSHEQMHQDKYSEWKMLQWNPPEFVR
APGGPPSNVAISHVRLGGRAAFMGKVGNDEFGQEMVLLMNKEKVQTRAVKFDDSMRTGCTHMKIKFEDGKMKVEKVKEPA
EDSLSSSELNLDVLKEARIFHFNSEVLTSSSMRSTLFKAISLSKKFGGLVFFDLNLPLPLWRSRDETRNLIKEAWEQANI
IEVSRQELEFLLDEEHYERKRNYRPQYFAENFEQTKQRRDYYHYTPAEIAPLWHDGLKLLFVTDGTLRLHYYSPSFDGVV
VGTEDVLITPFTCDRTGSGDAVVAGIMRKLTTQPEMYHDQDVLERQLRFAIAAGIISQWTIGAVRGFPTESATQNLKEQV
YVPSMW
;
I
10 'polypeptide(L)'
;MVSSTILIQQPTNLFHQPEFQHQLWRQGCAAPLQKQPIIICSSNKGRSRPLRVTASANGAATSSTLEGYDSSPTPSAFPL
FTPPSQPHDTPASQLELADPDFYKIGYVRSFRAYGIEFREGPDGYGVFASRDVEPLRRARVIMEIPLELMLTISKKLPWM
FFPDIIPVGHPIFDIINSTNPETDSDLRLACLLLYAFDCKDNFWQLYGDFLPSDDECTSFLLATEEDLLELQDEKLASTM
REQQQRALEFWEKNWHSAVPLKIKRLARDPERFIWAMCIAQSRSINLQMRIGALVQDANLLVPYADMMNHSFQPNCFFHW
RFKDRMLEVMINAGQRIRKGDEMTVDYMAGQKNNFFMQRYGFSSPVNPWDVIHFTGDAKIHLDTFLSVFNISGLPGEYYH
NSRLSNDGDSFVDGAIIAAARTLPTWSDGDLPPIPSLERKAVKELQEECHQMLAEFPTTSDEDQKILDSMPDCRRTLEAA
IKYRLHRKLLIEKVIQALDIYQDRILF
;
J
11 'polypeptide(L)'
;MSAAQLFFPLPPNLSTFFTTPSSQALLTISFVKPISNNPNSVKQSFTTKRRRDFRVFADDEDADGGGPDDYDMDEDEVEE
ADNKKDFDVDYDTLLGGASLAVAATGDDIAMVHSSSFVFTQGWNSEKIVDYRINEEEFHKISLLDCDFFIRKPPDPDNDV
YDFREMYVTPPDTDIYAIPRVLAPMPQKYIRCAMSDYGCYNVTEPPIDAPRDPMYKSEREVSKVFLTKHYRNRRAGDPEF
ALDFEEIYVIDSKTKSITRAKVVVTVPGGRNRDRKNDLLVIRDNGNSFKIIPSEERDDPTTVIEKEEWKKSRQDMERHLR
KLRDFSVSNWF
;
K
12 'polypeptide(L)'
;MMAATASTTLTSAFLPFQGFRESCRTLNWRTHKKQFARKAGPVKVTAKFELMPPPYPMNALEPHMSHTTFEYHWGKHHRA
YVDNLNKQIDGTELDGMTLEDIILITYNRGDLLPPFNNAAQAWNHQFFWESMKPSGGGKPSGELLQLINRDFGSFEAFVK
EFKAAAATQFGSGWAWLAYKANRLNVGNTSNPHPTDEDKKLVVVKTPNAVNPLVWDYSPLLTIDVWEHAYYLDFRNRRPD
YISIFMEKLVSWEAVSSRLEVAKAKAAEREEEEERKKREKEEEYKAGGEVREMYVESTDSDAE
;
L
13 'polypeptide(L)'
;MQAATLSFHPLAPPPQTSACHFSSNQRKYSLFSYTCPTPRPSLLSTQTLSRKSICKPPAVATGKYVREDYLVKKVSAKDI
QELIKGERNVPLIIDFYATWCGPCILMAQELEMLAVEYESNALIVKVDTDDEYEFARDMQVRGLPTLYFISPDPNKDAIR
TEGLIPIQMMRDIINNDL
;
M,m
14 'polypeptide(L)'
;MPFTLFSLPPFPSLLHHNPPPLQFKPFTSLHHLRLKYPTTLTTVSAIGADGKYYPNPSDDDPPEAPEDSMHGVNKFQQIQ
RQAAKAKKQQEELFKKEQSIFVNALADVEDAPDNPALNDNDNSGDDLFGEIDKAIALKRKEFVKQGLLKPNPPKNSTLVE
SEVENVDELEPEEVVDLEEIDGLSGLAEIEESDEEKSDFEVSDDMGKSEFSDLSSFDIDFDEFGKTKPRIVEPKFRMSLA
ELLDESRVVPLSVYGDLEVGISGVQHDSRLVESGDLFVCCVGRKTDGHLYLSEADKRGAVAVVASKEIDIEETLGCKALV
IVEDTNAVLAVLAASFYRHPSKSMTLIGITGTNGKTTTSYLIKAMYEAMGLRTGMLSTVGYYIYGDNKLESPHTTPDAVL
VQKLMAKMVHNGTEALVMEASSHGLALGRCDKVDFDIAVFTNLTRDHLDFHGTEEEYRDAKAKLFARMVDPARHRKIVNI
DDPNAAFFLAQGNPDVPIVTFAMENKSADVHPLKFQLSLFETQVLVNTPQGILEISSGLLGRHNIYNILAAVAVGIAVGA
PLEDIVKGIEEVDAVPGRCELIDEEQAFGVIVDYAHTPDALSRLLDYVRELGPRRVITVFGCAGESDRGKRPIMAKIATD
KSDVTILTSDNPKTEDPLDILDDMLAGVGWSMQDYLKHGENDYYPPLPNGHRLFLHDIRRVAVRCAVAMGEEGDIVVVAG
KGHETYQIEGDKKEFFDDREECREALQYVDELHQAGIDTSEFPWRLPESH
;
N
15 'polypeptide(L)'
;MAASTLTFSGFSTLQTFPKIAAVENTKRVNFSIRSQSASNSKNESRGGRRIWRRRKLTKKDETLDAKMERIPFLEEQVRK
IRDGGKLLTMDIHRLLLNEDNRFDFVNEIAAEAKQYVENNRDEYGAKKAILHVLSNRMNDAGVYRAEAYMESDPFKPGPG
YMKDELL
;
O
16 'polypeptide(L)'
;MASFITMPALSYLSTNTSSLERTNFRPSSRGYQGVRAMRTEKPLEELYNVRVERNVTKDRLMELGVPRWSMWKTGKCKLP
WDWHVDQLVYIEEGEVRVVPEGSQRFMQFVAGDLVRYPKWFEADLYFNDFYQERYSFRAYGDS
;
P
17 'polydeoxyribonucleotide'
;(DC)(DG)(DT)(DT)(DA)(DT)(DT)(DC)(DA)(DC)(DC)(DA)(DT)(DT)(DA)(DG)(DC)(DG)(DT)(DC)
(DT)(DT)(DG)(DT)
;
Q
18 'polydeoxyribonucleotide'
;(DA)(DC)(DA)(DA)(DC)(DT)(DG)(DC)(DG)(DA)(DT)(DT)(DA)(DC)(DG)(DT)(DG)(DA)(DA)(DT)
(DA)(DA)(DC)(DG)
;
R
19 'polyribonucleotide' CUAAUAACAGAGGACGUGGUAAUCGCA S
20 'polypeptide(L)'
;MAERANLVFHNKAINGTAMKRLISRLIDHFGMAYTSHILDQVKTLGFQQATATSISLGIDDLLTIPSKGWLVQDAEQQSL
ILEKHHHYGNVHAVEKLRQSIEIWYATSEYLRQEMNPNFRMTDPFNPVHIMSFSGARGNASQVHQLVGMRGLMSDPQGQM
IDLPIQSNLREGLSLTEYIISCYGARKGVVDTAVRTSDAGYLTRRLVEVVQHIVVRRTDCGTARGISVSPRNGMMPERIF
IQTLIGRVLADDIYMGPRCIATRNQDIGIGLVNRFITFRAQPISIRTPFTCRSTSWICRLCYGRSPTHGDLVELGEAVGI
IAGQSIGEPGTQLTLRTFHTGGVFTGGTAEHVRAPSNGKIKFNEDLVHPTRTRHGHPAFLCSIDLYVTIESEDILHNVNI
PPKSLLLVQNDQYVESEQVIAEIRAGISTLNFKEKVRKHIYSDSDGEMHWSTDVYHAPEFTYGNVHLLPKTSHLWILLGR
PCRSSLVYLSIHKDQDQMNAHFLSGKRRYTSNLSVTNDQARQKLFSSDFSGKKEDRIPDYSDLNRIICAGQYNLVYSPIL
HENSDLLSKRRRNKFIIPLHSIQELENELMPCSGISIEIPVNGIFRRNSILAYFDDPRYRRKSSGIIKYGTVETHSVIKK
EDLLEYRGVKEFRPKYQMKVDRFFFIPEEVHILPGSSSIMVRNNSIVGVDTQITLNLRSRVGGLVRVERKKKRIELKIFS
GDIHFPGETDKISRHTGVLIPPGTGKRNSKESKKVKNWIYVQRITPSKKKFFVLVRPVVTYEITDGINLATLFPPDPLQE
RDNVQLRIVNYILYGNGKPIRGISDTSIQLVRTCLVLNWNQDKKSSSCEEARASFVEIRTNGLIRHFLRINLVKSPISYI
GKRNDPSGSGLLSDNGSDCTNINPFSSIYSYSKAKIQQSINQPQGTIHTLLNRNKECQSLIILSAANCSRMGPFKDVKYH
SVIKKSIKKDPLIPIRNSLGPLGTSLPIENFYSSYHLITHNQILVTNYLQLDNLKQTFQVIKFKYYLMDENGKIFNPDPC
RNIILNPFNLNWYFLHHNYCEETSKIISLGQFICENVCIAKNGPPLKSGQVILVQVDSIVIRSAKPYLATPGATVHGHYG
ETLYEGDTLVTFIYEKSRSGDITQGLPKVEQVLEVRSVDSISMNLEKRIEGWNKCITRILGIPWGFLIGAELTIAQSRIS
LVNKIQQVYRSQGVQIHNRHLEIIVRQITSKVLVSEDGMSNVFSPGELIGLLRAERMGRALEEAICYRVVLLGITRASLN
TQSFISEASFQETARVLAKAALRGRIDWLKGLKENVVLGGVIPVGTGFKGLVHPSKQHNNIPLETKKKNLFEGEMRDILF
HHKKLFDSCLSKNFHDIPEQSFIGFNDS
;
c
21 'polypeptide(L)'
;MAALSFSLLSTLPRQHLHWNFYPNMKVMQLQDLGLKNKWVLMAVSKEGTPEAIAKELSKTEVFGAGKKTVRISKRAPVMA
RRKKVVETSNDDPVNVEEAENTSGSTEEPKKTQRRTRKKKEIVESSFGDSISDAEGNVIDAEAVTEPESSAKPKKTRRTR
KKKETVVSTFEDSTLDVEGNVTDEEVLPTSGSSEGSVEIRKRTSKKAASSSSSLEKEPTQKVTRRRRKKVNNLEDEGSQT
ELSDIEEELHVANADADSEEELDFDGGEDISFSYGWPPLVCCFGAAQHAFVPSGRPSNRLVDHEWHERMKDAIWDPEKFT
RAPGGCSSNVAVALASLGGKVAFMGKLGDDDFGQSLVYFMNINKVQTRSVRLDSKKATAITHMKIGKRGGLRMTTTKPSA
EDSLLKSEINIDVLKEAKMFYFNTFSMLDPNMRLTTLRATKISKKLGGVVFYDVNLPFPLWESGDKAKTFIQQAWDLADI
IEVTKQELEFLCGIKPSERFDTKDNDRSKFTHYPPEVIAPLWHENLKVLFVTNGTSKIHYYTKEHNSAVLGLEDVPLTPY
TSDMSASGDGIIAGIIRMLTVQPHLMTDKGYLERTLKYAISCGVVDQWLQARRLGYPPKEGMEDDVVPDDHGIKSVTERE
YRILVPVS
;
i
#
# COMPACT_ATOMS: atom_id res chain seq x y z
N THR A 10 29.87 -38.59 -32.08
CA THR A 10 28.94 -39.27 -31.18
C THR A 10 29.58 -40.50 -30.55
N ARG A 11 29.69 -40.49 -29.22
CA ARG A 11 30.26 -41.54 -28.40
C ARG A 11 31.76 -41.71 -28.60
N THR A 12 32.39 -40.86 -29.41
CA THR A 12 33.83 -40.88 -29.62
C THR A 12 34.34 -39.45 -29.52
N LEU A 13 35.24 -39.21 -28.57
CA LEU A 13 35.75 -37.87 -28.30
C LEU A 13 36.72 -37.46 -29.40
N GLN A 14 36.41 -36.36 -30.08
CA GLN A 14 37.23 -35.82 -31.15
C GLN A 14 37.56 -34.37 -30.85
N TRP A 15 38.73 -33.94 -31.30
CA TRP A 15 39.19 -32.57 -31.12
C TRP A 15 39.49 -31.93 -32.47
N LYS A 16 39.26 -30.63 -32.54
CA LYS A 16 39.46 -29.88 -33.78
C LYS A 16 39.87 -28.45 -33.45
N CYS A 17 40.80 -27.93 -34.24
CA CYS A 17 41.26 -26.55 -34.09
C CYS A 17 40.35 -25.64 -34.91
N VAL A 18 39.48 -24.90 -34.21
CA VAL A 18 38.48 -24.09 -34.91
C VAL A 18 39.09 -22.77 -35.38
N GLU A 19 40.04 -22.22 -34.62
CA GLU A 19 40.64 -20.95 -34.97
C GLU A 19 42.14 -21.01 -34.70
N SER A 20 42.90 -20.33 -35.56
CA SER A 20 44.34 -20.25 -35.41
C SER A 20 44.84 -19.02 -36.18
N ARG A 21 45.81 -18.32 -35.59
CA ARG A 21 46.37 -17.13 -36.21
C ARG A 21 47.74 -16.86 -35.63
N THR A 22 48.51 -16.03 -36.35
CA THR A 22 49.87 -15.64 -35.95
C THR A 22 49.94 -14.12 -36.00
N ASP A 23 49.70 -13.48 -34.85
CA ASP A 23 49.74 -12.02 -34.79
C ASP A 23 51.15 -11.50 -35.01
N SER A 24 52.15 -12.20 -34.47
CA SER A 24 53.55 -11.82 -34.63
C SER A 24 54.42 -13.05 -34.46
N LYS A 25 55.73 -12.86 -34.63
CA LYS A 25 56.67 -13.97 -34.47
C LYS A 25 56.84 -14.38 -33.01
N ARG A 26 56.31 -13.61 -32.06
CA ARG A 26 56.41 -13.92 -30.64
C ARG A 26 55.06 -14.15 -29.99
N LEU A 27 53.99 -14.21 -30.78
CA LEU A 27 52.64 -14.42 -30.24
C LEU A 27 51.86 -15.32 -31.18
N TYR A 28 51.24 -16.36 -30.61
CA TYR A 28 50.40 -17.28 -31.36
C TYR A 28 49.10 -17.48 -30.62
N TYR A 29 48.05 -17.81 -31.37
CA TYR A 29 46.73 -18.05 -30.80
C TYR A 29 46.08 -19.23 -31.49
N GLY A 30 45.44 -20.07 -30.71
CA GLY A 30 44.70 -21.20 -31.23
C GLY A 30 43.56 -21.58 -30.31
N ARG A 31 42.45 -21.96 -30.92
CA ARG A 31 41.27 -22.38 -30.19
C ARG A 31 40.90 -23.80 -30.60
N PHE A 32 40.60 -24.64 -29.61
CA PHE A 32 40.35 -26.05 -29.83
C PHE A 32 38.98 -26.41 -29.27
N ILE A 33 38.53 -27.62 -29.57
CA ILE A 33 37.17 -28.05 -29.23
C ILE A 33 37.21 -29.51 -28.80
N LEU A 34 36.23 -29.90 -27.98
CA LEU A 34 36.03 -31.29 -27.55
C LEU A 34 34.53 -31.51 -27.47
N SER A 35 33.94 -32.05 -28.54
CA SER A 35 32.50 -32.09 -28.70
C SER A 35 31.81 -33.00 -27.68
N PRO A 36 32.09 -34.33 -27.65
CA PRO A 36 31.34 -35.19 -26.74
C PRO A 36 31.93 -35.22 -25.34
N LEU A 37 31.18 -34.71 -24.37
CA LEU A 37 31.59 -34.69 -22.97
C LEU A 37 30.35 -34.74 -22.08
N MET A 38 30.40 -35.60 -21.05
CA MET A 38 29.31 -35.68 -20.10
C MET A 38 29.38 -34.52 -19.12
N LYS A 39 28.31 -34.37 -18.33
CA LYS A 39 28.24 -33.30 -17.36
C LYS A 39 29.29 -33.50 -16.26
N GLY A 40 29.98 -32.41 -15.91
CA GLY A 40 30.99 -32.44 -14.88
C GLY A 40 32.40 -32.74 -15.35
N GLN A 41 32.55 -33.30 -16.55
CA GLN A 41 33.89 -33.63 -17.05
C GLN A 41 34.56 -32.43 -17.69
N ALA A 42 33.79 -31.53 -18.30
CA ALA A 42 34.38 -30.43 -19.05
C ALA A 42 35.17 -29.49 -18.15
N ASP A 43 34.61 -29.13 -16.99
CA ASP A 43 35.31 -28.22 -16.09
C ASP A 43 36.59 -28.84 -15.55
N THR A 44 36.54 -30.11 -15.16
CA THR A 44 37.73 -30.78 -14.65
C THR A 44 38.81 -30.86 -15.71
N ILE A 45 38.44 -31.25 -16.94
CA ILE A 45 39.41 -31.34 -18.01
C ILE A 45 40.00 -29.97 -18.31
N GLY A 46 39.17 -28.93 -18.31
CA GLY A 46 39.68 -27.60 -18.58
C GLY A 46 40.65 -27.11 -17.52
N ILE A 47 40.32 -27.32 -16.25
CA ILE A 47 41.21 -26.91 -15.18
C ILE A 47 42.53 -27.66 -15.25
N ALA A 48 42.47 -28.98 -15.49
CA ALA A 48 43.70 -29.77 -15.55
C ALA A 48 44.56 -29.36 -16.74
N MET A 49 43.93 -29.10 -17.89
CA MET A 49 44.70 -28.69 -19.07
C MET A 49 45.31 -27.32 -18.88
N ARG A 50 44.58 -26.39 -18.24
CA ARG A 50 45.16 -25.08 -17.96
C ARG A 50 46.35 -25.19 -17.00
N ARG A 51 46.21 -25.99 -15.94
CA ARG A 51 47.32 -26.17 -15.02
C ARG A 51 48.53 -26.79 -15.71
N ALA A 52 48.29 -27.76 -16.61
CA ALA A 52 49.40 -28.38 -17.31
C ALA A 52 50.06 -27.41 -18.28
N LEU A 53 49.26 -26.59 -18.97
CA LEU A 53 49.82 -25.63 -19.91
C LEU A 53 50.62 -24.54 -19.20
N LEU A 54 50.19 -24.15 -18.01
CA LEU A 54 50.83 -23.05 -17.30
C LEU A 54 51.98 -23.50 -16.39
N GLY A 55 52.00 -24.76 -15.97
CA GLY A 55 53.04 -25.20 -15.05
C GLY A 55 53.87 -26.38 -15.50
N GLU A 56 53.34 -27.20 -16.40
CA GLU A 56 53.97 -28.47 -16.75
C GLU A 56 54.67 -28.44 -18.10
N ILE A 57 54.71 -27.30 -18.77
CA ILE A 57 55.42 -27.14 -20.04
C ILE A 57 56.75 -26.45 -19.76
N GLU A 58 57.84 -27.08 -20.18
CA GLU A 58 59.17 -26.56 -19.95
C GLU A 58 59.59 -25.63 -21.09
N GLY A 59 60.34 -24.58 -20.73
CA GLY A 59 60.80 -23.61 -21.70
C GLY A 59 62.29 -23.38 -21.56
N THR A 60 62.85 -22.68 -22.55
CA THR A 60 64.27 -22.40 -22.63
C THR A 60 64.49 -20.90 -22.62
N CYS A 61 65.36 -20.44 -21.72
CA CYS A 61 65.64 -19.01 -21.60
C CYS A 61 67.01 -18.82 -20.96
N ILE A 62 67.48 -17.58 -20.99
CA ILE A 62 68.80 -17.23 -20.45
C ILE A 62 68.68 -17.10 -18.93
N THR A 63 69.62 -17.72 -18.22
CA THR A 63 69.60 -17.72 -16.75
C THR A 63 70.83 -17.05 -16.14
N ARG A 64 71.76 -16.57 -16.95
CA ARG A 64 73.01 -16.01 -16.42
C ARG A 64 73.60 -15.07 -17.45
N VAL A 65 74.46 -14.18 -16.96
CA VAL A 65 75.14 -13.20 -17.81
C VAL A 65 76.54 -12.97 -17.27
N LYS A 66 77.43 -12.52 -18.16
CA LYS A 66 78.81 -12.19 -17.78
C LYS A 66 79.21 -10.92 -18.52
N SER A 67 79.46 -9.86 -17.76
CA SER A 67 79.83 -8.55 -18.31
C SER A 67 81.18 -8.16 -17.71
N GLU A 68 82.26 -8.54 -18.39
CA GLU A 68 83.60 -8.20 -17.91
C GLU A 68 83.83 -6.69 -17.93
N LYS A 69 83.29 -6.01 -18.94
CA LYS A 69 83.49 -4.56 -19.04
C LYS A 69 82.75 -3.83 -17.94
N VAL A 70 81.51 -4.20 -17.67
CA VAL A 70 80.68 -3.51 -16.70
C VAL A 70 81.17 -3.80 -15.29
N PRO A 71 81.46 -2.78 -14.48
CA PRO A 71 81.88 -3.04 -13.09
C PRO A 71 80.74 -2.91 -12.10
N HIS A 72 79.55 -2.57 -12.61
CA HIS A 72 78.39 -2.34 -11.75
C HIS A 72 77.16 -2.96 -12.40
N GLU A 73 76.15 -3.21 -11.57
CA GLU A 73 74.89 -3.76 -12.06
C GLU A 73 74.12 -2.71 -12.87
N TYR A 74 74.18 -1.45 -12.43
CA TYR A 74 73.54 -0.34 -13.12
C TYR A 74 74.59 0.72 -13.42
N SER A 75 75.03 0.79 -14.68
CA SER A 75 76.04 1.75 -15.09
C SER A 75 75.95 1.91 -16.60
N THR A 76 76.57 2.97 -17.10
CA THR A 76 76.60 3.28 -18.53
C THR A 76 78.01 3.05 -19.04
N ILE A 77 78.17 2.03 -19.89
CA ILE A 77 79.45 1.75 -20.52
C ILE A 77 79.67 2.75 -21.65
N THR A 78 80.92 2.85 -22.10
CA THR A 78 81.35 3.87 -23.05
C THR A 78 80.41 3.99 -24.25
N GLY A 79 80.25 2.91 -25.00
CA GLY A 79 79.46 2.97 -26.22
C GLY A 79 78.23 2.10 -26.23
N ILE A 80 77.84 1.58 -25.06
CA ILE A 80 76.65 0.73 -24.99
C ILE A 80 75.38 1.57 -25.12
N GLN A 81 75.43 2.82 -24.66
CA GLN A 81 74.38 3.83 -24.75
C GLN A 81 73.19 3.50 -23.85
N GLU A 82 73.17 2.34 -23.19
CA GLU A 82 72.09 1.99 -22.28
C GLU A 82 72.68 1.34 -21.03
N SER A 83 71.91 1.40 -19.95
CA SER A 83 72.36 0.86 -18.68
C SER A 83 72.46 -0.66 -18.74
N VAL A 84 73.29 -1.23 -17.86
CA VAL A 84 73.44 -2.68 -17.80
C VAL A 84 72.13 -3.32 -17.37
N HIS A 85 71.39 -2.66 -16.49
CA HIS A 85 70.06 -3.15 -16.14
C HIS A 85 69.15 -3.19 -17.36
N GLU A 86 69.27 -2.21 -18.25
CA GLU A 86 68.45 -2.18 -19.45
C GLU A 86 68.79 -3.35 -20.38
N ILE A 87 70.08 -3.63 -20.56
CA ILE A 87 70.47 -4.73 -21.44
C ILE A 87 70.10 -6.06 -20.81
N LEU A 88 70.11 -6.14 -19.47
CA LEU A 88 69.66 -7.36 -18.81
C LEU A 88 68.16 -7.57 -19.00
N MET A 89 67.38 -6.50 -18.90
CA MET A 89 65.93 -6.61 -19.13
C MET A 89 65.64 -6.94 -20.60
N ASN A 90 66.50 -6.49 -21.51
CA ASN A 90 66.34 -6.86 -22.91
C ASN A 90 66.71 -8.33 -23.13
N LEU A 91 67.72 -8.83 -22.42
CA LEU A 91 68.13 -10.22 -22.56
C LEU A 91 67.08 -11.16 -21.97
N LYS A 92 66.44 -10.78 -20.87
CA LYS A 92 65.45 -11.64 -20.26
C LYS A 92 64.19 -11.79 -21.10
N GLU A 93 63.98 -10.93 -22.10
CA GLU A 93 62.84 -11.01 -22.99
C GLU A 93 63.11 -11.82 -24.24
N ILE A 94 64.32 -12.34 -24.41
CA ILE A 94 64.67 -13.12 -25.59
C ILE A 94 64.08 -14.53 -25.45
N ILE A 95 63.36 -14.96 -26.47
CA ILE A 95 62.74 -16.28 -26.50
C ILE A 95 63.67 -17.24 -27.23
N LEU A 96 63.82 -18.45 -26.69
CA LEU A 96 64.68 -19.46 -27.28
C LEU A 96 63.92 -20.77 -27.38
N ARG A 97 64.29 -21.57 -28.39
CA ARG A 97 63.71 -22.88 -28.62
C ARG A 97 64.81 -23.93 -28.57
N SER A 98 64.68 -24.90 -27.68
CA SER A 98 65.70 -25.92 -27.51
C SER A 98 65.11 -27.12 -26.79
N ASN A 99 65.86 -28.22 -26.83
CA ASN A 99 65.53 -29.44 -26.09
C ASN A 99 66.67 -29.82 -25.17
N LEU A 100 67.24 -28.84 -24.47
CA LEU A 100 68.45 -29.05 -23.70
C LEU A 100 68.21 -29.92 -22.48
N TYR A 101 69.24 -30.68 -22.10
CA TYR A 101 69.28 -31.43 -20.86
C TYR A 101 70.44 -30.90 -20.03
N GLY A 102 70.12 -30.11 -19.01
CA GLY A 102 71.15 -29.47 -18.22
C GLY A 102 71.47 -28.06 -18.72
N THR A 103 72.63 -27.58 -18.31
CA THR A 103 73.05 -26.23 -18.63
C THR A 103 73.92 -26.22 -19.90
N SER A 104 74.12 -25.02 -20.43
CA SER A 104 74.97 -24.81 -21.60
C SER A 104 75.54 -23.41 -21.55
N ASP A 105 76.35 -23.07 -22.54
CA ASP A 105 76.99 -21.76 -22.64
C ASP A 105 76.69 -21.14 -24.00
N ALA A 106 76.74 -19.81 -24.04
CA ALA A 106 76.54 -19.06 -25.26
C ALA A 106 77.48 -17.85 -25.24
N SER A 107 77.53 -17.13 -26.34
CA SER A 107 78.43 -15.98 -26.43
C SER A 107 77.98 -15.05 -27.53
N ILE A 108 78.17 -13.75 -27.30
CA ILE A 108 77.93 -12.71 -28.29
C ILE A 108 79.19 -11.85 -28.35
N CYS A 109 79.83 -11.80 -29.50
CA CYS A 109 81.13 -11.15 -29.66
C CYS A 109 81.08 -10.14 -30.80
N VAL A 110 80.05 -9.29 -30.82
CA VAL A 110 79.95 -8.25 -31.83
C VAL A 110 80.94 -7.14 -31.49
N LYS A 111 81.81 -6.81 -32.45
CA LYS A 111 82.86 -5.81 -32.27
C LYS A 111 82.77 -4.83 -33.43
N GLY A 112 81.97 -3.78 -33.26
CA GLY A 112 81.80 -2.78 -34.28
C GLY A 112 80.96 -1.61 -33.82
N PRO A 113 80.97 -0.52 -34.60
CA PRO A 113 80.10 0.63 -34.29
C PRO A 113 78.69 0.42 -34.81
N GLY A 114 78.34 -0.82 -35.12
CA GLY A 114 77.03 -1.10 -35.70
C GLY A 114 75.90 -0.59 -34.83
N SER A 115 74.82 -0.18 -35.51
CA SER A 115 73.73 0.51 -34.82
C SER A 115 73.01 -0.41 -33.84
N VAL A 116 72.79 -1.66 -34.22
CA VAL A 116 72.00 -2.59 -33.41
C VAL A 116 72.78 -3.88 -33.22
N THR A 117 72.65 -4.46 -32.02
CA THR A 117 73.15 -5.79 -31.72
C THR A 117 71.96 -6.74 -31.61
N ALA A 118 71.85 -7.67 -32.54
CA ALA A 118 70.68 -8.55 -32.59
C ALA A 118 71.06 -9.82 -33.34
N GLN A 119 70.45 -10.94 -32.92
CA GLN A 119 70.67 -12.28 -33.49
C GLN A 119 72.15 -12.57 -33.73
N ASP A 120 73.01 -12.00 -32.89
CA ASP A 120 74.45 -12.23 -32.96
C ASP A 120 74.92 -13.22 -31.90
N ILE A 121 74.00 -13.81 -31.14
CA ILE A 121 74.37 -14.77 -30.12
C ILE A 121 74.76 -16.08 -30.77
N ILE A 122 75.90 -16.64 -30.34
CA ILE A 122 76.39 -17.91 -30.83
C ILE A 122 75.80 -19.02 -29.98
N LEU A 123 75.03 -19.92 -30.60
CA LEU A 123 74.32 -20.96 -29.89
C LEU A 123 74.72 -22.33 -30.41
N PRO A 124 74.72 -23.36 -29.52
CA PRO A 124 75.01 -24.69 -30.06
C PRO A 124 73.92 -25.15 -30.99
N PRO A 125 74.11 -26.26 -31.66
CA PRO A 125 73.07 -26.63 -32.62
C PRO A 125 71.73 -26.84 -31.97
N TYR A 126 71.72 -27.43 -30.78
CA TYR A 126 70.46 -27.78 -30.15
C TYR A 126 69.58 -26.59 -29.88
N VAL A 127 70.14 -25.50 -29.39
CA VAL A 127 69.37 -24.31 -29.12
C VAL A 127 69.15 -23.51 -30.38
N GLU A 128 67.99 -22.87 -30.50
CA GLU A 128 67.70 -22.05 -31.66
C GLU A 128 66.99 -20.82 -31.23
N ILE A 129 67.05 -19.77 -32.03
CA ILE A 129 66.34 -18.55 -31.73
C ILE A 129 65.05 -18.55 -32.51
N VAL A 130 64.03 -17.88 -32.00
CA VAL A 130 62.74 -17.83 -32.66
C VAL A 130 62.58 -16.50 -33.41
N ASP A 131 62.90 -15.38 -32.75
CA ASP A 131 62.74 -14.06 -33.33
C ASP A 131 64.10 -13.37 -33.37
N ASN A 132 64.57 -13.06 -34.58
CA ASN A 132 65.88 -12.44 -34.73
C ASN A 132 65.82 -10.93 -34.52
N THR A 133 64.64 -10.32 -34.75
CA THR A 133 64.52 -8.87 -34.69
C THR A 133 64.60 -8.31 -33.27
N GLN A 134 64.71 -9.16 -32.25
CA GLN A 134 64.77 -8.69 -30.89
C GLN A 134 66.00 -7.82 -30.66
N HIS A 135 65.82 -6.73 -29.92
CA HIS A 135 66.87 -5.73 -29.73
C HIS A 135 67.58 -6.00 -28.40
N ILE A 136 68.86 -6.36 -28.48
CA ILE A 136 69.64 -6.57 -27.26
C ILE A 136 70.23 -5.26 -26.77
N ALA A 137 70.93 -4.53 -27.63
CA ALA A 137 71.57 -3.27 -27.27
C ALA A 137 71.88 -2.51 -28.55
N SER A 138 72.36 -1.28 -28.38
CA SER A 138 72.68 -0.39 -29.50
C SER A 138 74.03 0.25 -29.24
N LEU A 139 75.03 -0.16 -30.01
CA LEU A 139 76.38 0.38 -29.89
C LEU A 139 76.49 1.66 -30.72
N THR A 140 76.80 2.77 -30.07
CA THR A 140 76.92 4.06 -30.73
C THR A 140 78.37 4.46 -31.01
N GLU A 141 79.33 3.69 -30.52
CA GLU A 141 80.75 3.96 -30.70
C GLU A 141 81.48 2.66 -31.02
N PRO A 142 82.63 2.74 -31.69
CA PRO A 142 83.41 1.52 -31.96
C PRO A 142 83.90 0.89 -30.66
N ILE A 143 83.40 -0.30 -30.37
CA ILE A 143 83.72 -0.99 -29.12
C ILE A 143 83.50 -2.48 -29.31
N ASP A 144 84.13 -3.29 -28.46
CA ASP A 144 84.03 -4.75 -28.52
C ASP A 144 83.06 -5.21 -27.44
N PHE A 145 81.90 -5.69 -27.88
CA PHE A 145 80.87 -6.19 -26.97
C PHE A 145 81.03 -7.70 -26.83
N CYS A 146 81.52 -8.15 -25.67
CA CYS A 146 81.78 -9.55 -25.42
C CYS A 146 81.05 -9.96 -24.15
N ILE A 147 79.91 -10.64 -24.30
CA ILE A 147 79.09 -11.07 -23.17
C ILE A 147 78.95 -12.58 -23.23
N GLY A 148 79.01 -13.22 -22.05
CA GLY A 148 78.81 -14.65 -21.93
C GLY A 148 77.42 -14.92 -21.38
N LEU A 149 76.79 -15.98 -21.89
CA LEU A 149 75.42 -16.32 -21.53
C LEU A 149 75.33 -17.81 -21.20
N GLN A 150 74.54 -18.12 -20.18
CA GLN A 150 74.24 -19.49 -19.81
C GLN A 150 72.75 -19.73 -19.99
N ILE A 151 72.40 -20.82 -20.67
CA ILE A 151 71.02 -21.14 -21.02
C ILE A 151 70.64 -22.45 -20.36
N GLU A 152 69.45 -22.49 -19.77
CA GLU A 152 68.94 -23.68 -19.10
C GLU A 152 67.50 -23.93 -19.54
N ARG A 153 67.03 -25.14 -19.28
CA ARG A 153 65.66 -25.54 -19.60
C ARG A 153 65.06 -26.22 -18.39
N ASN A 154 63.96 -25.66 -17.89
CA ASN A 154 63.31 -26.18 -16.67
C ASN A 154 61.80 -26.09 -16.84
N ARG A 155 61.10 -26.91 -16.04
CA ARG A 155 59.64 -26.95 -16.04
C ARG A 155 59.09 -25.84 -15.14
N GLY A 156 59.36 -24.60 -15.53
CA GLY A 156 58.89 -23.46 -14.79
C GLY A 156 59.61 -23.23 -13.46
N TYR A 157 60.82 -23.76 -13.32
CA TYR A 157 61.62 -23.47 -12.14
C TYR A 157 62.27 -22.10 -12.27
N LEU A 158 61.62 -21.08 -11.71
CA LEU A 158 62.08 -19.70 -11.91
C LEU A 158 63.39 -19.44 -11.18
N ILE A 159 63.59 -20.08 -10.04
CA ILE A 159 64.72 -19.79 -9.15
C ILE A 159 65.80 -20.83 -9.43
N LYS A 160 66.85 -20.42 -10.15
CA LYS A 160 68.01 -21.26 -10.41
C LYS A 160 69.26 -20.37 -10.39
N THR A 161 70.15 -20.62 -9.43
CA THR A 161 71.39 -19.88 -9.31
C THR A 161 72.55 -20.86 -9.27
N PRO A 162 73.42 -20.87 -10.28
CA PRO A 162 74.54 -21.83 -10.24
C PRO A 162 75.58 -21.51 -9.19
N HIS A 163 76.08 -20.27 -9.17
CA HIS A 163 77.16 -19.89 -8.27
C HIS A 163 76.78 -18.77 -7.32
N ASN A 164 75.53 -18.28 -7.38
CA ASN A 164 75.05 -17.21 -6.51
C ASN A 164 75.93 -15.96 -6.61
N PHE A 165 76.25 -15.58 -7.85
CA PHE A 165 77.02 -14.37 -8.16
C PHE A 165 78.40 -14.41 -7.50
N GLN A 166 79.09 -15.55 -7.64
CA GLN A 166 80.44 -15.65 -7.09
C GLN A 166 81.42 -14.79 -7.87
N ASP A 167 81.47 -14.96 -9.19
CA ASP A 167 82.32 -14.16 -10.05
C ASP A 167 81.53 -12.94 -10.55
N GLY A 168 82.09 -12.23 -11.54
CA GLY A 168 81.40 -11.09 -12.10
C GLY A 168 80.25 -11.48 -13.01
N SER A 169 79.25 -12.14 -12.43
CA SER A 169 78.09 -12.63 -13.17
C SER A 169 76.83 -12.12 -12.50
N TYR A 170 75.97 -11.45 -13.27
CA TYR A 170 74.72 -10.92 -12.74
C TYR A 170 73.60 -11.90 -13.01
N PRO A 171 72.99 -12.49 -11.99
CA PRO A 171 71.89 -13.43 -12.23
C PRO A 171 70.68 -12.71 -12.81
N ILE A 172 70.05 -13.35 -13.80
CA ILE A 172 68.91 -12.79 -14.51
C ILE A 172 67.67 -13.57 -14.12
N ASP A 173 66.61 -12.86 -13.74
CA ASP A 173 65.34 -13.51 -13.48
C ASP A 173 64.75 -14.06 -14.77
N ALA A 174 64.44 -15.36 -14.77
CA ALA A 174 64.03 -16.06 -15.98
C ALA A 174 62.76 -16.85 -15.69
N VAL A 175 61.72 -16.60 -16.47
CA VAL A 175 60.47 -17.34 -16.39
C VAL A 175 60.48 -18.41 -17.47
N PHE A 176 60.26 -19.67 -17.07
CA PHE A 176 60.32 -20.80 -17.99
C PHE A 176 58.95 -21.19 -18.53
N MET A 177 57.98 -20.28 -18.52
CA MET A 177 56.64 -20.56 -19.00
C MET A 177 56.50 -20.14 -20.46
N PRO A 178 56.44 -21.09 -21.40
CA PRO A 178 56.26 -20.68 -22.81
C PRO A 178 54.85 -20.21 -23.11
N VAL A 179 53.84 -20.78 -22.47
CA VAL A 179 52.46 -20.42 -22.71
C VAL A 179 52.16 -19.10 -22.01
N ARG A 180 51.75 -18.10 -22.78
CA ARG A 180 51.47 -16.78 -22.20
C ARG A 180 50.18 -16.79 -21.39
N ASN A 181 49.12 -17.39 -21.93
CA ASN A 181 47.82 -17.37 -21.25
C ASN A 181 47.01 -18.56 -21.75
N ALA A 182 46.08 -19.00 -20.90
CA ALA A 182 45.20 -20.11 -21.25
C ALA A 182 43.86 -19.89 -20.56
N ASN A 183 42.79 -20.34 -21.21
CA ASN A 183 41.45 -20.19 -20.68
C ASN A 183 40.56 -21.27 -21.28
N HIS A 184 39.50 -21.61 -20.55
CA HIS A 184 38.57 -22.64 -20.98
C HIS A 184 37.14 -22.16 -20.77
N SER A 185 36.23 -22.66 -21.61
CA SER A 185 34.81 -22.35 -21.49
C SER A 185 34.01 -23.62 -21.73
N ILE A 186 32.74 -23.60 -21.31
CA ILE A 186 31.87 -24.76 -21.40
C ILE A 186 30.57 -24.35 -22.07
N HIS A 187 30.16 -25.11 -23.08
CA HIS A 187 28.87 -24.95 -23.73
C HIS A 187 28.08 -26.24 -23.54
N SER A 188 26.92 -26.13 -22.90
CA SER A 188 26.12 -27.29 -22.54
C SER A 188 24.91 -27.38 -23.47
N TYR A 189 24.89 -28.41 -24.31
CA TYR A 189 23.77 -28.66 -25.21
C TYR A 189 23.00 -29.87 -24.69
N GLY A 190 21.72 -29.66 -24.39
CA GLY A 190 20.90 -30.72 -23.84
C GLY A 190 19.58 -30.92 -24.56
N ASN A 191 19.32 -32.15 -24.98
CA ASN A 191 18.06 -32.52 -25.64
C ASN A 191 17.32 -33.50 -24.75
N GLY A 192 16.23 -33.05 -24.14
CA GLY A 192 15.48 -33.90 -23.24
C GLY A 192 16.31 -34.34 -22.06
N ASN A 193 16.44 -35.66 -21.89
CA ASN A 193 17.19 -36.19 -20.74
C ASN A 193 18.69 -36.04 -20.94
N GLU A 194 19.19 -36.31 -22.14
CA GLU A 194 20.62 -36.26 -22.39
C GLU A 194 21.12 -34.82 -22.39
N LYS A 195 22.33 -34.64 -21.86
CA LYS A 195 22.99 -33.34 -21.81
C LYS A 195 24.45 -33.52 -22.21
N GLN A 196 24.86 -32.80 -23.26
CA GLN A 196 26.22 -32.86 -23.76
C GLN A 196 26.92 -31.53 -23.54
N GLU A 197 28.20 -31.59 -23.17
CA GLU A 197 29.00 -30.41 -22.92
C GLU A 197 30.15 -30.35 -23.92
N ILE A 198 30.56 -29.12 -24.24
CA ILE A 198 31.63 -28.88 -25.21
C ILE A 198 32.65 -27.95 -24.58
N LEU A 199 33.92 -28.35 -24.63
CA LEU A 199 35.01 -27.59 -24.03
C LEU A 199 35.77 -26.82 -25.11
N PHE A 200 35.98 -25.53 -24.87
CA PHE A 200 36.75 -24.67 -25.77
C PHE A 200 38.02 -24.24 -25.05
N LEU A 201 39.17 -24.63 -25.58
CA LEU A 201 40.46 -24.30 -25.00
C LEU A 201 41.16 -23.26 -25.87
N GLU A 202 41.55 -22.15 -25.25
CA GLU A 202 42.28 -21.08 -25.91
C GLU A 202 43.69 -21.01 -25.34
N ILE A 203 44.68 -21.07 -26.22
CA ILE A 203 46.09 -21.12 -25.83
C ILE A 203 46.83 -19.99 -26.51
N TRP A 204 47.63 -19.26 -25.73
CA TRP A 204 48.54 -18.24 -26.25
C TRP A 204 49.96 -18.65 -25.92
N THR A 205 50.80 -18.73 -26.95
CA THR A 205 52.20 -19.13 -26.79
C THR A 205 53.12 -18.01 -27.22
N ASN A 206 54.38 -18.12 -26.79
CA ASN A 206 55.38 -17.10 -27.07
C ASN A 206 56.13 -17.34 -28.38
N GLY A 207 55.70 -18.32 -29.17
CA GLY A 207 56.35 -18.63 -30.43
C GLY A 207 57.32 -19.79 -30.41
N SER A 208 57.70 -20.26 -29.22
CA SER A 208 58.61 -21.41 -29.15
C SER A 208 57.92 -22.67 -29.63
N LEU A 209 56.62 -22.81 -29.39
CA LEU A 209 55.86 -23.95 -29.85
C LEU A 209 54.45 -23.50 -30.26
N THR A 210 53.84 -24.28 -31.13
CA THR A 210 52.49 -23.99 -31.60
C THR A 210 51.46 -24.39 -30.54
N PRO A 211 50.26 -23.79 -30.58
CA PRO A 211 49.22 -24.18 -29.62
C PRO A 211 48.86 -25.66 -29.67
N LYS A 212 48.89 -26.26 -30.85
CA LYS A 212 48.62 -27.70 -30.94
C LYS A 212 49.70 -28.51 -30.26
N GLU A 213 50.97 -28.15 -30.47
CA GLU A 213 52.07 -28.83 -29.80
C GLU A 213 51.99 -28.62 -28.29
N ALA A 214 51.58 -27.42 -27.86
CA ALA A 214 51.41 -27.18 -26.44
C ALA A 214 50.30 -28.05 -25.86
N LEU A 215 49.19 -28.18 -26.58
CA LEU A 215 48.11 -29.07 -26.14
C LEU A 215 48.62 -30.50 -26.00
N HIS A 216 49.33 -30.99 -27.01
CA HIS A 216 49.85 -32.36 -26.95
C HIS A 216 50.80 -32.55 -25.78
N GLU A 217 51.70 -31.59 -25.58
CA GLU A 217 52.68 -31.71 -24.50
C GLU A 217 52.00 -31.66 -23.14
N ALA A 218 50.99 -30.80 -22.97
CA ALA A 218 50.28 -30.74 -21.70
C ALA A 218 49.51 -32.03 -21.44
N SER A 219 48.90 -32.60 -22.49
CA SER A 219 48.20 -33.87 -22.32
C SER A 219 49.16 -34.98 -21.92
N ARG A 220 50.31 -35.05 -22.60
CA ARG A 220 51.29 -36.10 -22.25
C ARG A 220 51.84 -35.89 -20.85
N ASN A 221 52.03 -34.64 -20.44
CA ASN A 221 52.52 -34.37 -19.09
C ASN A 221 51.49 -34.78 -18.04
N LEU A 222 50.21 -34.49 -18.27
CA LEU A 222 49.18 -34.94 -17.34
C LEU A 222 49.12 -36.46 -17.28
N ILE A 223 49.23 -37.13 -18.43
CA ILE A 223 49.22 -38.58 -18.44
C ILE A 223 50.40 -39.13 -17.64
N ASP A 224 51.59 -38.57 -17.86
CA ASP A 224 52.76 -39.01 -17.11
C ASP A 224 52.61 -38.73 -15.61
N LEU A 225 51.89 -37.67 -15.26
CA LEU A 225 51.66 -37.37 -13.84
C LEU A 225 50.70 -38.38 -13.22
N PHE A 226 49.70 -38.82 -13.97
CA PHE A 226 48.68 -39.70 -13.42
C PHE A 226 48.98 -41.18 -13.61
N ILE A 227 50.10 -41.52 -14.23
CA ILE A 227 50.50 -42.91 -14.43
C ILE A 227 51.03 -43.55 -13.14
N PRO A 228 51.91 -42.92 -12.36
CA PRO A 228 52.55 -43.64 -11.24
C PRO A 228 51.57 -44.23 -10.24
N PHE A 229 50.35 -43.71 -10.16
CA PHE A 229 49.36 -44.34 -9.28
C PHE A 229 49.05 -45.77 -9.74
N LEU A 230 49.11 -46.02 -11.05
CA LEU A 230 48.87 -47.35 -11.58
C LEU A 230 50.12 -48.24 -11.52
N HIS A 231 51.26 -47.70 -11.12
CA HIS A 231 52.48 -48.49 -11.07
C HIS A 231 52.37 -49.61 -10.04
N MET A 232 53.07 -50.72 -10.32
CA MET A 232 53.11 -51.85 -9.42
C MET A 232 54.54 -52.33 -9.30
N GLU A 233 54.91 -52.81 -8.11
CA GLU A 233 56.26 -53.26 -7.82
C GLU A 233 56.31 -54.78 -7.76
N GLU A 234 57.40 -55.34 -8.28
CA GLU A 234 57.57 -56.78 -8.25
C GLU A 234 57.81 -57.26 -6.81
N ASP A 235 57.41 -58.49 -6.54
CA ASP A 235 57.52 -59.09 -5.22
C ASP A 235 58.48 -60.26 -5.26
N ASN A 236 59.17 -60.49 -4.14
CA ASN A 236 60.14 -61.58 -4.05
C ASN A 236 59.41 -62.91 -3.89
N ILE A 267 36.05 -54.73 24.75
CA ILE A 267 37.29 -54.32 25.40
C ILE A 267 37.02 -53.78 26.80
N ALA A 268 37.03 -54.69 27.78
CA ALA A 268 36.80 -54.32 29.17
C ALA A 268 38.05 -53.79 29.85
N LEU A 269 39.17 -53.68 29.13
CA LEU A 269 40.39 -53.17 29.74
C LEU A 269 40.26 -51.70 30.13
N LYS A 270 39.35 -50.97 29.49
CA LYS A 270 39.17 -49.56 29.81
C LYS A 270 38.66 -49.37 31.24
N SER A 271 37.73 -50.22 31.66
CA SER A 271 37.13 -50.11 32.99
C SER A 271 37.99 -50.71 34.09
N ILE A 272 39.11 -51.34 33.75
CA ILE A 272 39.99 -51.96 34.74
C ILE A 272 41.08 -50.94 35.06
N PHE A 273 40.86 -50.18 36.12
CA PHE A 273 41.84 -49.18 36.54
C PHE A 273 42.96 -49.83 37.35
N ILE A 274 44.11 -49.16 37.38
CA ILE A 274 45.25 -49.67 38.13
C ILE A 274 45.01 -49.62 39.64
N ASP A 275 44.04 -48.83 40.09
CA ASP A 275 43.74 -48.75 41.51
C ASP A 275 43.18 -50.07 42.03
N GLN A 276 42.38 -50.76 41.22
CA GLN A 276 41.80 -52.03 41.66
C GLN A 276 42.87 -53.10 41.79
N SER A 277 43.78 -53.18 40.82
CA SER A 277 44.89 -54.13 40.92
C SER A 277 45.82 -53.72 42.06
N GLU A 278 46.11 -54.65 42.95
CA GLU A 278 46.94 -54.36 44.11
C GLU A 278 48.38 -54.14 43.68
N LEU A 279 48.87 -52.92 43.88
CA LEU A 279 50.20 -52.52 43.48
C LEU A 279 50.90 -51.84 44.64
N PRO A 280 52.23 -51.89 44.67
CA PRO A 280 52.97 -51.10 45.66
C PRO A 280 52.74 -49.62 45.47
N SER A 281 52.89 -48.86 46.57
CA SER A 281 52.58 -47.44 46.54
C SER A 281 53.51 -46.67 45.60
N ARG A 282 54.79 -47.05 45.55
CA ARG A 282 55.75 -46.29 44.76
C ARG A 282 55.44 -46.38 43.28
N ILE A 283 55.27 -47.60 42.76
CA ILE A 283 54.97 -47.76 41.34
C ILE A 283 53.59 -47.22 41.03
N TYR A 284 52.68 -47.26 42.00
CA TYR A 284 51.35 -46.68 41.80
C TYR A 284 51.45 -45.18 41.60
N ASN A 285 52.20 -44.49 42.46
CA ASN A 285 52.38 -43.06 42.31
C ASN A 285 53.14 -42.72 41.03
N CYS A 286 54.10 -43.57 40.64
CA CYS A 286 54.82 -43.33 39.39
C CYS A 286 53.88 -43.43 38.19
N LEU A 287 53.02 -44.45 38.16
CA LEU A 287 52.07 -44.59 37.07
C LEU A 287 51.04 -43.46 37.08
N LYS A 288 50.66 -42.99 38.27
CA LYS A 288 49.75 -41.85 38.36
C LYS A 288 50.39 -40.60 37.80
N MET A 289 51.68 -40.39 38.10
CA MET A 289 52.38 -39.22 37.58
C MET A 289 52.64 -39.32 36.09
N SER A 290 52.78 -40.53 35.57
CA SER A 290 53.00 -40.75 34.14
C SER A 290 51.69 -40.76 33.34
N ASN A 291 50.60 -40.28 33.94
CA ASN A 291 49.29 -40.21 33.28
C ASN A 291 48.82 -41.58 32.81
N ILE A 292 48.95 -42.58 33.68
CA ILE A 292 48.49 -43.93 33.43
C ILE A 292 47.46 -44.27 34.49
N TYR A 293 46.19 -44.39 34.09
CA TYR A 293 45.10 -44.63 35.02
C TYR A 293 44.40 -45.95 34.82
N THR A 294 44.50 -46.58 33.65
CA THR A 294 43.80 -47.82 33.37
C THR A 294 44.80 -48.87 32.92
N LEU A 295 44.37 -50.12 32.96
CA LEU A 295 45.22 -51.22 32.54
C LEU A 295 45.53 -51.09 31.10
N LEU A 296 44.54 -50.73 30.32
CA LEU A 296 44.74 -50.60 28.90
C LEU A 296 45.92 -49.70 28.69
N ASP A 297 45.95 -48.60 29.41
CA ASP A 297 47.03 -47.65 29.21
C ASP A 297 48.36 -48.29 29.49
N LEU A 298 48.42 -49.06 30.56
CA LEU A 298 49.68 -49.69 30.91
C LEU A 298 50.06 -50.63 29.81
N LEU A 299 49.07 -51.36 29.31
CA LEU A 299 49.35 -52.34 28.29
C LEU A 299 49.90 -51.68 27.05
N ASN A 300 49.35 -50.54 26.69
CA ASN A 300 49.86 -49.82 25.55
C ASN A 300 51.30 -49.43 25.79
N ASN A 301 51.60 -49.00 27.01
CA ASN A 301 52.95 -48.63 27.33
C ASN A 301 53.90 -49.81 27.24
N SER A 302 55.10 -49.57 26.75
CA SER A 302 56.10 -50.64 26.58
C SER A 302 57.09 -50.69 27.72
N GLN A 303 57.83 -51.79 27.84
CA GLN A 303 58.72 -51.94 28.98
C GLN A 303 59.78 -50.87 29.03
N GLU A 304 60.36 -50.54 27.89
CA GLU A 304 61.36 -49.50 27.87
C GLU A 304 60.74 -48.18 28.25
N ASP A 305 59.55 -47.92 27.73
CA ASP A 305 58.87 -46.68 28.02
C ASP A 305 58.55 -46.61 29.49
N LEU A 306 58.12 -47.73 30.06
CA LEU A 306 57.77 -47.74 31.47
C LEU A 306 59.01 -47.45 32.28
N MET A 307 60.14 -48.00 31.86
CA MET A 307 61.35 -47.79 32.61
C MET A 307 61.68 -46.31 32.65
N LYS A 308 61.30 -45.60 31.59
CA LYS A 308 61.60 -44.16 31.53
C LYS A 308 61.03 -43.37 32.69
N ILE A 309 59.88 -43.77 33.21
CA ILE A 309 59.24 -42.99 34.26
C ILE A 309 60.18 -42.82 35.44
N GLU A 310 60.18 -41.64 36.03
CA GLU A 310 61.06 -41.36 37.15
C GLU A 310 60.81 -42.26 38.33
N HIS A 311 61.88 -42.70 39.00
CA HIS A 311 61.76 -43.54 40.19
C HIS A 311 61.29 -44.96 39.90
N PHE A 312 61.29 -45.34 38.63
CA PHE A 312 60.79 -46.66 38.29
C PHE A 312 61.96 -47.58 38.08
N ARG A 313 62.11 -48.56 38.96
CA ARG A 313 63.23 -49.47 38.88
C ARG A 313 62.93 -50.58 37.88
N SER A 314 63.95 -51.34 37.49
CA SER A 314 63.74 -52.44 36.58
C SER A 314 62.96 -53.54 37.27
N GLU A 315 63.23 -53.75 38.55
CA GLU A 315 62.53 -54.76 39.30
C GLU A 315 61.06 -54.43 39.35
N ASP A 316 60.73 -53.15 39.34
CA ASP A 316 59.34 -52.76 39.33
C ASP A 316 58.68 -53.26 38.06
N VAL A 317 59.36 -53.16 36.93
CA VAL A 317 58.80 -53.68 35.70
C VAL A 317 58.46 -55.14 35.89
N LYS A 318 59.30 -55.83 36.65
CA LYS A 318 58.99 -57.21 36.93
C LYS A 318 57.76 -57.28 37.81
N ARG A 319 57.70 -56.48 38.87
CA ARG A 319 56.56 -56.59 39.78
C ARG A 319 55.25 -56.35 39.06
N ILE A 320 55.18 -55.29 38.23
CA ILE A 320 53.93 -55.01 37.53
C ILE A 320 53.62 -56.10 36.51
N LEU A 321 54.65 -56.66 35.88
CA LEU A 321 54.42 -57.75 34.93
C LEU A 321 53.92 -58.99 35.65
N GLY A 322 54.49 -59.31 36.82
CA GLY A 322 54.01 -60.46 37.58
C GLY A 322 52.58 -60.28 38.06
N ILE A 323 52.26 -59.09 38.59
CA ILE A 323 50.91 -58.83 39.06
C ILE A 323 49.92 -58.90 37.90
N LEU A 324 50.31 -58.38 36.73
CA LEU A 324 49.45 -58.48 35.55
C LEU A 324 49.23 -59.93 35.15
N GLU A 325 50.30 -60.73 35.12
CA GLU A 325 50.18 -62.13 34.73
C GLU A 325 49.38 -62.93 35.77
N LYS A 326 49.32 -62.44 37.01
CA LYS A 326 48.49 -63.10 38.01
C LYS A 326 47.01 -62.99 37.66
N TYR A 327 46.54 -61.76 37.41
CA TYR A 327 45.14 -61.43 37.16
C TYR A 327 44.13 -62.33 37.88
N ASN B 6 -2.55 -21.87 41.83
CA ASN B 6 -2.13 -23.21 42.24
C ASN B 6 -1.25 -23.86 41.19
N GLU B 7 -1.38 -23.40 39.95
CA GLU B 7 -0.61 -23.92 38.83
C GLU B 7 0.04 -22.77 38.07
N GLY B 8 1.12 -23.09 37.36
CA GLY B 8 1.86 -22.10 36.61
C GLY B 8 2.77 -21.21 37.44
N ILE B 9 2.81 -21.40 38.77
CA ILE B 9 3.69 -20.61 39.62
C ILE B 9 5.05 -21.27 39.84
N SER B 10 5.20 -22.55 39.46
CA SER B 10 6.46 -23.25 39.58
C SER B 10 6.94 -23.84 38.26
N THR B 11 6.17 -23.70 37.18
CA THR B 11 6.54 -24.21 35.88
C THR B 11 5.84 -23.41 34.81
N ILE B 12 6.27 -23.61 33.56
CA ILE B 12 5.64 -22.91 32.44
C ILE B 12 4.21 -23.42 32.27
N PRO B 13 3.20 -22.56 32.27
CA PRO B 13 1.82 -23.02 32.14
C PRO B 13 1.53 -23.53 30.74
N GLY B 14 0.37 -24.17 30.61
CA GLY B 14 -0.05 -24.67 29.30
C GLY B 14 -0.39 -23.51 28.37
N PHE B 15 0.02 -23.65 27.10
CA PHE B 15 -0.22 -22.60 26.13
C PHE B 15 -1.71 -22.47 25.82
N ASN B 16 -2.46 -23.57 25.91
CA ASN B 16 -3.88 -23.57 25.64
C ASN B 16 -4.74 -23.50 26.90
N GLN B 17 -4.14 -23.16 28.05
CA GLN B 17 -4.90 -23.10 29.29
C GLN B 17 -5.88 -21.94 29.31
N ILE B 18 -5.62 -20.89 28.53
CA ILE B 18 -6.49 -19.73 28.52
C ILE B 18 -7.86 -20.10 27.98
N GLN B 19 -7.90 -20.68 26.78
CA GLN B 19 -9.17 -21.11 26.20
C GLN B 19 -9.84 -22.18 27.06
N PHE B 20 -9.02 -23.06 27.65
CA PHE B 20 -9.57 -24.11 28.52
C PHE B 20 -10.34 -23.51 29.69
N GLU B 21 -9.69 -22.62 30.45
CA GLU B 21 -10.35 -22.01 31.60
C GLU B 21 -11.49 -21.09 31.18
N GLY B 22 -11.38 -20.43 30.02
CA GLY B 22 -12.49 -19.61 29.56
C GLY B 22 -13.73 -20.43 29.25
N PHE B 23 -13.55 -21.53 28.51
CA PHE B 23 -14.68 -22.40 28.20
C PHE B 23 -15.25 -23.04 29.47
N CYS B 24 -14.38 -23.40 30.41
CA CYS B 24 -14.83 -23.95 31.68
C CYS B 24 -15.67 -22.95 32.46
N ARG B 25 -15.19 -21.71 32.62
CA ARG B 25 -15.97 -20.69 33.32
C ARG B 25 -17.28 -20.41 32.60
N PHE B 26 -17.25 -20.40 31.26
CA PHE B 26 -18.49 -20.23 30.50
C PHE B 26 -19.50 -21.30 30.86
N ILE B 27 -19.15 -22.57 30.64
CA ILE B 27 -20.08 -23.67 30.92
C ILE B 27 -20.52 -23.65 32.38
N ASP B 28 -19.62 -23.23 33.28
CA ASP B 28 -19.95 -23.24 34.70
C ASP B 28 -21.01 -22.20 35.04
N GLN B 29 -20.81 -20.95 34.64
CA GLN B 29 -21.66 -19.87 35.16
C GLN B 29 -22.41 -19.07 34.10
N GLY B 30 -21.87 -18.91 32.89
CA GLY B 30 -22.49 -18.02 31.92
C GLY B 30 -23.83 -18.54 31.42
N LEU B 31 -23.93 -19.85 31.20
CA LEU B 31 -25.19 -20.43 30.77
C LEU B 31 -26.29 -20.20 31.80
N THR B 32 -25.99 -20.44 33.08
CA THR B 32 -26.99 -20.22 34.12
C THR B 32 -27.33 -18.74 34.25
N GLU B 33 -26.31 -17.87 34.14
CA GLU B 33 -26.56 -16.44 34.24
C GLU B 33 -27.49 -15.96 33.12
N GLU B 34 -27.29 -16.48 31.91
CA GLU B 34 -28.15 -16.10 30.80
C GLU B 34 -29.55 -16.70 30.94
N LEU B 35 -29.65 -17.95 31.39
CA LEU B 35 -30.96 -18.57 31.56
C LEU B 35 -31.75 -17.90 32.68
N TYR B 36 -31.07 -17.29 33.65
CA TYR B 36 -31.78 -16.62 34.73
C TYR B 36 -32.53 -15.39 34.23
N LYS B 37 -31.94 -14.63 33.30
CA LYS B 37 -32.52 -13.37 32.86
C LYS B 37 -33.60 -13.53 31.80
N PHE B 38 -33.97 -14.76 31.44
CA PHE B 38 -35.01 -14.94 30.45
C PHE B 38 -36.36 -14.55 31.05
N PRO B 39 -37.22 -13.86 30.29
CA PRO B 39 -38.50 -13.40 30.83
C PRO B 39 -39.56 -14.50 30.74
N LYS B 40 -40.61 -14.33 31.54
CA LYS B 40 -41.74 -15.25 31.56
C LYS B 40 -42.65 -14.94 30.38
N ILE B 41 -42.75 -15.87 29.44
CA ILE B 41 -43.58 -15.67 28.26
C ILE B 41 -45.05 -15.66 28.68
N GLU B 42 -45.67 -14.49 28.60
CA GLU B 42 -47.09 -14.32 28.85
C GLU B 42 -47.63 -13.26 27.91
N ASP B 43 -48.16 -13.69 26.77
CA ASP B 43 -48.72 -12.78 25.77
C ASP B 43 -50.10 -13.27 25.37
N THR B 44 -51.11 -12.91 26.18
CA THR B 44 -52.49 -13.25 25.94
C THR B 44 -53.39 -12.58 26.97
N ASP B 45 -54.70 -12.62 26.77
CA ASP B 45 -55.61 -12.07 27.78
C ASP B 45 -55.77 -13.04 28.95
N GLN B 46 -55.89 -14.34 28.66
CA GLN B 46 -55.88 -15.33 29.73
C GLN B 46 -54.49 -15.43 30.37
N GLU B 47 -53.47 -14.89 29.69
CA GLU B 47 -52.11 -14.87 30.19
C GLU B 47 -51.57 -16.28 30.39
N ILE B 48 -51.69 -17.11 29.36
CA ILE B 48 -51.08 -18.43 29.38
C ILE B 48 -49.57 -18.28 29.46
N GLU B 49 -48.98 -18.81 30.53
CA GLU B 49 -47.59 -18.54 30.86
C GLU B 49 -46.77 -19.82 30.79
N PHE B 50 -45.69 -19.79 30.03
CA PHE B 50 -44.70 -20.86 29.99
C PHE B 50 -43.45 -20.42 30.72
N GLN B 51 -42.81 -21.38 31.41
CA GLN B 51 -41.62 -21.10 32.19
C GLN B 51 -40.58 -22.19 31.96
N LEU B 52 -39.31 -21.81 32.10
CA LEU B 52 -38.18 -22.72 32.01
C LEU B 52 -37.54 -22.84 33.37
N PHE B 53 -37.56 -24.03 33.96
CA PHE B 53 -36.93 -24.24 35.25
C PHE B 53 -35.42 -24.14 35.10
N VAL B 54 -34.85 -23.01 35.55
CA VAL B 54 -33.43 -22.76 35.33
C VAL B 54 -32.57 -23.74 36.12
N GLU B 55 -33.08 -24.19 37.27
CA GLU B 55 -32.31 -25.11 38.11
C GLU B 55 -32.03 -26.42 37.38
N THR B 56 -32.95 -26.86 36.53
CA THR B 56 -32.81 -28.13 35.82
C THR B 56 -32.12 -27.90 34.48
N TYR B 57 -30.87 -27.44 34.56
CA TYR B 57 -30.03 -27.20 33.40
C TYR B 57 -28.97 -28.30 33.33
N GLN B 58 -28.99 -29.07 32.25
CA GLN B 58 -28.11 -30.22 32.08
C GLN B 58 -27.69 -30.33 30.62
N LEU B 59 -26.39 -30.25 30.36
CA LEU B 59 -25.87 -30.51 29.02
C LEU B 59 -25.68 -32.00 28.80
N VAL B 60 -25.73 -32.41 27.53
CA VAL B 60 -25.62 -33.82 27.16
C VAL B 60 -24.43 -34.01 26.24
N GLU B 61 -23.83 -35.20 26.31
CA GLU B 61 -22.64 -35.49 25.53
C GLU B 61 -22.97 -35.48 24.03
N PRO B 62 -21.99 -35.14 23.19
CA PRO B 62 -22.22 -35.13 21.74
C PRO B 62 -22.58 -36.52 21.22
N LEU B 63 -23.47 -36.55 20.23
CA LEU B 63 -23.87 -37.82 19.64
C LEU B 63 -22.76 -38.39 18.75
N ILE B 64 -22.00 -37.54 18.09
CA ILE B 64 -20.94 -37.97 17.20
C ILE B 64 -19.59 -37.55 17.78
N LYS B 65 -18.53 -38.16 17.28
CA LYS B 65 -17.18 -37.85 17.71
C LYS B 65 -16.56 -36.77 16.83
N GLU B 66 -15.39 -36.29 17.24
CA GLU B 66 -14.70 -35.27 16.47
C GLU B 66 -14.19 -35.84 15.15
N ARG B 67 -13.68 -37.07 15.16
CA ARG B 67 -13.21 -37.71 13.94
C ARG B 67 -14.32 -37.99 12.95
N ASP B 68 -15.57 -38.03 13.40
CA ASP B 68 -16.72 -38.16 12.51
C ASP B 68 -17.23 -36.81 12.07
N ALA B 69 -17.14 -35.81 12.96
CA ALA B 69 -17.57 -34.46 12.60
C ALA B 69 -16.67 -33.86 11.52
N VAL B 70 -15.36 -34.05 11.65
CA VAL B 70 -14.44 -33.51 10.64
C VAL B 70 -14.56 -34.28 9.33
N TYR B 71 -14.93 -35.56 9.41
CA TYR B 71 -15.06 -36.36 8.19
C TYR B 71 -16.35 -36.04 7.45
N GLU B 72 -17.47 -35.98 8.16
CA GLU B 72 -18.77 -35.75 7.55
C GLU B 72 -19.13 -34.27 7.49
N SER B 73 -18.19 -33.37 7.81
CA SER B 73 -18.42 -31.93 7.78
C SER B 73 -19.63 -31.54 8.65
N LEU B 74 -19.63 -32.05 9.88
CA LEU B 74 -20.69 -31.77 10.84
C LEU B 74 -20.12 -31.01 12.03
N THR B 75 -20.99 -30.31 12.74
CA THR B 75 -20.57 -29.57 13.92
C THR B 75 -20.48 -30.49 15.13
N TYR B 76 -19.55 -30.17 16.02
CA TYR B 76 -19.38 -30.89 17.27
C TYR B 76 -19.95 -30.02 18.40
N SER B 77 -21.11 -30.42 18.92
CA SER B 77 -21.82 -29.60 19.89
C SER B 77 -22.43 -30.50 20.95
N SER B 78 -23.10 -29.88 21.91
CA SER B 78 -23.76 -30.57 23.01
C SER B 78 -25.22 -30.18 23.05
N GLU B 79 -26.04 -31.07 23.60
CA GLU B 79 -27.49 -30.89 23.64
C GLU B 79 -27.88 -30.25 24.97
N LEU B 80 -28.59 -29.13 24.90
CA LEU B 80 -29.08 -28.44 26.08
C LEU B 80 -30.52 -28.86 26.35
N TYR B 81 -30.74 -29.58 27.45
CA TYR B 81 -32.07 -30.02 27.86
C TYR B 81 -32.42 -29.36 29.20
N VAL B 82 -33.51 -28.60 29.20
CA VAL B 82 -34.01 -27.93 30.41
C VAL B 82 -35.48 -28.26 30.56
N SER B 83 -35.89 -28.62 31.78
CA SER B 83 -37.29 -28.91 32.06
C SER B 83 -38.11 -27.63 32.04
N ALA B 84 -39.25 -27.67 31.36
CA ALA B 84 -40.12 -26.50 31.22
C ALA B 84 -41.52 -26.84 31.67
N GLY B 85 -42.22 -25.83 32.18
CA GLY B 85 -43.59 -25.99 32.61
C GLY B 85 -44.53 -24.99 31.96
N LEU B 86 -45.56 -25.48 31.30
CA LEU B 86 -46.53 -24.64 30.59
C LEU B 86 -47.87 -24.72 31.32
N ILE B 87 -48.32 -23.59 31.85
CA ILE B 87 -49.60 -23.52 32.54
C ILE B 87 -50.65 -23.04 31.54
N TRP B 88 -51.51 -23.97 31.11
CA TRP B 88 -52.54 -23.62 30.15
C TRP B 88 -53.65 -22.81 30.81
N LYS B 89 -54.36 -22.04 30.00
CA LYS B 89 -55.43 -21.19 30.51
C LYS B 89 -56.63 -22.03 30.93
N ASN B 90 -57.06 -22.96 30.07
CA ASN B 90 -58.24 -23.76 30.36
C ASN B 90 -57.92 -24.87 31.35
N SER B 91 -56.76 -25.51 31.21
CA SER B 91 -56.43 -26.66 32.05
C SER B 91 -56.21 -26.25 33.50
N ARG B 92 -55.81 -24.99 33.74
CA ARG B 92 -55.53 -24.49 35.08
C ARG B 92 -54.48 -25.35 35.79
N ASP B 93 -53.50 -25.83 35.02
CA ASP B 93 -52.43 -26.65 35.56
C ASP B 93 -51.20 -26.50 34.67
N MET B 94 -50.05 -26.84 35.23
CA MET B 94 -48.77 -26.69 34.54
C MET B 94 -48.16 -28.06 34.30
N GLN B 95 -48.08 -28.46 33.04
CA GLN B 95 -47.42 -29.72 32.69
C GLN B 95 -45.92 -29.49 32.55
N GLU B 96 -45.14 -30.43 33.07
CA GLU B 96 -43.68 -30.29 33.12
C GLU B 96 -43.03 -31.35 32.24
N GLN B 97 -42.31 -30.89 31.21
CA GLN B 97 -41.56 -31.75 30.31
C GLN B 97 -40.21 -31.11 30.04
N THR B 98 -39.27 -31.93 29.57
CA THR B 98 -37.95 -31.46 29.19
C THR B 98 -37.91 -31.21 27.68
N ILE B 99 -37.40 -30.04 27.29
CA ILE B 99 -37.37 -29.61 25.90
C ILE B 99 -35.93 -29.50 25.43
N PHE B 100 -35.72 -29.73 24.13
CA PHE B 100 -34.42 -29.59 23.50
C PHE B 100 -34.32 -28.20 22.90
N ILE B 101 -33.65 -27.29 23.61
CA ILE B 101 -33.53 -25.91 23.15
C ILE B 101 -32.69 -25.83 21.89
N GLY B 102 -31.54 -26.48 21.89
CA GLY B 102 -30.65 -26.43 20.74
C GLY B 102 -29.29 -26.99 21.10
N ASN B 103 -28.35 -26.80 20.18
CA ASN B 103 -26.99 -27.29 20.33
C ASN B 103 -26.04 -26.18 20.72
N ILE B 104 -25.10 -26.50 21.60
CA ILE B 104 -24.06 -25.59 22.04
C ILE B 104 -22.72 -26.20 21.66
N PRO B 105 -21.88 -25.52 20.88
CA PRO B 105 -20.61 -26.11 20.46
C PRO B 105 -19.69 -26.34 21.64
N LEU B 106 -18.89 -27.40 21.54
CA LEU B 106 -17.93 -27.76 22.57
C LEU B 106 -16.51 -27.52 22.07
N MET B 107 -15.63 -27.19 22.99
CA MET B 107 -14.25 -26.88 22.69
C MET B 107 -13.35 -28.08 22.98
N ASN B 108 -12.37 -28.29 22.12
CA ASN B 108 -11.40 -29.35 22.33
C ASN B 108 -10.41 -28.96 23.42
N SER B 109 -9.62 -29.95 23.85
CA SER B 109 -8.59 -29.68 24.85
C SER B 109 -7.53 -28.72 24.34
N LEU B 110 -7.38 -28.59 23.03
CA LEU B 110 -6.41 -27.70 22.42
C LEU B 110 -6.92 -26.27 22.28
N GLY B 111 -8.21 -26.03 22.55
CA GLY B 111 -8.80 -24.71 22.43
C GLY B 111 -9.62 -24.50 21.18
N THR B 112 -9.54 -25.40 20.21
CA THR B 112 -10.25 -25.24 18.95
C THR B 112 -11.65 -25.83 19.03
N SER B 113 -12.53 -25.33 18.17
CA SER B 113 -13.89 -25.82 18.05
C SER B 113 -14.15 -26.29 16.63
N ILE B 114 -15.07 -27.24 16.50
CA ILE B 114 -15.42 -27.84 15.21
C ILE B 114 -16.83 -27.40 14.85
N VAL B 115 -16.94 -26.56 13.83
CA VAL B 115 -18.23 -26.07 13.33
C VAL B 115 -18.26 -26.31 11.83
N ASN B 116 -19.23 -27.10 11.37
CA ASN B 116 -19.37 -27.45 9.96
C ASN B 116 -18.09 -28.11 9.43
N GLY B 117 -17.45 -28.90 10.28
CA GLY B 117 -16.24 -29.59 9.90
C GLY B 117 -15.02 -28.73 9.72
N ILE B 118 -15.02 -27.51 10.27
CA ILE B 118 -13.90 -26.58 10.15
C ILE B 118 -13.36 -26.29 11.53
N TYR B 119 -12.02 -26.30 11.65
CA TYR B 119 -11.37 -25.94 12.90
C TYR B 119 -11.29 -24.42 13.00
N ARG B 120 -11.86 -23.86 14.06
CA ARG B 120 -11.90 -22.41 14.25
C ARG B 120 -11.47 -22.06 15.67
N ILE B 121 -10.77 -20.94 15.80
CA ILE B 121 -10.28 -20.46 17.09
C ILE B 121 -10.90 -19.10 17.36
N VAL B 122 -11.03 -18.77 18.64
CA VAL B 122 -11.63 -17.51 19.09
C VAL B 122 -10.50 -16.63 19.63
N ILE B 123 -10.12 -15.61 18.85
CA ILE B 123 -9.07 -14.70 19.27
C ILE B 123 -9.63 -13.70 20.28
N ASN B 124 -8.83 -13.43 21.32
CA ASN B 124 -9.24 -12.51 22.36
C ASN B 124 -9.20 -11.07 21.85
N GLN B 125 -9.90 -10.18 22.56
CA GLN B 125 -10.01 -8.78 22.18
C GLN B 125 -9.67 -7.90 23.37
N ILE B 126 -8.94 -6.81 23.14
CA ILE B 126 -8.60 -5.89 24.21
C ILE B 126 -9.48 -4.66 24.14
N LEU B 127 -10.37 -4.49 25.12
CA LEU B 127 -11.29 -3.36 25.11
C LEU B 127 -11.15 -2.51 26.36
N GLN B 128 -11.34 -1.20 26.22
CA GLN B 128 -11.17 -0.31 27.37
C GLN B 128 -12.18 -0.62 28.45
N SER B 129 -11.73 -0.68 29.69
CA SER B 129 -12.61 -0.97 30.82
C SER B 129 -13.54 0.20 31.14
N PRO B 130 -14.75 -0.10 31.62
CA PRO B 130 -15.61 1.01 32.05
C PRO B 130 -15.01 1.76 33.24
N GLY B 131 -15.23 3.06 33.35
CA GLY B 131 -14.77 3.80 34.52
C GLY B 131 -14.75 5.30 34.34
N ILE B 132 -14.10 6.02 35.24
CA ILE B 132 -13.98 7.47 35.11
C ILE B 132 -12.57 7.78 34.67
N TYR B 133 -12.40 8.60 33.65
CA TYR B 133 -11.05 8.80 33.14
C TYR B 133 -10.26 10.10 33.29
N TYR B 134 -10.89 11.22 33.58
CA TYR B 134 -10.11 12.45 33.88
C TYR B 134 -9.00 12.90 32.96
N ARG B 135 -9.26 13.01 31.68
CA ARG B 135 -8.26 13.56 30.76
C ARG B 135 -8.20 15.06 30.80
N SER B 136 -7.16 15.64 30.21
CA SER B 136 -7.08 17.09 30.13
C SER B 136 -6.69 17.51 28.72
N GLU B 137 -7.00 18.74 28.35
CA GLU B 137 -6.70 19.23 27.01
C GLU B 137 -6.37 20.70 27.09
N LEU B 138 -5.23 21.14 26.54
CA LEU B 138 -4.92 22.55 26.71
C LEU B 138 -5.57 23.38 25.61
N ASP B 139 -6.21 24.48 26.01
CA ASP B 139 -6.87 25.35 25.04
C ASP B 139 -5.84 26.17 24.27
N HIS B 140 -6.29 26.70 23.12
CA HIS B 140 -5.40 27.54 22.32
C HIS B 140 -4.96 28.78 23.08
N ASN B 141 -5.88 29.42 23.79
CA ASN B 141 -5.59 30.59 24.59
C ASN B 141 -6.27 30.45 25.94
N GLY B 142 -5.50 30.57 27.01
CA GLY B 142 -6.03 30.46 28.36
C GLY B 142 -5.54 29.21 29.07
N ILE B 143 -6.23 28.90 30.18
CA ILE B 143 -5.88 27.75 30.98
C ILE B 143 -6.27 26.46 30.26
N SER B 144 -5.66 25.36 30.69
CA SER B 144 -5.96 24.06 30.10
C SER B 144 -7.31 23.56 30.56
N VAL B 145 -8.09 23.01 29.64
CA VAL B 145 -9.41 22.47 29.95
C VAL B 145 -9.26 21.07 30.51
N TYR B 146 -10.00 20.77 31.58
CA TYR B 146 -9.96 19.45 32.21
C TYR B 146 -11.30 18.78 32.00
N THR B 147 -11.29 17.53 31.55
CA THR B 147 -12.53 16.79 31.37
C THR B 147 -12.55 15.40 31.96
N GLY B 148 -13.70 14.98 32.48
CA GLY B 148 -13.81 13.65 33.02
C GLY B 148 -14.86 12.84 32.32
N THR B 149 -14.50 11.67 31.82
CA THR B 149 -15.42 10.89 31.04
C THR B 149 -15.79 9.66 31.81
N ILE B 150 -17.06 9.31 31.83
CA ILE B 150 -17.43 8.06 32.48
C ILE B 150 -17.77 7.08 31.38
N ILE B 151 -17.19 5.89 31.44
CA ILE B 151 -17.42 4.89 30.40
C ILE B 151 -18.31 3.79 30.95
N SER B 152 -19.34 3.42 30.19
CA SER B 152 -20.26 2.36 30.64
C SER B 152 -20.02 1.07 29.86
N ASP B 153 -20.63 -0.02 30.30
CA ASP B 153 -20.49 -1.29 29.61
C ASP B 153 -21.01 -1.22 28.18
N TRP B 154 -22.18 -0.59 27.99
CA TRP B 154 -22.72 -0.44 26.64
C TRP B 154 -21.85 0.50 25.80
N GLY B 155 -21.21 1.47 26.46
CA GLY B 155 -20.34 2.40 25.77
C GLY B 155 -20.78 3.85 25.90
N GLY B 156 -21.51 4.16 26.98
CA GLY B 156 -21.96 5.51 27.21
C GLY B 156 -20.82 6.43 27.62
N ARG B 157 -20.97 7.71 27.27
CA ARG B 157 -19.95 8.73 27.51
C ARG B 157 -20.61 9.93 28.20
N SER B 158 -20.63 9.91 29.53
CA SER B 158 -21.14 11.01 30.33
C SER B 158 -19.97 11.92 30.70
N GLU B 159 -19.62 12.81 29.76
CA GLU B 159 -18.48 13.68 29.96
C GLU B 159 -18.81 14.81 30.93
N LEU B 160 -17.74 15.37 31.53
CA LEU B 160 -17.84 16.54 32.39
C LEU B 160 -16.63 17.43 32.11
N GLU B 161 -16.89 18.73 32.00
CA GLU B 161 -15.85 19.68 31.61
C GLU B 161 -15.85 20.87 32.55
N ILE B 162 -14.74 21.58 32.57
CA ILE B 162 -14.55 22.78 33.38
C ILE B 162 -13.82 23.82 32.55
N ASP B 163 -14.35 25.04 32.51
CA ASP B 163 -13.78 26.15 31.77
C ASP B 163 -12.83 26.92 32.69
N ARG B 164 -12.44 28.14 32.28
CA ARG B 164 -11.60 28.97 33.13
C ARG B 164 -12.25 29.22 34.50
N LYS B 165 -13.58 29.32 34.52
CA LYS B 165 -14.32 29.45 35.78
C LYS B 165 -14.57 28.06 36.35
N ALA B 166 -15.44 27.97 37.36
CA ALA B 166 -15.86 26.66 37.85
C ALA B 166 -16.53 25.87 36.75
N ARG B 167 -17.64 26.37 36.22
CA ARG B 167 -18.27 25.90 34.98
C ARG B 167 -18.25 24.39 34.84
N ILE B 168 -18.89 23.72 35.79
CA ILE B 168 -18.98 22.26 35.79
C ILE B 168 -20.10 21.90 34.82
N TRP B 169 -19.74 21.66 33.57
CA TRP B 169 -20.69 21.46 32.48
C TRP B 169 -20.51 20.08 31.89
N ALA B 170 -21.60 19.32 31.81
CA ALA B 170 -21.57 18.02 31.15
C ALA B 170 -21.66 18.18 29.63
N ARG B 171 -20.96 17.32 28.92
CA ARG B 171 -20.94 17.33 27.46
C ARG B 171 -21.89 16.29 26.87
N VAL B 172 -22.85 15.79 27.65
CA VAL B 172 -23.80 14.81 27.14
C VAL B 172 -24.63 15.41 26.00
N SER B 173 -25.13 16.62 26.20
CA SER B 173 -25.93 17.28 25.18
C SER B 173 -25.04 17.83 24.06
N ARG B 174 -25.58 17.82 22.84
CA ARG B 174 -24.84 18.37 21.71
C ARG B 174 -24.66 19.88 21.84
N LYS B 175 -25.49 20.52 22.65
CA LYS B 175 -25.46 21.97 22.81
C LYS B 175 -24.17 22.41 23.50
N GLN B 176 -24.06 23.73 23.70
CA GLN B 176 -22.89 24.35 24.31
C GLN B 176 -22.50 23.68 25.62
N LYS B 177 -23.46 23.50 26.53
CA LYS B 177 -23.16 22.94 27.84
C LYS B 177 -24.41 22.46 28.55
N ILE B 178 -24.27 22.09 29.83
CA ILE B 178 -25.40 21.65 30.65
C ILE B 178 -25.03 21.87 32.10
N SER B 179 -26.04 22.09 32.94
CA SER B 179 -25.83 22.41 34.34
C SER B 179 -25.68 21.14 35.16
N ILE B 180 -24.56 21.03 35.87
CA ILE B 180 -24.33 19.88 36.74
C ILE B 180 -25.27 19.93 37.94
N LEU B 181 -25.59 21.13 38.41
CA LEU B 181 -26.54 21.26 39.51
C LEU B 181 -27.93 20.80 39.11
N VAL B 182 -28.34 21.09 37.88
CA VAL B 182 -29.63 20.63 37.39
C VAL B 182 -29.65 19.11 37.33
N LEU B 183 -28.57 18.50 36.86
CA LEU B 183 -28.49 17.05 36.80
C LEU B 183 -28.53 16.43 38.19
N SER B 184 -27.84 17.05 39.15
CA SER B 184 -27.88 16.53 40.53
C SER B 184 -29.27 16.67 41.14
N SER B 185 -29.94 17.79 40.86
CA SER B 185 -31.30 17.98 41.39
C SER B 185 -32.26 16.97 40.77
N ALA B 186 -32.11 16.69 39.47
CA ALA B 186 -32.93 15.66 38.84
C ALA B 186 -32.61 14.28 39.41
N MET B 187 -31.35 14.05 39.77
CA MET B 187 -30.98 12.77 40.36
C MET B 187 -31.69 12.54 41.70
N GLY B 188 -31.93 13.61 42.45
CA GLY B 188 -32.61 13.49 43.72
C GLY B 188 -32.05 14.39 44.80
N LEU B 189 -30.93 15.05 44.51
CA LEU B 189 -30.32 15.95 45.48
C LEU B 189 -31.19 17.19 45.68
N ASN B 190 -31.30 17.61 46.95
CA ASN B 190 -32.15 18.73 47.32
C ASN B 190 -31.41 20.07 47.33
N LEU B 191 -30.21 20.14 46.76
CA LEU B 191 -29.35 21.31 46.63
C LEU B 191 -28.73 21.71 47.96
N ARG B 192 -29.05 21.04 49.06
CA ARG B 192 -28.43 21.28 50.36
C ARG B 192 -27.47 20.18 50.76
N GLU B 193 -27.93 18.92 50.76
CA GLU B 193 -27.04 17.81 51.02
C GLU B 193 -25.93 17.72 49.98
N ILE B 194 -26.20 18.24 48.78
CA ILE B 194 -25.18 18.23 47.72
C ILE B 194 -23.98 19.08 48.15
N LEU B 195 -24.23 20.31 48.58
CA LEU B 195 -23.13 21.17 49.03
C LEU B 195 -22.58 20.68 50.37
N GLU B 196 -23.41 20.03 51.18
CA GLU B 196 -22.93 19.54 52.47
C GLU B 196 -21.93 18.40 52.30
N ASN B 197 -22.18 17.51 51.32
CA ASN B 197 -21.35 16.33 51.16
C ASN B 197 -20.09 16.62 50.36
N VAL B 198 -20.20 17.39 49.28
CA VAL B 198 -19.07 17.61 48.39
C VAL B 198 -18.02 18.45 49.10
N CYS B 199 -16.75 18.19 48.79
CA CYS B 199 -15.65 19.00 49.29
C CYS B 199 -15.51 20.26 48.45
N TYR B 200 -14.90 21.29 49.04
CA TYR B 200 -14.80 22.61 48.43
C TYR B 200 -16.17 23.11 47.97
N PRO B 201 -17.17 23.13 48.86
CA PRO B 201 -18.52 23.53 48.44
C PRO B 201 -18.61 24.96 47.95
N GLU B 202 -17.64 25.81 48.32
CA GLU B 202 -17.67 27.21 47.88
C GLU B 202 -17.65 27.31 46.37
N ILE B 203 -16.83 26.49 45.71
CA ILE B 203 -16.74 26.55 44.25
C ILE B 203 -18.05 26.11 43.61
N PHE B 204 -18.67 25.07 44.16
CA PHE B 204 -19.94 24.60 43.59
C PHE B 204 -21.05 25.61 43.79
N LEU B 205 -21.15 26.18 45.00
CA LEU B 205 -22.22 27.12 45.30
C LEU B 205 -22.01 28.45 44.55
N SER B 206 -20.76 28.80 44.28
CA SER B 206 -20.47 30.07 43.61
C SER B 206 -21.02 30.09 42.19
N PHE B 207 -20.88 28.98 41.48
CA PHE B 207 -21.36 28.92 40.10
C PHE B 207 -22.87 29.00 40.05
N LEU B 208 -23.39 30.06 39.44
CA LEU B 208 -24.83 30.25 39.29
C LEU B 208 -25.19 30.67 37.88
N PHE B 251 -30.94 5.34 26.88
CA PHE B 251 -30.22 6.56 27.21
C PHE B 251 -29.83 6.59 28.68
N PHE B 252 -30.83 6.74 29.55
CA PHE B 252 -30.55 6.80 30.98
C PHE B 252 -30.09 5.46 31.52
N GLN B 253 -30.65 4.36 31.02
CA GLN B 253 -30.31 3.05 31.54
C GLN B 253 -28.93 2.59 31.04
N GLN B 254 -28.60 2.92 29.79
CA GLN B 254 -27.32 2.46 29.23
C GLN B 254 -26.15 3.23 29.82
N ARG B 255 -26.33 4.53 30.08
CA ARG B 255 -25.26 5.31 30.69
C ARG B 255 -25.01 4.87 32.12
N CYS B 256 -26.06 4.44 32.82
CA CYS B 256 -25.94 3.96 34.20
C CYS B 256 -25.71 2.46 34.28
N GLU B 257 -25.56 1.79 33.14
CA GLU B 257 -25.35 0.33 33.10
C GLU B 257 -23.86 0.03 33.30
N LEU B 258 -23.36 0.43 34.47
CA LEU B 258 -21.97 0.16 34.80
C LEU B 258 -21.79 -1.31 35.18
N GLY B 259 -20.70 -1.90 34.73
CA GLY B 259 -20.48 -3.29 35.04
C GLY B 259 -19.95 -3.46 36.43
N ARG B 260 -19.73 -4.70 36.83
CA ARG B 260 -19.15 -4.94 38.11
C ARG B 260 -17.76 -4.36 38.05
N ILE B 261 -17.10 -4.55 36.92
CA ILE B 261 -15.77 -3.99 36.74
C ILE B 261 -15.88 -2.51 36.82
N GLY B 262 -16.90 -1.95 36.20
CA GLY B 262 -17.06 -0.51 36.18
C GLY B 262 -17.22 0.00 37.59
N ARG B 263 -17.98 -0.71 38.39
CA ARG B 263 -18.20 -0.28 39.75
C ARG B 263 -16.90 -0.26 40.47
N ARG B 264 -16.11 -1.30 40.31
CA ARG B 264 -14.88 -1.37 41.07
C ARG B 264 -13.97 -0.25 40.69
N ASN B 265 -13.87 0.02 39.42
CA ASN B 265 -12.94 1.03 38.99
C ASN B 265 -13.37 2.37 39.51
N MET B 266 -14.65 2.66 39.40
CA MET B 266 -15.18 3.92 39.89
C MET B 266 -14.79 4.09 41.34
N ASN B 267 -14.92 3.02 42.12
CA ASN B 267 -14.60 3.08 43.53
C ASN B 267 -13.12 3.34 43.73
N ARG B 268 -12.29 2.75 42.90
CA ARG B 268 -10.86 2.93 43.09
C ARG B 268 -10.48 4.37 42.85
N ARG B 269 -10.76 4.92 41.67
CA ARG B 269 -10.31 6.26 41.37
C ARG B 269 -10.94 7.28 42.28
N LEU B 270 -12.24 7.16 42.51
CA LEU B 270 -12.91 8.10 43.37
C LEU B 270 -13.19 7.31 44.59
N ASN B 271 -12.53 7.63 45.69
CA ASN B 271 -12.72 6.82 46.87
C ASN B 271 -14.18 6.78 47.22
N LEU B 272 -14.77 5.60 47.19
CA LEU B 272 -16.18 5.41 47.46
C LEU B 272 -16.31 4.13 48.24
N ASP B 273 -17.35 4.02 49.05
CA ASP B 273 -17.56 2.81 49.81
C ASP B 273 -18.80 2.11 49.27
N ILE B 274 -19.07 2.27 47.98
CA ILE B 274 -20.30 1.70 47.46
C ILE B 274 -20.07 0.21 47.32
N PRO B 275 -21.03 -0.60 47.75
CA PRO B 275 -20.84 -2.05 47.71
C PRO B 275 -20.73 -2.52 46.28
N GLN B 276 -20.00 -3.61 46.07
CA GLN B 276 -19.77 -4.09 44.71
C GLN B 276 -21.08 -4.41 44.05
N ASN B 277 -22.03 -4.93 44.81
CA ASN B 277 -23.29 -5.36 44.24
C ASN B 277 -24.05 -4.24 43.54
N ASN B 278 -24.00 -3.03 44.07
CA ASN B 278 -24.81 -1.96 43.50
C ASN B 278 -24.18 -1.40 42.27
N THR B 279 -24.31 -2.12 41.17
CA THR B 279 -23.67 -1.68 39.95
C THR B 279 -24.50 -0.70 39.19
N PHE B 280 -24.70 0.47 39.77
CA PHE B 280 -25.44 1.49 39.08
C PHE B 280 -24.82 2.86 39.30
N LEU B 281 -25.01 3.76 38.34
CA LEU B 281 -24.43 5.08 38.46
C LEU B 281 -25.17 5.85 39.52
N LEU B 282 -24.69 5.79 40.74
CA LEU B 282 -25.32 6.56 41.80
C LEU B 282 -24.95 8.04 41.65
N PRO B 283 -25.79 8.94 42.16
CA PRO B 283 -25.46 10.38 42.09
C PRO B 283 -24.28 10.77 42.97
N ARG B 284 -24.00 9.99 44.01
CA ARG B 284 -22.84 10.28 44.85
C ARG B 284 -21.60 10.14 43.99
N ASP B 285 -21.61 9.17 43.09
CA ASP B 285 -20.47 8.96 42.22
C ASP B 285 -20.28 10.18 41.35
N ILE B 286 -21.37 10.72 40.83
CA ILE B 286 -21.30 11.92 40.01
C ILE B 286 -20.80 13.10 40.84
N LEU B 287 -21.30 13.20 42.05
CA LEU B 287 -20.90 14.30 42.92
C LEU B 287 -19.41 14.21 43.14
N ALA B 288 -18.94 13.02 43.44
CA ALA B 288 -17.52 12.84 43.70
C ALA B 288 -16.75 13.18 42.46
N ALA B 289 -17.28 12.81 41.32
CA ALA B 289 -16.56 13.03 40.11
C ALA B 289 -16.38 14.52 39.95
N ALA B 290 -17.43 15.25 40.25
CA ALA B 290 -17.35 16.68 40.11
C ALA B 290 -16.31 17.23 41.06
N ASP B 291 -16.27 16.68 42.26
CA ASP B 291 -15.32 17.16 43.24
C ASP B 291 -13.89 16.96 42.77
N HIS B 292 -13.61 15.80 42.23
CA HIS B 292 -12.27 15.57 41.76
C HIS B 292 -11.98 16.49 40.62
N LEU B 293 -12.96 16.73 39.78
CA LEU B 293 -12.72 17.55 38.62
C LEU B 293 -12.34 18.94 39.04
N ILE B 294 -12.99 19.47 40.06
CA ILE B 294 -12.70 20.84 40.45
C ILE B 294 -11.37 20.84 41.13
N GLY B 295 -11.08 19.76 41.81
CA GLY B 295 -9.80 19.66 42.49
C GLY B 295 -8.63 19.62 41.52
N LEU B 296 -8.84 19.04 40.34
CA LEU B 296 -7.80 19.02 39.32
C LEU B 296 -7.37 20.44 38.93
N LYS B 297 -8.31 21.39 38.99
CA LYS B 297 -8.00 22.76 38.61
C LYS B 297 -6.98 23.38 39.55
N PHE B 298 -7.02 23.02 40.83
CA PHE B 298 -6.12 23.57 41.83
C PHE B 298 -4.86 22.73 42.02
N GLY B 299 -4.66 21.71 41.20
CA GLY B 299 -3.46 20.89 41.25
C GLY B 299 -3.60 19.60 42.02
N MET B 300 -4.68 19.44 42.80
CA MET B 300 -4.90 18.23 43.59
C MET B 300 -5.57 17.17 42.74
N GLY B 301 -4.77 16.50 41.92
CA GLY B 301 -5.28 15.45 41.07
C GLY B 301 -4.17 14.85 40.23
N ALA B 302 -4.54 13.79 39.50
CA ALA B 302 -3.61 13.15 38.59
C ALA B 302 -4.45 12.68 37.42
N LEU B 303 -4.02 13.00 36.22
CA LEU B 303 -4.75 12.59 35.04
C LEU B 303 -4.55 11.09 34.82
N ASP B 304 -5.44 10.46 34.07
CA ASP B 304 -5.35 9.03 33.87
C ASP B 304 -4.82 8.62 32.52
N ASP B 305 -3.95 7.62 32.50
CA ASP B 305 -3.38 7.14 31.25
C ASP B 305 -4.28 6.09 30.66
N MET B 306 -4.78 6.34 29.47
CA MET B 306 -5.72 5.41 28.85
C MET B 306 -5.03 4.30 28.07
N ASN B 307 -3.70 4.27 28.06
CA ASN B 307 -2.94 3.18 27.48
C ASN B 307 -2.45 2.20 28.53
N HIS B 308 -2.82 2.44 29.79
CA HIS B 308 -2.44 1.54 30.86
C HIS B 308 -3.31 0.31 30.77
N LEU B 309 -2.73 -0.86 31.02
CA LEU B 309 -3.50 -2.09 31.00
C LEU B 309 -4.59 -2.11 32.06
N LYS B 310 -4.31 -1.55 33.24
CA LYS B 310 -5.28 -1.56 34.32
C LYS B 310 -6.56 -0.89 33.89
N ASN B 311 -6.49 -0.14 32.80
CA ASN B 311 -7.66 0.56 32.31
C ASN B 311 -8.30 -0.20 31.15
N LYS B 312 -7.85 -1.41 30.90
CA LYS B 312 -8.40 -2.21 29.81
C LYS B 312 -8.85 -3.59 30.27
N ARG B 313 -9.80 -4.18 29.56
CA ARG B 313 -10.33 -5.47 29.93
C ARG B 313 -10.05 -6.41 28.81
N ILE B 314 -10.01 -7.71 29.09
CA ILE B 314 -9.81 -8.69 28.04
C ILE B 314 -11.04 -9.52 27.87
N ARG B 315 -11.55 -9.61 26.65
CA ARG B 315 -12.70 -10.44 26.38
C ARG B 315 -12.26 -11.77 25.85
N SER B 316 -12.65 -12.84 26.49
CA SER B 316 -12.26 -14.20 26.15
C SER B 316 -13.41 -14.90 25.44
N VAL B 317 -13.20 -16.18 25.12
CA VAL B 317 -14.23 -16.95 24.43
C VAL B 317 -15.51 -17.01 25.27
N ALA B 318 -15.36 -16.99 26.59
CA ALA B 318 -16.54 -17.04 27.46
C ALA B 318 -17.41 -15.80 27.26
N ASP B 319 -16.80 -14.62 27.16
CA ASP B 319 -17.57 -13.40 27.00
C ASP B 319 -18.34 -13.39 25.69
N LEU B 320 -17.74 -13.90 24.61
CA LEU B 320 -18.43 -13.93 23.33
C LEU B 320 -19.54 -14.98 23.32
N LEU B 321 -19.25 -16.16 23.90
CA LEU B 321 -20.27 -17.22 23.92
C LEU B 321 -21.45 -16.83 24.79
N GLN B 322 -21.20 -16.07 25.87
CA GLN B 322 -22.31 -15.62 26.72
C GLN B 322 -23.23 -14.67 25.98
N ASP B 323 -22.66 -13.73 25.21
CA ASP B 323 -23.49 -12.81 24.44
C ASP B 323 -24.22 -13.53 23.32
N GLN B 324 -23.56 -14.48 22.66
CA GLN B 324 -24.24 -15.26 21.63
C GLN B 324 -25.39 -16.06 22.23
N PHE B 325 -25.20 -16.64 23.42
CA PHE B 325 -26.27 -17.38 24.07
C PHE B 325 -27.41 -16.47 24.47
N GLY B 326 -27.10 -15.24 24.91
CA GLY B 326 -28.15 -14.29 25.22
C GLY B 326 -28.97 -13.90 24.00
N LEU B 327 -28.30 -13.64 22.88
CA LEU B 327 -29.01 -13.34 21.64
C LEU B 327 -29.86 -14.52 21.19
N ALA B 328 -29.33 -15.75 21.34
CA ALA B 328 -30.11 -16.94 20.99
C ALA B 328 -31.32 -17.09 21.89
N LEU B 329 -31.17 -16.74 23.17
CA LEU B 329 -32.32 -16.79 24.08
C LEU B 329 -33.37 -15.75 23.70
N VAL B 330 -32.93 -14.57 23.27
CA VAL B 330 -33.89 -13.56 22.82
C VAL B 330 -34.65 -14.06 21.60
N ARG B 331 -33.93 -14.62 20.63
CA ARG B 331 -34.60 -15.21 19.46
C ARG B 331 -35.56 -16.32 19.87
N LEU B 332 -35.16 -17.12 20.86
CA LEU B 332 -36.03 -18.21 21.32
C LEU B 332 -37.31 -17.67 21.95
N GLU B 333 -37.20 -16.61 22.76
CA GLU B 333 -38.39 -16.02 23.36
C GLU B 333 -39.31 -15.44 22.28
N ASN B 334 -38.73 -14.82 21.25
CA ASN B 334 -39.55 -14.32 20.15
C ASN B 334 -40.27 -15.46 19.44
N VAL B 335 -39.56 -16.56 19.20
CA VAL B 335 -40.18 -17.71 18.51
C VAL B 335 -41.27 -18.32 19.39
N VAL B 336 -41.06 -18.35 20.70
CA VAL B 336 -42.07 -18.89 21.60
C VAL B 336 -43.32 -18.03 21.59
N ARG B 337 -43.14 -16.71 21.63
CA ARG B 337 -44.29 -15.81 21.53
C ARG B 337 -45.03 -16.01 20.21
N GLY B 338 -44.29 -16.15 19.11
CA GLY B 338 -44.93 -16.35 17.82
C GLY B 338 -45.70 -17.64 17.74
N THR B 339 -45.13 -18.74 18.23
CA THR B 339 -45.81 -20.02 18.16
C THR B 339 -47.00 -20.07 19.12
N ILE B 340 -46.92 -19.35 20.23
CA ILE B 340 -48.09 -19.24 21.11
C ILE B 340 -49.21 -18.48 20.42
N CYS B 341 -48.86 -17.37 19.76
CA CYS B 341 -49.86 -16.62 19.00
C CYS B 341 -50.48 -17.49 17.92
N GLY B 342 -49.68 -18.33 17.26
CA GLY B 342 -50.22 -19.22 16.25
C GLY B 342 -51.11 -20.30 16.82
N ALA B 343 -50.72 -20.87 17.95
CA ALA B 343 -51.53 -21.92 18.58
C ALA B 343 -52.85 -21.36 19.07
N ILE B 344 -52.87 -20.09 19.52
CA ILE B 344 -54.13 -19.46 19.88
C ILE B 344 -55.02 -19.31 18.65
N ARG B 345 -54.41 -18.99 17.50
CA ARG B 345 -55.19 -18.86 16.26
C ARG B 345 -55.74 -20.21 15.82
N HIS B 346 -55.00 -21.29 16.07
CA HIS B 346 -55.43 -22.63 15.66
C HIS B 346 -56.24 -23.35 16.73
N LYS B 347 -56.52 -22.68 17.86
CA LYS B 347 -57.38 -23.23 18.92
C LYS B 347 -56.87 -24.57 19.43
N LEU B 348 -55.59 -24.63 19.76
CA LEU B 348 -54.95 -25.83 20.29
C LEU B 348 -53.97 -25.47 21.38
N ILE B 349 -54.10 -26.10 22.54
CA ILE B 349 -53.13 -25.94 23.62
C ILE B 349 -52.04 -26.99 23.44
N PRO B 350 -50.83 -26.59 23.02
CA PRO B 350 -49.80 -27.58 22.70
C PRO B 350 -48.86 -27.89 23.86
N THR B 351 -48.12 -28.99 23.74
CA THR B 351 -47.12 -29.33 24.73
C THR B 351 -45.93 -28.38 24.62
N PRO B 352 -45.14 -28.23 25.70
CA PRO B 352 -43.94 -27.37 25.64
C PRO B 352 -43.02 -27.67 24.47
N GLN B 353 -42.88 -28.96 24.12
CA GLN B 353 -42.02 -29.32 23.01
C GLN B 353 -42.48 -28.70 21.69
N ASN B 354 -43.80 -28.56 21.52
CA ASN B 354 -44.31 -27.97 20.27
C ASN B 354 -43.91 -26.52 20.13
N LEU B 355 -43.74 -25.82 21.25
CA LEU B 355 -43.43 -24.39 21.20
C LEU B 355 -41.98 -24.16 20.78
N VAL B 356 -41.03 -24.79 21.46
CA VAL B 356 -39.61 -24.49 21.27
C VAL B 356 -39.09 -25.26 20.05
N THR B 357 -38.29 -24.57 19.24
CA THR B 357 -37.63 -25.16 18.09
C THR B 357 -36.12 -25.02 18.28
N SER B 358 -35.37 -25.99 17.75
CA SER B 358 -33.92 -26.02 17.88
C SER B 358 -33.21 -25.09 16.90
N THR B 359 -33.96 -24.28 16.15
CA THR B 359 -33.34 -23.41 15.15
C THR B 359 -32.53 -22.26 15.73
N PRO B 360 -33.00 -21.47 16.71
CA PRO B 360 -32.27 -20.23 17.06
C PRO B 360 -30.86 -20.47 17.58
N LEU B 361 -30.68 -21.38 18.56
CA LEU B 361 -29.35 -21.62 19.11
C LEU B 361 -28.37 -22.07 18.03
N THR B 362 -28.77 -23.06 17.23
CA THR B 362 -27.90 -23.60 16.20
C THR B 362 -27.54 -22.54 15.16
N THR B 363 -28.54 -21.81 14.67
CA THR B 363 -28.26 -20.82 13.63
C THR B 363 -27.43 -19.67 14.19
N THR B 364 -27.64 -19.31 15.45
CA THR B 364 -26.87 -18.23 16.05
C THR B 364 -25.40 -18.62 16.21
N TYR B 365 -25.14 -19.81 16.74
CA TYR B 365 -23.76 -20.24 16.90
C TYR B 365 -23.08 -20.46 15.54
N GLU B 366 -23.83 -20.98 14.55
CA GLU B 366 -23.26 -21.16 13.23
C GLU B 366 -22.90 -19.82 12.59
N SER B 367 -23.81 -18.84 12.66
CA SER B 367 -23.52 -17.53 12.09
C SER B 367 -22.37 -16.86 12.83
N PHE B 368 -22.29 -17.05 14.15
CA PHE B 368 -21.18 -16.49 14.90
C PHE B 368 -19.85 -17.08 14.46
N PHE B 369 -19.75 -18.40 14.42
CA PHE B 369 -18.49 -19.03 14.02
C PHE B 369 -18.17 -18.76 12.56
N GLY B 370 -19.19 -18.46 11.74
CA GLY B 370 -18.94 -18.25 10.32
C GLY B 370 -18.54 -16.84 9.97
N LEU B 371 -19.17 -15.84 10.58
CA LEU B 371 -19.04 -14.46 10.13
C LEU B 371 -18.46 -13.48 11.15
N HIS B 372 -18.21 -13.92 12.39
CA HIS B 372 -17.68 -12.99 13.37
C HIS B 372 -16.21 -12.68 13.07
N PRO B 373 -15.79 -11.42 13.25
CA PRO B 373 -14.39 -11.07 12.97
C PRO B 373 -13.39 -11.62 13.97
N LEU B 374 -13.85 -12.18 15.09
CA LEU B 374 -12.95 -12.77 16.08
C LEU B 374 -13.01 -14.29 16.07
N SER B 375 -13.63 -14.88 15.06
CA SER B 375 -13.65 -16.32 14.86
C SER B 375 -12.97 -16.63 13.53
N GLN B 376 -11.76 -17.16 13.60
CA GLN B 376 -10.95 -17.40 12.41
C GLN B 376 -10.59 -18.87 12.33
N VAL B 377 -10.34 -19.33 11.10
CA VAL B 377 -9.94 -20.72 10.89
C VAL B 377 -8.53 -20.93 11.42
N LEU B 378 -8.30 -22.07 12.05
CA LEU B 378 -7.00 -22.36 12.64
C LEU B 378 -5.94 -22.55 11.56
N ASP B 379 -4.79 -21.93 11.76
CA ASP B 379 -3.65 -22.10 10.87
C ASP B 379 -2.87 -23.34 11.27
N ARG B 380 -2.83 -24.33 10.38
CA ARG B 380 -2.18 -25.60 10.66
C ARG B 380 -1.06 -25.88 9.67
N THR B 381 -0.31 -24.84 9.30
CA THR B 381 0.87 -25.04 8.46
C THR B 381 1.92 -25.86 9.19
N ASN B 382 2.10 -25.60 10.49
CA ASN B 382 3.06 -26.32 11.30
C ASN B 382 2.52 -26.35 12.73
N PRO B 383 3.04 -27.26 13.58
CA PRO B 383 2.53 -27.32 14.95
C PRO B 383 2.67 -26.01 15.72
N LEU B 384 3.65 -25.19 15.39
CA LEU B 384 3.83 -23.92 16.09
C LEU B 384 2.67 -22.96 15.82
N THR B 385 2.13 -23.00 14.61
CA THR B 385 1.04 -22.09 14.26
C THR B 385 -0.21 -22.38 15.08
N GLN B 386 -0.49 -23.66 15.33
CA GLN B 386 -1.69 -24.02 16.09
C GLN B 386 -1.67 -23.42 17.48
N ILE B 387 -0.48 -23.35 18.11
CA ILE B 387 -0.40 -22.80 19.46
C ILE B 387 -0.32 -21.28 19.42
N VAL B 388 0.40 -20.72 18.45
CA VAL B 388 0.56 -19.26 18.44
C VAL B 388 -0.72 -18.56 17.99
N HIS B 389 -1.61 -19.30 17.31
CA HIS B 389 -2.84 -18.67 16.83
C HIS B 389 -3.79 -18.36 18.00
N GLY B 390 -3.84 -19.22 19.00
CA GLY B 390 -4.73 -19.02 20.11
C GLY B 390 -4.26 -18.06 21.17
N ARG B 391 -3.05 -17.51 21.03
CA ARG B 391 -2.52 -16.56 22.00
C ARG B 391 -2.65 -15.11 21.55
N LYS B 392 -3.24 -14.88 20.38
CA LYS B 392 -3.36 -13.54 19.86
C LYS B 392 -4.35 -12.67 20.61
N LEU B 393 -4.00 -11.41 20.85
CA LEU B 393 -4.90 -10.48 21.49
C LEU B 393 -5.08 -9.39 20.46
N SER B 394 -6.32 -9.01 20.18
CA SER B 394 -6.54 -8.05 19.11
C SER B 394 -7.25 -6.79 19.53
N TYR B 395 -6.73 -5.63 19.13
CA TYR B 395 -7.43 -4.39 19.42
C TYR B 395 -8.58 -4.17 18.44
N LEU B 396 -8.36 -4.50 17.17
CA LEU B 396 -9.40 -4.35 16.16
C LEU B 396 -10.44 -5.46 16.27
N GLY B 397 -11.71 -5.09 16.12
CA GLY B 397 -12.79 -6.03 16.21
C GLY B 397 -14.12 -5.34 16.45
N PRO B 398 -15.18 -6.12 16.67
CA PRO B 398 -16.48 -5.53 16.97
C PRO B 398 -16.43 -4.75 18.29
N GLY B 399 -16.61 -3.44 18.19
CA GLY B 399 -16.51 -2.57 19.34
C GLY B 399 -15.12 -2.07 19.66
N GLY B 400 -14.20 -2.23 18.72
CA GLY B 400 -12.82 -1.86 18.96
C GLY B 400 -12.29 -0.97 17.87
N LEU B 401 -11.09 -0.46 18.08
CA LEU B 401 -10.49 0.46 17.14
C LEU B 401 -10.23 -0.12 15.78
N THR B 402 -10.73 0.52 14.75
CA THR B 402 -10.46 0.07 13.40
C THR B 402 -9.04 0.46 13.05
N GLY B 403 -8.47 -0.19 12.03
CA GLY B 403 -7.12 0.16 11.58
C GLY B 403 -6.89 1.65 11.44
N ARG B 404 -7.72 2.33 10.64
CA ARG B 404 -7.59 3.77 10.45
C ARG B 404 -7.82 4.57 11.72
N THR B 405 -8.80 4.17 12.52
CA THR B 405 -9.13 4.90 13.74
C THR B 405 -7.98 4.93 14.74
N ALA B 406 -7.29 3.82 14.90
CA ALA B 406 -6.23 3.74 15.90
C ALA B 406 -5.14 4.81 15.87
N SER B 407 -5.03 5.60 16.93
CA SER B 407 -3.96 6.59 17.04
C SER B 407 -2.59 5.96 17.21
N PHE B 408 -1.54 6.73 16.94
CA PHE B 408 -0.19 6.23 17.12
C PHE B 408 0.05 5.76 18.53
N ARG B 409 -0.49 6.45 19.50
CA ARG B 409 -0.24 6.11 20.89
C ARG B 409 -0.69 4.71 21.17
N ILE B 410 -1.79 4.30 20.56
CA ILE B 410 -2.34 2.99 20.83
C ILE B 410 -1.37 1.92 20.46
N ARG B 411 -0.60 2.13 19.43
CA ARG B 411 0.26 1.06 18.95
C ARG B 411 1.66 0.95 19.52
N ASP B 412 1.98 1.66 20.58
CA ASP B 412 3.30 1.50 21.20
C ASP B 412 3.29 0.79 22.53
N ILE B 413 4.43 0.23 22.91
CA ILE B 413 4.53 -0.46 24.17
C ILE B 413 4.35 0.49 25.33
N HIS B 414 3.66 0.07 26.37
CA HIS B 414 3.46 0.91 27.53
C HIS B 414 4.15 0.16 28.60
N PRO B 415 4.78 0.86 29.53
CA PRO B 415 5.51 0.09 30.50
C PRO B 415 4.66 -0.97 31.18
N SER B 416 3.35 -0.83 31.09
CA SER B 416 2.47 -1.81 31.70
C SER B 416 2.51 -3.15 30.98
N HIS B 417 2.95 -3.17 29.73
CA HIS B 417 2.98 -4.38 28.94
C HIS B 417 4.09 -5.35 29.34
N TYR B 418 4.90 -4.99 30.33
CA TYR B 418 6.04 -5.83 30.70
C TYR B 418 5.57 -7.14 31.33
N GLY B 419 5.94 -8.26 30.72
CA GLY B 419 5.59 -9.55 31.29
C GLY B 419 4.17 -9.99 31.01
N ARG B 420 3.33 -9.07 30.54
CA ARG B 420 1.96 -9.42 30.21
C ARG B 420 1.69 -9.53 28.71
N ILE B 421 2.40 -8.73 27.90
CA ILE B 421 2.20 -8.74 26.45
C ILE B 421 3.56 -8.82 25.76
N CYS B 422 3.62 -9.40 24.56
CA CYS B 422 4.88 -9.48 23.83
C CYS B 422 5.29 -8.14 23.16
N PRO B 423 6.52 -7.64 23.42
CA PRO B 423 6.86 -6.34 22.82
C PRO B 423 7.49 -6.46 21.44
N ILE B 424 7.62 -7.67 20.92
CA ILE B 424 8.24 -7.90 19.62
C ILE B 424 7.39 -8.74 18.70
N ASP B 425 6.13 -9.01 19.04
CA ASP B 425 5.22 -9.76 18.20
C ASP B 425 4.05 -8.87 17.81
N THR B 426 4.01 -8.44 16.55
CA THR B 426 2.90 -7.63 16.06
C THR B 426 2.51 -8.11 14.67
N SER B 427 1.54 -7.44 14.05
CA SER B 427 1.16 -7.81 12.70
C SER B 427 1.69 -6.74 11.76
N GLU B 428 2.47 -7.15 10.77
CA GLU B 428 3.08 -6.18 9.88
C GLU B 428 2.08 -5.71 8.83
N GLY B 429 1.89 -4.40 8.73
CA GLY B 429 0.96 -3.87 7.76
C GLY B 429 0.29 -2.63 8.30
N ILE B 430 -0.93 -2.38 7.83
CA ILE B 430 -1.69 -1.23 8.29
C ILE B 430 -2.16 -1.40 9.73
N ASN B 431 -2.27 -2.65 10.20
CA ASN B 431 -2.66 -2.94 11.57
C ASN B 431 -1.47 -3.14 12.49
N VAL B 432 -0.34 -2.51 12.19
CA VAL B 432 0.84 -2.64 13.04
C VAL B 432 0.55 -2.10 14.44
N GLY B 433 0.99 -2.84 15.45
CA GLY B 433 0.76 -2.43 16.82
C GLY B 433 -0.63 -2.64 17.34
N LEU B 434 -1.52 -3.24 16.53
CA LEU B 434 -2.89 -3.51 16.96
C LEU B 434 -3.16 -4.97 17.24
N ILE B 435 -2.42 -5.89 16.63
CA ILE B 435 -2.57 -7.32 16.88
C ILE B 435 -1.28 -7.80 17.53
N GLY B 436 -1.39 -8.34 18.75
CA GLY B 436 -0.22 -8.78 19.48
C GLY B 436 -0.47 -10.11 20.14
N SER B 437 0.61 -10.76 20.59
CA SER B 437 0.47 -12.04 21.27
C SER B 437 0.37 -11.91 22.79
N LEU B 438 0.35 -13.04 23.49
CA LEU B 438 0.23 -13.01 24.95
C LEU B 438 1.44 -13.67 25.58
N ALA B 439 1.96 -13.09 26.65
CA ALA B 439 3.14 -13.64 27.32
C ALA B 439 3.00 -15.09 27.74
N ILE B 440 4.12 -15.79 27.91
CA ILE B 440 4.09 -17.22 28.20
C ILE B 440 3.49 -17.47 29.57
N HIS B 441 3.94 -16.74 30.59
CA HIS B 441 3.48 -16.91 31.96
C HIS B 441 2.30 -16.01 32.30
N ALA B 442 1.55 -15.50 31.36
CA ALA B 442 0.45 -14.66 31.77
C ALA B 442 -0.80 -15.45 32.04
N ARG B 443 -1.74 -14.86 32.77
CA ARG B 443 -3.02 -15.51 33.03
C ARG B 443 -4.04 -14.43 32.98
N ILE B 444 -5.30 -14.79 32.81
CA ILE B 444 -6.34 -13.79 32.82
C ILE B 444 -7.00 -13.78 34.17
N GLY B 445 -7.12 -12.62 34.75
CA GLY B 445 -7.67 -12.48 36.07
C GLY B 445 -9.15 -12.45 36.30
N HIS B 446 -9.55 -12.45 37.56
CA HIS B 446 -10.95 -12.44 37.90
C HIS B 446 -11.61 -11.20 37.36
N TRP B 447 -10.89 -10.10 37.36
CA TRP B 447 -11.48 -8.84 36.93
C TRP B 447 -11.26 -8.53 35.46
N GLY B 448 -10.82 -9.51 34.69
CA GLY B 448 -10.60 -9.29 33.28
C GLY B 448 -9.27 -8.68 32.95
N SER B 449 -8.32 -8.81 33.84
CA SER B 449 -7.03 -8.21 33.63
C SER B 449 -5.95 -9.24 33.57
N LEU B 450 -5.03 -9.07 32.64
CA LEU B 450 -3.93 -10.01 32.51
C LEU B 450 -2.99 -9.91 33.69
N GLU B 451 -2.56 -11.04 34.23
CA GLU B 451 -1.75 -11.02 35.43
C GLU B 451 -0.44 -11.73 35.24
N SER B 452 0.61 -11.25 35.89
CA SER B 452 1.92 -11.83 35.70
C SER B 452 2.59 -12.33 36.99
N PRO B 453 3.42 -13.39 36.92
CA PRO B 453 3.97 -13.96 38.15
C PRO B 453 5.22 -13.24 38.66
N PHE B 454 5.16 -12.68 39.85
CA PHE B 454 6.29 -11.94 40.43
C PHE B 454 6.69 -12.59 41.75
N TYR B 455 7.97 -12.90 41.88
CA TYR B 455 8.50 -13.41 43.13
C TYR B 455 8.60 -12.28 44.15
N GLU B 456 8.35 -12.63 45.42
CA GLU B 456 8.42 -11.67 46.52
C GLU B 456 9.64 -11.99 47.38
N ILE B 457 10.65 -11.13 47.30
CA ILE B 457 11.88 -11.37 48.06
C ILE B 457 11.77 -10.84 49.48
N SER B 458 10.68 -10.13 49.80
CA SER B 458 10.49 -9.60 51.14
C SER B 458 10.47 -10.73 52.17
N GLU B 459 11.07 -10.47 53.33
CA GLU B 459 11.12 -11.46 54.39
C GLU B 459 9.75 -11.65 55.01
N ARG B 460 9.36 -12.91 55.23
CA ARG B 460 8.07 -13.23 55.81
C ARG B 460 8.14 -14.62 56.42
N SER B 461 6.97 -15.11 56.84
CA SER B 461 6.89 -16.46 57.39
C SER B 461 7.32 -17.50 56.36
N THR B 462 6.70 -17.48 55.18
CA THR B 462 7.11 -18.39 54.11
C THR B 462 8.41 -17.91 53.47
N GLY B 463 8.59 -16.59 53.37
CA GLY B 463 9.78 -16.04 52.76
C GLY B 463 9.86 -16.21 51.25
N VAL B 464 8.81 -16.71 50.62
CA VAL B 464 8.79 -16.89 49.17
C VAL B 464 7.34 -16.92 48.72
N ARG B 465 7.06 -16.28 47.60
CA ARG B 465 5.72 -16.25 47.05
C ARG B 465 5.79 -16.00 45.55
N MET B 466 4.83 -16.58 44.84
CA MET B 466 4.66 -16.33 43.42
C MET B 466 3.24 -15.82 43.21
N LEU B 467 3.10 -14.52 43.02
CA LEU B 467 1.81 -13.87 42.97
C LEU B 467 1.56 -13.32 41.56
N TYR B 468 0.36 -13.52 41.07
CA TYR B 468 0.01 -13.01 39.75
C TYR B 468 -0.54 -11.61 39.92
N LEU B 469 0.36 -10.67 40.09
CA LEU B 469 -0.05 -9.31 40.28
C LEU B 469 -0.68 -8.72 39.07
N SER B 470 -1.73 -7.96 39.27
CA SER B 470 -2.45 -7.33 38.19
C SER B 470 -1.70 -6.14 37.71
N PRO B 471 -2.10 -5.59 36.57
CA PRO B 471 -1.31 -4.50 36.03
C PRO B 471 -1.21 -3.28 36.90
N GLY B 472 -2.25 -2.92 37.61
CA GLY B 472 -2.19 -1.68 38.37
C GLY B 472 -1.45 -1.83 39.66
N ARG B 473 -1.38 -3.02 40.17
CA ARG B 473 -0.76 -3.28 41.46
C ARG B 473 0.77 -3.30 41.37
N ASP B 474 1.32 -3.82 40.28
CA ASP B 474 2.77 -3.94 40.17
C ASP B 474 3.46 -2.59 40.03
N GLU B 475 2.69 -1.54 39.73
CA GLU B 475 3.28 -0.21 39.60
C GLU B 475 3.82 0.28 40.94
N TYR B 476 3.12 -0.02 42.04
CA TYR B 476 3.53 0.43 43.37
C TYR B 476 4.39 -0.65 44.04
N TYR B 477 5.44 -1.06 43.33
CA TYR B 477 6.38 -2.05 43.83
C TYR B 477 7.72 -1.84 43.13
N MET B 478 8.79 -2.11 43.87
CA MET B 478 10.15 -2.04 43.34
C MET B 478 10.51 -3.40 42.74
N VAL B 479 10.38 -3.52 41.43
CA VAL B 479 10.62 -4.79 40.73
C VAL B 479 12.01 -4.72 40.10
N ALA B 480 12.92 -5.56 40.60
CA ALA B 480 14.29 -5.62 40.10
C ALA B 480 14.50 -6.94 39.36
N ALA B 481 14.95 -6.86 38.12
CA ALA B 481 15.23 -8.04 37.31
C ALA B 481 16.69 -8.46 37.36
N GLY B 482 17.54 -7.75 38.11
CA GLY B 482 18.93 -8.08 38.17
C GLY B 482 19.24 -9.16 39.21
N ASN B 483 20.42 -9.75 39.07
CA ASN B 483 20.87 -10.78 39.99
C ASN B 483 21.56 -10.15 41.20
N SER B 484 21.99 -11.00 42.13
CA SER B 484 22.72 -10.56 43.32
C SER B 484 23.99 -11.41 43.46
N LEU B 485 25.04 -10.97 42.77
CA LEU B 485 26.35 -11.62 42.80
C LEU B 485 27.44 -10.56 42.92
N ALA B 486 27.21 -9.59 43.81
CA ALA B 486 28.08 -8.44 43.94
C ALA B 486 28.33 -8.15 45.42
N LEU B 487 29.61 -8.04 45.79
CA LEU B 487 29.99 -7.69 47.15
C LEU B 487 31.13 -6.69 47.10
N ASN B 488 30.99 -5.58 47.82
CA ASN B 488 31.97 -4.50 47.84
C ASN B 488 32.46 -4.20 49.24
N GLN B 489 32.79 -5.25 50.00
CA GLN B 489 33.29 -5.18 51.39
C GLN B 489 32.21 -4.69 52.34
N ASP B 490 30.95 -4.69 51.92
CA ASP B 490 29.83 -4.29 52.76
C ASP B 490 28.76 -5.36 52.68
N ILE B 491 27.67 -5.15 53.43
CA ILE B 491 26.56 -6.09 53.44
C ILE B 491 25.94 -6.17 52.05
N GLN B 492 25.51 -7.38 51.68
CA GLN B 492 25.00 -7.61 50.32
C GLN B 492 23.76 -6.78 50.04
N GLU B 493 22.93 -6.53 51.05
CA GLU B 493 21.73 -5.74 50.87
C GLU B 493 22.02 -4.27 50.56
N GLU B 494 23.27 -3.84 50.70
CA GLU B 494 23.67 -2.47 50.39
C GLU B 494 24.05 -2.31 48.92
N GLN B 495 23.99 -3.38 48.13
CA GLN B 495 24.34 -3.29 46.73
C GLN B 495 23.23 -2.61 45.93
N VAL B 496 23.59 -2.07 44.77
CA VAL B 496 22.67 -1.33 43.94
C VAL B 496 22.28 -2.19 42.74
N VAL B 497 21.05 -1.99 42.27
CA VAL B 497 20.52 -2.76 41.15
C VAL B 497 19.45 -1.96 40.44
N PRO B 498 19.46 -1.99 39.11
CA PRO B 498 18.37 -1.36 38.36
C PRO B 498 17.02 -2.00 38.70
N ALA B 499 15.99 -1.18 38.76
CA ALA B 499 14.66 -1.65 39.13
C ALA B 499 13.61 -0.78 38.46
N ARG B 500 12.36 -1.17 38.61
CA ARG B 500 11.22 -0.49 38.00
C ARG B 500 10.29 -0.01 39.10
N TYR B 501 9.90 1.26 39.03
CA TYR B 501 8.97 1.84 40.00
C TYR B 501 8.21 2.98 39.34
N ARG B 502 6.88 2.98 39.56
CA ARG B 502 6.00 4.01 39.01
C ARG B 502 6.20 4.21 37.51
N GLN B 503 6.32 3.11 36.76
CA GLN B 503 6.51 3.15 35.31
C GLN B 503 7.78 3.92 34.94
N GLU B 504 8.83 3.70 35.70
CA GLU B 504 10.11 4.38 35.50
C GLU B 504 11.22 3.38 35.76
N PHE B 505 12.44 3.80 35.45
CA PHE B 505 13.64 3.00 35.71
C PHE B 505 14.57 3.78 36.63
N LEU B 506 15.12 3.08 37.62
CA LEU B 506 16.00 3.73 38.59
C LEU B 506 16.86 2.67 39.26
N THR B 507 17.91 3.13 39.95
CA THR B 507 18.84 2.28 40.65
C THR B 507 18.69 2.50 42.15
N ILE B 508 18.50 1.41 42.90
CA ILE B 508 18.23 1.46 44.33
C ILE B 508 18.96 0.32 45.01
N ALA B 509 19.00 0.36 46.34
CA ALA B 509 19.63 -0.69 47.13
C ALA B 509 18.75 -1.93 47.19
N TRP B 510 19.38 -3.06 47.51
CA TRP B 510 18.65 -4.32 47.60
C TRP B 510 17.73 -4.38 48.81
N GLU B 511 17.85 -3.43 49.74
CA GLU B 511 16.95 -3.41 50.89
C GLU B 511 15.54 -2.98 50.48
N GLN B 512 15.43 -2.19 49.42
CA GLN B 512 14.19 -1.53 49.07
C GLN B 512 13.42 -2.22 47.94
N VAL B 513 13.95 -3.32 47.40
CA VAL B 513 13.31 -4.01 46.28
C VAL B 513 12.31 -5.02 46.85
N HIS B 514 11.05 -4.90 46.44
CA HIS B 514 10.00 -5.77 46.97
C HIS B 514 9.83 -7.03 46.12
N LEU B 515 9.95 -6.90 44.80
CA LEU B 515 9.66 -8.00 43.90
C LEU B 515 10.88 -8.28 43.01
N ARG B 516 10.87 -9.46 42.39
CA ARG B 516 11.94 -9.90 41.51
C ARG B 516 11.36 -10.78 40.41
N SER B 517 11.80 -10.54 39.17
CA SER B 517 11.33 -11.31 38.02
C SER B 517 12.37 -12.37 37.68
N ILE B 518 12.08 -13.61 38.08
CA ILE B 518 13.05 -14.68 37.96
C ILE B 518 12.86 -15.46 36.67
N PHE B 519 11.62 -15.59 36.20
CA PHE B 519 11.34 -16.46 35.06
C PHE B 519 12.01 -15.91 33.80
N PRO B 520 12.75 -16.75 33.06
CA PRO B 520 13.43 -16.25 31.87
C PRO B 520 12.48 -15.92 30.73
N PHE B 521 11.46 -16.74 30.50
CA PHE B 521 10.52 -16.55 29.41
C PHE B 521 9.30 -15.74 29.82
N GLN B 522 9.44 -14.87 30.83
CA GLN B 522 8.27 -14.15 31.33
C GLN B 522 7.85 -13.02 30.40
N TYR B 523 8.81 -12.34 29.77
CA TYR B 523 8.53 -11.15 29.00
C TYR B 523 8.35 -11.42 27.51
N PHE B 524 8.42 -12.68 27.08
CA PHE B 524 8.34 -13.00 25.66
C PHE B 524 7.16 -13.93 25.36
N SER B 525 7.04 -14.34 24.10
CA SER B 525 5.99 -15.26 23.68
C SER B 525 6.63 -16.47 23.02
N ILE B 526 5.78 -17.40 22.58
CA ILE B 526 6.27 -18.65 22.01
C ILE B 526 7.13 -18.39 20.79
N GLY B 527 6.73 -17.42 19.95
CA GLY B 527 7.47 -17.16 18.73
C GLY B 527 8.86 -16.61 18.98
N ALA B 528 8.96 -15.61 19.87
CA ALA B 528 10.25 -14.99 20.15
C ALA B 528 11.14 -15.91 20.98
N SER B 529 10.55 -16.70 21.88
CA SER B 529 11.34 -17.53 22.78
C SER B 529 12.05 -18.66 22.06
N LEU B 530 11.62 -19.01 20.85
CA LEU B 530 12.27 -20.06 20.07
C LEU B 530 13.49 -19.56 19.30
N ILE B 531 13.96 -18.36 19.61
CA ILE B 531 15.12 -17.77 18.95
C ILE B 531 16.32 -17.91 19.89
N PRO B 532 17.30 -18.76 19.57
CA PRO B 532 18.48 -18.87 20.42
C PRO B 532 19.38 -17.65 20.28
N PHE B 533 20.00 -17.28 21.40
CA PHE B 533 20.88 -16.11 21.47
C PHE B 533 20.15 -14.85 21.00
N ILE B 534 18.96 -14.62 21.54
CA ILE B 534 18.15 -13.47 21.13
C ILE B 534 18.77 -12.16 21.62
N GLU B 535 19.63 -12.21 22.63
CA GLU B 535 20.25 -10.98 23.14
C GLU B 535 21.20 -10.39 22.11
N HIS B 536 21.86 -11.23 21.32
CA HIS B 536 22.82 -10.78 20.34
C HIS B 536 22.19 -10.37 19.02
N ASN B 537 20.86 -10.39 18.92
CA ASN B 537 20.15 -10.01 17.72
C ASN B 537 19.35 -8.74 17.98
N ASP B 538 19.16 -7.94 16.94
CA ASP B 538 18.41 -6.70 17.07
C ASP B 538 16.93 -7.00 17.30
N ALA B 539 16.26 -6.07 17.99
CA ALA B 539 14.84 -6.25 18.27
C ALA B 539 14.01 -6.19 16.99
N ASN B 540 14.46 -5.44 16.00
CA ASN B 540 13.72 -5.33 14.75
C ASN B 540 13.69 -6.67 14.01
N ARG B 541 14.81 -7.40 14.00
CA ARG B 541 14.86 -8.66 13.28
C ARG B 541 14.13 -9.77 14.02
N ALA B 542 13.87 -9.56 15.32
CA ALA B 542 13.16 -10.56 16.11
C ALA B 542 11.75 -10.78 15.58
N LEU B 543 11.06 -9.69 15.21
CA LEU B 543 9.73 -9.82 14.63
C LEU B 543 9.76 -10.58 13.32
N MET B 544 10.76 -10.28 12.47
CA MET B 544 10.89 -10.99 11.21
C MET B 544 11.12 -12.48 11.43
N SER B 545 11.98 -12.82 12.40
CA SER B 545 12.25 -14.22 12.68
C SER B 545 11.01 -14.92 13.23
N SER B 546 10.27 -14.25 14.11
CA SER B 546 9.05 -14.83 14.65
C SER B 546 8.01 -15.07 13.55
N ASN B 547 7.92 -14.13 12.60
CA ASN B 547 6.98 -14.29 11.50
C ASN B 547 7.43 -15.41 10.55
N MET B 548 8.73 -15.54 10.32
CA MET B 548 9.23 -16.57 9.41
C MET B 548 9.24 -17.96 10.02
N GLN B 549 9.27 -18.08 11.34
CA GLN B 549 9.18 -19.40 11.97
C GLN B 549 7.80 -19.98 11.71
N ARG B 550 6.81 -19.12 11.58
CA ARG B 550 5.44 -19.55 11.29
C ARG B 550 5.26 -20.18 9.92
N GLN B 551 6.13 -19.83 8.98
CA GLN B 551 5.98 -20.32 7.60
C GLN B 551 6.57 -21.71 7.30
N ALA B 552 7.30 -22.29 8.21
CA ALA B 552 7.97 -23.54 7.92
C ALA B 552 7.09 -24.66 7.47
N VAL B 553 7.62 -25.51 6.61
CA VAL B 553 6.84 -26.61 6.08
C VAL B 553 7.31 -27.88 6.73
N PRO B 554 6.38 -28.69 7.20
CA PRO B 554 6.81 -29.98 7.73
C PRO B 554 7.44 -30.84 6.65
N LEU B 555 8.63 -31.39 6.87
CA LEU B 555 9.34 -32.18 5.86
C LEU B 555 8.99 -33.66 5.99
N SER B 556 9.37 -34.42 4.97
CA SER B 556 9.13 -35.86 4.98
C SER B 556 9.85 -36.52 6.15
N ARG B 557 11.06 -36.08 6.45
CA ARG B 557 11.83 -36.55 7.59
C ARG B 557 12.12 -35.38 8.51
N SER B 558 12.23 -35.66 9.80
CA SER B 558 12.41 -34.63 10.81
C SER B 558 13.71 -34.89 11.57
N GLU B 559 14.39 -33.79 11.91
CA GLU B 559 15.63 -33.84 12.68
C GLU B 559 15.61 -32.71 13.70
N LYS B 560 16.05 -33.02 14.91
CA LYS B 560 16.08 -32.01 15.96
C LYS B 560 17.23 -31.02 15.73
N CYS B 561 17.14 -29.90 16.43
CA CYS B 561 18.14 -28.84 16.32
C CYS B 561 19.23 -29.04 17.36
N ILE B 562 20.49 -28.85 16.93
CA ILE B 562 21.61 -28.99 17.86
C ILE B 562 21.57 -27.88 18.90
N VAL B 563 21.28 -26.66 18.48
CA VAL B 563 21.15 -25.51 19.36
C VAL B 563 19.68 -25.15 19.49
N GLY B 564 19.23 -24.95 20.72
CA GLY B 564 17.84 -24.64 20.97
C GLY B 564 17.67 -23.89 22.28
N THR B 565 16.45 -23.42 22.51
CA THR B 565 16.13 -22.67 23.71
C THR B 565 15.47 -23.52 24.79
N GLY B 566 15.09 -24.76 24.48
CA GLY B 566 14.44 -25.61 25.46
C GLY B 566 12.94 -25.49 25.54
N LEU B 567 12.32 -24.64 24.73
CA LEU B 567 10.88 -24.49 24.70
C LEU B 567 10.22 -25.37 23.65
N GLU B 568 11.01 -26.02 22.79
CA GLU B 568 10.44 -26.87 21.75
C GLU B 568 9.69 -28.06 22.36
N ARG B 569 10.13 -28.50 23.54
CA ARG B 569 9.48 -29.64 24.19
C ARG B 569 8.03 -29.32 24.54
N GLN B 570 7.80 -28.24 25.30
CA GLN B 570 6.44 -27.89 25.67
C GLN B 570 5.65 -27.40 24.46
N ALA B 571 6.33 -26.83 23.46
CA ALA B 571 5.66 -26.43 22.23
C ALA B 571 5.07 -27.65 21.52
N ALA B 572 5.86 -28.71 21.38
CA ALA B 572 5.36 -29.94 20.77
C ALA B 572 4.33 -30.62 21.66
N LEU B 573 4.45 -30.46 22.98
CA LEU B 573 3.49 -31.05 23.89
C LEU B 573 2.11 -30.41 23.75
N ASP B 574 2.06 -29.08 23.68
CA ASP B 574 0.81 -28.35 23.63
C ASP B 574 0.35 -28.06 22.20
N SER B 575 1.13 -28.44 21.18
CA SER B 575 0.71 -28.21 19.80
C SER B 575 -0.53 -29.01 19.47
N GLY B 576 -0.64 -30.22 19.99
CA GLY B 576 -1.77 -31.09 19.71
C GLY B 576 -1.56 -32.10 18.62
N ALA B 577 -0.40 -32.08 17.95
CA ALA B 577 -0.06 -33.05 16.92
C ALA B 577 0.78 -34.19 17.48
N LEU B 578 0.61 -34.51 18.77
CA LEU B 578 1.38 -35.55 19.43
C LEU B 578 0.43 -36.50 20.13
N ALA B 579 0.81 -37.77 20.18
CA ALA B 579 0.00 -38.79 20.83
C ALA B 579 0.45 -38.94 22.28
N ILE B 580 -0.36 -38.43 23.20
CA ILE B 580 -0.07 -38.49 24.64
C ILE B 580 -1.07 -39.44 25.28
N ALA B 581 -0.56 -40.41 26.03
CA ALA B 581 -1.44 -41.38 26.68
C ALA B 581 -2.26 -40.73 27.78
N GLU B 582 -3.51 -41.18 27.90
CA GLU B 582 -4.41 -40.72 28.96
C GLU B 582 -4.59 -41.76 30.05
N ARG B 583 -3.76 -42.80 30.07
CA ARG B 583 -3.87 -43.87 31.05
C ARG B 583 -2.55 -44.62 31.12
N GLU B 584 -2.21 -45.08 32.31
CA GLU B 584 -1.00 -45.87 32.48
C GLU B 584 -1.26 -47.33 32.08
N GLY B 585 -0.21 -47.98 31.61
CA GLY B 585 -0.32 -49.35 31.17
C GLY B 585 0.85 -49.74 30.30
N ARG B 586 0.68 -50.88 29.63
CA ARG B 586 1.71 -51.42 28.74
C ARG B 586 1.18 -51.50 27.32
N VAL B 587 2.08 -51.33 26.36
CA VAL B 587 1.72 -51.34 24.94
C VAL B 587 1.83 -52.80 24.48
N VAL B 588 0.68 -53.47 24.40
CA VAL B 588 0.67 -54.88 24.05
C VAL B 588 0.77 -55.09 22.54
N TYR B 589 0.17 -54.19 21.76
CA TYR B 589 0.12 -54.32 20.31
C TYR B 589 0.52 -53.01 19.66
N THR B 590 1.40 -53.09 18.66
CA THR B 590 1.88 -51.92 17.93
C THR B 590 1.57 -52.09 16.46
N ASN B 591 0.86 -51.12 15.89
CA ASN B 591 0.55 -51.13 14.47
C ASN B 591 0.59 -49.70 13.93
N THR B 592 0.70 -49.60 12.61
CA THR B 592 0.77 -48.28 11.98
C THR B 592 -0.55 -47.52 12.15
N ASP B 593 -1.67 -48.23 12.06
CA ASP B 593 -2.97 -47.54 12.10
C ASP B 593 -3.38 -47.23 13.54
N LYS B 594 -3.18 -48.15 14.47
CA LYS B 594 -3.64 -47.99 15.83
C LYS B 594 -2.59 -48.52 16.80
N ILE B 595 -2.69 -48.09 18.05
CA ILE B 595 -1.84 -48.53 19.14
C ILE B 595 -2.73 -49.01 20.27
N LEU B 596 -2.45 -50.20 20.79
CA LEU B 596 -3.22 -50.81 21.87
C LEU B 596 -2.45 -50.66 23.18
N LEU B 597 -3.09 -50.04 24.16
CA LEU B 597 -2.50 -49.80 25.48
C LEU B 597 -3.33 -50.53 26.52
N ALA B 598 -2.74 -51.53 27.16
CA ALA B 598 -3.43 -52.35 28.15
C ALA B 598 -3.05 -51.89 29.55
N GLY B 599 -4.06 -51.47 30.33
CA GLY B 599 -3.83 -51.05 31.69
C GLY B 599 -4.99 -51.37 32.61
N ASN B 600 -4.67 -51.70 33.86
CA ASN B 600 -5.65 -52.03 34.91
C ASN B 600 -6.79 -52.90 34.39
N GLY B 601 -6.44 -53.91 33.60
CA GLY B 601 -7.43 -54.82 33.06
C GLY B 601 -8.30 -54.24 31.98
N ASP B 602 -7.87 -53.13 31.36
CA ASP B 602 -8.61 -52.50 30.29
C ASP B 602 -7.65 -52.18 29.15
N ILE B 603 -8.15 -52.29 27.92
CA ILE B 603 -7.36 -52.05 26.72
C ILE B 603 -7.93 -50.84 26.01
N LEU B 604 -7.08 -49.84 25.76
CA LEU B 604 -7.47 -48.62 25.09
C LEU B 604 -6.75 -48.53 23.75
N SER B 605 -7.49 -48.14 22.71
CA SER B 605 -6.96 -48.03 21.36
C SER B 605 -6.82 -46.56 20.98
N ILE B 606 -5.63 -46.18 20.53
CA ILE B 606 -5.34 -44.82 20.09
C ILE B 606 -5.16 -44.84 18.58
N PRO B 607 -5.97 -44.11 17.82
CA PRO B 607 -5.81 -44.11 16.36
C PRO B 607 -4.80 -43.09 15.89
N LEU B 608 -3.89 -43.51 15.01
CA LEU B 608 -2.86 -42.62 14.51
C LEU B 608 -3.33 -41.89 13.25
N VAL B 609 -2.53 -40.92 12.83
CA VAL B 609 -2.80 -40.12 11.64
C VAL B 609 -1.81 -40.54 10.57
N ILE B 610 -2.32 -40.94 9.41
CA ILE B 610 -1.50 -41.44 8.31
C ILE B 610 -1.75 -40.58 7.08
N TYR B 611 -0.82 -39.65 6.81
CA TYR B 611 -0.84 -38.84 5.59
C TYR B 611 -2.17 -38.11 5.42
N GLN B 612 -2.51 -37.28 6.39
CA GLN B 612 -3.72 -36.46 6.31
C GLN B 612 -3.40 -35.14 5.64
N ARG B 613 -4.36 -34.22 5.62
CA ARG B 613 -4.18 -32.93 4.97
C ARG B 613 -4.62 -31.82 5.92
N SER B 614 -3.81 -30.78 6.01
CA SER B 614 -4.12 -29.63 6.84
C SER B 614 -4.86 -28.56 6.04
N ASN B 615 -5.19 -27.46 6.72
CA ASN B 615 -5.90 -26.37 6.06
C ASN B 615 -5.00 -25.61 5.08
N LYS B 616 -3.69 -25.65 5.27
CA LYS B 616 -2.75 -24.92 4.43
C LYS B 616 -1.97 -25.85 3.50
N ASN B 617 -2.58 -26.96 3.11
CA ASN B 617 -2.00 -27.90 2.14
C ASN B 617 -0.65 -28.45 2.63
N THR B 618 -0.61 -28.86 3.89
CA THR B 618 0.58 -29.47 4.47
C THR B 618 0.21 -30.83 5.04
N CYS B 619 1.05 -31.83 4.77
CA CYS B 619 0.76 -33.19 5.19
C CYS B 619 0.92 -33.34 6.70
N MET B 620 0.07 -34.19 7.28
CA MET B 620 0.15 -34.53 8.70
C MET B 620 0.30 -36.04 8.82
N HIS B 621 1.33 -36.47 9.55
CA HIS B 621 1.62 -37.89 9.70
C HIS B 621 2.21 -38.12 11.08
N GLN B 622 1.99 -39.33 11.60
CA GLN B 622 2.47 -39.71 12.92
C GLN B 622 3.20 -41.05 12.85
N LYS B 623 4.26 -41.17 13.65
CA LYS B 623 5.07 -42.36 13.70
C LYS B 623 5.23 -42.81 15.14
N LEU B 624 5.29 -44.12 15.34
CA LEU B 624 5.40 -44.68 16.69
C LEU B 624 6.78 -44.42 17.27
N GLN B 625 6.82 -44.01 18.54
CA GLN B 625 8.06 -43.80 19.27
C GLN B 625 8.35 -44.91 20.27
N VAL B 626 7.35 -45.30 21.05
CA VAL B 626 7.56 -46.34 22.07
C VAL B 626 7.53 -47.71 21.42
N PRO B 627 8.40 -48.64 21.80
CA PRO B 627 8.32 -50.00 21.29
C PRO B 627 7.32 -50.83 22.09
N ARG B 628 7.09 -52.05 21.60
CA ARG B 628 6.13 -52.93 22.25
C ARG B 628 6.70 -53.51 23.55
N GLY B 629 5.93 -53.39 24.62
CA GLY B 629 6.29 -54.01 25.88
C GLY B 629 6.89 -53.09 26.93
N LYS B 630 6.82 -51.77 26.74
CA LYS B 630 7.30 -50.81 27.72
C LYS B 630 6.13 -50.09 28.38
N CYS B 631 6.33 -49.68 29.62
CA CYS B 631 5.28 -48.99 30.36
C CYS B 631 5.31 -47.48 30.06
N ILE B 632 4.12 -46.89 30.00
CA ILE B 632 3.97 -45.46 29.72
C ILE B 632 3.02 -44.87 30.75
N LYS B 633 3.42 -43.75 31.34
CA LYS B 633 2.60 -43.06 32.33
C LYS B 633 1.51 -42.25 31.63
N LYS B 634 0.65 -41.63 32.43
CA LYS B 634 -0.41 -40.77 31.90
C LYS B 634 0.20 -39.41 31.59
N GLY B 635 0.59 -39.21 30.35
CA GLY B 635 1.16 -37.93 29.94
C GLY B 635 2.34 -38.05 29.00
N GLN B 636 2.95 -39.24 28.96
CA GLN B 636 4.11 -39.44 28.12
C GLN B 636 3.71 -39.52 26.64
N ILE B 637 4.70 -39.49 25.77
CA ILE B 637 4.51 -39.44 24.33
C ILE B 637 4.44 -40.86 23.80
N LEU B 638 3.34 -41.19 23.13
CA LEU B 638 3.24 -42.50 22.48
C LEU B 638 3.79 -42.47 21.06
N ALA B 639 3.45 -41.43 20.30
CA ALA B 639 3.85 -41.33 18.91
C ALA B 639 4.29 -39.90 18.61
N ASP B 640 5.06 -39.77 17.53
CA ASP B 640 5.61 -38.49 17.10
C ASP B 640 4.90 -38.02 15.84
N GLY B 641 4.31 -36.84 15.90
CA GLY B 641 3.63 -36.29 14.75
C GLY B 641 4.61 -35.65 13.77
N ALA B 642 4.03 -34.98 12.76
CA ALA B 642 4.84 -34.31 11.77
C ALA B 642 5.57 -33.12 12.38
N ALA B 643 6.77 -32.84 11.83
CA ALA B 643 7.61 -31.74 12.29
C ALA B 643 7.92 -31.86 13.78
N THR B 644 8.06 -33.11 14.25
CA THR B 644 8.37 -33.36 15.65
C THR B 644 9.07 -34.71 15.74
N VAL B 645 10.25 -34.73 16.37
CA VAL B 645 11.03 -35.94 16.55
C VAL B 645 11.57 -35.97 17.97
N GLY B 646 11.35 -37.09 18.67
CA GLY B 646 11.81 -37.24 20.03
C GLY B 646 11.03 -36.39 21.03
N GLY B 647 9.92 -35.81 20.58
CA GLY B 647 9.09 -35.00 21.44
C GLY B 647 9.38 -33.51 21.40
N GLU B 648 10.25 -33.07 20.51
CA GLU B 648 10.61 -31.65 20.40
C GLU B 648 10.22 -31.14 19.01
N LEU B 649 9.85 -29.87 18.95
CA LEU B 649 9.50 -29.26 17.67
C LEU B 649 10.72 -29.22 16.76
N ALA B 650 10.52 -29.69 15.51
CA ALA B 650 11.61 -29.76 14.53
C ALA B 650 11.05 -29.28 13.19
N LEU B 651 11.30 -28.01 12.88
CA LEU B 651 10.79 -27.38 11.68
C LEU B 651 11.83 -27.25 10.58
N GLY B 652 13.01 -27.83 10.75
CA GLY B 652 14.05 -27.70 9.76
C GLY B 652 15.11 -28.77 9.90
N LYS B 653 16.23 -28.54 9.23
CA LYS B 653 17.36 -29.47 9.22
C LYS B 653 18.64 -28.73 9.61
N ASN B 654 19.66 -29.52 9.95
CA ASN B 654 20.98 -29.00 10.26
C ASN B 654 21.92 -29.31 9.10
N VAL B 655 22.43 -28.26 8.47
CA VAL B 655 23.29 -28.40 7.29
C VAL B 655 24.54 -27.55 7.48
N LEU B 656 25.63 -27.99 6.86
CA LEU B 656 26.88 -27.25 6.92
C LEU B 656 26.75 -25.95 6.13
N VAL B 657 27.25 -24.86 6.71
CA VAL B 657 27.11 -23.53 6.15
C VAL B 657 28.43 -22.78 6.24
N ALA B 658 28.74 -22.04 5.17
CA ALA B 658 29.90 -21.18 5.12
C ALA B 658 29.47 -19.78 4.71
N TYR B 659 30.05 -18.78 5.36
CA TYR B 659 29.70 -17.38 5.13
C TYR B 659 30.80 -16.74 4.29
N MET B 660 30.59 -16.72 2.97
CA MET B 660 31.55 -16.13 2.05
C MET B 660 30.82 -15.77 0.76
N PRO B 661 31.38 -14.80 0.02
CA PRO B 661 30.74 -14.57 -1.26
C PRO B 661 31.18 -15.58 -2.31
N TRP B 662 30.27 -16.13 -3.10
CA TRP B 662 30.66 -17.03 -4.16
C TRP B 662 30.17 -16.62 -5.51
N GLU B 663 31.02 -16.01 -6.30
CA GLU B 663 30.71 -15.66 -7.67
C GLU B 663 29.42 -14.96 -7.94
N GLY B 664 28.92 -14.22 -6.97
CA GLY B 664 27.74 -13.43 -7.21
C GLY B 664 26.45 -14.14 -6.95
N TYR B 665 26.53 -15.42 -6.71
CA TYR B 665 25.33 -16.18 -6.49
C TYR B 665 24.73 -15.88 -5.15
N ASN B 666 25.47 -15.18 -4.31
CA ASN B 666 24.97 -14.79 -3.01
C ASN B 666 24.61 -13.32 -2.95
N SER B 667 24.53 -12.60 -4.07
CA SER B 667 24.29 -11.16 -4.01
C SER B 667 22.99 -10.90 -3.38
N GLU B 668 22.88 -9.78 -2.69
CA GLU B 668 21.68 -9.46 -1.94
C GLU B 668 21.52 -10.65 -1.04
N ASP B 669 20.34 -11.19 -0.97
CA ASP B 669 20.22 -12.39 -0.19
C ASP B 669 19.91 -13.47 -1.15
N ALA B 670 20.73 -14.47 -1.21
CA ALA B 670 20.51 -15.54 -2.13
C ALA B 670 21.43 -16.61 -1.64
N VAL B 671 21.07 -17.86 -1.82
CA VAL B 671 21.85 -18.91 -1.26
C VAL B 671 22.29 -19.84 -2.36
N LEU B 672 23.48 -20.39 -2.24
CA LEU B 672 23.95 -21.33 -3.20
C LEU B 672 23.96 -22.61 -2.44
N ILE B 673 23.31 -23.65 -2.92
CA ILE B 673 23.21 -24.86 -2.16
C ILE B 673 23.73 -25.99 -2.98
N SER B 674 24.06 -27.10 -2.35
CA SER B 674 24.62 -28.20 -3.11
C SER B 674 23.54 -29.18 -3.52
N GLU B 675 23.92 -30.13 -4.38
CA GLU B 675 22.99 -31.15 -4.84
C GLU B 675 22.75 -32.25 -3.80
N ARG B 676 23.56 -32.29 -2.74
CA ARG B 676 23.35 -33.28 -1.70
C ARG B 676 21.99 -33.11 -1.04
N LEU B 677 21.55 -31.86 -0.85
CA LEU B 677 20.23 -31.61 -0.31
C LEU B 677 19.14 -32.11 -1.25
N VAL B 678 19.47 -32.23 -2.54
CA VAL B 678 18.47 -32.67 -3.52
C VAL B 678 18.40 -34.18 -3.56
N TYR B 679 19.53 -34.85 -3.80
CA TYR B 679 19.48 -36.29 -4.03
C TYR B 679 19.44 -37.10 -2.73
N GLU B 680 19.48 -36.46 -1.57
CA GLU B 680 19.35 -37.15 -0.29
C GLU B 680 18.03 -36.85 0.41
N ASP B 681 17.14 -36.10 -0.23
CA ASP B 681 15.82 -35.77 0.30
C ASP B 681 15.90 -35.04 1.64
N ILE B 682 16.84 -34.11 1.79
CA ILE B 682 16.98 -33.40 3.05
C ILE B 682 15.79 -32.47 3.28
N TYR B 683 15.38 -31.75 2.24
CA TYR B 683 14.30 -30.77 2.35
C TYR B 683 13.07 -31.17 1.52
N THR B 684 12.85 -32.47 1.36
CA THR B 684 11.65 -32.94 0.68
C THR B 684 10.43 -32.74 1.58
N SER B 685 9.30 -32.40 0.96
CA SER B 685 8.07 -32.16 1.70
C SER B 685 6.91 -32.69 0.89
N PHE B 686 5.80 -32.98 1.54
CA PHE B 686 4.66 -33.50 0.85
C PHE B 686 3.57 -32.47 0.98
N HIS B 687 2.90 -32.15 -0.10
CA HIS B 687 1.82 -31.20 -0.06
C HIS B 687 0.56 -31.80 -0.62
N ILE B 688 -0.55 -31.69 0.08
CA ILE B 688 -1.81 -32.25 -0.38
C ILE B 688 -2.87 -31.19 -0.65
N ARG B 689 -3.40 -31.11 -1.86
CA ARG B 689 -4.42 -30.16 -2.25
C ARG B 689 -5.70 -30.90 -2.62
N LYS B 690 -6.84 -30.34 -2.22
CA LYS B 690 -8.13 -30.99 -2.44
C LYS B 690 -8.92 -30.23 -3.50
N TYR B 691 -9.70 -30.97 -4.29
CA TYR B 691 -10.59 -30.41 -5.29
C TYR B 691 -11.95 -31.09 -5.14
N GLU B 692 -13.01 -30.30 -5.09
CA GLU B 692 -14.36 -30.83 -4.88
C GLU B 692 -15.36 -30.07 -5.74
N ILE B 693 -16.31 -30.81 -6.31
CA ILE B 693 -17.42 -30.24 -7.06
C ILE B 693 -18.69 -30.94 -6.58
N GLN B 694 -19.67 -30.16 -6.16
CA GLN B 694 -20.92 -30.73 -5.67
C GLN B 694 -21.84 -31.07 -6.83
N THR B 695 -22.64 -32.12 -6.63
CA THR B 695 -23.63 -32.52 -7.62
C THR B 695 -24.93 -31.78 -7.39
N HIS B 696 -24.91 -30.46 -7.56
CA HIS B 696 -26.07 -29.64 -7.29
C HIS B 696 -27.23 -30.01 -8.21
N VAL B 697 -28.37 -30.30 -7.62
CA VAL B 697 -29.57 -30.73 -8.34
C VAL B 697 -30.38 -29.49 -8.69
N THR B 698 -30.44 -29.17 -9.98
CA THR B 698 -31.23 -28.04 -10.45
C THR B 698 -32.70 -28.43 -10.54
N SER B 699 -33.55 -27.40 -10.56
CA SER B 699 -34.98 -27.63 -10.64
C SER B 699 -35.36 -28.35 -11.93
N GLN B 700 -34.68 -28.03 -13.03
CA GLN B 700 -34.99 -28.65 -14.30
C GLN B 700 -34.50 -30.10 -14.35
N GLY B 701 -33.24 -30.33 -14.00
CA GLY B 701 -32.68 -31.66 -14.03
C GLY B 701 -31.55 -31.84 -13.04
N PRO B 702 -31.45 -33.06 -12.42
CA PRO B 702 -30.29 -33.22 -11.54
C PRO B 702 -29.01 -33.60 -12.28
N GLU B 703 -27.86 -33.29 -11.71
CA GLU B 703 -26.60 -33.69 -12.32
C GLU B 703 -26.41 -35.20 -12.25
N LYS B 704 -25.89 -35.79 -13.31
CA LYS B 704 -25.65 -37.23 -13.32
C LYS B 704 -24.18 -37.52 -13.53
N VAL B 705 -23.61 -38.38 -12.71
CA VAL B 705 -22.17 -38.67 -12.80
C VAL B 705 -21.91 -39.91 -13.66
N THR B 706 -21.44 -39.70 -14.90
CA THR B 706 -21.17 -40.83 -15.78
C THR B 706 -19.72 -40.77 -16.24
N ASN B 707 -19.15 -41.96 -16.47
CA ASN B 707 -17.77 -42.03 -16.94
C ASN B 707 -17.67 -41.82 -18.44
N GLU B 708 -18.65 -42.32 -19.20
CA GLU B 708 -18.63 -42.22 -20.66
C GLU B 708 -19.19 -40.87 -21.07
N ILE B 709 -18.30 -39.94 -21.41
CA ILE B 709 -18.69 -38.60 -21.85
C ILE B 709 -18.07 -38.34 -23.22
N PRO B 710 -18.87 -38.05 -24.24
CA PRO B 710 -18.32 -37.78 -25.57
C PRO B 710 -17.65 -36.41 -25.62
N HIS B 711 -17.16 -36.06 -26.80
CA HIS B 711 -16.49 -34.80 -27.11
C HIS B 711 -15.18 -34.64 -26.34
N LEU B 712 -14.63 -35.72 -25.79
CA LEU B 712 -13.37 -35.67 -25.06
C LEU B 712 -12.40 -36.67 -25.68
N GLU B 713 -11.11 -36.30 -25.66
CA GLU B 713 -10.09 -37.14 -26.25
C GLU B 713 -9.91 -38.44 -25.45
N ALA B 714 -9.32 -39.44 -26.09
CA ALA B 714 -9.09 -40.72 -25.46
C ALA B 714 -7.85 -40.73 -24.57
N HIS B 715 -7.00 -39.71 -24.67
CA HIS B 715 -5.85 -39.62 -23.78
C HIS B 715 -6.28 -39.38 -22.35
N LEU B 716 -7.34 -38.59 -22.17
CA LEU B 716 -7.96 -38.41 -20.87
C LEU B 716 -8.95 -39.53 -20.60
N LEU B 717 -9.62 -39.46 -19.45
CA LEU B 717 -10.65 -40.39 -18.98
C LEU B 717 -10.09 -41.77 -18.69
N ARG B 718 -8.80 -42.00 -18.86
CA ARG B 718 -8.22 -43.30 -18.54
C ARG B 718 -8.27 -43.57 -17.03
N ASN B 719 -8.13 -42.52 -16.22
CA ASN B 719 -8.07 -42.71 -14.78
C ASN B 719 -9.45 -43.00 -14.18
N LEU B 720 -10.51 -42.58 -14.88
CA LEU B 720 -11.85 -42.73 -14.34
C LEU B 720 -12.26 -44.19 -14.23
N ASP B 721 -13.08 -44.49 -13.22
CA ASP B 721 -13.60 -45.84 -13.00
C ASP B 721 -14.95 -45.99 -13.73
N LYS B 722 -15.64 -47.09 -13.46
CA LYS B 722 -17.00 -47.27 -13.99
C LYS B 722 -17.90 -46.11 -13.60
N ASN B 723 -17.79 -45.67 -12.35
CA ASN B 723 -18.44 -44.45 -11.91
C ASN B 723 -17.58 -43.24 -12.27
N GLY B 724 -18.21 -42.07 -12.34
CA GLY B 724 -17.52 -40.87 -12.77
C GLY B 724 -16.61 -40.29 -11.71
N ILE B 725 -15.54 -40.99 -11.36
CA ILE B 725 -14.59 -40.55 -10.35
C ILE B 725 -13.23 -41.19 -10.64
N VAL B 726 -12.16 -40.48 -10.27
CA VAL B 726 -10.82 -41.02 -10.47
C VAL B 726 -10.56 -42.15 -9.49
N MET B 727 -9.63 -43.03 -9.85
CA MET B 727 -9.28 -44.18 -9.03
C MET B 727 -8.12 -43.84 -8.09
N LEU B 728 -8.12 -44.49 -6.93
CA LEU B 728 -7.03 -44.30 -5.97
C LEU B 728 -5.73 -44.87 -6.51
N GLY B 729 -4.64 -44.15 -6.27
CA GLY B 729 -3.34 -44.57 -6.76
C GLY B 729 -3.05 -44.20 -8.20
N SER B 730 -3.82 -43.29 -8.78
CA SER B 730 -3.66 -42.91 -10.18
C SER B 730 -2.86 -41.61 -10.27
N TRP B 731 -1.78 -41.64 -11.04
CA TRP B 731 -1.02 -40.42 -11.30
C TRP B 731 -1.76 -39.56 -12.31
N VAL B 732 -1.90 -38.27 -11.99
CA VAL B 732 -2.63 -37.33 -12.83
C VAL B 732 -1.74 -36.12 -13.09
N GLU B 733 -2.15 -35.31 -14.07
CA GLU B 733 -1.38 -34.15 -14.47
C GLU B 733 -2.34 -33.01 -14.81
N THR B 734 -1.77 -31.91 -15.28
CA THR B 734 -2.58 -30.76 -15.67
C THR B 734 -3.46 -31.09 -16.87
N GLY B 735 -4.72 -30.69 -16.80
CA GLY B 735 -5.65 -30.89 -17.89
C GLY B 735 -6.35 -32.22 -17.92
N ASP B 736 -6.16 -33.06 -16.91
CA ASP B 736 -6.88 -34.32 -16.85
C ASP B 736 -8.24 -34.19 -16.22
N ILE B 737 -9.02 -35.25 -16.26
CA ILE B 737 -10.39 -35.19 -15.72
C ILE B 737 -10.48 -36.02 -14.48
N LEU B 738 -10.91 -35.40 -13.39
CA LEU B 738 -10.96 -36.11 -12.15
C LEU B 738 -12.34 -36.65 -11.91
N VAL B 739 -13.36 -35.82 -12.11
CA VAL B 739 -14.72 -36.27 -11.99
C VAL B 739 -15.43 -35.92 -13.26
N GLY B 740 -16.14 -36.88 -13.85
CA GLY B 740 -16.87 -36.60 -15.07
C GLY B 740 -18.37 -36.57 -14.86
N LYS B 741 -19.02 -35.49 -15.26
CA LYS B 741 -20.45 -35.35 -15.05
C LYS B 741 -21.22 -35.02 -16.32
N LEU B 742 -22.38 -35.64 -16.47
CA LEU B 742 -23.22 -35.41 -17.65
C LEU B 742 -23.87 -34.07 -17.48
N THR B 743 -24.16 -33.72 -16.23
CA THR B 743 -24.89 -32.47 -15.95
C THR B 743 -26.07 -32.17 -16.85
N PRO B 744 -27.12 -33.00 -16.79
CA PRO B 744 -28.28 -32.61 -17.61
C PRO B 744 -29.16 -31.60 -16.91
N GLN B 745 -29.77 -30.70 -17.68
CA GLN B 745 -30.59 -29.66 -17.07
C GLN B 745 -31.72 -29.23 -18.00
N SER B 770 -25.67 -34.09 -22.33
CA SER B 770 -25.96 -32.68 -22.11
C SER B 770 -24.69 -31.86 -22.17
N LYS B 771 -24.25 -31.36 -21.03
CA LYS B 771 -23.01 -30.59 -20.99
C LYS B 771 -21.90 -31.41 -20.37
N GLU B 772 -20.90 -30.74 -19.82
CA GLU B 772 -19.78 -31.44 -19.24
C GLU B 772 -19.17 -30.62 -18.12
N THR B 773 -19.88 -30.46 -17.02
CA THR B 773 -19.27 -29.76 -15.89
C THR B 773 -18.45 -30.79 -15.15
N CYS B 774 -17.19 -30.89 -15.50
CA CYS B 774 -16.34 -31.89 -14.91
C CYS B 774 -15.36 -31.26 -13.93
N LEU B 775 -14.34 -32.01 -13.52
CA LEU B 775 -13.32 -31.43 -12.67
C LEU B 775 -12.05 -31.67 -13.41
N LYS B 776 -11.30 -30.61 -13.64
CA LYS B 776 -10.03 -30.77 -14.30
C LYS B 776 -8.90 -30.32 -13.38
N LEU B 777 -7.68 -30.73 -13.68
CA LEU B 777 -6.56 -30.30 -12.87
C LEU B 777 -5.96 -28.95 -13.35
N PRO B 778 -5.62 -27.99 -12.43
CA PRO B 778 -5.10 -26.73 -12.96
C PRO B 778 -3.60 -26.75 -13.29
N ILE B 779 -3.00 -25.59 -13.62
CA ILE B 779 -1.58 -25.67 -13.96
C ILE B 779 -0.75 -25.82 -12.69
N GLY B 780 0.10 -26.84 -12.69
CA GLY B 780 0.96 -27.14 -11.56
C GLY B 780 0.54 -28.36 -10.76
N GLY B 781 -0.67 -28.88 -10.99
CA GLY B 781 -1.14 -30.03 -10.24
C GLY B 781 -0.72 -31.37 -10.84
N ARG B 782 0.33 -31.97 -10.27
CA ARG B 782 0.84 -33.27 -10.71
C ARG B 782 1.18 -34.10 -9.46
N GLY B 783 0.22 -34.92 -9.03
CA GLY B 783 0.41 -35.74 -7.85
C GLY B 783 -0.43 -36.99 -7.88
N ARG B 784 -0.05 -37.94 -7.04
CA ARG B 784 -0.80 -39.18 -6.93
C ARG B 784 -2.13 -38.93 -6.21
N VAL B 785 -3.18 -39.61 -6.66
CA VAL B 785 -4.51 -39.50 -6.06
C VAL B 785 -4.53 -40.43 -4.86
N ILE B 786 -4.46 -39.87 -3.66
CA ILE B 786 -4.36 -40.70 -2.46
C ILE B 786 -5.72 -41.28 -2.09
N ASP B 787 -6.75 -40.44 -1.98
CA ASP B 787 -8.06 -40.90 -1.57
C ASP B 787 -9.14 -40.00 -2.18
N VAL B 788 -10.32 -40.58 -2.36
CA VAL B 788 -11.49 -39.87 -2.86
C VAL B 788 -12.66 -40.20 -1.93
N ARG B 789 -13.53 -39.21 -1.71
CA ARG B 789 -14.64 -39.35 -0.77
C ARG B 789 -15.95 -39.01 -1.47
N TRP B 790 -16.90 -39.94 -1.41
CA TRP B 790 -18.27 -39.67 -1.80
C TRP B 790 -19.06 -39.29 -0.55
N ILE B 791 -19.42 -38.02 -0.44
CA ILE B 791 -20.03 -37.48 0.77
C ILE B 791 -21.48 -37.13 0.45
N GLN B 792 -22.40 -37.97 0.90
CA GLN B 792 -23.82 -37.65 0.82
C GLN B 792 -24.19 -36.70 1.95
N LYS B 793 -24.79 -35.56 1.60
CA LYS B 793 -25.09 -34.50 2.55
C LYS B 793 -26.51 -34.65 3.06
N ARG B 794 -26.67 -34.65 4.38
CA ARG B 794 -27.96 -34.78 5.02
C ARG B 794 -28.05 -33.80 6.18
N GLY B 795 -29.25 -33.69 6.74
CA GLY B 795 -29.49 -32.77 7.84
C GLY B 795 -29.88 -31.37 7.41
N GLY B 796 -30.00 -31.11 6.11
CA GLY B 796 -30.39 -29.81 5.61
C GLY B 796 -31.87 -29.62 5.39
N SER B 797 -32.71 -30.42 6.05
CA SER B 797 -34.16 -30.42 5.97
C SER B 797 -34.67 -30.89 4.60
N SER B 798 -33.78 -31.24 3.68
CA SER B 798 -34.18 -31.72 2.36
C SER B 798 -33.01 -32.46 1.75
N TYR B 799 -33.27 -33.13 0.62
CA TYR B 799 -32.21 -33.81 -0.11
C TYR B 799 -31.18 -32.81 -0.59
N ASN B 800 -29.91 -33.09 -0.31
CA ASN B 800 -28.82 -32.17 -0.59
C ASN B 800 -27.88 -32.79 -1.60
N PRO B 801 -27.06 -31.98 -2.28
CA PRO B 801 -26.17 -32.52 -3.31
C PRO B 801 -25.02 -33.31 -2.69
N GLU B 802 -24.63 -34.38 -3.39
CA GLU B 802 -23.48 -35.15 -2.97
C GLU B 802 -22.18 -34.41 -3.28
N THR B 803 -21.17 -34.65 -2.46
CA THR B 803 -19.88 -33.97 -2.58
C THR B 803 -18.79 -35.00 -2.83
N ILE B 804 -18.03 -34.80 -3.90
CA ILE B 804 -16.92 -35.69 -4.26
C ILE B 804 -15.63 -34.90 -4.08
N ARG B 805 -14.82 -35.30 -3.11
CA ARG B 805 -13.57 -34.63 -2.78
C ARG B 805 -12.41 -35.54 -3.16
N VAL B 806 -11.56 -35.07 -4.06
CA VAL B 806 -10.35 -35.78 -4.44
C VAL B 806 -9.15 -35.11 -3.77
N TYR B 807 -8.11 -35.90 -3.52
CA TYR B 807 -6.90 -35.42 -2.87
C TYR B 807 -5.70 -35.90 -3.66
N ILE B 808 -4.80 -34.97 -4.02
CA ILE B 808 -3.57 -35.29 -4.71
C ILE B 808 -2.41 -34.90 -3.81
N LEU B 809 -1.35 -35.71 -3.82
CA LEU B 809 -0.16 -35.47 -3.02
C LEU B 809 1.00 -35.15 -3.96
N GLN B 810 1.57 -33.96 -3.83
CA GLN B 810 2.67 -33.50 -4.66
C GLN B 810 3.95 -33.49 -3.85
N LYS B 811 4.92 -34.34 -4.19
CA LYS B 811 6.17 -34.36 -3.47
C LYS B 811 7.05 -33.27 -3.99
N ARG B 812 7.47 -32.37 -3.12
CA ARG B 812 8.22 -31.24 -3.58
C ARG B 812 9.62 -31.28 -3.02
N GLU B 813 10.61 -31.13 -3.89
CA GLU B 813 11.98 -31.17 -3.48
C GLU B 813 12.44 -29.75 -3.40
N ILE B 814 13.66 -29.52 -2.96
CA ILE B 814 14.22 -28.18 -2.90
C ILE B 814 14.70 -27.77 -4.29
N LYS B 815 14.34 -26.57 -4.71
CA LYS B 815 14.60 -26.11 -6.07
C LYS B 815 14.99 -24.64 -6.06
N VAL B 816 15.52 -24.19 -7.18
CA VAL B 816 15.89 -22.79 -7.31
C VAL B 816 14.62 -22.03 -7.23
N GLY B 817 14.61 -20.98 -6.43
CA GLY B 817 13.41 -20.22 -6.23
C GLY B 817 12.71 -20.49 -4.93
N ASP B 818 13.11 -21.52 -4.20
CA ASP B 818 12.53 -21.75 -2.90
C ASP B 818 13.15 -20.88 -1.83
N LYS B 819 12.40 -20.55 -0.80
CA LYS B 819 12.92 -19.69 0.25
C LYS B 819 13.42 -20.50 1.40
N VAL B 820 14.57 -20.14 1.95
CA VAL B 820 15.04 -20.84 3.10
C VAL B 820 15.28 -19.79 4.12
N ALA B 821 15.35 -20.17 5.38
CA ALA B 821 15.49 -19.20 6.42
C ALA B 821 16.15 -19.79 7.63
N GLY B 822 16.56 -18.94 8.53
CA GLY B 822 17.20 -19.38 9.73
C GLY B 822 16.44 -18.76 10.86
N ARG B 823 16.63 -19.26 12.06
CA ARG B 823 15.87 -18.78 13.18
C ARG B 823 16.28 -17.40 13.63
N HIS B 824 17.32 -16.84 13.05
CA HIS B 824 17.81 -15.55 13.48
C HIS B 824 17.42 -14.41 12.60
N GLY B 825 16.43 -14.62 11.76
CA GLY B 825 15.98 -13.57 10.89
C GLY B 825 16.65 -13.55 9.54
N ASN B 826 17.45 -14.56 9.25
CA ASN B 826 18.10 -14.64 7.97
C ASN B 826 17.22 -15.34 6.97
N LYS B 827 16.92 -14.71 5.85
CA LYS B 827 16.05 -15.29 4.84
C LYS B 827 16.71 -15.20 3.50
N GLY B 828 16.47 -16.15 2.62
CA GLY B 828 17.10 -16.15 1.31
C GLY B 828 16.38 -16.97 0.28
N ILE B 829 16.70 -16.80 -1.00
CA ILE B 829 16.12 -17.61 -2.05
C ILE B 829 17.19 -18.36 -2.79
N ILE B 830 17.03 -19.65 -2.98
CA ILE B 830 18.06 -20.45 -3.61
C ILE B 830 18.30 -19.95 -5.01
N SER B 831 19.56 -19.83 -5.42
CA SER B 831 19.89 -19.34 -6.74
C SER B 831 20.61 -20.30 -7.63
N LYS B 832 21.36 -21.23 -7.08
CA LYS B 832 21.99 -22.20 -7.92
C LYS B 832 22.20 -23.49 -7.21
N ILE B 833 22.02 -24.59 -7.91
CA ILE B 833 22.35 -25.85 -7.25
C ILE B 833 23.65 -26.41 -7.83
N LEU B 834 24.77 -26.04 -7.22
CA LEU B 834 26.06 -26.54 -7.68
C LEU B 834 26.29 -27.97 -7.19
N PRO B 835 27.05 -28.77 -7.93
CA PRO B 835 27.41 -30.11 -7.45
C PRO B 835 28.35 -30.03 -6.26
N ARG B 836 28.53 -31.17 -5.60
CA ARG B 836 29.39 -31.23 -4.42
C ARG B 836 30.84 -31.01 -4.78
N GLN B 837 31.24 -31.41 -6.00
CA GLN B 837 32.63 -31.27 -6.40
C GLN B 837 33.03 -29.80 -6.59
N ASP B 838 32.07 -28.95 -6.96
CA ASP B 838 32.37 -27.53 -7.15
C ASP B 838 32.25 -26.76 -5.84
N MET B 839 31.54 -27.32 -4.86
CA MET B 839 31.35 -26.64 -3.59
C MET B 839 32.68 -26.51 -2.84
N PRO B 840 32.84 -25.44 -2.06
CA PRO B 840 34.03 -25.32 -1.22
C PRO B 840 34.02 -26.37 -0.12
N TYR B 841 35.20 -26.94 0.15
CA TYR B 841 35.34 -27.98 1.14
C TYR B 841 36.29 -27.52 2.24
N LEU B 842 36.09 -28.08 3.44
CA LEU B 842 36.87 -27.73 4.61
C LEU B 842 38.21 -28.47 4.59
N GLN B 843 38.95 -28.43 5.67
CA GLN B 843 40.19 -29.20 5.72
C GLN B 843 39.87 -30.64 6.01
N ASP B 844 38.66 -30.91 6.45
CA ASP B 844 38.22 -32.28 6.64
C ASP B 844 38.07 -32.96 5.31
N GLY B 845 37.50 -32.26 4.34
CA GLY B 845 37.29 -32.81 3.04
C GLY B 845 35.84 -32.78 2.65
N ARG B 846 34.97 -32.24 3.49
CA ARG B 846 33.54 -32.28 3.23
C ARG B 846 33.11 -30.95 2.63
N SER B 847 32.27 -31.03 1.59
CA SER B 847 31.76 -29.83 0.94
C SER B 847 30.64 -29.22 1.76
N VAL B 848 30.61 -27.88 1.80
CA VAL B 848 29.57 -27.19 2.55
C VAL B 848 28.23 -27.34 1.84
N ASP B 849 27.15 -27.45 2.63
CA ASP B 849 25.83 -27.63 2.04
C ASP B 849 25.28 -26.32 1.50
N MET B 850 25.50 -25.22 2.20
CA MET B 850 25.04 -23.94 1.73
C MET B 850 26.07 -22.85 1.88
N VAL B 851 26.03 -21.83 1.05
CA VAL B 851 26.93 -20.69 1.21
C VAL B 851 26.11 -19.43 1.36
N PHE B 852 26.36 -18.63 2.39
CA PHE B 852 25.58 -17.43 2.65
C PHE B 852 26.41 -16.16 2.48
N ASN B 853 25.77 -15.01 2.34
CA ASN B 853 26.48 -13.76 2.10
C ASN B 853 26.92 -13.16 3.44
N PRO B 854 28.21 -12.86 3.64
CA PRO B 854 28.68 -12.36 4.93
C PRO B 854 28.38 -10.90 5.18
N LEU B 855 27.81 -10.18 4.21
CA LEU B 855 27.53 -8.76 4.38
C LEU B 855 26.17 -8.50 5.02
N GLY B 856 25.38 -9.54 5.27
CA GLY B 856 24.10 -9.35 5.91
C GLY B 856 24.23 -9.06 7.40
N VAL B 857 25.29 -9.57 8.03
CA VAL B 857 25.45 -9.40 9.48
C VAL B 857 25.53 -7.93 9.88
N PRO B 858 26.36 -7.09 9.27
CA PRO B 858 26.33 -5.67 9.66
C PRO B 858 25.07 -4.95 9.23
N SER B 859 24.41 -5.44 8.17
CA SER B 859 23.22 -4.76 7.67
C SER B 859 22.03 -4.96 8.61
N ARG B 860 21.63 -6.21 8.82
CA ARG B 860 20.44 -6.50 9.63
C ARG B 860 20.78 -6.77 11.10
N MET B 861 22.06 -6.73 11.47
CA MET B 861 22.48 -6.79 12.87
C MET B 861 22.05 -8.10 13.55
N ASN B 862 22.46 -9.21 12.97
CA ASN B 862 22.21 -10.54 13.52
C ASN B 862 23.56 -11.17 13.87
N VAL B 863 23.90 -11.14 15.15
CA VAL B 863 25.17 -11.71 15.62
C VAL B 863 24.98 -13.08 16.25
N GLY B 864 23.77 -13.42 16.70
CA GLY B 864 23.55 -14.71 17.32
C GLY B 864 23.65 -15.87 16.35
N GLN B 865 23.58 -15.57 15.07
CA GLN B 865 23.69 -16.61 14.08
C GLN B 865 25.06 -17.19 14.07
N ILE B 866 26.06 -16.36 14.27
CA ILE B 866 27.42 -16.85 14.29
C ILE B 866 27.61 -17.81 15.44
N PHE B 867 27.05 -17.42 16.57
CA PHE B 867 27.19 -18.24 17.73
C PHE B 867 26.54 -19.56 17.46
N GLU B 868 25.36 -19.54 16.86
CA GLU B 868 24.65 -20.78 16.64
C GLU B 868 25.42 -21.66 15.72
N CYS B 869 25.97 -21.12 14.66
CA CYS B 869 26.66 -21.94 13.72
C CYS B 869 27.79 -22.63 14.42
N SER B 870 28.54 -21.86 15.17
CA SER B 870 29.69 -22.49 15.77
C SER B 870 29.32 -23.56 16.79
N LEU B 871 28.31 -23.28 17.60
CA LEU B 871 27.95 -24.26 18.60
C LEU B 871 27.46 -25.49 17.92
N GLY B 872 26.75 -25.35 16.82
CA GLY B 872 26.29 -26.49 16.08
C GLY B 872 27.40 -27.31 15.51
N LEU B 873 28.42 -26.68 14.97
CA LEU B 873 29.53 -27.49 14.51
C LEU B 873 30.06 -28.24 15.68
N ALA B 874 30.21 -27.58 16.81
CA ALA B 874 30.80 -28.29 17.93
C ALA B 874 29.98 -29.46 18.36
N GLY B 875 28.68 -29.30 18.40
CA GLY B 875 27.80 -30.36 18.80
C GLY B 875 27.81 -31.52 17.85
N SER B 876 27.87 -31.24 16.57
CA SER B 876 27.81 -32.32 15.64
C SER B 876 29.01 -33.17 15.81
N LEU B 877 30.13 -32.56 16.12
CA LEU B 877 31.34 -33.34 16.28
C LEU B 877 31.33 -34.12 17.57
N LEU B 878 30.80 -33.52 18.62
CA LEU B 878 30.80 -34.17 19.91
C LEU B 878 29.52 -34.90 20.19
N ASP B 879 28.54 -34.80 19.30
CA ASP B 879 27.29 -35.55 19.44
C ASP B 879 26.51 -35.05 20.65
N ARG B 880 26.35 -33.74 20.74
CA ARG B 880 25.63 -33.11 21.85
C ARG B 880 24.57 -32.15 21.31
N HIS B 881 23.52 -31.95 22.10
CA HIS B 881 22.47 -30.99 21.80
C HIS B 881 22.40 -29.98 22.94
N TYR B 882 22.38 -28.70 22.60
CA TYR B 882 22.45 -27.61 23.57
C TYR B 882 21.11 -26.89 23.62
N ARG B 883 20.45 -26.95 24.78
CA ARG B 883 19.22 -26.20 25.03
C ARG B 883 19.57 -25.08 26.01
N ILE B 884 19.68 -23.86 25.50
CA ILE B 884 20.17 -22.71 26.27
C ILE B 884 19.03 -21.71 26.45
N ALA B 885 18.78 -21.33 27.70
CA ALA B 885 17.83 -20.28 27.98
C ALA B 885 18.39 -18.93 27.54
N PRO B 886 17.53 -18.01 27.11
CA PRO B 886 18.01 -16.70 26.66
C PRO B 886 18.60 -15.89 27.81
N PHE B 887 19.40 -14.89 27.43
CA PHE B 887 20.04 -13.97 28.37
C PHE B 887 20.96 -14.72 29.33
N ASP B 888 21.89 -15.50 28.76
CA ASP B 888 22.89 -16.19 29.57
C ASP B 888 23.95 -15.26 30.12
N GLU B 889 23.95 -13.98 29.72
CA GLU B 889 24.90 -13.01 30.23
C GLU B 889 24.50 -12.46 31.60
N ARG B 890 23.47 -13.02 32.23
CA ARG B 890 23.16 -12.65 33.60
C ARG B 890 24.16 -13.27 34.58
N TYR B 891 24.77 -14.38 34.18
CA TYR B 891 25.78 -15.01 35.03
C TYR B 891 27.07 -14.21 35.03
N GLU B 892 27.61 -13.89 33.85
CA GLU B 892 28.86 -13.17 33.72
C GLU B 892 28.83 -12.37 32.43
N GLN B 893 29.99 -11.88 32.00
CA GLN B 893 30.14 -11.17 30.75
C GLN B 893 30.72 -12.10 29.70
N GLU B 894 30.22 -12.01 28.47
CA GLU B 894 30.65 -12.85 27.36
C GLU B 894 30.44 -14.34 27.68
N ALA B 895 29.32 -14.64 28.34
CA ALA B 895 29.01 -16.02 28.67
C ALA B 895 28.78 -16.85 27.41
N SER B 896 28.06 -16.29 26.44
CA SER B 896 27.85 -17.00 25.17
C SER B 896 29.16 -17.24 24.46
N ARG B 897 30.04 -16.24 24.43
CA ARG B 897 31.34 -16.39 23.78
C ARG B 897 32.18 -17.46 24.47
N LYS B 898 32.23 -17.42 25.81
CA LYS B 898 32.97 -18.44 26.55
C LYS B 898 32.44 -19.83 26.28
N LEU B 899 31.11 -19.99 26.31
CA LEU B 899 30.51 -21.30 26.06
C LEU B 899 30.85 -21.79 24.65
N VAL B 900 30.68 -20.93 23.65
CA VAL B 900 30.93 -21.34 22.27
C VAL B 900 32.39 -21.73 22.08
N PHE B 901 33.32 -20.90 22.58
CA PHE B 901 34.73 -21.21 22.38
C PHE B 901 35.15 -22.45 23.15
N SER B 902 34.59 -22.66 24.35
CA SER B 902 34.92 -23.85 25.12
C SER B 902 34.43 -25.10 24.42
N GLU B 903 33.26 -25.08 23.85
CA GLU B 903 32.77 -26.28 23.25
C GLU B 903 33.52 -26.59 21.99
N LEU B 904 33.87 -25.58 21.22
CA LEU B 904 34.68 -25.80 20.05
C LEU B 904 36.05 -26.37 20.40
N TYR B 905 36.69 -25.89 21.44
CA TYR B 905 37.97 -26.44 21.76
C TYR B 905 37.84 -27.88 22.09
N GLU B 906 36.82 -28.24 22.81
CA GLU B 906 36.72 -29.61 23.23
C GLU B 906 36.54 -30.49 22.05
N ALA B 907 35.78 -30.05 21.08
CA ALA B 907 35.54 -30.83 19.91
C ALA B 907 36.82 -31.03 19.18
N SER B 908 37.59 -29.97 19.07
CA SER B 908 38.85 -30.06 18.41
C SER B 908 39.79 -30.99 19.10
N LYS B 909 39.84 -30.98 20.41
CA LYS B 909 40.69 -31.95 21.06
C LYS B 909 40.22 -33.38 20.98
N GLN B 910 38.95 -33.63 21.23
CA GLN B 910 38.46 -34.99 21.26
C GLN B 910 38.46 -35.70 19.94
N THR B 911 38.04 -35.02 18.91
CA THR B 911 38.10 -35.59 17.59
C THR B 911 39.21 -34.74 17.22
N ALA B 912 40.32 -35.28 16.79
CA ALA B 912 41.45 -34.42 16.57
C ALA B 912 41.39 -33.70 15.28
N ASN B 913 40.52 -32.72 15.19
CA ASN B 913 40.44 -31.93 14.02
C ASN B 913 40.88 -30.62 14.53
N PRO B 914 42.10 -30.24 14.22
CA PRO B 914 42.62 -29.00 14.75
C PRO B 914 41.90 -27.81 14.19
N TRP B 915 41.33 -27.94 13.02
CA TRP B 915 40.68 -26.83 12.36
C TRP B 915 39.51 -26.25 13.07
N VAL B 916 38.82 -27.03 13.87
CA VAL B 916 37.61 -26.54 14.49
C VAL B 916 37.90 -25.35 15.37
N PHE B 917 38.95 -25.37 16.17
CA PHE B 917 39.29 -24.19 16.94
C PHE B 917 40.62 -23.65 16.49
N GLU B 918 40.60 -22.49 15.85
CA GLU B 918 41.90 -21.91 15.50
C GLU B 918 42.28 -20.87 16.54
N PRO B 919 43.40 -21.05 17.24
CA PRO B 919 43.78 -20.05 18.26
C PRO B 919 43.96 -18.65 17.70
N GLU B 920 44.44 -18.53 16.46
CA GLU B 920 44.63 -17.20 15.88
C GLU B 920 43.30 -16.50 15.65
N TYR B 921 42.32 -17.20 15.09
CA TYR B 921 41.00 -16.65 14.82
C TYR B 921 39.95 -17.68 15.27
N PRO B 922 39.53 -17.61 16.52
CA PRO B 922 38.55 -18.58 17.03
C PRO B 922 37.24 -18.50 16.28
N GLY B 923 36.72 -19.67 15.89
CA GLY B 923 35.48 -19.76 15.17
C GLY B 923 35.60 -19.67 13.67
N LYS B 924 36.78 -19.35 13.15
CA LYS B 924 37.00 -19.21 11.71
C LYS B 924 38.04 -20.22 11.26
N SER B 925 37.82 -20.78 10.07
CA SER B 925 38.74 -21.73 9.47
C SER B 925 39.04 -21.30 8.04
N ARG B 926 40.04 -21.95 7.44
CA ARG B 926 40.47 -21.64 6.08
C ARG B 926 40.06 -22.80 5.17
N ILE B 927 39.13 -22.54 4.26
CA ILE B 927 38.61 -23.56 3.37
C ILE B 927 39.21 -23.40 1.99
N PHE B 928 39.02 -24.40 1.13
CA PHE B 928 39.54 -24.40 -0.22
C PHE B 928 38.42 -24.23 -1.23
N ASP B 929 38.81 -24.01 -2.48
CA ASP B 929 37.86 -23.89 -3.58
C ASP B 929 37.70 -25.25 -4.25
N GLY B 930 36.45 -25.63 -4.51
CA GLY B 930 36.20 -26.90 -5.16
C GLY B 930 36.61 -26.90 -6.62
N ARG B 931 36.50 -25.76 -7.29
CA ARG B 931 36.81 -25.69 -8.71
C ARG B 931 38.31 -25.78 -8.97
N THR B 932 39.08 -24.83 -8.45
CA THR B 932 40.52 -24.76 -8.72
C THR B 932 41.34 -25.59 -7.75
N GLY B 933 40.93 -25.65 -6.49
CA GLY B 933 41.70 -26.33 -5.48
C GLY B 933 42.65 -25.46 -4.69
N ASN B 934 42.57 -24.14 -4.85
CA ASN B 934 43.42 -23.19 -4.16
C ASN B 934 42.73 -22.66 -2.91
N PRO B 935 43.47 -22.46 -1.83
CA PRO B 935 42.86 -21.94 -0.60
C PRO B 935 42.45 -20.49 -0.77
N PHE B 936 41.43 -20.09 -0.02
CA PHE B 936 41.02 -18.69 0.00
C PHE B 936 41.92 -17.89 0.92
N GLU B 937 42.03 -16.59 0.64
CA GLU B 937 42.98 -15.75 1.38
C GLU B 937 42.58 -15.60 2.84
N GLN B 938 41.35 -15.18 3.10
CA GLN B 938 40.89 -14.93 4.46
C GLN B 938 40.09 -16.10 4.99
N PRO B 939 40.12 -16.33 6.30
CA PRO B 939 39.30 -17.39 6.90
C PRO B 939 37.81 -17.06 6.88
N VAL B 940 37.01 -18.12 6.82
CA VAL B 940 35.55 -17.99 6.74
C VAL B 940 34.93 -18.69 7.95
N ILE B 941 33.69 -18.32 8.24
CA ILE B 941 32.95 -18.92 9.35
C ILE B 941 32.34 -20.23 8.88
N ILE B 942 32.60 -21.31 9.62
CA ILE B 942 32.08 -22.63 9.33
C ILE B 942 31.23 -23.08 10.50
N GLY B 943 29.96 -23.42 10.22
CA GLY B 943 29.05 -23.87 11.25
C GLY B 943 27.93 -24.68 10.65
N LYS B 944 27.04 -25.15 11.54
CA LYS B 944 25.87 -25.96 11.16
C LYS B 944 24.64 -25.37 11.82
N PRO B 945 24.08 -24.31 11.24
CA PRO B 945 22.86 -23.72 11.80
C PRO B 945 21.63 -24.55 11.45
N TYR B 946 20.50 -24.11 11.98
CA TYR B 946 19.20 -24.74 11.73
C TYR B 946 18.47 -23.95 10.65
N ILE B 947 18.33 -24.55 9.47
CA ILE B 947 17.73 -23.90 8.32
C ILE B 947 16.33 -24.46 8.13
N LEU B 948 15.36 -23.61 7.82
CA LEU B 948 13.99 -24.05 7.66
C LEU B 948 13.61 -23.83 6.23
N LYS B 949 12.62 -24.55 5.72
CA LYS B 949 12.14 -24.32 4.36
C LYS B 949 10.80 -23.70 4.45
N LEU B 950 10.63 -22.53 3.85
CA LEU B 950 9.39 -21.81 4.00
C LEU B 950 8.26 -22.20 3.08
N ILE B 951 7.03 -21.89 3.46
CA ILE B 951 5.85 -22.28 2.70
C ILE B 951 5.79 -21.70 1.32
N HIS B 952 6.20 -20.46 1.20
CA HIS B 952 6.19 -19.84 -0.08
C HIS B 952 7.14 -20.63 -0.94
N GLN B 953 6.66 -21.07 -2.08
CA GLN B 953 7.49 -21.90 -2.92
C GLN B 953 7.30 -21.45 -4.33
N VAL B 954 8.28 -21.69 -5.17
CA VAL B 954 8.21 -21.20 -6.52
C VAL B 954 7.06 -21.77 -7.30
N ASP B 955 6.75 -23.04 -7.10
CA ASP B 955 5.71 -23.66 -7.90
C ASP B 955 4.41 -22.96 -7.68
N ASP B 956 4.13 -22.58 -6.45
CA ASP B 956 2.92 -21.85 -6.15
C ASP B 956 2.91 -20.48 -6.76
N LYS B 957 4.07 -19.87 -6.94
CA LYS B 957 4.09 -18.51 -7.44
C LYS B 957 4.25 -18.35 -8.95
N ILE B 958 4.47 -19.45 -9.66
CA ILE B 958 4.63 -19.39 -11.10
C ILE B 958 3.30 -19.18 -11.74
N HIS B 959 3.24 -18.38 -12.78
CA HIS B 959 1.99 -18.02 -13.43
C HIS B 959 2.26 -17.52 -14.83
N GLY B 960 1.33 -17.73 -15.76
CA GLY B 960 1.49 -17.21 -17.11
C GLY B 960 0.21 -17.27 -17.92
N ARG B 961 -0.13 -16.19 -18.62
CA ARG B 961 -1.37 -16.16 -19.38
C ARG B 961 -1.13 -15.75 -20.78
N SER B 962 -1.85 -16.33 -21.72
CA SER B 962 -1.74 -15.88 -23.08
C SER B 962 -2.98 -15.09 -23.40
N SER B 963 -4.10 -15.76 -23.58
CA SER B 963 -5.33 -15.08 -23.93
C SER B 963 -6.65 -15.65 -23.46
N GLY B 964 -6.68 -16.45 -22.42
CA GLY B 964 -7.92 -17.13 -22.08
C GLY B 964 -9.32 -16.74 -21.63
N HIS B 965 -9.49 -15.88 -20.64
CA HIS B 965 -10.85 -15.62 -20.16
C HIS B 965 -11.11 -14.20 -19.74
N TYR B 966 -12.36 -13.77 -19.84
CA TYR B 966 -12.63 -12.38 -19.54
C TYR B 966 -13.81 -12.17 -18.64
N ALA B 967 -13.82 -11.08 -17.90
CA ALA B 967 -14.90 -10.78 -17.00
C ALA B 967 -16.16 -10.43 -17.72
N LEU B 968 -17.29 -10.76 -17.12
CA LEU B 968 -18.55 -10.54 -17.80
C LEU B 968 -18.85 -9.09 -18.06
N VAL B 969 -18.61 -8.22 -17.10
CA VAL B 969 -18.99 -6.84 -17.31
C VAL B 969 -17.84 -5.98 -17.75
N THR B 970 -16.73 -6.03 -17.05
CA THR B 970 -15.57 -5.26 -17.43
C THR B 970 -14.96 -5.75 -18.72
N GLN B 971 -14.93 -7.05 -18.91
CA GLN B 971 -14.34 -7.67 -20.09
C GLN B 971 -12.85 -7.60 -20.07
N GLN B 972 -12.29 -7.25 -18.93
CA GLN B 972 -10.85 -7.24 -18.77
C GLN B 972 -10.47 -8.65 -18.47
N PRO B 973 -9.18 -8.98 -18.55
CA PRO B 973 -8.80 -10.32 -18.16
C PRO B 973 -9.06 -10.60 -16.68
N LEU B 974 -9.24 -11.85 -16.31
CA LEU B 974 -9.53 -12.23 -14.92
C LEU B 974 -8.39 -12.11 -13.92
N ARG B 975 -8.69 -12.09 -12.63
CA ARG B 975 -7.68 -11.94 -11.59
C ARG B 975 -7.44 -13.24 -10.84
N GLY B 976 -6.25 -13.43 -10.27
CA GLY B 976 -5.93 -14.62 -9.53
C GLY B 976 -5.11 -15.61 -10.34
N ARG B 977 -4.21 -16.31 -9.66
CA ARG B 977 -3.37 -17.29 -10.34
C ARG B 977 -4.16 -18.55 -10.70
N ALA B 978 -5.06 -18.98 -9.81
CA ALA B 978 -5.84 -20.17 -10.07
C ALA B 978 -6.80 -19.97 -11.25
N LYS B 979 -7.28 -18.74 -11.42
CA LYS B 979 -8.21 -18.41 -12.50
C LYS B 979 -7.53 -18.15 -13.82
N GLN B 980 -6.21 -18.33 -13.90
CA GLN B 980 -5.42 -18.09 -15.11
C GLN B 980 -5.66 -16.67 -15.65
N GLY B 981 -5.23 -15.70 -14.86
CA GLY B 981 -5.37 -14.30 -15.22
C GLY B 981 -4.01 -13.64 -15.37
N GLY B 982 -4.02 -12.52 -16.09
CA GLY B 982 -2.81 -11.76 -16.33
C GLY B 982 -2.45 -10.86 -15.15
N GLN B 983 -1.43 -10.03 -15.39
CA GLN B 983 -0.94 -9.09 -14.39
C GLN B 983 -1.54 -7.72 -14.65
N ARG B 984 -1.57 -6.90 -13.59
CA ARG B 984 -2.25 -5.61 -13.62
C ARG B 984 -1.25 -4.48 -13.84
N VAL B 985 -1.59 -3.57 -14.74
CA VAL B 985 -0.81 -2.37 -14.99
C VAL B 985 -1.52 -1.23 -14.26
N GLY B 986 -0.99 -0.88 -13.08
CA GLY B 986 -1.60 0.15 -12.25
C GLY B 986 -1.22 1.55 -12.69
N GLU B 987 -1.68 2.52 -11.90
CA GLU B 987 -1.43 3.92 -12.22
C GLU B 987 0.05 4.26 -12.07
N MET B 988 0.73 3.68 -11.08
CA MET B 988 2.15 3.96 -10.90
C MET B 988 3.02 3.39 -12.00
N GLU B 989 2.49 2.48 -12.82
CA GLU B 989 3.21 1.96 -13.98
C GLU B 989 2.88 2.70 -15.26
N VAL B 990 1.63 3.16 -15.41
CA VAL B 990 1.28 4.03 -16.52
C VAL B 990 2.10 5.31 -16.46
N TRP B 991 2.35 5.81 -15.25
CA TRP B 991 3.18 6.99 -15.10
C TRP B 991 4.60 6.75 -15.59
N ALA B 992 5.18 5.59 -15.26
CA ALA B 992 6.52 5.27 -15.73
C ALA B 992 6.55 5.10 -17.24
N LEU B 993 5.54 4.43 -17.79
CA LEU B 993 5.48 4.27 -19.24
C LEU B 993 5.36 5.61 -19.96
N GLU B 994 4.59 6.54 -19.39
CA GLU B 994 4.47 7.87 -19.98
C GLU B 994 5.75 8.68 -19.82
N GLY B 995 6.46 8.49 -18.70
CA GLY B 995 7.73 9.16 -18.53
C GLY B 995 8.79 8.66 -19.50
N PHE B 996 8.77 7.36 -19.80
CA PHE B 996 9.69 6.83 -20.80
C PHE B 996 9.32 7.30 -22.21
N GLY B 997 8.05 7.61 -22.44
CA GLY B 997 7.61 8.08 -23.73
C GLY B 997 7.08 7.00 -24.66
N VAL B 998 6.79 5.81 -24.15
CA VAL B 998 6.29 4.72 -24.98
C VAL B 998 4.77 4.81 -25.09
N ALA B 999 4.30 5.58 -26.06
CA ALA B 999 2.86 5.78 -26.22
C ALA B 999 2.19 4.56 -26.83
N HIS B 1000 2.86 3.92 -27.79
CA HIS B 1000 2.24 2.77 -28.46
C HIS B 1000 2.11 1.58 -27.53
N ILE B 1001 3.11 1.36 -26.67
CA ILE B 1001 3.03 0.26 -25.71
C ILE B 1001 1.87 0.49 -24.74
N LEU B 1002 1.75 1.71 -24.23
CA LEU B 1002 0.64 2.02 -23.33
C LEU B 1002 -0.70 1.85 -24.03
N GLN B 1003 -0.80 2.31 -25.28
CA GLN B 1003 -2.05 2.18 -26.02
C GLN B 1003 -2.41 0.72 -26.24
N GLU B 1004 -1.42 -0.11 -26.61
CA GLU B 1004 -1.69 -1.51 -26.85
C GLU B 1004 -2.14 -2.21 -25.57
N MET B 1005 -1.48 -1.91 -24.45
CA MET B 1005 -1.84 -2.53 -23.18
C MET B 1005 -3.21 -2.07 -22.71
N LEU B 1006 -3.55 -0.81 -22.95
CA LEU B 1006 -4.84 -0.26 -22.53
C LEU B 1006 -5.98 -0.65 -23.45
N THR B 1007 -5.69 -1.08 -24.68
CA THR B 1007 -6.83 -1.43 -25.54
C THR B 1007 -6.91 -2.91 -25.87
N TYR B 1008 -5.90 -3.49 -26.53
CA TYR B 1008 -6.17 -4.78 -27.15
C TYR B 1008 -5.63 -5.94 -26.31
N LYS B 1009 -4.66 -5.67 -25.44
CA LYS B 1009 -4.28 -6.69 -24.48
C LYS B 1009 -5.24 -6.74 -23.29
N SER B 1010 -6.11 -5.75 -23.14
CA SER B 1010 -6.97 -5.70 -21.97
C SER B 1010 -8.46 -5.82 -22.29
N ASP B 1011 -9.00 -4.90 -23.11
CA ASP B 1011 -10.43 -4.69 -23.14
C ASP B 1011 -11.04 -4.67 -24.53
N HIS B 1012 -10.26 -4.40 -25.57
CA HIS B 1012 -10.82 -4.19 -26.90
C HIS B 1012 -11.16 -5.55 -27.50
N ILE B 1013 -12.45 -5.89 -27.50
CA ILE B 1013 -12.88 -7.23 -27.89
C ILE B 1013 -12.52 -7.50 -29.34
N ARG B 1014 -12.89 -6.58 -30.23
CA ARG B 1014 -12.61 -6.78 -31.65
C ARG B 1014 -11.11 -6.82 -31.91
N ALA B 1015 -10.40 -5.88 -31.34
CA ALA B 1015 -9.00 -5.86 -31.64
C ALA B 1015 -8.41 -7.14 -31.12
N ARG B 1016 -8.82 -7.57 -29.94
CA ARG B 1016 -8.23 -8.76 -29.37
C ARG B 1016 -8.52 -9.97 -30.21
N GLN B 1017 -9.73 -10.04 -30.75
CA GLN B 1017 -10.08 -11.14 -31.61
C GLN B 1017 -9.18 -11.08 -32.83
N GLU B 1018 -8.89 -9.89 -33.33
CA GLU B 1018 -8.11 -9.81 -34.55
C GLU B 1018 -6.64 -10.06 -34.29
N VAL B 1019 -6.19 -9.87 -33.05
CA VAL B 1019 -4.77 -10.03 -32.72
C VAL B 1019 -4.32 -11.46 -32.97
N LEU B 1020 -5.11 -12.44 -32.53
CA LEU B 1020 -4.73 -13.84 -32.72
C LEU B 1020 -4.62 -14.17 -34.21
N GLY B 1021 -5.58 -13.72 -35.01
CA GLY B 1021 -5.52 -13.97 -36.44
C GLY B 1021 -4.32 -13.32 -37.10
N THR B 1022 -4.05 -12.07 -36.74
CA THR B 1022 -2.92 -11.36 -37.34
C THR B 1022 -1.59 -11.98 -36.93
N THR B 1023 -1.51 -12.51 -35.70
CA THR B 1023 -0.29 -13.14 -35.25
C THR B 1023 -0.09 -14.49 -35.90
N ILE B 1024 -1.17 -15.27 -36.06
CA ILE B 1024 -1.05 -16.57 -36.70
C ILE B 1024 -0.71 -16.41 -38.19
N ILE B 1025 -1.35 -15.47 -38.87
CA ILE B 1025 -1.03 -15.22 -40.27
C ILE B 1025 0.34 -14.56 -40.40
N GLY B 1026 0.65 -13.63 -39.50
CA GLY B 1026 1.91 -12.91 -39.53
C GLY B 1026 1.80 -11.47 -39.97
N GLY B 1027 0.61 -10.96 -40.23
CA GLY B 1027 0.46 -9.59 -40.67
C GLY B 1027 0.65 -8.59 -39.55
N THR B 1028 0.85 -7.33 -39.94
CA THR B 1028 1.01 -6.26 -38.97
C THR B 1028 -0.30 -5.96 -38.28
N ILE B 1029 -0.24 -5.68 -36.98
CA ILE B 1029 -1.43 -5.42 -36.18
C ILE B 1029 -1.76 -3.93 -36.32
N PRO B 1030 -2.95 -3.58 -36.82
CA PRO B 1030 -3.29 -2.16 -36.96
C PRO B 1030 -3.57 -1.52 -35.61
N ASN B 1031 -3.42 -0.20 -35.56
CA ASN B 1031 -3.67 0.54 -34.33
C ASN B 1031 -5.17 0.68 -34.12
N PRO B 1032 -5.69 0.29 -32.96
CA PRO B 1032 -7.14 0.40 -32.72
C PRO B 1032 -7.57 1.86 -32.66
N GLU B 1033 -8.71 2.15 -33.27
CA GLU B 1033 -9.27 3.50 -33.29
C GLU B 1033 -10.55 3.61 -32.47
N ASP B 1034 -11.25 2.51 -32.22
CA ASP B 1034 -12.47 2.54 -31.44
C ASP B 1034 -12.14 2.66 -29.95
N ALA B 1035 -13.13 3.13 -29.18
CA ALA B 1035 -12.94 3.27 -27.75
C ALA B 1035 -13.01 1.89 -27.07
N PRO B 1036 -12.24 1.70 -26.00
CA PRO B 1036 -12.29 0.42 -25.28
C PRO B 1036 -13.63 0.23 -24.58
N GLU B 1037 -13.85 -1.01 -24.13
CA GLU B 1037 -15.11 -1.33 -23.47
C GLU B 1037 -15.26 -0.59 -22.15
N SER B 1038 -14.14 -0.22 -21.52
CA SER B 1038 -14.21 0.53 -20.26
C SER B 1038 -14.83 1.91 -20.48
N PHE B 1039 -14.42 2.60 -21.54
CA PHE B 1039 -14.99 3.91 -21.83
C PHE B 1039 -16.46 3.80 -22.19
N ARG B 1040 -16.80 2.78 -22.96
CA ARG B 1040 -18.17 2.62 -23.39
C ARG B 1040 -19.02 2.36 -22.19
N LEU B 1041 -18.48 1.63 -21.23
CA LEU B 1041 -19.21 1.37 -20.02
C LEU B 1041 -19.47 2.66 -19.31
N LEU B 1042 -18.48 3.52 -19.27
CA LEU B 1042 -18.63 4.75 -18.54
C LEU B 1042 -19.73 5.54 -19.17
N VAL B 1043 -19.75 5.57 -20.49
CA VAL B 1043 -20.74 6.38 -21.14
C VAL B 1043 -22.08 5.87 -20.76
N ARG B 1044 -22.26 4.55 -20.78
CA ARG B 1044 -23.54 3.97 -20.46
C ARG B 1044 -23.94 4.25 -19.04
N GLU B 1045 -22.98 4.23 -18.15
CA GLU B 1045 -23.29 4.49 -16.77
C GLU B 1045 -23.67 5.92 -16.60
N LEU B 1046 -22.85 6.83 -17.06
CA LEU B 1046 -23.14 8.25 -16.95
C LEU B 1046 -24.46 8.61 -17.60
N ARG B 1047 -24.81 7.96 -18.72
CA ARG B 1047 -26.09 8.24 -19.33
C ARG B 1047 -27.24 7.60 -18.58
N SER B 1048 -26.98 6.51 -17.83
CA SER B 1048 -27.94 6.06 -16.84
C SER B 1048 -28.10 7.10 -15.73
N LEU B 1049 -27.02 7.82 -15.42
CA LEU B 1049 -27.06 8.96 -14.53
C LEU B 1049 -27.48 10.25 -15.22
N ALA B 1050 -28.03 10.14 -16.43
CA ALA B 1050 -28.54 11.28 -17.19
C ALA B 1050 -27.44 12.26 -17.57
N LEU B 1051 -26.23 11.76 -17.82
CA LEU B 1051 -25.10 12.57 -18.23
C LEU B 1051 -24.58 12.05 -19.58
N GLU B 1052 -24.43 12.95 -20.55
CA GLU B 1052 -23.97 12.55 -21.87
C GLU B 1052 -22.45 12.62 -21.97
N LEU B 1053 -21.92 11.91 -22.96
CA LEU B 1053 -20.49 11.92 -23.26
C LEU B 1053 -20.31 11.51 -24.71
N ASN B 1054 -19.72 12.40 -25.52
CA ASN B 1054 -19.49 12.13 -26.93
C ASN B 1054 -18.04 12.49 -27.26
N HIS B 1055 -17.40 11.67 -28.11
CA HIS B 1055 -16.03 11.93 -28.49
C HIS B 1055 -15.91 13.20 -29.32
N PHE B 1056 -16.64 13.25 -30.45
CA PHE B 1056 -16.73 14.45 -31.28
C PHE B 1056 -15.35 14.95 -31.72
N LEU B 1057 -14.69 14.15 -32.56
CA LEU B 1057 -13.44 14.57 -33.16
C LEU B 1057 -13.72 15.43 -34.39
N VAL B 1058 -12.91 16.47 -34.58
CA VAL B 1058 -13.09 17.44 -35.65
C VAL B 1058 -11.93 17.31 -36.62
N SER B 1059 -12.23 17.24 -37.92
CA SER B 1059 -11.19 17.13 -38.93
C SER B 1059 -10.61 18.50 -39.23
N GLU B 1060 -9.28 18.58 -39.22
CA GLU B 1060 -8.61 19.86 -39.48
C GLU B 1060 -8.68 20.22 -40.95
N LYS B 1061 -8.92 19.23 -41.82
CA LYS B 1061 -8.95 19.49 -43.26
C LYS B 1061 -10.19 20.26 -43.67
N ASN B 1062 -11.37 19.73 -43.34
CA ASN B 1062 -12.62 20.29 -43.83
C ASN B 1062 -13.52 20.83 -42.71
N PHE B 1063 -13.03 20.87 -41.47
CA PHE B 1063 -13.75 21.48 -40.36
C PHE B 1063 -15.11 20.83 -40.14
N GLN B 1064 -15.12 19.51 -40.05
CA GLN B 1064 -16.34 18.74 -39.83
C GLN B 1064 -16.25 17.97 -38.53
N ILE B 1065 -17.36 17.90 -37.82
CA ILE B 1065 -17.45 17.18 -36.54
C ILE B 1065 -17.98 15.77 -36.81
N ASN B 1066 -17.27 14.77 -36.30
CA ASN B 1066 -17.64 13.37 -36.49
C ASN B 1066 -17.72 12.70 -35.13
N ARG B 1067 -18.89 12.14 -34.81
CA ARG B 1067 -19.09 11.46 -33.54
C ARG B 1067 -18.59 10.03 -33.62
N LYS B 1068 -17.87 9.60 -32.59
CA LYS B 1068 -17.38 8.22 -32.48
C LYS B 1068 -18.24 7.48 -31.46
N GLU B 1069 -18.90 6.43 -31.91
CA GLU B 1069 -19.77 5.63 -31.05
C GLU B 1069 -19.18 4.25 -30.79
N MET C 8 7.21 25.27 -39.79
CA MET C 8 6.97 24.00 -39.13
C MET C 8 5.52 23.87 -38.68
N ILE C 9 4.62 23.68 -39.65
CA ILE C 9 3.21 23.51 -39.33
C ILE C 9 3.02 22.20 -38.58
N ASP C 10 2.41 22.27 -37.41
CA ASP C 10 2.20 21.08 -36.60
C ASP C 10 1.02 20.26 -37.11
N ARG C 11 0.98 18.99 -36.71
CA ARG C 11 -0.11 18.10 -37.05
C ARG C 11 -1.26 18.36 -36.08
N TYR C 12 -2.34 18.96 -36.58
CA TYR C 12 -3.43 19.41 -35.73
C TYR C 12 -4.42 18.28 -35.49
N LYS C 13 -4.52 17.85 -34.24
CA LYS C 13 -5.51 16.88 -33.82
C LYS C 13 -6.52 17.57 -32.91
N HIS C 14 -7.80 17.48 -33.26
CA HIS C 14 -8.87 18.18 -32.56
C HIS C 14 -9.88 17.16 -32.05
N GLN C 15 -9.91 16.97 -30.74
CA GLN C 15 -10.87 16.07 -30.09
C GLN C 15 -11.45 16.80 -28.88
N GLN C 16 -12.78 16.83 -28.80
CA GLN C 16 -13.47 17.57 -27.75
C GLN C 16 -14.58 16.71 -27.14
N LEU C 17 -14.33 16.17 -25.96
CA LEU C 17 -15.38 15.49 -25.22
C LEU C 17 -16.34 16.52 -24.63
N ARG C 18 -17.62 16.16 -24.60
CA ARG C 18 -18.64 17.07 -24.14
C ARG C 18 -19.58 16.35 -23.18
N ILE C 19 -19.95 17.03 -22.09
CA ILE C 19 -20.83 16.50 -21.07
C ILE C 19 -21.92 17.52 -20.80
N GLY C 20 -23.09 17.02 -20.43
CA GLY C 20 -24.21 17.89 -20.13
C GLY C 20 -25.42 17.09 -19.71
N SER C 21 -26.45 17.81 -19.28
CA SER C 21 -27.72 17.21 -18.90
C SER C 21 -28.52 16.90 -20.15
N VAL C 22 -29.14 15.72 -20.16
CA VAL C 22 -29.83 15.22 -21.34
C VAL C 22 -31.33 15.40 -21.14
N SER C 23 -32.02 15.75 -22.22
CA SER C 23 -33.46 15.89 -22.19
C SER C 23 -34.13 14.53 -22.13
N PRO C 24 -35.39 14.47 -21.67
CA PRO C 24 -36.09 13.18 -21.69
C PRO C 24 -36.30 12.64 -23.09
N GLN C 25 -36.36 13.51 -24.10
CA GLN C 25 -36.48 13.06 -25.48
C GLN C 25 -35.27 12.22 -25.89
N GLN C 26 -34.07 12.67 -25.52
CA GLN C 26 -32.87 11.91 -25.85
C GLN C 26 -32.77 10.59 -25.09
N ILE C 27 -33.12 10.58 -23.81
CA ILE C 27 -33.06 9.31 -23.06
C ILE C 27 -34.17 8.38 -23.54
N SER C 28 -35.22 8.92 -24.15
CA SER C 28 -36.22 8.09 -24.80
C SER C 28 -35.71 7.51 -26.11
N ALA C 29 -35.05 8.34 -26.92
CA ALA C 29 -34.50 7.91 -28.20
C ALA C 29 -33.32 6.98 -28.05
N TRP C 30 -32.69 6.93 -26.87
CA TRP C 30 -31.67 5.94 -26.59
C TRP C 30 -32.23 4.53 -26.48
N ALA C 31 -33.54 4.40 -26.23
CA ALA C 31 -34.18 3.11 -26.01
C ALA C 31 -35.29 2.83 -27.02
N THR C 32 -35.99 3.86 -27.49
CA THR C 32 -37.10 3.66 -28.39
C THR C 32 -36.65 3.06 -29.71
N LYS C 33 -37.36 2.02 -30.14
CA LYS C 33 -37.12 1.38 -31.43
C LYS C 33 -38.45 0.98 -32.04
N ILE C 34 -38.49 0.96 -33.37
CA ILE C 34 -39.72 0.68 -34.11
C ILE C 34 -39.58 -0.69 -34.76
N LEU C 35 -40.37 -1.65 -34.28
CA LEU C 35 -40.36 -2.98 -34.84
C LEU C 35 -41.04 -3.00 -36.21
N PRO C 36 -40.93 -4.10 -36.94
CA PRO C 36 -41.60 -4.17 -38.25
C PRO C 36 -43.11 -4.11 -38.16
N ASN C 37 -43.71 -4.65 -37.10
CA ASN C 37 -45.16 -4.60 -36.95
C ASN C 37 -45.64 -3.18 -36.73
N GLY C 38 -44.83 -2.35 -36.07
CA GLY C 38 -45.19 -0.97 -35.79
C GLY C 38 -45.24 -0.60 -34.33
N GLU C 39 -44.95 -1.51 -33.41
CA GLU C 39 -44.98 -1.18 -31.99
C GLU C 39 -43.67 -0.50 -31.57
N ILE C 40 -43.72 0.19 -30.43
CA ILE C 40 -42.56 0.88 -29.86
C ILE C 40 -42.08 0.09 -28.65
N VAL C 41 -40.78 -0.21 -28.63
CA VAL C 41 -40.17 -0.96 -27.53
C VAL C 41 -39.17 -0.07 -26.83
N GLY C 42 -38.86 -0.43 -25.58
CA GLY C 42 -37.91 0.33 -24.79
C GLY C 42 -38.41 0.60 -23.38
N GLU C 43 -39.72 0.61 -23.19
CA GLU C 43 -40.29 0.89 -21.88
C GLU C 43 -40.18 -0.32 -20.97
N VAL C 44 -39.64 -0.11 -19.77
CA VAL C 44 -39.62 -1.12 -18.73
C VAL C 44 -40.82 -0.89 -17.81
N THR C 45 -41.64 -1.92 -17.63
CA THR C 45 -42.88 -1.77 -16.87
C THR C 45 -43.11 -2.85 -15.83
N LYS C 46 -42.32 -3.91 -15.80
CA LYS C 46 -42.53 -4.98 -14.85
C LYS C 46 -41.27 -5.25 -14.05
N PRO C 47 -41.40 -5.46 -12.74
CA PRO C 47 -40.21 -5.71 -11.91
C PRO C 47 -39.56 -7.06 -12.17
N TYR C 48 -40.23 -7.97 -12.86
CA TYR C 48 -39.69 -9.31 -13.07
C TYR C 48 -38.39 -9.25 -13.88
N THR C 49 -37.41 -10.03 -13.45
CA THR C 49 -36.16 -10.10 -14.20
C THR C 49 -36.15 -11.39 -15.02
N PHE C 50 -36.41 -12.52 -14.36
CA PHE C 50 -36.39 -13.81 -15.05
C PHE C 50 -37.58 -14.67 -14.68
N HIS C 51 -37.94 -15.63 -15.54
CA HIS C 51 -39.08 -16.50 -15.29
C HIS C 51 -38.88 -17.44 -14.11
N TYR C 52 -39.98 -17.96 -13.56
CA TYR C 52 -39.90 -18.83 -12.39
C TYR C 52 -39.49 -20.23 -12.80
N LYS C 53 -38.32 -20.66 -12.32
CA LYS C 53 -37.81 -22.02 -12.55
C LYS C 53 -37.75 -22.34 -14.04
N THR C 54 -37.46 -21.33 -14.86
CA THR C 54 -37.32 -21.51 -16.29
C THR C 54 -36.05 -20.83 -16.79
N ASN C 55 -35.55 -19.87 -15.99
CA ASN C 55 -34.32 -19.14 -16.31
C ASN C 55 -34.41 -18.44 -17.67
N LYS C 56 -35.60 -17.93 -17.97
CA LYS C 56 -35.86 -17.26 -19.24
C LYS C 56 -36.22 -15.80 -18.99
N PRO C 57 -35.79 -14.89 -19.85
CA PRO C 57 -36.11 -13.47 -19.66
C PRO C 57 -37.61 -13.22 -19.74
N GLU C 58 -38.14 -12.56 -18.72
CA GLU C 58 -39.57 -12.22 -18.72
C GLU C 58 -39.86 -11.09 -19.69
N LYS C 59 -41.05 -11.10 -20.26
CA LYS C 59 -41.45 -10.09 -21.23
C LYS C 59 -41.74 -8.76 -20.53
N ASP C 60 -41.33 -7.67 -21.17
CA ASP C 60 -41.52 -6.32 -20.65
C ASP C 60 -40.96 -6.19 -19.23
N GLY C 61 -39.81 -6.83 -19.00
CA GLY C 61 -39.16 -6.81 -17.71
C GLY C 61 -37.80 -6.15 -17.76
N LEU C 62 -37.06 -6.26 -16.67
CA LEU C 62 -35.73 -5.66 -16.59
C LEU C 62 -34.76 -6.32 -17.56
N PHE C 63 -34.96 -7.60 -17.81
CA PHE C 63 -34.09 -8.32 -18.75
C PHE C 63 -34.80 -8.67 -20.05
N CYS C 64 -35.96 -8.07 -20.30
CA CYS C 64 -36.73 -8.39 -21.50
C CYS C 64 -35.94 -8.47 -22.80
N GLU C 65 -36.19 -9.51 -23.58
CA GLU C 65 -35.49 -9.66 -24.85
C GLU C 65 -36.00 -8.66 -25.88
N ARG C 66 -37.29 -8.32 -25.82
CA ARG C 66 -37.90 -7.49 -26.86
C ARG C 66 -37.32 -6.08 -26.83
N ILE C 67 -37.21 -5.49 -25.64
CA ILE C 67 -36.83 -4.08 -25.56
C ILE C 67 -35.32 -3.91 -25.65
N PHE C 68 -34.56 -4.88 -25.15
CA PHE C 68 -33.09 -4.78 -25.14
C PHE C 68 -32.48 -5.57 -26.29
N GLY C 69 -32.71 -6.88 -26.36
CA GLY C 69 -32.14 -7.71 -27.40
C GLY C 69 -32.12 -9.17 -27.04
N PRO C 70 -31.67 -10.02 -27.96
CA PRO C 70 -31.68 -11.47 -27.70
C PRO C 70 -30.56 -11.84 -26.74
N ILE C 71 -30.75 -12.95 -26.01
CA ILE C 71 -29.74 -13.41 -25.07
C ILE C 71 -28.66 -14.26 -25.74
N LYS C 72 -28.93 -14.80 -26.92
CA LYS C 72 -27.96 -15.63 -27.62
C LYS C 72 -27.77 -15.11 -29.04
N SER C 73 -26.58 -15.36 -29.59
CA SER C 73 -26.25 -14.91 -30.94
C SER C 73 -26.93 -15.82 -31.96
N GLY C 74 -27.79 -15.22 -32.78
CA GLY C 74 -28.52 -15.96 -33.80
C GLY C 74 -29.74 -16.70 -33.31
N ILE C 75 -29.91 -16.88 -32.01
CA ILE C 75 -31.08 -17.54 -31.45
C ILE C 75 -32.05 -16.46 -30.97
N CYS C 76 -33.32 -16.83 -30.85
CA CYS C 76 -34.36 -15.91 -30.43
C CYS C 76 -35.27 -16.59 -29.41
N ALA C 77 -36.10 -15.77 -28.75
CA ALA C 77 -37.03 -16.29 -27.75
C ALA C 77 -38.17 -17.08 -28.38
N CYS C 78 -38.43 -16.89 -29.68
CA CYS C 78 -39.51 -17.64 -30.34
C CYS C 78 -39.14 -19.10 -30.54
N GLY C 79 -37.86 -19.42 -30.67
CA GLY C 79 -37.41 -20.80 -30.80
C GLY C 79 -36.87 -21.17 -32.17
N ASN C 80 -36.76 -20.22 -33.09
CA ASN C 80 -36.24 -20.48 -34.43
C ASN C 80 -34.93 -19.73 -34.61
N TYR C 81 -33.85 -20.46 -34.84
CA TYR C 81 -32.55 -19.85 -35.05
C TYR C 81 -32.44 -19.29 -36.46
N ARG C 82 -31.72 -18.18 -36.60
CA ARG C 82 -31.53 -17.54 -37.89
C ARG C 82 -30.10 -17.02 -38.01
N VAL C 83 -29.66 -16.82 -39.25
CA VAL C 83 -28.31 -16.34 -39.54
C VAL C 83 -28.41 -14.93 -40.09
N ILE C 84 -27.77 -13.98 -39.39
CA ILE C 84 -27.78 -12.60 -39.83
C ILE C 84 -26.77 -12.40 -40.94
N GLY C 85 -27.13 -11.60 -41.93
CA GLY C 85 -26.25 -11.34 -43.06
C GLY C 85 -26.26 -12.41 -44.13
N ASP C 86 -27.18 -13.37 -44.07
CA ASP C 86 -27.23 -14.42 -45.07
C ASP C 86 -27.69 -13.88 -46.41
N GLU C 87 -27.33 -14.60 -47.49
CA GLU C 87 -27.73 -14.19 -48.82
C GLU C 87 -29.24 -14.22 -49.00
N LYS C 88 -29.89 -15.25 -48.46
CA LYS C 88 -31.35 -15.36 -48.56
C LYS C 88 -32.01 -14.29 -47.71
N GLU C 89 -33.14 -13.78 -48.19
CA GLU C 89 -33.86 -12.75 -47.46
C GLU C 89 -34.39 -13.29 -46.15
N ASP C 90 -34.07 -12.60 -45.05
CA ASP C 90 -34.50 -13.00 -43.73
C ASP C 90 -35.06 -11.79 -42.99
N PRO C 91 -36.17 -11.96 -42.27
CA PRO C 91 -36.73 -10.84 -41.52
C PRO C 91 -35.82 -10.45 -40.36
N LYS C 92 -35.61 -9.14 -40.19
CA LYS C 92 -34.71 -8.67 -39.13
C LYS C 92 -35.20 -9.10 -37.75
N PHE C 93 -36.51 -9.04 -37.53
CA PHE C 93 -37.08 -9.46 -36.26
C PHE C 93 -38.24 -10.41 -36.49
N CYS C 94 -38.39 -11.40 -35.62
CA CYS C 94 -39.49 -12.35 -35.76
C CYS C 94 -40.84 -11.66 -35.59
N GLU C 95 -41.82 -12.01 -36.40
CA GLU C 95 -43.15 -11.44 -36.21
C GLU C 95 -43.73 -11.87 -34.88
N GLN C 96 -43.60 -13.16 -34.55
CA GLN C 96 -44.12 -13.67 -33.28
C GLN C 96 -43.43 -13.10 -32.06
N CYS C 97 -42.10 -12.98 -32.12
CA CYS C 97 -41.34 -12.49 -30.96
C CYS C 97 -40.57 -11.23 -31.30
N GLY C 98 -40.66 -10.23 -30.44
CA GLY C 98 -40.01 -8.95 -30.73
C GLY C 98 -38.50 -9.01 -30.87
N VAL C 99 -37.87 -10.00 -30.25
CA VAL C 99 -36.42 -10.05 -30.27
C VAL C 99 -35.85 -10.11 -31.68
N GLU C 100 -34.85 -9.29 -31.94
CA GLU C 100 -34.23 -9.23 -33.26
C GLU C 100 -33.19 -10.33 -33.42
N PHE C 101 -32.86 -10.68 -34.65
CA PHE C 101 -31.80 -11.66 -34.85
C PHE C 101 -30.49 -10.91 -35.00
N VAL C 102 -29.75 -10.81 -33.91
CA VAL C 102 -28.47 -10.09 -33.92
C VAL C 102 -27.53 -10.73 -32.91
N ASP C 103 -26.24 -10.43 -33.02
CA ASP C 103 -25.29 -10.94 -32.04
C ASP C 103 -25.66 -10.35 -30.69
N SER C 104 -25.52 -11.13 -29.63
CA SER C 104 -25.92 -10.64 -28.32
C SER C 104 -24.85 -9.79 -27.67
N ARG C 105 -24.43 -8.74 -28.35
CA ARG C 105 -23.47 -7.81 -27.77
C ARG C 105 -24.29 -6.58 -27.45
N ILE C 106 -25.46 -6.49 -28.05
CA ILE C 106 -26.29 -5.32 -27.86
C ILE C 106 -26.73 -5.27 -26.40
N ARG C 107 -26.92 -6.39 -25.77
CA ARG C 107 -27.44 -6.31 -24.43
C ARG C 107 -26.43 -5.51 -23.62
N ARG C 108 -25.17 -5.56 -24.01
CA ARG C 108 -24.17 -4.76 -23.34
C ARG C 108 -24.33 -3.27 -23.55
N TYR C 109 -24.69 -2.87 -24.75
CA TYR C 109 -24.76 -1.46 -25.04
C TYR C 109 -26.15 -0.96 -25.17
N GLN C 110 -27.13 -1.62 -24.60
CA GLN C 110 -28.47 -1.11 -24.89
C GLN C 110 -29.22 -0.65 -23.75
N MET C 111 -29.81 0.51 -23.86
CA MET C 111 -30.41 1.07 -22.72
C MET C 111 -31.89 1.04 -22.71
N GLY C 112 -32.46 1.39 -21.61
CA GLY C 112 -33.90 1.37 -21.38
C GLY C 112 -34.36 2.63 -20.68
N TYR C 113 -35.66 2.72 -20.38
CA TYR C 113 -36.18 3.88 -19.67
C TYR C 113 -37.54 3.54 -19.07
N ILE C 114 -37.77 3.98 -17.83
CA ILE C 114 -39.04 3.79 -17.15
C ILE C 114 -39.76 5.13 -17.11
N LYS C 115 -40.98 5.16 -17.63
CA LYS C 115 -41.79 6.36 -17.55
C LYS C 115 -42.32 6.55 -16.13
N LEU C 116 -42.15 7.76 -15.60
CA LEU C 116 -42.56 8.08 -14.25
C LEU C 116 -43.82 8.94 -14.29
N ALA C 117 -44.85 8.52 -13.55
CA ALA C 117 -46.08 9.30 -13.49
C ALA C 117 -45.86 10.63 -12.77
N CYS C 118 -45.19 10.59 -11.61
CA CYS C 118 -44.83 11.80 -10.90
C CYS C 118 -43.36 12.11 -11.12
N PRO C 119 -43.01 13.36 -11.46
CA PRO C 119 -41.60 13.69 -11.68
C PRO C 119 -40.79 13.54 -10.41
N VAL C 120 -39.48 13.35 -10.59
CA VAL C 120 -38.53 13.24 -9.49
C VAL C 120 -37.44 14.28 -9.68
N THR C 121 -36.74 14.59 -8.60
CA THR C 121 -35.69 15.60 -8.60
C THR C 121 -34.34 14.93 -8.42
N HIS C 122 -33.36 15.39 -9.20
CA HIS C 122 -32.01 14.81 -9.12
C HIS C 122 -31.40 15.11 -7.76
N VAL C 123 -30.80 14.08 -7.15
CA VAL C 123 -30.19 14.24 -5.83
C VAL C 123 -28.98 15.17 -5.89
N TRP C 124 -28.18 15.05 -6.95
CA TRP C 124 -26.97 15.85 -7.06
C TRP C 124 -27.27 17.35 -7.05
N TYR C 125 -28.30 17.77 -7.78
CA TYR C 125 -28.61 19.18 -7.86
C TYR C 125 -29.29 19.68 -6.58
N LEU C 126 -30.15 18.85 -5.99
CA LEU C 126 -30.95 19.30 -4.86
C LEU C 126 -30.19 19.20 -3.55
N LYS C 127 -29.80 17.99 -3.16
CA LYS C 127 -29.39 17.71 -1.78
C LYS C 127 -27.89 17.86 -1.55
N ARG C 128 -27.15 18.41 -2.50
CA ARG C 128 -25.77 18.77 -2.22
C ARG C 128 -25.72 20.12 -1.52
N LEU C 129 -24.65 20.34 -0.75
CA LEU C 129 -24.54 21.58 0.01
C LEU C 129 -24.59 22.81 -0.90
N PRO C 130 -23.84 22.88 -2.01
CA PRO C 130 -24.19 23.89 -3.03
C PRO C 130 -25.35 23.41 -3.90
N SER C 131 -26.53 23.99 -3.71
CA SER C 131 -27.73 23.54 -4.41
C SER C 131 -27.96 24.42 -5.64
N TYR C 132 -27.82 23.82 -6.83
CA TYR C 132 -28.04 24.59 -8.05
C TYR C 132 -29.50 24.99 -8.20
N ILE C 133 -30.42 24.12 -7.77
CA ILE C 133 -31.84 24.46 -7.84
C ILE C 133 -32.17 25.58 -6.86
N ALA C 134 -31.62 25.51 -5.65
CA ALA C 134 -31.84 26.59 -4.68
C ALA C 134 -31.12 27.86 -5.11
N ASN C 135 -30.04 27.72 -5.90
CA ASN C 135 -29.35 28.89 -6.42
C ASN C 135 -30.18 29.60 -7.49
N LEU C 136 -30.72 28.84 -8.44
CA LEU C 136 -31.54 29.44 -9.50
C LEU C 136 -32.85 29.97 -8.93
N LEU C 137 -33.57 29.15 -8.18
CA LEU C 137 -34.81 29.55 -7.52
C LEU C 137 -34.45 30.12 -6.16
N ASP C 138 -34.56 31.44 -6.01
CA ASP C 138 -34.08 32.11 -4.80
C ASP C 138 -34.74 31.60 -3.53
N LYS C 139 -35.77 30.77 -3.64
CA LYS C 139 -36.38 30.11 -2.49
C LYS C 139 -35.32 29.35 -1.70
N PRO C 140 -35.41 29.34 -0.38
CA PRO C 140 -34.39 28.66 0.43
C PRO C 140 -34.36 27.15 0.18
N LEU C 141 -33.25 26.54 0.56
CA LEU C 141 -33.08 25.11 0.36
C LEU C 141 -34.03 24.30 1.24
N LYS C 142 -34.27 24.76 2.46
CA LYS C 142 -35.19 24.05 3.35
C LYS C 142 -36.60 24.02 2.78
N GLU C 143 -37.03 25.12 2.15
CA GLU C 143 -38.36 25.16 1.55
C GLU C 143 -38.48 24.14 0.42
N LEU C 144 -37.46 24.04 -0.43
CA LEU C 144 -37.51 23.09 -1.53
C LEU C 144 -37.45 21.65 -1.02
N GLU C 145 -36.59 21.39 -0.03
CA GLU C 145 -36.50 20.04 0.53
C GLU C 145 -37.81 19.63 1.17
N GLY C 146 -38.49 20.57 1.83
CA GLY C 146 -39.82 20.28 2.34
C GLY C 146 -40.81 19.98 1.23
N LEU C 147 -40.93 20.90 0.27
CA LEU C 147 -41.87 20.73 -0.83
C LEU C 147 -41.63 19.42 -1.58
N VAL C 148 -40.40 18.92 -1.54
CA VAL C 148 -40.09 17.66 -2.21
C VAL C 148 -40.46 16.48 -1.33
N TYR C 149 -40.10 16.52 -0.05
CA TYR C 149 -40.21 15.35 0.81
C TYR C 149 -41.37 15.41 1.79
N CYS C 150 -41.71 16.58 2.33
CA CYS C 150 -42.77 16.72 3.32
C CYS C 150 -43.94 17.46 2.69
N ASP C 151 -45.12 16.82 2.69
CA ASP C 151 -46.26 17.35 1.98
C ASP C 151 -46.52 18.82 2.32
N PHE C 152 -46.36 19.67 1.31
CA PHE C 152 -46.57 21.11 1.44
C PHE C 152 -47.22 21.59 0.15
N SER C 153 -47.35 22.91 0.02
CA SER C 153 -47.94 23.50 -1.18
C SER C 153 -47.21 24.79 -1.53
N PHE C 154 -47.03 25.00 -2.84
CA PHE C 154 -46.50 26.25 -3.37
C PHE C 154 -47.60 26.99 -4.10
N ALA C 155 -47.84 28.24 -3.72
CA ALA C 155 -49.03 28.95 -4.18
C ALA C 155 -48.98 29.26 -5.67
N ARG C 156 -47.90 29.89 -6.13
CA ARG C 156 -47.80 30.31 -7.53
C ARG C 156 -46.57 29.68 -8.18
N PRO C 157 -46.73 28.56 -8.89
CA PRO C 157 -45.60 27.95 -9.58
C PRO C 157 -45.39 28.42 -11.01
N ILE C 158 -46.38 29.11 -11.59
CA ILE C 158 -46.30 29.60 -12.96
C ILE C 158 -46.40 31.12 -12.92
N THR C 159 -45.50 31.79 -13.64
CA THR C 159 -45.49 33.25 -13.70
C THR C 159 -45.70 33.76 -15.12
N LYS C 160 -46.02 32.89 -16.08
CA LYS C 160 -46.26 33.29 -17.46
C LYS C 160 -47.70 33.01 -17.90
N LYS C 161 -48.59 32.72 -16.97
CA LYS C 161 -49.98 32.46 -17.28
C LYS C 161 -50.88 33.24 -16.33
N PRO C 162 -52.14 33.47 -16.71
CA PRO C 162 -53.05 34.20 -15.83
C PRO C 162 -53.35 33.40 -14.57
N THR C 163 -53.47 34.11 -13.44
CA THR C 163 -53.77 33.49 -12.15
C THR C 163 -54.88 34.26 -11.47
N PHE C 164 -56.03 33.62 -11.29
CA PHE C 164 -57.15 34.28 -10.64
C PHE C 164 -56.92 34.41 -9.14
N LEU C 165 -56.44 33.33 -8.50
CA LEU C 165 -56.20 33.35 -7.08
C LEU C 165 -55.00 34.24 -6.74
N ARG C 166 -55.12 34.98 -5.63
CA ARG C 166 -54.10 35.92 -5.20
C ARG C 166 -53.37 35.47 -3.94
N LEU C 167 -53.11 34.16 -3.81
CA LEU C 167 -52.38 33.67 -2.64
C LEU C 167 -50.98 34.26 -2.59
N ARG C 168 -50.18 34.03 -3.64
CA ARG C 168 -48.82 34.56 -3.76
C ARG C 168 -47.97 34.24 -2.54
N GLY C 169 -47.95 32.97 -2.12
CA GLY C 169 -47.16 32.57 -0.98
C GLY C 169 -46.03 31.64 -1.36
N LEU C 170 -44.99 31.60 -0.52
CA LEU C 170 -43.83 30.77 -0.80
C LEU C 170 -44.07 29.33 -0.35
N PHE C 171 -44.29 29.13 0.95
CA PHE C 171 -44.49 27.79 1.50
C PHE C 171 -45.86 27.75 2.18
N GLU C 172 -46.75 26.90 1.67
CA GLU C 172 -48.05 26.68 2.30
C GLU C 172 -47.95 25.43 3.16
N TYR C 173 -47.83 25.62 4.48
CA TYR C 173 -47.61 24.51 5.40
C TYR C 173 -48.81 23.59 5.53
N GLU C 174 -49.99 24.00 5.07
CA GLU C 174 -51.19 23.18 5.19
C GLU C 174 -52.15 23.50 4.06
N ILE C 175 -53.01 22.53 3.73
CA ILE C 175 -54.05 22.73 2.74
C ILE C 175 -55.38 23.16 3.39
N GLN C 176 -55.32 23.62 4.64
CA GLN C 176 -56.53 24.01 5.36
C GLN C 176 -57.25 25.19 4.71
N SER C 177 -56.60 25.90 3.79
CA SER C 177 -57.27 26.95 3.03
C SER C 177 -58.48 26.39 2.30
N TRP C 178 -59.52 27.20 2.18
CA TRP C 178 -60.77 26.75 1.58
C TRP C 178 -60.57 26.39 0.12
N LYS C 179 -60.67 25.08 -0.19
CA LYS C 179 -60.56 24.60 -1.56
C LYS C 179 -61.72 23.72 -1.99
N TYR C 180 -62.50 23.16 -1.05
CA TYR C 180 -63.65 22.36 -1.45
C TYR C 180 -64.76 23.22 -2.04
N SER C 181 -65.01 24.38 -1.42
CA SER C 181 -65.98 25.31 -1.99
C SER C 181 -65.49 25.85 -3.34
N ILE C 182 -64.18 26.04 -3.48
CA ILE C 182 -63.64 26.48 -4.76
C ILE C 182 -63.77 25.39 -5.82
N PRO C 183 -63.53 24.12 -5.53
CA PRO C 183 -63.63 23.10 -6.59
C PRO C 183 -65.06 22.84 -7.02
N LEU C 184 -65.99 22.80 -6.06
CA LEU C 184 -67.40 22.58 -6.42
C LEU C 184 -67.94 23.73 -7.25
N PHE C 185 -67.59 24.96 -6.86
CA PHE C 185 -68.06 26.15 -7.60
C PHE C 185 -67.70 26.06 -9.06
N PHE C 186 -66.41 25.93 -9.34
CA PHE C 186 -65.97 25.78 -10.72
C PHE C 186 -66.34 24.40 -11.21
N THR C 187 -66.39 24.19 -12.51
CA THR C 187 -66.62 22.85 -13.00
C THR C 187 -65.44 22.03 -12.51
N THR C 188 -65.66 20.78 -12.13
CA THR C 188 -64.58 19.97 -11.58
C THR C 188 -63.47 19.79 -12.60
N GLN C 189 -63.84 19.57 -13.85
CA GLN C 189 -62.84 19.47 -14.91
C GLN C 189 -62.11 20.79 -15.03
N GLY C 190 -62.84 21.89 -14.92
CA GLY C 190 -62.22 23.21 -14.98
C GLY C 190 -61.25 23.44 -13.84
N PHE C 191 -61.59 22.98 -12.64
CA PHE C 191 -60.71 23.13 -11.50
C PHE C 191 -59.42 22.37 -11.75
N ASP C 192 -59.53 21.18 -12.33
CA ASP C 192 -58.36 20.41 -12.65
C ASP C 192 -57.51 21.15 -13.66
N THR C 193 -58.16 21.82 -14.61
CA THR C 193 -57.44 22.53 -15.66
C THR C 193 -56.56 23.66 -15.10
N PHE C 194 -57.06 24.39 -14.11
CA PHE C 194 -56.28 25.52 -13.61
C PHE C 194 -55.47 25.26 -12.33
N ARG C 195 -55.65 24.11 -11.69
CA ARG C 195 -54.94 23.87 -10.44
C ARG C 195 -53.43 23.95 -10.64
N ASN C 196 -52.96 23.65 -11.85
CA ASN C 196 -51.52 23.74 -12.12
C ASN C 196 -51.02 25.18 -12.04
N ARG C 197 -51.77 26.14 -12.58
CA ARG C 197 -51.46 27.54 -12.36
C ARG C 197 -51.75 27.93 -10.92
N GLU C 198 -52.61 27.18 -10.25
CA GLU C 198 -52.91 27.40 -8.85
C GLU C 198 -51.88 26.68 -7.98
N ILE C 199 -52.17 26.55 -6.68
CA ILE C 199 -51.24 25.91 -5.77
C ILE C 199 -50.91 24.51 -6.25
N SER C 200 -49.61 24.20 -6.32
CA SER C 200 -49.12 22.91 -6.75
C SER C 200 -48.28 22.29 -5.65
N THR C 201 -48.07 20.98 -5.73
CA THR C 201 -47.39 20.25 -4.67
C THR C 201 -46.49 19.17 -5.24
N GLY C 202 -45.41 18.88 -4.51
CA GLY C 202 -44.56 17.74 -4.75
C GLY C 202 -43.49 17.91 -5.81
N ALA C 203 -43.88 17.79 -7.08
CA ALA C 203 -42.86 17.87 -8.14
C ALA C 203 -43.29 18.69 -9.34
N GLY C 204 -44.48 19.31 -9.33
CA GLY C 204 -44.89 20.16 -10.42
C GLY C 204 -44.47 21.61 -10.25
N ALA C 205 -44.43 22.09 -9.01
CA ALA C 205 -44.02 23.48 -8.76
C ALA C 205 -42.58 23.71 -9.17
N ILE C 206 -41.69 22.77 -8.84
CA ILE C 206 -40.28 22.92 -9.19
C ILE C 206 -40.11 22.95 -10.70
N ARG C 207 -40.78 22.05 -11.41
CA ARG C 207 -40.66 22.00 -12.86
C ARG C 207 -41.23 23.27 -13.50
N GLU C 208 -42.34 23.78 -12.98
CA GLU C 208 -42.92 24.99 -13.55
C GLU C 208 -42.04 26.20 -13.26
N GLN C 209 -41.40 26.25 -12.09
CA GLN C 209 -40.50 27.36 -11.77
C GLN C 209 -39.26 27.32 -12.66
N LEU C 210 -38.69 26.13 -12.84
CA LEU C 210 -37.51 26.02 -13.70
C LEU C 210 -37.85 26.30 -15.16
N ALA C 211 -39.05 25.91 -15.59
CA ALA C 211 -39.43 26.11 -16.99
C ALA C 211 -39.81 27.57 -17.24
N ASP C 212 -40.75 28.11 -16.47
CA ASP C 212 -41.22 29.48 -16.64
C ASP C 212 -40.28 30.39 -15.85
N LEU C 213 -39.18 30.79 -16.49
CA LEU C 213 -38.18 31.62 -15.84
C LEU C 213 -37.38 32.34 -16.90
N ASP C 214 -37.05 33.60 -16.61
CA ASP C 214 -36.30 34.45 -17.52
C ASP C 214 -34.93 34.71 -16.91
N LEU C 215 -33.89 34.12 -17.51
CA LEU C 215 -32.54 34.26 -16.97
C LEU C 215 -32.05 35.69 -17.02
N ARG C 216 -32.50 36.46 -18.02
CA ARG C 216 -32.09 37.85 -18.13
C ARG C 216 -32.65 38.68 -16.97
N ILE C 217 -33.92 38.47 -16.63
CA ILE C 217 -34.49 39.14 -15.47
C ILE C 217 -33.75 38.72 -14.20
N ILE C 218 -33.34 37.45 -14.14
CA ILE C 218 -32.64 36.93 -12.95
C ILE C 218 -31.31 37.63 -12.79
N ILE C 219 -30.52 37.73 -13.86
CA ILE C 219 -29.21 38.37 -13.75
C ILE C 219 -29.37 39.86 -13.51
N GLU C 220 -30.40 40.47 -14.09
CA GLU C 220 -30.64 41.89 -13.85
C GLU C 220 -30.93 42.15 -12.37
N ASN C 221 -31.87 41.39 -11.79
CA ASN C 221 -32.21 41.58 -10.40
C ASN C 221 -31.04 41.26 -9.49
N SER C 222 -30.24 40.24 -9.83
CA SER C 222 -29.10 39.90 -9.00
C SER C 222 -28.02 40.97 -9.06
N LEU C 223 -27.80 41.56 -10.25
CA LEU C 223 -26.85 42.67 -10.36
C LEU C 223 -27.34 43.88 -9.57
N VAL C 224 -28.66 44.15 -9.62
CA VAL C 224 -29.20 45.27 -8.85
C VAL C 224 -29.00 45.05 -7.36
N GLU C 225 -29.32 43.84 -6.87
CA GLU C 225 -29.17 43.57 -5.45
C GLU C 225 -27.70 43.58 -5.04
N TRP C 226 -26.80 43.16 -5.93
CA TRP C 226 -25.38 43.24 -5.64
C TRP C 226 -24.91 44.69 -5.55
N GLU C 227 -25.39 45.54 -6.45
CA GLU C 227 -25.02 46.96 -6.41
C GLU C 227 -25.56 47.62 -5.15
N GLU C 228 -26.75 47.22 -4.72
CA GLU C 228 -27.34 47.78 -3.51
C GLU C 228 -26.53 47.37 -2.27
N LEU C 229 -26.29 46.08 -2.10
CA LEU C 229 -25.53 45.60 -0.95
C LEU C 229 -24.06 45.96 -1.08
N GLY C 230 -23.38 46.02 0.07
CA GLY C 230 -21.98 46.35 0.12
C GLY C 230 -21.65 47.81 0.32
N GLU C 231 -22.67 48.67 0.42
CA GLU C 231 -22.42 50.10 0.61
C GLU C 231 -21.82 50.37 1.99
N GLU C 232 -22.43 49.81 3.04
CA GLU C 232 -21.93 50.02 4.40
C GLU C 232 -21.99 48.75 5.23
N GLY C 233 -22.02 47.57 4.59
CA GLY C 233 -22.08 46.33 5.35
C GLY C 233 -20.81 46.04 6.11
N HIS C 234 -19.67 46.37 5.52
CA HIS C 234 -18.39 46.10 6.18
C HIS C 234 -18.25 46.90 7.48
N THR C 235 -18.89 48.08 7.54
CA THR C 235 -18.79 48.90 8.75
C THR C 235 -19.46 48.23 9.94
N GLY C 236 -20.42 47.34 9.68
CA GLY C 236 -21.16 46.67 10.73
C GLY C 236 -20.34 45.63 11.47
N ASN C 237 -21.03 44.80 12.25
CA ASN C 237 -20.37 43.77 13.02
C ASN C 237 -19.89 42.64 12.11
N GLU C 238 -19.11 41.72 12.69
CA GLU C 238 -18.60 40.59 11.93
C GLU C 238 -19.74 39.68 11.47
N TRP C 239 -20.79 39.56 12.28
CA TRP C 239 -21.94 38.73 11.90
C TRP C 239 -22.68 39.34 10.72
N GLU C 240 -22.95 40.65 10.77
CA GLU C 240 -23.66 41.30 9.67
C GLU C 240 -22.80 41.33 8.41
N ASP C 241 -21.50 41.59 8.55
CA ASP C 241 -20.61 41.57 7.39
C ASP C 241 -20.56 40.17 6.78
N ARG C 242 -20.55 39.13 7.63
CA ARG C 242 -20.54 37.76 7.13
C ARG C 242 -21.83 37.45 6.38
N LYS C 243 -22.98 37.89 6.91
CA LYS C 243 -24.24 37.66 6.22
C LYS C 243 -24.27 38.37 4.87
N VAL C 244 -23.79 39.62 4.83
CA VAL C 244 -23.76 40.36 3.57
C VAL C 244 -22.83 39.68 2.57
N GLY C 245 -21.70 39.19 3.05
CA GLY C 245 -20.75 38.51 2.18
C GLY C 245 -21.32 37.23 1.60
N ARG C 246 -21.98 36.44 2.43
CA ARG C 246 -22.59 35.20 1.97
C ARG C 246 -23.68 35.47 0.94
N ARG C 247 -24.49 36.49 1.19
CA ARG C 247 -25.55 36.84 0.26
C ARG C 247 -24.92 37.27 -1.07
N LYS C 248 -23.88 38.09 -0.99
CA LYS C 248 -23.20 38.55 -2.21
C LYS C 248 -22.64 37.38 -3.00
N ASP C 249 -22.04 36.40 -2.31
CA ASP C 249 -21.51 35.23 -2.99
C ASP C 249 -22.63 34.42 -3.63
N PHE C 250 -23.76 34.28 -2.93
CA PHE C 250 -24.91 33.60 -3.51
C PHE C 250 -25.41 34.31 -4.76
N LEU C 251 -25.44 35.65 -4.72
CA LEU C 251 -25.86 36.41 -5.90
C LEU C 251 -24.90 36.21 -7.06
N VAL C 252 -23.59 36.21 -6.79
CA VAL C 252 -22.62 36.02 -7.84
C VAL C 252 -22.74 34.63 -8.46
N ARG C 253 -22.94 33.61 -7.61
CA ARG C 253 -23.13 32.26 -8.14
C ARG C 253 -24.40 32.16 -8.96
N ARG C 254 -25.47 32.85 -8.54
CA ARG C 254 -26.70 32.87 -9.32
C ARG C 254 -26.49 33.52 -10.68
N VAL C 255 -25.76 34.64 -10.70
CA VAL C 255 -25.45 35.30 -11.96
C VAL C 255 -24.67 34.37 -12.88
N GLU C 256 -23.66 33.69 -12.33
CA GLU C 256 -22.84 32.80 -13.15
C GLU C 256 -23.66 31.64 -13.70
N LEU C 257 -24.49 31.03 -12.85
CA LEU C 257 -25.33 29.93 -13.30
C LEU C 257 -26.28 30.36 -14.41
N ALA C 258 -26.92 31.52 -14.25
CA ALA C 258 -27.85 31.99 -15.27
C ALA C 258 -27.12 32.35 -16.56
N LYS C 259 -25.96 33.00 -16.46
CA LYS C 259 -25.21 33.35 -17.66
C LYS C 259 -24.74 32.11 -18.41
N HIS C 260 -24.34 31.07 -17.69
CA HIS C 260 -23.96 29.82 -18.35
C HIS C 260 -25.18 29.17 -18.99
N PHE C 261 -26.33 29.17 -18.29
CA PHE C 261 -27.54 28.57 -18.84
C PHE C 261 -28.01 29.30 -20.09
N ILE C 262 -27.70 30.59 -20.21
CA ILE C 262 -28.14 31.35 -21.37
C ILE C 262 -27.53 30.81 -22.66
N ARG C 263 -26.24 30.48 -22.62
CA ARG C 263 -25.48 30.15 -23.83
C ARG C 263 -24.81 28.78 -23.73
N THR C 264 -25.58 27.75 -23.34
CA THR C 264 -25.04 26.40 -23.27
C THR C 264 -25.96 25.36 -23.91
N ASN C 265 -27.02 25.79 -24.59
CA ASN C 265 -28.05 24.90 -25.15
C ASN C 265 -28.45 23.79 -24.18
N ILE C 266 -28.49 24.13 -22.89
CA ILE C 266 -28.98 23.23 -21.85
C ILE C 266 -30.04 23.98 -21.05
N GLU C 267 -31.12 23.28 -20.73
CA GLU C 267 -32.25 23.89 -20.05
C GLU C 267 -32.30 23.44 -18.59
N PRO C 268 -32.58 24.36 -17.67
CA PRO C 268 -32.73 23.94 -16.26
C PRO C 268 -33.93 23.05 -16.04
N GLU C 269 -34.84 22.97 -17.01
CA GLU C 269 -35.98 22.06 -16.90
C GLU C 269 -35.53 20.62 -16.75
N TRP C 270 -34.37 20.28 -17.31
CA TRP C 270 -33.88 18.91 -17.30
C TRP C 270 -33.31 18.48 -15.96
N MET C 271 -33.25 19.38 -14.97
CA MET C 271 -32.76 18.97 -13.65
C MET C 271 -33.75 18.06 -12.95
N VAL C 272 -35.05 18.30 -13.14
CA VAL C 272 -36.09 17.39 -12.67
C VAL C 272 -36.34 16.35 -13.74
N LEU C 273 -36.23 15.08 -13.37
CA LEU C 273 -36.25 13.97 -14.33
C LEU C 273 -37.70 13.52 -14.54
N CYS C 274 -38.20 13.70 -15.75
CA CYS C 274 -39.51 13.16 -16.09
C CYS C 274 -39.43 11.65 -16.33
N LEU C 275 -38.40 11.20 -17.03
CA LEU C 275 -38.19 9.79 -17.32
C LEU C 275 -36.80 9.38 -16.85
N LEU C 276 -36.68 8.16 -16.34
CA LEU C 276 -35.43 7.66 -15.79
C LEU C 276 -34.84 6.60 -16.71
N PRO C 277 -33.59 6.76 -17.15
CA PRO C 277 -32.98 5.73 -18.01
C PRO C 277 -32.66 4.47 -17.21
N VAL C 278 -32.56 3.35 -17.93
CA VAL C 278 -32.24 2.08 -17.32
C VAL C 278 -30.98 1.54 -17.94
N LEU C 279 -30.06 1.08 -17.13
CA LEU C 279 -28.76 0.62 -17.62
C LEU C 279 -28.94 -0.60 -18.48
N PRO C 280 -28.00 -0.83 -19.38
CA PRO C 280 -28.07 -2.05 -20.17
C PRO C 280 -28.01 -3.28 -19.32
N PRO C 281 -28.71 -4.34 -19.73
CA PRO C 281 -28.80 -5.52 -18.89
C PRO C 281 -27.49 -6.19 -18.56
N GLU C 282 -26.61 -6.33 -19.53
CA GLU C 282 -25.39 -7.05 -19.27
C GLU C 282 -24.57 -6.38 -18.23
N LEU C 283 -24.61 -5.05 -18.22
CA LEU C 283 -23.81 -4.28 -17.27
C LEU C 283 -24.28 -4.48 -15.84
N ARG C 284 -25.49 -4.99 -15.65
CA ARG C 284 -25.99 -5.29 -14.32
C ARG C 284 -26.49 -6.71 -14.41
N PRO C 285 -25.58 -7.68 -14.51
CA PRO C 285 -26.02 -9.05 -14.75
C PRO C 285 -26.55 -9.82 -13.55
N ILE C 286 -27.70 -10.46 -13.67
CA ILE C 286 -28.17 -11.30 -12.56
C ILE C 286 -27.94 -12.71 -12.99
N MET C 295 -25.77 -13.79 -6.96
CA MET C 295 -25.51 -13.21 -8.27
C MET C 295 -26.21 -11.88 -8.57
N SER C 296 -27.45 -11.75 -8.13
CA SER C 296 -28.22 -10.52 -8.43
C SER C 296 -27.60 -9.28 -7.81
N SER C 297 -27.64 -8.17 -8.54
CA SER C 297 -27.03 -6.93 -8.06
C SER C 297 -28.01 -6.00 -7.35
N ASP C 298 -27.50 -5.09 -6.53
CA ASP C 298 -28.35 -4.13 -5.86
C ASP C 298 -28.93 -3.17 -6.86
N ILE C 299 -28.14 -2.81 -7.83
CA ILE C 299 -28.63 -1.94 -8.86
C ILE C 299 -29.96 -2.47 -9.25
N ASN C 300 -30.01 -3.76 -9.53
CA ASN C 300 -31.27 -4.32 -10.02
C ASN C 300 -32.31 -4.41 -8.91
N GLU C 301 -31.88 -4.56 -7.66
CA GLU C 301 -32.84 -4.54 -6.55
C GLU C 301 -33.50 -3.18 -6.43
N LEU C 302 -32.70 -2.10 -6.48
CA LEU C 302 -33.26 -0.76 -6.47
C LEU C 302 -34.13 -0.51 -7.70
N TYR C 303 -33.74 -1.06 -8.85
CA TYR C 303 -34.56 -0.92 -10.05
C TYR C 303 -35.91 -1.58 -9.87
N ARG C 304 -35.93 -2.80 -9.31
CA ARG C 304 -37.20 -3.47 -9.05
C ARG C 304 -38.04 -2.67 -8.06
N ARG C 305 -37.41 -2.12 -7.02
CA ARG C 305 -38.15 -1.34 -6.04
C ARG C 305 -38.80 -0.12 -6.68
N VAL C 306 -38.04 0.64 -7.49
CA VAL C 306 -38.61 1.84 -8.09
C VAL C 306 -39.66 1.47 -9.13
N ILE C 307 -39.47 0.36 -9.83
CA ILE C 307 -40.48 -0.08 -10.79
C ILE C 307 -41.79 -0.44 -10.07
N TYR C 308 -41.69 -1.17 -8.96
CA TYR C 308 -42.87 -1.53 -8.20
C TYR C 308 -43.58 -0.29 -7.66
N ARG C 309 -42.83 0.64 -7.08
CA ARG C 309 -43.45 1.85 -6.53
C ARG C 309 -44.09 2.67 -7.64
N ASN C 310 -43.43 2.76 -8.80
CA ASN C 310 -43.97 3.57 -9.89
C ASN C 310 -45.23 2.94 -10.48
N ASN C 311 -45.27 1.62 -10.61
CA ASN C 311 -46.48 1.01 -11.15
C ASN C 311 -47.63 1.07 -10.15
N THR C 312 -47.32 0.98 -8.84
CA THR C 312 -48.37 1.18 -7.85
C THR C 312 -48.92 2.62 -7.91
N LEU C 313 -48.02 3.60 -8.07
CA LEU C 313 -48.47 4.98 -8.21
C LEU C 313 -49.33 5.17 -9.45
N THR C 314 -48.92 4.56 -10.57
CA THR C 314 -49.70 4.66 -11.79
C THR C 314 -51.07 4.01 -11.64
N ASP C 315 -51.12 2.87 -10.95
CA ASP C 315 -52.39 2.21 -10.69
C ASP C 315 -53.31 3.09 -9.84
N LEU C 316 -52.75 3.70 -8.79
CA LEU C 316 -53.56 4.57 -7.94
C LEU C 316 -54.06 5.79 -8.72
N LEU C 317 -53.23 6.32 -9.61
CA LEU C 317 -53.63 7.49 -10.39
C LEU C 317 -54.72 7.12 -11.41
N THR C 318 -54.56 5.99 -12.10
CA THR C 318 -55.50 5.63 -13.15
C THR C 318 -56.79 5.04 -12.57
N THR C 319 -56.76 4.63 -11.29
CA THR C 319 -57.94 4.04 -10.68
C THR C 319 -59.11 5.02 -10.67
N SER C 320 -58.95 6.16 -9.99
CA SER C 320 -60.01 7.15 -9.92
C SER C 320 -59.42 8.46 -9.43
N ARG C 321 -60.03 9.57 -9.89
CA ARG C 321 -59.60 10.88 -9.43
C ARG C 321 -60.03 11.11 -7.98
N SER C 322 -61.10 10.45 -7.55
CA SER C 322 -61.58 10.59 -6.18
C SER C 322 -60.69 9.88 -5.16
N THR C 323 -59.59 9.29 -5.59
CA THR C 323 -58.69 8.61 -4.65
C THR C 323 -58.13 9.61 -3.65
N PRO C 324 -57.82 9.17 -2.43
CA PRO C 324 -57.30 10.11 -1.42
C PRO C 324 -55.93 10.64 -1.82
N GLY C 325 -55.72 11.94 -1.56
CA GLY C 325 -54.44 12.55 -1.90
C GLY C 325 -53.30 12.07 -1.02
N GLU C 326 -53.63 11.65 0.20
CA GLU C 326 -52.59 11.21 1.14
C GLU C 326 -51.86 9.97 0.61
N LEU C 327 -52.61 9.00 0.10
CA LEU C 327 -52.00 7.75 -0.38
C LEU C 327 -51.10 8.01 -1.59
N VAL C 328 -51.61 8.74 -2.58
CA VAL C 328 -50.81 9.01 -3.77
C VAL C 328 -49.62 9.88 -3.44
N MET C 329 -49.77 10.79 -2.47
CA MET C 329 -48.65 11.63 -2.08
C MET C 329 -47.57 10.81 -1.36
N CYS C 330 -47.98 9.89 -0.48
CA CYS C 330 -47.01 9.02 0.18
C CYS C 330 -46.30 8.12 -0.82
N GLN C 331 -47.04 7.61 -1.80
CA GLN C 331 -46.41 6.77 -2.82
C GLN C 331 -45.47 7.58 -3.71
N GLU C 332 -45.81 8.86 -3.95
CA GLU C 332 -44.89 9.73 -4.67
C GLU C 332 -43.60 9.95 -3.88
N LYS C 333 -43.73 10.17 -2.57
CA LYS C 333 -42.54 10.31 -1.72
C LYS C 333 -41.71 9.04 -1.75
N LEU C 334 -42.37 7.88 -1.73
CA LEU C 334 -41.64 6.61 -1.79
C LEU C 334 -40.92 6.44 -3.12
N VAL C 335 -41.57 6.82 -4.22
CA VAL C 335 -40.94 6.74 -5.53
C VAL C 335 -39.72 7.65 -5.59
N GLN C 336 -39.85 8.87 -5.05
CA GLN C 336 -38.74 9.81 -5.08
C GLN C 336 -37.59 9.34 -4.19
N GLU C 337 -37.90 8.74 -3.04
CA GLU C 337 -36.86 8.17 -2.19
C GLU C 337 -36.16 7.00 -2.86
N ALA C 338 -36.91 6.16 -3.59
CA ALA C 338 -36.29 5.07 -4.32
C ALA C 338 -35.39 5.60 -5.43
N VAL C 339 -35.82 6.64 -6.13
CA VAL C 339 -34.99 7.25 -7.17
C VAL C 339 -33.72 7.84 -6.54
N ASP C 340 -33.85 8.45 -5.37
CA ASP C 340 -32.69 9.00 -4.68
C ASP C 340 -31.71 7.89 -4.29
N THR C 341 -32.23 6.79 -3.72
CA THR C 341 -31.35 5.68 -3.33
C THR C 341 -30.68 5.06 -4.54
N LEU C 342 -31.38 5.02 -5.68
CA LEU C 342 -30.78 4.49 -6.90
C LEU C 342 -29.67 5.39 -7.42
N LEU C 343 -29.92 6.70 -7.47
CA LEU C 343 -28.95 7.62 -8.05
C LEU C 343 -27.75 7.82 -7.12
N ASP C 344 -28.00 8.32 -5.92
CA ASP C 344 -26.91 8.61 -4.98
C ASP C 344 -27.45 8.44 -3.56
N ASN C 345 -26.89 7.48 -2.83
CA ASN C 345 -27.30 7.20 -1.46
C ASN C 345 -26.22 7.67 -0.50
N GLY C 346 -26.64 8.29 0.60
CA GLY C 346 -25.72 8.83 1.59
C GLY C 346 -25.64 10.33 1.62
N ILE C 347 -26.12 11.03 0.58
CA ILE C 347 -26.10 12.48 0.58
C ILE C 347 -27.09 13.03 1.59
N ARG C 348 -28.29 12.45 1.65
CA ARG C 348 -29.28 12.90 2.61
C ARG C 348 -28.89 12.51 4.04
N GLY C 349 -28.07 11.47 4.17
CA GLY C 349 -27.67 10.98 5.47
C GLY C 349 -28.39 9.73 5.93
N GLN C 350 -29.35 9.23 5.16
CA GLN C 350 -30.08 8.02 5.51
C GLN C 350 -29.48 6.84 4.76
N PRO C 351 -29.02 5.81 5.46
CA PRO C 351 -28.36 4.69 4.75
C PRO C 351 -29.32 3.85 3.92
N MET C 352 -30.54 3.62 4.41
CA MET C 352 -31.51 2.73 3.76
C MET C 352 -30.90 1.35 3.52
N ARG C 353 -30.61 0.68 4.63
CA ARG C 353 -29.92 -0.60 4.58
C ARG C 353 -30.80 -1.68 3.94
N ASP C 354 -30.18 -2.82 3.66
CA ASP C 354 -30.88 -3.95 3.07
C ASP C 354 -31.50 -4.80 4.16
N GLY C 355 -31.97 -6.00 3.81
CA GLY C 355 -32.53 -6.90 4.80
C GLY C 355 -31.51 -7.37 5.81
N HIS C 356 -30.24 -7.44 5.40
CA HIS C 356 -29.15 -7.84 6.27
C HIS C 356 -28.46 -6.65 6.92
N ASN C 357 -29.15 -5.52 7.06
CA ASN C 357 -28.60 -4.31 7.67
C ASN C 357 -27.33 -3.85 6.96
N LYS C 358 -27.33 -3.96 5.63
CA LYS C 358 -26.20 -3.55 4.80
C LYS C 358 -26.65 -2.46 3.84
N VAL C 359 -25.83 -1.42 3.71
CA VAL C 359 -26.20 -0.27 2.88
C VAL C 359 -26.19 -0.67 1.42
N TYR C 360 -27.09 -0.07 0.64
CA TYR C 360 -27.16 -0.30 -0.78
C TYR C 360 -26.17 0.57 -1.53
N LYS C 361 -25.55 0.01 -2.57
CA LYS C 361 -24.66 0.78 -3.41
C LYS C 361 -25.45 1.54 -4.48
N SER C 362 -24.92 2.68 -4.89
CA SER C 362 -25.56 3.54 -5.86
C SER C 362 -24.57 3.88 -6.96
N PHE C 363 -25.08 4.53 -8.01
CA PHE C 363 -24.23 4.88 -9.16
C PHE C 363 -23.11 5.82 -8.75
N SER C 364 -23.38 6.75 -7.83
CA SER C 364 -22.32 7.62 -7.32
C SER C 364 -21.25 6.81 -6.61
N ASP C 365 -21.65 5.79 -5.86
CA ASP C 365 -20.66 4.91 -5.22
C ASP C 365 -19.92 4.09 -6.26
N VAL C 366 -20.56 3.83 -7.40
CA VAL C 366 -19.89 3.08 -8.46
C VAL C 366 -18.82 3.94 -9.13
N ILE C 367 -19.13 5.21 -9.40
CA ILE C 367 -18.17 6.06 -10.11
C ILE C 367 -17.13 6.61 -9.15
N GLU C 368 -17.55 7.07 -7.97
CA GLU C 368 -16.65 7.70 -7.03
C GLU C 368 -16.02 6.66 -6.09
N GLY C 369 -14.74 6.83 -5.81
CA GLY C 369 -14.04 5.92 -4.93
C GLY C 369 -12.76 5.41 -5.54
N LYS C 370 -11.91 4.81 -4.73
CA LYS C 370 -10.68 4.22 -5.25
C LYS C 370 -11.12 2.98 -5.97
N GLU C 371 -12.10 2.31 -5.40
CA GLU C 371 -12.61 1.12 -6.03
C GLU C 371 -13.72 1.51 -6.98
N GLY C 372 -13.85 2.79 -7.28
CA GLY C 372 -14.86 3.24 -8.20
C GLY C 372 -14.54 2.89 -9.64
N ARG C 373 -15.45 3.31 -10.54
CA ARG C 373 -15.28 3.02 -11.96
C ARG C 373 -13.96 3.55 -12.49
N PHE C 374 -13.68 4.84 -12.24
CA PHE C 374 -12.53 5.48 -12.86
C PHE C 374 -11.23 4.81 -12.47
N ARG C 375 -10.85 4.90 -11.18
CA ARG C 375 -9.53 4.47 -10.75
C ARG C 375 -9.35 2.96 -10.92
N GLU C 376 -10.42 2.20 -10.75
CA GLU C 376 -10.30 0.74 -10.80
C GLU C 376 -10.26 0.22 -12.24
N THR C 377 -10.93 0.90 -13.17
CA THR C 377 -11.05 0.38 -14.53
C THR C 377 -10.29 1.21 -15.57
N LEU C 378 -10.56 2.52 -15.64
CA LEU C 378 -10.05 3.31 -16.76
C LEU C 378 -8.56 3.57 -16.62
N LEU C 379 -8.12 3.98 -15.44
CA LEU C 379 -6.72 4.34 -15.20
C LEU C 379 -5.87 3.14 -14.81
N GLY C 380 -6.48 2.00 -14.53
CA GLY C 380 -5.72 0.80 -14.19
C GLY C 380 -6.42 -0.45 -14.65
N LYS C 381 -5.69 -1.34 -15.32
CA LYS C 381 -6.29 -2.56 -15.85
C LYS C 381 -5.21 -3.61 -16.02
N ARG C 382 -5.64 -4.87 -16.12
CA ARG C 382 -4.76 -5.99 -16.34
C ARG C 382 -4.74 -6.35 -17.83
N VAL C 383 -3.66 -7.01 -18.23
CA VAL C 383 -3.50 -7.34 -19.61
C VAL C 383 -3.30 -8.79 -19.88
N ASP C 384 -3.44 -9.19 -21.13
CA ASP C 384 -3.17 -10.56 -21.53
C ASP C 384 -1.71 -10.60 -21.75
N TYR C 385 -1.17 -11.78 -21.99
CA TYR C 385 0.26 -11.94 -22.18
C TYR C 385 1.02 -11.42 -20.98
N SER C 386 0.81 -12.02 -19.82
CA SER C 386 1.52 -11.58 -18.63
C SER C 386 1.76 -12.76 -17.70
N GLY C 387 2.87 -12.71 -16.98
CA GLY C 387 3.21 -13.75 -16.02
C GLY C 387 4.09 -13.20 -14.92
N ARG C 388 3.97 -13.78 -13.75
CA ARG C 388 4.75 -13.34 -12.62
C ARG C 388 5.49 -14.50 -12.05
N SER C 389 6.66 -14.28 -11.47
CA SER C 389 7.38 -15.33 -10.80
C SER C 389 8.36 -14.69 -9.88
N VAL C 390 9.01 -15.47 -9.03
CA VAL C 390 10.03 -14.94 -8.16
C VAL C 390 11.30 -14.63 -8.93
N ILE C 391 12.14 -13.79 -8.37
CA ILE C 391 13.35 -13.39 -9.05
C ILE C 391 14.62 -13.85 -8.36
N VAL C 392 15.60 -14.33 -9.12
CA VAL C 392 16.89 -14.72 -8.55
C VAL C 392 17.98 -14.00 -9.27
N VAL C 393 19.19 -13.99 -8.74
CA VAL C 393 20.31 -13.34 -9.38
C VAL C 393 20.87 -14.18 -10.46
N GLY C 394 21.17 -13.59 -11.60
CA GLY C 394 21.84 -14.34 -12.62
C GLY C 394 23.07 -13.51 -12.70
N PRO C 395 24.20 -14.04 -12.28
CA PRO C 395 25.36 -13.18 -12.25
C PRO C 395 26.17 -13.23 -13.52
N SER C 396 25.72 -13.99 -14.49
CA SER C 396 26.42 -14.06 -15.74
C SER C 396 25.42 -13.79 -16.81
N LEU C 397 24.92 -12.57 -16.85
CA LEU C 397 23.93 -12.19 -17.81
C LEU C 397 24.45 -10.84 -18.18
N SER C 398 24.01 -10.25 -19.28
CA SER C 398 24.42 -8.91 -19.59
C SER C 398 23.29 -7.94 -19.35
N LEU C 399 23.57 -6.65 -19.32
CA LEU C 399 22.56 -5.65 -19.00
C LEU C 399 21.34 -5.77 -19.91
N HIS C 400 21.52 -6.30 -21.12
CA HIS C 400 20.40 -6.41 -22.04
C HIS C 400 19.70 -7.76 -21.97
N ARG C 401 20.34 -8.76 -21.36
CA ARG C 401 19.78 -10.11 -21.28
C ARG C 401 19.25 -10.37 -19.87
N CYS C 402 18.15 -11.12 -19.81
CA CYS C 402 17.57 -11.55 -18.54
C CYS C 402 17.12 -13.00 -18.67
N GLY C 403 17.29 -13.77 -17.60
CA GLY C 403 16.85 -15.15 -17.61
C GLY C 403 15.34 -15.25 -17.48
N LEU C 404 14.73 -16.07 -18.35
CA LEU C 404 13.30 -16.27 -18.36
C LEU C 404 12.99 -17.76 -18.34
N PRO C 405 12.12 -18.22 -17.46
CA PRO C 405 11.78 -19.64 -17.43
C PRO C 405 11.01 -20.06 -18.67
N ARG C 406 11.12 -21.35 -19.00
CA ARG C 406 10.53 -21.84 -20.23
C ARG C 406 9.02 -22.05 -20.11
N GLU C 407 8.56 -22.45 -18.93
CA GLU C 407 7.13 -22.67 -18.74
C GLU C 407 6.36 -21.36 -18.80
N ILE C 408 7.02 -20.23 -18.53
CA ILE C 408 6.38 -18.94 -18.72
C ILE C 408 6.46 -18.51 -20.18
N ALA C 409 7.61 -18.73 -20.81
CA ALA C 409 7.81 -18.28 -22.19
C ALA C 409 6.87 -19.01 -23.15
N ILE C 410 6.66 -20.30 -22.91
CA ILE C 410 5.78 -21.08 -23.80
C ILE C 410 4.35 -20.55 -23.74
N GLU C 411 3.95 -20.02 -22.58
CA GLU C 411 2.61 -19.47 -22.47
C GLU C 411 2.53 -18.05 -23.01
N LEU C 412 3.60 -17.27 -22.84
CA LEU C 412 3.61 -15.91 -23.35
C LEU C 412 3.70 -15.88 -24.87
N PHE C 413 4.64 -16.65 -25.45
CA PHE C 413 4.85 -16.70 -26.88
C PHE C 413 4.12 -17.86 -27.54
N GLN C 414 2.98 -18.28 -26.99
CA GLN C 414 2.31 -19.47 -27.51
C GLN C 414 1.84 -19.27 -28.94
N THR C 415 1.26 -18.10 -29.24
CA THR C 415 0.77 -17.84 -30.59
C THR C 415 1.92 -17.82 -31.59
N PHE C 416 3.07 -17.29 -31.19
CA PHE C 416 4.22 -17.25 -32.09
C PHE C 416 4.74 -18.66 -32.39
N VAL C 417 4.79 -19.52 -31.39
CA VAL C 417 5.26 -20.88 -31.64
C VAL C 417 4.21 -21.67 -32.43
N ILE C 418 2.93 -21.32 -32.28
CA ILE C 418 1.91 -21.92 -33.12
C ILE C 418 2.12 -21.53 -34.58
N ARG C 419 2.38 -20.25 -34.82
CA ARG C 419 2.68 -19.80 -36.18
C ARG C 419 3.93 -20.48 -36.72
N GLY C 420 4.93 -20.68 -35.87
CA GLY C 420 6.14 -21.37 -36.31
C GLY C 420 5.86 -22.82 -36.67
N LEU C 421 5.07 -23.51 -35.86
CA LEU C 421 4.71 -24.90 -36.17
C LEU C 421 3.88 -24.99 -37.44
N ILE C 422 3.06 -23.96 -37.72
CA ILE C 422 2.27 -23.97 -38.94
C ILE C 422 3.14 -23.70 -40.16
N ARG C 423 4.11 -22.78 -40.03
CA ARG C 423 4.95 -22.42 -41.16
C ARG C 423 5.85 -23.58 -41.57
N GLN C 424 6.64 -24.10 -40.64
CA GLN C 424 7.44 -25.28 -40.92
C GLN C 424 6.56 -26.52 -41.04
N HIS C 425 7.10 -27.55 -41.68
CA HIS C 425 6.36 -28.80 -41.89
C HIS C 425 6.37 -29.66 -40.62
N LEU C 426 5.86 -29.08 -39.54
CA LEU C 426 5.77 -29.77 -38.26
C LEU C 426 4.34 -29.90 -37.75
N ALA C 427 3.43 -29.05 -38.22
CA ALA C 427 2.05 -29.06 -37.75
C ALA C 427 1.14 -28.63 -38.88
N SER C 428 0.05 -29.39 -39.08
CA SER C 428 -0.88 -29.10 -40.17
C SER C 428 -1.84 -27.97 -39.80
N ASN C 429 -2.43 -28.03 -38.60
CA ASN C 429 -3.44 -27.07 -38.20
C ASN C 429 -3.12 -26.55 -36.81
N ILE C 430 -3.95 -25.59 -36.36
CA ILE C 430 -3.73 -24.98 -35.06
C ILE C 430 -3.94 -25.98 -33.94
N GLY C 431 -4.89 -26.91 -34.12
CA GLY C 431 -5.15 -27.90 -33.09
C GLY C 431 -4.00 -28.87 -32.89
N VAL C 432 -3.44 -29.37 -33.99
CA VAL C 432 -2.30 -30.28 -33.89
C VAL C 432 -1.10 -29.57 -33.29
N ALA C 433 -0.91 -28.30 -33.65
CA ALA C 433 0.20 -27.53 -33.09
C ALA C 433 0.02 -27.31 -31.59
N LYS C 434 -1.20 -27.01 -31.16
CA LYS C 434 -1.47 -26.84 -29.73
C LYS C 434 -1.27 -28.15 -28.98
N SER C 435 -1.69 -29.27 -29.58
CA SER C 435 -1.49 -30.56 -28.95
C SER C 435 0.00 -30.90 -28.84
N LYS C 436 0.77 -30.57 -29.87
CA LYS C 436 2.21 -30.81 -29.82
C LYS C 436 2.89 -29.93 -28.77
N ILE C 437 2.43 -28.68 -28.64
CA ILE C 437 2.98 -27.79 -27.63
C ILE C 437 2.65 -28.30 -26.23
N ARG C 438 1.44 -28.82 -26.05
CA ARG C 438 1.05 -29.39 -24.76
C ARG C 438 1.85 -30.65 -24.45
N GLU C 439 2.18 -31.42 -25.49
CA GLU C 439 2.95 -32.65 -25.30
C GLU C 439 4.42 -32.40 -24.97
N LYS C 440 4.86 -31.14 -25.02
CA LYS C 440 6.24 -30.77 -24.69
C LYS C 440 7.25 -31.47 -25.59
N GLU C 441 6.99 -31.43 -26.90
CA GLU C 441 7.91 -32.02 -27.85
C GLU C 441 9.20 -31.20 -27.92
N PRO C 442 10.32 -31.84 -28.26
CA PRO C 442 11.60 -31.11 -28.27
C PRO C 442 11.70 -30.02 -29.32
N ILE C 443 11.01 -30.19 -30.46
CA ILE C 443 11.08 -29.18 -31.51
C ILE C 443 10.35 -27.91 -31.08
N VAL C 444 9.37 -28.04 -30.17
CA VAL C 444 8.64 -26.86 -29.70
C VAL C 444 9.58 -25.91 -28.97
N TRP C 445 10.50 -26.44 -28.18
CA TRP C 445 11.45 -25.59 -27.46
C TRP C 445 12.43 -24.93 -28.42
N GLU C 446 12.84 -25.65 -29.47
CA GLU C 446 13.71 -25.06 -30.48
C GLU C 446 13.00 -23.91 -31.20
N ILE C 447 11.74 -24.11 -31.55
CA ILE C 447 10.97 -23.05 -32.22
C ILE C 447 10.76 -21.87 -31.28
N LEU C 448 10.54 -22.15 -29.99
CA LEU C 448 10.38 -21.08 -29.01
C LEU C 448 11.65 -20.26 -28.89
N GLN C 449 12.81 -20.92 -28.87
CA GLN C 449 14.08 -20.20 -28.83
C GLN C 449 14.26 -19.37 -30.10
N GLU C 450 13.97 -19.94 -31.26
CA GLU C 450 14.14 -19.20 -32.51
C GLU C 450 13.16 -18.03 -32.61
N VAL C 451 12.04 -18.11 -31.89
CA VAL C 451 11.03 -17.06 -31.97
C VAL C 451 11.47 -15.81 -31.22
N MET C 452 11.98 -15.95 -30.00
CA MET C 452 12.22 -14.82 -29.12
C MET C 452 13.67 -14.36 -29.14
N GLN C 453 14.44 -14.69 -30.18
CA GLN C 453 15.81 -14.22 -30.25
C GLN C 453 15.89 -12.72 -30.45
N GLY C 454 14.88 -12.11 -31.08
CA GLY C 454 14.88 -10.69 -31.29
C GLY C 454 13.67 -9.99 -30.69
N HIS C 455 13.00 -10.66 -29.76
CA HIS C 455 11.82 -10.08 -29.15
C HIS C 455 12.14 -9.51 -27.78
N PRO C 456 11.65 -8.30 -27.47
CA PRO C 456 11.96 -7.70 -26.16
C PRO C 456 10.91 -8.03 -25.11
N VAL C 457 11.36 -8.21 -23.86
CA VAL C 457 10.49 -8.51 -22.73
C VAL C 457 10.46 -7.31 -21.80
N LEU C 458 9.26 -6.94 -21.35
CA LEU C 458 9.09 -5.81 -20.43
C LEU C 458 8.87 -6.33 -19.01
N LEU C 459 9.90 -6.21 -18.19
CA LEU C 459 9.77 -6.56 -16.78
C LEU C 459 9.35 -5.35 -15.96
N ASN C 460 8.65 -5.62 -14.86
CA ASN C 460 8.17 -4.55 -13.99
C ASN C 460 7.94 -5.10 -12.59
N ARG C 461 7.84 -4.18 -11.63
CA ARG C 461 7.70 -4.52 -10.23
C ARG C 461 6.45 -3.86 -9.67
N ALA C 462 5.94 -4.41 -8.56
CA ALA C 462 4.74 -3.85 -7.96
C ALA C 462 4.96 -2.46 -7.37
N PRO C 463 6.00 -2.19 -6.58
CA PRO C 463 6.22 -0.80 -6.13
C PRO C 463 6.92 0.03 -7.20
N THR C 464 6.19 0.42 -8.24
CA THR C 464 6.75 1.20 -9.34
C THR C 464 6.73 2.69 -8.97
N LEU C 465 7.68 3.06 -8.11
CA LEU C 465 7.76 4.44 -7.63
C LEU C 465 8.38 5.34 -8.69
N HIS C 466 9.59 5.03 -9.13
CA HIS C 466 10.29 5.85 -10.09
C HIS C 466 9.96 5.40 -11.52
N ARG C 467 10.66 5.96 -12.50
CA ARG C 467 10.45 5.58 -13.90
C ARG C 467 11.29 4.37 -14.31
N LEU C 468 12.21 3.92 -13.46
CA LEU C 468 13.03 2.76 -13.76
C LEU C 468 12.41 1.46 -13.24
N GLY C 469 11.18 1.51 -12.74
CA GLY C 469 10.52 0.29 -12.30
C GLY C 469 10.25 -0.67 -13.45
N ILE C 470 9.94 -0.12 -14.62
CA ILE C 470 9.68 -0.92 -15.83
C ILE C 470 10.85 -0.74 -16.77
N GLN C 471 11.52 -1.84 -17.11
CA GLN C 471 12.58 -1.80 -18.11
C GLN C 471 12.39 -2.86 -19.17
N ALA C 472 13.35 -3.02 -20.07
CA ALA C 472 13.25 -3.98 -21.15
C ALA C 472 14.55 -4.75 -21.25
N PHE C 473 14.43 -6.05 -21.50
CA PHE C 473 15.59 -6.93 -21.60
C PHE C 473 15.37 -7.91 -22.73
N GLN C 474 16.39 -8.74 -22.98
CA GLN C 474 16.30 -9.80 -23.97
C GLN C 474 16.11 -11.13 -23.26
N PRO C 475 14.97 -11.79 -23.42
CA PRO C 475 14.73 -13.03 -22.68
C PRO C 475 15.63 -14.16 -23.17
N VAL C 476 16.24 -14.86 -22.21
CA VAL C 476 17.06 -16.03 -22.48
C VAL C 476 16.40 -17.23 -21.84
N LEU C 477 16.22 -18.29 -22.63
CA LEU C 477 15.54 -19.47 -22.12
C LEU C 477 16.38 -20.19 -21.07
N VAL C 478 15.77 -20.46 -19.92
CA VAL C 478 16.43 -21.11 -18.80
C VAL C 478 15.58 -22.30 -18.38
N GLU C 479 16.20 -23.21 -17.63
CA GLU C 479 15.54 -24.41 -17.14
C GLU C 479 15.32 -24.26 -15.63
N GLY C 480 14.17 -23.69 -15.28
CA GLY C 480 13.82 -23.47 -13.89
C GLY C 480 12.45 -22.81 -13.82
N ARG C 481 12.18 -22.21 -12.66
CA ARG C 481 10.94 -21.48 -12.44
C ARG C 481 11.19 -20.08 -11.87
N ALA C 482 12.44 -19.62 -11.85
CA ALA C 482 12.79 -18.35 -11.26
C ALA C 482 13.39 -17.43 -12.32
N ILE C 483 12.86 -16.22 -12.43
CA ILE C 483 13.34 -15.26 -13.41
C ILE C 483 14.65 -14.65 -13.01
N CYS C 484 15.71 -14.95 -13.75
CA CYS C 484 17.00 -14.38 -13.47
C CYS C 484 17.12 -12.93 -13.81
N LEU C 485 17.83 -12.17 -13.00
CA LEU C 485 18.01 -10.75 -13.25
C LEU C 485 19.45 -10.33 -13.05
N HIS C 486 19.91 -9.36 -13.81
CA HIS C 486 21.30 -8.91 -13.71
C HIS C 486 21.54 -8.24 -12.39
N PRO C 487 22.68 -8.47 -11.79
CA PRO C 487 22.83 -7.79 -10.53
C PRO C 487 22.87 -6.26 -10.56
N LEU C 488 23.54 -5.64 -11.52
CA LEU C 488 23.71 -4.18 -11.50
C LEU C 488 22.44 -3.43 -11.68
N VAL C 489 21.43 -4.09 -12.16
CA VAL C 489 20.14 -3.45 -12.42
C VAL C 489 19.20 -3.53 -11.23
N CYS C 490 19.64 -4.13 -10.12
CA CYS C 490 18.76 -4.28 -8.95
C CYS C 490 18.43 -2.92 -8.34
N LYS C 491 19.38 -2.01 -8.22
CA LYS C 491 19.07 -0.76 -7.51
C LYS C 491 17.88 -0.08 -8.11
N GLY C 492 17.76 -0.14 -9.41
CA GLY C 492 16.67 0.54 -10.06
C GLY C 492 15.34 0.01 -9.66
N PHE C 493 15.26 -1.29 -9.48
CA PHE C 493 13.99 -1.89 -9.17
C PHE C 493 13.80 -2.01 -7.69
N ASN C 494 14.77 -1.58 -6.91
CA ASN C 494 14.71 -1.73 -5.46
C ASN C 494 14.44 -3.17 -5.21
N ALA C 495 15.18 -4.04 -5.88
CA ALA C 495 14.93 -5.46 -5.76
C ALA C 495 15.96 -6.20 -4.97
N ASP C 496 15.52 -7.11 -4.12
CA ASP C 496 16.41 -7.94 -3.38
C ASP C 496 15.84 -9.30 -3.55
N PHE C 497 16.67 -10.31 -3.55
CA PHE C 497 16.20 -11.64 -3.79
C PHE C 497 15.78 -12.32 -2.50
N ASP C 498 14.86 -11.71 -1.77
CA ASP C 498 14.38 -12.26 -0.52
C ASP C 498 12.94 -12.70 -0.64
N GLY C 499 12.46 -12.92 -1.86
CA GLY C 499 11.06 -13.25 -2.05
C GLY C 499 10.30 -12.33 -2.97
N ASP C 500 10.97 -11.37 -3.57
CA ASP C 500 10.33 -10.45 -4.49
C ASP C 500 9.88 -11.13 -5.75
N GLN C 501 8.80 -10.64 -6.36
CA GLN C 501 8.32 -11.19 -7.61
C GLN C 501 8.17 -10.11 -8.67
N MET C 502 8.18 -10.48 -9.94
CA MET C 502 8.09 -9.51 -11.00
C MET C 502 7.18 -9.96 -12.11
N ALA C 503 6.67 -9.02 -12.89
CA ALA C 503 5.81 -9.34 -13.99
C ALA C 503 6.49 -9.27 -15.33
N VAL C 504 5.89 -9.84 -16.37
CA VAL C 504 6.47 -9.92 -17.71
C VAL C 504 5.42 -9.48 -18.72
N HIS C 505 5.83 -8.73 -19.73
CA HIS C 505 4.93 -8.24 -20.77
C HIS C 505 5.59 -8.36 -22.13
N VAL C 506 4.81 -8.80 -23.11
CA VAL C 506 5.30 -9.06 -24.47
C VAL C 506 4.68 -8.04 -25.41
N PRO C 507 5.47 -7.18 -26.06
CA PRO C 507 4.91 -6.27 -27.07
C PRO C 507 4.54 -6.97 -28.37
N LEU C 508 3.27 -6.86 -28.77
CA LEU C 508 2.81 -7.52 -29.98
C LEU C 508 3.11 -6.70 -31.23
N SER C 509 2.77 -5.41 -31.21
CA SER C 509 2.91 -4.57 -32.38
C SER C 509 4.37 -4.26 -32.67
N LEU C 510 4.66 -3.99 -33.94
CA LEU C 510 6.03 -3.67 -34.34
C LEU C 510 6.48 -2.35 -33.74
N GLU C 511 5.59 -1.35 -33.69
CA GLU C 511 5.93 -0.08 -33.07
C GLU C 511 6.30 -0.27 -31.60
N ALA C 512 5.52 -1.09 -30.89
CA ALA C 512 5.83 -1.37 -29.49
C ALA C 512 7.16 -2.07 -29.34
N GLN C 513 7.48 -2.99 -30.26
CA GLN C 513 8.77 -3.68 -30.21
C GLN C 513 9.92 -2.70 -30.43
N VAL C 514 9.78 -1.80 -31.40
CA VAL C 514 10.82 -0.81 -31.64
C VAL C 514 10.99 0.09 -30.42
N GLU C 515 9.87 0.54 -29.83
CA GLU C 515 9.96 1.37 -28.64
C GLU C 515 10.67 0.64 -27.50
N ALA C 516 10.31 -0.62 -27.27
CA ALA C 516 10.94 -1.38 -26.18
C ALA C 516 12.41 -1.59 -26.44
N ARG C 517 12.79 -1.86 -27.69
CA ARG C 517 14.18 -2.16 -27.99
C ARG C 517 15.06 -0.90 -27.97
N LEU C 518 14.50 0.25 -28.32
CA LEU C 518 15.31 1.47 -28.41
C LEU C 518 15.28 2.28 -27.11
N LEU C 519 14.08 2.62 -26.63
CA LEU C 519 13.97 3.55 -25.52
C LEU C 519 14.14 2.86 -24.18
N MET C 520 13.41 1.77 -23.95
CA MET C 520 13.26 1.20 -22.62
C MET C 520 14.36 0.24 -22.21
N PHE C 521 15.48 0.21 -22.95
CA PHE C 521 16.55 -0.71 -22.58
C PHE C 521 17.42 -0.13 -21.48
N SER C 522 18.20 -1.01 -20.85
CA SER C 522 18.99 -0.62 -19.69
C SER C 522 20.20 0.23 -20.08
N HIS C 523 20.87 -0.12 -21.19
CA HIS C 523 22.05 0.61 -21.60
C HIS C 523 21.75 2.05 -21.97
N MET C 524 20.50 2.37 -22.26
CA MET C 524 20.09 3.73 -22.56
C MET C 524 19.63 4.51 -21.32
N ASN C 525 19.49 3.83 -20.17
CA ASN C 525 19.06 4.48 -18.93
C ASN C 525 20.06 4.11 -17.82
N LEU C 526 21.12 4.90 -17.71
CA LEU C 526 22.14 4.71 -16.69
C LEU C 526 22.22 5.87 -15.71
N LEU C 527 21.36 6.88 -15.86
CA LEU C 527 21.37 8.04 -14.99
C LEU C 527 19.98 8.25 -14.42
N SER C 528 19.89 8.39 -13.09
CA SER C 528 18.61 8.63 -12.45
C SER C 528 18.07 10.01 -12.85
N PRO C 529 16.76 10.11 -13.08
CA PRO C 529 16.17 11.40 -13.49
C PRO C 529 16.01 12.41 -12.36
N ALA C 530 16.61 12.18 -11.20
CA ALA C 530 16.50 13.12 -10.08
C ALA C 530 17.59 14.19 -10.15
N ILE C 531 18.85 13.77 -10.18
CA ILE C 531 19.98 14.68 -10.24
C ILE C 531 20.96 14.28 -11.35
N GLY C 532 20.63 13.26 -12.12
CA GLY C 532 21.52 12.77 -13.15
C GLY C 532 22.79 12.16 -12.60
N ASP C 533 22.64 11.16 -11.76
CA ASP C 533 23.75 10.43 -11.16
C ASP C 533 23.70 8.97 -11.59
N PRO C 534 24.85 8.30 -11.63
CA PRO C 534 24.86 6.88 -12.02
C PRO C 534 24.04 6.04 -11.07
N ILE C 535 23.04 5.35 -11.62
CA ILE C 535 22.15 4.51 -10.82
C ILE C 535 22.62 3.06 -10.80
N SER C 536 23.34 2.62 -11.84
CA SER C 536 23.86 1.25 -11.92
C SER C 536 25.35 1.30 -11.60
N VAL C 537 25.70 0.93 -10.37
CA VAL C 537 27.09 0.93 -9.91
C VAL C 537 27.29 -0.30 -9.03
N PRO C 538 28.53 -0.77 -8.90
CA PRO C 538 28.80 -1.87 -7.96
C PRO C 538 28.38 -1.50 -6.55
N THR C 539 27.65 -2.41 -5.91
CA THR C 539 26.99 -2.10 -4.65
C THR C 539 27.54 -2.87 -3.46
N GLN C 540 27.45 -4.21 -3.45
CA GLN C 540 27.76 -4.94 -2.22
C GLN C 540 29.00 -5.82 -2.34
N ASP C 541 29.03 -6.73 -3.32
CA ASP C 541 30.15 -7.66 -3.40
C ASP C 541 31.21 -7.17 -4.38
N MET C 542 30.78 -6.61 -5.51
CA MET C 542 31.74 -6.04 -6.45
C MET C 542 32.49 -4.87 -5.83
N LEU C 543 31.82 -4.08 -5.00
CA LEU C 543 32.49 -3.00 -4.29
C LEU C 543 33.53 -3.55 -3.33
N ILE C 544 33.22 -4.64 -2.64
CA ILE C 544 34.19 -5.26 -1.73
C ILE C 544 35.40 -5.77 -2.52
N GLY C 545 35.15 -6.41 -3.66
CA GLY C 545 36.26 -6.90 -4.48
C GLY C 545 37.15 -5.77 -4.98
N LEU C 546 36.52 -4.69 -5.44
CA LEU C 546 37.29 -3.54 -5.93
C LEU C 546 38.09 -2.89 -4.81
N TYR C 547 37.49 -2.81 -3.62
CA TYR C 547 38.20 -2.23 -2.49
C TYR C 547 39.38 -3.10 -2.07
N VAL C 548 39.22 -4.42 -2.14
CA VAL C 548 40.34 -5.31 -1.83
C VAL C 548 41.43 -5.17 -2.89
N LEU C 549 41.03 -5.00 -4.15
CA LEU C 549 42.01 -4.82 -5.22
C LEU C 549 42.81 -3.55 -5.04
N THR C 550 42.14 -2.43 -4.79
CA THR C 550 42.79 -1.12 -4.77
C THR C 550 43.12 -0.62 -3.37
N SER C 551 43.00 -1.47 -2.35
CA SER C 551 43.25 -1.00 -0.98
C SER C 551 44.70 -0.57 -0.80
N GLY C 552 45.64 -1.43 -1.15
CA GLY C 552 47.04 -1.11 -0.99
C GLY C 552 47.84 -2.20 -0.31
N ASN C 553 48.89 -1.80 0.41
CA ASN C 553 49.77 -2.74 1.09
C ASN C 553 50.25 -2.12 2.40
N HIS C 554 50.65 -2.99 3.32
CA HIS C 554 51.29 -2.51 4.55
C HIS C 554 52.57 -1.78 4.20
N ARG C 555 52.64 -0.51 4.58
CA ARG C 555 53.72 0.37 4.16
C ARG C 555 54.75 0.62 5.25
N GLY C 556 54.31 0.83 6.50
CA GLY C 556 55.24 1.24 7.53
C GLY C 556 55.68 0.15 8.48
N ILE C 557 55.25 0.25 9.74
CA ILE C 557 55.71 -0.70 10.75
C ILE C 557 55.09 -2.07 10.54
N CYS C 558 54.00 -2.12 9.78
CA CYS C 558 53.32 -3.40 9.57
C CYS C 558 54.11 -4.32 8.66
N VAL C 559 54.87 -3.75 7.72
CA VAL C 559 55.57 -4.58 6.74
C VAL C 559 56.95 -4.98 7.24
N ASN C 560 57.55 -4.18 8.12
CA ASN C 560 58.90 -4.45 8.61
C ASN C 560 58.93 -4.30 10.13
N ARG C 561 59.66 -5.20 10.79
CA ARG C 561 59.77 -5.15 12.24
C ARG C 561 60.84 -4.17 12.71
N TYR C 562 61.93 -4.03 11.95
CA TYR C 562 63.02 -3.13 12.32
C TYR C 562 63.13 -2.05 11.26
N ASN C 563 63.78 -0.95 11.64
CA ASN C 563 63.96 0.15 10.72
C ASN C 563 64.87 -0.27 9.56
N PRO C 564 64.45 -0.05 8.31
CA PRO C 564 65.33 -0.37 7.18
C PRO C 564 66.59 0.48 7.10
N CYS C 565 66.80 1.40 8.03
CA CYS C 565 68.01 2.22 8.00
C CYS C 565 69.26 1.38 8.17
N ASN C 566 69.20 0.36 9.03
CA ASN C 566 70.37 -0.50 9.24
C ASN C 566 70.72 -1.28 7.97
N ARG C 567 69.72 -1.63 7.18
CA ARG C 567 69.94 -2.35 5.93
C ARG C 567 70.52 -1.42 4.87
N LYS C 585 58.49 -3.86 -4.38
CA LYS C 585 59.82 -3.57 -3.84
C LYS C 585 60.90 -4.34 -4.62
N GLU C 586 60.95 -5.65 -4.44
CA GLU C 586 61.94 -6.45 -5.15
C GLU C 586 61.56 -6.78 -6.60
N PRO C 587 60.37 -7.29 -6.90
CA PRO C 587 60.09 -7.71 -8.29
C PRO C 587 60.03 -6.53 -9.24
N PHE C 588 60.60 -6.72 -10.43
CA PHE C 588 60.55 -5.75 -11.51
C PHE C 588 59.90 -6.41 -12.73
N PHE C 589 58.80 -5.84 -13.20
CA PHE C 589 58.07 -6.37 -14.35
C PHE C 589 58.05 -5.33 -15.45
N SER C 590 58.39 -5.75 -16.67
CA SER C 590 58.37 -4.84 -17.80
C SER C 590 56.94 -4.61 -18.31
N ASN C 591 56.10 -5.63 -18.25
CA ASN C 591 54.73 -5.55 -18.75
C ASN C 591 53.76 -5.93 -17.65
N SER C 592 52.52 -5.42 -17.78
CA SER C 592 51.48 -5.78 -16.84
C SER C 592 51.07 -7.24 -17.00
N TYR C 593 51.18 -7.76 -18.22
CA TYR C 593 50.86 -9.16 -18.47
C TYR C 593 51.77 -10.09 -17.67
N ASP C 594 53.05 -9.73 -17.57
CA ASP C 594 53.98 -10.55 -16.80
C ASP C 594 53.62 -10.56 -15.32
N ALA C 595 53.25 -9.40 -14.78
CA ALA C 595 52.87 -9.34 -13.37
C ALA C 595 51.59 -10.12 -13.11
N ILE C 596 50.61 -10.01 -14.02
CA ILE C 596 49.36 -10.75 -13.83
C ILE C 596 49.60 -12.25 -13.94
N GLY C 597 50.49 -12.66 -14.86
CA GLY C 597 50.82 -14.07 -14.95
C GLY C 597 51.54 -14.57 -13.71
N ALA C 598 52.43 -13.75 -13.15
CA ALA C 598 53.10 -14.13 -11.92
C ALA C 598 52.13 -14.24 -10.76
N TYR C 599 51.13 -13.35 -10.70
CA TYR C 599 50.10 -13.47 -9.67
C TYR C 599 49.27 -14.73 -9.87
N ARG C 600 48.93 -15.06 -11.11
CA ARG C 600 48.18 -16.29 -11.37
C ARG C 600 49.00 -17.52 -11.00
N GLN C 601 50.32 -17.46 -11.19
CA GLN C 601 51.22 -18.54 -10.82
C GLN C 601 51.60 -18.50 -9.34
N LYS C 602 50.97 -17.63 -8.55
CA LYS C 602 51.23 -17.48 -7.12
C LYS C 602 52.66 -17.08 -6.81
N ARG C 603 53.37 -16.48 -7.77
CA ARG C 603 54.71 -15.99 -7.49
C ARG C 603 54.68 -14.79 -6.56
N ILE C 604 53.71 -13.89 -6.75
CA ILE C 604 53.57 -12.68 -5.94
C ILE C 604 52.15 -12.62 -5.41
N ASN C 605 51.99 -12.12 -4.19
CA ASN C 605 50.69 -11.99 -3.57
C ASN C 605 49.91 -10.81 -4.17
N LEU C 606 48.65 -10.69 -3.75
CA LEU C 606 47.81 -9.60 -4.25
C LEU C 606 48.33 -8.25 -3.78
N ASP C 607 48.72 -8.14 -2.51
CA ASP C 607 49.21 -6.90 -1.95
C ASP C 607 50.72 -6.75 -2.04
N SER C 608 51.42 -7.73 -2.59
CA SER C 608 52.87 -7.65 -2.65
C SER C 608 53.29 -6.49 -3.56
N PRO C 609 54.17 -5.61 -3.09
CA PRO C 609 54.61 -4.50 -3.92
C PRO C 609 55.55 -4.95 -5.04
N LEU C 610 55.53 -4.16 -6.12
CA LEU C 610 56.35 -4.45 -7.28
C LEU C 610 56.59 -3.15 -8.04
N TRP C 611 57.47 -3.22 -9.04
CA TRP C 611 57.76 -2.09 -9.91
C TRP C 611 57.32 -2.43 -11.33
N LEU C 612 56.60 -1.49 -11.97
CA LEU C 612 56.11 -1.66 -13.31
C LEU C 612 56.60 -0.53 -14.20
N ARG C 613 57.24 -0.88 -15.30
CA ARG C 613 57.74 0.13 -16.24
C ARG C 613 56.59 0.69 -17.07
N TRP C 614 56.57 2.02 -17.20
CA TRP C 614 55.54 2.72 -17.97
C TRP C 614 56.18 3.40 -19.17
N ARG C 615 55.40 3.53 -20.25
CA ARG C 615 55.89 4.12 -21.50
C ARG C 615 55.46 5.59 -21.57
N LEU C 616 56.12 6.42 -20.75
CA LEU C 616 56.04 7.87 -20.84
C LEU C 616 54.59 8.37 -20.91
N ASP C 617 53.83 8.13 -19.84
CA ASP C 617 52.46 8.61 -19.76
C ASP C 617 52.20 9.53 -18.58
N GLN C 618 52.72 9.22 -17.39
CA GLN C 618 52.55 10.03 -16.19
C GLN C 618 51.08 10.35 -15.93
N ARG C 619 50.28 9.30 -15.79
CA ARG C 619 48.85 9.42 -15.52
C ARG C 619 48.50 8.99 -14.10
N VAL C 620 49.50 8.69 -13.29
CA VAL C 620 49.26 8.20 -11.93
C VAL C 620 48.91 9.39 -11.02
N ILE C 621 47.73 9.32 -10.41
CA ILE C 621 47.32 10.38 -9.49
C ILE C 621 48.07 10.21 -8.17
N ALA C 622 48.69 11.29 -7.71
CA ALA C 622 49.47 11.25 -6.48
C ALA C 622 49.51 12.66 -5.89
N SER C 623 50.06 12.74 -4.68
CA SER C 623 50.14 14.02 -4.00
C SER C 623 51.25 14.89 -4.61
N ARG C 624 51.11 16.20 -4.43
CA ARG C 624 52.09 17.17 -4.91
C ARG C 624 53.27 17.19 -3.95
N GLU C 625 54.09 16.15 -4.02
CA GLU C 625 55.21 15.97 -3.12
C GLU C 625 56.51 15.92 -3.92
N THR C 626 57.51 16.66 -3.45
CA THR C 626 58.81 16.66 -4.07
C THR C 626 59.49 15.30 -3.89
N PRO C 627 60.49 14.98 -4.71
CA PRO C 627 61.21 13.73 -4.54
C PRO C 627 61.83 13.61 -3.16
N ILE C 628 61.67 12.43 -2.55
CA ILE C 628 62.20 12.21 -1.21
C ILE C 628 63.72 12.13 -1.25
N GLU C 629 64.29 11.68 -2.37
CA GLU C 629 65.73 11.58 -2.52
C GLU C 629 66.07 11.59 -4.01
N VAL C 630 67.14 12.28 -4.35
CA VAL C 630 67.60 12.40 -5.73
C VAL C 630 69.07 12.02 -5.78
N HIS C 631 69.40 11.06 -6.65
CA HIS C 631 70.78 10.60 -6.82
C HIS C 631 71.32 11.10 -8.14
N TYR C 632 72.39 11.88 -8.09
CA TYR C 632 73.00 12.48 -9.27
C TYR C 632 74.44 12.00 -9.39
N GLU C 633 74.75 11.33 -10.49
CA GLU C 633 76.09 10.81 -10.73
C GLU C 633 76.90 11.78 -11.59
N SER C 634 78.19 11.48 -11.71
CA SER C 634 79.10 12.37 -12.44
C SER C 634 78.74 12.44 -13.92
N LEU C 635 78.40 11.31 -14.53
CA LEU C 635 78.19 11.27 -15.97
C LEU C 635 76.98 12.06 -16.43
N GLY C 636 76.06 12.40 -15.53
CA GLY C 636 74.95 13.27 -15.90
C GLY C 636 73.58 12.69 -15.65
N THR C 637 73.48 11.38 -15.45
CA THR C 637 72.19 10.75 -15.22
C THR C 637 71.82 10.88 -13.75
N PHE C 638 70.66 11.46 -13.48
CA PHE C 638 70.18 11.69 -12.13
C PHE C 638 68.90 10.89 -11.91
N TYR C 639 68.85 10.16 -10.80
CA TYR C 639 67.69 9.35 -10.44
C TYR C 639 66.82 10.12 -9.46
N GLU C 640 65.54 10.27 -9.80
CA GLU C 640 64.59 10.97 -8.95
C GLU C 640 63.63 9.97 -8.34
N ILE C 641 63.72 9.75 -7.04
CA ILE C 641 62.89 8.81 -6.32
C ILE C 641 61.71 9.57 -5.72
N TYR C 642 60.50 9.17 -6.10
CA TYR C 642 59.28 9.76 -5.58
C TYR C 642 58.61 8.78 -4.62
N GLY C 643 57.42 9.15 -4.15
CA GLY C 643 56.71 8.31 -3.22
C GLY C 643 56.26 7.00 -3.84
N HIS C 644 55.73 7.05 -5.06
CA HIS C 644 55.12 5.89 -5.69
C HIS C 644 55.72 5.56 -7.05
N TYR C 645 56.78 6.24 -7.47
CA TYR C 645 57.36 5.98 -8.78
C TYR C 645 58.80 6.47 -8.83
N LEU C 646 59.56 5.91 -9.77
CA LEU C 646 60.95 6.28 -10.01
C LEU C 646 61.09 6.75 -11.45
N ILE C 647 61.72 7.89 -11.64
CA ILE C 647 61.85 8.53 -12.95
C ILE C 647 63.34 8.76 -13.20
N VAL C 648 63.95 7.90 -14.00
CA VAL C 648 65.35 8.08 -14.36
C VAL C 648 65.46 8.99 -15.57
N ARG C 649 66.41 9.93 -15.53
CA ARG C 649 66.63 10.85 -16.63
C ARG C 649 68.13 10.98 -16.87
N SER C 650 68.47 11.63 -17.98
CA SER C 650 69.85 11.79 -18.42
C SER C 650 70.22 13.27 -18.42
N LEU C 651 71.45 13.55 -18.87
CA LEU C 651 71.94 14.92 -18.88
C LEU C 651 71.16 15.80 -19.84
N LYS C 652 70.61 15.23 -20.91
CA LYS C 652 69.87 15.97 -21.91
C LYS C 652 68.44 16.28 -21.49
N LYS C 653 68.12 16.14 -20.20
CA LYS C 653 66.77 16.35 -19.68
C LYS C 653 65.77 15.43 -20.38
N GLN C 654 66.23 14.22 -20.71
CA GLN C 654 65.42 13.23 -21.40
C GLN C 654 65.00 12.15 -20.41
N ILE C 655 63.70 11.86 -20.40
CA ILE C 655 63.13 10.88 -19.48
C ILE C 655 63.44 9.50 -20.05
N LEU C 656 64.46 8.84 -19.49
CA LEU C 656 64.89 7.54 -20.01
C LEU C 656 63.90 6.44 -19.62
N PHE C 657 63.64 6.29 -18.32
CA PHE C 657 62.79 5.21 -17.84
C PHE C 657 61.88 5.73 -16.74
N ILE C 658 60.67 5.15 -16.67
CA ILE C 658 59.71 5.44 -15.62
C ILE C 658 59.20 4.12 -15.07
N TYR C 659 59.30 3.95 -13.76
CA TYR C 659 58.85 2.73 -13.09
C TYR C 659 57.85 3.09 -12.00
N ILE C 660 56.66 2.51 -12.09
CA ILE C 660 55.60 2.76 -11.12
C ILE C 660 55.64 1.66 -10.07
N ARG C 661 55.49 2.06 -8.81
CA ARG C 661 55.48 1.15 -7.68
C ARG C 661 54.04 0.93 -7.23
N THR C 662 53.51 -0.25 -7.48
CA THR C 662 52.11 -0.53 -7.24
C THR C 662 51.94 -2.02 -6.96
N THR C 663 50.69 -2.48 -6.96
CA THR C 663 50.36 -3.89 -6.73
C THR C 663 49.60 -4.42 -7.94
N VAL C 664 49.35 -5.73 -7.94
CA VAL C 664 48.69 -6.36 -9.07
C VAL C 664 47.23 -5.92 -9.17
N GLY C 665 46.64 -5.45 -8.08
CA GLY C 665 45.23 -5.06 -8.11
C GLY C 665 44.99 -3.82 -8.95
N HIS C 666 45.80 -2.78 -8.75
CA HIS C 666 45.61 -1.54 -9.50
C HIS C 666 45.87 -1.76 -10.99
N ILE C 667 46.94 -2.47 -11.33
CA ILE C 667 47.24 -2.73 -12.74
C ILE C 667 46.18 -3.63 -13.35
N ALA C 668 45.60 -4.54 -12.54
CA ALA C 668 44.54 -5.39 -13.06
C ALA C 668 43.29 -4.59 -13.37
N LEU C 669 42.91 -3.68 -12.47
CA LEU C 669 41.75 -2.83 -12.73
C LEU C 669 41.97 -1.94 -13.95
N TYR C 670 43.15 -1.30 -14.03
CA TYR C 670 43.45 -0.45 -15.17
C TYR C 670 43.44 -1.24 -16.47
N ARG C 671 44.05 -2.44 -16.46
CA ARG C 671 44.10 -3.24 -17.67
C ARG C 671 42.73 -3.73 -18.07
N GLU C 672 41.88 -4.10 -17.11
CA GLU C 672 40.55 -4.59 -17.48
C GLU C 672 39.71 -3.46 -18.06
N ILE C 673 39.81 -2.25 -17.51
CA ILE C 673 39.05 -1.14 -18.08
C ILE C 673 39.56 -0.80 -19.48
N GLU C 674 40.89 -0.71 -19.64
CA GLU C 674 41.46 -0.39 -20.93
C GLU C 674 41.12 -1.45 -21.97
N GLU C 675 41.16 -2.73 -21.57
CA GLU C 675 40.87 -3.80 -22.51
C GLU C 675 39.38 -3.86 -22.82
N ALA C 676 38.52 -3.48 -21.88
CA ALA C 676 37.11 -3.37 -22.21
C ALA C 676 36.88 -2.30 -23.27
N ILE C 677 37.50 -1.12 -23.09
CA ILE C 677 37.37 -0.06 -24.08
C ILE C 677 37.90 -0.51 -25.43
N GLN C 678 39.08 -1.14 -25.45
CA GLN C 678 39.70 -1.52 -26.71
C GLN C 678 38.93 -2.65 -27.39
N GLY C 679 38.39 -3.59 -26.62
CA GLY C 679 37.57 -4.64 -27.20
C GLY C 679 36.28 -4.11 -27.77
N PHE C 680 35.66 -3.12 -27.10
CA PHE C 680 34.50 -2.47 -27.66
C PHE C 680 34.84 -1.79 -28.99
N SER C 681 35.95 -1.05 -29.02
CA SER C 681 36.35 -0.35 -30.24
C SER C 681 36.65 -1.33 -31.37
N ARG C 682 37.29 -2.46 -31.05
CA ARG C 682 37.61 -3.44 -32.09
C ARG C 682 36.36 -4.16 -32.57
N ALA C 683 35.44 -4.50 -31.66
CA ALA C 683 34.22 -5.19 -32.04
C ALA C 683 33.30 -4.28 -32.86
N TYR C 684 33.40 -2.96 -32.66
CA TYR C 684 32.61 -2.05 -33.49
C TYR C 684 32.95 -2.21 -34.96
N SER C 685 34.22 -2.41 -35.29
CA SER C 685 34.64 -2.60 -36.68
C SER C 685 34.38 -4.04 -37.13
N GLY D 64 26.66 20.81 -98.25
CA GLY D 64 26.45 22.24 -98.20
C GLY D 64 25.17 22.69 -98.90
N THR D 65 24.91 22.09 -100.06
CA THR D 65 23.72 22.46 -100.82
C THR D 65 22.44 22.08 -100.08
N GLU D 66 22.45 20.95 -99.37
CA GLU D 66 21.29 20.56 -98.60
C GLU D 66 20.99 21.58 -97.52
N LYS D 67 22.02 22.16 -96.91
CA LYS D 67 21.81 23.22 -95.92
C LYS D 67 21.25 24.48 -96.57
N VAL D 68 21.73 24.81 -97.77
CA VAL D 68 21.22 26.00 -98.47
C VAL D 68 19.74 25.83 -98.79
N LEU D 69 19.34 24.63 -99.21
CA LEU D 69 17.94 24.38 -99.49
C LEU D 69 17.11 24.39 -98.21
N ARG D 70 17.63 23.77 -97.14
CA ARG D 70 16.89 23.72 -95.89
C ARG D 70 16.69 25.11 -95.31
N LEU D 71 17.65 26.01 -95.52
CA LEU D 71 17.48 27.39 -95.07
C LEU D 71 16.27 28.05 -95.74
N VAL D 72 16.22 28.00 -97.07
CA VAL D 72 15.13 28.64 -97.80
C VAL D 72 13.80 27.99 -97.47
N PHE D 73 13.79 26.67 -97.26
CA PHE D 73 12.53 25.99 -96.95
C PHE D 73 12.06 26.34 -95.53
N MET D 74 12.96 26.25 -94.55
CA MET D 74 12.61 26.57 -93.17
C MET D 74 12.26 28.03 -92.99
N GLU D 75 12.78 28.93 -93.83
CA GLU D 75 12.38 30.33 -93.75
C GLU D 75 10.87 30.48 -93.97
N GLU D 76 10.37 29.93 -95.07
CA GLU D 76 8.93 30.00 -95.34
C GLU D 76 8.14 29.18 -94.33
N LEU D 77 8.70 28.05 -93.88
CA LEU D 77 8.00 27.24 -92.88
C LEU D 77 7.77 28.05 -91.60
N MET D 78 8.83 28.68 -91.08
CA MET D 78 8.70 29.47 -89.86
C MET D 78 7.87 30.73 -90.09
N GLU D 79 7.92 31.31 -91.28
CA GLU D 79 7.07 32.47 -91.56
C GLU D 79 5.59 32.09 -91.54
N ARG D 80 5.23 30.99 -92.20
CA ARG D 80 3.85 30.53 -92.18
C ARG D 80 3.42 30.12 -90.78
N ALA D 81 4.36 29.58 -89.99
CA ALA D 81 4.04 29.23 -88.61
C ALA D 81 3.78 30.48 -87.77
N ARG D 82 4.57 31.54 -87.98
CA ARG D 82 4.41 32.74 -87.17
C ARG D 82 3.19 33.55 -87.59
N ASN D 83 2.75 33.41 -88.84
CA ASN D 83 1.50 34.03 -89.24
C ASN D 83 0.31 33.08 -89.11
N ALA D 84 0.49 31.93 -88.47
CA ALA D 84 -0.56 30.99 -88.08
C ALA D 84 -1.28 30.35 -89.26
N ASP D 85 -0.65 30.25 -90.43
CA ASP D 85 -1.26 29.59 -91.58
C ASP D 85 -0.87 28.11 -91.56
N SER D 86 -1.76 27.28 -91.01
CA SER D 86 -1.48 25.85 -90.92
C SER D 86 -1.47 25.20 -92.30
N LYS D 87 -2.36 25.66 -93.19
CA LYS D 87 -2.38 25.14 -94.55
C LYS D 87 -1.05 25.42 -95.26
N GLY D 88 -0.50 26.62 -95.08
CA GLY D 88 0.79 26.91 -95.68
C GLY D 88 1.91 26.07 -95.10
N VAL D 89 1.85 25.79 -93.79
CA VAL D 89 2.83 24.91 -93.19
C VAL D 89 2.75 23.50 -93.75
N SER D 90 1.53 22.97 -93.93
CA SER D 90 1.39 21.65 -94.54
C SER D 90 1.89 21.66 -95.98
N GLN D 91 1.62 22.75 -96.71
CA GLN D 91 2.14 22.88 -98.06
C GLN D 91 3.66 22.86 -98.07
N VAL D 92 4.29 23.56 -97.14
CA VAL D 92 5.75 23.61 -97.08
C VAL D 92 6.31 22.24 -96.70
N ILE D 93 5.63 21.53 -95.81
CA ILE D 93 6.08 20.19 -95.43
C ILE D 93 6.01 19.24 -96.63
N TYR D 94 4.90 19.28 -97.37
CA TYR D 94 4.81 18.44 -98.56
C TYR D 94 5.80 18.86 -99.63
N ASP D 95 6.14 20.16 -99.68
CA ASP D 95 7.16 20.62 -100.62
C ASP D 95 8.52 20.07 -100.25
N MET D 96 8.84 20.02 -98.95
CA MET D 96 10.08 19.39 -98.52
C MET D 96 10.08 17.91 -98.85
N ILE D 97 8.94 17.24 -98.66
CA ILE D 97 8.85 15.82 -98.96
C ILE D 97 9.07 15.57 -100.45
N ALA D 98 8.50 16.41 -101.30
CA ALA D 98 8.64 16.23 -102.74
C ALA D 98 10.05 16.55 -103.20
N ALA D 99 10.64 17.63 -102.66
CA ALA D 99 11.98 18.03 -103.05
C ALA D 99 13.06 17.12 -102.48
N GLY D 100 12.70 16.16 -101.64
CA GLY D 100 13.64 15.22 -101.09
C GLY D 100 14.19 15.59 -99.73
N LEU D 101 13.91 16.81 -99.23
CA LEU D 101 14.36 17.22 -97.92
C LEU D 101 13.47 16.59 -96.87
N SER D 102 13.96 15.53 -96.22
CA SER D 102 13.17 14.84 -95.23
C SER D 102 12.88 15.74 -94.03
N PRO D 103 11.65 15.73 -93.52
CA PRO D 103 11.31 16.59 -92.38
C PRO D 103 12.05 16.18 -91.13
N GLY D 104 12.04 17.09 -90.15
CA GLY D 104 12.73 16.87 -88.89
C GLY D 104 11.89 17.33 -87.72
N PRO D 105 12.46 17.20 -86.51
CA PRO D 105 11.75 17.66 -85.31
C PRO D 105 11.50 19.16 -85.33
N ARG D 106 12.30 19.89 -86.11
CA ARG D 106 12.13 21.34 -86.23
C ARG D 106 11.01 21.70 -87.19
N SER D 107 10.72 20.83 -88.17
CA SER D 107 9.66 21.12 -89.13
C SER D 107 8.29 20.97 -88.48
N PHE D 108 8.04 19.84 -87.81
CA PHE D 108 6.77 19.62 -87.15
C PHE D 108 6.55 20.59 -85.99
N HIS D 109 7.64 21.17 -85.45
CA HIS D 109 7.50 22.20 -84.43
C HIS D 109 6.71 23.39 -84.97
N GLY D 110 6.99 23.79 -86.21
CA GLY D 110 6.23 24.89 -86.82
C GLY D 110 4.76 24.56 -86.97
N PHE D 111 4.45 23.34 -87.41
CA PHE D 111 3.06 22.92 -87.55
C PHE D 111 2.37 22.92 -86.19
N VAL D 112 3.04 22.40 -85.17
CA VAL D 112 2.44 22.34 -83.83
C VAL D 112 2.17 23.74 -83.30
N VAL D 113 3.13 24.66 -83.45
CA VAL D 113 2.92 26.00 -82.91
C VAL D 113 1.89 26.76 -83.75
N SER D 114 1.79 26.45 -85.05
CA SER D 114 0.76 27.06 -85.86
C SER D 114 -0.63 26.60 -85.42
N HIS D 115 -0.74 25.32 -85.05
CA HIS D 115 -2.02 24.83 -84.53
C HIS D 115 -2.30 25.39 -83.14
N VAL D 116 -1.26 25.64 -82.34
CA VAL D 116 -1.45 26.15 -81.00
C VAL D 116 -1.90 27.61 -81.01
N LEU D 117 -1.25 28.42 -81.85
CA LEU D 117 -1.60 29.84 -81.92
C LEU D 117 -3.03 30.06 -82.40
N ASN D 118 -3.61 29.10 -83.11
CA ASN D 118 -5.01 29.16 -83.51
C ASN D 118 -5.92 28.43 -82.54
N ARG D 119 -5.51 28.30 -81.27
CA ARG D 119 -6.26 27.62 -80.22
C ARG D 119 -6.95 26.35 -80.73
N ASP D 120 -6.23 25.56 -81.53
CA ASP D 120 -6.73 24.29 -82.06
C ASP D 120 -5.90 23.16 -81.48
N ASN D 121 -6.57 22.19 -80.88
CA ASN D 121 -5.92 21.09 -80.18
C ASN D 121 -5.87 19.80 -81.00
N ASP D 122 -6.94 19.49 -81.72
CA ASP D 122 -6.98 18.25 -82.50
C ASP D 122 -5.97 18.29 -83.64
N GLY D 123 -5.79 19.44 -84.28
CA GLY D 123 -4.77 19.56 -85.31
C GLY D 123 -3.37 19.39 -84.75
N ALA D 124 -3.12 19.95 -83.57
CA ALA D 124 -1.81 19.79 -82.94
C ALA D 124 -1.55 18.34 -82.55
N MET D 125 -2.59 17.64 -82.05
CA MET D 125 -2.46 16.22 -81.76
C MET D 125 -2.20 15.40 -83.02
N HIS D 126 -2.86 15.73 -84.13
CA HIS D 126 -2.59 15.04 -85.39
C HIS D 126 -1.17 15.30 -85.86
N ALA D 127 -0.69 16.53 -85.71
CA ALA D 127 0.68 16.84 -86.10
C ALA D 127 1.68 16.09 -85.23
N LEU D 128 1.42 16.00 -83.93
CA LEU D 128 2.29 15.24 -83.05
C LEU D 128 2.29 13.77 -83.41
N ARG D 129 1.12 13.21 -83.72
CA ARG D 129 1.07 11.81 -84.12
C ARG D 129 1.80 11.56 -85.43
N ARG D 130 1.71 12.50 -86.38
CA ARG D 130 2.45 12.37 -87.62
C ARG D 130 3.95 12.41 -87.36
N GLU D 131 4.40 13.34 -86.52
CA GLU D 131 5.82 13.43 -86.19
C GLU D 131 6.31 12.16 -85.50
N LEU D 132 5.48 11.60 -84.62
CA LEU D 132 5.88 10.37 -83.92
C LEU D 132 5.90 9.17 -84.85
N SER D 133 4.94 9.10 -85.79
CA SER D 133 4.96 8.04 -86.79
C SER D 133 6.15 8.18 -87.72
N GLU D 134 6.63 9.41 -87.90
CA GLU D 134 7.82 9.64 -88.71
C GLU D 134 9.08 9.04 -88.12
N GLY D 135 9.04 8.60 -86.86
CA GLY D 135 10.20 8.01 -86.22
C GLY D 135 11.13 8.99 -85.53
N LEU D 136 10.74 10.25 -85.41
CA LEU D 136 11.57 11.28 -84.81
C LEU D 136 11.01 11.66 -83.45
N ARG D 137 11.90 11.76 -82.46
CA ARG D 137 11.49 12.16 -81.13
C ARG D 137 11.06 13.63 -81.14
N PRO D 138 9.88 13.96 -80.61
CA PRO D 138 9.44 15.36 -80.61
C PRO D 138 10.29 16.21 -79.67
N LEU D 139 10.38 17.49 -80.02
CA LEU D 139 11.16 18.44 -79.22
C LEU D 139 10.43 18.76 -77.92
N HIS D 140 11.22 19.24 -76.95
CA HIS D 140 10.64 19.64 -75.66
C HIS D 140 9.72 20.85 -75.83
N GLU D 141 10.03 21.72 -76.79
CA GLU D 141 9.18 22.90 -77.01
C GLU D 141 7.80 22.50 -77.51
N THR D 142 7.72 21.47 -78.36
CA THR D 142 6.43 20.99 -78.85
C THR D 142 5.56 20.49 -77.70
N PHE D 143 6.14 19.65 -76.84
CA PHE D 143 5.39 19.14 -75.69
C PHE D 143 5.02 20.26 -74.72
N LEU D 144 5.91 21.24 -74.57
CA LEU D 144 5.59 22.39 -73.72
C LEU D 144 4.41 23.17 -74.26
N ALA D 145 4.38 23.39 -75.57
CA ALA D 145 3.26 24.11 -76.18
C ALA D 145 1.97 23.32 -76.07
N LEU D 146 2.04 21.99 -76.24
CA LEU D 146 0.86 21.17 -76.07
C LEU D 146 0.34 21.21 -74.64
N VAL D 147 1.25 21.16 -73.66
CA VAL D 147 0.86 21.25 -72.26
C VAL D 147 0.23 22.60 -71.96
N ARG D 148 0.80 23.67 -72.52
CA ARG D 148 0.24 25.00 -72.30
C ARG D 148 -1.15 25.12 -72.91
N LEU D 149 -1.35 24.56 -74.11
CA LEU D 149 -2.67 24.59 -74.73
C LEU D 149 -3.68 23.79 -73.93
N PHE D 150 -3.28 22.62 -73.42
CA PHE D 150 -4.19 21.82 -72.61
C PHE D 150 -4.53 22.52 -71.30
N GLY D 151 -3.56 23.23 -70.72
CA GLY D 151 -3.83 23.96 -69.50
C GLY D 151 -4.75 25.15 -69.73
N ALA D 152 -4.61 25.80 -70.89
CA ALA D 152 -5.49 26.93 -71.22
C ALA D 152 -6.93 26.46 -71.41
N LYS D 153 -7.12 25.32 -72.07
CA LYS D 153 -8.47 24.81 -72.30
C LYS D 153 -9.05 24.21 -71.03
N GLY D 154 -8.24 23.46 -70.28
CA GLY D 154 -8.68 22.81 -69.05
C GLY D 154 -8.62 21.30 -69.08
N LEU D 155 -7.97 20.70 -70.07
CA LEU D 155 -7.90 19.24 -70.18
C LEU D 155 -6.69 18.73 -69.39
N ALA D 156 -6.92 18.53 -68.09
CA ALA D 156 -5.83 18.11 -67.20
C ALA D 156 -5.40 16.68 -67.48
N THR D 157 -6.34 15.80 -67.83
CA THR D 157 -5.99 14.40 -68.07
C THR D 157 -5.12 14.26 -69.32
N ARG D 158 -5.44 14.99 -70.39
CA ARG D 158 -4.60 14.96 -71.58
C ARG D 158 -3.24 15.58 -71.29
N GLY D 159 -3.19 16.59 -70.42
CA GLY D 159 -1.91 17.13 -69.99
C GLY D 159 -1.07 16.12 -69.26
N LEU D 160 -1.69 15.32 -68.38
CA LEU D 160 -0.96 14.26 -67.69
C LEU D 160 -0.52 13.17 -68.66
N GLU D 161 -1.34 12.87 -69.66
CA GLU D 161 -0.93 11.92 -70.70
C GLU D 161 0.29 12.43 -71.45
N ILE D 162 0.30 13.74 -71.77
CA ILE D 162 1.46 14.33 -72.44
C ILE D 162 2.68 14.28 -71.53
N LEU D 163 2.48 14.51 -70.23
CA LEU D 163 3.59 14.44 -69.28
C LEU D 163 4.16 13.03 -69.20
N ALA D 164 3.30 12.02 -69.20
CA ALA D 164 3.77 10.65 -69.21
C ALA D 164 4.49 10.32 -70.51
N ALA D 165 4.01 10.86 -71.63
CA ALA D 165 4.69 10.65 -72.90
C ALA D 165 6.07 11.32 -72.91
N MET D 166 6.19 12.47 -72.26
CA MET D 166 7.49 13.11 -72.09
C MET D 166 8.40 12.30 -71.17
N GLU D 167 7.84 11.71 -70.12
CA GLU D 167 8.64 10.94 -69.17
C GLU D 167 9.16 9.65 -69.79
N LYS D 168 8.33 8.95 -70.56
CA LYS D 168 8.79 7.74 -71.22
C LYS D 168 9.83 8.04 -72.29
N LEU D 169 9.82 9.26 -72.82
CA LEU D 169 10.82 9.71 -73.77
C LEU D 169 12.07 10.26 -73.11
N LYS D 170 12.20 10.11 -71.80
CA LYS D 170 13.34 10.50 -70.96
C LYS D 170 13.46 12.02 -70.80
N TYR D 171 12.46 12.78 -71.21
CA TYR D 171 12.51 14.23 -71.00
C TYR D 171 12.20 14.56 -69.54
N ASP D 172 12.73 15.69 -69.08
CA ASP D 172 12.44 16.17 -67.74
C ASP D 172 11.07 16.86 -67.73
N ILE D 173 10.22 16.48 -66.77
CA ILE D 173 8.83 16.89 -66.77
C ILE D 173 8.53 17.89 -65.66
N ARG D 174 9.56 18.45 -65.01
CA ARG D 174 9.32 19.41 -63.94
C ARG D 174 8.77 20.73 -64.48
N GLN D 175 9.47 21.31 -65.46
CA GLN D 175 9.05 22.60 -66.02
C GLN D 175 7.69 22.48 -66.70
N ALA D 176 7.46 21.39 -67.43
CA ALA D 176 6.17 21.21 -68.09
C ALA D 176 5.04 21.07 -67.08
N TRP D 177 5.30 20.35 -65.98
CA TRP D 177 4.28 20.19 -64.94
C TRP D 177 3.99 21.52 -64.25
N LEU D 178 5.02 22.33 -64.02
CA LEU D 178 4.81 23.65 -63.44
C LEU D 178 4.00 24.55 -64.37
N VAL D 179 4.33 24.53 -65.67
CA VAL D 179 3.55 25.31 -66.63
C VAL D 179 2.11 24.82 -66.67
N LEU D 180 1.91 23.50 -66.57
CA LEU D 180 0.57 22.94 -66.58
C LEU D 180 -0.25 23.42 -65.38
N VAL D 181 0.32 23.33 -64.18
CA VAL D 181 -0.42 23.75 -63.00
C VAL D 181 -0.66 25.25 -63.01
N GLU D 182 0.29 26.02 -63.52
CA GLU D 182 0.11 27.47 -63.60
C GLU D 182 -1.01 27.83 -64.57
N GLU D 183 -1.05 27.18 -65.73
CA GLU D 183 -2.11 27.45 -66.69
C GLU D 183 -3.46 26.98 -66.17
N LEU D 184 -3.49 25.87 -65.44
CA LEU D 184 -4.76 25.40 -64.87
C LEU D 184 -5.26 26.36 -63.81
N VAL D 185 -4.36 26.93 -63.00
CA VAL D 185 -4.77 27.96 -62.05
C VAL D 185 -5.30 29.18 -62.78
N ARG D 186 -4.58 29.62 -63.82
CA ARG D 186 -5.02 30.78 -64.58
C ARG D 186 -6.34 30.52 -65.31
N SER D 187 -6.54 29.29 -65.78
CA SER D 187 -7.75 28.94 -66.52
C SER D 187 -8.95 28.71 -65.60
N ASN D 188 -8.84 29.03 -64.32
CA ASN D 188 -9.87 28.91 -63.28
C ASN D 188 -10.15 27.47 -62.89
N HIS D 189 -9.37 26.50 -63.39
CA HIS D 189 -9.54 25.10 -63.01
C HIS D 189 -8.67 24.80 -61.79
N LEU D 190 -9.15 25.27 -60.63
CA LEU D 190 -8.35 25.19 -59.41
C LEU D 190 -8.20 23.77 -58.91
N GLU D 191 -9.28 22.98 -58.92
CA GLU D 191 -9.22 21.62 -58.39
C GLU D 191 -8.34 20.74 -59.27
N ASP D 192 -8.42 20.92 -60.59
CA ASP D 192 -7.56 20.16 -61.49
C ASP D 192 -6.09 20.47 -61.24
N ALA D 193 -5.77 21.76 -61.10
CA ALA D 193 -4.40 22.14 -60.78
C ALA D 193 -3.96 21.56 -59.45
N ASN D 194 -4.86 21.54 -58.46
CA ASN D 194 -4.51 20.99 -57.16
C ASN D 194 -4.20 19.50 -57.24
N LYS D 195 -5.04 18.73 -57.94
CA LYS D 195 -4.78 17.30 -58.02
C LYS D 195 -3.55 17.00 -58.88
N VAL D 196 -3.30 17.81 -59.92
CA VAL D 196 -2.08 17.61 -60.70
C VAL D 196 -0.86 17.91 -59.85
N PHE D 197 -0.91 18.97 -59.03
CA PHE D 197 0.21 19.28 -58.15
C PHE D 197 0.41 18.17 -57.11
N LEU D 198 -0.68 17.61 -56.58
CA LEU D 198 -0.55 16.52 -55.63
C LEU D 198 0.06 15.28 -56.27
N LYS D 199 -0.34 14.97 -57.50
CA LYS D 199 0.26 13.85 -58.21
C LYS D 199 1.74 14.08 -58.46
N GLY D 200 2.11 15.31 -58.85
CA GLY D 200 3.52 15.61 -59.06
C GLY D 200 4.33 15.53 -57.79
N ALA D 201 3.77 15.99 -56.67
CA ALA D 201 4.47 15.91 -55.40
C ALA D 201 4.62 14.46 -54.94
N GLU D 202 3.60 13.65 -55.15
CA GLU D 202 3.71 12.22 -54.83
C GLU D 202 4.74 11.54 -55.71
N GLY D 203 4.88 12.01 -56.96
CA GLY D 203 5.90 11.46 -57.84
C GLY D 203 7.31 11.71 -57.35
N GLY D 204 7.53 12.86 -56.73
CA GLY D 204 8.85 13.19 -56.20
C GLY D 204 9.37 14.51 -56.72
N LEU D 205 8.63 15.13 -57.62
CA LEU D 205 9.04 16.40 -58.21
C LEU D 205 8.96 17.53 -57.19
N ARG D 206 9.63 18.63 -57.51
CA ARG D 206 9.64 19.82 -56.68
C ARG D 206 8.98 20.97 -57.43
N ALA D 207 8.52 21.97 -56.67
CA ALA D 207 7.82 23.12 -57.23
C ALA D 207 8.49 24.40 -56.79
N THR D 208 8.25 25.46 -57.55
CA THR D 208 8.79 26.77 -57.23
C THR D 208 7.96 27.45 -56.15
N ASP D 209 8.57 28.40 -55.45
CA ASP D 209 7.89 29.10 -54.37
C ASP D 209 6.68 29.87 -54.89
N GLU D 210 6.77 30.39 -56.10
CA GLU D 210 5.64 31.13 -56.68
C GLU D 210 4.45 30.21 -56.90
N ILE D 211 4.70 28.97 -57.34
CA ILE D 211 3.61 28.01 -57.50
C ILE D 211 2.96 27.70 -56.15
N TYR D 212 3.78 27.49 -55.12
CA TYR D 212 3.25 27.26 -53.78
C TYR D 212 2.36 28.41 -53.34
N ASP D 213 2.86 29.64 -53.45
CA ASP D 213 2.11 30.80 -53.00
C ASP D 213 0.82 30.97 -53.78
N LEU D 214 0.88 30.79 -55.11
CA LEU D 214 -0.31 30.93 -55.94
C LEU D 214 -1.35 29.90 -55.58
N LEU D 215 -0.95 28.62 -55.47
CA LEU D 215 -1.89 27.56 -55.12
C LEU D 215 -2.53 27.82 -53.77
N ILE D 216 -1.71 28.16 -52.76
CA ILE D 216 -2.24 28.36 -51.42
C ILE D 216 -3.20 29.55 -51.40
N GLU D 217 -2.81 30.65 -52.04
CA GLU D 217 -3.65 31.84 -52.03
C GLU D 217 -4.98 31.58 -52.74
N GLN D 218 -4.95 30.91 -53.90
CA GLN D 218 -6.18 30.65 -54.62
C GLN D 218 -7.08 29.68 -53.86
N ASP D 219 -6.49 28.64 -53.25
CA ASP D 219 -7.29 27.69 -52.48
C ASP D 219 -7.92 28.35 -51.27
N CYS D 220 -7.20 29.28 -50.64
CA CYS D 220 -7.76 29.96 -49.48
C CYS D 220 -8.83 30.98 -49.89
N LYS D 221 -8.64 31.63 -51.04
CA LYS D 221 -9.66 32.57 -51.51
C LYS D 221 -10.93 31.84 -51.91
N VAL D 222 -10.79 30.66 -52.53
CA VAL D 222 -11.97 29.88 -52.87
C VAL D 222 -12.65 29.35 -51.61
N GLY D 223 -11.87 28.88 -50.64
CA GLY D 223 -12.43 28.38 -49.41
C GLY D 223 -12.06 26.93 -49.13
N ASP D 224 -11.13 26.39 -49.92
CA ASP D 224 -10.72 24.99 -49.78
C ASP D 224 -9.50 24.96 -48.86
N HIS D 225 -9.75 24.71 -47.57
CA HIS D 225 -8.67 24.70 -46.59
C HIS D 225 -7.89 23.38 -46.64
N SER D 226 -8.56 22.29 -47.03
CA SER D 226 -7.91 20.99 -47.01
C SER D 226 -6.76 20.92 -48.01
N ASN D 227 -7.01 21.30 -49.26
CA ASN D 227 -5.95 21.27 -50.27
C ASN D 227 -4.85 22.28 -49.94
N ALA D 228 -5.22 23.43 -49.37
CA ALA D 228 -4.21 24.41 -48.97
C ALA D 228 -3.29 23.83 -47.89
N LEU D 229 -3.87 23.18 -46.89
CA LEU D 229 -3.07 22.58 -45.83
C LEU D 229 -2.21 21.44 -46.36
N THR D 230 -2.74 20.67 -47.31
CA THR D 230 -1.96 19.59 -47.91
C THR D 230 -0.77 20.15 -48.71
N ILE D 231 -0.99 21.22 -49.46
CA ILE D 231 0.09 21.85 -50.21
C ILE D 231 1.12 22.44 -49.26
N ALA D 232 0.67 23.02 -48.14
CA ALA D 232 1.61 23.54 -47.16
C ALA D 232 2.45 22.42 -46.54
N TYR D 233 1.82 21.29 -46.23
CA TYR D 233 2.57 20.15 -45.71
C TYR D 233 3.58 19.63 -46.72
N GLU D 234 3.18 19.54 -48.00
CA GLU D 234 4.12 19.10 -49.02
C GLU D 234 5.27 20.09 -49.18
N MET D 235 4.99 21.39 -49.08
CA MET D 235 6.05 22.39 -49.16
C MET D 235 7.02 22.25 -48.00
N GLU D 236 6.51 22.10 -46.78
CA GLU D 236 7.39 21.95 -45.62
C GLU D 236 8.18 20.64 -45.71
N ALA D 237 7.59 19.60 -46.30
CA ALA D 237 8.32 18.36 -46.50
C ALA D 237 9.42 18.54 -47.54
N ALA D 238 9.18 19.37 -48.55
CA ALA D 238 10.17 19.64 -49.59
C ALA D 238 11.35 20.47 -49.11
N GLY D 239 11.29 21.00 -47.88
CA GLY D 239 12.38 21.77 -47.33
C GLY D 239 12.11 23.25 -47.13
N ARG D 240 11.09 23.79 -47.79
CA ARG D 240 10.75 25.20 -47.63
C ARG D 240 9.77 25.36 -46.48
N MET D 241 10.14 26.16 -45.49
CA MET D 241 9.26 26.41 -44.37
C MET D 241 8.16 27.40 -44.75
N ALA D 242 7.18 27.53 -43.87
CA ALA D 242 6.03 28.41 -44.10
C ALA D 242 6.25 29.74 -43.41
N THR D 243 5.79 30.81 -44.05
CA THR D 243 5.92 32.16 -43.52
C THR D 243 4.55 32.65 -43.06
N THR D 244 4.52 33.91 -42.60
CA THR D 244 3.29 34.48 -42.07
C THR D 244 2.21 34.60 -43.14
N PHE D 245 2.62 34.68 -44.41
CA PHE D 245 1.63 34.79 -45.49
C PHE D 245 0.77 33.54 -45.59
N HIS D 246 1.39 32.36 -45.60
CA HIS D 246 0.63 31.12 -45.69
C HIS D 246 -0.26 30.92 -44.47
N PHE D 247 0.24 31.25 -43.28
CA PHE D 247 -0.57 31.11 -42.08
C PHE D 247 -1.75 32.07 -42.07
N ASN D 248 -1.54 33.29 -42.57
CA ASN D 248 -2.66 34.23 -42.67
C ASN D 248 -3.69 33.75 -43.68
N CYS D 249 -3.22 33.19 -44.81
CA CYS D 249 -4.14 32.64 -45.80
C CYS D 249 -4.95 31.49 -45.20
N LEU D 250 -4.31 30.64 -44.40
CA LEU D 250 -5.03 29.53 -43.78
C LEU D 250 -6.02 30.04 -42.74
N LEU D 251 -5.63 31.02 -41.93
CA LEU D 251 -6.53 31.57 -40.92
C LEU D 251 -7.71 32.29 -41.56
N SER D 252 -7.53 32.85 -42.77
CA SER D 252 -8.66 33.45 -43.48
C SER D 252 -9.81 32.48 -43.64
N VAL D 253 -9.50 31.20 -43.87
CA VAL D 253 -10.53 30.18 -43.98
C VAL D 253 -10.89 29.62 -42.61
N GLN D 254 -9.90 29.48 -41.73
CA GLN D 254 -10.15 28.89 -40.41
C GLN D 254 -11.05 29.75 -39.54
N ALA D 255 -11.09 31.07 -39.78
CA ALA D 255 -11.88 31.95 -38.92
C ALA D 255 -13.37 31.78 -39.17
N THR D 256 -13.77 31.50 -40.41
CA THR D 256 -15.17 31.39 -40.78
C THR D 256 -15.76 30.02 -40.47
N CYS D 257 -15.02 29.16 -39.77
CA CYS D 257 -15.53 27.84 -39.45
C CYS D 257 -16.62 27.91 -38.38
N GLY D 258 -16.39 28.67 -37.32
CA GLY D 258 -17.30 28.74 -36.19
C GLY D 258 -16.75 28.15 -34.92
N ILE D 259 -15.58 27.53 -34.96
CA ILE D 259 -14.91 26.99 -33.78
C ILE D 259 -13.70 27.86 -33.49
N PRO D 260 -13.70 28.60 -32.38
CA PRO D 260 -12.59 29.54 -32.11
C PRO D 260 -11.31 28.88 -31.60
N GLU D 261 -11.22 27.56 -31.61
CA GLU D 261 -10.04 26.86 -31.10
C GLU D 261 -9.14 26.34 -32.21
N ILE D 262 -9.64 26.22 -33.44
CA ILE D 262 -8.78 25.75 -34.53
C ILE D 262 -7.88 26.88 -35.02
N ALA D 263 -8.37 28.12 -34.96
CA ALA D 263 -7.54 29.26 -35.34
C ALA D 263 -6.55 29.59 -34.23
N PHE D 264 -6.92 29.36 -32.97
CA PHE D 264 -6.02 29.66 -31.86
C PHE D 264 -4.81 28.72 -31.86
N ALA D 265 -4.99 27.49 -32.35
CA ALA D 265 -3.85 26.59 -32.48
C ALA D 265 -2.83 27.13 -33.47
N THR D 266 -3.30 27.62 -34.62
CA THR D 266 -2.39 28.22 -35.59
C THR D 266 -1.77 29.50 -35.03
N PHE D 267 -2.54 30.27 -34.26
CA PHE D 267 -1.99 31.48 -33.65
C PHE D 267 -0.88 31.16 -32.67
N GLU D 268 -1.06 30.10 -31.86
CA GLU D 268 0.00 29.68 -30.95
C GLU D 268 1.19 29.08 -31.69
N ASN D 269 0.95 28.43 -32.83
CA ASN D 269 2.06 27.95 -33.66
C ASN D 269 2.88 29.12 -34.18
N MET D 270 2.21 30.20 -34.60
CA MET D 270 2.92 31.37 -35.12
C MET D 270 3.64 32.11 -34.01
N GLU D 271 2.98 32.28 -32.86
CA GLU D 271 3.52 33.13 -31.80
C GLU D 271 4.80 32.53 -31.22
N TYR D 272 4.80 31.24 -30.92
CA TYR D 272 5.93 30.57 -30.30
C TYR D 272 6.86 29.92 -31.32
N GLY D 273 6.70 30.24 -32.60
CA GLY D 273 7.57 29.73 -33.64
C GLY D 273 8.77 30.63 -33.89
N GLU D 274 9.35 30.47 -35.07
CA GLU D 274 10.50 31.28 -35.46
C GLU D 274 10.06 32.69 -35.84
N ASP D 275 11.06 33.53 -36.17
CA ASP D 275 10.77 34.93 -36.48
C ASP D 275 10.04 35.07 -37.80
N HIS D 276 10.37 34.24 -38.79
CA HIS D 276 9.75 34.37 -40.09
C HIS D 276 8.27 34.01 -40.07
N MET D 277 7.87 33.15 -39.13
CA MET D 277 6.47 32.75 -39.00
C MET D 277 5.74 33.45 -37.86
N LYS D 278 6.34 34.50 -37.28
CA LYS D 278 5.70 35.21 -36.19
C LYS D 278 4.44 35.92 -36.69
N PRO D 279 3.46 36.13 -35.80
CA PRO D 279 2.19 36.72 -36.23
C PRO D 279 2.35 38.17 -36.66
N ASP D 280 1.33 38.64 -37.37
CA ASP D 280 1.23 40.02 -37.83
C ASP D 280 -0.13 40.57 -37.45
N THR D 281 -0.40 41.82 -37.83
CA THR D 281 -1.68 42.45 -37.50
C THR D 281 -2.84 41.67 -38.08
N GLU D 282 -2.68 41.15 -39.30
CA GLU D 282 -3.75 40.38 -39.92
C GLU D 282 -4.06 39.11 -39.12
N THR D 283 -3.04 38.48 -38.55
CA THR D 283 -3.26 37.27 -37.76
C THR D 283 -4.08 37.60 -36.50
N TYR D 284 -3.69 38.65 -35.77
CA TYR D 284 -4.46 39.05 -34.61
C TYR D 284 -5.89 39.41 -35.00
N ASN D 285 -6.07 40.09 -36.13
CA ASN D 285 -7.42 40.44 -36.57
C ASN D 285 -8.24 39.19 -36.88
N TRP D 286 -7.64 38.20 -37.54
CA TRP D 286 -8.36 36.97 -37.85
C TRP D 286 -8.76 36.23 -36.58
N VAL D 287 -7.87 36.15 -35.60
CA VAL D 287 -8.20 35.42 -34.38
C VAL D 287 -9.24 36.19 -33.58
N ILE D 288 -9.18 37.52 -33.59
CA ILE D 288 -10.19 38.32 -32.91
C ILE D 288 -11.54 38.13 -33.57
N GLN D 289 -11.57 38.06 -34.90
CA GLN D 289 -12.83 37.80 -35.60
C GLN D 289 -13.36 36.41 -35.27
N ALA D 290 -12.46 35.42 -35.18
CA ALA D 290 -12.89 34.07 -34.86
C ALA D 290 -13.48 33.98 -33.46
N TYR D 291 -12.85 34.64 -32.49
CA TYR D 291 -13.34 34.58 -31.12
C TYR D 291 -14.59 35.44 -30.94
N THR D 292 -14.70 36.54 -31.67
CA THR D 292 -15.81 37.46 -31.47
C THR D 292 -17.12 36.87 -31.96
N ARG D 293 -17.11 36.21 -33.13
CA ARG D 293 -18.32 35.73 -33.78
C ARG D 293 -18.62 34.28 -33.45
N ALA D 294 -18.24 33.83 -32.26
CA ALA D 294 -18.55 32.48 -31.83
C ALA D 294 -20.03 32.36 -31.46
N GLU D 295 -20.51 31.12 -31.40
CA GLU D 295 -21.92 30.84 -31.13
C GLU D 295 -22.11 29.81 -30.02
N SER D 296 -21.05 29.46 -29.28
CA SER D 296 -21.12 28.36 -28.33
C SER D 296 -20.93 28.75 -26.87
N TYR D 297 -20.04 29.69 -26.57
CA TYR D 297 -19.74 30.01 -25.18
C TYR D 297 -19.47 31.51 -25.07
N ASP D 298 -18.93 31.92 -23.91
CA ASP D 298 -18.74 33.34 -23.64
C ASP D 298 -17.68 33.95 -24.56
N ARG D 299 -16.44 33.48 -24.43
CA ARG D 299 -15.32 33.93 -25.27
C ARG D 299 -15.13 35.44 -25.20
N VAL D 300 -15.22 36.01 -23.99
CA VAL D 300 -14.94 37.42 -23.80
C VAL D 300 -13.60 37.67 -23.12
N GLN D 301 -13.20 36.82 -22.16
CA GLN D 301 -11.86 36.93 -21.59
C GLN D 301 -10.80 36.52 -22.58
N ASP D 302 -11.15 35.62 -23.52
CA ASP D 302 -10.21 35.22 -24.55
C ASP D 302 -9.80 36.40 -25.42
N VAL D 303 -10.77 37.23 -25.79
CA VAL D 303 -10.47 38.42 -26.60
C VAL D 303 -9.61 39.39 -25.81
N ALA D 304 -9.86 39.51 -24.51
CA ALA D 304 -9.05 40.41 -23.68
C ALA D 304 -7.61 39.92 -23.57
N GLU D 305 -7.43 38.62 -23.35
CA GLU D 305 -6.07 38.07 -23.28
C GLU D 305 -5.36 38.18 -24.63
N LEU D 306 -6.12 38.01 -25.73
CA LEU D 306 -5.53 38.16 -27.06
C LEU D 306 -5.13 39.60 -27.32
N LEU D 307 -5.93 40.56 -26.82
CA LEU D 307 -5.56 41.96 -26.96
C LEU D 307 -4.32 42.29 -26.13
N GLY D 308 -4.23 41.70 -24.94
CA GLY D 308 -3.02 41.87 -24.14
C GLY D 308 -1.80 41.29 -24.82
N MET D 309 -1.94 40.13 -25.45
CA MET D 309 -0.85 39.58 -26.24
C MET D 309 -0.54 40.46 -27.45
N MET D 310 -1.54 41.17 -27.97
CA MET D 310 -1.33 42.06 -29.10
C MET D 310 -0.53 43.31 -28.73
N VAL D 311 -0.17 43.46 -27.46
CA VAL D 311 0.57 44.64 -27.03
C VAL D 311 2.07 44.38 -27.24
N GLU D 312 2.53 44.61 -28.46
CA GLU D 312 3.95 44.53 -28.81
C GLU D 312 4.27 45.75 -29.69
N ASP D 313 4.69 46.84 -29.05
CA ASP D 313 4.83 48.11 -29.76
C ASP D 313 5.93 48.03 -30.81
N HIS D 314 7.13 47.64 -30.41
CA HIS D 314 8.29 47.62 -31.31
C HIS D 314 8.44 46.25 -31.96
N LYS D 315 7.31 45.75 -32.49
CA LYS D 315 7.30 44.52 -33.25
C LYS D 315 6.39 44.68 -34.47
N ARG D 316 6.23 45.92 -34.93
CA ARG D 316 5.39 46.30 -36.06
C ARG D 316 3.93 45.91 -35.85
N VAL D 317 3.55 45.46 -34.66
CA VAL D 317 2.17 45.02 -34.40
C VAL D 317 1.40 46.26 -33.96
N GLN D 318 0.84 46.96 -34.93
CA GLN D 318 0.04 48.16 -34.72
C GLN D 318 -1.37 47.93 -35.25
N PRO D 319 -2.37 48.53 -34.61
CA PRO D 319 -3.76 48.28 -35.02
C PRO D 319 -4.09 48.93 -36.35
N ASN D 320 -5.10 48.36 -37.00
CA ASN D 320 -5.65 48.90 -38.24
C ASN D 320 -7.15 49.09 -38.06
N VAL D 321 -7.83 49.44 -39.17
CA VAL D 321 -9.27 49.69 -39.10
C VAL D 321 -10.02 48.43 -38.68
N ARG D 322 -9.62 47.27 -39.20
CA ARG D 322 -10.29 46.03 -38.84
C ARG D 322 -10.14 45.69 -37.36
N THR D 323 -8.97 45.99 -36.78
CA THR D 323 -8.76 45.72 -35.37
C THR D 323 -9.73 46.52 -34.51
N TYR D 324 -9.81 47.83 -34.76
CA TYR D 324 -10.74 48.67 -34.00
C TYR D 324 -12.18 48.25 -34.21
N ALA D 325 -12.54 47.93 -35.46
CA ALA D 325 -13.91 47.52 -35.75
C ALA D 325 -14.28 46.25 -35.00
N LEU D 326 -13.40 45.24 -35.05
CA LEU D 326 -13.69 43.97 -34.38
C LEU D 326 -13.71 44.15 -32.86
N LEU D 327 -12.82 44.97 -32.32
CA LEU D 327 -12.82 45.20 -30.87
C LEU D 327 -14.09 45.92 -30.43
N VAL D 328 -14.53 46.92 -31.20
CA VAL D 328 -15.77 47.61 -30.88
C VAL D 328 -16.95 46.65 -30.94
N GLU D 329 -17.01 45.83 -31.99
CA GLU D 329 -18.09 44.86 -32.12
C GLU D 329 -18.11 43.89 -30.94
N CYS D 330 -16.94 43.36 -30.57
CA CYS D 330 -16.86 42.41 -29.47
C CYS D 330 -17.30 43.04 -28.15
N PHE D 331 -16.74 44.22 -27.83
CA PHE D 331 -17.08 44.86 -26.56
C PHE D 331 -18.53 45.34 -26.54
N THR D 332 -19.12 45.58 -27.71
CA THR D 332 -20.53 45.93 -27.76
C THR D 332 -21.41 44.72 -27.51
N LYS D 333 -21.09 43.59 -28.14
CA LYS D 333 -21.91 42.39 -27.99
C LYS D 333 -21.93 41.90 -26.55
N TYR D 334 -20.90 42.22 -25.77
CA TYR D 334 -20.82 41.80 -24.38
C TYR D 334 -21.05 42.95 -23.40
N CYS D 335 -21.66 44.05 -23.86
CA CYS D 335 -22.07 45.17 -23.00
C CYS D 335 -20.87 45.83 -22.33
N VAL D 336 -19.68 45.70 -22.92
CA VAL D 336 -18.50 46.41 -22.45
C VAL D 336 -18.43 47.74 -23.17
N VAL D 337 -19.10 48.75 -22.63
CA VAL D 337 -19.32 49.99 -23.38
C VAL D 337 -18.11 50.89 -23.30
N ARG D 338 -17.41 50.90 -22.17
CA ARG D 338 -16.30 51.82 -22.00
C ARG D 338 -15.15 51.53 -22.97
N GLU D 339 -14.69 50.27 -23.01
CA GLU D 339 -13.62 49.93 -23.95
C GLU D 339 -14.11 50.02 -25.39
N ALA D 340 -15.40 49.77 -25.62
CA ALA D 340 -15.95 49.95 -26.96
C ALA D 340 -15.83 51.40 -27.41
N ILE D 341 -16.13 52.34 -26.53
CA ILE D 341 -15.98 53.76 -26.86
C ILE D 341 -14.51 54.11 -27.03
N ARG D 342 -13.65 53.54 -26.18
CA ARG D 342 -12.21 53.78 -26.29
C ARG D 342 -11.71 53.39 -27.68
N HIS D 343 -12.13 52.22 -28.17
CA HIS D 343 -11.66 51.77 -29.48
C HIS D 343 -12.40 52.46 -30.62
N PHE D 344 -13.63 52.91 -30.40
CA PHE D 344 -14.35 53.66 -31.43
C PHE D 344 -13.72 55.03 -31.64
N ARG D 345 -13.19 55.63 -30.57
CA ARG D 345 -12.47 56.90 -30.72
C ARG D 345 -11.25 56.73 -31.61
N GLY D 346 -10.58 55.58 -31.52
CA GLY D 346 -9.47 55.32 -32.43
C GLY D 346 -9.94 55.01 -33.83
N LEU D 347 -11.04 54.27 -33.96
CA LEU D 347 -11.58 53.93 -35.28
C LEU D 347 -12.03 55.19 -36.03
N LYS D 348 -12.48 56.21 -35.31
CA LYS D 348 -12.95 57.43 -35.96
C LYS D 348 -11.86 58.09 -36.79
N ASN D 349 -10.59 57.95 -36.38
CA ASN D 349 -9.51 58.62 -37.08
C ASN D 349 -9.30 58.07 -38.49
N PHE D 350 -9.49 56.76 -38.68
CA PHE D 350 -9.37 56.18 -40.01
C PHE D 350 -10.55 56.60 -40.89
N GLU D 351 -10.30 56.68 -42.18
CA GLU D 351 -11.31 57.06 -43.15
C GLU D 351 -12.07 55.81 -43.61
N GLY D 352 -13.38 55.86 -43.49
CA GLY D 352 -14.22 54.71 -43.77
C GLY D 352 -14.30 53.69 -42.65
N GLY D 353 -13.81 54.03 -41.46
CA GLY D 353 -13.83 53.07 -40.36
C GLY D 353 -15.23 52.67 -39.95
N THR D 354 -16.17 53.62 -39.95
CA THR D 354 -17.54 53.29 -39.63
C THR D 354 -18.16 52.40 -40.70
N GLN D 355 -17.75 52.56 -41.96
CA GLN D 355 -18.23 51.67 -43.02
C GLN D 355 -17.70 50.26 -42.82
N VAL D 356 -16.48 50.12 -42.33
CA VAL D 356 -15.93 48.79 -42.06
C VAL D 356 -16.61 48.18 -40.84
N LEU D 357 -16.93 49.01 -39.84
CA LEU D 357 -17.66 48.52 -38.67
C LEU D 357 -19.03 47.98 -39.08
N TYR D 358 -19.70 48.66 -40.02
CA TYR D 358 -20.94 48.15 -40.60
C TYR D 358 -20.55 47.17 -41.69
N ASN D 359 -20.26 45.93 -41.30
CA ASN D 359 -19.74 44.91 -42.23
C ASN D 359 -20.89 44.38 -43.08
N ASP D 360 -21.46 45.27 -43.89
CA ASP D 360 -22.52 44.97 -44.85
C ASP D 360 -23.78 44.45 -44.16
N GLY D 361 -23.89 44.62 -42.84
CA GLY D 361 -25.04 44.16 -42.11
C GLY D 361 -25.19 42.66 -41.99
N LYS D 362 -24.14 41.89 -42.31
CA LYS D 362 -24.27 40.44 -42.32
C LYS D 362 -24.25 39.86 -40.91
N TYR D 363 -23.64 40.57 -39.96
CA TYR D 363 -23.41 40.03 -38.62
C TYR D 363 -24.09 40.92 -37.58
N GLY D 364 -25.34 41.30 -37.85
CA GLY D 364 -26.16 41.99 -36.89
C GLY D 364 -25.98 43.49 -36.84
N ASP D 365 -25.27 44.08 -37.81
CA ASP D 365 -25.01 45.52 -37.88
C ASP D 365 -24.29 46.00 -36.61
N PRO D 366 -23.03 45.62 -36.43
CA PRO D 366 -22.33 46.00 -35.19
C PRO D 366 -22.32 47.49 -34.91
N LEU D 367 -22.33 48.33 -35.96
CA LEU D 367 -22.44 49.77 -35.75
C LEU D 367 -23.79 50.11 -35.13
N SER D 368 -24.85 49.47 -35.62
CA SER D 368 -26.17 49.68 -35.03
C SER D 368 -26.23 49.17 -33.59
N LEU D 369 -25.61 48.03 -33.33
CA LEU D 369 -25.56 47.51 -31.96
C LEU D 369 -24.80 48.48 -31.04
N TYR D 370 -23.72 49.07 -31.55
CA TYR D 370 -22.98 50.07 -30.80
C TYR D 370 -23.83 51.29 -30.51
N LEU D 371 -24.57 51.77 -31.50
CA LEU D 371 -25.45 52.91 -31.29
C LEU D 371 -26.55 52.60 -30.27
N ARG D 372 -27.12 51.39 -30.34
CA ARG D 372 -28.16 51.02 -29.40
C ARG D 372 -27.60 50.89 -27.99
N ALA D 373 -26.40 50.34 -27.86
CA ALA D 373 -25.76 50.24 -26.54
C ALA D 373 -25.48 51.62 -25.97
N LEU D 374 -25.06 52.55 -26.82
CA LEU D 374 -24.85 53.93 -26.36
C LEU D 374 -26.17 54.57 -25.94
N CYS D 375 -27.24 54.30 -26.68
CA CYS D 375 -28.53 54.92 -26.39
C CYS D 375 -29.13 54.38 -25.09
N ARG D 376 -29.04 53.06 -24.88
CA ARG D 376 -29.71 52.45 -23.74
C ARG D 376 -29.11 52.90 -22.41
N GLU D 377 -27.77 52.92 -22.31
CA GLU D 377 -27.15 53.32 -21.06
C GLU D 377 -27.27 54.82 -20.81
N GLY D 378 -27.43 55.61 -21.86
CA GLY D 378 -27.63 57.04 -21.72
C GLY D 378 -26.43 57.90 -22.05
N ARG D 379 -25.34 57.31 -22.54
CA ARG D 379 -24.14 58.06 -22.91
C ARG D 379 -24.36 58.70 -24.28
N ILE D 380 -25.19 59.75 -24.28
CA ILE D 380 -25.66 60.34 -25.53
C ILE D 380 -24.64 61.28 -26.17
N VAL D 381 -23.67 61.79 -25.40
CA VAL D 381 -22.63 62.61 -26.01
C VAL D 381 -21.76 61.76 -26.92
N GLU D 382 -21.41 60.56 -26.48
CA GLU D 382 -20.69 59.64 -27.34
C GLU D 382 -21.55 59.18 -28.51
N LEU D 383 -22.86 59.12 -28.31
CA LEU D 383 -23.77 58.82 -29.41
C LEU D 383 -23.75 59.94 -30.46
N LEU D 384 -23.71 61.20 -30.01
CA LEU D 384 -23.59 62.32 -30.93
C LEU D 384 -22.25 62.27 -31.66
N GLU D 385 -21.18 61.90 -30.95
CA GLU D 385 -19.88 61.77 -31.60
C GLU D 385 -19.92 60.68 -32.67
N ALA D 386 -20.56 59.55 -32.38
CA ALA D 386 -20.67 58.47 -33.36
C ALA D 386 -21.51 58.91 -34.56
N LEU D 387 -22.58 59.66 -34.33
CA LEU D 387 -23.40 60.17 -35.43
C LEU D 387 -22.61 61.15 -36.29
N GLU D 388 -21.80 61.99 -35.65
CA GLU D 388 -20.94 62.90 -36.42
C GLU D 388 -19.93 62.12 -37.25
N ALA D 389 -19.35 61.06 -36.68
CA ALA D 389 -18.42 60.24 -37.44
C ALA D 389 -19.10 59.57 -38.62
N MET D 390 -20.33 59.07 -38.42
CA MET D 390 -21.08 58.45 -39.50
C MET D 390 -21.40 59.46 -40.60
N ALA D 391 -21.76 60.69 -40.21
CA ALA D 391 -22.02 61.73 -41.20
C ALA D 391 -20.75 62.09 -41.96
N LYS D 392 -19.60 62.09 -41.28
CA LYS D 392 -18.34 62.39 -41.93
C LYS D 392 -17.95 61.29 -42.92
N ASP D 393 -18.23 60.04 -42.57
CA ASP D 393 -17.89 58.90 -43.41
C ASP D 393 -19.03 58.53 -44.36
N ASN D 394 -20.10 59.33 -44.39
CA ASN D 394 -21.22 59.12 -45.30
C ASN D 394 -21.85 57.74 -45.11
N GLN D 395 -22.11 57.38 -43.86
CA GLN D 395 -22.73 56.10 -43.54
C GLN D 395 -24.15 56.31 -43.05
N PRO D 396 -25.16 55.86 -43.79
CA PRO D 396 -26.54 56.03 -43.34
C PRO D 396 -26.84 55.21 -42.09
N ILE D 397 -27.87 55.63 -41.37
CA ILE D 397 -28.28 54.90 -40.17
C ILE D 397 -28.80 53.52 -40.57
N PRO D 398 -28.34 52.45 -39.91
CA PRO D 398 -28.86 51.11 -40.22
C PRO D 398 -30.34 51.02 -39.96
N PRO D 399 -31.04 50.07 -40.59
CA PRO D 399 -32.50 50.01 -40.47
C PRO D 399 -32.98 49.43 -39.15
N ARG D 400 -32.06 49.24 -38.19
CA ARG D 400 -32.40 48.70 -36.89
C ARG D 400 -32.83 49.78 -35.90
N ALA D 401 -33.44 50.86 -36.38
CA ALA D 401 -34.05 51.86 -35.50
C ALA D 401 -35.35 51.27 -34.97
N MET D 402 -35.21 50.34 -34.03
CA MET D 402 -36.34 49.58 -33.53
C MET D 402 -37.14 50.39 -32.52
N ILE D 403 -38.46 50.41 -32.70
CA ILE D 403 -39.34 51.05 -31.74
C ILE D 403 -39.71 50.06 -30.64
N LEU D 404 -39.93 50.59 -29.44
CA LEU D 404 -40.33 49.76 -28.31
C LEU D 404 -41.82 49.46 -28.38
N SER D 405 -42.36 48.92 -27.28
CA SER D 405 -43.80 48.74 -27.18
C SER D 405 -44.53 50.06 -27.38
N ARG D 406 -43.99 51.15 -26.85
CA ARG D 406 -44.46 52.49 -27.16
C ARG D 406 -43.70 53.00 -28.38
N LYS D 407 -44.43 53.38 -29.43
CA LYS D 407 -43.81 53.80 -30.68
C LYS D 407 -43.03 55.11 -30.55
N TYR D 408 -42.99 55.72 -29.37
CA TYR D 408 -42.20 56.94 -29.19
C TYR D 408 -40.70 56.62 -29.18
N ARG D 409 -40.34 55.40 -28.80
CA ARG D 409 -38.93 55.09 -28.58
C ARG D 409 -38.14 55.14 -29.88
N THR D 410 -37.00 55.84 -29.82
CA THR D 410 -36.04 55.87 -30.90
C THR D 410 -34.70 56.24 -30.28
N LEU D 411 -33.63 56.15 -31.09
CA LEU D 411 -32.31 56.52 -30.58
C LEU D 411 -32.23 58.01 -30.27
N VAL D 412 -33.23 58.79 -30.68
CA VAL D 412 -33.17 60.23 -30.51
C VAL D 412 -33.59 60.63 -29.10
N SER D 413 -34.66 60.04 -28.58
CA SER D 413 -35.25 60.50 -27.33
C SER D 413 -35.62 59.40 -26.35
N SER D 414 -35.05 58.20 -26.47
CA SER D 414 -35.32 57.16 -25.47
C SER D 414 -34.56 57.39 -24.17
N TRP D 415 -33.70 58.41 -24.11
CA TRP D 415 -32.86 58.68 -22.95
C TRP D 415 -33.38 59.82 -22.08
N ILE D 416 -34.55 60.38 -22.41
CA ILE D 416 -35.13 61.47 -21.63
C ILE D 416 -35.61 60.91 -20.30
N GLU D 417 -35.88 61.81 -19.35
CA GLU D 417 -36.32 61.39 -18.03
C GLU D 417 -37.53 60.46 -18.07
N PRO D 418 -38.64 60.78 -18.79
CA PRO D 418 -39.74 59.81 -18.85
C PRO D 418 -39.37 58.61 -19.71
N LEU D 419 -39.03 57.50 -19.05
CA LEU D 419 -38.59 56.29 -19.73
C LEU D 419 -39.72 55.27 -19.78
N GLN D 420 -39.84 54.59 -20.93
CA GLN D 420 -40.88 53.60 -21.16
C GLN D 420 -42.28 54.18 -20.96
N GLU D 421 -42.40 55.48 -21.22
CA GLU D 421 -43.68 56.18 -21.09
C GLU D 421 -43.80 57.17 -22.25
N GLU D 422 -44.99 57.25 -22.82
CA GLU D 422 -45.23 58.08 -23.98
C GLU D 422 -45.72 59.46 -23.56
N ALA D 423 -45.22 60.48 -24.25
CA ALA D 423 -45.52 61.86 -23.89
C ALA D 423 -46.97 62.21 -24.24
N GLU D 424 -47.45 63.30 -23.65
CA GLU D 424 -48.79 63.79 -23.91
C GLU D 424 -48.84 64.54 -25.24
N LEU D 425 -49.82 64.21 -26.06
CA LEU D 425 -50.03 64.86 -27.35
C LEU D 425 -51.46 65.37 -27.44
N GLY D 426 -51.68 66.30 -28.37
CA GLY D 426 -53.02 66.83 -28.57
C GLY D 426 -54.01 65.76 -28.97
N TYR D 427 -53.69 64.99 -30.00
CA TYR D 427 -54.54 63.89 -30.41
C TYR D 427 -54.31 62.68 -29.51
N GLU D 428 -55.38 61.93 -29.27
CA GLU D 428 -55.26 60.71 -28.47
C GLU D 428 -54.58 59.61 -29.28
N ILE D 429 -53.88 58.73 -28.57
CA ILE D 429 -53.16 57.64 -29.22
C ILE D 429 -54.16 56.66 -29.83
N ASP D 430 -54.06 56.46 -31.15
CA ASP D 430 -54.95 55.57 -31.88
C ASP D 430 -54.29 54.19 -31.97
N TYR D 431 -54.54 53.37 -30.96
CA TYR D 431 -53.93 52.04 -30.91
C TYR D 431 -54.44 51.16 -32.05
N ILE D 432 -55.69 51.35 -32.46
CA ILE D 432 -56.21 50.59 -33.61
C ILE D 432 -55.53 51.03 -34.90
N ALA D 433 -55.23 52.31 -35.01
CA ALA D 433 -54.57 52.79 -36.20
C ALA D 433 -53.20 52.17 -36.24
N ARG D 434 -52.55 52.10 -35.09
CA ARG D 434 -51.22 51.54 -35.04
C ARG D 434 -51.33 50.09 -35.41
N TYR D 435 -52.41 49.46 -34.98
CA TYR D 435 -52.54 48.04 -35.22
C TYR D 435 -52.58 47.77 -36.70
N VAL D 436 -53.29 48.60 -37.44
CA VAL D 436 -53.41 48.32 -38.85
C VAL D 436 -52.17 48.81 -39.54
N ALA D 437 -51.45 49.73 -38.89
CA ALA D 437 -50.21 50.20 -39.48
C ALA D 437 -49.09 49.18 -39.44
N GLU D 438 -48.91 48.51 -38.29
CA GLU D 438 -47.90 47.48 -38.20
C GLU D 438 -48.28 46.37 -39.15
N GLY D 439 -49.58 46.12 -39.26
CA GLY D 439 -50.07 45.08 -40.13
C GLY D 439 -51.28 44.62 -39.37
N GLY D 440 -52.46 44.82 -39.93
CA GLY D 440 -53.68 44.48 -39.24
C GLY D 440 -54.40 43.32 -39.88
N LEU D 441 -54.42 42.17 -39.20
CA LEU D 441 -55.09 40.97 -39.71
C LEU D 441 -54.34 40.41 -40.90
N THR D 442 -53.12 40.89 -41.10
CA THR D 442 -52.30 40.36 -42.16
C THR D 442 -51.42 39.34 -41.48
N GLY D 443 -51.77 39.03 -40.23
CA GLY D 443 -50.98 38.08 -39.46
C GLY D 443 -49.49 38.35 -39.35
N ASP D 444 -49.13 39.62 -39.20
CA ASP D 444 -47.71 39.97 -39.13
C ASP D 444 -47.51 41.10 -38.15
N ARG D 445 -47.60 40.78 -36.87
CA ARG D 445 -47.36 41.78 -35.85
C ARG D 445 -46.53 41.16 -34.73
N LYS D 446 -45.85 41.99 -33.97
CA LYS D 446 -45.08 41.47 -32.87
C LYS D 446 -45.97 41.41 -31.67
N ARG D 447 -46.30 40.22 -31.23
CA ARG D 447 -47.16 40.06 -30.10
C ARG D 447 -46.32 39.90 -28.85
N TRP D 448 -46.45 40.83 -27.91
CA TRP D 448 -45.62 40.78 -26.72
C TRP D 448 -46.13 39.79 -25.71
N VAL D 449 -45.85 38.51 -25.92
CA VAL D 449 -46.27 37.49 -24.97
C VAL D 449 -45.04 36.68 -24.54
N PRO D 450 -44.81 36.51 -23.24
CA PRO D 450 -43.64 35.74 -22.79
C PRO D 450 -43.80 34.27 -23.15
N ARG D 451 -42.70 33.66 -23.58
CA ARG D 451 -42.67 32.25 -23.96
C ARG D 451 -41.70 31.51 -23.06
N ARG D 452 -41.88 30.19 -23.00
CA ARG D 452 -41.06 29.37 -22.10
C ARG D 452 -39.64 29.22 -22.63
N GLY D 453 -39.47 29.17 -23.95
CA GLY D 453 -38.16 28.98 -24.53
C GLY D 453 -37.20 30.12 -24.24
N LYS D 454 -35.92 29.82 -24.37
CA LYS D 454 -34.86 30.81 -24.11
C LYS D 454 -34.66 31.67 -25.36
N THR D 455 -35.66 32.51 -25.61
CA THR D 455 -35.65 33.44 -26.73
C THR D 455 -36.20 34.77 -26.25
N PRO D 456 -35.46 35.87 -26.47
CA PRO D 456 -35.93 37.17 -26.00
C PRO D 456 -37.13 37.66 -26.79
N LEU D 457 -38.21 37.98 -26.08
CA LEU D 457 -39.40 38.51 -26.74
C LEU D 457 -39.16 39.92 -27.25
N ASP D 458 -38.30 40.67 -26.58
CA ASP D 458 -37.96 42.01 -27.05
C ASP D 458 -37.02 41.91 -28.25
N PRO D 459 -37.29 42.63 -29.34
CA PRO D 459 -36.45 42.54 -30.53
C PRO D 459 -35.16 43.34 -30.47
N ASP D 460 -35.02 44.23 -29.48
CA ASP D 460 -33.77 44.98 -29.35
C ASP D 460 -32.66 44.13 -28.76
N ALA D 461 -33.01 43.08 -28.00
CA ALA D 461 -32.01 42.19 -27.43
C ALA D 461 -31.29 41.37 -28.50
N GLU D 462 -31.85 41.28 -29.70
CA GLU D 462 -31.21 40.52 -30.77
C GLU D 462 -29.87 41.14 -31.14
N GLY D 463 -28.86 40.30 -31.32
CA GLY D 463 -27.51 40.73 -31.62
C GLY D 463 -26.56 40.70 -30.45
N PHE D 464 -27.08 40.77 -29.23
CA PHE D 464 -26.26 40.73 -28.02
C PHE D 464 -26.15 39.30 -27.49
N ILE D 465 -25.01 39.01 -26.86
CA ILE D 465 -24.74 37.65 -26.41
C ILE D 465 -25.68 37.26 -25.27
N TYR D 466 -25.92 38.17 -24.34
CA TYR D 466 -26.76 37.90 -23.18
C TYR D 466 -28.07 38.69 -23.20
N SER D 467 -27.99 40.02 -23.30
CA SER D 467 -29.18 40.85 -23.23
C SER D 467 -28.81 42.27 -23.65
N ASN D 468 -29.83 43.06 -23.93
CA ASN D 468 -29.63 44.47 -24.21
C ASN D 468 -29.12 45.18 -22.96
N PRO D 469 -28.28 46.19 -23.11
CA PRO D 469 -27.82 46.96 -21.95
C PRO D 469 -28.99 47.55 -21.17
N ARG D 470 -28.83 47.62 -19.86
CA ARG D 470 -29.90 48.09 -19.00
C ARG D 470 -30.25 49.54 -19.31
N GLU D 471 -31.54 49.85 -19.19
CA GLU D 471 -32.04 51.17 -19.54
C GLU D 471 -31.72 52.17 -18.44
N THR D 472 -30.91 53.17 -18.77
CA THR D 472 -30.51 54.20 -17.83
C THR D 472 -30.62 55.56 -18.52
N SER D 473 -31.22 56.52 -17.82
CA SER D 473 -31.44 57.84 -18.38
C SER D 473 -30.15 58.66 -18.38
N PHE D 474 -30.17 59.77 -19.12
CA PHE D 474 -28.98 60.62 -19.21
C PHE D 474 -28.69 61.29 -17.88
N LYS D 475 -29.73 61.74 -17.17
CA LYS D 475 -29.52 62.36 -15.87
C LYS D 475 -28.96 61.36 -14.86
N GLN D 476 -29.46 60.12 -14.90
CA GLN D 476 -28.94 59.09 -14.01
C GLN D 476 -27.48 58.80 -14.30
N ARG D 477 -27.11 58.73 -15.59
CA ARG D 477 -25.72 58.51 -15.95
C ARG D 477 -24.84 59.67 -15.50
N CYS D 478 -25.33 60.90 -15.64
CA CYS D 478 -24.56 62.05 -15.21
C CYS D 478 -24.33 62.04 -13.71
N LEU D 479 -25.39 61.78 -12.93
CA LEU D 479 -25.23 61.75 -11.48
C LEU D 479 -24.34 60.59 -11.05
N GLU D 480 -24.42 59.46 -11.77
CA GLU D 480 -23.57 58.32 -11.43
C GLU D 480 -22.11 58.61 -11.70
N GLU D 481 -21.80 59.22 -12.84
CA GLU D 481 -20.40 59.55 -13.13
C GLU D 481 -19.90 60.64 -12.19
N TRP D 482 -20.77 61.56 -11.78
CA TRP D 482 -20.38 62.56 -10.78
C TRP D 482 -20.04 61.89 -9.45
N ARG D 483 -20.89 60.96 -9.00
CA ARG D 483 -20.62 60.23 -7.76
C ARG D 483 -19.33 59.43 -7.88
N LEU D 484 -19.07 58.83 -9.04
CA LEU D 484 -17.85 58.05 -9.22
C LEU D 484 -16.62 58.94 -9.20
N HIS D 485 -16.70 60.12 -9.82
CA HIS D 485 -15.57 61.06 -9.79
C HIS D 485 -15.29 61.50 -8.36
N HIS D 486 -16.34 61.88 -7.62
CA HIS D 486 -16.13 62.29 -6.23
C HIS D 486 -15.64 61.13 -5.37
N ARG D 487 -16.08 59.91 -5.66
CA ARG D 487 -15.64 58.75 -4.89
C ARG D 487 -14.17 58.46 -5.12
N LYS D 488 -13.72 58.55 -6.38
CA LYS D 488 -12.30 58.32 -6.64
C LYS D 488 -11.44 59.46 -6.11
N LEU D 489 -11.99 60.68 -6.09
CA LEU D 489 -11.27 61.78 -5.43
C LEU D 489 -11.11 61.52 -3.94
N LEU D 490 -12.18 61.07 -3.28
CA LEU D 490 -12.09 60.73 -1.87
C LEU D 490 -11.13 59.57 -1.64
N LYS D 491 -11.12 58.60 -2.56
CA LYS D 491 -10.19 57.48 -2.44
C LYS D 491 -8.74 57.95 -2.56
N THR D 492 -8.47 58.87 -3.49
CA THR D 492 -7.12 59.42 -3.62
C THR D 492 -6.73 60.20 -2.37
N LEU D 493 -7.66 60.98 -1.81
CA LEU D 493 -7.38 61.69 -0.57
C LEU D 493 -7.08 60.72 0.57
N HIS D 494 -7.78 59.58 0.59
CA HIS D 494 -7.58 58.61 1.65
C HIS D 494 -6.23 57.92 1.52
N ASN D 495 -5.90 57.43 0.33
CA ASN D 495 -4.67 56.68 0.13
C ASN D 495 -3.47 57.56 -0.19
N GLU D 496 -3.62 58.87 -0.16
CA GLU D 496 -2.50 59.79 -0.37
C GLU D 496 -2.08 60.50 0.91
N GLY D 497 -2.73 60.22 2.03
CA GLY D 497 -2.39 60.85 3.29
C GLY D 497 -3.01 62.23 3.43
N PRO D 498 -2.83 62.84 4.60
CA PRO D 498 -3.37 64.20 4.81
C PRO D 498 -2.67 65.25 4.00
N SER D 499 -1.41 65.01 3.61
CA SER D 499 -0.65 65.98 2.84
C SER D 499 -1.34 66.27 1.51
N ILE D 500 -1.67 67.54 1.29
CA ILE D 500 -2.34 67.97 0.08
C ILE D 500 -1.94 69.40 -0.22
N LEU D 501 -2.30 69.91 -1.40
CA LEU D 501 -1.94 71.27 -1.78
C LEU D 501 -2.52 72.29 -0.81
N GLY D 502 -3.73 72.03 -0.30
CA GLY D 502 -4.36 72.91 0.67
C GLY D 502 -3.58 73.01 1.96
N LYS D 503 -3.43 74.23 2.48
CA LYS D 503 -2.65 74.45 3.68
C LYS D 503 -3.49 74.44 4.95
N ILE D 504 -4.80 74.65 4.85
CA ILE D 504 -5.69 74.61 6.00
C ILE D 504 -6.07 73.16 6.27
N SER D 505 -5.47 72.56 7.29
CA SER D 505 -5.66 71.13 7.54
C SER D 505 -6.91 70.87 8.39
N GLU D 506 -6.97 71.48 9.58
CA GLU D 506 -7.86 71.00 10.64
C GLU D 506 -9.32 71.00 10.21
N SER D 507 -9.88 72.19 9.95
CA SER D 507 -11.30 72.28 9.63
C SER D 507 -11.59 71.78 8.22
N ASP D 508 -10.67 72.04 7.29
CA ASP D 508 -10.93 71.71 5.89
C ASP D 508 -10.96 70.21 5.66
N TYR D 509 -10.13 69.44 6.38
CA TYR D 509 -10.19 67.99 6.24
C TYR D 509 -11.56 67.44 6.60
N ILE D 510 -12.08 67.87 7.75
CA ILE D 510 -13.39 67.39 8.20
C ILE D 510 -14.48 67.86 7.24
N ARG D 511 -14.42 69.13 6.83
CA ARG D 511 -15.44 69.64 5.91
C ARG D 511 -15.42 68.87 4.59
N LEU D 512 -14.23 68.65 4.03
CA LEU D 512 -14.13 67.95 2.77
C LEU D 512 -14.59 66.50 2.89
N VAL D 513 -14.21 65.82 3.98
CA VAL D 513 -14.59 64.41 4.10
C VAL D 513 -16.11 64.28 4.29
N GLU D 514 -16.72 65.19 5.04
CA GLU D 514 -18.16 65.10 5.24
C GLU D 514 -18.92 65.48 3.96
N ARG D 515 -18.44 66.49 3.23
CA ARG D 515 -19.07 66.86 1.98
C ARG D 515 -18.94 65.74 0.95
N LEU D 516 -17.78 65.07 0.92
CA LEU D 516 -17.60 63.97 -0.02
C LEU D 516 -18.48 62.78 0.35
N ARG D 517 -18.60 62.48 1.65
CA ARG D 517 -19.50 61.40 2.07
C ARG D 517 -20.94 61.74 1.73
N LYS D 518 -21.32 63.01 1.83
CA LYS D 518 -22.67 63.40 1.45
C LYS D 518 -22.88 63.29 -0.06
N ILE D 519 -21.88 63.67 -0.84
CA ILE D 519 -22.02 63.68 -2.30
C ILE D 519 -22.09 62.26 -2.84
N ILE D 520 -21.20 61.37 -2.36
CA ILE D 520 -21.17 60.01 -2.89
C ILE D 520 -22.43 59.25 -2.51
N LYS D 521 -23.12 59.67 -1.45
CA LYS D 521 -24.35 59.01 -1.03
C LYS D 521 -25.40 60.04 -0.61
N GLU D 592 -16.13 78.72 -1.26
CA GLU D 592 -16.89 77.79 -0.44
C GLU D 592 -16.14 76.46 -0.29
N LEU D 593 -14.82 76.55 -0.19
CA LEU D 593 -13.88 75.44 -0.04
C LEU D 593 -13.86 74.54 -1.29
N ASP D 594 -14.50 74.94 -2.38
CA ASP D 594 -14.44 74.14 -3.61
C ASP D 594 -13.03 74.12 -4.19
N GLU D 595 -12.25 75.17 -3.92
CA GLU D 595 -10.87 75.20 -4.39
C GLU D 595 -10.04 74.10 -3.72
N LEU D 596 -10.38 73.75 -2.48
CA LEU D 596 -9.67 72.68 -1.80
C LEU D 596 -9.92 71.34 -2.49
N ILE D 597 -11.17 71.07 -2.88
CA ILE D 597 -11.47 69.84 -3.59
C ILE D 597 -10.85 69.87 -4.98
N SER D 598 -10.81 71.05 -5.61
CA SER D 598 -10.20 71.16 -6.93
C SER D 598 -8.69 70.94 -6.87
N ARG D 599 -8.08 71.25 -5.72
CA ARG D 599 -6.64 71.07 -5.56
C ARG D 599 -6.26 69.60 -5.67
N ILE D 600 -7.09 68.70 -5.13
CA ILE D 600 -6.83 67.28 -5.25
C ILE D 600 -6.90 66.88 -6.72
N LYS D 601 -5.82 66.27 -7.21
CA LYS D 601 -5.73 65.86 -8.60
C LYS D 601 -5.69 64.34 -8.69
N LEU D 602 -6.53 63.78 -9.54
CA LEU D 602 -6.59 62.34 -9.75
C LEU D 602 -5.71 61.99 -10.94
N HIS D 603 -4.60 61.30 -10.67
CA HIS D 603 -3.63 60.93 -11.70
C HIS D 603 -3.91 59.49 -12.11
N GLU D 604 -4.73 59.32 -13.13
CA GLU D 604 -5.11 58.02 -13.65
C GLU D 604 -4.67 57.90 -15.10
N GLY D 605 -3.95 56.83 -15.42
CA GLY D 605 -3.44 56.63 -16.76
C GLY D 605 -2.16 57.36 -17.08
N ASN D 606 -1.61 58.10 -16.11
CA ASN D 606 -0.34 58.83 -16.32
C ASN D 606 0.79 57.86 -16.03
N THR D 607 1.31 57.23 -17.09
CA THR D 607 2.39 56.25 -16.91
C THR D 607 3.66 56.93 -16.42
N GLU D 608 3.87 58.20 -16.77
CA GLU D 608 5.05 58.91 -16.30
C GLU D 608 5.03 59.10 -14.79
N PHE D 609 3.87 59.46 -14.23
CA PHE D 609 3.77 59.65 -12.79
C PHE D 609 4.00 58.34 -12.05
N TRP D 610 3.40 57.24 -12.54
CA TRP D 610 3.61 55.94 -11.92
C TRP D 610 5.06 55.47 -12.05
N LYS D 611 5.73 55.75 -13.17
CA LYS D 611 7.12 55.38 -13.31
C LYS D 611 8.01 56.19 -12.37
N ARG D 612 7.70 57.48 -12.21
CA ARG D 612 8.47 58.30 -11.27
C ARG D 612 8.25 57.86 -9.84
N ARG D 613 7.02 57.41 -9.51
CA ARG D 613 6.75 56.92 -8.17
C ARG D 613 7.46 55.59 -7.92
N PHE D 614 7.48 54.71 -8.93
CA PHE D 614 8.18 53.43 -8.78
C PHE D 614 9.68 53.64 -8.68
N LEU D 615 10.21 54.66 -9.37
CA LEU D 615 11.64 54.95 -9.33
C LEU D 615 12.07 55.58 -8.02
N GLY D 616 11.13 55.99 -7.17
CA GLY D 616 11.46 56.62 -5.91
C GLY D 616 11.70 58.11 -5.98
N GLU D 617 11.44 58.74 -7.12
CA GLU D 617 11.63 60.19 -7.22
C GLU D 617 10.63 60.94 -6.35
N GLY D 618 9.39 60.46 -6.30
CA GLY D 618 8.36 61.11 -5.50
C GLY D 618 8.43 60.76 -4.03
N ASP D 726 15.05 32.30 9.68
CA ASP D 726 15.59 33.50 9.05
C ASP D 726 16.89 33.18 8.31
N ASP D 727 17.68 34.21 8.01
CA ASP D 727 18.92 34.07 7.26
C ASP D 727 18.70 33.39 5.92
N ASP D 728 17.58 33.70 5.28
CA ASP D 728 17.24 33.21 3.96
C ASP D 728 17.06 34.40 3.02
N ASP D 729 16.86 34.09 1.74
CA ASP D 729 16.62 35.14 0.76
C ASP D 729 15.29 35.83 1.04
N TRP D 730 15.36 37.05 1.54
CA TRP D 730 14.17 37.82 1.87
C TRP D 730 14.31 39.24 1.33
N PHE D 731 13.23 39.77 0.78
CA PHE D 731 13.20 41.13 0.29
C PHE D 731 12.96 42.10 1.46
N PRO D 732 13.53 43.30 1.37
CA PRO D 732 13.33 44.28 2.46
C PRO D 732 11.86 44.68 2.59
N LEU D 733 11.43 44.89 3.83
CA LEU D 733 10.02 45.13 4.10
C LEU D 733 9.55 46.48 3.56
N ASP D 734 10.48 47.39 3.31
CA ASP D 734 10.11 48.70 2.79
C ASP D 734 9.74 48.61 1.31
N ILE D 735 8.81 49.47 0.89
CA ILE D 735 8.28 49.39 -0.47
C ILE D 735 9.32 49.85 -1.49
N GLN D 736 9.94 51.00 -1.25
CA GLN D 736 10.95 51.50 -2.18
C GLN D 736 12.19 50.61 -2.19
N GLU D 737 12.55 50.05 -1.03
CA GLU D 737 13.66 49.10 -1.01
C GLU D 737 13.32 47.84 -1.78
N ALA D 738 12.06 47.39 -1.71
CA ALA D 738 11.63 46.27 -2.53
C ALA D 738 11.69 46.62 -4.01
N PHE D 739 11.35 47.86 -4.35
CA PHE D 739 11.43 48.29 -5.75
C PHE D 739 12.86 48.29 -6.26
N VAL D 740 13.79 48.81 -5.47
CA VAL D 740 15.19 48.84 -5.90
C VAL D 740 15.75 47.42 -5.93
N GLU D 741 15.26 46.54 -5.05
CA GLU D 741 15.69 45.15 -5.09
C GLU D 741 15.21 44.45 -6.35
N MET D 742 13.96 44.71 -6.75
CA MET D 742 13.46 44.14 -8.00
C MET D 742 14.21 44.69 -9.19
N ARG D 743 14.52 45.99 -9.19
CA ARG D 743 15.28 46.58 -10.28
C ARG D 743 16.69 46.01 -10.35
N LYS D 744 17.29 45.69 -9.19
CA LYS D 744 18.61 45.08 -9.18
C LYS D 744 18.56 43.65 -9.67
N ARG D 745 17.51 42.91 -9.29
CA ARG D 745 17.34 41.53 -9.74
C ARG D 745 16.64 41.42 -11.09
N ASN D 746 16.28 42.55 -11.71
CA ASN D 746 15.66 42.63 -13.03
C ASN D 746 14.29 41.96 -13.08
N ILE D 747 13.62 41.80 -11.95
CA ILE D 747 12.29 41.20 -11.95
C ILE D 747 11.31 42.09 -12.71
N PHE D 748 11.34 43.39 -12.43
CA PHE D 748 10.47 44.36 -13.10
C PHE D 748 11.23 45.67 -13.27
N ASP D 749 10.89 46.40 -14.32
CA ASP D 749 11.59 47.64 -14.63
C ASP D 749 10.60 48.64 -15.18
N VAL D 750 11.04 49.90 -15.27
CA VAL D 750 10.19 50.98 -15.77
C VAL D 750 9.87 50.81 -17.25
N SER D 751 10.73 50.09 -17.99
CA SER D 751 10.47 49.87 -19.40
C SER D 751 9.23 49.00 -19.61
N ASP D 752 8.98 48.07 -18.69
CA ASP D 752 7.82 47.20 -18.78
C ASP D 752 6.52 47.91 -18.44
N MET D 753 6.57 49.14 -17.95
CA MET D 753 5.38 49.89 -17.58
C MET D 753 4.80 50.54 -18.83
N TYR D 754 3.79 49.91 -19.42
CA TYR D 754 3.14 50.47 -20.59
C TYR D 754 1.74 49.86 -20.72
N THR D 755 0.86 50.60 -21.40
CA THR D 755 -0.49 50.15 -21.69
C THR D 755 -0.79 50.45 -23.15
N ILE D 756 -2.02 50.13 -23.57
CA ILE D 756 -2.43 50.41 -24.94
C ILE D 756 -2.40 51.90 -25.22
N THR D 757 -2.66 52.73 -24.22
CA THR D 757 -2.68 54.14 -24.51
C THR D 757 -1.40 54.48 -25.18
N ASP D 758 -0.30 54.18 -24.51
CA ASP D 758 1.01 54.44 -25.08
C ASP D 758 1.36 53.59 -26.28
N ALA D 759 1.06 52.31 -26.23
CA ALA D 759 1.47 51.43 -27.31
C ALA D 759 0.84 51.67 -28.64
N TRP D 760 -0.45 51.92 -28.64
CA TRP D 760 -1.15 52.11 -29.90
C TRP D 760 -1.16 53.58 -30.15
N GLY D 761 -0.54 54.31 -29.25
CA GLY D 761 -0.45 55.74 -29.41
C GLY D 761 -1.70 56.53 -29.52
N TRP D 762 -2.69 56.25 -28.68
CA TRP D 762 -3.84 57.11 -28.77
C TRP D 762 -3.71 58.34 -27.89
N THR D 763 -3.29 59.44 -28.50
CA THR D 763 -3.06 60.69 -27.78
C THR D 763 -4.26 61.36 -27.18
N TRP D 764 -5.40 61.28 -27.83
CA TRP D 764 -6.56 62.04 -27.38
C TRP D 764 -6.97 61.77 -25.96
N GLU D 765 -6.79 60.56 -25.49
CA GLU D 765 -7.28 60.21 -24.18
C GLU D 765 -6.70 60.94 -22.99
N LYS D 766 -5.54 61.56 -23.11
CA LYS D 766 -4.93 62.15 -21.92
C LYS D 766 -5.79 63.21 -21.25
N GLU D 767 -6.47 64.02 -22.03
CA GLU D 767 -7.25 65.09 -21.44
C GLU D 767 -8.62 64.63 -20.99
N ILE D 768 -9.24 63.76 -21.76
CA ILE D 768 -10.60 63.36 -21.44
C ILE D 768 -10.67 62.64 -20.09
N LYS D 769 -9.67 61.82 -19.77
CA LYS D 769 -9.80 60.86 -18.68
C LYS D 769 -9.87 61.56 -17.33
N ASN D 770 -9.11 62.65 -17.15
CA ASN D 770 -9.03 63.33 -15.86
C ASN D 770 -9.84 64.62 -15.81
N LYS D 771 -10.68 64.88 -16.80
CA LYS D 771 -11.50 66.09 -16.78
C LYS D 771 -12.66 65.93 -15.81
N ALA D 772 -13.03 67.04 -15.17
CA ALA D 772 -14.13 67.01 -14.23
C ALA D 772 -15.46 66.84 -14.96
N PRO D 773 -16.36 66.01 -14.45
CA PRO D 773 -17.64 65.79 -15.14
C PRO D 773 -18.57 66.99 -15.03
N GLN D 774 -19.42 67.15 -16.04
CA GLN D 774 -20.40 68.23 -16.09
C GLN D 774 -21.74 67.72 -15.56
N ARG D 775 -22.33 68.49 -14.64
CA ARG D 775 -23.59 68.10 -14.05
C ARG D 775 -24.74 68.18 -15.06
N TRP D 776 -25.79 67.43 -14.79
CA TRP D 776 -26.93 67.36 -15.71
C TRP D 776 -27.77 68.63 -15.63
N SER D 777 -28.34 69.00 -16.77
CA SER D 777 -29.23 70.16 -16.88
C SER D 777 -30.20 69.91 -18.03
N GLN D 778 -31.46 70.28 -17.82
CA GLN D 778 -32.47 70.00 -18.84
C GLN D 778 -32.26 70.86 -20.09
N GLU D 779 -31.63 72.03 -19.94
CA GLU D 779 -31.29 72.84 -21.10
C GLU D 779 -30.27 72.11 -21.98
N TRP D 780 -29.18 71.63 -21.37
CA TRP D 780 -28.21 70.82 -22.11
C TRP D 780 -28.87 69.57 -22.67
N GLU D 781 -29.86 69.04 -21.94
CA GLU D 781 -30.58 67.85 -22.41
C GLU D 781 -31.33 68.12 -23.70
N VAL D 782 -32.08 69.23 -23.75
CA VAL D 782 -32.85 69.51 -24.96
C VAL D 782 -31.92 69.94 -26.09
N GLU D 783 -30.79 70.57 -25.77
CA GLU D 783 -29.80 70.87 -26.79
C GLU D 783 -29.26 69.60 -27.43
N LEU D 784 -28.84 68.64 -26.60
CA LEU D 784 -28.36 67.36 -27.13
C LEU D 784 -29.46 66.65 -27.89
N GLY D 785 -30.71 66.76 -27.44
CA GLY D 785 -31.80 66.11 -28.14
C GLY D 785 -32.03 66.67 -29.53
N ILE D 786 -32.04 68.01 -29.65
CA ILE D 786 -32.25 68.60 -30.97
C ILE D 786 -31.05 68.36 -31.87
N LYS D 787 -29.85 68.29 -31.29
CA LYS D 787 -28.68 67.97 -32.11
C LYS D 787 -28.74 66.52 -32.61
N VAL D 788 -29.15 65.60 -31.75
CA VAL D 788 -29.31 64.21 -32.17
C VAL D 788 -30.38 64.10 -33.24
N MET D 789 -31.47 64.85 -33.11
CA MET D 789 -32.53 64.81 -34.11
C MET D 789 -32.02 65.35 -35.45
N THR D 790 -31.29 66.46 -35.42
CA THR D 790 -30.73 67.01 -36.66
C THR D 790 -29.78 66.01 -37.31
N LYS D 791 -28.94 65.35 -36.51
CA LYS D 791 -28.01 64.37 -37.06
C LYS D 791 -28.76 63.18 -37.66
N VAL D 792 -29.80 62.70 -36.97
CA VAL D 792 -30.56 61.55 -37.47
C VAL D 792 -31.24 61.91 -38.78
N ILE D 793 -31.79 63.13 -38.87
CA ILE D 793 -32.41 63.56 -40.12
C ILE D 793 -31.37 63.68 -41.23
N GLU D 794 -30.17 64.15 -40.88
CA GLU D 794 -29.11 64.30 -41.89
C GLU D 794 -28.66 62.94 -42.42
N LEU D 795 -28.57 61.94 -41.55
CA LEU D 795 -28.09 60.62 -41.92
C LEU D 795 -29.16 59.76 -42.58
N GLY D 796 -30.35 60.31 -42.80
CA GLY D 796 -31.41 59.59 -43.49
C GLY D 796 -32.39 58.86 -42.59
N GLY D 797 -32.49 59.25 -41.32
CA GLY D 797 -33.42 58.59 -40.42
C GLY D 797 -34.63 59.44 -40.09
N THR D 798 -35.77 58.79 -39.84
CA THR D 798 -37.00 59.50 -39.57
C THR D 798 -37.41 59.31 -38.12
N PRO D 799 -37.35 60.35 -37.30
CA PRO D 799 -37.78 60.21 -35.91
C PRO D 799 -39.29 60.08 -35.82
N THR D 800 -39.75 59.42 -34.76
CA THR D 800 -41.18 59.23 -34.55
C THR D 800 -41.80 60.49 -33.96
N ILE D 801 -43.13 60.56 -34.04
CA ILE D 801 -43.85 61.70 -33.47
C ILE D 801 -43.77 61.68 -31.95
N GLY D 802 -43.65 60.48 -31.37
CA GLY D 802 -43.58 60.37 -29.92
C GLY D 802 -42.33 60.99 -29.34
N ASP D 803 -41.19 60.80 -30.01
CA ASP D 803 -39.96 61.44 -29.55
C ASP D 803 -40.07 62.96 -29.67
N CYS D 804 -40.80 63.45 -30.68
CA CYS D 804 -41.03 64.87 -30.82
C CYS D 804 -41.86 65.40 -29.66
N ALA D 805 -42.95 64.70 -29.32
CA ALA D 805 -43.73 65.10 -28.15
C ALA D 805 -42.90 65.04 -26.89
N VAL D 806 -41.98 64.08 -26.80
CA VAL D 806 -41.14 63.94 -25.62
C VAL D 806 -40.18 65.11 -25.49
N ILE D 807 -39.56 65.53 -26.60
CA ILE D 807 -38.64 66.66 -26.52
C ILE D 807 -39.41 67.95 -26.28
N LEU D 808 -40.64 68.05 -26.79
CA LEU D 808 -41.48 69.19 -26.46
C LEU D 808 -41.80 69.23 -24.97
N ARG D 809 -42.09 68.07 -24.38
CA ARG D 809 -42.33 68.01 -22.94
C ARG D 809 -41.09 68.38 -22.15
N ALA D 810 -39.91 67.92 -22.60
CA ALA D 810 -38.67 68.29 -21.93
C ALA D 810 -38.42 69.78 -22.04
N ALA D 811 -38.82 70.40 -23.17
CA ALA D 811 -38.61 71.82 -23.36
C ALA D 811 -39.59 72.65 -22.53
N VAL D 812 -40.81 72.14 -22.32
CA VAL D 812 -41.79 72.91 -21.55
C VAL D 812 -41.58 72.71 -20.05
N ARG D 813 -40.99 71.57 -19.66
CA ARG D 813 -40.73 71.36 -18.23
C ARG D 813 -39.76 72.38 -17.66
N ALA D 814 -38.63 72.58 -18.33
CA ALA D 814 -37.66 73.59 -17.93
C ALA D 814 -37.75 74.78 -18.86
N PRO D 815 -37.85 76.01 -18.33
CA PRO D 815 -38.07 77.18 -19.20
C PRO D 815 -37.01 77.31 -20.28
N MET D 816 -37.45 77.16 -21.53
CA MET D 816 -36.58 77.29 -22.71
C MET D 816 -37.46 77.62 -23.91
N PRO D 817 -37.84 78.89 -24.06
CA PRO D 817 -38.74 79.24 -25.17
C PRO D 817 -38.07 79.23 -26.53
N SER D 818 -36.76 79.48 -26.58
CA SER D 818 -36.07 79.61 -27.87
C SER D 818 -36.14 78.31 -28.67
N ALA D 819 -36.09 77.16 -28.00
CA ALA D 819 -36.07 75.88 -28.69
C ALA D 819 -37.43 75.52 -29.30
N PHE D 820 -38.51 76.19 -28.89
CA PHE D 820 -39.83 75.80 -29.36
C PHE D 820 -39.95 75.92 -30.87
N LEU D 821 -39.51 77.04 -31.44
CA LEU D 821 -39.64 77.27 -32.87
C LEU D 821 -38.91 76.20 -33.66
N ASN D 822 -37.65 75.92 -33.28
CA ASN D 822 -36.87 74.95 -34.05
C ASN D 822 -37.41 73.54 -33.89
N ILE D 823 -37.86 73.17 -32.68
CA ILE D 823 -38.37 71.81 -32.52
C ILE D 823 -39.67 71.62 -33.30
N LEU D 824 -40.54 72.63 -33.29
CA LEU D 824 -41.79 72.48 -34.04
C LEU D 824 -41.54 72.53 -35.54
N GLN D 825 -40.53 73.29 -35.97
CA GLN D 825 -40.16 73.26 -37.39
C GLN D 825 -39.63 71.89 -37.79
N THR D 826 -38.83 71.26 -36.93
CA THR D 826 -38.36 69.91 -37.22
C THR D 826 -39.51 68.92 -37.26
N THR D 827 -40.48 69.06 -36.36
CA THR D 827 -41.64 68.18 -36.39
C THR D 827 -42.44 68.35 -37.68
N HIS D 828 -42.68 69.60 -38.07
CA HIS D 828 -43.44 69.86 -39.29
C HIS D 828 -42.67 69.46 -40.53
N SER D 829 -41.34 69.38 -40.42
CA SER D 829 -40.52 69.02 -41.58
C SER D 829 -40.82 67.60 -42.06
N LEU D 830 -40.93 66.64 -41.14
CA LEU D 830 -41.24 65.27 -41.52
C LEU D 830 -42.69 65.09 -41.94
N GLY D 831 -43.54 66.09 -41.73
CA GLY D 831 -44.95 65.98 -42.06
C GLY D 831 -45.85 65.74 -40.87
N TYR D 832 -45.29 65.66 -39.65
CA TYR D 832 -46.10 65.41 -38.48
C TYR D 832 -46.83 66.67 -38.04
N VAL D 833 -48.03 66.49 -37.50
CA VAL D 833 -48.85 67.59 -37.01
C VAL D 833 -49.42 67.19 -35.65
N PHE D 834 -49.19 68.05 -34.66
CA PHE D 834 -49.72 67.82 -33.32
C PHE D 834 -51.12 68.38 -33.19
N GLY D 835 -51.78 68.00 -32.09
CA GLY D 835 -53.11 68.49 -31.84
C GLY D 835 -53.13 69.95 -31.40
N SER D 836 -54.32 70.54 -31.46
CA SER D 836 -54.49 71.92 -31.03
C SER D 836 -54.14 72.15 -29.55
N PRO D 837 -54.47 71.26 -28.62
CA PRO D 837 -54.11 71.53 -27.20
C PRO D 837 -52.62 71.69 -26.97
N LEU D 838 -51.77 70.97 -27.70
CA LEU D 838 -50.33 71.10 -27.48
C LEU D 838 -49.82 72.45 -27.93
N TYR D 839 -50.26 72.90 -29.11
CA TYR D 839 -49.90 74.25 -29.57
C TYR D 839 -50.45 75.30 -28.63
N ASP D 840 -51.69 75.10 -28.15
CA ASP D 840 -52.26 76.03 -27.18
C ASP D 840 -51.41 76.11 -25.92
N GLU D 841 -50.95 74.96 -25.44
CA GLU D 841 -50.13 74.93 -24.23
C GLU D 841 -48.80 75.65 -24.44
N ILE D 842 -48.12 75.37 -25.56
CA ILE D 842 -46.82 76.00 -25.78
C ILE D 842 -46.96 77.50 -25.99
N ILE D 843 -48.03 77.93 -26.66
CA ILE D 843 -48.25 79.37 -26.87
C ILE D 843 -48.59 80.04 -25.55
N THR D 844 -49.41 79.39 -24.72
CA THR D 844 -49.74 79.95 -23.41
C THR D 844 -48.50 80.07 -22.53
N LEU D 845 -47.60 79.07 -22.60
CA LEU D 845 -46.37 79.15 -21.84
C LEU D 845 -45.47 80.27 -22.35
N CYS D 846 -45.38 80.43 -23.68
CA CYS D 846 -44.60 81.53 -24.24
C CYS D 846 -45.15 82.87 -23.79
N LEU D 847 -46.48 83.00 -23.73
CA LEU D 847 -47.08 84.25 -23.28
C LEU D 847 -46.85 84.47 -21.79
N ASP D 848 -46.89 83.39 -21.00
CA ASP D 848 -46.78 83.52 -19.55
C ASP D 848 -45.35 83.87 -19.13
N LEU D 849 -44.36 83.25 -19.74
CA LEU D 849 -42.97 83.48 -19.35
C LEU D 849 -42.41 84.79 -19.90
N GLY D 850 -43.16 85.48 -20.76
CA GLY D 850 -42.75 86.79 -21.24
C GLY D 850 -42.10 86.82 -22.60
N GLU D 851 -42.07 85.70 -23.32
CA GLU D 851 -41.47 85.65 -24.66
C GLU D 851 -42.55 85.90 -25.71
N LEU D 852 -42.87 87.18 -25.89
CA LEU D 852 -43.93 87.56 -26.83
C LEU D 852 -43.48 87.37 -28.27
N ASP D 853 -42.26 87.80 -28.60
CA ASP D 853 -41.76 87.63 -29.97
C ASP D 853 -41.66 86.15 -30.33
N ALA D 854 -41.35 85.30 -29.36
CA ALA D 854 -41.31 83.86 -29.62
C ALA D 854 -42.68 83.35 -30.02
N ALA D 855 -43.73 83.74 -29.28
CA ALA D 855 -45.08 83.31 -29.63
C ALA D 855 -45.52 83.89 -30.96
N ILE D 856 -45.08 85.11 -31.28
CA ILE D 856 -45.39 85.70 -32.58
C ILE D 856 -44.77 84.87 -33.70
N ALA D 857 -43.50 84.49 -33.54
CA ALA D 857 -42.86 83.63 -34.54
C ALA D 857 -43.57 82.29 -34.61
N ILE D 858 -44.01 81.76 -33.47
CA ILE D 858 -44.69 80.46 -33.46
C ILE D 858 -45.97 80.52 -34.27
N VAL D 859 -46.81 81.52 -34.01
CA VAL D 859 -48.07 81.63 -34.73
C VAL D 859 -47.83 81.95 -36.20
N ALA D 860 -46.73 82.66 -36.50
CA ALA D 860 -46.40 82.95 -37.89
C ALA D 860 -46.07 81.67 -38.65
N ASP D 861 -45.17 80.85 -38.11
CA ASP D 861 -44.81 79.62 -38.80
C ASP D 861 -45.95 78.62 -38.80
N LEU D 862 -46.82 78.67 -37.80
CA LEU D 862 -47.99 77.79 -37.78
C LEU D 862 -48.98 78.19 -38.87
N GLU D 863 -49.18 79.49 -39.07
CA GLU D 863 -50.01 79.94 -40.17
C GLU D 863 -49.38 79.60 -41.52
N THR D 864 -48.05 79.71 -41.60
CA THR D 864 -47.36 79.35 -42.84
C THR D 864 -47.53 77.88 -43.16
N SER D 865 -47.44 77.01 -42.16
CA SER D 865 -47.59 75.58 -42.40
C SER D 865 -49.02 75.23 -42.78
N GLY D 866 -50.00 75.99 -42.32
CA GLY D 866 -51.39 75.76 -42.65
C GLY D 866 -52.21 75.07 -41.59
N ILE D 867 -51.63 74.77 -40.43
CA ILE D 867 -52.39 74.14 -39.36
C ILE D 867 -53.32 75.17 -38.72
N LYS D 868 -54.40 74.67 -38.11
CA LYS D 868 -55.42 75.51 -37.50
C LYS D 868 -55.19 75.57 -35.99
N VAL D 869 -54.92 76.77 -35.49
CA VAL D 869 -54.74 76.99 -34.05
C VAL D 869 -56.09 77.36 -33.44
N PRO D 870 -56.28 77.18 -32.14
CA PRO D 870 -57.55 77.61 -31.52
C PRO D 870 -57.73 79.11 -31.60
N ASP D 871 -59.00 79.53 -31.64
CA ASP D 871 -59.30 80.95 -31.80
C ASP D 871 -58.92 81.75 -30.56
N GLU D 872 -59.12 81.18 -29.37
CA GLU D 872 -58.76 81.88 -28.14
C GLU D 872 -57.26 82.09 -28.04
N THR D 873 -56.47 81.14 -28.54
CA THR D 873 -55.02 81.31 -28.52
C THR D 873 -54.58 82.48 -29.39
N LEU D 874 -55.10 82.55 -30.62
CA LEU D 874 -54.77 83.67 -31.49
C LEU D 874 -55.28 84.98 -30.93
N ASP D 875 -56.45 84.96 -30.28
CA ASP D 875 -56.97 86.16 -29.66
C ASP D 875 -56.05 86.64 -28.54
N ARG D 876 -55.56 85.72 -27.71
CA ARG D 876 -54.63 86.09 -26.65
C ARG D 876 -53.32 86.60 -27.22
N VAL D 877 -52.85 86.00 -28.32
CA VAL D 877 -51.63 86.47 -28.95
C VAL D 877 -51.80 87.89 -29.47
N ILE D 878 -52.94 88.17 -30.11
CA ILE D 878 -53.20 89.52 -30.60
C ILE D 878 -53.32 90.51 -29.45
N SER D 879 -53.94 90.09 -28.35
CA SER D 879 -54.05 90.97 -27.18
C SER D 879 -52.68 91.29 -26.59
N ALA D 880 -51.81 90.27 -26.49
CA ALA D 880 -50.46 90.50 -25.98
C ALA D 880 -49.66 91.39 -26.92
N ARG D 881 -49.84 91.21 -28.23
CA ARG D 881 -49.15 92.07 -29.19
C ARG D 881 -49.61 93.51 -29.06
N GLN D 882 -50.91 93.73 -28.88
CA GLN D 882 -51.43 95.08 -28.71
C GLN D 882 -50.95 95.70 -27.41
N SER D 883 -50.88 94.89 -26.34
CA SER D 883 -50.42 95.40 -25.06
C SER D 883 -48.93 95.77 -25.12
N SER D 884 -48.13 94.97 -25.83
CA SER D 884 -46.71 95.26 -25.94
C SER D 884 -46.46 96.53 -26.73
N ASP D 885 -47.22 96.74 -27.80
CA ASP D 885 -47.06 97.92 -28.64
C ASP D 885 -47.58 99.17 -27.93
N ASP E 102 -68.39 7.13 -55.26
CA ASP E 102 -67.05 7.60 -54.94
C ASP E 102 -66.04 6.45 -54.91
N PHE E 103 -66.50 5.29 -54.45
CA PHE E 103 -65.63 4.12 -54.39
C PHE E 103 -65.29 3.62 -55.79
N SER E 104 -66.27 3.62 -56.70
CA SER E 104 -66.03 3.17 -58.06
C SER E 104 -65.05 4.09 -58.78
N HIS E 105 -65.17 5.41 -58.57
CA HIS E 105 -64.25 6.34 -59.20
C HIS E 105 -62.83 6.16 -58.66
N VAL E 106 -62.71 5.94 -57.35
CA VAL E 106 -61.39 5.71 -56.76
C VAL E 106 -60.78 4.42 -57.29
N PHE E 107 -61.60 3.37 -57.45
CA PHE E 107 -61.11 2.12 -58.00
C PHE E 107 -60.67 2.28 -59.45
N LYS E 108 -61.43 3.04 -60.23
CA LYS E 108 -61.05 3.29 -61.62
C LYS E 108 -59.75 4.08 -61.71
N GLU E 109 -59.58 5.07 -60.82
CA GLU E 109 -58.34 5.84 -60.80
C GLU E 109 -57.16 4.97 -60.39
N PHE E 110 -57.36 4.08 -59.42
CA PHE E 110 -56.28 3.19 -58.99
C PHE E 110 -55.91 2.20 -60.09
N ALA E 111 -56.91 1.73 -60.84
CA ALA E 111 -56.63 0.83 -61.96
C ALA E 111 -55.91 1.56 -63.10
N ALA E 112 -56.27 2.82 -63.34
CA ALA E 112 -55.59 3.59 -64.37
C ALA E 112 -54.18 3.97 -63.94
N ARG E 113 -53.93 4.07 -62.65
CA ARG E 113 -52.60 4.38 -62.13
C ARG E 113 -51.80 3.13 -61.78
N GLY E 114 -52.40 1.95 -61.83
CA GLY E 114 -51.69 0.73 -61.53
C GLY E 114 -51.55 0.42 -60.05
N ASP E 115 -52.38 1.02 -59.20
CA ASP E 115 -52.33 0.78 -57.76
C ASP E 115 -53.23 -0.39 -57.40
N TRP E 116 -52.79 -1.58 -57.80
CA TRP E 116 -53.57 -2.79 -57.53
C TRP E 116 -53.56 -3.14 -56.04
N GLN E 117 -52.42 -2.95 -55.36
CA GLN E 117 -52.33 -3.30 -53.95
C GLN E 117 -53.23 -2.40 -53.11
N ARG E 118 -53.20 -1.09 -53.39
CA ARG E 118 -54.06 -0.17 -52.65
C ARG E 118 -55.53 -0.44 -52.91
N SER E 119 -55.88 -0.77 -54.15
CA SER E 119 -57.27 -1.10 -54.47
C SER E 119 -57.71 -2.37 -53.75
N LEU E 120 -56.85 -3.39 -53.72
CA LEU E 120 -57.19 -4.62 -53.01
C LEU E 120 -57.34 -4.38 -51.52
N ARG E 121 -56.47 -3.54 -50.95
CA ARG E 121 -56.58 -3.23 -49.53
C ARG E 121 -57.88 -2.46 -49.23
N LEU E 122 -58.23 -1.51 -50.08
CA LEU E 122 -59.47 -0.77 -49.90
C LEU E 122 -60.68 -1.68 -50.03
N PHE E 123 -60.64 -2.62 -50.97
CA PHE E 123 -61.74 -3.56 -51.13
C PHE E 123 -61.87 -4.47 -49.91
N LYS E 124 -60.73 -4.97 -49.40
CA LYS E 124 -60.77 -5.83 -48.22
C LYS E 124 -61.23 -5.06 -46.99
N TYR E 125 -60.93 -3.76 -46.91
CA TYR E 125 -61.41 -2.97 -45.79
C TYR E 125 -62.90 -2.68 -45.91
N MET E 126 -63.38 -2.40 -47.11
CA MET E 126 -64.79 -2.11 -47.31
C MET E 126 -65.64 -3.37 -47.17
N GLN E 127 -65.06 -4.55 -47.41
CA GLN E 127 -65.83 -5.78 -47.27
C GLN E 127 -66.26 -6.02 -45.83
N ARG E 128 -65.52 -5.48 -44.86
CA ARG E 128 -65.86 -5.61 -43.46
C ARG E 128 -66.66 -4.45 -42.92
N GLN E 129 -66.99 -3.46 -43.76
CA GLN E 129 -67.76 -2.30 -43.36
C GLN E 129 -69.19 -2.44 -43.84
N ILE E 130 -70.15 -2.18 -42.95
CA ILE E 130 -71.56 -2.30 -43.31
C ILE E 130 -72.01 -1.10 -44.12
N TRP E 131 -71.50 0.10 -43.80
CA TRP E 131 -71.88 1.31 -44.51
C TRP E 131 -71.18 1.46 -45.85
N CYS E 132 -70.21 0.61 -46.16
CA CYS E 132 -69.45 0.67 -47.40
C CYS E 132 -69.31 -0.72 -48.01
N LYS E 133 -70.40 -1.48 -48.04
CA LYS E 133 -70.36 -2.82 -48.60
C LYS E 133 -70.14 -2.74 -50.11
N PRO E 134 -69.19 -3.49 -50.67
CA PRO E 134 -68.95 -3.43 -52.11
C PRO E 134 -70.05 -4.13 -52.88
N ASN E 135 -70.43 -3.54 -54.01
CA ASN E 135 -71.46 -4.08 -54.88
C ASN E 135 -70.81 -4.90 -56.00
N GLU E 136 -71.62 -5.31 -56.98
CA GLU E 136 -71.10 -6.08 -58.10
C GLU E 136 -70.16 -5.26 -58.97
N HIS E 137 -70.42 -3.95 -59.10
CA HIS E 137 -69.55 -3.11 -59.90
C HIS E 137 -68.16 -3.00 -59.30
N ILE E 138 -68.07 -2.84 -57.97
CA ILE E 138 -66.77 -2.77 -57.31
C ILE E 138 -66.03 -4.09 -57.44
N TYR E 139 -66.76 -5.21 -57.34
CA TYR E 139 -66.13 -6.52 -57.49
C TYR E 139 -65.59 -6.71 -58.91
N THR E 140 -66.37 -6.29 -59.91
CA THR E 140 -65.90 -6.39 -61.29
C THR E 140 -64.70 -5.50 -61.54
N LEU E 141 -64.70 -4.29 -60.96
CA LEU E 141 -63.55 -3.41 -61.11
C LEU E 141 -62.31 -4.00 -60.46
N MET E 142 -62.46 -4.60 -59.27
CA MET E 142 -61.32 -5.24 -58.61
C MET E 142 -60.82 -6.43 -59.41
N ILE E 143 -61.73 -7.22 -59.98
CA ILE E 143 -61.33 -8.37 -60.79
C ILE E 143 -60.56 -7.90 -62.02
N GLY E 144 -61.04 -6.83 -62.66
CA GLY E 144 -60.34 -6.30 -63.82
C GLY E 144 -58.97 -5.75 -63.47
N ILE E 145 -58.87 -5.06 -62.33
CA ILE E 145 -57.58 -4.53 -61.90
C ILE E 145 -56.61 -5.65 -61.58
N LEU E 146 -57.11 -6.74 -61.00
CA LEU E 146 -56.26 -7.89 -60.71
C LEU E 146 -55.81 -8.58 -61.99
N GLY E 147 -56.71 -8.73 -62.96
CA GLY E 147 -56.36 -9.35 -64.22
C GLY E 147 -55.40 -8.51 -65.05
N ARG E 148 -55.49 -7.19 -64.95
CA ARG E 148 -54.59 -6.33 -65.69
C ARG E 148 -53.15 -6.46 -65.21
N GLU E 149 -52.96 -6.74 -63.92
CA GLU E 149 -51.63 -6.91 -63.34
C GLU E 149 -51.17 -8.36 -63.33
N GLY E 150 -51.99 -9.28 -63.81
CA GLY E 150 -51.61 -10.68 -63.84
C GLY E 150 -51.93 -11.47 -62.59
N LEU E 151 -52.77 -10.94 -61.71
CA LEU E 151 -53.14 -11.64 -60.47
C LEU E 151 -54.39 -12.48 -60.73
N LEU E 152 -54.17 -13.60 -61.42
CA LEU E 152 -55.27 -14.51 -61.74
C LEU E 152 -55.81 -15.17 -60.48
N ASP E 153 -54.92 -15.56 -59.56
CA ASP E 153 -55.36 -16.21 -58.33
C ASP E 153 -56.19 -15.26 -57.47
N LYS E 154 -55.74 -14.02 -57.32
CA LYS E 154 -56.49 -13.04 -56.53
C LYS E 154 -57.83 -12.74 -57.17
N ALA E 155 -57.88 -12.62 -58.50
CA ALA E 155 -59.13 -12.36 -59.19
C ALA E 155 -60.10 -13.53 -59.02
N PHE E 156 -59.59 -14.76 -59.12
CA PHE E 156 -60.44 -15.93 -58.92
C PHE E 156 -60.97 -16.00 -57.49
N GLU E 157 -60.11 -15.67 -56.51
CA GLU E 157 -60.56 -15.67 -55.12
C GLU E 157 -61.62 -14.60 -54.89
N ILE E 158 -61.44 -13.42 -55.48
CA ILE E 158 -62.42 -12.34 -55.32
C ILE E 158 -63.74 -12.72 -55.99
N PHE E 159 -63.68 -13.41 -57.13
CA PHE E 159 -64.89 -13.84 -57.80
C PHE E 159 -65.60 -14.95 -57.03
N ASP E 160 -64.84 -15.84 -56.38
CA ASP E 160 -65.44 -16.91 -55.59
C ASP E 160 -66.03 -16.38 -54.29
N GLU E 161 -65.42 -15.36 -53.70
CA GLU E 161 -65.94 -14.79 -52.46
C GLU E 161 -67.23 -14.00 -52.65
N MET E 162 -67.65 -13.78 -53.90
CA MET E 162 -68.90 -13.06 -54.13
C MET E 162 -70.10 -13.79 -53.57
N PRO E 163 -70.20 -15.12 -53.66
CA PRO E 163 -71.37 -15.79 -53.07
C PRO E 163 -71.39 -15.72 -51.55
N SER E 164 -70.23 -15.65 -50.90
CA SER E 164 -70.21 -15.55 -49.45
C SER E 164 -70.56 -14.14 -48.98
N HIS E 165 -70.34 -13.13 -49.82
CA HIS E 165 -70.65 -11.75 -49.50
C HIS E 165 -71.99 -11.30 -50.07
N SER E 166 -72.79 -12.24 -50.58
CA SER E 166 -74.11 -11.94 -51.16
C SER E 166 -73.99 -10.94 -52.31
N VAL E 167 -73.01 -11.17 -53.19
CA VAL E 167 -72.76 -10.31 -54.34
C VAL E 167 -73.33 -10.99 -55.58
N ALA E 168 -74.15 -10.26 -56.35
CA ALA E 168 -74.75 -10.81 -57.54
C ALA E 168 -73.70 -11.01 -58.64
N ARG E 169 -73.88 -12.06 -59.42
CA ARG E 169 -73.01 -12.40 -60.53
C ARG E 169 -73.71 -12.13 -61.85
N THR E 170 -73.00 -11.53 -62.80
CA THR E 170 -73.56 -11.16 -64.08
C THR E 170 -72.66 -11.67 -65.20
N VAL E 171 -73.14 -11.51 -66.44
CA VAL E 171 -72.37 -11.94 -67.61
C VAL E 171 -71.08 -11.13 -67.74
N PHE E 172 -71.03 -9.95 -67.12
CA PHE E 172 -69.83 -9.12 -67.19
C PHE E 172 -68.63 -9.83 -66.57
N SER E 173 -68.83 -10.46 -65.42
CA SER E 173 -67.73 -11.16 -64.76
C SER E 173 -67.25 -12.34 -65.60
N TYR E 174 -68.19 -13.07 -66.22
CA TYR E 174 -67.79 -14.19 -67.07
C TYR E 174 -67.03 -13.71 -68.30
N THR E 175 -67.47 -12.59 -68.89
CA THR E 175 -66.76 -12.04 -70.04
C THR E 175 -65.36 -11.57 -69.65
N ALA E 176 -65.23 -10.95 -68.47
CA ALA E 176 -63.92 -10.51 -68.00
C ALA E 176 -63.00 -11.70 -67.75
N ILE E 177 -63.55 -12.78 -67.18
CA ILE E 177 -62.75 -13.98 -66.94
C ILE E 177 -62.31 -14.61 -68.26
N ILE E 178 -63.21 -14.65 -69.24
CA ILE E 178 -62.87 -15.22 -70.54
C ILE E 178 -61.79 -14.38 -71.23
N ASN E 179 -61.89 -13.05 -71.11
CA ASN E 179 -60.88 -12.18 -71.69
C ASN E 179 -59.53 -12.35 -71.00
N ALA E 180 -59.53 -12.47 -69.67
CA ALA E 180 -58.28 -12.67 -68.95
C ALA E 180 -57.65 -14.02 -69.31
N TYR E 181 -58.48 -15.04 -69.53
CA TYR E 181 -57.95 -16.34 -69.94
C TYR E 181 -57.40 -16.30 -71.34
N GLY E 182 -58.09 -15.61 -72.26
CA GLY E 182 -57.62 -15.51 -73.62
C GLY E 182 -56.38 -14.64 -73.78
N ARG E 183 -56.19 -13.67 -72.88
CA ARG E 183 -55.01 -12.82 -72.95
C ARG E 183 -53.73 -13.60 -72.70
N ASN E 184 -53.81 -14.77 -72.06
CA ASN E 184 -52.66 -15.61 -71.81
C ASN E 184 -52.59 -16.80 -72.75
N GLY E 185 -53.43 -16.83 -73.79
CA GLY E 185 -53.44 -17.93 -74.74
C GLY E 185 -54.21 -19.15 -74.30
N GLN E 186 -55.03 -19.04 -73.26
CA GLN E 186 -55.80 -20.18 -72.75
C GLN E 186 -57.17 -20.20 -73.43
N TYR E 187 -57.18 -20.71 -74.67
CA TYR E 187 -58.43 -20.81 -75.40
C TYR E 187 -59.32 -21.90 -74.81
N GLY E 188 -58.73 -23.02 -74.37
CA GLY E 188 -59.52 -24.07 -73.75
C GLY E 188 -60.18 -23.62 -72.46
N THR E 189 -59.47 -22.81 -71.67
CA THR E 189 -60.07 -22.28 -70.44
C THR E 189 -61.23 -21.34 -70.76
N SER E 190 -61.09 -20.52 -71.80
CA SER E 190 -62.19 -19.65 -72.20
C SER E 190 -63.39 -20.45 -72.69
N LEU E 191 -63.14 -21.52 -73.44
CA LEU E 191 -64.24 -22.36 -73.90
C LEU E 191 -64.93 -23.05 -72.73
N GLN E 192 -64.14 -23.52 -71.75
CA GLN E 192 -64.74 -24.15 -70.57
C GLN E 192 -65.56 -23.15 -69.76
N LEU E 193 -65.07 -21.91 -69.64
CA LEU E 193 -65.82 -20.89 -68.92
C LEU E 193 -67.11 -20.55 -69.66
N LEU E 194 -67.07 -20.48 -70.99
CA LEU E 194 -68.28 -20.22 -71.76
C LEU E 194 -69.28 -21.36 -71.60
N GLU E 195 -68.80 -22.61 -71.62
CA GLU E 195 -69.69 -23.74 -71.43
C GLU E 195 -70.31 -23.74 -70.04
N LYS E 196 -69.51 -23.38 -69.03
CA LYS E 196 -70.04 -23.31 -67.66
C LYS E 196 -71.08 -22.20 -67.52
N MET E 197 -70.83 -21.05 -68.17
CA MET E 197 -71.81 -19.96 -68.14
C MET E 197 -73.10 -20.36 -68.85
N LYS E 198 -72.97 -21.09 -69.98
CA LYS E 198 -74.16 -21.56 -70.68
C LYS E 198 -74.93 -22.58 -69.85
N GLN E 199 -74.21 -23.43 -69.11
CA GLN E 199 -74.88 -24.40 -68.24
C GLN E 199 -75.53 -23.70 -67.04
N GLU E 200 -75.00 -22.56 -66.61
CA GLU E 200 -75.53 -21.81 -65.49
C GLU E 200 -76.70 -20.89 -65.87
N LYS E 201 -77.33 -21.12 -67.02
CA LYS E 201 -78.46 -20.34 -67.48
C LYS E 201 -78.10 -18.86 -67.65
N ILE E 202 -76.85 -18.57 -68.00
CA ILE E 202 -76.38 -17.22 -68.25
C ILE E 202 -76.33 -17.01 -69.75
N ILE E 203 -77.17 -16.11 -70.26
CA ILE E 203 -77.24 -15.83 -71.69
C ILE E 203 -75.99 -15.07 -72.11
N PRO E 204 -75.16 -15.63 -73.00
CA PRO E 204 -73.97 -14.90 -73.44
C PRO E 204 -74.32 -13.74 -74.34
N SER E 205 -73.45 -12.73 -74.34
CA SER E 205 -73.64 -11.53 -75.13
C SER E 205 -72.72 -11.54 -76.34
N ILE E 206 -72.85 -10.50 -77.16
CA ILE E 206 -72.02 -10.38 -78.36
C ILE E 206 -70.56 -10.15 -77.98
N LEU E 207 -70.32 -9.39 -76.91
CA LEU E 207 -68.96 -9.13 -76.46
C LEU E 207 -68.28 -10.40 -75.99
N THR E 208 -69.00 -11.25 -75.26
CA THR E 208 -68.42 -12.51 -74.80
C THR E 208 -68.09 -13.43 -75.97
N TYR E 209 -68.99 -13.48 -76.97
CA TYR E 209 -68.72 -14.31 -78.15
C TYR E 209 -67.52 -13.79 -78.93
N ASN E 210 -67.40 -12.46 -79.07
CA ASN E 210 -66.25 -11.88 -79.76
C ASN E 210 -64.96 -12.16 -79.01
N THR E 211 -64.99 -12.06 -77.67
CA THR E 211 -63.81 -12.36 -76.88
C THR E 211 -63.42 -13.83 -76.99
N VAL E 212 -64.41 -14.73 -77.01
CA VAL E 212 -64.11 -16.14 -77.15
C VAL E 212 -63.53 -16.43 -78.53
N ILE E 213 -64.05 -15.78 -79.57
CA ILE E 213 -63.52 -15.98 -80.92
C ILE E 213 -62.09 -15.46 -81.01
N ASN E 214 -61.83 -14.31 -80.39
CA ASN E 214 -60.47 -13.76 -80.40
C ASN E 214 -59.51 -14.66 -79.64
N SER E 215 -59.96 -15.22 -78.51
CA SER E 215 -59.11 -16.13 -77.75
C SER E 215 -58.82 -17.40 -78.54
N CYS E 216 -59.83 -17.93 -79.23
CA CYS E 216 -59.61 -19.12 -80.04
C CYS E 216 -58.67 -18.83 -81.21
N ALA E 217 -58.76 -17.64 -81.80
CA ALA E 217 -57.87 -17.29 -82.89
C ALA E 217 -56.44 -17.09 -82.41
N ARG E 218 -56.27 -16.48 -81.23
CA ARG E 218 -54.93 -16.24 -80.71
C ARG E 218 -54.28 -17.52 -80.20
N GLY E 219 -55.07 -18.44 -79.66
CA GLY E 219 -54.53 -19.67 -79.12
C GLY E 219 -54.15 -20.71 -80.15
N GLY E 220 -54.45 -20.48 -81.42
CA GLY E 220 -54.11 -21.41 -82.48
C GLY E 220 -55.15 -22.46 -82.78
N HIS E 221 -56.42 -22.19 -82.49
CA HIS E 221 -57.47 -23.15 -82.78
C HIS E 221 -57.73 -23.24 -84.28
N GLU E 222 -58.26 -24.39 -84.70
CA GLU E 222 -58.55 -24.59 -86.11
C GLU E 222 -59.69 -23.69 -86.57
N TRP E 223 -59.77 -23.48 -87.89
CA TRP E 223 -60.84 -22.64 -88.44
C TRP E 223 -62.20 -23.29 -88.26
N GLU E 224 -62.25 -24.62 -88.16
CA GLU E 224 -63.52 -25.30 -87.95
C GLU E 224 -64.14 -24.91 -86.61
N GLY E 225 -63.31 -24.79 -85.58
CA GLY E 225 -63.83 -24.36 -84.28
C GLY E 225 -64.39 -22.95 -84.30
N LEU E 226 -63.69 -22.04 -84.98
CA LEU E 226 -64.18 -20.67 -85.10
C LEU E 226 -65.48 -20.62 -85.90
N LEU E 227 -65.57 -21.42 -86.97
CA LEU E 227 -66.80 -21.46 -87.75
C LEU E 227 -67.96 -22.02 -86.93
N SER E 228 -67.70 -23.06 -86.13
CA SER E 228 -68.75 -23.62 -85.29
C SER E 228 -69.18 -22.62 -84.21
N LEU E 229 -68.23 -21.88 -83.65
CA LEU E 229 -68.58 -20.87 -82.66
C LEU E 229 -69.41 -19.75 -83.28
N PHE E 230 -69.05 -19.33 -84.50
CA PHE E 230 -69.83 -18.31 -85.18
C PHE E 230 -71.24 -18.80 -85.51
N ALA E 231 -71.35 -20.06 -85.93
CA ALA E 231 -72.68 -20.61 -86.22
C ALA E 231 -73.52 -20.72 -84.96
N GLU E 232 -72.91 -21.10 -83.84
CA GLU E 232 -73.63 -21.18 -82.57
C GLU E 232 -74.07 -19.80 -82.10
N MET E 233 -73.21 -18.79 -82.29
CA MET E 233 -73.58 -17.43 -81.93
C MET E 233 -74.72 -16.91 -82.80
N ARG E 234 -74.68 -17.20 -84.10
CA ARG E 234 -75.74 -16.77 -85.00
C ARG E 234 -77.06 -17.50 -84.69
N HIS E 235 -76.98 -18.77 -84.27
CA HIS E 235 -78.19 -19.50 -83.91
C HIS E 235 -78.77 -18.99 -82.60
N GLU E 236 -77.98 -18.30 -81.78
CA GLU E 236 -78.42 -17.76 -80.51
C GLU E 236 -78.83 -16.30 -80.60
N GLY E 237 -79.02 -15.78 -81.80
CA GLY E 237 -79.44 -14.39 -81.96
C GLY E 237 -78.41 -13.38 -81.52
N ILE E 238 -77.16 -13.53 -81.95
CA ILE E 238 -76.13 -12.56 -81.59
C ILE E 238 -76.35 -11.26 -82.35
N GLN E 239 -75.75 -10.18 -81.84
CA GLN E 239 -75.86 -8.87 -82.44
C GLN E 239 -74.52 -8.46 -83.04
N PRO E 240 -74.47 -8.16 -84.34
CA PRO E 240 -73.19 -7.77 -84.94
C PRO E 240 -72.86 -6.31 -84.66
N ASP E 241 -71.56 -6.03 -84.58
CA ASP E 241 -71.06 -4.68 -84.33
C ASP E 241 -69.88 -4.40 -85.26
N LEU E 242 -69.50 -3.12 -85.32
CA LEU E 242 -68.37 -2.73 -86.16
C LEU E 242 -67.08 -3.39 -85.69
N VAL E 243 -66.77 -3.28 -84.39
CA VAL E 243 -65.60 -3.96 -83.85
C VAL E 243 -65.78 -5.47 -83.94
N THR E 244 -67.02 -5.95 -83.75
CA THR E 244 -67.29 -7.37 -83.91
C THR E 244 -67.08 -7.82 -85.35
N TYR E 245 -67.47 -6.97 -86.32
CA TYR E 245 -67.23 -7.29 -87.72
C TYR E 245 -65.73 -7.32 -88.02
N ASN E 246 -64.98 -6.36 -87.47
CA ASN E 246 -63.53 -6.35 -87.66
C ASN E 246 -62.89 -7.60 -87.07
N THR E 247 -63.32 -8.01 -85.89
CA THR E 247 -62.80 -9.23 -85.28
C THR E 247 -63.18 -10.47 -86.07
N LEU E 248 -64.39 -10.53 -86.62
CA LEU E 248 -64.79 -11.67 -87.43
C LEU E 248 -63.99 -11.73 -88.72
N LEU E 249 -63.67 -10.56 -89.30
CA LEU E 249 -62.83 -10.54 -90.49
C LEU E 249 -61.40 -10.95 -90.17
N SER E 250 -60.90 -10.56 -88.99
CA SER E 250 -59.54 -10.91 -88.61
C SER E 250 -59.43 -12.38 -88.20
N ALA E 251 -60.54 -12.99 -87.80
CA ALA E 251 -60.53 -14.41 -87.44
C ALA E 251 -60.12 -15.29 -88.62
N CYS E 252 -60.79 -15.13 -89.76
CA CYS E 252 -60.46 -15.93 -90.93
C CYS E 252 -59.05 -15.63 -91.44
N SER E 253 -58.58 -14.41 -91.22
CA SER E 253 -57.18 -14.10 -91.53
C SER E 253 -56.24 -14.88 -90.64
N SER E 254 -56.53 -14.93 -89.34
CA SER E 254 -55.71 -15.70 -88.41
C SER E 254 -55.77 -17.20 -88.72
N ARG E 255 -56.87 -17.63 -89.36
CA ARG E 255 -56.97 -19.03 -89.77
C ARG E 255 -55.84 -19.42 -90.70
N GLY E 256 -55.42 -18.51 -91.59
CA GLY E 256 -54.28 -18.73 -92.44
C GLY E 256 -54.54 -19.48 -93.73
N LEU E 257 -55.76 -19.98 -93.93
CA LEU E 257 -56.05 -20.72 -95.16
C LEU E 257 -56.34 -19.76 -96.31
N GLY E 258 -56.05 -20.22 -97.53
CA GLY E 258 -56.34 -19.42 -98.70
C GLY E 258 -57.83 -19.18 -98.89
N ASP E 259 -58.63 -20.24 -98.74
CA ASP E 259 -60.08 -20.07 -98.78
C ASP E 259 -60.56 -19.21 -97.63
N GLU E 260 -59.95 -19.36 -96.45
CA GLU E 260 -60.31 -18.51 -95.32
C GLU E 260 -59.96 -17.05 -95.59
N ALA E 261 -58.81 -16.81 -96.23
CA ALA E 261 -58.43 -15.44 -96.58
C ALA E 261 -59.40 -14.85 -97.59
N GLU E 262 -59.78 -15.64 -98.60
CA GLU E 262 -60.75 -15.16 -99.59
C GLU E 262 -62.09 -14.86 -98.94
N MET E 263 -62.52 -15.72 -97.99
CA MET E 263 -63.78 -15.48 -97.31
C MET E 263 -63.71 -14.24 -96.44
N VAL E 264 -62.57 -14.00 -95.79
CA VAL E 264 -62.40 -12.79 -94.98
C VAL E 264 -62.44 -11.55 -95.87
N PHE E 265 -61.85 -11.64 -97.05
CA PHE E 265 -61.84 -10.51 -97.97
C PHE E 265 -63.23 -10.25 -98.53
N ARG E 266 -64.02 -11.31 -98.77
CA ARG E 266 -65.32 -11.15 -99.40
C ARG E 266 -66.45 -10.93 -98.41
N THR E 267 -66.23 -11.16 -97.11
CA THR E 267 -67.30 -10.98 -96.14
C THR E 267 -67.75 -9.53 -96.09
N MET E 268 -66.81 -8.59 -96.21
CA MET E 268 -67.17 -7.18 -96.20
C MET E 268 -67.81 -6.77 -97.52
N ASN E 269 -67.35 -7.33 -98.62
CA ASN E 269 -67.81 -6.90 -99.94
C ASN E 269 -69.20 -7.45 -100.26
N GLU E 270 -69.36 -8.77 -100.21
CA GLU E 270 -70.60 -9.38 -100.67
C GLU E 270 -71.78 -9.03 -99.77
N ALA E 271 -71.54 -8.92 -98.47
CA ALA E 271 -72.62 -8.61 -97.53
C ALA E 271 -73.07 -7.17 -97.60
N GLY E 272 -72.31 -6.29 -98.25
CA GLY E 272 -72.67 -4.89 -98.36
C GLY E 272 -72.29 -4.04 -97.17
N ILE E 273 -71.75 -4.63 -96.11
CA ILE E 273 -71.33 -3.90 -94.92
C ILE E 273 -69.82 -4.08 -94.77
N LEU E 274 -69.08 -2.98 -94.90
CA LEU E 274 -67.62 -3.02 -94.85
C LEU E 274 -67.12 -1.88 -93.97
N PRO E 275 -66.16 -2.14 -93.08
CA PRO E 275 -65.59 -1.05 -92.29
C PRO E 275 -64.68 -0.16 -93.12
N ASP E 276 -64.33 0.99 -92.57
CA ASP E 276 -63.56 1.97 -93.32
C ASP E 276 -62.12 1.51 -93.55
N VAL E 277 -61.39 1.22 -92.48
CA VAL E 277 -59.96 0.95 -92.55
C VAL E 277 -59.62 -0.41 -91.95
N THR E 278 -60.22 -0.75 -90.81
CA THR E 278 -59.81 -1.94 -90.07
C THR E 278 -60.08 -3.21 -90.88
N THR E 279 -61.31 -3.38 -91.36
CA THR E 279 -61.64 -4.60 -92.11
C THR E 279 -60.88 -4.66 -93.42
N TYR E 280 -60.71 -3.53 -94.10
CA TYR E 280 -59.96 -3.51 -95.34
C TYR E 280 -58.50 -3.88 -95.12
N SER E 281 -57.89 -3.36 -94.06
CA SER E 281 -56.51 -3.69 -93.75
C SER E 281 -56.36 -5.17 -93.38
N TYR E 282 -57.31 -5.68 -92.60
CA TYR E 282 -57.27 -7.10 -92.24
C TYR E 282 -57.42 -7.98 -93.47
N LEU E 283 -58.32 -7.63 -94.38
CA LEU E 283 -58.52 -8.41 -95.59
C LEU E 283 -57.30 -8.34 -96.50
N VAL E 284 -56.65 -7.18 -96.58
CA VAL E 284 -55.43 -7.05 -97.37
C VAL E 284 -54.32 -7.91 -96.78
N ASP E 285 -54.18 -7.88 -95.45
CA ASP E 285 -53.15 -8.70 -94.80
C ASP E 285 -53.42 -10.18 -95.01
N THR E 286 -54.70 -10.57 -95.01
CA THR E 286 -55.05 -11.96 -95.28
C THR E 286 -54.73 -12.35 -96.71
N PHE E 287 -55.07 -11.49 -97.68
CA PHE E 287 -54.85 -11.82 -99.07
C PHE E 287 -53.37 -11.83 -99.42
N GLY E 288 -52.56 -11.06 -98.68
CA GLY E 288 -51.14 -11.02 -98.96
C GLY E 288 -50.47 -12.37 -98.75
N LYS E 289 -50.88 -13.11 -97.72
CA LYS E 289 -50.27 -14.40 -97.44
C LYS E 289 -50.63 -15.43 -98.51
N LEU E 290 -51.92 -15.59 -98.78
CA LEU E 290 -52.36 -16.56 -99.78
C LEU E 290 -51.99 -16.10 -101.19
N GLY E 291 -51.88 -14.80 -101.40
CA GLY E 291 -51.56 -14.27 -102.71
C GLY E 291 -52.70 -13.48 -103.34
N LYS E 292 -52.60 -12.16 -103.29
CA LYS E 292 -53.64 -11.28 -103.83
C LYS E 292 -53.29 -10.96 -105.28
N LEU E 293 -53.82 -11.76 -106.20
CA LEU E 293 -53.61 -11.50 -107.62
C LEU E 293 -54.31 -10.21 -108.04
N GLU E 294 -55.57 -10.05 -107.64
CA GLU E 294 -56.33 -8.84 -107.94
C GLU E 294 -56.92 -8.19 -106.69
N LYS E 295 -56.80 -8.81 -105.52
CA LYS E 295 -57.39 -8.24 -104.31
C LYS E 295 -56.55 -7.09 -103.74
N VAL E 296 -55.29 -6.96 -104.17
CA VAL E 296 -54.44 -5.89 -103.64
C VAL E 296 -55.01 -4.53 -104.00
N SER E 297 -55.33 -4.33 -105.29
CA SER E 297 -55.96 -3.08 -105.71
C SER E 297 -57.42 -3.03 -105.29
N GLU E 298 -58.06 -4.20 -105.18
CA GLU E 298 -59.48 -4.23 -104.83
C GLU E 298 -59.72 -3.72 -103.41
N LEU E 299 -58.85 -4.09 -102.47
CA LEU E 299 -58.99 -3.62 -101.10
C LEU E 299 -58.80 -2.10 -101.04
N LEU E 300 -57.80 -1.58 -101.75
CA LEU E 300 -57.58 -0.13 -101.76
C LEU E 300 -58.76 0.60 -102.39
N MET E 301 -59.33 0.05 -103.46
CA MET E 301 -60.48 0.68 -104.10
C MET E 301 -61.70 0.66 -103.17
N GLU E 302 -61.91 -0.45 -102.47
CA GLU E 302 -63.03 -0.54 -101.54
C GLU E 302 -62.85 0.43 -100.38
N MET E 303 -61.62 0.58 -99.90
CA MET E 303 -61.36 1.51 -98.81
C MET E 303 -61.53 2.96 -99.25
N GLU E 304 -61.15 3.27 -100.51
CA GLU E 304 -61.24 4.64 -100.98
C GLU E 304 -62.68 5.03 -101.33
N ALA E 305 -63.33 4.24 -102.19
CA ALA E 305 -64.66 4.58 -102.69
C ALA E 305 -65.78 4.15 -101.75
N GLY E 306 -65.45 3.63 -100.57
CA GLY E 306 -66.49 3.23 -99.63
C GLY E 306 -67.28 4.41 -99.07
N GLY E 307 -66.70 5.60 -99.12
CA GLY E 307 -67.34 6.79 -98.58
C GLY E 307 -66.38 7.65 -97.78
N THR E 308 -65.21 7.09 -97.48
CA THR E 308 -64.15 7.79 -96.76
C THR E 308 -62.85 7.65 -97.53
N SER E 309 -62.06 8.72 -97.55
CA SER E 309 -60.80 8.70 -98.28
C SER E 309 -59.89 7.61 -97.70
N PRO E 310 -59.13 6.91 -98.53
CA PRO E 310 -58.22 5.89 -98.01
C PRO E 310 -57.16 6.50 -97.11
N GLU E 311 -56.99 5.91 -95.93
CA GLU E 311 -56.02 6.42 -94.97
C GLU E 311 -54.60 6.27 -95.52
N VAL E 312 -53.72 7.15 -95.05
CA VAL E 312 -52.32 7.11 -95.47
C VAL E 312 -51.67 5.81 -95.05
N THR E 313 -52.04 5.28 -93.88
CA THR E 313 -51.49 4.02 -93.41
C THR E 313 -51.90 2.87 -94.34
N SER E 314 -53.17 2.84 -94.74
CA SER E 314 -53.64 1.78 -95.62
C SER E 314 -53.00 1.86 -97.00
N TYR E 315 -52.87 3.07 -97.55
CA TYR E 315 -52.23 3.22 -98.85
C TYR E 315 -50.74 2.85 -98.78
N ASN E 316 -50.08 3.20 -97.67
CA ASN E 316 -48.68 2.81 -97.50
C ASN E 316 -48.54 1.31 -97.36
N VAL E 317 -49.49 0.66 -96.68
CA VAL E 317 -49.44 -0.80 -96.57
C VAL E 317 -49.67 -1.45 -97.93
N LEU E 318 -50.57 -0.88 -98.73
CA LEU E 318 -50.79 -1.40 -100.08
C LEU E 318 -49.54 -1.23 -100.94
N LEU E 319 -48.87 -0.08 -100.82
CA LEU E 319 -47.64 0.13 -101.58
C LEU E 319 -46.54 -0.82 -101.12
N GLU E 320 -46.46 -1.08 -99.82
CA GLU E 320 -45.45 -2.02 -99.31
C GLU E 320 -45.73 -3.43 -99.77
N ALA E 321 -47.01 -3.81 -99.84
CA ALA E 321 -47.37 -5.13 -100.35
C ALA E 321 -47.04 -5.24 -101.84
N TYR E 322 -47.30 -4.17 -102.60
CA TYR E 322 -46.97 -4.19 -104.03
C TYR E 322 -45.47 -4.28 -104.25
N ALA E 323 -44.69 -3.57 -103.42
CA ALA E 323 -43.23 -3.62 -103.56
C ALA E 323 -42.69 -4.98 -103.14
N HIS E 324 -43.29 -5.60 -102.11
CA HIS E 324 -42.84 -6.91 -101.68
C HIS E 324 -43.06 -7.96 -102.77
N SER E 325 -44.17 -7.86 -103.49
CA SER E 325 -44.41 -8.78 -104.61
C SER E 325 -43.46 -8.50 -105.76
N GLY E 326 -42.96 -7.26 -105.87
CA GLY E 326 -42.07 -6.88 -106.93
C GLY E 326 -42.71 -6.14 -108.08
N SER E 327 -43.95 -5.68 -107.92
CA SER E 327 -44.66 -4.94 -108.96
C SER E 327 -44.35 -3.45 -108.81
N MET E 328 -43.44 -2.94 -109.63
CA MET E 328 -43.11 -1.52 -109.58
C MET E 328 -44.28 -0.66 -110.03
N LYS E 329 -45.02 -1.12 -111.05
CA LYS E 329 -46.17 -0.36 -111.55
C LYS E 329 -47.25 -0.26 -110.49
N GLU E 330 -47.54 -1.37 -109.80
CA GLU E 330 -48.55 -1.35 -108.75
C GLU E 330 -48.14 -0.46 -107.60
N ALA E 331 -46.84 -0.46 -107.26
CA ALA E 331 -46.36 0.43 -106.20
C ALA E 331 -46.50 1.89 -106.60
N MET E 332 -46.19 2.22 -107.85
CA MET E 332 -46.37 3.60 -108.31
C MET E 332 -47.84 4.00 -108.29
N ASP E 333 -48.73 3.07 -108.68
CA ASP E 333 -50.15 3.36 -108.63
C ASP E 333 -50.62 3.57 -107.20
N VAL E 334 -50.11 2.78 -106.25
CA VAL E 334 -50.49 2.95 -104.86
C VAL E 334 -49.97 4.28 -104.32
N PHE E 335 -48.76 4.68 -104.72
CA PHE E 335 -48.24 5.97 -104.30
C PHE E 335 -49.06 7.12 -104.88
N ARG E 336 -49.45 7.01 -106.14
CA ARG E 336 -50.29 8.05 -106.74
C ARG E 336 -51.65 8.11 -106.07
N GLN E 337 -52.20 6.96 -105.70
CA GLN E 337 -53.49 6.95 -105.00
C GLN E 337 -53.36 7.56 -103.61
N MET E 338 -52.24 7.30 -102.92
CA MET E 338 -52.00 7.92 -101.63
C MET E 338 -51.89 9.44 -101.75
N GLN E 339 -51.20 9.91 -102.79
CA GLN E 339 -51.07 11.34 -103.00
C GLN E 339 -52.41 11.98 -103.35
N THR E 340 -53.23 11.27 -104.14
CA THR E 340 -54.51 11.84 -104.57
C THR E 340 -55.54 11.81 -103.45
N ALA E 341 -55.43 10.84 -102.54
CA ALA E 341 -56.41 10.70 -101.47
C ALA E 341 -56.42 11.93 -100.57
N GLY E 342 -55.27 12.58 -100.41
CA GLY E 342 -55.17 13.77 -99.58
C GLY E 342 -54.90 13.51 -98.11
N CYS E 343 -54.81 12.25 -97.70
CA CYS E 343 -54.49 11.94 -96.30
C CYS E 343 -53.05 12.33 -95.99
N VAL E 344 -52.83 12.81 -94.77
CA VAL E 344 -51.49 13.23 -94.37
C VAL E 344 -50.58 12.01 -94.31
N ALA E 345 -49.58 11.99 -95.19
CA ALA E 345 -48.65 10.87 -95.30
C ALA E 345 -47.23 11.37 -95.10
N ASN E 346 -46.45 10.61 -94.31
CA ASN E 346 -45.06 10.94 -94.07
C ASN E 346 -44.21 10.42 -95.23
N ALA E 347 -42.89 10.41 -95.05
CA ALA E 347 -41.97 9.95 -96.08
C ALA E 347 -41.69 8.45 -95.99
N GLU E 348 -42.56 7.70 -95.31
CA GLU E 348 -42.39 6.25 -95.28
C GLU E 348 -42.63 5.63 -96.65
N THR E 349 -43.70 6.05 -97.34
CA THR E 349 -43.93 5.58 -98.70
C THR E 349 -42.84 6.06 -99.64
N TYR E 350 -42.32 7.26 -99.40
CA TYR E 350 -41.20 7.76 -100.21
C TYR E 350 -39.96 6.90 -100.03
N SER E 351 -39.67 6.50 -98.79
CA SER E 351 -38.53 5.63 -98.55
C SER E 351 -38.75 4.24 -99.15
N VAL E 352 -39.98 3.74 -99.10
CA VAL E 352 -40.29 2.45 -99.73
C VAL E 352 -40.07 2.54 -101.23
N LEU E 353 -40.52 3.63 -101.86
CA LEU E 353 -40.31 3.82 -103.29
C LEU E 353 -38.83 3.95 -103.61
N LEU E 354 -38.07 4.62 -102.75
CA LEU E 354 -36.63 4.74 -102.97
C LEU E 354 -35.95 3.39 -102.89
N ASN E 355 -36.34 2.56 -101.92
CA ASN E 355 -35.78 1.21 -101.82
C ASN E 355 -36.13 0.39 -103.06
N LEU E 356 -37.32 0.62 -103.61
CA LEU E 356 -37.74 -0.08 -104.83
C LEU E 356 -37.14 0.49 -106.11
N TYR E 357 -37.16 1.80 -106.26
CA TYR E 357 -36.53 2.44 -107.42
C TYR E 357 -35.06 2.16 -107.34
N GLY E 358 -34.53 2.14 -106.12
CA GLY E 358 -33.13 1.79 -105.94
C GLY E 358 -32.87 0.37 -106.42
N LYS E 359 -33.81 -0.52 -106.20
CA LYS E 359 -33.66 -1.88 -106.70
C LYS E 359 -33.56 -1.80 -108.21
N ASN E 360 -34.37 -0.95 -108.83
CA ASN E 360 -34.24 -0.74 -110.28
C ASN E 360 -32.87 -0.16 -110.55
N GLY E 361 -32.43 0.75 -109.70
CA GLY E 361 -31.10 1.34 -109.82
C GLY E 361 -31.09 2.62 -110.60
N ARG E 362 -32.18 2.89 -111.33
CA ARG E 362 -32.26 4.16 -112.01
C ARG E 362 -32.31 5.20 -110.93
N TYR E 363 -33.09 4.91 -109.88
CA TYR E 363 -33.22 5.82 -108.76
C TYR E 363 -33.65 7.19 -109.28
N ASP E 364 -34.47 7.19 -110.32
CA ASP E 364 -34.97 8.43 -110.85
C ASP E 364 -36.32 8.54 -110.21
N GLN E 365 -36.98 7.39 -110.03
CA GLN E 365 -38.25 7.42 -109.30
C GLN E 365 -37.99 7.76 -107.85
N VAL E 366 -36.91 7.22 -107.30
CA VAL E 366 -36.55 7.52 -105.93
C VAL E 366 -36.24 9.00 -105.79
N ARG E 367 -35.56 9.56 -106.77
CA ARG E 367 -35.23 10.98 -106.74
C ARG E 367 -36.52 11.76 -106.75
N ASP E 368 -37.47 11.31 -107.55
CA ASP E 368 -38.77 11.96 -107.59
C ASP E 368 -39.47 11.84 -106.26
N LEU E 369 -39.37 10.68 -105.61
CA LEU E 369 -39.97 10.50 -104.29
C LEU E 369 -39.40 11.49 -103.31
N PHE E 370 -38.09 11.72 -103.37
CA PHE E 370 -37.47 12.71 -102.49
C PHE E 370 -37.95 14.12 -102.81
N LEU E 371 -38.06 14.45 -104.10
CA LEU E 371 -38.55 15.77 -104.49
C LEU E 371 -40.02 15.94 -104.10
N GLU E 372 -40.82 14.88 -104.22
CA GLU E 372 -42.22 14.96 -103.81
C GLU E 372 -42.33 15.15 -102.30
N MET E 373 -41.47 14.48 -101.53
CA MET E 373 -41.46 14.67 -100.08
C MET E 373 -41.02 16.09 -99.72
N LYS E 374 -40.06 16.64 -100.47
CA LYS E 374 -39.62 18.00 -100.21
C LYS E 374 -40.72 19.01 -100.52
N MET E 375 -41.44 18.79 -101.62
CA MET E 375 -42.46 19.76 -102.04
C MET E 375 -43.70 19.67 -101.15
N SER E 376 -44.19 18.46 -100.89
CA SER E 376 -45.42 18.28 -100.12
C SER E 376 -45.20 18.34 -98.62
N ASN E 377 -44.00 18.75 -98.18
CA ASN E 377 -43.70 18.91 -96.75
C ASN E 377 -43.87 17.60 -95.99
N THR E 378 -43.42 16.50 -96.60
CA THR E 378 -43.48 15.20 -95.93
C THR E 378 -42.48 15.16 -94.78
N GLU E 379 -42.80 14.34 -93.78
CA GLU E 379 -41.96 14.23 -92.60
C GLU E 379 -40.59 13.65 -92.99
N PRO E 380 -39.51 14.43 -92.89
CA PRO E 380 -38.19 13.89 -93.26
C PRO E 380 -37.68 12.91 -92.22
N ASP E 381 -37.03 11.85 -92.71
CA ASP E 381 -36.52 10.78 -91.86
C ASP E 381 -35.03 10.59 -92.15
N ALA E 382 -34.21 10.52 -91.11
CA ALA E 382 -32.79 10.30 -91.29
C ALA E 382 -32.49 8.90 -91.82
N ASP E 383 -33.32 7.92 -91.47
CA ASP E 383 -33.13 6.57 -92.01
C ASP E 383 -33.40 6.55 -93.51
N THR E 384 -34.41 7.28 -93.96
CA THR E 384 -34.66 7.39 -95.39
C THR E 384 -33.49 8.09 -96.10
N TYR E 385 -32.92 9.11 -95.47
CA TYR E 385 -31.75 9.77 -96.04
C TYR E 385 -30.58 8.80 -96.15
N ASN E 386 -30.35 7.99 -95.11
CA ASN E 386 -29.26 7.02 -95.15
C ASN E 386 -29.49 5.98 -96.25
N ILE E 387 -30.74 5.53 -96.38
CA ILE E 387 -31.06 4.52 -97.40
C ILE E 387 -30.82 5.08 -98.80
N LEU E 388 -31.40 6.24 -99.09
CA LEU E 388 -31.26 6.83 -100.41
C LEU E 388 -29.81 7.16 -100.73
N ILE E 389 -29.09 7.70 -99.74
CA ILE E 389 -27.69 8.05 -99.96
C ILE E 389 -26.85 6.83 -100.30
N GLN E 390 -27.09 5.73 -99.59
CA GLN E 390 -26.33 4.51 -99.84
C GLN E 390 -26.57 3.99 -101.25
N VAL E 391 -27.83 3.99 -101.69
CA VAL E 391 -28.14 3.54 -103.03
C VAL E 391 -27.50 4.46 -104.06
N PHE E 392 -27.60 5.76 -103.83
CA PHE E 392 -27.02 6.72 -104.76
C PHE E 392 -25.51 6.57 -104.79
N GLY E 393 -24.89 6.37 -103.63
CA GLY E 393 -23.45 6.25 -103.56
C GLY E 393 -22.91 5.05 -104.32
N GLU E 394 -23.61 3.93 -104.22
CA GLU E 394 -23.19 2.73 -104.96
C GLU E 394 -23.28 3.03 -106.45
N GLY E 395 -24.34 3.70 -106.86
CA GLY E 395 -24.50 4.07 -108.26
C GLY E 395 -23.45 5.04 -108.76
N GLY E 396 -23.05 6.00 -107.93
CA GLY E 396 -22.13 7.04 -108.38
C GLY E 396 -22.52 8.29 -107.62
N TYR E 397 -22.52 9.44 -108.27
CA TYR E 397 -23.00 10.67 -107.63
C TYR E 397 -22.27 10.98 -106.33
N PHE E 398 -20.95 10.81 -106.32
CA PHE E 398 -20.18 11.08 -105.12
C PHE E 398 -20.28 12.56 -104.77
N LYS E 399 -20.39 13.42 -105.78
CA LYS E 399 -20.57 14.85 -105.55
C LYS E 399 -21.97 15.14 -105.06
N GLU E 400 -22.97 14.42 -105.58
CA GLU E 400 -24.32 14.57 -105.08
C GLU E 400 -24.45 14.11 -103.63
N VAL E 401 -23.70 13.07 -103.26
CA VAL E 401 -23.70 12.62 -101.86
C VAL E 401 -23.08 13.68 -100.97
N VAL E 402 -21.99 14.31 -101.43
CA VAL E 402 -21.36 15.37 -100.63
C VAL E 402 -22.31 16.56 -100.49
N THR E 403 -23.01 16.90 -101.57
CA THR E 403 -23.99 18.00 -101.49
C THR E 403 -25.14 17.64 -100.56
N LEU E 404 -25.57 16.38 -100.57
CA LEU E 404 -26.64 15.96 -99.66
C LEU E 404 -26.18 16.02 -98.21
N PHE E 405 -24.93 15.66 -97.95
CA PHE E 405 -24.40 15.79 -96.59
C PHE E 405 -24.31 17.25 -96.17
N HIS E 406 -23.86 18.11 -97.08
CA HIS E 406 -23.79 19.54 -96.77
C HIS E 406 -25.18 20.12 -96.51
N ASP E 407 -26.19 19.63 -97.23
CA ASP E 407 -27.55 20.12 -97.01
C ASP E 407 -28.12 19.59 -95.70
N MET E 408 -27.86 18.32 -95.39
CA MET E 408 -28.33 17.76 -94.12
C MET E 408 -27.64 18.41 -92.93
N VAL E 409 -26.43 18.94 -93.14
CA VAL E 409 -25.78 19.69 -92.08
C VAL E 409 -26.62 20.89 -91.66
N GLU E 410 -27.19 21.59 -92.63
CA GLU E 410 -28.07 22.72 -92.32
C GLU E 410 -29.46 22.24 -91.90
N GLU E 411 -29.86 21.06 -92.39
CA GLU E 411 -31.19 20.54 -92.09
C GLU E 411 -31.38 20.23 -90.61
N LYS E 412 -30.31 20.26 -89.82
CA LYS E 412 -30.36 20.00 -88.37
C LYS E 412 -30.87 18.58 -88.09
N VAL E 413 -30.52 17.65 -88.97
CA VAL E 413 -30.87 16.24 -88.81
C VAL E 413 -29.66 15.51 -88.26
N GLU E 414 -29.80 14.94 -87.07
CA GLU E 414 -28.70 14.22 -86.46
C GLU E 414 -28.37 12.97 -87.28
N PRO E 415 -27.09 12.75 -87.61
CA PRO E 415 -26.75 11.58 -88.43
C PRO E 415 -26.64 10.31 -87.60
N ASN E 416 -26.30 9.21 -88.26
CA ASN E 416 -26.19 7.91 -87.60
C ASN E 416 -25.00 7.17 -88.17
N MET E 417 -24.75 5.98 -87.60
CA MET E 417 -23.68 5.12 -88.07
C MET E 417 -23.81 4.82 -89.56
N GLU E 418 -25.03 4.49 -90.00
CA GLU E 418 -25.25 4.12 -91.40
C GLU E 418 -25.04 5.31 -92.32
N THR E 419 -25.55 6.48 -91.96
CA THR E 419 -25.43 7.65 -92.82
C THR E 419 -23.98 8.08 -92.96
N TYR E 420 -23.26 8.18 -91.84
CA TYR E 420 -21.85 8.53 -91.88
C TYR E 420 -21.04 7.48 -92.65
N GLU E 421 -21.35 6.20 -92.43
CA GLU E 421 -20.63 5.14 -93.14
C GLU E 421 -20.84 5.24 -94.65
N GLY E 422 -22.09 5.46 -95.08
CA GLY E 422 -22.34 5.61 -96.50
C GLY E 422 -21.68 6.84 -97.09
N LEU E 423 -21.70 7.96 -96.35
CA LEU E 423 -21.06 9.17 -96.85
C LEU E 423 -19.55 9.00 -96.99
N ILE E 424 -18.91 8.39 -95.98
CA ILE E 424 -17.46 8.21 -96.06
C ILE E 424 -17.11 7.16 -97.10
N TYR E 425 -17.99 6.18 -97.34
CA TYR E 425 -17.75 5.22 -98.41
C TYR E 425 -17.82 5.89 -99.77
N ALA E 426 -18.81 6.74 -99.98
CA ALA E 426 -18.90 7.50 -101.24
C ALA E 426 -17.69 8.41 -101.41
N CYS E 427 -17.24 9.03 -100.31
CA CYS E 427 -16.06 9.89 -100.39
C CYS E 427 -14.80 9.10 -100.73
N GLY E 428 -14.64 7.92 -100.14
CA GLY E 428 -13.47 7.12 -100.42
C GLY E 428 -13.48 6.53 -101.82
N LYS E 429 -14.65 6.17 -102.32
CA LYS E 429 -14.77 5.64 -103.67
C LYS E 429 -14.62 6.72 -104.74
N GLY E 430 -15.13 7.93 -104.50
CA GLY E 430 -14.96 8.99 -105.46
C GLY E 430 -13.58 9.61 -105.40
N GLY E 431 -12.95 9.57 -104.23
CA GLY E 431 -11.64 10.15 -104.04
C GLY E 431 -11.62 11.48 -103.35
N LEU E 432 -12.57 11.75 -102.46
CA LEU E 432 -12.67 13.02 -101.76
C LEU E 432 -11.78 12.98 -100.53
N HIS E 433 -10.89 13.97 -100.41
CA HIS E 433 -9.96 14.05 -99.30
C HIS E 433 -10.36 15.10 -98.28
N ASP E 434 -10.72 16.30 -98.73
CA ASP E 434 -11.20 17.33 -97.80
C ASP E 434 -12.55 16.93 -97.20
N ASP E 435 -13.43 16.33 -98.01
CA ASP E 435 -14.72 15.90 -97.50
C ASP E 435 -14.57 14.84 -96.42
N ALA E 436 -13.60 13.93 -96.59
CA ALA E 436 -13.35 12.93 -95.55
C ALA E 436 -12.89 13.59 -94.26
N LYS E 437 -12.05 14.62 -94.36
CA LYS E 437 -11.60 15.33 -93.16
C LYS E 437 -12.76 16.06 -92.48
N ARG E 438 -13.64 16.67 -93.28
CA ARG E 438 -14.81 17.33 -92.71
C ARG E 438 -15.72 16.33 -92.01
N ILE E 439 -15.91 15.15 -92.61
CA ILE E 439 -16.75 14.13 -92.01
C ILE E 439 -16.14 13.64 -90.70
N LEU E 440 -14.82 13.43 -90.70
CA LEU E 440 -14.15 12.99 -89.47
C LEU E 440 -14.26 14.06 -88.38
N LEU E 441 -14.10 15.33 -88.75
CA LEU E 441 -14.21 16.41 -87.77
C LEU E 441 -15.62 16.50 -87.21
N HIS E 442 -16.63 16.34 -88.06
CA HIS E 442 -18.01 16.40 -87.59
C HIS E 442 -18.33 15.21 -86.69
N MET E 443 -17.82 14.03 -87.03
CA MET E 443 -18.05 12.85 -86.19
C MET E 443 -17.35 12.99 -84.85
N ASN E 444 -16.16 13.58 -84.84
CA ASN E 444 -15.46 13.82 -83.58
C ASN E 444 -16.20 14.85 -82.73
N GLY E 445 -16.70 15.91 -83.37
CA GLY E 445 -17.47 16.90 -82.64
C GLY E 445 -18.77 16.37 -82.08
N GLN E 446 -19.37 15.41 -82.79
CA GLN E 446 -20.62 14.80 -82.35
C GLN E 446 -20.44 13.79 -81.21
N GLY E 447 -19.22 13.66 -80.68
CA GLY E 447 -18.97 12.72 -79.60
C GLY E 447 -19.21 11.28 -79.98
N LEU E 448 -18.94 10.91 -81.23
CA LEU E 448 -19.11 9.55 -81.71
C LEU E 448 -17.80 9.07 -82.32
N VAL E 449 -17.30 7.93 -81.82
CA VAL E 449 -16.07 7.34 -82.33
C VAL E 449 -16.34 6.76 -83.71
N PRO E 450 -15.37 6.75 -84.61
CA PRO E 450 -15.58 6.20 -85.96
C PRO E 450 -15.64 4.67 -85.91
N SER E 451 -15.93 4.08 -87.06
CA SER E 451 -16.02 2.64 -87.21
C SER E 451 -14.97 2.16 -88.20
N SER E 452 -14.85 0.83 -88.31
CA SER E 452 -13.87 0.25 -89.20
C SER E 452 -14.10 0.66 -90.65
N LYS E 453 -15.37 0.75 -91.06
CA LYS E 453 -15.68 1.16 -92.43
C LYS E 453 -15.30 2.62 -92.66
N VAL E 454 -15.53 3.48 -91.67
CA VAL E 454 -15.19 4.89 -91.82
C VAL E 454 -13.68 5.06 -91.95
N TYR E 455 -12.91 4.39 -91.10
CA TYR E 455 -11.46 4.48 -91.20
C TYR E 455 -10.95 3.85 -92.48
N THR E 456 -11.62 2.80 -92.97
CA THR E 456 -11.25 2.21 -94.25
C THR E 456 -11.43 3.21 -95.38
N GLY E 457 -12.58 3.88 -95.42
CA GLY E 457 -12.80 4.90 -96.44
C GLY E 457 -11.81 6.05 -96.33
N VAL E 458 -11.48 6.45 -95.09
CA VAL E 458 -10.55 7.55 -94.89
C VAL E 458 -9.16 7.17 -95.39
N ILE E 459 -8.68 5.98 -95.05
CA ILE E 459 -7.33 5.58 -95.48
C ILE E 459 -7.31 5.35 -96.98
N GLU E 460 -8.42 4.87 -97.55
CA GLU E 460 -8.48 4.73 -99.01
C GLU E 460 -8.39 6.09 -99.69
N ALA E 461 -9.15 7.07 -99.21
CA ALA E 461 -9.09 8.41 -99.79
C ALA E 461 -7.71 9.02 -99.63
N TYR E 462 -7.08 8.82 -98.47
CA TYR E 462 -5.75 9.38 -98.24
C TYR E 462 -4.71 8.72 -99.14
N GLY E 463 -4.86 7.41 -99.39
CA GLY E 463 -3.95 6.74 -100.29
C GLY E 463 -4.15 7.13 -101.74
N GLN E 464 -5.40 7.46 -102.11
CA GLN E 464 -5.67 7.91 -103.48
C GLN E 464 -4.89 9.18 -103.81
N ALA E 465 -4.77 10.10 -102.85
CA ALA E 465 -4.02 11.33 -103.05
C ALA E 465 -2.55 11.21 -102.72
N ALA E 466 -2.03 9.98 -102.59
CA ALA E 466 -0.63 9.68 -102.25
C ALA E 466 -0.26 10.16 -100.86
N LEU E 467 -1.24 10.48 -100.01
CA LEU E 467 -0.97 10.93 -98.64
C LEU E 467 -0.79 9.70 -97.74
N TYR E 468 0.37 9.07 -97.88
CA TYR E 468 0.65 7.84 -97.16
C TYR E 468 0.75 8.07 -95.66
N GLU E 469 1.39 9.17 -95.25
CA GLU E 469 1.55 9.44 -93.83
C GLU E 469 0.21 9.65 -93.14
N GLU E 470 -0.72 10.33 -93.82
CA GLU E 470 -2.04 10.54 -93.23
C GLU E 470 -2.81 9.24 -93.07
N ALA E 471 -2.72 8.34 -94.06
CA ALA E 471 -3.36 7.04 -93.92
C ALA E 471 -2.73 6.23 -92.80
N VAL E 472 -1.40 6.32 -92.66
CA VAL E 472 -0.71 5.58 -91.61
C VAL E 472 -1.13 6.08 -90.23
N VAL E 473 -1.19 7.40 -90.04
CA VAL E 473 -1.56 7.93 -88.74
C VAL E 473 -3.05 7.69 -88.48
N ALA E 474 -3.85 7.63 -89.54
CA ALA E 474 -5.26 7.27 -89.37
C ALA E 474 -5.41 5.83 -88.89
N PHE E 475 -4.64 4.92 -89.48
CA PHE E 475 -4.65 3.53 -89.00
C PHE E 475 -4.15 3.43 -87.57
N ASN E 476 -3.10 4.19 -87.23
CA ASN E 476 -2.60 4.18 -85.86
C ASN E 476 -3.63 4.70 -84.88
N THR E 477 -4.40 5.73 -85.26
CA THR E 477 -5.47 6.22 -84.39
C THR E 477 -6.59 5.20 -84.28
N MET E 478 -6.89 4.49 -85.38
CA MET E 478 -7.90 3.44 -85.33
C MET E 478 -7.46 2.31 -84.40
N ASN E 479 -6.16 2.07 -84.31
CA ASN E 479 -5.66 1.08 -83.36
C ASN E 479 -5.74 1.59 -81.92
N GLU E 480 -5.47 2.88 -81.73
CA GLU E 480 -5.45 3.43 -80.37
C GLU E 480 -6.87 3.68 -79.85
N VAL E 481 -7.79 4.07 -80.73
CA VAL E 481 -9.15 4.39 -80.30
C VAL E 481 -9.89 3.16 -79.80
N GLY E 482 -9.42 1.96 -80.12
CA GLY E 482 -10.04 0.73 -79.69
C GLY E 482 -10.71 -0.07 -80.78
N SER E 483 -10.94 0.52 -81.95
CA SER E 483 -11.53 -0.21 -83.06
C SER E 483 -10.56 -1.26 -83.57
N ARG E 484 -11.08 -2.46 -83.85
CA ARG E 484 -10.23 -3.54 -84.30
C ARG E 484 -10.15 -3.54 -85.82
N PRO E 485 -8.95 -3.47 -86.39
CA PRO E 485 -8.84 -3.41 -87.86
C PRO E 485 -9.23 -4.74 -88.49
N MET E 486 -10.18 -4.68 -89.41
CA MET E 486 -10.63 -5.86 -90.13
C MET E 486 -9.81 -6.05 -91.41
N VAL E 487 -10.20 -7.06 -92.19
CA VAL E 487 -9.50 -7.34 -93.45
C VAL E 487 -9.63 -6.17 -94.42
N GLU E 488 -10.75 -5.46 -94.36
CA GLU E 488 -10.97 -4.37 -95.31
C GLU E 488 -9.99 -3.22 -95.07
N THR E 489 -9.73 -2.89 -93.80
CA THR E 489 -8.74 -1.86 -93.51
C THR E 489 -7.38 -2.23 -94.06
N PHE E 490 -6.94 -3.47 -93.84
CA PHE E 490 -5.61 -3.87 -94.28
C PHE E 490 -5.51 -3.94 -95.79
N ASN E 491 -6.56 -4.40 -96.48
CA ASN E 491 -6.48 -4.46 -97.93
C ASN E 491 -6.58 -3.06 -98.54
N SER E 492 -7.31 -2.15 -97.90
CA SER E 492 -7.28 -0.77 -98.33
C SER E 492 -5.89 -0.17 -98.15
N LEU E 493 -5.23 -0.50 -97.04
CA LEU E 493 -3.86 -0.02 -96.84
C LEU E 493 -2.91 -0.58 -97.90
N ILE E 494 -3.06 -1.86 -98.25
CA ILE E 494 -2.16 -2.46 -99.23
C ILE E 494 -2.46 -1.92 -100.62
N HIS E 495 -3.71 -1.53 -100.87
CA HIS E 495 -4.04 -0.90 -102.15
C HIS E 495 -3.46 0.51 -102.22
N ALA E 496 -3.51 1.24 -101.11
CA ALA E 496 -2.91 2.57 -101.07
C ALA E 496 -1.40 2.50 -101.25
N PHE E 497 -0.75 1.51 -100.62
CA PHE E 497 0.70 1.38 -100.72
C PHE E 497 1.11 0.81 -102.08
N ALA E 498 0.21 0.04 -102.72
CA ALA E 498 0.54 -0.60 -103.98
C ALA E 498 0.48 0.35 -105.16
N LYS E 499 -0.26 1.46 -105.04
CA LYS E 499 -0.41 2.38 -106.17
C LYS E 499 0.93 2.98 -106.56
N GLY E 500 1.80 3.23 -105.58
CA GLY E 500 3.14 3.72 -105.86
C GLY E 500 4.19 2.64 -105.71
N GLY E 501 3.74 1.40 -105.46
CA GLY E 501 4.66 0.29 -105.31
C GLY E 501 5.49 0.35 -104.05
N LEU E 502 4.86 0.63 -102.91
CA LEU E 502 5.54 0.59 -101.61
C LEU E 502 5.54 -0.84 -101.08
N TYR E 503 6.38 -1.68 -101.71
CA TYR E 503 6.40 -3.10 -101.38
C TYR E 503 6.96 -3.35 -99.99
N LYS E 504 7.83 -2.46 -99.50
CA LYS E 504 8.44 -2.67 -98.20
C LYS E 504 7.41 -2.58 -97.08
N GLU E 505 6.55 -1.56 -97.11
CA GLU E 505 5.46 -1.47 -96.14
C GLU E 505 4.40 -2.53 -96.40
N SER E 506 4.30 -3.02 -97.63
CA SER E 506 3.38 -4.11 -97.93
C SER E 506 3.74 -5.36 -97.13
N GLU E 507 5.04 -5.67 -97.04
CA GLU E 507 5.47 -6.82 -96.24
C GLU E 507 5.13 -6.61 -94.77
N ALA E 508 5.30 -5.40 -94.26
CA ALA E 508 4.99 -5.12 -92.87
C ALA E 508 3.51 -5.27 -92.58
N ILE E 509 2.65 -4.73 -93.45
CA ILE E 509 1.21 -4.85 -93.22
C ILE E 509 0.77 -6.30 -93.41
N TRP E 510 1.46 -7.05 -94.28
CA TRP E 510 1.13 -8.46 -94.45
C TRP E 510 1.47 -9.25 -93.19
N PHE E 511 2.64 -8.97 -92.59
CA PHE E 511 2.99 -9.62 -91.34
C PHE E 511 2.02 -9.22 -90.23
N ARG E 512 1.57 -7.96 -90.22
CA ARG E 512 0.59 -7.53 -89.23
C ARG E 512 -0.74 -8.25 -89.43
N MET E 513 -1.13 -8.48 -90.68
CA MET E 513 -2.33 -9.27 -90.94
C MET E 513 -2.17 -10.70 -90.42
N GLY E 514 -1.02 -11.30 -90.69
CA GLY E 514 -0.79 -12.65 -90.20
C GLY E 514 -0.79 -12.74 -88.68
N GLU E 515 -0.29 -11.70 -88.02
CA GLU E 515 -0.21 -11.72 -86.56
C GLU E 515 -1.56 -11.43 -85.92
N VAL E 516 -2.33 -10.47 -86.45
CA VAL E 516 -3.59 -10.09 -85.83
C VAL E 516 -4.61 -11.21 -85.96
N GLY E 517 -4.50 -12.03 -87.01
CA GLY E 517 -5.37 -13.16 -87.20
C GLY E 517 -6.37 -13.04 -88.33
N VAL E 518 -6.35 -11.94 -89.07
CA VAL E 518 -7.33 -11.78 -90.17
C VAL E 518 -6.93 -12.69 -91.33
N PRO E 519 -7.89 -13.30 -92.03
CA PRO E 519 -7.53 -14.13 -93.18
C PRO E 519 -7.27 -13.29 -94.42
N ARG E 520 -6.22 -13.66 -95.14
CA ARG E 520 -5.86 -12.95 -96.36
C ARG E 520 -6.80 -13.34 -97.50
N ASN E 521 -7.00 -12.40 -98.42
CA ASN E 521 -7.93 -12.58 -99.51
C ASN E 521 -7.26 -12.27 -100.83
N ARG E 522 -7.99 -12.53 -101.93
CA ARG E 522 -7.42 -12.40 -103.27
C ARG E 522 -7.04 -10.96 -103.59
N ASP E 523 -7.80 -10.00 -103.07
CA ASP E 523 -7.52 -8.60 -103.35
C ASP E 523 -6.20 -8.17 -102.73
N SER E 524 -5.88 -8.68 -101.53
CA SER E 524 -4.59 -8.35 -100.92
C SER E 524 -3.43 -8.93 -101.72
N PHE E 525 -3.57 -10.16 -102.20
CA PHE E 525 -2.53 -10.75 -103.03
C PHE E 525 -2.36 -9.98 -104.33
N ASN E 526 -3.46 -9.57 -104.95
CA ASN E 526 -3.38 -8.78 -106.17
C ASN E 526 -2.70 -7.43 -105.91
N GLY E 527 -3.03 -6.78 -104.79
CA GLY E 527 -2.36 -5.55 -104.44
C GLY E 527 -0.87 -5.73 -104.20
N MET E 528 -0.50 -6.84 -103.56
CA MET E 528 0.91 -7.12 -103.34
C MET E 528 1.64 -7.35 -104.65
N ILE E 529 1.00 -8.07 -105.59
CA ILE E 529 1.61 -8.29 -106.90
C ILE E 529 1.77 -6.97 -107.64
N GLU E 530 0.76 -6.10 -107.57
CA GLU E 530 0.86 -4.80 -108.23
C GLU E 530 1.92 -3.92 -107.58
N GLY E 531 2.09 -3.99 -106.26
CA GLY E 531 3.14 -3.24 -105.61
C GLY E 531 4.52 -3.73 -106.01
N TYR E 532 4.68 -5.05 -106.16
CA TYR E 532 5.93 -5.60 -106.68
C TYR E 532 6.17 -5.13 -108.11
N ARG E 533 5.10 -5.09 -108.93
CA ARG E 533 5.24 -4.74 -110.33
C ARG E 533 5.60 -3.26 -110.51
N GLN E 534 5.02 -2.39 -109.68
CA GLN E 534 5.30 -0.97 -109.80
C GLN E 534 6.76 -0.66 -109.48
N GLY E 535 7.32 -1.35 -108.50
CA GLY E 535 8.71 -1.14 -108.13
C GLY E 535 9.63 -2.19 -108.71
N GLY E 536 10.56 -2.69 -107.89
CA GLY E 536 11.47 -3.72 -108.34
C GLY E 536 11.09 -5.10 -107.82
N GLN E 537 12.05 -6.01 -107.76
CA GLN E 537 11.83 -7.38 -107.29
C GLN E 537 10.70 -8.04 -108.07
N PHE E 538 10.93 -8.23 -109.37
CA PHE E 538 9.89 -8.78 -110.24
C PHE E 538 9.60 -10.24 -109.92
N GLU E 539 10.60 -10.97 -109.42
CA GLU E 539 10.40 -12.39 -109.11
C GLU E 539 9.39 -12.57 -107.98
N GLU E 540 9.30 -11.60 -107.08
CA GLU E 540 8.37 -11.72 -105.97
C GLU E 540 6.92 -11.72 -106.44
N ALA E 541 6.64 -11.15 -107.61
CA ALA E 541 5.28 -11.18 -108.14
C ALA E 541 4.88 -12.60 -108.54
N ILE E 542 5.74 -13.30 -109.27
CA ILE E 542 5.44 -14.68 -109.63
C ILE E 542 5.48 -15.58 -108.40
N LYS E 543 6.30 -15.22 -107.40
CA LYS E 543 6.28 -15.94 -106.14
C LYS E 543 4.92 -15.77 -105.44
N ALA E 544 4.38 -14.55 -105.47
CA ALA E 544 3.07 -14.32 -104.88
C ALA E 544 1.97 -15.04 -105.64
N TYR E 545 2.13 -15.18 -106.96
CA TYR E 545 1.18 -15.98 -107.73
C TYR E 545 1.27 -17.45 -107.37
N VAL E 546 2.49 -17.96 -107.16
CA VAL E 546 2.66 -19.33 -106.68
C VAL E 546 1.99 -19.48 -105.32
N GLU E 547 2.12 -18.48 -104.45
CA GLU E 547 1.46 -18.54 -103.15
C GLU E 547 -0.06 -18.52 -103.29
N MET E 548 -0.57 -17.76 -104.27
CA MET E 548 -1.98 -17.84 -104.62
C MET E 548 -2.38 -19.27 -104.94
N GLU E 549 -1.60 -19.93 -105.81
CA GLU E 549 -1.92 -21.29 -106.22
C GLU E 549 -1.81 -22.26 -105.05
N LYS E 550 -0.93 -21.97 -104.08
CA LYS E 550 -0.74 -22.88 -102.96
C LYS E 550 -1.95 -22.88 -102.03
N ALA E 551 -2.48 -21.71 -101.71
CA ALA E 551 -3.56 -21.57 -100.74
C ALA E 551 -4.93 -21.63 -101.40
N ARG E 552 -5.01 -22.13 -102.63
CA ARG E 552 -6.27 -22.25 -103.37
C ARG E 552 -6.99 -20.90 -103.43
N CYS E 553 -6.23 -19.87 -103.84
CA CYS E 553 -6.77 -18.52 -103.84
C CYS E 553 -7.90 -18.35 -104.85
N ASP E 554 -7.91 -19.21 -105.90
CA ASP E 554 -8.85 -19.08 -107.00
C ASP E 554 -8.72 -17.70 -107.63
N PRO E 555 -7.58 -17.39 -108.26
CA PRO E 555 -7.35 -16.02 -108.72
C PRO E 555 -8.41 -15.56 -109.72
N ASP E 556 -8.78 -14.30 -109.62
CA ASP E 556 -9.86 -13.72 -110.40
C ASP E 556 -9.30 -13.05 -111.67
N GLU E 557 -10.14 -12.24 -112.33
CA GLU E 557 -9.73 -11.58 -113.56
C GLU E 557 -8.71 -10.49 -113.30
N ARG E 558 -8.89 -9.72 -112.22
CA ARG E 558 -7.88 -8.72 -111.86
C ARG E 558 -6.54 -9.36 -111.57
N THR E 559 -6.55 -10.49 -110.86
CA THR E 559 -5.30 -11.21 -110.58
C THR E 559 -4.68 -11.75 -111.86
N LEU E 560 -5.51 -12.21 -112.81
CA LEU E 560 -4.96 -12.69 -114.07
C LEU E 560 -4.37 -11.55 -114.89
N GLU E 561 -4.98 -10.37 -114.84
CA GLU E 561 -4.39 -9.21 -115.50
C GLU E 561 -3.07 -8.83 -114.84
N ALA E 562 -2.99 -8.95 -113.52
CA ALA E 562 -1.73 -8.71 -112.83
C ALA E 562 -0.67 -9.73 -113.22
N VAL E 563 -1.08 -10.99 -113.41
CA VAL E 563 -0.14 -12.02 -113.85
C VAL E 563 0.36 -11.72 -115.27
N LEU E 564 -0.54 -11.23 -116.13
CA LEU E 564 -0.12 -10.82 -117.47
C LEU E 564 0.85 -9.64 -117.39
N SER E 565 0.60 -8.70 -116.48
CA SER E 565 1.51 -7.58 -116.25
C SER E 565 2.85 -8.02 -115.69
N VAL E 566 2.88 -9.16 -114.99
CA VAL E 566 4.14 -9.68 -114.46
C VAL E 566 5.16 -9.87 -115.58
N TYR E 567 4.72 -10.50 -116.68
CA TYR E 567 5.62 -10.70 -117.82
C TYR E 567 5.73 -9.43 -118.65
N CYS E 568 4.80 -8.48 -118.45
CA CYS E 568 4.83 -7.25 -119.23
C CYS E 568 6.00 -6.36 -118.85
N PHE E 569 6.21 -6.13 -117.55
CA PHE E 569 7.30 -5.26 -117.10
C PHE E 569 8.65 -5.84 -117.49
N ALA E 570 8.84 -7.14 -117.30
CA ALA E 570 10.07 -7.79 -117.74
C ALA E 570 10.08 -7.91 -119.27
N GLY E 571 11.27 -8.13 -119.80
CA GLY E 571 11.43 -8.27 -121.24
C GLY E 571 11.01 -9.64 -121.73
N LEU E 572 9.72 -9.96 -121.59
CA LEU E 572 9.18 -11.26 -121.98
C LEU E 572 7.92 -11.04 -122.83
N VAL E 573 8.12 -10.91 -124.15
CA VAL E 573 6.98 -10.84 -125.06
C VAL E 573 6.45 -12.23 -125.34
N ASP E 574 7.29 -13.26 -125.23
CA ASP E 574 6.83 -14.63 -125.47
C ASP E 574 5.84 -15.09 -124.41
N GLU E 575 6.09 -14.73 -123.15
CA GLU E 575 5.20 -15.12 -122.05
C GLU E 575 3.93 -14.28 -122.01
N SER E 576 3.89 -13.14 -122.70
CA SER E 576 2.65 -12.37 -122.76
C SER E 576 1.60 -13.07 -123.61
N GLU E 577 2.03 -13.82 -124.62
CA GLU E 577 1.08 -14.49 -125.51
C GLU E 577 0.37 -15.63 -124.80
N GLU E 578 1.12 -16.43 -124.03
CA GLU E 578 0.50 -17.60 -123.40
C GLU E 578 -0.48 -17.19 -122.31
N GLN E 579 -0.15 -16.16 -121.54
CA GLN E 579 -1.07 -15.70 -120.50
C GLN E 579 -2.33 -15.08 -121.11
N PHE E 580 -2.18 -14.36 -122.22
CA PHE E 580 -3.36 -13.83 -122.91
C PHE E 580 -4.28 -14.95 -123.37
N GLN E 581 -3.70 -16.05 -123.88
CA GLN E 581 -4.52 -17.18 -124.31
C GLN E 581 -5.18 -17.87 -123.11
N GLU E 582 -4.44 -18.00 -122.00
CA GLU E 582 -5.02 -18.62 -120.81
C GLU E 582 -6.17 -17.79 -120.26
N ILE E 583 -6.07 -16.46 -120.36
CA ILE E 583 -7.17 -15.61 -119.93
C ILE E 583 -8.34 -15.70 -120.91
N LYS E 584 -8.05 -15.70 -122.22
CA LYS E 584 -9.11 -15.77 -123.23
C LYS E 584 -9.83 -17.11 -123.21
N SER E 585 -9.20 -18.15 -122.66
CA SER E 585 -9.88 -19.43 -122.51
C SER E 585 -11.19 -19.28 -121.73
N LEU E 586 -11.19 -18.42 -120.71
CA LEU E 586 -12.39 -18.08 -119.97
C LEU E 586 -12.86 -16.65 -120.22
N GLY E 587 -12.02 -15.81 -120.79
CA GLY E 587 -12.36 -14.42 -121.06
C GLY E 587 -13.41 -14.26 -122.15
N ILE E 588 -14.43 -13.45 -121.87
CA ILE E 588 -15.49 -13.15 -122.84
C ILE E 588 -14.87 -12.43 -124.04
N GLN E 589 -14.21 -11.32 -123.78
CA GLN E 589 -13.52 -10.54 -124.81
C GLN E 589 -12.30 -9.89 -124.17
N PRO E 590 -11.29 -9.52 -124.98
CA PRO E 590 -10.12 -8.84 -124.41
C PRO E 590 -10.50 -7.60 -123.63
N SER E 591 -10.23 -7.62 -122.34
CA SER E 591 -10.56 -6.51 -121.46
C SER E 591 -9.83 -5.25 -121.92
N ILE E 592 -10.48 -4.09 -121.74
CA ILE E 592 -9.92 -2.84 -122.25
C ILE E 592 -8.54 -2.59 -121.67
N ILE E 593 -8.40 -2.73 -120.35
CA ILE E 593 -7.08 -2.57 -119.74
C ILE E 593 -6.15 -3.69 -120.19
N CYS E 594 -6.67 -4.92 -120.24
CA CYS E 594 -5.84 -6.05 -120.66
C CYS E 594 -5.45 -5.93 -122.13
N CYS E 595 -6.38 -5.51 -122.98
CA CYS E 595 -6.07 -5.35 -124.40
C CYS E 595 -5.06 -4.22 -124.61
N CYS E 596 -5.23 -3.11 -123.88
CA CYS E 596 -4.27 -2.01 -124.02
C CYS E 596 -2.89 -2.42 -123.50
N MET E 597 -2.84 -3.25 -122.45
CA MET E 597 -1.55 -3.70 -121.95
C MET E 597 -0.87 -4.65 -122.94
N MET E 598 -1.65 -5.56 -123.53
CA MET E 598 -1.08 -6.44 -124.56
C MET E 598 -0.61 -5.64 -125.77
N LEU E 599 -1.35 -4.59 -126.12
CA LEU E 599 -0.95 -3.73 -127.23
C LEU E 599 0.34 -2.99 -126.90
N ALA E 600 0.49 -2.54 -125.65
CA ALA E 600 1.74 -1.90 -125.24
C ALA E 600 2.90 -2.90 -125.27
N ILE E 601 2.62 -4.16 -124.91
CA ILE E 601 3.65 -5.20 -125.00
C ILE E 601 4.08 -5.39 -126.45
N TYR E 602 3.12 -5.48 -127.36
CA TYR E 602 3.45 -5.59 -128.78
C TYR E 602 4.20 -4.35 -129.27
N ALA E 603 3.88 -3.19 -128.69
CA ALA E 603 4.55 -1.95 -129.08
C ALA E 603 6.00 -1.93 -128.62
N LYS E 604 6.29 -2.51 -127.46
CA LYS E 604 7.67 -2.59 -126.99
C LYS E 604 8.52 -3.40 -127.96
N SER E 605 7.95 -4.46 -128.53
CA SER E 605 8.61 -5.18 -129.61
C SER E 605 8.77 -4.26 -130.81
N GLU E 606 9.92 -4.40 -131.49
CA GLU E 606 10.25 -3.53 -132.60
C GLU E 606 9.38 -3.86 -133.81
N ARG E 607 8.31 -3.09 -134.00
CA ARG E 607 7.41 -3.25 -135.14
C ARG E 607 6.62 -1.97 -135.32
N TRP E 608 6.67 -1.41 -136.55
CA TRP E 608 5.99 -0.14 -136.81
C TRP E 608 4.49 -0.34 -136.93
N ASN E 609 4.04 -1.24 -137.81
CA ASN E 609 2.63 -1.51 -137.96
C ASN E 609 2.29 -2.99 -137.90
N MET E 610 3.25 -3.86 -137.59
CA MET E 610 2.96 -5.28 -137.43
C MET E 610 2.17 -5.51 -136.15
N ALA E 611 1.33 -6.53 -136.16
CA ALA E 611 0.43 -6.89 -135.05
C ALA E 611 -0.55 -5.79 -134.72
N HIS E 612 -0.70 -4.79 -135.59
CA HIS E 612 -1.69 -3.74 -135.38
C HIS E 612 -3.12 -4.19 -135.65
N GLU E 613 -3.30 -5.43 -136.13
CA GLU E 613 -4.66 -5.94 -136.31
C GLU E 613 -5.38 -6.06 -134.97
N LEU E 614 -4.66 -6.46 -133.92
CA LEU E 614 -5.24 -6.48 -132.58
C LEU E 614 -5.52 -5.07 -132.08
N LEU E 615 -4.70 -4.10 -132.50
CA LEU E 615 -4.95 -2.71 -132.11
C LEU E 615 -6.22 -2.17 -132.78
N ASN E 616 -6.43 -2.53 -134.05
CA ASN E 616 -7.61 -2.08 -134.78
C ASN E 616 -8.84 -2.94 -134.49
N ASP E 617 -8.67 -4.09 -133.85
CA ASP E 617 -9.82 -4.88 -133.41
C ASP E 617 -10.67 -4.11 -132.39
N VAL E 618 -10.08 -3.09 -131.75
CA VAL E 618 -10.82 -2.32 -130.75
C VAL E 618 -12.03 -1.64 -131.38
N MET E 619 -11.82 -0.92 -132.48
CA MET E 619 -12.93 -0.22 -133.12
C MET E 619 -13.91 -1.20 -133.76
N THR E 620 -13.41 -2.31 -134.31
CA THR E 620 -14.29 -3.28 -134.95
C THR E 620 -15.17 -4.00 -133.93
N ASN E 621 -14.61 -4.31 -132.76
CA ASN E 621 -15.37 -5.01 -131.74
C ASN E 621 -16.45 -4.11 -131.15
N LYS E 622 -17.66 -4.66 -131.04
CA LYS E 622 -18.83 -3.91 -130.59
C LYS E 622 -19.27 -4.25 -129.17
N THR E 623 -18.55 -5.14 -128.48
CA THR E 623 -18.96 -5.53 -127.13
C THR E 623 -18.89 -4.34 -126.17
N SER E 624 -17.89 -3.47 -126.35
CA SER E 624 -17.71 -2.30 -125.50
C SER E 624 -17.94 -1.04 -126.32
N ASP E 625 -18.77 -0.14 -125.81
CA ASP E 625 -18.99 1.14 -126.49
C ASP E 625 -17.73 1.98 -126.48
N MET E 626 -16.93 1.88 -125.41
CA MET E 626 -15.63 2.55 -125.39
C MET E 626 -14.76 2.07 -126.54
N HIS E 627 -14.68 0.74 -126.73
CA HIS E 627 -13.92 0.19 -127.85
C HIS E 627 -14.44 0.71 -129.18
N GLN E 628 -15.76 0.90 -129.29
CA GLN E 628 -16.34 1.38 -130.54
C GLN E 628 -15.95 2.82 -130.81
N VAL E 629 -16.01 3.68 -129.79
CA VAL E 629 -15.79 5.11 -130.03
C VAL E 629 -14.30 5.44 -130.05
N ILE E 630 -13.52 4.89 -129.11
CA ILE E 630 -12.09 5.22 -129.02
C ILE E 630 -11.23 4.26 -129.81
N GLY E 631 -11.82 3.23 -130.43
CA GLY E 631 -11.04 2.33 -131.27
C GLY E 631 -10.41 3.06 -132.44
N GLN E 632 -11.12 4.06 -132.94
CA GLN E 632 -10.58 4.86 -134.03
C GLN E 632 -9.71 5.91 -133.38
N MET E 633 -10.09 6.34 -132.18
CA MET E 633 -9.26 7.29 -131.47
C MET E 633 -7.90 6.69 -131.13
N ILE E 634 -7.86 5.45 -130.65
CA ILE E 634 -6.58 4.83 -130.28
C ILE E 634 -5.70 4.65 -131.50
N HIS E 635 -6.28 4.26 -132.63
CA HIS E 635 -5.53 4.13 -133.89
C HIS E 635 -6.41 4.57 -135.04
N GLY E 636 -6.35 5.85 -135.38
CA GLY E 636 -7.15 6.37 -136.48
C GLY E 636 -7.56 7.78 -136.13
N ASP E 637 -8.36 8.41 -136.98
CA ASP E 637 -8.85 9.75 -136.68
C ASP E 637 -10.21 9.89 -136.01
N PHE E 638 -10.29 9.73 -134.71
CA PHE E 638 -11.55 10.02 -134.02
C PHE E 638 -11.23 11.29 -133.28
N ASP E 639 -10.12 11.91 -133.69
CA ASP E 639 -9.68 13.13 -133.04
C ASP E 639 -10.53 14.32 -133.41
N ASP E 640 -11.64 14.05 -134.08
CA ASP E 640 -12.52 15.12 -134.48
C ASP E 640 -13.11 15.72 -133.23
N GLU E 641 -13.40 17.01 -133.23
CA GLU E 641 -13.88 17.66 -132.01
C GLU E 641 -15.22 17.13 -131.51
N ASN E 642 -16.17 16.90 -132.42
CA ASN E 642 -17.44 16.31 -132.01
C ASN E 642 -17.18 14.90 -131.55
N ASN E 643 -16.31 14.21 -132.27
CA ASN E 643 -15.96 12.86 -131.88
C ASN E 643 -15.28 12.92 -130.53
N TRP E 644 -14.48 13.95 -130.31
CA TRP E 644 -13.84 14.11 -129.02
C TRP E 644 -14.88 14.35 -127.95
N GLN E 645 -15.94 15.07 -128.28
CA GLN E 645 -17.00 15.17 -127.28
C GLN E 645 -17.56 13.79 -126.95
N MET E 646 -17.65 12.91 -127.95
CA MET E 646 -18.21 11.58 -127.72
C MET E 646 -17.29 10.72 -126.86
N VAL E 647 -15.97 10.78 -127.12
CA VAL E 647 -15.04 10.04 -126.29
C VAL E 647 -15.00 10.63 -124.88
N GLU E 648 -15.27 11.93 -124.76
CA GLU E 648 -15.40 12.54 -123.44
C GLU E 648 -16.60 11.94 -122.70
N TYR E 649 -17.72 11.74 -123.41
CA TYR E 649 -18.87 11.09 -122.80
C TYR E 649 -18.54 9.67 -122.37
N VAL E 650 -17.85 8.92 -123.23
CA VAL E 650 -17.51 7.54 -122.90
C VAL E 650 -16.54 7.49 -121.72
N PHE E 651 -15.71 8.52 -121.58
CA PHE E 651 -14.79 8.57 -120.44
C PHE E 651 -15.54 8.90 -119.15
N ASP E 652 -16.44 9.87 -119.19
CA ASP E 652 -17.14 10.26 -117.96
C ASP E 652 -18.19 9.23 -117.55
N LYS E 653 -18.62 8.38 -118.49
CA LYS E 653 -19.61 7.36 -118.14
C LYS E 653 -19.02 6.17 -117.41
N LEU E 654 -17.70 5.96 -117.50
CA LEU E 654 -17.06 4.83 -116.83
C LEU E 654 -16.34 5.22 -115.54
N ASN E 655 -16.49 6.47 -115.09
CA ASN E 655 -15.79 6.91 -113.88
C ASN E 655 -16.34 6.27 -112.61
N SER E 656 -17.56 5.73 -112.65
CA SER E 656 -18.20 5.18 -111.47
C SER E 656 -17.70 3.78 -111.11
N GLU E 657 -16.63 3.30 -111.72
CA GLU E 657 -16.11 1.98 -111.39
C GLU E 657 -15.54 1.93 -109.99
N GLY E 658 -15.06 3.07 -109.47
CA GLY E 658 -14.54 3.11 -108.12
C GLY E 658 -13.26 3.91 -107.97
N CYS E 659 -12.75 4.45 -109.08
CA CYS E 659 -11.54 5.25 -109.20
C CYS E 659 -10.27 4.43 -108.98
N GLY E 660 -10.38 3.14 -108.66
CA GLY E 660 -9.18 2.33 -108.51
C GLY E 660 -8.65 1.83 -109.85
N LEU E 661 -9.56 1.47 -110.76
CA LEU E 661 -9.18 0.94 -112.07
C LEU E 661 -9.25 1.99 -113.17
N SER E 662 -10.01 3.07 -112.97
CA SER E 662 -10.05 4.14 -113.97
C SER E 662 -8.69 4.78 -114.13
N MET E 663 -7.95 4.96 -113.03
CA MET E 663 -6.58 5.43 -113.12
C MET E 663 -5.73 4.45 -113.93
N ARG E 664 -5.92 3.14 -113.71
CA ARG E 664 -5.22 2.14 -114.50
C ARG E 664 -5.60 2.24 -115.97
N PHE E 665 -6.88 2.50 -116.26
CA PHE E 665 -7.33 2.63 -117.64
C PHE E 665 -6.66 3.81 -118.33
N TYR E 666 -6.64 4.97 -117.66
CA TYR E 666 -6.01 6.15 -118.24
C TYR E 666 -4.50 5.94 -118.40
N ASN E 667 -3.89 5.24 -117.44
CA ASN E 667 -2.46 4.96 -117.55
C ASN E 667 -2.16 4.06 -118.73
N THR E 668 -2.97 3.02 -118.92
CA THR E 668 -2.79 2.14 -120.08
C THR E 668 -3.02 2.89 -121.39
N LEU E 669 -4.00 3.79 -121.40
CA LEU E 669 -4.23 4.60 -122.60
C LEU E 669 -3.03 5.50 -122.90
N ILE E 670 -2.44 6.10 -121.86
CA ILE E 670 -1.23 6.90 -122.03
C ILE E 670 -0.10 6.05 -122.58
N GLU E 671 0.09 4.85 -122.02
CA GLU E 671 1.16 3.97 -122.49
C GLU E 671 0.95 3.58 -123.94
N ALA E 672 -0.30 3.34 -124.34
CA ALA E 672 -0.58 2.87 -125.69
C ALA E 672 -0.43 3.99 -126.72
N LEU E 673 -0.88 5.21 -126.38
CA LEU E 673 -0.91 6.28 -127.37
C LEU E 673 0.48 6.82 -127.67
N TRP E 674 1.37 6.82 -126.68
CA TRP E 674 2.64 7.53 -126.83
C TRP E 674 3.71 6.66 -127.48
N TRP E 675 3.83 5.40 -127.05
CA TRP E 675 4.99 4.59 -127.45
C TRP E 675 4.95 4.28 -128.95
N LEU E 676 3.83 3.76 -129.44
CA LEU E 676 3.71 3.33 -130.84
C LEU E 676 2.52 4.05 -131.47
N GLY E 677 2.45 5.36 -131.25
CA GLY E 677 1.40 6.19 -131.82
C GLY E 677 1.83 7.63 -131.82
N GLN E 678 0.88 8.49 -132.15
CA GLN E 678 1.14 9.92 -132.12
C GLN E 678 1.52 10.37 -130.71
N LYS E 679 2.75 10.85 -130.57
CA LYS E 679 3.23 11.28 -129.25
C LYS E 679 2.43 12.47 -128.75
N GLU E 680 1.93 13.31 -129.66
CA GLU E 680 1.11 14.45 -129.25
C GLU E 680 -0.28 13.98 -128.81
N ARG E 681 -0.75 12.86 -129.34
CA ARG E 681 -2.08 12.37 -129.02
C ARG E 681 -2.20 11.99 -127.55
N ALA E 682 -1.14 11.44 -126.96
CA ALA E 682 -1.19 11.00 -125.58
C ALA E 682 -1.32 12.17 -124.62
N ALA E 683 -0.88 13.36 -125.04
CA ALA E 683 -0.92 14.52 -124.14
C ALA E 683 -2.35 14.87 -123.74
N ARG E 684 -3.32 14.58 -124.62
CA ARG E 684 -4.71 14.90 -124.31
C ARG E 684 -5.24 14.02 -123.18
N VAL E 685 -4.80 12.77 -123.12
CA VAL E 685 -5.33 11.83 -122.11
C VAL E 685 -4.94 12.26 -120.71
N LEU E 686 -3.68 12.72 -120.54
CA LEU E 686 -3.27 13.24 -119.24
C LEU E 686 -4.03 14.50 -118.89
N ASN E 687 -4.22 15.40 -119.85
CA ASN E 687 -5.03 16.60 -119.62
C ASN E 687 -6.48 16.23 -119.34
N GLU E 688 -6.97 15.14 -119.95
CA GLU E 688 -8.32 14.68 -119.65
C GLU E 688 -8.43 14.17 -118.22
N ALA E 689 -7.41 13.42 -117.76
CA ALA E 689 -7.43 12.90 -116.40
C ALA E 689 -7.32 14.03 -115.37
N THR E 690 -6.54 15.06 -115.69
CA THR E 690 -6.40 16.18 -114.77
C THR E 690 -7.73 16.90 -114.55
N LYS E 691 -8.65 16.80 -115.52
CA LYS E 691 -9.94 17.48 -115.39
C LYS E 691 -10.76 16.92 -114.25
N ARG E 692 -10.88 15.60 -114.17
CA ARG E 692 -11.71 14.95 -113.16
C ARG E 692 -10.95 14.61 -111.89
N GLY E 693 -9.64 14.85 -111.86
CA GLY E 693 -8.85 14.58 -110.67
C GLY E 693 -8.47 13.14 -110.46
N LEU E 694 -8.46 12.33 -111.52
CA LEU E 694 -8.10 10.92 -111.36
C LEU E 694 -6.66 10.76 -110.90
N PHE E 695 -5.75 11.60 -111.41
CA PHE E 695 -4.34 11.56 -111.06
C PHE E 695 -3.95 12.85 -110.37
N PRO E 696 -4.15 12.96 -109.05
CA PRO E 696 -3.71 14.16 -108.33
C PRO E 696 -2.24 14.08 -107.93
N GLU E 697 -1.74 15.13 -107.27
CA GLU E 697 -0.38 15.18 -106.73
C GLU E 697 0.65 15.26 -107.86
N LEU E 698 0.19 15.28 -109.10
CA LEU E 698 1.12 15.27 -110.23
C LEU E 698 1.94 16.56 -110.31
N PHE E 699 1.28 17.71 -110.23
CA PHE E 699 1.93 18.99 -110.38
C PHE E 699 1.85 19.77 -109.07
N ARG E 700 3.01 20.19 -108.57
CA ARG E 700 3.10 21.04 -107.39
C ARG E 700 3.91 22.29 -107.75
N ARG E 701 3.28 23.45 -107.63
CA ARG E 701 3.89 24.72 -108.00
C ARG E 701 3.95 25.63 -106.79
N ASN E 702 5.15 26.11 -106.48
CA ASN E 702 5.36 27.06 -105.40
C ASN E 702 6.69 27.77 -105.64
N LYS E 703 6.92 28.85 -104.89
CA LYS E 703 8.13 29.63 -105.06
C LYS E 703 9.38 28.79 -104.74
N LEU E 704 9.31 28.02 -103.65
CA LEU E 704 10.50 27.29 -103.20
C LEU E 704 10.81 26.11 -104.11
N VAL E 705 9.79 25.33 -104.49
CA VAL E 705 9.99 24.12 -105.27
C VAL E 705 8.94 24.03 -106.35
N TRP E 706 9.33 23.48 -107.50
CA TRP E 706 8.42 23.11 -108.57
C TRP E 706 8.77 21.70 -109.01
N SER E 707 7.89 20.74 -108.73
CA SER E 707 8.21 19.33 -108.93
C SER E 707 7.04 18.61 -109.60
N VAL E 708 7.36 17.49 -110.23
CA VAL E 708 6.38 16.62 -110.85
C VAL E 708 6.53 15.23 -110.23
N ASP E 709 5.44 14.71 -109.67
CA ASP E 709 5.44 13.42 -108.99
C ASP E 709 4.99 12.34 -109.96
N VAL E 710 5.88 11.37 -110.21
CA VAL E 710 5.57 10.27 -111.12
C VAL E 710 5.69 8.95 -110.35
N HIS E 711 5.39 9.00 -109.05
CA HIS E 711 5.57 7.84 -108.19
C HIS E 711 4.64 6.70 -108.60
N ARG E 712 3.41 7.03 -109.00
CA ARG E 712 2.39 6.03 -109.29
C ARG E 712 2.16 5.84 -110.78
N MET E 713 2.97 6.45 -111.64
CA MET E 713 2.76 6.35 -113.07
C MET E 713 3.78 5.43 -113.73
N TRP E 714 3.41 4.90 -114.89
CA TRP E 714 4.23 3.95 -115.63
C TRP E 714 5.23 4.69 -116.51
N PRO E 715 6.23 3.98 -117.06
CA PRO E 715 7.30 4.65 -117.84
C PRO E 715 6.81 5.56 -118.95
N GLY E 716 5.82 5.14 -119.75
CA GLY E 716 5.30 6.02 -120.78
C GLY E 716 4.59 7.23 -120.20
N GLY E 717 3.82 7.01 -119.13
CA GLY E 717 3.25 8.14 -118.41
C GLY E 717 4.33 9.05 -117.85
N ALA E 718 5.44 8.48 -117.40
CA ALA E 718 6.56 9.29 -116.94
C ALA E 718 7.11 10.16 -118.06
N CYS E 719 7.33 9.57 -119.23
CA CYS E 719 7.82 10.34 -120.37
C CYS E 719 6.86 11.46 -120.74
N THR E 720 5.57 11.15 -120.80
CA THR E 720 4.58 12.17 -121.16
C THR E 720 4.54 13.29 -120.13
N ALA E 721 4.56 12.93 -118.84
CA ALA E 721 4.50 13.95 -117.79
C ALA E 721 5.74 14.83 -117.79
N ILE E 722 6.92 14.23 -117.99
CA ILE E 722 8.14 15.02 -117.99
C ILE E 722 8.19 15.92 -119.23
N SER E 723 7.68 15.43 -120.36
CA SER E 723 7.62 16.26 -121.56
C SER E 723 6.68 17.45 -121.35
N VAL E 724 5.50 17.20 -120.78
CA VAL E 724 4.56 18.28 -120.51
C VAL E 724 5.17 19.28 -119.52
N TRP E 725 5.89 18.78 -118.52
CA TRP E 725 6.50 19.66 -117.52
C TRP E 725 7.59 20.53 -118.14
N LEU E 726 8.44 19.92 -118.98
CA LEU E 726 9.50 20.68 -119.63
C LEU E 726 8.94 21.66 -120.67
N ASN E 727 7.77 21.34 -121.23
CA ASN E 727 7.13 22.29 -122.13
C ASN E 727 6.51 23.46 -121.36
N ASP E 728 5.94 23.17 -120.19
CA ASP E 728 5.41 24.22 -119.33
C ASP E 728 6.52 25.08 -118.73
N MET E 729 7.74 24.56 -118.65
CA MET E 729 8.89 25.40 -118.28
C MET E 729 9.03 26.59 -119.22
N GLU E 730 8.66 26.42 -120.49
CA GLU E 730 8.73 27.50 -121.46
C GLU E 730 7.60 28.51 -121.32
N GLU E 731 6.54 28.18 -120.58
CA GLU E 731 5.50 29.16 -120.33
C GLU E 731 6.01 30.31 -119.47
N LEU E 732 7.04 30.06 -118.68
CA LEU E 732 7.67 31.11 -117.88
C LEU E 732 8.73 31.89 -118.65
N PHE E 733 9.10 31.43 -119.84
CA PHE E 733 10.14 32.09 -120.62
C PHE E 733 9.75 33.53 -120.95
N HIS E 734 8.60 33.72 -121.60
CA HIS E 734 8.15 35.07 -121.92
C HIS E 734 7.80 35.83 -120.66
N LYS E 735 7.30 35.14 -119.63
CA LYS E 735 6.98 35.81 -118.37
C LYS E 735 8.25 36.19 -117.61
N GLY E 736 9.29 35.37 -117.70
CA GLY E 736 10.50 35.61 -116.91
C GLY E 736 10.26 35.49 -115.43
N GLU E 737 9.39 34.57 -115.03
CA GLU E 737 9.04 34.41 -113.62
C GLU E 737 10.21 33.82 -112.83
N GLU E 738 10.18 34.03 -111.52
CA GLU E 738 11.21 33.51 -110.64
C GLU E 738 11.30 31.99 -110.77
N LEU E 739 12.51 31.47 -110.85
CA LEU E 739 12.73 30.04 -110.98
C LEU E 739 12.72 29.40 -109.60
N PRO E 740 12.34 28.13 -109.48
CA PRO E 740 12.37 27.47 -108.17
C PRO E 740 13.78 27.14 -107.74
N GLN E 741 13.99 27.17 -106.42
CA GLN E 741 15.31 26.87 -105.88
C GLN E 741 15.74 25.45 -106.24
N LEU E 742 14.80 24.52 -106.32
CA LEU E 742 15.08 23.15 -106.73
C LEU E 742 13.94 22.64 -107.60
N ALA E 743 14.27 22.23 -108.81
CA ALA E 743 13.31 21.63 -109.73
C ALA E 743 13.51 20.12 -109.72
N SER E 744 12.53 19.40 -109.17
CA SER E 744 12.66 17.98 -108.90
C SER E 744 11.64 17.18 -109.70
N VAL E 745 11.95 15.90 -109.90
CA VAL E 745 11.06 14.96 -110.56
C VAL E 745 10.95 13.75 -109.64
N VAL E 746 9.84 13.65 -108.91
CA VAL E 746 9.65 12.56 -107.97
C VAL E 746 9.41 11.26 -108.73
N VAL E 747 10.16 10.21 -108.36
CA VAL E 747 10.05 8.91 -108.98
C VAL E 747 9.63 7.84 -107.97
N VAL E 748 10.30 7.79 -106.82
CA VAL E 748 10.02 6.81 -105.78
C VAL E 748 9.92 7.53 -104.44
N ARG E 749 8.77 7.40 -103.79
CA ARG E 749 8.50 7.99 -102.48
C ARG E 749 8.08 6.86 -101.54
N GLY E 750 9.04 6.33 -100.79
CA GLY E 750 8.76 5.23 -99.89
C GLY E 750 9.85 5.08 -98.84
N GLN E 751 9.79 3.97 -98.13
CA GLN E 751 10.82 3.67 -97.14
C GLN E 751 12.16 3.38 -97.80
N THR E 752 12.15 2.83 -99.01
CA THR E 752 13.37 2.42 -99.70
C THR E 752 14.04 3.55 -100.46
N GLU E 753 13.67 4.82 -100.21
CA GLU E 753 14.32 5.93 -100.89
C GLU E 753 15.81 6.00 -100.53
N LYS E 754 16.12 5.84 -99.25
CA LYS E 754 17.51 5.91 -98.77
C LYS E 754 18.16 4.54 -98.99
N SER E 755 18.35 4.20 -100.26
CA SER E 755 18.94 2.93 -100.63
C SER E 755 19.51 3.05 -102.04
N SER E 756 20.20 1.98 -102.47
CA SER E 756 20.81 1.91 -103.79
C SER E 756 20.00 1.05 -104.75
N ILE E 757 18.68 0.98 -104.58
CA ILE E 757 17.82 0.17 -105.43
C ILE E 757 17.13 1.08 -106.44
N THR E 758 17.70 2.26 -106.67
CA THR E 758 17.08 3.22 -107.57
C THR E 758 17.06 2.70 -109.01
N ARG E 759 18.07 1.91 -109.39
CA ARG E 759 18.13 1.39 -110.76
C ARG E 759 17.01 0.39 -111.02
N ASP E 760 16.57 -0.32 -109.99
CA ASP E 760 15.59 -1.39 -110.20
C ASP E 760 14.20 -0.83 -110.53
N PHE E 761 13.88 0.36 -110.02
CA PHE E 761 12.58 0.94 -110.29
C PHE E 761 12.42 1.26 -111.77
N PRO E 762 11.34 0.79 -112.42
CA PRO E 762 11.22 1.03 -113.86
C PRO E 762 10.97 2.49 -114.23
N VAL E 763 10.16 3.20 -113.42
CA VAL E 763 9.88 4.59 -113.70
C VAL E 763 11.16 5.42 -113.66
N ALA E 764 12.07 5.09 -112.75
CA ALA E 764 13.35 5.78 -112.70
C ALA E 764 14.14 5.60 -113.99
N LYS E 765 14.09 4.40 -114.56
CA LYS E 765 14.78 4.15 -115.82
C LYS E 765 14.27 5.07 -116.92
N ALA E 766 12.95 5.14 -117.09
CA ALA E 766 12.38 5.98 -118.14
C ALA E 766 12.65 7.45 -117.89
N ALA E 767 12.53 7.90 -116.64
CA ALA E 767 12.79 9.29 -116.32
C ALA E 767 14.23 9.67 -116.65
N TYR E 768 15.19 8.86 -116.19
CA TYR E 768 16.60 9.15 -116.46
C TYR E 768 16.90 9.10 -117.95
N SER E 769 16.31 8.14 -118.66
CA SER E 769 16.54 8.05 -120.10
C SER E 769 16.02 9.27 -120.83
N PHE E 770 14.79 9.70 -120.52
CA PHE E 770 14.22 10.87 -121.17
C PHE E 770 15.03 12.11 -120.86
N LEU E 771 15.46 12.27 -119.60
CA LEU E 771 16.22 13.45 -119.22
C LEU E 771 17.60 13.46 -119.90
N LYS E 772 18.22 12.29 -120.02
CA LYS E 772 19.52 12.22 -120.69
C LYS E 772 19.40 12.49 -122.18
N ASP E 773 18.30 12.03 -122.80
CA ASP E 773 18.18 12.14 -124.25
C ASP E 773 17.72 13.52 -124.68
N THR E 774 16.68 14.07 -124.04
CA THR E 774 16.04 15.30 -124.52
C THR E 774 16.72 16.58 -124.06
N VAL E 775 17.33 16.59 -122.87
CA VAL E 775 17.99 17.78 -122.36
C VAL E 775 19.39 17.40 -121.91
N SER E 776 20.19 18.42 -121.61
CA SER E 776 21.56 18.20 -121.15
C SER E 776 21.58 17.39 -119.86
N SER E 777 22.72 16.76 -119.58
CA SER E 777 22.90 15.94 -118.38
C SER E 777 23.05 16.86 -117.18
N SER E 778 21.96 17.56 -116.85
CA SER E 778 21.92 18.47 -115.71
C SER E 778 20.96 17.99 -114.62
N PHE E 779 20.18 16.96 -114.89
CA PHE E 779 19.29 16.36 -113.91
C PHE E 779 19.93 15.09 -113.38
N CYS E 780 20.19 15.05 -112.07
CA CYS E 780 20.89 13.93 -111.47
C CYS E 780 20.28 13.63 -110.10
N PHE E 781 20.48 12.40 -109.65
CA PHE E 781 20.00 12.00 -108.33
C PHE E 781 20.78 12.76 -107.25
N PRO E 782 20.10 13.49 -106.37
CA PRO E 782 20.82 14.33 -105.39
C PRO E 782 21.27 13.58 -104.16
N GLY E 783 22.08 14.23 -103.33
CA GLY E 783 22.57 13.59 -102.13
C GLY E 783 21.58 13.58 -100.98
N TRP E 784 20.78 14.64 -100.85
CA TRP E 784 19.85 14.72 -99.73
C TRP E 784 18.79 13.62 -99.81
N ASN E 785 18.43 13.22 -101.02
CA ASN E 785 17.53 12.09 -101.21
C ASN E 785 17.86 11.40 -102.51
N LYS E 786 17.86 10.07 -102.48
CA LYS E 786 18.13 9.26 -103.66
C LYS E 786 16.87 8.76 -104.34
N GLY E 787 15.70 9.25 -103.96
CA GLY E 787 14.45 8.78 -104.51
C GLY E 787 13.80 9.74 -105.49
N ARG E 788 14.55 10.73 -105.95
CA ARG E 788 14.08 11.69 -106.94
C ARG E 788 15.23 12.16 -107.82
N ILE E 789 14.89 12.97 -108.82
CA ILE E 789 15.86 13.62 -109.70
C ILE E 789 15.59 15.10 -109.68
N VAL E 790 16.62 15.90 -109.41
CA VAL E 790 16.46 17.33 -109.16
C VAL E 790 17.37 18.12 -110.09
N CYS E 791 17.09 19.42 -110.19
CA CYS E 791 17.90 20.36 -110.96
C CYS E 791 17.89 21.70 -110.24
N GLN E 792 19.07 22.30 -110.09
CA GLN E 792 19.20 23.57 -109.37
C GLN E 792 18.65 24.72 -110.22
N LYS E 793 18.54 25.88 -109.57
CA LYS E 793 18.00 27.05 -110.25
C LYS E 793 18.97 27.57 -111.31
N THR E 794 20.26 27.65 -110.98
CA THR E 794 21.27 28.04 -111.96
C THR E 794 21.34 27.02 -113.09
N GLN E 795 21.19 25.74 -112.77
CA GLN E 795 21.22 24.71 -113.81
C GLN E 795 19.96 24.73 -114.66
N LEU E 796 18.80 25.01 -114.03
CA LEU E 796 17.57 25.08 -114.81
C LEU E 796 17.55 26.31 -115.70
N LYS E 797 18.18 27.41 -115.27
CA LYS E 797 18.31 28.58 -116.13
C LYS E 797 19.20 28.28 -117.33
N ARG E 798 20.24 27.45 -117.13
CA ARG E 798 21.12 27.09 -118.23
C ARG E 798 20.41 26.18 -119.23
N ILE E 799 19.71 25.16 -118.72
CA ILE E 799 19.04 24.23 -119.63
C ILE E 799 17.85 24.90 -120.30
N PHE E 800 17.26 25.91 -119.66
CA PHE E 800 16.16 26.63 -120.27
C PHE E 800 16.61 27.46 -121.46
N SER E 801 17.78 28.08 -121.35
CA SER E 801 18.31 28.90 -122.44
C SER E 801 18.79 28.05 -123.61
N GLU F 72 -4.60 34.12 52.44
CA GLU F 72 -4.44 35.21 53.39
C GLU F 72 -3.01 35.73 53.41
N SER F 73 -2.68 36.55 54.39
CA SER F 73 -1.35 37.11 54.49
C SER F 73 -0.36 36.07 55.02
N GLU F 74 0.93 36.32 54.76
CA GLU F 74 1.96 35.39 55.20
C GLU F 74 2.06 35.35 56.73
N GLU F 75 1.84 36.49 57.39
CA GLU F 75 1.89 36.51 58.84
C GLU F 75 0.78 35.66 59.45
N GLU F 76 -0.46 35.86 58.97
CA GLU F 76 -1.58 35.09 59.49
C GLU F 76 -1.43 33.61 59.17
N ALA F 77 -0.95 33.28 57.97
CA ALA F 77 -0.74 31.89 57.61
C ALA F 77 0.32 31.23 58.49
N ARG F 78 1.41 31.95 58.75
CA ARG F 78 2.46 31.42 59.61
C ARG F 78 1.96 31.24 61.05
N ARG F 79 1.15 32.18 61.53
CA ARG F 79 0.57 32.03 62.87
C ARG F 79 -0.36 30.82 62.92
N LYS F 80 -1.19 30.63 61.90
CA LYS F 80 -2.08 29.47 61.85
C LYS F 80 -1.27 28.18 61.81
N ASN F 81 -0.18 28.16 61.03
CA ASN F 81 0.67 26.97 61.01
C ASN F 81 1.24 26.67 62.39
N TRP F 82 1.81 27.70 63.04
CA TRP F 82 2.40 27.50 64.37
C TRP F 82 1.35 27.01 65.37
N VAL F 83 0.13 27.54 65.28
CA VAL F 83 -0.89 27.20 66.27
C VAL F 83 -1.44 25.79 66.04
N ASP F 84 -1.77 25.47 64.79
CA ASP F 84 -2.50 24.24 64.49
C ASP F 84 -1.59 23.10 64.05
N ARG F 85 -0.71 23.32 63.08
CA ARG F 85 0.07 22.25 62.48
C ARG F 85 1.40 22.00 63.17
N GLY F 86 1.78 22.87 64.13
CA GLY F 86 3.01 22.64 64.87
C GLY F 86 4.27 23.07 64.16
N TRP F 87 4.21 24.06 63.29
CA TRP F 87 5.40 24.54 62.60
C TRP F 87 6.34 25.23 63.58
N ALA F 88 7.64 25.13 63.30
CA ALA F 88 8.66 25.79 64.10
C ALA F 88 9.93 25.91 63.26
N PRO F 89 10.62 27.04 63.36
CA PRO F 89 11.86 27.23 62.56
C PRO F 89 13.05 26.50 63.17
N TRP F 90 13.01 25.18 63.12
CA TRP F 90 14.09 24.38 63.68
C TRP F 90 15.38 24.59 62.89
N GLU F 91 16.50 24.58 63.61
CA GLU F 91 17.79 24.83 63.00
C GLU F 91 18.21 23.64 62.14
N GLU F 92 18.56 23.91 60.89
CA GLU F 92 19.01 22.89 59.96
C GLU F 92 20.53 22.88 59.92
N ILE F 93 21.12 21.80 60.43
CA ILE F 93 22.57 21.66 60.50
C ILE F 93 23.06 21.04 59.21
N LEU F 94 23.34 21.89 58.22
CA LEU F 94 23.65 21.44 56.87
C LEU F 94 25.13 21.12 56.73
N SER F 95 25.44 20.30 55.72
CA SER F 95 26.81 20.01 55.33
C SER F 95 27.31 21.17 54.46
N PRO F 96 28.62 21.27 54.22
CA PRO F 96 29.12 22.33 53.33
C PRO F 96 28.52 22.27 51.93
N GLU F 97 28.42 21.07 51.36
CA GLU F 97 27.83 20.93 50.03
C GLU F 97 26.35 21.32 50.03
N ALA F 98 25.62 20.94 51.08
CA ALA F 98 24.21 21.31 51.17
C ALA F 98 24.03 22.81 51.31
N ASN F 99 24.88 23.46 52.12
CA ASN F 99 24.80 24.91 52.26
C ASN F 99 25.16 25.61 50.95
N PHE F 100 26.17 25.11 50.25
CA PHE F 100 26.53 25.68 48.95
C PHE F 100 25.39 25.51 47.95
N ALA F 101 24.70 24.37 48.00
CA ALA F 101 23.57 24.16 47.10
C ALA F 101 22.42 25.11 47.43
N ARG F 102 22.14 25.30 48.72
CA ARG F 102 21.05 26.20 49.09
C ARG F 102 21.38 27.65 48.76
N LYS F 103 22.65 28.03 48.84
CA LYS F 103 23.01 29.42 48.58
C LYS F 103 23.16 29.69 47.09
N SER F 104 23.65 28.73 46.32
CA SER F 104 23.98 28.98 44.92
C SER F 104 22.74 28.94 44.03
N LEU F 105 21.80 28.04 44.32
CA LEU F 105 20.65 27.85 43.44
C LEU F 105 19.77 29.08 43.33
N ASN F 106 19.90 30.04 44.25
CA ASN F 106 19.06 31.23 44.20
C ASN F 106 19.42 32.12 43.01
N GLU F 107 20.69 32.11 42.60
CA GLU F 107 21.12 33.01 41.54
C GLU F 107 20.69 32.50 40.17
N GLY F 108 21.05 31.28 39.83
CA GLY F 108 20.74 30.74 38.52
C GLY F 108 21.61 29.55 38.21
N GLU F 109 21.56 29.13 36.96
CA GLU F 109 22.28 27.96 36.47
C GLU F 109 23.39 28.39 35.54
N GLU F 110 24.61 27.91 35.80
CA GLU F 110 25.78 28.19 34.96
C GLU F 110 26.00 29.70 34.81
N VAL F 111 25.86 30.43 35.90
CA VAL F 111 26.10 31.87 35.93
C VAL F 111 27.14 32.16 37.00
N ALA F 112 28.04 33.11 36.71
CA ALA F 112 29.08 33.47 37.66
C ALA F 112 28.47 33.96 38.96
N LEU F 113 28.83 33.30 40.07
CA LEU F 113 28.26 33.65 41.36
C LEU F 113 28.78 35.01 41.82
N GLN F 114 27.85 35.89 42.19
CA GLN F 114 28.18 37.23 42.63
C GLN F 114 27.76 37.52 44.07
N SER F 115 26.93 36.68 44.68
CA SER F 115 26.54 36.89 46.06
C SER F 115 27.70 36.55 46.99
N PRO F 116 27.90 37.32 48.06
CA PRO F 116 29.02 37.03 48.97
C PRO F 116 28.90 35.67 49.65
N GLU F 117 27.70 35.29 50.09
CA GLU F 117 27.54 34.02 50.79
C GLU F 117 27.74 32.84 49.85
N ALA F 118 27.34 32.97 48.58
CA ALA F 118 27.54 31.89 47.62
C ALA F 118 29.02 31.65 47.37
N ILE F 119 29.79 32.72 47.16
CA ILE F 119 31.23 32.58 46.97
C ILE F 119 31.90 32.07 48.24
N GLU F 120 31.40 32.52 49.40
CA GLU F 120 31.95 32.03 50.66
C GLU F 120 31.75 30.53 50.81
N ALA F 121 30.56 30.03 50.48
CA ALA F 121 30.31 28.59 50.54
C ALA F 121 31.14 27.84 49.51
N PHE F 122 31.28 28.42 48.31
CA PHE F 122 32.12 27.80 47.29
C PHE F 122 33.55 27.63 47.77
N LYS F 123 34.08 28.64 48.46
CA LYS F 123 35.43 28.51 49.03
C LYS F 123 35.43 27.53 50.20
N MET F 124 34.36 27.52 50.99
CA MET F 124 34.25 26.60 52.13
C MET F 124 34.10 25.14 51.70
N LEU F 125 33.81 24.89 50.41
CA LEU F 125 33.76 23.52 49.91
C LEU F 125 35.10 22.79 50.04
N SER F 126 36.19 23.49 50.32
CA SER F 126 37.50 22.88 50.47
C SER F 126 37.90 22.83 51.93
N PRO F 127 38.47 21.71 52.38
CA PRO F 127 38.84 21.61 53.81
C PRO F 127 39.95 22.57 54.21
N ASN F 128 40.89 22.84 53.31
CA ASN F 128 42.00 23.75 53.65
C ASN F 128 41.49 25.17 53.90
N TYR F 129 40.49 25.60 53.14
CA TYR F 129 39.91 26.93 53.38
C TYR F 129 39.23 26.98 54.74
N ARG F 130 38.56 25.90 55.14
CA ARG F 130 37.95 25.85 56.46
C ARG F 130 39.01 25.88 57.55
N LYS F 131 40.11 25.15 57.36
CA LYS F 131 41.20 25.19 58.33
C LYS F 131 41.80 26.59 58.43
N LYS F 132 41.97 27.25 57.29
CA LYS F 132 42.50 28.62 57.29
C LYS F 132 41.55 29.57 58.02
N LYS F 133 40.25 29.42 57.79
CA LYS F 133 39.28 30.29 58.47
C LYS F 133 39.27 30.02 59.97
N ILE F 134 39.41 28.75 60.37
CA ILE F 134 39.48 28.40 61.79
C ILE F 134 40.71 29.04 62.41
N SER F 135 41.86 28.95 61.74
CA SER F 135 43.07 29.55 62.27
C SER F 135 42.96 31.06 62.35
N ASP F 136 42.28 31.67 61.37
CA ASP F 136 42.12 33.12 61.38
C ASP F 136 41.21 33.58 62.52
N MET F 137 40.09 32.87 62.73
CA MET F 137 39.16 33.26 63.79
C MET F 137 39.75 33.02 65.17
N GLY F 138 40.74 32.13 65.28
CA GLY F 138 41.38 31.86 66.54
C GLY F 138 40.72 30.78 67.38
N ILE F 139 39.53 30.33 67.00
CA ILE F 139 38.84 29.29 67.76
C ILE F 139 39.45 27.93 67.44
N THR F 140 39.30 26.99 68.36
CA THR F 140 39.81 25.64 68.17
C THR F 140 38.86 24.83 67.29
N GLU F 141 39.35 23.66 66.86
CA GLU F 141 38.53 22.78 66.04
C GLU F 141 37.31 22.29 66.80
N ASP F 142 37.48 21.96 68.09
CA ASP F 142 36.34 21.56 68.90
C ASP F 142 35.35 22.70 69.06
N GLU F 143 35.84 23.94 69.13
CA GLU F 143 34.95 25.09 69.17
C GLU F 143 34.25 25.33 67.84
N TYR F 144 34.95 25.10 66.72
CA TYR F 144 34.32 25.27 65.42
C TYR F 144 33.25 24.21 65.19
N TYR F 145 33.48 22.99 65.69
CA TYR F 145 32.46 21.94 65.55
C TYR F 145 31.20 22.30 66.32
N ALA F 146 31.34 22.91 67.49
CA ALA F 146 30.19 23.34 68.27
C ALA F 146 29.55 24.63 67.74
N LYS F 147 30.31 25.46 67.03
CA LYS F 147 29.74 26.66 66.43
C LYS F 147 28.69 26.32 65.39
N GLN F 148 28.84 25.17 64.71
CA GLN F 148 27.82 24.72 63.79
C GLN F 148 26.51 24.41 64.51
N PHE F 149 26.61 23.77 65.67
CA PHE F 149 25.44 23.40 66.47
C PHE F 149 25.06 24.55 67.41
N GLU F 150 24.78 25.71 66.82
CA GLU F 150 24.47 26.92 67.56
C GLU F 150 23.06 27.38 67.19
N ILE F 151 22.24 27.65 68.22
CA ILE F 151 20.90 28.16 67.99
C ILE F 151 20.98 29.55 67.37
N LYS F 152 20.22 29.76 66.30
CA LYS F 152 20.24 31.01 65.56
C LYS F 152 18.88 31.68 65.64
N GLY F 153 18.87 32.99 65.47
CA GLY F 153 17.68 33.80 65.59
C GLY F 153 17.64 34.53 66.91
N GLU F 154 16.44 34.97 67.29
CA GLU F 154 16.25 35.67 68.55
C GLU F 154 16.46 34.70 69.71
N ILE F 155 17.23 35.14 70.70
CA ILE F 155 17.56 34.35 71.88
C ILE F 155 16.78 34.94 73.05
N PRO F 156 16.08 34.12 73.84
CA PRO F 156 15.30 34.67 74.95
C PRO F 156 16.18 35.17 76.07
N GLU F 157 15.67 36.14 76.82
CA GLU F 157 16.37 36.64 77.99
C GLU F 157 16.39 35.58 79.08
N PRO F 158 17.46 35.50 79.87
CA PRO F 158 17.51 34.50 80.94
C PRO F 158 16.45 34.77 82.00
N LEU F 159 15.74 33.71 82.36
CA LEU F 159 14.65 33.82 83.33
C LEU F 159 15.20 33.82 84.75
N SER F 160 14.59 34.63 85.60
CA SER F 160 14.99 34.77 87.00
C SER F 160 13.88 34.23 87.90
N THR F 161 14.25 33.40 88.86
CA THR F 161 13.27 32.83 89.78
C THR F 161 12.77 33.89 90.76
N MET F 162 11.46 33.91 90.96
CA MET F 162 10.81 34.84 91.89
C MET F 162 9.96 34.05 92.88
N TRP F 163 10.15 34.31 94.17
CA TRP F 163 9.40 33.65 95.23
C TRP F 163 8.36 34.61 95.80
N ALA F 164 7.14 34.11 96.00
CA ALA F 164 6.07 34.97 96.46
C ALA F 164 6.20 35.30 97.95
N GLY F 165 6.78 34.40 98.72
CA GLY F 165 6.93 34.61 100.14
C GLY F 165 7.58 33.44 100.84
N PRO F 166 7.44 33.38 102.17
CA PRO F 166 8.01 32.24 102.91
C PRO F 166 7.26 30.96 102.61
N LEU F 167 8.02 29.87 102.48
CA LEU F 167 7.46 28.57 102.17
C LEU F 167 7.35 27.75 103.45
N VAL F 168 6.17 27.73 104.04
CA VAL F 168 5.89 26.94 105.24
C VAL F 168 5.45 25.55 104.80
N VAL F 169 6.14 24.52 105.29
CA VAL F 169 5.94 23.16 104.83
C VAL F 169 5.63 22.25 106.01
N ARG F 170 5.24 21.02 105.68
CA ARG F 170 4.92 20.00 106.66
C ARG F 170 5.39 18.66 106.10
N HIS F 171 5.44 17.64 106.96
CA HIS F 171 5.77 16.28 106.57
C HIS F 171 4.61 15.37 106.95
N VAL F 172 3.63 15.26 106.06
CA VAL F 172 2.45 14.43 106.32
C VAL F 172 2.61 13.09 105.62
N PRO F 173 2.06 12.00 106.17
CA PRO F 173 2.07 10.75 105.43
C PRO F 173 1.10 10.80 104.27
N PRO F 174 1.40 10.12 103.17
CA PRO F 174 0.46 10.09 102.04
C PRO F 174 -0.87 9.45 102.43
N ARG F 175 -1.90 9.82 101.68
CA ARG F 175 -3.26 9.32 101.92
C ARG F 175 -3.47 7.91 101.39
N ASP F 176 -2.68 7.48 100.42
CA ASP F 176 -2.76 6.13 99.87
C ASP F 176 -1.58 5.27 100.32
N TRP F 177 -1.12 5.48 101.55
CA TRP F 177 0.00 4.70 102.06
C TRP F 177 -0.24 3.20 102.04
N PRO F 178 -1.36 2.67 102.57
CA PRO F 178 -1.52 1.20 102.60
C PRO F 178 -1.62 0.64 101.20
N PRO F 179 -0.67 -0.20 100.80
CA PRO F 179 -0.72 -0.79 99.45
C PRO F 179 -1.83 -1.82 99.35
N ARG F 180 -2.44 -1.89 98.17
CA ARG F 180 -3.51 -2.85 97.95
C ARG F 180 -2.96 -4.26 98.03
N GLY F 181 -3.40 -5.00 99.05
CA GLY F 181 -2.89 -6.33 99.30
C GLY F 181 -1.83 -6.43 100.36
N TRP F 182 -1.63 -5.39 101.17
CA TRP F 182 -0.65 -5.39 102.25
C TRP F 182 -1.36 -5.05 103.55
N GLU F 183 -1.06 -5.80 104.61
CA GLU F 183 -1.72 -5.63 105.90
C GLU F 183 -0.82 -4.85 106.84
N VAL F 184 -1.42 -3.89 107.56
CA VAL F 184 -0.71 -3.07 108.53
C VAL F 184 -1.54 -2.98 109.80
N ASP F 185 -0.90 -2.54 110.88
CA ASP F 185 -1.58 -2.38 112.15
C ASP F 185 -2.61 -1.27 112.06
N LYS F 186 -3.83 -1.57 112.52
CA LYS F 186 -4.90 -0.57 112.46
C LYS F 186 -4.68 0.56 113.45
N LYS F 187 -4.29 0.23 114.68
CA LYS F 187 -4.06 1.25 115.69
C LYS F 187 -2.94 2.20 115.27
N GLU F 188 -1.87 1.65 114.69
CA GLU F 188 -0.80 2.51 114.17
C GLU F 188 -1.24 3.26 112.93
N LEU F 189 -2.11 2.64 112.11
CA LEU F 189 -2.62 3.32 110.93
C LEU F 189 -3.42 4.56 111.30
N GLU F 190 -4.17 4.49 112.40
CA GLU F 190 -4.92 5.66 112.84
C GLU F 190 -4.00 6.79 113.26
N PHE F 191 -2.91 6.45 113.98
CA PHE F 191 -1.95 7.47 114.40
C PHE F 191 -1.24 8.07 113.19
N ILE F 192 -1.02 7.27 112.15
CA ILE F 192 -0.42 7.79 110.92
C ILE F 192 -1.39 8.73 110.22
N ARG F 193 -2.66 8.35 110.13
CA ARG F 193 -3.66 9.12 109.40
C ARG F 193 -4.16 10.34 110.18
N GLU F 194 -3.84 10.45 111.47
CA GLU F 194 -4.25 11.61 112.24
C GLU F 194 -3.65 12.92 111.72
N THR F 195 -2.54 12.85 110.97
CA THR F 195 -1.94 14.07 110.42
C THR F 195 -2.83 14.70 109.36
N HIS F 196 -3.72 13.91 108.75
CA HIS F 196 -4.58 14.44 107.71
C HIS F 196 -5.53 15.50 108.24
N LYS F 197 -6.07 15.29 109.44
CA LYS F 197 -6.95 16.30 110.03
C LYS F 197 -6.15 17.49 110.55
N LEU F 198 -4.89 17.26 110.95
CA LEU F 198 -4.06 18.34 111.44
C LEU F 198 -3.55 19.24 110.32
N GLN F 199 -3.43 18.71 109.11
CA GLN F 199 -2.96 19.48 107.97
C GLN F 199 -3.92 20.59 107.56
N SER F 200 -5.13 20.63 108.12
CA SER F 200 -6.13 21.62 107.77
C SER F 200 -6.17 22.79 108.74
N VAL F 201 -5.02 23.19 109.28
CA VAL F 201 -4.90 24.32 110.19
C VAL F 201 -4.12 25.43 109.48
N ARG F 202 -4.70 26.63 109.45
CA ARG F 202 -4.04 27.76 108.79
C ARG F 202 -2.89 28.27 109.65
N VAL F 203 -1.88 28.82 108.97
CA VAL F 203 -0.75 29.48 109.61
C VAL F 203 -0.55 30.83 108.94
N ASP F 204 -0.31 31.86 109.76
CA ASP F 204 -0.13 33.22 109.27
C ASP F 204 1.28 33.36 108.71
N TYR F 205 1.39 33.48 107.39
CA TYR F 205 2.70 33.42 106.74
C TYR F 205 3.54 34.67 107.03
N ASP F 206 2.90 35.81 107.22
CA ASP F 206 3.65 37.05 107.39
C ASP F 206 4.43 37.06 108.70
N LYS F 207 3.86 36.51 109.76
CA LYS F 207 4.51 36.49 111.07
C LYS F 207 5.24 35.18 111.35
N VAL F 208 5.62 34.44 110.31
CA VAL F 208 6.32 33.16 110.52
C VAL F 208 7.69 33.39 111.15
N GLU F 209 8.47 34.32 110.59
CA GLU F 209 9.84 34.51 111.04
C GLU F 209 9.90 34.89 112.53
N GLU F 210 8.87 35.54 113.05
CA GLU F 210 8.87 35.94 114.44
C GLU F 210 8.80 34.75 115.38
N MET F 211 8.23 33.64 114.92
CA MET F 211 7.93 32.50 115.77
C MET F 211 8.86 31.31 115.57
N VAL F 212 9.84 31.41 114.66
CA VAL F 212 10.72 30.27 114.42
C VAL F 212 11.64 30.05 115.61
N LYS F 213 11.92 28.78 115.89
CA LYS F 213 12.84 28.39 116.95
C LYS F 213 14.02 27.67 116.31
N MET F 214 15.23 28.16 116.59
CA MET F 214 16.45 27.60 116.00
C MET F 214 17.00 26.42 116.78
N GLU F 215 16.27 25.92 117.77
CA GLU F 215 16.70 24.76 118.55
C GLU F 215 16.04 23.50 117.99
N THR F 216 16.84 22.62 117.40
CA THR F 216 16.35 21.37 116.87
C THR F 216 16.27 20.32 117.99
N ASP F 217 16.03 19.07 117.60
CA ASP F 217 15.89 17.89 118.43
C ASP F 217 14.62 17.90 119.27
N ASP F 218 13.79 18.95 119.17
CA ASP F 218 12.54 19.03 119.89
C ASP F 218 11.33 18.94 118.98
N MET F 219 11.53 18.80 117.67
CA MET F 219 10.41 18.69 116.75
C MET F 219 9.69 17.37 116.94
N GLY F 220 8.37 17.39 116.77
CA GLY F 220 7.57 16.18 116.91
C GLY F 220 7.08 15.64 115.59
N LEU F 221 7.65 14.50 115.18
CA LEU F 221 7.27 13.81 113.95
C LEU F 221 7.08 12.33 114.20
N ASP F 222 6.44 11.98 115.32
CA ASP F 222 6.29 10.58 115.71
C ASP F 222 5.43 9.83 114.70
N ARG F 223 4.35 10.45 114.24
CA ARG F 223 3.50 9.80 113.25
C ARG F 223 4.26 9.54 111.96
N TYR F 224 5.03 10.54 111.50
CA TYR F 224 5.79 10.36 110.27
C TYR F 224 6.91 9.36 110.44
N LYS F 225 7.51 9.30 111.63
CA LYS F 225 8.55 8.30 111.89
C LYS F 225 7.99 6.89 111.90
N MET F 226 6.82 6.70 112.52
CA MET F 226 6.17 5.40 112.49
C MET F 226 5.77 5.03 111.06
N PHE F 227 5.32 6.00 110.28
CA PHE F 227 5.06 5.75 108.86
C PHE F 227 6.33 5.33 108.14
N LEU F 228 7.46 5.96 108.47
CA LEU F 228 8.73 5.59 107.86
C LEU F 228 9.09 4.15 108.20
N LYS F 229 8.88 3.75 109.46
CA LYS F 229 9.16 2.36 109.85
C LYS F 229 8.28 1.39 109.07
N GLN F 230 6.98 1.67 109.00
CA GLN F 230 6.07 0.79 108.29
C GLN F 230 6.40 0.73 106.80
N TYR F 231 6.89 1.83 106.24
CA TYR F 231 7.27 1.85 104.83
C TYR F 231 8.57 1.08 104.60
N ASN F 232 9.51 1.17 105.53
CA ASN F 232 10.72 0.37 105.45
C ASN F 232 10.38 -1.11 105.48
N GLU F 233 9.44 -1.50 106.34
CA GLU F 233 8.98 -2.89 106.34
C GLU F 233 8.47 -3.32 104.97
N TRP F 234 7.60 -2.51 104.37
CA TRP F 234 7.00 -2.88 103.09
C TRP F 234 8.03 -2.93 101.98
N VAL F 235 8.98 -1.99 101.96
CA VAL F 235 9.96 -2.00 100.88
C VAL F 235 10.92 -3.17 101.03
N ALA F 236 11.34 -3.47 102.27
CA ALA F 236 12.19 -4.64 102.50
C ALA F 236 11.45 -5.92 102.12
N ALA F 237 10.13 -5.92 102.26
CA ALA F 237 9.35 -7.09 101.88
C ALA F 237 9.23 -7.24 100.37
N ASN F 238 8.93 -6.15 99.67
CA ASN F 238 8.47 -6.22 98.29
C ASN F 238 9.46 -5.69 97.25
N LYS F 239 10.70 -5.40 97.64
CA LYS F 239 11.68 -4.91 96.66
C LYS F 239 11.89 -5.90 95.53
N ASP F 240 12.25 -7.15 95.87
CA ASP F 240 12.53 -8.14 94.84
C ASP F 240 11.28 -8.49 94.05
N ARG F 241 10.11 -8.47 94.69
CA ARG F 241 8.87 -8.75 93.97
C ARG F 241 8.58 -7.66 92.94
N LEU F 242 8.75 -6.40 93.31
CA LEU F 242 8.55 -5.31 92.36
C LEU F 242 9.56 -5.37 91.22
N GLU F 243 10.82 -5.70 91.54
CA GLU F 243 11.82 -5.82 90.49
C GLU F 243 11.49 -6.96 89.53
N LYS F 244 11.04 -8.09 90.07
CA LYS F 244 10.64 -9.22 89.23
C LYS F 244 9.47 -8.85 88.33
N GLU F 245 8.46 -8.17 88.88
CA GLU F 245 7.31 -7.77 88.08
C GLU F 245 7.71 -6.78 86.99
N SER F 246 8.64 -5.87 87.31
CA SER F 246 9.10 -4.91 86.31
C SER F 246 9.88 -5.61 85.20
N TYR F 247 10.73 -6.58 85.56
CA TYR F 247 11.46 -7.32 84.54
C TYR F 247 10.51 -8.16 83.68
N LYS F 248 9.45 -8.68 84.28
CA LYS F 248 8.51 -9.51 83.53
C LYS F 248 7.67 -8.68 82.57
N TYR F 249 7.10 -7.58 83.06
CA TYR F 249 6.14 -6.82 82.24
C TYR F 249 6.85 -5.87 81.28
N ASP F 250 7.96 -5.27 81.70
CA ASP F 250 8.66 -4.26 80.91
C ASP F 250 9.96 -4.86 80.40
N GLN F 251 10.21 -4.73 79.09
CA GLN F 251 11.42 -5.30 78.50
C GLN F 251 12.60 -4.34 78.60
N ASP F 252 12.39 -3.06 78.34
CA ASP F 252 13.47 -2.08 78.28
C ASP F 252 13.16 -0.92 79.20
N TYR F 253 14.22 -0.30 79.72
CA TYR F 253 14.05 0.86 80.58
C TYR F 253 13.77 2.11 79.77
N TYR F 254 12.88 2.95 80.29
CA TYR F 254 12.51 4.20 79.64
C TYR F 254 12.23 5.22 80.72
N PRO F 255 12.52 6.50 80.47
CA PRO F 255 12.19 7.55 81.44
C PRO F 255 10.72 7.47 81.86
N GLY F 256 10.50 7.21 83.14
CA GLY F 256 9.18 6.94 83.66
C GLY F 256 8.95 5.49 84.02
N ARG F 257 9.99 4.67 84.06
CA ARG F 257 9.89 3.26 84.40
C ARG F 257 10.77 2.98 85.62
N ARG F 258 10.57 1.80 86.21
CA ARG F 258 11.33 1.43 87.40
C ARG F 258 12.79 1.18 87.06
N LYS F 259 13.69 1.78 87.84
CA LYS F 259 15.11 1.57 87.66
C LYS F 259 15.51 0.23 88.26
N ARG F 260 16.15 -0.61 87.44
CA ARG F 260 16.47 -1.98 87.82
C ARG F 260 17.91 -2.30 87.43
N GLY F 261 18.38 -3.44 87.90
CA GLY F 261 19.73 -3.88 87.57
C GLY F 261 20.79 -2.99 88.18
N LYS F 262 21.68 -2.45 87.33
CA LYS F 262 22.76 -1.62 87.83
C LYS F 262 22.25 -0.26 88.31
N ASP F 263 21.14 0.22 87.73
CA ASP F 263 20.66 1.55 88.05
C ASP F 263 20.00 1.63 89.43
N TYR F 264 19.65 0.48 90.02
CA TYR F 264 18.95 0.46 91.30
C TYR F 264 19.97 0.49 92.44
N GLN F 265 20.37 1.70 92.83
CA GLN F 265 21.16 1.87 94.04
C GLN F 265 20.23 1.87 95.25
N ASP F 266 20.69 1.26 96.34
CA ASP F 266 19.88 1.18 97.55
C ASP F 266 19.67 2.57 98.15
N GLY F 267 18.55 2.72 98.86
CA GLY F 267 18.18 3.98 99.46
C GLY F 267 17.15 4.80 98.69
N MET F 268 16.72 4.32 97.53
CA MET F 268 15.73 5.05 96.75
C MET F 268 14.34 4.94 97.38
N TYR F 269 13.50 5.92 97.10
CA TYR F 269 12.16 6.00 97.66
C TYR F 269 11.16 5.38 96.69
N GLU F 270 10.32 4.49 97.21
CA GLU F 270 9.32 3.82 96.38
C GLU F 270 8.21 4.80 95.97
N LEU F 271 7.36 4.32 95.06
CA LEU F 271 6.26 5.14 94.58
C LEU F 271 5.24 5.50 95.66
N PRO F 272 4.80 4.59 96.55
CA PRO F 272 3.85 4.99 97.61
C PRO F 272 4.38 6.08 98.52
N PHE F 273 5.69 6.32 98.56
CA PHE F 273 6.24 7.35 99.43
C PHE F 273 5.79 8.73 99.00
N TYR F 274 5.54 8.92 97.70
CA TYR F 274 5.13 10.20 97.18
C TYR F 274 3.62 10.35 97.23
N TYR F 275 3.15 11.57 96.98
CA TYR F 275 1.74 11.90 96.98
C TYR F 275 1.56 13.27 96.34
N PRO F 276 0.50 13.46 95.56
CA PRO F 276 0.27 14.77 94.93
C PRO F 276 0.05 15.85 95.98
N GLY F 277 0.83 16.93 95.86
CA GLY F 277 0.82 18.03 96.81
C GLY F 277 2.15 18.19 97.54
N GLN F 278 3.03 17.20 97.43
CA GLN F 278 4.34 17.27 98.08
C GLN F 278 5.31 18.05 97.19
N ILE F 279 5.93 19.09 97.76
CA ILE F 279 6.98 19.79 97.05
C ILE F 279 8.27 18.99 97.14
N CYS F 280 8.95 18.83 96.01
CA CYS F 280 10.19 18.08 95.93
C CYS F 280 11.20 18.86 95.09
N ALA F 281 12.41 18.32 94.98
CA ALA F 281 13.47 18.94 94.20
C ALA F 281 14.26 17.85 93.51
N GLY F 282 14.63 18.09 92.26
CA GLY F 282 15.38 17.11 91.50
C GLY F 282 16.11 17.76 90.35
N LYS F 283 16.72 16.92 89.53
CA LYS F 283 17.50 17.35 88.38
C LYS F 283 16.95 16.70 87.12
N VAL F 284 16.90 17.48 86.04
CA VAL F 284 16.43 16.96 84.77
C VAL F 284 17.44 15.93 84.23
N THR F 285 16.93 14.77 83.82
CA THR F 285 17.77 13.71 83.28
C THR F 285 17.54 13.46 81.80
N ALA F 286 16.33 13.68 81.30
CA ALA F 286 16.02 13.47 79.90
C ALA F 286 15.04 14.53 79.44
N ILE F 287 15.17 14.91 78.17
CA ILE F 287 14.30 15.90 77.55
C ILE F 287 13.78 15.30 76.25
N HIS F 288 12.47 15.07 76.17
CA HIS F 288 11.84 14.49 74.99
C HIS F 288 11.00 15.57 74.31
N LEU F 289 11.03 15.58 72.98
CA LEU F 289 10.33 16.62 72.23
C LEU F 289 8.81 16.45 72.37
N TYR F 290 8.30 15.26 72.12
CA TYR F 290 6.85 15.07 72.10
C TYR F 290 6.29 14.88 73.50
N GLN F 291 6.95 14.05 74.32
CA GLN F 291 6.40 13.71 75.62
C GLN F 291 6.64 14.81 76.64
N GLY F 292 7.87 15.31 76.73
CA GLY F 292 8.18 16.35 77.69
C GLY F 292 9.52 16.18 78.37
N ALA F 293 9.64 16.72 79.58
CA ALA F 293 10.89 16.69 80.34
C ALA F 293 10.75 15.75 81.52
N PHE F 294 11.80 14.98 81.79
CA PHE F 294 11.82 14.03 82.89
C PHE F 294 12.81 14.48 83.95
N VAL F 295 12.37 14.49 85.21
CA VAL F 295 13.17 14.96 86.33
C VAL F 295 13.29 13.83 87.34
N ASP F 296 14.52 13.51 87.72
CA ASP F 296 14.75 12.49 88.74
C ASP F 296 14.61 13.11 90.13
N ILE F 297 13.67 12.59 90.92
CA ILE F 297 13.40 13.10 92.25
C ILE F 297 13.84 12.10 93.32
N GLY F 298 14.82 11.25 93.02
CA GLY F 298 15.30 10.27 93.98
C GLY F 298 14.35 9.13 94.20
N GLY F 299 14.07 8.37 93.14
CA GLY F 299 13.18 7.22 93.24
C GLY F 299 13.36 6.31 92.06
N VAL F 300 12.71 5.14 92.14
CA VAL F 300 12.77 4.18 91.06
C VAL F 300 12.07 4.69 89.80
N HIS F 301 11.07 5.56 89.96
CA HIS F 301 10.35 6.14 88.84
C HIS F 301 10.64 7.63 88.77
N ASP F 302 11.11 8.09 87.62
CA ASP F 302 11.37 9.50 87.44
C ASP F 302 10.06 10.28 87.33
N GLY F 303 10.18 11.60 87.35
CA GLY F 303 9.01 12.46 87.22
C GLY F 303 8.81 12.91 85.79
N TRP F 304 7.62 13.41 85.48
CA TRP F 304 7.28 13.82 84.12
C TRP F 304 6.58 15.18 84.14
N VAL F 305 7.09 16.10 83.35
CA VAL F 305 6.51 17.42 83.17
C VAL F 305 6.01 17.52 81.74
N PRO F 306 4.71 17.65 81.51
CA PRO F 306 4.19 17.61 80.14
C PRO F 306 4.55 18.85 79.33
N ILE F 307 5.47 18.69 78.38
CA ILE F 307 5.85 19.75 77.45
C ILE F 307 5.78 19.18 76.04
N LYS F 308 4.95 19.78 75.20
CA LYS F 308 4.66 19.21 73.90
C LYS F 308 5.62 19.72 72.82
N ARG F 309 5.28 19.45 71.56
CA ARG F 309 6.24 19.58 70.48
C ARG F 309 6.66 21.02 70.24
N ASN F 310 5.69 21.92 70.04
CA ASN F 310 5.96 23.27 69.57
C ASN F 310 6.46 24.22 70.64
N ASP F 311 6.19 23.94 71.91
CA ASP F 311 6.66 24.83 72.97
C ASP F 311 8.15 24.68 73.22
N TRP F 312 8.73 23.54 72.84
CA TRP F 312 10.16 23.34 73.08
C TRP F 312 11.03 24.34 72.35
N TYR F 313 10.59 24.88 71.21
CA TYR F 313 11.40 25.84 70.47
C TYR F 313 11.80 27.02 71.34
N TRP F 314 10.95 27.39 72.30
CA TRP F 314 11.26 28.46 73.24
C TRP F 314 11.58 27.96 74.64
N ILE F 315 11.23 26.72 74.98
CA ILE F 315 11.48 26.23 76.32
C ILE F 315 12.90 25.65 76.42
N ARG F 316 13.52 25.37 75.27
CA ARG F 316 14.85 24.78 75.27
C ARG F 316 15.93 25.71 75.78
N HIS F 317 15.66 27.01 75.86
CA HIS F 317 16.61 27.97 76.41
C HIS F 317 16.52 28.09 77.92
N HIS F 318 15.50 27.50 78.55
CA HIS F 318 15.32 27.57 79.99
C HIS F 318 15.38 26.21 80.68
N ILE F 319 15.12 25.12 79.96
CA ILE F 319 15.16 23.78 80.52
C ILE F 319 16.23 23.00 79.79
N LYS F 320 17.27 22.58 80.52
CA LYS F 320 18.39 21.87 79.94
C LYS F 320 18.76 20.69 80.84
N VAL F 321 19.38 19.68 80.23
CA VAL F 321 19.76 18.47 80.96
C VAL F 321 20.83 18.82 81.98
N GLY F 322 20.68 18.28 83.19
CA GLY F 322 21.61 18.54 84.27
C GLY F 322 21.27 19.71 85.15
N MET F 323 20.17 20.39 84.89
CA MET F 323 19.76 21.52 85.72
C MET F 323 18.95 21.04 86.92
N HIS F 324 19.20 21.66 88.07
CA HIS F 324 18.50 21.35 89.31
C HIS F 324 17.30 22.27 89.44
N VAL F 325 16.11 21.67 89.59
CA VAL F 325 14.86 22.41 89.62
C VAL F 325 14.04 21.97 90.81
N ILE F 326 13.01 22.74 91.11
CA ILE F 326 12.04 22.44 92.16
C ILE F 326 10.71 22.13 91.50
N VAL F 327 10.15 20.96 91.81
CA VAL F 327 8.95 20.46 91.15
C VAL F 327 7.89 20.16 92.20
N GLU F 328 6.63 20.10 91.73
CA GLU F 328 5.48 19.80 92.57
C GLU F 328 4.68 18.68 91.94
N ILE F 329 4.32 17.68 92.75
CA ILE F 329 3.61 16.50 92.28
C ILE F 329 2.14 16.83 92.16
N LEU F 330 1.59 16.68 90.95
CA LEU F 330 0.19 17.00 90.68
C LEU F 330 -0.71 15.77 90.74
N ALA F 331 -0.28 14.66 90.17
CA ALA F 331 -1.05 13.42 90.16
C ALA F 331 -0.12 12.22 90.19
N LYS F 332 -0.41 11.27 91.05
CA LYS F 332 0.32 10.00 91.12
C LYS F 332 -0.56 8.89 90.57
N ARG F 333 -0.01 8.09 89.66
CA ARG F 333 -0.79 7.07 88.98
C ARG F 333 -0.13 5.70 89.12
N ASP F 334 -0.65 4.70 88.40
CA ASP F 334 -0.15 3.34 88.48
C ASP F 334 0.82 3.07 87.34
N PRO F 335 1.99 2.52 87.62
CA PRO F 335 2.97 2.27 86.55
C PRO F 335 2.49 1.26 85.52
N TYR F 336 1.68 0.29 85.94
CA TYR F 336 1.23 -0.76 85.03
C TYR F 336 0.30 -0.19 83.95
N ARG F 337 -0.56 0.76 84.32
CA ARG F 337 -1.57 1.29 83.42
C ARG F 337 -1.21 2.68 82.89
N PHE F 338 -0.07 3.24 83.31
CA PHE F 338 0.33 4.55 82.85
C PHE F 338 1.82 4.56 82.59
N ARG F 339 2.22 5.20 81.48
CA ARG F 339 3.63 5.25 81.13
C ARG F 339 4.42 6.09 82.12
N PHE F 340 3.81 7.16 82.63
CA PHE F 340 4.46 8.04 83.60
C PHE F 340 3.64 8.04 84.89
N PRO F 341 4.11 7.40 85.96
CA PRO F 341 3.28 7.30 87.17
C PRO F 341 3.03 8.65 87.83
N ILE F 342 4.03 9.51 87.89
CA ILE F 342 3.95 10.78 88.59
C ILE F 342 4.10 11.91 87.59
N GLU F 343 3.19 12.88 87.64
CA GLU F 343 3.22 14.06 86.79
C GLU F 343 3.51 15.29 87.65
N MET F 344 4.39 16.16 87.22
CA MET F 344 4.74 17.26 88.07
C MET F 344 4.66 18.59 87.37
N ARG F 345 4.94 19.67 88.08
CA ARG F 345 4.97 20.99 87.46
C ARG F 345 6.24 21.65 87.92
N PHE F 346 6.77 22.56 87.14
CA PHE F 346 8.04 23.16 87.50
C PHE F 346 7.82 24.39 88.30
N ILE F 347 7.88 24.30 89.62
CA ILE F 347 7.78 25.50 90.41
C ILE F 347 8.98 26.42 90.24
N ASP F 348 10.19 25.88 90.31
CA ASP F 348 11.35 26.75 90.25
C ASP F 348 11.59 27.48 88.96
N PRO F 349 11.56 26.76 87.83
CA PRO F 349 11.69 27.54 86.60
C PRO F 349 10.48 28.41 86.32
N ASN F 350 9.27 27.96 86.65
CA ASN F 350 8.05 28.69 86.30
C ASN F 350 7.94 29.01 84.83
N ILE F 351 7.86 27.99 83.99
CA ILE F 351 7.82 28.18 82.57
C ILE F 351 6.40 28.25 82.05
N ASP F 352 5.43 28.43 82.92
CA ASP F 352 4.04 28.36 82.49
C ASP F 352 3.57 29.35 81.45
N HIS F 353 4.19 30.51 81.36
CA HIS F 353 3.81 31.43 80.33
C HIS F 353 4.07 30.79 78.98
N LEU F 354 5.15 30.05 78.88
CA LEU F 354 5.49 29.37 77.64
C LEU F 354 4.59 28.25 77.14
N ILE F 355 4.03 27.43 78.03
CA ILE F 355 3.26 26.27 77.59
C ILE F 355 1.86 26.54 77.03
N PHE F 356 1.59 26.12 75.80
CA PHE F 356 0.27 26.31 75.22
C PHE F 356 -0.40 25.03 74.79
N ASN F 357 0.35 24.02 74.37
CA ASN F 357 -0.21 22.73 73.97
C ASN F 357 -0.25 21.82 75.19
N ARG F 358 -1.44 21.35 75.53
CA ARG F 358 -1.67 20.54 76.73
C ARG F 358 -2.04 19.13 76.35
N PHE F 359 -1.92 18.22 77.33
CA PHE F 359 -2.37 16.85 77.17
C PHE F 359 -3.77 16.71 77.74
N ASP F 360 -4.70 16.21 76.94
CA ASP F 360 -6.07 16.04 77.40
C ASP F 360 -6.19 14.87 78.37
N PHE F 361 -5.58 13.73 78.03
CA PHE F 361 -5.59 12.55 78.88
C PHE F 361 -4.17 12.03 79.06
N ALA F 362 -3.94 11.40 80.21
CA ALA F 362 -2.61 10.92 80.54
C ALA F 362 -2.23 9.73 79.66
N PRO F 363 -0.95 9.59 79.32
CA PRO F 363 -0.52 8.45 78.51
C PRO F 363 -0.66 7.14 79.26
N ILE F 364 -1.07 6.10 78.55
CA ILE F 364 -1.31 4.79 79.11
C ILE F 364 -0.58 3.74 78.28
N PHE F 365 -0.62 2.50 78.78
CA PHE F 365 -0.02 1.36 78.09
C PHE F 365 -1.13 0.49 77.49
N HIS F 366 -1.05 0.24 76.20
CA HIS F 366 -1.92 -0.71 75.52
C HIS F 366 -1.17 -2.03 75.44
N ARG F 367 -1.50 -2.96 76.33
CA ARG F 367 -0.74 -4.17 76.51
C ARG F 367 -1.48 -5.36 75.91
N ASP F 368 -0.76 -6.49 75.82
CA ASP F 368 -1.33 -7.68 75.18
C ASP F 368 -2.43 -8.30 76.03
N GLU F 369 -2.33 -8.17 77.36
CA GLU F 369 -3.35 -8.73 78.24
C GLU F 369 -4.71 -8.08 78.00
N ASP F 370 -4.71 -6.82 77.62
CA ASP F 370 -5.97 -6.11 77.40
C ASP F 370 -6.67 -6.63 76.15
N THR F 371 -7.89 -7.13 76.33
CA THR F 371 -8.70 -7.61 75.22
C THR F 371 -10.06 -6.93 75.12
N ASN F 372 -10.52 -6.26 76.17
CA ASN F 372 -11.77 -5.52 76.15
C ASN F 372 -11.47 -4.03 76.26
N LEU F 373 -11.81 -3.27 75.21
CA LEU F 373 -11.48 -1.85 75.19
C LEU F 373 -12.26 -1.08 76.24
N ASP F 374 -13.46 -1.54 76.59
CA ASP F 374 -14.26 -0.83 77.58
C ASP F 374 -13.64 -0.93 78.96
N GLU F 375 -13.10 -2.10 79.31
CA GLU F 375 -12.41 -2.24 80.59
C GLU F 375 -11.18 -1.35 80.63
N LEU F 376 -10.45 -1.24 79.52
CA LEU F 376 -9.29 -0.35 79.46
C LEU F 376 -9.72 1.10 79.64
N ARG F 377 -10.80 1.51 78.98
CA ARG F 377 -11.28 2.88 79.10
C ARG F 377 -11.72 3.18 80.52
N ARG F 378 -12.35 2.22 81.19
CA ARG F 378 -12.76 2.42 82.57
C ARG F 378 -11.54 2.47 83.50
N ASP F 379 -10.51 1.69 83.20
CA ASP F 379 -9.33 1.66 84.06
C ASP F 379 -8.51 2.93 83.92
N CYS F 380 -8.36 3.45 82.70
CA CYS F 380 -7.57 4.65 82.45
C CYS F 380 -8.38 5.93 82.60
N GLY F 381 -9.68 5.83 82.88
CA GLY F 381 -10.51 6.99 83.11
C GLY F 381 -10.98 7.72 81.87
N ARG F 382 -10.68 7.21 80.69
CA ARG F 382 -11.11 7.87 79.46
C ARG F 382 -12.59 7.59 79.20
N GLN F 383 -13.15 8.37 78.29
CA GLN F 383 -14.58 8.30 77.99
C GLN F 383 -14.92 6.98 77.31
N PRO F 384 -16.21 6.62 77.28
CA PRO F 384 -16.60 5.36 76.65
C PRO F 384 -16.41 5.41 75.14
N LEU F 385 -16.38 4.22 74.53
CA LEU F 385 -16.22 4.14 73.08
C LEU F 385 -17.42 4.78 72.40
N PRO F 386 -17.21 5.61 71.39
CA PRO F 386 -18.35 6.25 70.70
C PRO F 386 -19.16 5.23 69.92
N ARG F 387 -20.49 5.40 69.97
CA ARG F 387 -21.42 4.54 69.26
C ARG F 387 -22.45 5.39 68.54
N LYS F 388 -22.99 4.85 67.46
CA LYS F 388 -24.04 5.56 66.73
C LYS F 388 -25.31 5.63 67.57
N ASP F 389 -25.90 6.82 67.61
CA ASP F 389 -27.03 7.08 68.50
C ASP F 389 -28.33 6.55 67.90
N PRO F 390 -28.97 5.58 68.54
CA PRO F 390 -30.27 5.10 68.04
C PRO F 390 -31.34 6.16 68.24
N GLY F 391 -32.20 6.29 67.24
CA GLY F 391 -33.27 7.28 67.28
C GLY F 391 -34.47 6.89 68.10
N VAL F 392 -34.49 5.69 68.67
CA VAL F 392 -35.62 5.26 69.49
C VAL F 392 -35.50 5.83 70.89
N LYS F 393 -36.65 5.96 71.56
CA LYS F 393 -36.72 6.47 72.93
C LYS F 393 -36.98 5.29 73.85
N VAL F 394 -36.07 5.07 74.82
CA VAL F 394 -36.17 3.91 75.70
C VAL F 394 -37.40 4.02 76.60
N GLU F 395 -37.86 5.23 76.88
CA GLU F 395 -39.03 5.39 77.75
C GLU F 395 -40.30 4.88 77.07
N GLU F 396 -40.49 5.21 75.80
CA GLU F 396 -41.66 4.79 75.05
C GLU F 396 -41.26 3.63 74.14
N GLU F 397 -41.48 2.42 74.61
CA GLU F 397 -41.14 1.21 73.86
C GLU F 397 -41.94 0.05 74.42
N PRO F 398 -42.20 -0.99 73.63
CA PRO F 398 -42.95 -2.13 74.15
C PRO F 398 -42.15 -2.91 75.18
N LEU F 399 -42.85 -3.34 76.23
CA LEU F 399 -42.21 -4.10 77.30
C LEU F 399 -41.83 -5.49 76.80
N LEU F 400 -40.90 -6.11 77.54
CA LEU F 400 -40.41 -7.45 77.21
C LEU F 400 -41.06 -8.46 78.16
N SER F 401 -41.71 -9.46 77.59
CA SER F 401 -42.37 -10.51 78.36
C SER F 401 -41.78 -11.89 78.13
N ASN F 402 -41.07 -12.11 77.03
CA ASN F 402 -40.51 -13.41 76.74
C ASN F 402 -39.46 -13.79 77.78
N HIS F 403 -39.48 -15.05 78.20
CA HIS F 403 -38.58 -15.57 79.21
C HIS F 403 -37.48 -16.40 78.58
N PRO F 404 -36.25 -16.31 79.08
CA PRO F 404 -35.16 -17.10 78.48
C PRO F 404 -35.28 -18.59 78.75
N TYR F 405 -35.77 -18.98 79.93
CA TYR F 405 -35.95 -20.39 80.26
C TYR F 405 -37.12 -21.03 79.50
N VAL F 406 -37.90 -20.22 78.77
CA VAL F 406 -39.07 -20.76 78.06
C VAL F 406 -38.65 -21.77 77.01
N ASP F 407 -37.52 -21.53 76.34
CA ASP F 407 -37.08 -22.44 75.29
C ASP F 407 -36.69 -23.79 75.87
N LYS F 408 -35.92 -23.80 76.96
CA LYS F 408 -35.55 -25.06 77.59
C LYS F 408 -36.76 -25.78 78.16
N LEU F 409 -37.70 -25.02 78.74
CA LEU F 409 -38.91 -25.66 79.28
C LEU F 409 -39.72 -26.29 78.16
N TRP F 410 -39.83 -25.62 77.01
CA TRP F 410 -40.56 -26.17 75.88
C TRP F 410 -39.86 -27.42 75.33
N GLN F 411 -38.52 -27.39 75.26
CA GLN F 411 -37.81 -28.53 74.70
C GLN F 411 -37.90 -29.73 75.64
N ILE F 412 -37.84 -29.51 76.96
CA ILE F 412 -37.96 -30.63 77.88
C ILE F 412 -39.39 -31.13 77.92
N HIS F 413 -40.36 -30.25 77.73
CA HIS F 413 -41.76 -30.68 77.62
C HIS F 413 -41.95 -31.58 76.41
N ASN F 414 -41.40 -31.18 75.26
CA ASN F 414 -41.50 -32.00 74.07
C ASN F 414 -40.80 -33.35 74.25
N ALA F 415 -39.60 -33.34 74.87
CA ALA F 415 -38.87 -34.59 75.09
C ALA F 415 -39.65 -35.51 76.02
N GLU F 416 -40.21 -34.96 77.10
CA GLU F 416 -41.02 -35.77 78.03
C GLU F 416 -42.22 -36.36 77.31
N GLN F 417 -42.96 -35.54 76.56
CA GLN F 417 -44.13 -36.04 75.85
C GLN F 417 -43.74 -37.14 74.86
N MET F 418 -42.63 -36.96 74.14
CA MET F 418 -42.23 -37.96 73.15
C MET F 418 -41.82 -39.27 73.81
N ILE F 419 -41.01 -39.20 74.86
CA ILE F 419 -40.57 -40.42 75.52
C ILE F 419 -41.75 -41.12 76.18
N LEU F 420 -42.70 -40.36 76.73
CA LEU F 420 -43.86 -40.96 77.37
C LEU F 420 -44.80 -41.59 76.35
N ASP F 421 -44.94 -40.97 75.18
CA ASP F 421 -45.77 -41.57 74.14
C ASP F 421 -45.11 -42.80 73.53
N ASP F 422 -43.78 -42.81 73.47
CA ASP F 422 -43.06 -43.95 72.92
C ASP F 422 -42.97 -45.12 73.89
N MET F 423 -43.04 -44.86 75.19
CA MET F 423 -43.16 -45.95 76.16
C MET F 423 -44.48 -46.69 75.98
N GLU F 424 -45.52 -45.98 75.52
CA GLU F 424 -46.80 -46.62 75.24
C GLU F 424 -46.70 -47.54 74.04
N ALA F 425 -46.00 -47.10 72.98
CA ALA F 425 -45.90 -47.90 71.77
C ALA F 425 -45.17 -49.22 72.03
N ASN F 426 -44.23 -49.22 72.98
CA ASN F 426 -43.49 -50.41 73.37
C ASN F 426 -43.77 -50.70 74.84
N PRO F 427 -44.89 -51.37 75.14
CA PRO F 427 -45.18 -51.70 76.54
C PRO F 427 -44.16 -52.62 77.18
N VAL F 428 -43.57 -53.53 76.40
CA VAL F 428 -42.55 -54.42 76.94
C VAL F 428 -41.33 -53.64 77.37
N LYS F 429 -40.96 -52.61 76.60
CA LYS F 429 -39.82 -51.78 76.97
C LYS F 429 -40.10 -50.98 78.23
N TYR F 430 -41.31 -50.42 78.34
CA TYR F 430 -41.68 -49.68 79.55
C TYR F 430 -41.76 -50.61 80.75
N LYS F 431 -42.24 -51.84 80.55
CA LYS F 431 -42.31 -52.80 81.64
C LYS F 431 -40.92 -53.20 82.09
N GLY F 432 -40.77 -53.47 83.38
CA GLY F 432 -39.50 -53.84 83.95
C GLY F 432 -38.57 -52.68 84.28
N LYS F 433 -38.95 -51.46 83.90
CA LYS F 433 -38.14 -50.27 84.18
C LYS F 433 -39.04 -49.20 84.77
N ASN F 434 -38.63 -48.64 85.90
CA ASN F 434 -39.41 -47.60 86.55
C ASN F 434 -39.40 -46.33 85.72
N LEU F 435 -40.53 -45.61 85.74
CA LEU F 435 -40.61 -44.35 85.01
C LEU F 435 -39.67 -43.30 85.60
N THR F 436 -39.52 -43.31 86.93
CA THR F 436 -38.69 -42.30 87.58
C THR F 436 -37.21 -42.49 87.25
N GLU F 437 -36.75 -43.74 87.19
CA GLU F 437 -35.34 -44.05 86.96
C GLU F 437 -35.21 -44.69 85.58
N LEU F 438 -34.62 -43.96 84.64
CA LEU F 438 -34.41 -44.46 83.29
C LEU F 438 -33.13 -43.85 82.73
N THR F 439 -32.47 -44.59 81.86
CA THR F 439 -31.21 -44.16 81.26
C THR F 439 -31.19 -44.56 79.80
N ASP F 440 -31.20 -43.58 78.90
CA ASP F 440 -31.14 -43.86 77.47
C ASP F 440 -29.71 -44.17 77.05
N ASP F 441 -28.75 -43.36 77.48
CA ASP F 441 -27.34 -43.54 77.14
C ASP F 441 -26.47 -43.07 78.29
N GLU F 442 -25.43 -43.85 78.58
CA GLU F 442 -24.55 -43.52 79.70
C GLU F 442 -23.61 -42.37 79.35
N ASP F 443 -23.06 -42.37 78.14
CA ASP F 443 -22.12 -41.36 77.70
C ASP F 443 -22.77 -40.21 76.94
N PHE F 444 -24.09 -40.04 77.09
CA PHE F 444 -24.77 -38.93 76.41
C PHE F 444 -24.30 -37.60 76.98
N ASP F 445 -24.03 -36.65 76.08
CA ASP F 445 -23.56 -35.33 76.46
C ASP F 445 -24.33 -34.28 75.67
N GLU F 446 -24.55 -33.13 76.32
CA GLU F 446 -25.25 -32.03 75.65
C GLU F 446 -24.42 -31.42 74.54
N GLU F 447 -23.09 -31.43 74.70
CA GLU F 447 -22.22 -30.85 73.69
C GLU F 447 -22.29 -31.63 72.38
N ASN F 448 -22.24 -32.96 72.46
CA ASN F 448 -22.33 -33.79 71.26
C ASN F 448 -23.70 -33.68 70.62
N ARG F 449 -24.72 -33.31 71.40
CA ARG F 449 -26.07 -33.22 70.87
C ARG F 449 -26.19 -32.12 69.83
N ILE F 450 -25.58 -30.96 70.09
CA ILE F 450 -25.66 -29.85 69.16
C ILE F 450 -24.99 -30.22 67.85
N GLU F 451 -25.73 -30.12 66.75
CA GLU F 451 -25.24 -30.48 65.43
C GLU F 451 -26.10 -29.80 64.37
N TYR F 452 -25.59 -29.80 63.14
CA TYR F 452 -26.27 -29.22 62.00
C TYR F 452 -26.46 -30.29 60.93
N SER F 453 -27.70 -30.47 60.49
CA SER F 453 -28.03 -31.48 59.48
C SER F 453 -29.08 -30.91 58.54
N LYS F 454 -28.74 -30.85 57.25
CA LYS F 454 -29.67 -30.40 56.22
C LYS F 454 -29.89 -31.44 55.13
N ALA F 455 -29.76 -32.73 55.48
CA ALA F 455 -29.91 -33.77 54.47
C ALA F 455 -31.36 -33.94 54.05
N TYR F 456 -32.28 -33.91 55.02
CA TYR F 456 -33.71 -34.12 54.76
C TYR F 456 -34.37 -32.78 54.51
N TYR F 457 -34.90 -32.59 53.31
CA TYR F 457 -35.56 -31.35 52.92
C TYR F 457 -36.80 -31.69 52.12
N LYS F 458 -37.98 -31.47 52.73
CA LYS F 458 -39.22 -31.69 52.00
C LYS F 458 -39.54 -30.50 51.10
N LYS F 459 -39.51 -29.29 51.66
CA LYS F 459 -39.72 -28.08 50.88
C LYS F 459 -38.53 -27.14 51.02
N ALA F 460 -37.98 -27.04 52.21
CA ALA F 460 -36.85 -26.16 52.50
C ALA F 460 -35.72 -26.97 53.11
N LEU F 461 -34.48 -26.54 52.86
CA LEU F 461 -33.29 -27.18 53.40
C LEU F 461 -32.59 -26.23 54.35
N LEU F 462 -32.45 -26.65 55.60
CA LEU F 462 -31.79 -25.84 56.62
C LEU F 462 -31.16 -26.78 57.64
N PRO F 463 -30.19 -26.30 58.41
CA PRO F 463 -29.56 -27.17 59.41
C PRO F 463 -30.53 -27.49 60.54
N LYS F 464 -30.62 -28.79 60.86
CA LYS F 464 -31.52 -29.26 61.90
C LYS F 464 -30.75 -29.34 63.22
N MET F 465 -31.01 -28.38 64.11
CA MET F 465 -30.37 -28.40 65.42
C MET F 465 -30.96 -29.51 66.28
N ILE F 466 -30.09 -30.34 66.84
CA ILE F 466 -30.49 -31.49 67.65
C ILE F 466 -30.18 -31.19 69.11
N THR F 467 -31.13 -31.47 69.98
CA THR F 467 -30.96 -31.28 71.42
C THR F 467 -31.34 -32.56 72.14
N LYS F 468 -30.45 -33.04 73.02
CA LYS F 468 -30.65 -34.27 73.76
C LYS F 468 -30.93 -33.92 75.22
N VAL F 469 -32.19 -34.08 75.64
CA VAL F 469 -32.55 -33.79 77.02
C VAL F 469 -31.99 -34.87 77.93
N SER F 470 -31.56 -34.47 79.12
CA SER F 470 -30.98 -35.40 80.08
C SER F 470 -32.06 -36.31 80.65
N VAL F 471 -31.64 -37.50 81.10
CA VAL F 471 -32.59 -38.46 81.67
C VAL F 471 -33.16 -37.94 82.98
N LYS F 472 -32.29 -37.48 83.89
CA LYS F 472 -32.76 -36.94 85.16
C LYS F 472 -33.49 -35.62 84.98
N GLU F 473 -33.22 -34.93 83.87
CA GLU F 473 -33.89 -33.66 83.58
C GLU F 473 -35.39 -33.86 83.45
N LEU F 474 -35.82 -34.99 82.90
CA LEU F 474 -37.24 -35.27 82.74
C LEU F 474 -37.77 -36.01 83.96
N ASP F 475 -38.90 -35.54 84.49
CA ASP F 475 -39.58 -36.19 85.62
C ASP F 475 -40.77 -36.94 85.04
N LEU F 476 -40.58 -38.24 84.78
CA LEU F 476 -41.56 -39.00 84.00
C LEU F 476 -42.78 -39.41 84.81
N GLU F 477 -42.74 -39.33 86.14
CA GLU F 477 -43.89 -39.75 86.94
C GLU F 477 -45.07 -38.82 86.72
N ALA F 478 -44.83 -37.51 86.74
CA ALA F 478 -45.91 -36.55 86.52
C ALA F 478 -46.47 -36.68 85.11
N ALA F 479 -45.60 -36.86 84.12
CA ALA F 479 -46.06 -37.03 82.75
C ALA F 479 -46.89 -38.30 82.59
N PHE F 480 -46.46 -39.39 83.26
CA PHE F 480 -47.20 -40.63 83.19
C PHE F 480 -48.58 -40.49 83.81
N ALA F 481 -48.66 -39.87 84.99
CA ALA F 481 -49.97 -39.65 85.61
C ALA F 481 -50.85 -38.75 84.76
N GLU F 482 -50.28 -37.68 84.21
CA GLU F 482 -51.03 -36.78 83.34
C GLU F 482 -51.59 -37.53 82.13
N ARG F 483 -50.76 -38.35 81.49
CA ARG F 483 -51.22 -39.07 80.31
C ARG F 483 -52.27 -40.10 80.66
N GLN F 484 -52.11 -40.77 81.82
CA GLN F 484 -53.14 -41.71 82.25
C GLN F 484 -54.48 -41.01 82.42
N HIS F 485 -54.49 -39.88 83.14
CA HIS F 485 -55.73 -39.13 83.31
C HIS F 485 -56.28 -38.63 81.98
N HIS F 486 -55.39 -38.20 81.08
CA HIS F 486 -55.84 -37.62 79.81
C HIS F 486 -56.44 -38.67 78.90
N ASN F 487 -55.83 -39.86 78.81
CA ASN F 487 -56.41 -40.91 77.98
C ASN F 487 -57.67 -41.49 78.63
N LYS F 488 -57.74 -41.52 79.97
CA LYS F 488 -58.99 -41.92 80.61
C LYS F 488 -60.12 -40.97 80.25
N LEU F 489 -59.88 -39.66 80.37
CA LEU F 489 -60.90 -38.70 79.95
C LEU F 489 -61.16 -38.74 78.46
N ARG F 490 -60.15 -39.07 77.65
CA ARG F 490 -60.34 -39.21 76.21
C ARG F 490 -61.30 -40.33 75.88
N MET F 491 -61.06 -41.52 76.45
CA MET F 491 -61.95 -42.64 76.18
C MET F 491 -63.33 -42.40 76.80
N GLU F 492 -63.39 -41.69 77.93
CA GLU F 492 -64.69 -41.36 78.51
C GLU F 492 -65.49 -40.43 77.60
N ALA F 493 -64.84 -39.41 77.04
CA ALA F 493 -65.52 -38.50 76.14
C ALA F 493 -65.88 -39.18 74.83
N GLN F 494 -65.06 -40.14 74.39
CA GLN F 494 -65.43 -40.93 73.21
C GLN F 494 -66.63 -41.80 73.48
N GLU F 495 -66.75 -42.35 74.69
CA GLU F 495 -67.98 -43.02 75.09
C GLU F 495 -69.15 -42.05 75.09
N ARG F 496 -68.92 -40.81 75.54
CA ARG F 496 -69.94 -39.77 75.44
C ARG F 496 -70.30 -39.50 73.98
N GLY F 497 -69.30 -39.42 73.12
CA GLY F 497 -69.52 -39.17 71.71
C GLY F 497 -68.94 -37.85 71.24
N GLU F 498 -68.06 -37.26 72.04
CA GLU F 498 -67.43 -35.99 71.74
C GLU F 498 -65.92 -36.11 71.91
N VAL F 499 -65.16 -35.45 71.04
CA VAL F 499 -63.71 -35.46 71.16
C VAL F 499 -63.29 -34.71 72.43
N TYR F 500 -62.44 -35.34 73.22
CA TYR F 500 -61.95 -34.71 74.45
C TYR F 500 -60.92 -33.64 74.11
N LYS F 501 -61.05 -32.48 74.76
CA LYS F 501 -60.13 -31.37 74.55
C LYS F 501 -59.63 -30.86 75.89
N ILE F 502 -58.34 -30.57 75.96
CA ILE F 502 -57.73 -30.05 77.18
C ILE F 502 -57.11 -28.70 76.87
N PRO F 503 -57.35 -27.67 77.70
CA PRO F 503 -56.83 -26.33 77.36
C PRO F 503 -55.31 -26.23 77.43
N LYS F 504 -54.70 -26.65 78.53
CA LYS F 504 -53.27 -26.44 78.73
C LYS F 504 -52.72 -27.47 79.70
N LEU F 505 -51.44 -27.81 79.54
CA LEU F 505 -50.76 -28.72 80.44
C LEU F 505 -50.04 -27.95 81.56
N ARG F 506 -49.40 -28.70 82.45
CA ARG F 506 -48.77 -28.10 83.62
C ARG F 506 -47.54 -27.28 83.24
N ARG F 507 -46.66 -27.87 82.43
CA ARG F 507 -45.42 -27.19 82.09
C ARG F 507 -45.69 -25.92 81.26
N ASN F 508 -46.75 -25.93 80.46
CA ASN F 508 -47.11 -24.73 79.72
C ASN F 508 -47.55 -23.62 80.67
N ILE F 509 -48.31 -23.97 81.71
CA ILE F 509 -48.70 -22.99 82.72
C ILE F 509 -47.48 -22.48 83.47
N GLU F 510 -46.51 -23.36 83.74
CA GLU F 510 -45.28 -22.92 84.39
C GLU F 510 -44.51 -21.95 83.51
N MET F 511 -44.46 -22.21 82.20
CA MET F 511 -43.82 -21.28 81.27
C MET F 511 -44.54 -19.95 81.23
N ASP F 512 -45.88 -19.98 81.29
CA ASP F 512 -46.65 -18.74 81.34
C ASP F 512 -46.35 -17.97 82.61
N GLU F 513 -46.16 -18.68 83.73
CA GLU F 513 -45.80 -18.00 84.98
C GLU F 513 -44.41 -17.39 84.90
N TYR F 514 -43.47 -18.09 84.25
CA TYR F 514 -42.15 -17.51 84.01
C TYR F 514 -42.25 -16.23 83.18
N ASP F 515 -43.04 -16.27 82.11
CA ASP F 515 -43.24 -15.08 81.29
C ASP F 515 -43.89 -13.97 82.10
N PHE F 516 -44.81 -14.31 82.99
CA PHE F 516 -45.49 -13.31 83.80
C PHE F 516 -44.55 -12.65 84.78
N ILE F 517 -43.67 -13.43 85.43
CA ILE F 517 -42.74 -12.83 86.38
C ILE F 517 -41.70 -11.98 85.65
N HIS F 518 -41.31 -12.40 84.44
CA HIS F 518 -40.41 -11.58 83.64
C HIS F 518 -41.08 -10.28 83.23
N TRP F 519 -42.37 -10.33 82.87
CA TRP F 519 -43.10 -9.13 82.54
C TRP F 519 -43.24 -8.21 83.75
N ARG F 520 -43.45 -8.79 84.94
CA ARG F 520 -43.49 -7.99 86.15
C ARG F 520 -42.16 -7.29 86.40
N ARG F 521 -41.06 -8.01 86.21
CA ARG F 521 -39.73 -7.41 86.38
C ARG F 521 -39.54 -6.25 85.40
N SER F 522 -39.89 -6.46 84.13
CA SER F 522 -39.74 -5.41 83.13
C SER F 522 -40.63 -4.21 83.46
N LEU F 523 -41.85 -4.46 83.92
CA LEU F 523 -42.76 -3.37 84.27
C LEU F 523 -42.22 -2.57 85.44
N GLU F 524 -41.68 -3.25 86.46
CA GLU F 524 -41.11 -2.53 87.59
C GLU F 524 -39.89 -1.73 87.17
N GLU F 525 -39.06 -2.29 86.28
CA GLU F 525 -37.91 -1.57 85.76
C GLU F 525 -38.35 -0.29 85.04
N ARG F 526 -39.34 -0.40 84.17
CA ARG F 526 -39.81 0.78 83.44
C ARG F 526 -40.48 1.80 84.37
N GLU F 527 -41.20 1.32 85.38
CA GLU F 527 -41.84 2.25 86.32
C GLU F 527 -40.79 3.01 87.13
N ALA F 528 -39.72 2.34 87.53
CA ALA F 528 -38.63 3.04 88.19
C ALA F 528 -37.90 3.96 87.21
N MET F 529 -37.82 3.57 85.94
CA MET F 529 -37.12 4.37 84.96
C MET F 529 -37.84 5.70 84.70
N LEU F 530 -39.18 5.67 84.72
CA LEU F 530 -39.93 6.92 84.56
C LEU F 530 -39.59 7.91 85.67
N ARG F 531 -39.62 7.45 86.92
CA ARG F 531 -39.29 8.33 88.04
C ARG F 531 -37.84 8.78 87.97
N ASP F 532 -36.94 7.90 87.52
CA ASP F 532 -35.53 8.26 87.42
C ASP F 532 -35.32 9.34 86.37
N ILE F 533 -36.12 9.27 85.31
CA ILE F 533 -36.03 10.26 84.25
C ILE F 533 -36.39 11.58 84.88
N SER F 534 -37.49 11.60 85.62
CA SER F 534 -37.94 12.87 86.16
C SER F 534 -36.95 13.43 87.11
N CYS F 535 -36.53 12.61 88.06
CA CYS F 535 -35.56 13.07 89.02
C CYS F 535 -34.35 13.65 88.34
N ARG F 536 -33.84 12.97 87.31
CA ARG F 536 -32.62 13.42 86.73
C ARG F 536 -32.91 14.71 86.03
N ARG F 537 -33.99 14.75 85.27
CA ARG F 537 -34.26 15.95 84.50
C ARG F 537 -34.49 17.12 85.40
N ALA F 538 -35.17 16.89 86.50
CA ALA F 538 -35.45 17.97 87.41
C ALA F 538 -34.15 18.53 87.90
N LEU F 539 -33.25 17.65 88.30
CA LEU F 539 -31.97 18.08 88.85
C LEU F 539 -30.91 18.32 87.78
N GLY F 540 -31.26 18.20 86.50
CA GLY F 540 -30.34 18.49 85.43
C GLY F 540 -29.38 17.38 85.08
N LEU F 541 -29.44 16.25 85.78
CA LEU F 541 -28.53 15.15 85.52
C LEU F 541 -28.83 14.53 84.15
N PRO F 542 -27.79 14.06 83.45
CA PRO F 542 -28.00 13.53 82.10
C PRO F 542 -28.71 12.18 82.12
N LEU F 543 -29.47 11.92 81.06
CA LEU F 543 -30.21 10.67 80.93
C LEU F 543 -29.40 9.56 80.27
N GLU F 544 -28.51 9.89 79.34
CA GLU F 544 -27.68 8.91 78.66
C GLU F 544 -26.25 9.05 79.14
N GLU F 545 -25.51 7.95 79.07
CA GLU F 545 -24.11 7.97 79.48
C GLU F 545 -23.33 8.93 78.57
N PRO F 546 -22.68 9.94 79.15
CA PRO F 546 -21.96 10.91 78.32
C PRO F 546 -20.78 10.26 77.59
N GLY F 547 -20.72 10.46 76.28
CA GLY F 547 -19.67 9.91 75.46
C GLY F 547 -20.01 8.64 74.73
N ARG F 548 -21.14 8.01 75.06
CA ARG F 548 -21.50 6.76 74.40
C ARG F 548 -22.16 7.01 73.05
N TYR F 549 -23.17 7.87 73.02
CA TYR F 549 -23.85 8.27 71.78
C TYR F 549 -23.42 9.70 71.46
N VAL F 550 -22.51 9.84 70.50
CA VAL F 550 -21.91 11.15 70.23
C VAL F 550 -22.26 11.62 68.83
N ASP F 551 -21.84 10.85 67.82
CA ASP F 551 -21.92 11.34 66.45
C ASP F 551 -23.22 10.88 65.78
N PRO F 552 -24.14 11.79 65.45
CA PRO F 552 -25.31 11.39 64.65
C PRO F 552 -24.96 11.09 63.21
N SER F 553 -24.18 11.99 62.60
CA SER F 553 -23.84 11.90 61.18
C SER F 553 -22.37 12.26 60.96
N ALA F 554 -21.70 12.71 62.01
CA ALA F 554 -20.35 13.29 61.97
C ALA F 554 -19.44 12.41 61.11
N PHE F 555 -19.41 11.10 61.29
CA PHE F 555 -18.61 10.25 60.42
C PHE F 555 -19.26 10.13 59.05
N GLY F 556 -18.61 10.67 58.03
CA GLY F 556 -19.11 10.65 56.68
C GLY F 556 -18.62 9.45 55.90
N LYS F 557 -19.03 9.39 54.62
CA LYS F 557 -18.67 8.29 53.73
C LYS F 557 -19.11 6.94 54.30
N ASP F 558 -20.27 6.92 54.96
CA ASP F 558 -20.83 5.70 55.53
C ASP F 558 -22.00 5.26 54.66
N GLN F 559 -21.81 4.13 53.97
CA GLN F 559 -22.82 3.64 53.03
C GLN F 559 -23.92 2.92 53.79
N TYR F 560 -25.12 3.50 53.78
CA TYR F 560 -26.28 2.92 54.44
C TYR F 560 -27.53 2.90 53.57
N ASP F 561 -27.45 3.35 52.32
CA ASP F 561 -28.57 3.42 51.38
C ASP F 561 -29.73 4.22 51.95
N PRO F 562 -29.46 5.41 52.52
CA PRO F 562 -30.52 6.24 53.08
C PRO F 562 -30.98 7.38 52.17
N ASP F 563 -30.34 7.55 51.01
CA ASP F 563 -30.68 8.57 50.02
C ASP F 563 -30.28 9.96 50.48
N SER F 564 -29.78 10.09 51.70
CA SER F 564 -29.26 11.37 52.16
C SER F 564 -27.86 11.66 51.62
N PRO F 565 -26.89 10.73 51.66
CA PRO F 565 -25.62 10.98 50.94
C PRO F 565 -25.72 10.59 49.48
N LEU F 566 -26.95 10.38 49.02
CA LEU F 566 -27.22 9.96 47.63
C LEU F 566 -26.60 8.60 47.35
N TYR F 567 -26.71 7.68 48.30
CA TYR F 567 -26.24 6.31 48.16
C TYR F 567 -27.29 5.36 47.60
N ARG F 568 -28.55 5.80 47.53
CA ARG F 568 -29.61 4.97 47.00
C ARG F 568 -29.60 5.02 45.47
N TYR F 569 -30.24 4.03 44.86
CA TYR F 569 -30.35 4.00 43.41
C TYR F 569 -31.04 5.26 42.89
N ASP F 570 -30.60 5.74 41.74
CA ASP F 570 -31.13 6.96 41.17
C ASP F 570 -32.64 6.88 41.02
N TYR F 571 -33.33 7.96 41.38
CA TYR F 571 -34.79 8.02 41.33
C TYR F 571 -35.26 8.46 39.94
N TRP F 572 -34.79 7.72 38.94
CA TRP F 572 -35.18 7.96 37.55
C TRP F 572 -36.21 6.95 37.05
N GLY F 573 -36.85 6.21 37.96
CA GLY F 573 -37.83 5.21 37.58
C GLY F 573 -37.64 3.90 38.33
N GLU F 574 -36.39 3.58 38.66
CA GLU F 574 -36.00 2.38 39.38
C GLU F 574 -36.57 1.14 38.71
N PRO F 575 -36.53 1.06 37.37
CA PRO F 575 -37.11 -0.12 36.71
C PRO F 575 -36.23 -1.35 36.78
N LYS F 576 -34.92 -1.17 36.93
CA LYS F 576 -33.96 -2.27 36.92
C LYS F 576 -33.83 -2.82 38.33
N ASN F 577 -34.38 -4.02 38.55
CA ASN F 577 -34.33 -4.68 39.85
C ASN F 577 -33.75 -6.09 39.76
N SER F 578 -33.33 -6.53 38.57
CA SER F 578 -32.74 -7.86 38.43
C SER F 578 -31.40 -7.94 39.14
N GLU F 579 -30.67 -6.82 39.20
CA GLU F 579 -29.35 -6.82 39.82
C GLU F 579 -29.44 -7.06 41.32
N LYS F 580 -30.31 -6.33 42.01
CA LYS F 580 -30.46 -6.46 43.45
C LYS F 580 -31.92 -6.27 43.85
N SER F 581 -32.31 -6.92 44.94
CA SER F 581 -33.68 -6.87 45.47
C SER F 581 -34.70 -7.37 44.44
N LYS F 582 -34.34 -8.41 43.70
CA LYS F 582 -35.25 -8.98 42.72
C LYS F 582 -36.38 -9.74 43.40
N GLN F 583 -37.61 -9.33 43.13
CA GLN F 583 -38.80 -9.97 43.69
C GLN F 583 -39.36 -11.05 42.79
N GLU F 584 -38.54 -11.63 41.91
CA GLU F 584 -39.04 -12.64 40.97
C GLU F 584 -39.36 -13.95 41.68
N ARG F 585 -38.46 -14.40 42.58
CA ARG F 585 -38.65 -15.69 43.22
C ARG F 585 -39.90 -15.72 44.09
N MET F 586 -40.16 -14.62 44.82
CA MET F 586 -41.35 -14.56 45.65
C MET F 586 -42.63 -14.67 44.83
N THR F 587 -42.72 -13.88 43.74
CA THR F 587 -43.88 -13.97 42.87
C THR F 587 -44.01 -15.35 42.25
N ASP F 588 -42.88 -15.97 41.90
CA ASP F 588 -42.92 -17.30 41.29
C ASP F 588 -43.47 -18.33 42.27
N VAL F 589 -42.98 -18.34 43.51
CA VAL F 589 -43.45 -19.32 44.47
C VAL F 589 -44.89 -19.02 44.89
N HIS F 590 -45.31 -17.75 44.84
CA HIS F 590 -46.70 -17.43 45.13
C HIS F 590 -47.61 -17.92 44.01
N ASN F 591 -47.17 -17.81 42.76
CA ASN F 591 -47.93 -18.33 41.64
C ASN F 591 -47.94 -19.85 41.61
N LYS F 592 -46.89 -20.50 42.12
CA LYS F 592 -46.91 -21.96 42.23
C LYS F 592 -47.84 -22.40 43.35
N SER F 593 -47.87 -21.66 44.45
CA SER F 593 -48.80 -21.98 45.53
C SER F 593 -50.23 -21.61 45.15
N ILE F 594 -50.44 -20.39 44.68
CA ILE F 594 -51.75 -19.92 44.25
C ILE F 594 -51.64 -19.35 42.84
N VAL F 595 -52.09 -20.12 41.84
CA VAL F 595 -52.00 -19.66 40.45
C VAL F 595 -52.97 -18.50 40.22
N GLY F 596 -54.20 -18.62 40.71
CA GLY F 596 -55.18 -17.57 40.52
C GLY F 596 -55.15 -16.52 41.62
N LYS F 597 -54.54 -15.38 41.33
CA LYS F 597 -54.45 -14.29 42.30
C LYS F 597 -55.74 -13.46 42.22
N GLY F 598 -56.84 -14.08 42.63
CA GLY F 598 -58.11 -13.38 42.68
C GLY F 598 -58.19 -12.49 43.91
N THR F 599 -59.10 -11.52 43.85
CA THR F 599 -59.33 -10.64 44.98
C THR F 599 -59.79 -11.45 46.18
N VAL F 600 -59.08 -11.30 47.31
CA VAL F 600 -59.38 -12.09 48.49
C VAL F 600 -60.71 -11.66 49.07
N TRP F 601 -61.65 -12.62 49.16
CA TRP F 601 -62.95 -12.33 49.73
C TRP F 601 -62.87 -12.11 51.24
N TYR F 602 -62.04 -12.91 51.93
CA TYR F 602 -61.86 -12.80 53.36
C TYR F 602 -60.37 -12.62 53.65
N GLU F 603 -60.01 -11.46 54.17
CA GLU F 603 -58.64 -11.15 54.56
C GLU F 603 -58.64 -10.67 55.99
N MET F 604 -57.94 -11.39 56.87
CA MET F 604 -57.95 -11.08 58.29
C MET F 604 -56.67 -11.60 58.93
N ALA F 605 -56.32 -11.02 60.07
CA ALA F 605 -55.13 -11.44 60.79
C ALA F 605 -55.32 -12.82 61.40
N TYR F 606 -54.20 -13.46 61.72
CA TYR F 606 -54.26 -14.80 62.34
C TYR F 606 -54.91 -14.74 63.72
N GLU F 607 -54.47 -13.78 64.55
CA GLU F 607 -55.03 -13.69 65.90
C GLU F 607 -56.51 -13.33 65.87
N ASP F 608 -56.91 -12.48 64.91
CA ASP F 608 -58.33 -12.15 64.78
C ASP F 608 -59.14 -13.38 64.40
N ALA F 609 -58.62 -14.20 63.49
CA ALA F 609 -59.32 -15.43 63.10
C ALA F 609 -59.42 -16.39 64.27
N VAL F 610 -58.34 -16.53 65.04
CA VAL F 610 -58.36 -17.42 66.19
C VAL F 610 -59.37 -16.94 67.22
N LYS F 611 -59.43 -15.63 67.46
CA LYS F 611 -60.39 -15.10 68.41
C LYS F 611 -61.82 -15.29 67.92
N GLU F 612 -62.08 -15.04 66.64
CA GLU F 612 -63.41 -15.27 66.09
C GLU F 612 -63.81 -16.73 66.21
N ARG F 613 -62.86 -17.65 66.01
CA ARG F 613 -63.13 -19.05 66.27
C ARG F 613 -63.44 -19.28 67.74
N MET F 614 -62.77 -18.56 68.63
CA MET F 614 -63.06 -18.69 70.05
C MET F 614 -64.35 -17.98 70.42
N GLN F 615 -64.50 -16.72 70.00
CA GLN F 615 -65.69 -15.95 70.33
C GLN F 615 -66.79 -16.18 69.29
N VAL G 49 -8.51 7.12 109.30
CA VAL G 49 -9.96 6.98 109.23
C VAL G 49 -10.59 8.34 109.05
N PHE G 50 -9.99 9.33 109.66
CA PHE G 50 -10.53 10.66 109.55
C PHE G 50 -9.61 11.47 108.69
N ALA G 51 -10.14 12.00 107.61
CA ALA G 51 -9.36 12.83 106.74
C ALA G 51 -10.28 13.94 106.37
N TYR G 52 -9.72 15.11 106.06
CA TYR G 52 -10.52 16.25 105.65
C TYR G 52 -11.37 16.65 106.81
N TYR G 53 -10.97 16.24 107.99
CA TYR G 53 -11.75 16.51 109.17
C TYR G 53 -11.87 17.97 109.47
N GLY G 54 -10.80 18.72 109.26
CA GLY G 54 -10.83 20.10 109.68
C GLY G 54 -11.88 21.00 109.11
N LEU G 55 -12.44 21.82 109.97
CA LEU G 55 -13.42 22.77 109.51
C LEU G 55 -12.60 23.97 109.15
N LYS G 56 -12.62 24.35 107.88
CA LYS G 56 -11.80 25.44 107.46
C LYS G 56 -12.32 26.71 108.08
N THR G 57 -11.46 27.39 108.81
CA THR G 57 -11.84 28.63 109.44
C THR G 57 -11.93 29.57 108.31
N PRO G 58 -12.67 30.64 108.50
CA PRO G 58 -12.63 31.54 107.36
C PRO G 58 -11.45 32.56 107.31
N PRO G 59 -10.96 33.02 106.12
CA PRO G 59 -9.93 34.07 105.99
C PRO G 59 -10.25 35.33 106.77
N TYR G 60 -11.49 35.47 107.25
CA TYR G 60 -11.91 36.61 108.05
C TYR G 60 -12.68 36.10 109.26
N LYS G 61 -12.82 36.98 110.25
CA LYS G 61 -13.50 36.61 111.48
C LYS G 61 -14.98 36.37 111.21
N LEU G 62 -15.60 35.54 112.05
CA LEU G 62 -17.02 35.23 111.89
C LEU G 62 -17.88 36.48 112.07
N ASP G 63 -17.40 37.44 112.85
CA ASP G 63 -18.10 38.70 113.08
C ASP G 63 -17.55 39.84 112.23
N ALA G 64 -16.70 39.54 111.25
CA ALA G 64 -16.09 40.60 110.44
C ALA G 64 -17.12 41.25 109.52
N LEU G 65 -18.00 40.46 108.92
CA LEU G 65 -18.99 40.96 107.97
C LEU G 65 -20.33 41.25 108.63
N GLU G 66 -20.31 41.66 109.90
CA GLU G 66 -21.55 41.89 110.63
C GLU G 66 -22.49 42.92 110.00
N PRO G 67 -22.03 44.04 109.42
CA PRO G 67 -23.00 44.99 108.84
C PRO G 67 -23.92 44.40 107.79
N TYR G 68 -23.45 43.40 107.04
CA TYR G 68 -24.24 42.83 105.96
C TYR G 68 -24.64 41.37 106.18
N MET G 69 -23.90 40.62 106.99
CA MET G 69 -24.29 39.28 107.40
C MET G 69 -24.01 39.11 108.88
N SER G 70 -25.05 38.75 109.62
CA SER G 70 -24.90 38.55 111.05
C SER G 70 -23.96 37.43 111.38
N GLN G 71 -23.32 37.54 112.54
CA GLN G 71 -22.40 36.51 112.97
C GLN G 71 -23.17 35.24 113.08
N LYS G 72 -24.41 35.32 113.56
CA LYS G 72 -25.17 34.12 113.79
C LYS G 72 -25.33 33.33 112.51
N MET G 73 -25.65 33.99 111.41
CA MET G 73 -25.90 33.24 110.20
C MET G 73 -24.63 32.52 109.83
N LEU G 74 -23.51 33.22 109.93
CA LEU G 74 -22.25 32.62 109.56
C LEU G 74 -21.93 31.52 110.55
N GLU G 75 -22.27 31.76 111.81
CA GLU G 75 -22.00 30.77 112.82
C GLU G 75 -22.83 29.55 112.57
N VAL G 76 -24.09 29.73 112.19
CA VAL G 76 -24.93 28.59 111.88
C VAL G 76 -24.47 27.91 110.61
N HIS G 77 -24.22 28.69 109.57
CA HIS G 77 -23.87 28.09 108.29
C HIS G 77 -22.60 27.31 108.42
N TRP G 78 -21.65 27.84 109.16
CA TRP G 78 -20.40 27.16 109.31
C TRP G 78 -20.50 26.16 110.41
N GLY G 79 -20.76 26.63 111.61
CA GLY G 79 -20.77 25.76 112.76
C GLY G 79 -21.57 24.52 112.55
N GLU G 80 -22.73 24.66 111.94
CA GLU G 80 -23.56 23.50 111.83
C GLU G 80 -23.48 22.80 110.51
N HIS G 81 -23.71 23.53 109.42
CA HIS G 81 -23.73 22.83 108.14
C HIS G 81 -22.39 22.26 107.75
N HIS G 82 -21.35 23.07 107.90
CA HIS G 82 -20.05 22.61 107.48
C HIS G 82 -19.61 21.42 108.33
N ARG G 83 -19.83 21.52 109.63
CA ARG G 83 -19.40 20.46 110.54
C ARG G 83 -20.15 19.20 110.23
N SER G 84 -21.42 19.36 109.89
CA SER G 84 -22.24 18.20 109.65
C SER G 84 -21.68 17.42 108.51
N TYR G 85 -21.27 18.10 107.46
CA TYR G 85 -20.81 17.39 106.29
C TYR G 85 -19.51 16.65 106.54
N VAL G 86 -18.50 17.33 107.04
CA VAL G 86 -17.19 16.72 107.18
C VAL G 86 -17.26 15.48 108.05
N GLU G 87 -18.08 15.50 109.09
CA GLU G 87 -18.17 14.38 110.02
C GLU G 87 -18.74 13.15 109.34
N ALA G 88 -19.65 13.35 108.38
CA ALA G 88 -20.13 12.25 107.57
C ALA G 88 -19.15 11.87 106.46
N LEU G 89 -18.36 12.83 105.97
CA LEU G 89 -17.39 12.53 104.93
C LEU G 89 -16.28 11.64 105.45
N ASN G 90 -15.75 11.93 106.64
CA ASN G 90 -14.73 11.05 107.21
C ASN G 90 -15.31 9.69 107.59
N LYS G 91 -16.58 9.63 108.00
CA LYS G 91 -17.21 8.35 108.29
C LYS G 91 -17.33 7.50 107.03
N GLN G 92 -17.69 8.13 105.91
CA GLN G 92 -17.78 7.39 104.66
C GLN G 92 -16.39 6.99 104.15
N LEU G 93 -15.39 7.86 104.33
CA LEU G 93 -14.05 7.55 103.87
C LEU G 93 -13.38 6.47 104.71
N GLU G 94 -13.75 6.34 105.99
CA GLU G 94 -13.18 5.28 106.83
C GLU G 94 -13.52 3.90 106.26
N LYS G 95 -14.71 3.76 105.68
CA LYS G 95 -15.16 2.45 105.22
C LYS G 95 -14.38 2.00 104.00
N ASN G 96 -14.27 2.85 102.98
CA ASN G 96 -13.65 2.51 101.70
C ASN G 96 -12.23 3.09 101.67
N ASP G 97 -11.24 2.21 101.62
CA ASP G 97 -9.85 2.67 101.59
C ASP G 97 -9.48 3.23 100.21
N ILE G 98 -10.14 2.77 99.16
CA ILE G 98 -9.83 3.24 97.81
C ILE G 98 -10.17 4.73 97.68
N LEU G 99 -11.39 5.12 98.04
CA LEU G 99 -11.75 6.52 98.02
C LEU G 99 -11.07 7.32 99.12
N TYR G 100 -10.55 6.64 100.15
CA TYR G 100 -9.85 7.35 101.22
C TYR G 100 -8.59 8.03 100.71
N GLY G 101 -7.78 7.32 99.95
CA GLY G 101 -6.53 7.87 99.45
C GLY G 101 -6.67 8.57 98.11
N CYS G 102 -7.40 9.68 98.08
CA CYS G 102 -7.59 10.45 96.86
C CYS G 102 -7.67 11.92 97.21
N THR G 103 -7.21 12.76 96.29
CA THR G 103 -7.34 14.20 96.46
C THR G 103 -8.81 14.61 96.37
N MET G 104 -9.13 15.76 96.98
CA MET G 104 -10.52 16.19 97.04
C MET G 104 -11.12 16.36 95.65
N GLU G 105 -10.37 17.01 94.75
CA GLU G 105 -10.84 17.14 93.36
C GLU G 105 -10.97 15.78 92.70
N GLU G 106 -9.95 14.93 92.85
CA GLU G 106 -10.01 13.58 92.28
C GLU G 106 -11.11 12.76 92.93
N LEU G 107 -11.29 12.90 94.25
CA LEU G 107 -12.38 12.19 94.92
C LEU G 107 -13.73 12.61 94.37
N ILE G 108 -13.94 13.91 94.20
CA ILE G 108 -15.22 14.40 93.66
C ILE G 108 -15.43 13.89 92.24
N LYS G 109 -14.39 13.95 91.41
CA LYS G 109 -14.53 13.54 90.02
C LYS G 109 -14.78 12.04 89.90
N VAL G 110 -14.18 11.24 90.79
CA VAL G 110 -14.42 9.80 90.76
C VAL G 110 -15.80 9.46 91.28
N THR G 111 -16.23 10.12 92.37
CA THR G 111 -17.54 9.83 92.93
C THR G 111 -18.66 10.31 92.03
N TYR G 112 -18.40 11.30 91.17
CA TYR G 112 -19.41 11.71 90.20
C TYR G 112 -19.73 10.57 89.24
N ASN G 113 -18.71 9.82 88.83
CA ASN G 113 -18.87 8.59 88.05
C ASN G 113 -19.65 8.84 86.75
N ASN G 114 -19.38 9.99 86.13
CA ASN G 114 -19.89 10.32 84.81
C ASN G 114 -21.42 10.23 84.74
N GLY G 115 -22.09 10.97 85.62
CA GLY G 115 -23.52 11.09 85.59
C GLY G 115 -24.24 10.32 86.68
N ASN G 116 -23.60 9.32 87.28
CA ASN G 116 -24.19 8.52 88.34
C ASN G 116 -23.44 8.80 89.63
N PRO G 117 -23.88 9.77 90.43
CA PRO G 117 -23.11 10.12 91.64
C PRO G 117 -23.09 8.99 92.65
N LEU G 118 -21.92 8.79 93.26
CA LEU G 118 -21.76 7.80 94.31
C LEU G 118 -22.29 8.36 95.63
N PRO G 119 -22.56 7.49 96.61
CA PRO G 119 -23.08 8.00 97.89
C PRO G 119 -22.12 8.90 98.64
N GLU G 120 -20.85 8.98 98.22
CA GLU G 120 -19.88 9.87 98.83
C GLU G 120 -19.64 11.14 98.03
N PHE G 121 -20.27 11.28 96.86
CA PHE G 121 -20.10 12.50 96.08
C PHE G 121 -20.71 13.70 96.79
N SER G 122 -21.87 13.52 97.41
CA SER G 122 -22.61 14.63 98.00
C SER G 122 -21.80 15.33 99.10
N ASP G 123 -21.50 14.56 100.14
CA ASP G 123 -20.82 15.13 101.28
C ASP G 123 -19.59 15.85 100.86
N ALA G 124 -18.79 15.19 100.04
CA ALA G 124 -17.54 15.78 99.66
C ALA G 124 -17.80 17.05 98.92
N ALA G 125 -18.76 17.00 98.02
CA ALA G 125 -18.98 18.15 97.20
C ALA G 125 -19.37 19.28 98.09
N GLN G 126 -20.26 19.02 99.02
CA GLN G 126 -20.72 20.11 99.85
C GLN G 126 -19.59 20.67 100.66
N VAL G 127 -18.74 19.84 101.24
CA VAL G 127 -17.70 20.39 102.05
C VAL G 127 -16.84 21.28 101.20
N TRP G 128 -16.46 20.79 100.04
CA TRP G 128 -15.55 21.57 99.24
C TRP G 128 -16.18 22.88 98.86
N ASN G 129 -17.44 22.84 98.44
CA ASN G 129 -18.04 24.07 97.98
C ASN G 129 -18.22 25.08 99.09
N HIS G 130 -18.56 24.62 100.27
CA HIS G 130 -18.70 25.54 101.37
C HIS G 130 -17.36 26.17 101.71
N ASP G 131 -16.31 25.37 101.64
CA ASP G 131 -15.00 25.92 101.91
C ASP G 131 -14.66 26.98 100.89
N PHE G 132 -14.99 26.71 99.63
CA PHE G 132 -14.67 27.65 98.57
C PHE G 132 -15.44 28.92 98.83
N PHE G 133 -16.68 28.79 99.25
CA PHE G 133 -17.53 29.94 99.49
C PHE G 133 -16.97 30.81 100.58
N TRP G 134 -16.51 30.18 101.65
CA TRP G 134 -15.91 30.97 102.70
C TRP G 134 -14.73 31.76 102.17
N GLU G 135 -13.86 31.14 101.39
CA GLU G 135 -12.66 31.80 100.88
C GLU G 135 -12.99 32.81 99.80
N SER G 136 -14.12 32.66 99.13
CA SER G 136 -14.44 33.56 98.03
C SER G 136 -14.96 34.91 98.48
N MET G 137 -15.12 35.12 99.79
CA MET G 137 -15.64 36.36 100.32
C MET G 137 -14.63 36.98 101.27
N GLN G 138 -14.50 38.31 101.21
CA GLN G 138 -13.50 39.02 101.99
C GLN G 138 -14.14 40.06 102.90
N PRO G 139 -13.40 40.52 103.90
CA PRO G 139 -13.95 41.50 104.85
C PRO G 139 -14.05 42.87 104.22
N GLY G 140 -13.83 42.96 102.92
CA GLY G 140 -13.87 44.25 102.23
C GLY G 140 -14.77 44.25 101.02
N GLY G 141 -15.42 45.38 100.76
CA GLY G 141 -16.30 45.48 99.62
C GLY G 141 -15.61 45.39 98.28
N GLY G 142 -16.19 44.64 97.35
CA GLY G 142 -15.63 44.61 96.01
C GLY G 142 -16.64 45.05 94.97
N ASP G 143 -16.33 46.12 94.25
CA ASP G 143 -17.21 46.58 93.19
C ASP G 143 -16.51 46.56 91.84
N MET G 144 -15.20 46.35 91.84
CA MET G 144 -14.45 46.42 90.59
C MET G 144 -13.60 45.18 90.36
N PRO G 145 -13.60 44.68 89.12
CA PRO G 145 -12.73 43.53 88.81
C PRO G 145 -11.27 43.96 88.78
N LYS G 146 -10.38 43.04 89.07
CA LYS G 146 -8.95 43.35 89.08
C LYS G 146 -8.38 43.41 87.68
N LEU G 147 -7.14 43.87 87.53
CA LEU G 147 -6.60 44.08 86.18
C LEU G 147 -6.54 42.88 85.24
N GLY G 148 -6.05 41.74 85.71
CA GLY G 148 -6.06 40.56 84.87
C GLY G 148 -7.46 40.06 84.57
N LEU G 149 -8.31 40.05 85.59
CA LEU G 149 -9.68 39.58 85.42
C LEU G 149 -10.48 40.47 84.49
N LEU G 150 -10.30 41.78 84.61
CA LEU G 150 -11.06 42.71 83.79
C LEU G 150 -10.88 42.41 82.31
N GLN G 151 -9.64 42.24 81.88
CA GLN G 151 -9.37 42.01 80.47
C GLN G 151 -10.11 40.78 80.00
N GLN G 152 -10.11 39.72 80.82
CA GLN G 152 -10.85 38.52 80.46
C GLN G 152 -12.36 38.77 80.38
N ILE G 153 -12.89 39.53 81.34
CA ILE G 153 -14.32 39.82 81.34
C ILE G 153 -14.70 40.64 80.10
N GLU G 154 -13.87 41.62 79.76
CA GLU G 154 -14.12 42.41 78.56
C GLU G 154 -14.02 41.54 77.31
N LYS G 155 -13.07 40.61 77.30
CA LYS G 155 -12.90 39.74 76.15
C LYS G 155 -14.11 38.88 75.90
N ASP G 156 -14.70 38.33 76.95
CA ASP G 156 -15.82 37.42 76.75
C ASP G 156 -17.19 38.04 76.95
N PHE G 157 -17.44 38.61 78.13
CA PHE G 157 -18.71 39.30 78.39
C PHE G 157 -18.86 40.57 77.59
N GLY G 158 -17.78 41.32 77.43
CA GLY G 158 -17.81 42.57 76.70
C GLY G 158 -17.99 43.78 77.60
N SER G 159 -18.44 43.57 78.83
CA SER G 159 -18.57 44.66 79.78
C SER G 159 -18.66 44.08 81.18
N PHE G 160 -18.41 44.90 82.20
CA PHE G 160 -18.58 44.42 83.56
C PHE G 160 -20.06 44.50 83.89
N THR G 161 -20.76 45.46 83.30
CA THR G 161 -22.20 45.61 83.54
C THR G 161 -22.96 44.40 82.99
N ASN G 162 -22.62 43.97 81.76
CA ASN G 162 -23.26 42.79 81.20
C ASN G 162 -22.94 41.54 82.01
N PHE G 163 -21.71 41.44 82.50
CA PHE G 163 -21.34 40.31 83.34
C PHE G 163 -22.17 40.27 84.62
N ARG G 164 -22.31 41.42 85.29
CA ARG G 164 -23.10 41.45 86.52
C ARG G 164 -24.57 41.17 86.24
N GLU G 165 -25.09 41.69 85.13
CA GLU G 165 -26.47 41.43 84.76
C GLU G 165 -26.71 39.95 84.53
N LYS G 166 -25.82 39.30 83.76
CA LYS G 166 -25.97 37.88 83.50
C LYS G 166 -25.80 37.06 84.78
N PHE G 167 -24.90 37.48 85.67
CA PHE G 167 -24.72 36.76 86.93
C PHE G 167 -25.99 36.84 87.77
N THR G 168 -26.56 38.05 87.90
CA THR G 168 -27.80 38.20 88.67
C THR G 168 -28.95 37.42 88.03
N GLU G 169 -29.03 37.46 86.69
CA GLU G 169 -30.09 36.73 86.00
C GLU G 169 -29.98 35.23 86.23
N ALA G 170 -28.77 34.69 86.14
CA ALA G 170 -28.57 33.26 86.38
C ALA G 170 -28.82 32.90 87.83
N ALA G 171 -28.45 33.77 88.77
CA ALA G 171 -28.68 33.49 90.19
C ALA G 171 -30.16 33.48 90.52
N LEU G 172 -30.92 34.41 89.94
CA LEU G 172 -32.36 34.46 90.22
C LEU G 172 -33.10 33.37 89.46
N ALA G 173 -32.59 32.97 88.29
CA ALA G 173 -33.29 31.99 87.46
C ALA G 173 -33.26 30.60 88.08
N LEU G 174 -32.15 30.25 88.73
CA LEU G 174 -32.03 28.93 89.33
C LEU G 174 -33.10 28.72 90.39
N PHE G 175 -33.91 27.69 90.21
CA PHE G 175 -35.06 27.43 91.07
C PHE G 175 -34.73 26.29 92.02
N GLY G 176 -34.63 26.61 93.31
CA GLY G 176 -34.33 25.60 94.31
C GLY G 176 -33.01 25.86 94.99
N SER G 177 -32.23 24.80 95.19
CA SER G 177 -30.95 24.92 95.88
C SER G 177 -29.82 24.57 94.93
N GLY G 178 -28.71 25.27 95.03
CA GLY G 178 -27.63 25.04 94.09
C GLY G 178 -26.54 26.06 94.27
N TRP G 179 -25.61 26.14 93.33
CA TRP G 179 -24.56 27.13 93.40
C TRP G 179 -24.37 27.73 92.01
N ILE G 180 -23.80 28.93 91.90
CA ILE G 180 -23.51 29.52 90.59
C ILE G 180 -21.99 29.75 90.50
N TRP G 181 -21.35 29.60 89.32
CA TRP G 181 -19.90 29.69 89.31
C TRP G 181 -19.44 30.54 88.13
N LEU G 182 -18.30 31.19 88.31
CA LEU G 182 -17.57 31.85 87.23
C LEU G 182 -16.29 31.07 87.00
N VAL G 183 -16.19 30.41 85.85
CA VAL G 183 -15.14 29.42 85.62
C VAL G 183 -14.43 29.72 84.30
N LEU G 184 -13.20 29.21 84.22
CA LEU G 184 -12.42 29.23 82.99
C LEU G 184 -12.43 27.82 82.39
N LYS G 185 -12.80 27.73 81.11
CA LYS G 185 -12.88 26.44 80.43
C LYS G 185 -11.53 26.11 79.82
N ARG G 186 -11.00 24.93 80.14
CA ARG G 186 -9.70 24.53 79.64
C ARG G 186 -9.73 24.35 78.13
N GLU G 187 -10.83 23.80 77.60
CA GLU G 187 -10.90 23.50 76.17
C GLU G 187 -10.98 24.77 75.34
N GLU G 188 -11.80 25.73 75.76
CA GLU G 188 -12.05 26.93 74.98
C GLU G 188 -11.23 28.13 75.44
N LYS G 189 -10.60 28.06 76.62
CA LYS G 189 -9.78 29.16 77.14
C LYS G 189 -10.57 30.46 77.24
N ARG G 190 -11.79 30.37 77.75
CA ARG G 190 -12.67 31.52 77.89
C ARG G 190 -13.39 31.48 79.24
N LEU G 191 -13.85 32.64 79.69
CA LEU G 191 -14.61 32.74 80.92
C LEU G 191 -16.09 32.50 80.64
N ALA G 192 -16.77 31.90 81.61
CA ALA G 192 -18.18 31.58 81.45
C ALA G 192 -18.84 31.42 82.81
N ILE G 193 -20.17 31.41 82.84
CA ILE G 193 -20.92 31.30 84.11
C ILE G 193 -21.78 30.05 84.17
N VAL G 194 -21.64 29.25 85.22
CA VAL G 194 -22.38 28.00 85.30
C VAL G 194 -23.23 27.84 86.55
N LYS G 195 -24.47 27.39 86.36
CA LYS G 195 -25.36 27.17 87.49
C LYS G 195 -25.49 25.69 87.70
N THR G 196 -25.23 25.22 88.91
CA THR G 196 -25.26 23.79 89.17
C THR G 196 -26.27 23.48 90.24
N SER G 197 -27.12 22.50 89.99
CA SER G 197 -28.12 22.10 90.98
C SER G 197 -27.52 21.39 92.18
N ASN G 198 -28.02 21.70 93.37
CA ASN G 198 -27.57 21.00 94.58
C ASN G 198 -26.07 21.07 94.83
N ALA G 199 -25.46 19.92 95.07
CA ALA G 199 -24.04 19.87 95.41
C ALA G 199 -23.04 19.89 94.26
N VAL G 200 -23.49 19.80 93.02
CA VAL G 200 -22.55 19.70 91.91
C VAL G 200 -21.64 20.90 91.76
N ASN G 201 -20.37 20.67 91.43
CA ASN G 201 -19.41 21.75 91.24
C ASN G 201 -18.70 21.53 89.92
N PRO G 202 -18.17 22.59 89.31
CA PRO G 202 -17.58 22.44 87.98
C PRO G 202 -16.44 21.44 87.81
N LEU G 203 -15.66 21.16 88.84
CA LEU G 203 -14.51 20.26 88.74
C LEU G 203 -14.87 18.98 87.99
N VAL G 204 -16.15 18.60 87.99
CA VAL G 204 -16.57 17.38 87.32
C VAL G 204 -16.45 17.49 85.80
N TRP G 205 -16.41 18.72 85.26
CA TRP G 205 -16.25 18.95 83.83
C TRP G 205 -14.86 19.48 83.49
N ASN G 206 -13.90 19.31 84.39
CA ASN G 206 -12.53 19.80 84.19
C ASN G 206 -12.51 21.30 83.94
N ASP G 207 -13.07 22.06 84.89
CA ASP G 207 -13.07 23.51 84.83
C ASP G 207 -12.53 24.05 86.15
N ILE G 208 -12.01 25.28 86.09
CA ILE G 208 -11.40 25.94 87.24
C ILE G 208 -12.38 26.98 87.75
N PRO G 209 -13.01 26.79 88.92
CA PRO G 209 -13.92 27.82 89.45
C PRO G 209 -13.13 28.98 90.05
N LEU G 210 -13.52 30.20 89.66
CA LEU G 210 -12.90 31.41 90.19
C LEU G 210 -13.71 32.05 91.32
N ILE G 211 -15.04 32.03 91.22
CA ILE G 211 -15.90 32.47 92.34
C ILE G 211 -17.19 31.66 92.42
N GLY G 212 -17.69 31.39 93.64
CA GLY G 212 -18.94 30.65 93.81
C GLY G 212 -19.90 31.15 94.87
N LEU G 213 -21.20 30.96 94.70
CA LEU G 213 -22.20 31.47 95.65
C LEU G 213 -23.22 30.42 96.07
N ASP G 214 -23.57 30.41 97.36
CA ASP G 214 -24.49 29.39 97.85
C ASP G 214 -25.91 29.84 97.63
N LEU G 215 -26.64 29.09 96.82
CA LEU G 215 -28.03 29.40 96.60
C LEU G 215 -28.89 28.49 97.42
N TRP G 216 -28.27 27.66 98.24
CA TRP G 216 -29.07 26.86 99.14
C TRP G 216 -29.69 27.84 100.12
N GLU G 217 -30.93 27.60 100.51
CA GLU G 217 -31.63 28.55 101.36
C GLU G 217 -31.02 28.74 102.72
N HIS G 218 -30.35 27.73 103.23
CA HIS G 218 -29.84 27.84 104.57
C HIS G 218 -28.91 29.03 104.68
N ALA G 219 -28.23 29.34 103.60
CA ALA G 219 -27.36 30.49 103.60
C ALA G 219 -28.07 31.81 103.82
N TYR G 220 -29.22 32.01 103.17
CA TYR G 220 -29.85 33.33 103.26
C TYR G 220 -31.13 33.52 104.06
N TYR G 221 -31.83 32.46 104.44
CA TYR G 221 -33.14 32.65 105.08
C TYR G 221 -33.16 33.43 106.39
N LEU G 222 -32.19 33.20 107.26
CA LEU G 222 -32.22 33.88 108.54
C LEU G 222 -32.15 35.38 108.34
N ASP G 223 -31.30 35.82 107.43
CA ASP G 223 -31.16 37.24 107.21
C ASP G 223 -32.29 37.71 106.35
N TYR G 224 -32.37 37.17 105.15
CA TYR G 224 -33.38 37.60 104.22
C TYR G 224 -34.26 36.42 103.97
N LYS G 225 -35.49 36.48 104.43
CA LYS G 225 -36.32 35.31 104.29
C LYS G 225 -36.67 34.90 102.87
N ASN G 226 -36.99 35.84 102.00
CA ASN G 226 -37.43 35.45 100.66
C ASN G 226 -37.02 36.36 99.51
N ASP G 227 -36.10 37.29 99.75
CA ASP G 227 -35.60 38.17 98.70
C ASP G 227 -34.24 37.67 98.25
N LYS G 228 -34.24 36.80 97.23
CA LYS G 228 -32.97 36.32 96.68
C LYS G 228 -32.28 37.39 95.87
N ALA G 229 -33.05 38.27 95.22
CA ALA G 229 -32.43 39.35 94.44
C ALA G 229 -31.61 40.27 95.31
N LYS G 230 -32.09 40.56 96.52
CA LYS G 230 -31.29 41.38 97.42
C LYS G 230 -30.05 40.64 97.84
N TYR G 231 -30.21 39.36 98.14
CA TYR G 231 -29.10 38.60 98.64
C TYR G 231 -28.02 38.61 97.60
N VAL G 232 -28.41 38.47 96.35
CA VAL G 232 -27.44 38.50 95.28
C VAL G 232 -26.82 39.88 95.18
N ASN G 233 -27.64 40.91 95.02
CA ASN G 233 -27.13 42.26 94.84
C ASN G 233 -26.13 42.63 95.93
N VAL G 234 -26.39 42.21 97.18
CA VAL G 234 -25.47 42.48 98.27
C VAL G 234 -24.15 41.75 98.04
N PHE G 235 -24.22 40.48 97.61
CA PHE G 235 -22.99 39.73 97.39
C PHE G 235 -22.21 40.27 96.19
N MET G 236 -22.91 40.85 95.22
CA MET G 236 -22.20 41.43 94.08
C MET G 236 -21.57 42.78 94.45
N ASN G 237 -22.26 43.57 95.28
CA ASN G 237 -21.80 44.94 95.53
C ASN G 237 -20.79 44.99 96.68
N HIS G 238 -21.12 44.38 97.82
CA HIS G 238 -20.33 44.55 99.03
C HIS G 238 -19.56 43.31 99.46
N LEU G 239 -20.05 42.10 99.19
CA LEU G 239 -19.47 40.88 99.74
C LEU G 239 -18.99 40.00 98.60
N VAL G 240 -17.78 40.29 98.10
CA VAL G 240 -17.14 39.50 97.06
C VAL G 240 -15.65 39.82 97.06
N SER G 241 -14.83 38.78 96.93
CA SER G 241 -13.38 38.91 96.97
C SER G 241 -12.83 38.73 95.56
N TRP G 242 -12.69 39.85 94.84
CA TRP G 242 -12.11 39.80 93.50
C TRP G 242 -10.62 39.50 93.53
N ASP G 243 -9.93 39.83 94.63
CA ASP G 243 -8.51 39.50 94.73
C ASP G 243 -8.30 38.00 94.81
N ALA G 244 -9.15 37.29 95.55
CA ALA G 244 -9.07 35.84 95.57
C ALA G 244 -9.38 35.25 94.19
N ALA G 245 -10.30 35.85 93.46
CA ALA G 245 -10.60 35.39 92.10
C ALA G 245 -9.41 35.59 91.18
N LEU G 246 -8.74 36.74 91.30
CA LEU G 246 -7.55 36.98 90.48
C LEU G 246 -6.43 36.03 90.87
N GLY G 247 -6.32 35.70 92.16
CA GLY G 247 -5.32 34.72 92.58
C GLY G 247 -5.60 33.33 92.03
N ARG G 248 -6.87 32.92 92.06
CA ARG G 248 -7.23 31.63 91.48
C ARG G 248 -7.00 31.62 89.98
N MET G 249 -7.23 32.75 89.30
CA MET G 249 -6.95 32.83 87.87
C MET G 249 -5.45 32.72 87.61
N ALA G 250 -4.63 33.39 88.43
CA ALA G 250 -3.19 33.28 88.28
C ALA G 250 -2.71 31.86 88.52
N ARG G 251 -3.31 31.17 89.50
CA ARG G 251 -2.98 29.77 89.74
C ARG G 251 -3.39 28.89 88.57
N ALA G 252 -4.56 29.15 87.99
CA ALA G 252 -5.03 28.36 86.86
C ALA G 252 -4.24 28.63 85.60
N GLN G 253 -3.61 29.80 85.50
CA GLN G 253 -2.81 30.14 84.32
C GLN G 253 -1.71 29.12 84.07
N ALA G 254 -1.26 28.42 85.11
CA ALA G 254 -0.30 27.33 84.90
C ALA G 254 -0.94 26.18 84.14
N PHE G 255 -2.21 25.90 84.41
CA PHE G 255 -2.89 24.79 83.75
C PHE G 255 -3.42 25.22 82.38
N VAL G 256 -4.08 26.37 82.30
CA VAL G 256 -4.62 26.89 81.05
C VAL G 256 -3.97 28.25 80.78
N ASN G 257 -3.32 28.37 79.63
CA ASN G 257 -2.59 29.57 79.27
C ASN G 257 -3.52 30.49 78.48
N LEU G 258 -3.78 31.68 79.03
CA LEU G 258 -4.63 32.67 78.39
C LEU G 258 -3.73 33.72 77.74
N GLY G 259 -3.30 33.44 76.52
CA GLY G 259 -2.45 34.37 75.81
C GLY G 259 -2.14 33.85 74.42
N GLU G 260 -1.25 34.56 73.74
CA GLU G 260 -0.83 34.22 72.40
C GLU G 260 0.66 33.93 72.37
N PRO G 261 1.08 32.91 71.63
CA PRO G 261 2.51 32.58 71.56
C PRO G 261 3.26 33.53 70.65
N LYS G 262 4.58 33.51 70.78
CA LYS G 262 5.47 34.34 69.98
C LYS G 262 5.82 33.59 68.70
N ILE G 263 5.48 34.16 67.56
CA ILE G 263 5.69 33.53 66.26
C ILE G 263 6.97 34.10 65.66
N PRO G 264 8.04 33.32 65.57
CA PRO G 264 9.26 33.83 64.95
C PRO G 264 9.08 34.10 63.46
N VAL G 265 9.63 35.21 63.00
CA VAL G 265 9.55 35.57 61.58
C VAL G 265 10.63 34.78 60.83
N ALA G 266 10.22 33.79 60.07
CA ALA G 266 11.16 32.95 59.33
C ALA G 266 10.49 32.33 58.10
N LEU H 187 91.11 27.91 3.15
CA LEU H 187 91.00 27.62 1.73
C LEU H 187 89.59 27.17 1.36
N SER H 188 88.99 26.35 2.23
CA SER H 188 87.64 25.86 1.99
C SER H 188 86.63 27.00 2.10
N SER H 189 85.63 26.97 1.23
CA SER H 189 84.61 28.00 1.22
C SER H 189 83.55 27.74 2.28
N GLU H 190 82.69 28.74 2.50
CA GLU H 190 81.62 28.60 3.48
C GLU H 190 80.64 27.51 3.06
N TYR H 191 80.44 27.33 1.76
CA TYR H 191 79.44 26.38 1.28
C TYR H 191 80.00 24.96 1.23
N VAL H 192 81.26 24.81 0.82
CA VAL H 192 81.87 23.51 0.67
C VAL H 192 82.37 23.01 2.02
N ILE H 193 81.52 22.25 2.72
CA ILE H 193 81.91 21.67 4.00
C ILE H 193 82.58 20.32 3.78
N TYR H 194 83.47 19.95 4.71
CA TYR H 194 84.19 18.69 4.66
C TYR H 194 84.01 17.95 5.97
N GLN H 195 83.37 16.78 5.91
CA GLN H 195 83.16 15.91 7.07
C GLN H 195 83.54 14.49 6.69
N PRO H 196 84.83 14.21 6.52
CA PRO H 196 85.24 12.85 6.08
C PRO H 196 84.97 11.78 7.12
N GLU H 197 85.23 12.07 8.39
CA GLU H 197 85.09 11.09 9.46
C GLU H 197 83.68 11.15 10.01
N GLN H 198 82.89 10.11 9.77
CA GLN H 198 81.54 9.98 10.34
C GLN H 198 81.65 9.10 11.57
N GLU H 199 81.67 9.73 12.75
CA GLU H 199 81.84 9.03 14.02
C GLU H 199 80.72 9.45 14.97
N GLU H 200 79.50 9.47 14.46
CA GLU H 200 78.31 9.80 15.24
C GLU H 200 77.49 8.52 15.44
N GLU H 201 77.47 8.03 16.67
CA GLU H 201 76.78 6.79 17.00
C GLU H 201 75.99 6.97 18.28
N GLU H 202 74.73 6.54 18.27
CA GLU H 202 73.87 6.60 19.44
C GLU H 202 74.04 5.32 20.26
N LEU H 203 75.16 5.27 20.98
CA LEU H 203 75.51 4.08 21.75
C LEU H 203 74.56 3.83 22.93
N THR H 204 73.80 4.85 23.34
CA THR H 204 72.84 4.67 24.42
C THR H 204 71.77 3.66 24.03
N GLY H 205 71.38 2.83 25.00
CA GLY H 205 70.47 1.74 24.70
C GLY H 205 69.10 2.20 24.25
N TYR H 206 68.55 3.21 24.94
CA TYR H 206 67.19 3.66 24.63
C TYR H 206 67.10 4.23 23.23
N GLU H 207 68.01 5.16 22.88
CA GLU H 207 67.96 5.77 21.56
C GLU H 207 68.28 4.77 20.47
N LEU H 208 69.21 3.85 20.73
CA LEU H 208 69.53 2.83 19.73
C LEU H 208 68.35 1.92 19.47
N ASP H 209 67.65 1.50 20.52
CA ASP H 209 66.48 0.64 20.34
C ASP H 209 65.33 1.40 19.69
N LYS H 210 65.19 2.69 19.99
CA LYS H 210 64.15 3.48 19.35
C LYS H 210 64.45 3.67 17.87
N ARG H 211 65.73 3.79 17.50
CA ARG H 211 66.09 3.94 16.11
C ARG H 211 65.93 2.63 15.34
N LEU H 212 66.41 1.53 15.91
CA LEU H 212 66.39 0.24 15.24
C LEU H 212 65.07 -0.51 15.42
N GLY H 213 64.11 0.08 16.12
CA GLY H 213 62.83 -0.56 16.34
C GLY H 213 62.92 -1.83 17.15
N ARG H 214 63.66 -1.78 18.25
CA ARG H 214 63.84 -2.91 19.14
C ARG H 214 62.97 -2.74 20.38
N PRO H 215 62.70 -3.80 21.14
CA PRO H 215 61.86 -3.65 22.34
C PRO H 215 62.46 -2.67 23.33
N HIS H 216 61.70 -1.59 23.60
CA HIS H 216 62.13 -0.53 24.49
C HIS H 216 60.89 0.16 25.03
N PRO H 217 60.93 0.68 26.26
CA PRO H 217 59.76 1.39 26.79
C PRO H 217 59.47 2.66 25.99
N PHE H 218 58.19 3.01 25.90
CA PHE H 218 57.80 4.23 25.19
C PHE H 218 58.37 5.47 25.85
N ILE H 219 58.43 5.49 27.18
CA ILE H 219 58.94 6.62 27.94
C ILE H 219 60.36 6.29 28.40
N ASP H 220 61.31 7.17 28.09
CA ASP H 220 62.68 6.97 28.51
C ASP H 220 62.75 6.99 30.04
N PRO H 221 63.16 5.90 30.69
CA PRO H 221 63.19 5.90 32.16
C PRO H 221 64.18 6.90 32.73
N LYS H 222 65.22 7.26 31.98
CA LYS H 222 66.18 8.25 32.47
C LYS H 222 65.54 9.64 32.54
N THR H 223 64.79 10.02 31.51
CA THR H 223 64.17 11.34 31.44
C THR H 223 62.89 11.44 32.25
N LYS H 224 62.48 10.38 32.94
CA LYS H 224 61.28 10.44 33.77
C LYS H 224 61.50 11.39 34.94
N LYS H 225 60.59 12.34 35.09
CA LYS H 225 60.66 13.37 36.13
C LYS H 225 59.58 13.10 37.17
N LYS H 226 59.99 13.00 38.43
CA LYS H 226 59.05 12.78 39.52
C LYS H 226 58.18 14.02 39.74
N ILE H 227 56.89 13.90 39.42
CA ILE H 227 55.98 15.03 39.57
C ILE H 227 55.66 15.25 41.06
N GLU H 228 55.36 16.50 41.40
CA GLU H 228 55.01 16.82 42.77
C GLU H 228 53.66 16.20 43.14
N LYS H 229 53.41 16.13 44.45
CA LYS H 229 52.18 15.53 44.93
C LYS H 229 50.98 16.42 44.58
N PRO H 230 49.99 15.87 43.89
CA PRO H 230 48.79 16.65 43.56
C PRO H 230 47.88 16.78 44.79
N LEU H 231 46.71 17.37 44.55
CA LEU H 231 45.73 17.53 45.61
C LEU H 231 45.26 16.17 46.12
N THR H 232 45.02 16.10 47.42
CA THR H 232 44.54 14.87 48.03
C THR H 232 43.06 14.68 47.74
N SER H 233 42.53 13.50 48.08
CA SER H 233 41.12 13.22 47.85
C SER H 233 40.22 14.16 48.65
N GLU H 234 40.69 14.60 49.82
CA GLU H 234 39.88 15.49 50.65
C GLU H 234 39.72 16.85 50.00
N GLU H 235 40.78 17.38 49.40
CA GLU H 235 40.74 18.73 48.86
C GLU H 235 39.88 18.79 47.59
N LEU H 236 39.83 17.70 46.83
CA LEU H 236 39.02 17.68 45.62
C LEU H 236 37.54 17.79 45.96
N TRP H 237 36.76 18.28 44.99
CA TRP H 237 35.32 18.40 45.18
C TRP H 237 34.69 17.01 45.22
N TRP H 238 33.42 16.97 45.64
CA TRP H 238 32.77 15.68 45.86
C TRP H 238 32.57 14.93 44.54
N ASN H 239 32.41 15.65 43.43
CA ASN H 239 32.23 14.99 42.15
C ASN H 239 33.48 14.23 41.74
N TRP H 240 34.66 14.79 42.01
CA TRP H 240 35.92 14.14 41.69
C TRP H 240 36.50 13.35 42.87
N ARG H 241 35.83 13.37 44.02
CA ARG H 241 36.32 12.64 45.19
C ARG H 241 35.98 11.17 45.05
N LYS H 242 37.02 10.33 45.06
CA LYS H 242 36.82 8.90 44.90
C LYS H 242 36.13 8.31 46.13
N PRO H 243 35.31 7.27 45.94
CA PRO H 243 34.66 6.64 47.09
C PRO H 243 35.68 6.02 48.03
N GLU H 244 35.40 6.13 49.33
CA GLU H 244 36.32 5.59 50.34
C GLU H 244 36.45 4.07 50.20
N LYS H 245 35.34 3.38 50.01
CA LYS H 245 35.34 1.95 49.79
C LYS H 245 35.16 1.64 48.30
N GLU H 246 35.92 0.68 47.81
CA GLU H 246 35.90 0.34 46.39
C GLU H 246 34.58 -0.31 46.02
N GLN H 247 33.86 0.29 45.07
CA GLN H 247 32.58 -0.20 44.65
C GLN H 247 32.75 -1.40 43.70
N TRP H 248 31.63 -2.06 43.40
CA TRP H 248 31.61 -3.21 42.52
C TRP H 248 31.12 -2.79 41.13
N SER H 249 31.72 -3.41 40.11
CA SER H 249 31.34 -3.12 38.73
C SER H 249 31.57 -4.36 37.89
N ARG H 250 30.78 -4.50 36.82
CA ARG H 250 30.95 -5.63 35.92
C ARG H 250 32.21 -5.51 35.07
N TRP H 251 32.79 -4.31 34.97
CA TRP H 251 33.98 -4.08 34.18
C TRP H 251 35.26 -4.06 35.02
N GLN H 252 35.20 -4.56 36.26
CA GLN H 252 36.39 -4.54 37.11
C GLN H 252 37.46 -5.48 36.58
N ARG H 253 37.05 -6.57 35.94
CA ARG H 253 38.01 -7.50 35.36
C ARG H 253 38.37 -7.08 33.95
N ARG H 254 39.51 -7.58 33.48
CA ARG H 254 40.01 -7.28 32.14
C ARG H 254 39.49 -8.33 31.16
N ARG H 255 38.92 -7.86 30.06
CA ARG H 255 38.31 -8.76 29.09
C ARG H 255 39.35 -9.67 28.47
N PRO H 256 39.16 -10.98 28.47
CA PRO H 256 40.10 -11.88 27.81
C PRO H 256 40.07 -11.70 26.30
N ASP H 257 41.24 -11.91 25.68
CA ASP H 257 41.38 -11.70 24.26
C ASP H 257 42.51 -12.57 23.73
N VAL H 258 42.47 -12.82 22.42
CA VAL H 258 43.52 -13.60 21.78
C VAL H 258 44.84 -12.86 21.83
N GLU H 259 44.78 -11.52 21.76
CA GLU H 259 46.01 -10.72 21.73
C GLU H 259 46.80 -10.88 23.03
N THR H 260 46.12 -10.86 24.18
CA THR H 260 46.81 -11.02 25.45
C THR H 260 47.44 -12.40 25.57
N VAL H 261 46.71 -13.44 25.15
CA VAL H 261 47.25 -14.79 25.23
C VAL H 261 48.47 -14.94 24.34
N PHE H 262 48.41 -14.40 23.13
CA PHE H 262 49.55 -14.51 22.22
C PHE H 262 50.74 -13.70 22.71
N LEU H 263 50.48 -12.53 23.32
CA LEU H 263 51.57 -11.74 23.89
C LEU H 263 52.22 -12.46 25.06
N LYS H 264 51.42 -13.14 25.89
CA LYS H 264 52.00 -13.93 26.96
C LYS H 264 52.79 -15.11 26.41
N ALA H 265 52.31 -15.72 25.31
CA ALA H 265 53.00 -16.86 24.74
C ALA H 265 54.34 -16.47 24.13
N MET H 266 54.39 -15.32 23.44
CA MET H 266 55.61 -14.89 22.79
C MET H 266 56.52 -14.07 23.70
N ALA H 267 56.03 -13.62 24.85
CA ALA H 267 56.92 -13.00 25.83
C ALA H 267 57.94 -14.01 26.34
N GLU H 268 57.51 -15.25 26.52
CA GLU H 268 58.43 -16.35 26.75
C GLU H 268 59.18 -16.65 25.46
N THR H 269 60.33 -17.31 25.61
CA THR H 269 61.28 -17.70 24.56
C THR H 269 62.04 -16.51 24.01
N GLY H 270 61.73 -15.28 24.43
CA GLY H 270 62.52 -14.12 24.08
C GLY H 270 62.20 -13.48 22.74
N GLN H 271 61.03 -13.74 22.17
CA GLN H 271 60.69 -13.12 20.89
C GLN H 271 60.40 -11.64 21.06
N VAL H 272 59.67 -11.27 22.12
CA VAL H 272 59.36 -9.88 22.43
C VAL H 272 59.59 -9.66 23.92
N LYS H 273 59.61 -8.39 24.30
CA LYS H 273 59.76 -7.99 25.69
C LYS H 273 58.67 -6.98 26.04
N LEU H 274 57.99 -7.21 27.15
CA LEU H 274 56.89 -6.36 27.59
C LEU H 274 57.26 -5.67 28.89
N TYR H 275 56.68 -4.48 29.10
CA TYR H 275 56.91 -3.73 30.31
C TYR H 275 56.11 -4.36 31.45
N GLY H 276 56.73 -5.29 32.15
CA GLY H 276 56.07 -6.02 33.22
C GLY H 276 55.80 -7.47 32.83
N ASP H 277 55.02 -8.12 33.69
CA ASP H 277 54.68 -9.53 33.51
C ASP H 277 53.34 -9.75 32.84
N HIS H 278 52.51 -8.73 32.72
CA HIS H 278 51.19 -8.86 32.12
C HIS H 278 51.03 -7.85 30.98
N PRO H 279 50.58 -8.29 29.80
CA PRO H 279 50.45 -7.35 28.69
C PRO H 279 49.37 -6.30 28.96
N THR H 280 49.68 -5.06 28.59
CA THR H 280 48.74 -3.96 28.73
C THR H 280 48.01 -3.71 27.43
N LEU H 281 46.98 -2.85 27.50
CA LEU H 281 46.11 -2.63 26.35
C LEU H 281 46.86 -2.01 25.18
N THR H 282 47.81 -1.11 25.47
CA THR H 282 48.62 -0.54 24.39
C THR H 282 49.44 -1.62 23.69
N GLU H 283 50.01 -2.55 24.46
CA GLU H 283 50.77 -3.64 23.86
C GLU H 283 49.86 -4.57 23.07
N THR H 284 48.63 -4.79 23.55
CA THR H 284 47.70 -5.63 22.80
C THR H 284 47.32 -4.97 21.48
N ALA H 285 47.14 -3.64 21.48
CA ALA H 285 46.85 -2.95 20.23
C ALA H 285 48.04 -3.00 19.28
N LEU H 286 49.26 -2.81 19.81
CA LEU H 286 50.45 -2.91 18.98
C LEU H 286 50.59 -4.30 18.37
N TYR H 287 50.26 -5.34 19.15
CA TYR H 287 50.30 -6.69 18.61
C TYR H 287 49.23 -6.91 17.56
N ARG H 288 48.02 -6.40 17.80
CA ARG H 288 46.96 -6.47 16.79
C ARG H 288 47.43 -5.81 15.49
N ALA H 289 48.25 -4.77 15.61
CA ALA H 289 48.77 -4.11 14.41
C ALA H 289 49.86 -4.93 13.72
N ARG H 290 50.78 -5.52 14.49
CA ARG H 290 52.02 -6.06 13.94
C ARG H 290 52.17 -7.58 14.11
N ARG H 291 51.06 -8.31 14.27
CA ARG H 291 51.17 -9.75 14.50
C ARG H 291 51.67 -10.49 13.27
N HIS H 292 51.47 -9.93 12.08
CA HIS H 292 51.85 -10.62 10.85
C HIS H 292 53.36 -10.82 10.78
N LEU H 293 54.12 -9.83 11.27
CA LEU H 293 55.58 -9.95 11.26
C LEU H 293 56.05 -11.14 12.10
N TYR H 294 55.53 -11.26 13.32
CA TYR H 294 55.94 -12.36 14.18
C TYR H 294 55.45 -13.70 13.65
N LYS H 295 54.27 -13.73 13.04
CA LYS H 295 53.79 -14.95 12.42
C LYS H 295 54.72 -15.40 11.30
N LYS H 296 55.12 -14.46 10.44
CA LYS H 296 56.03 -14.80 9.35
C LYS H 296 57.39 -15.20 9.87
N GLU H 297 57.85 -14.57 10.96
CA GLU H 297 59.13 -14.95 11.53
C GLU H 297 59.11 -16.36 12.09
N ARG H 298 58.02 -16.73 12.79
CA ARG H 298 57.90 -18.09 13.29
C ARG H 298 57.81 -19.10 12.14
N LEU H 299 57.09 -18.74 11.08
CA LEU H 299 57.02 -19.62 9.91
C LEU H 299 58.40 -19.81 9.29
N GLN H 300 59.18 -18.74 9.17
CA GLN H 300 60.51 -18.84 8.59
C GLN H 300 61.44 -19.67 9.48
N ALA H 301 61.31 -19.51 10.80
CA ALA H 301 62.11 -20.32 11.72
C ALA H 301 61.76 -21.80 11.59
N GLU H 302 60.47 -22.11 11.44
CA GLU H 302 60.07 -23.49 11.26
C GLU H 302 60.58 -24.05 9.94
N LYS H 303 60.57 -23.24 8.88
CA LYS H 303 61.13 -23.67 7.60
C LYS H 303 62.62 -23.95 7.73
N GLU H 304 63.35 -23.08 8.43
CA GLU H 304 64.78 -23.29 8.62
C GLU H 304 65.05 -24.55 9.43
N LYS H 305 64.23 -24.81 10.46
CA LYS H 305 64.41 -26.02 11.25
C LYS H 305 64.14 -27.26 10.40
N LEU H 306 63.12 -27.21 9.54
CA LEU H 306 62.84 -28.33 8.66
C LEU H 306 64.00 -28.57 7.69
N GLU H 307 64.57 -27.49 7.15
CA GLU H 307 65.69 -27.63 6.23
C GLU H 307 66.92 -28.18 6.96
N LYS H 308 67.11 -27.80 8.22
CA LYS H 308 68.30 -28.21 8.95
C LYS H 308 68.20 -29.65 9.44
N ILE H 309 67.19 -29.96 10.25
CA ILE H 309 67.16 -31.25 10.93
C ILE H 309 66.83 -32.38 9.95
N GLY H 310 66.08 -32.08 8.89
CA GLY H 310 65.71 -33.08 7.92
C GLY H 310 64.21 -33.32 7.91
N PRO H 311 63.72 -33.94 6.82
CA PRO H 311 62.27 -34.18 6.74
C PRO H 311 61.79 -35.26 7.71
N ILE H 312 62.54 -36.37 7.83
CA ILE H 312 62.13 -37.45 8.71
C ILE H 312 62.13 -37.00 10.17
N ALA H 313 63.23 -36.36 10.59
CA ALA H 313 63.32 -35.90 11.97
C ALA H 313 62.27 -34.83 12.27
N TYR H 314 61.99 -33.96 11.30
CA TYR H 314 60.99 -32.91 11.53
C TYR H 314 59.59 -33.50 11.64
N TYR H 315 59.22 -34.40 10.73
CA TYR H 315 57.91 -35.04 10.75
C TYR H 315 57.80 -36.14 11.79
N SER H 316 58.87 -36.43 12.53
CA SER H 316 58.83 -37.43 13.58
C SER H 316 58.06 -36.96 14.81
N GLU H 317 57.74 -35.68 14.92
CA GLU H 317 56.99 -35.16 16.06
C GLU H 317 55.52 -35.55 16.02
N TRP H 318 55.01 -35.96 14.85
CA TRP H 318 53.62 -36.37 14.72
C TRP H 318 53.49 -37.87 14.49
N VAL H 319 54.58 -38.62 14.62
CA VAL H 319 54.54 -40.07 14.59
C VAL H 319 55.16 -40.61 15.86
N GLN H 320 54.33 -40.84 16.88
CA GLN H 320 54.82 -41.28 18.18
C GLN H 320 55.09 -42.78 18.24
N ALA H 321 54.62 -43.55 17.26
CA ALA H 321 54.83 -44.99 17.23
C ALA H 321 56.12 -45.38 16.52
N TRP H 322 56.92 -44.41 16.10
CA TRP H 322 58.19 -44.67 15.43
C TRP H 322 59.32 -44.33 16.39
N LYS H 323 60.11 -45.34 16.77
CA LYS H 323 61.19 -45.18 17.74
C LYS H 323 62.50 -45.66 17.10
N LYS H 324 63.16 -44.74 16.39
CA LYS H 324 64.43 -45.01 15.74
C LYS H 324 65.16 -43.68 15.54
N ASP H 325 66.48 -43.78 15.36
CA ASP H 325 67.30 -42.59 15.16
C ASP H 325 66.93 -41.91 13.85
N THR H 326 66.51 -40.64 13.94
CA THR H 326 66.06 -39.88 12.79
C THR H 326 67.10 -38.90 12.28
N SER H 327 68.36 -39.05 12.70
CA SER H 327 69.42 -38.18 12.22
C SER H 327 69.84 -38.58 10.81
N ARG H 328 70.42 -37.61 10.09
CA ARG H 328 70.85 -37.86 8.72
C ARG H 328 71.94 -38.93 8.67
N GLU H 329 72.78 -39.00 9.69
CA GLU H 329 73.82 -40.03 9.73
C GLU H 329 73.20 -41.42 9.83
N ALA H 330 72.19 -41.59 10.68
CA ALA H 330 71.53 -42.88 10.80
C ALA H 330 70.79 -43.24 9.52
N ILE H 331 70.19 -42.25 8.87
CA ILE H 331 69.49 -42.50 7.61
C ILE H 331 70.48 -42.96 6.54
N GLN H 332 71.64 -42.30 6.46
CA GLN H 332 72.65 -42.71 5.49
C GLN H 332 73.19 -44.10 5.81
N LYS H 333 73.36 -44.41 7.09
CA LYS H 333 73.82 -45.74 7.47
C LYS H 333 72.80 -46.80 7.08
N HIS H 334 71.52 -46.53 7.31
CA HIS H 334 70.48 -47.49 6.94
C HIS H 334 70.39 -47.65 5.43
N PHE H 335 70.60 -46.56 4.68
CA PHE H 335 70.61 -46.66 3.23
C PHE H 335 71.79 -47.49 2.74
N GLU H 336 72.96 -47.31 3.35
CA GLU H 336 74.12 -48.10 2.97
C GLU H 336 73.92 -49.57 3.32
N GLU H 337 73.23 -49.85 4.44
CA GLU H 337 73.05 -51.23 4.88
C GLU H 337 72.00 -51.95 4.04
N THR H 338 70.83 -51.33 3.85
CA THR H 338 69.70 -52.00 3.22
C THR H 338 69.40 -51.52 1.80
N GLY H 339 69.68 -50.26 1.48
CA GLY H 339 69.39 -49.73 0.17
C GLY H 339 68.14 -48.88 0.06
N GLU H 340 67.61 -48.40 1.17
CA GLU H 340 66.41 -47.57 1.17
C GLU H 340 66.79 -46.11 1.38
N ASP H 341 66.35 -45.25 0.46
CA ASP H 341 66.65 -43.83 0.55
C ASP H 341 65.76 -43.16 1.59
N GLU H 342 65.81 -41.82 1.63
CA GLU H 342 65.00 -41.08 2.59
C GLU H 342 63.51 -41.23 2.30
N ASN H 343 63.15 -41.38 1.03
CA ASN H 343 61.74 -41.51 0.66
C ASN H 343 61.14 -42.79 1.22
N THR H 344 61.84 -43.91 1.07
CA THR H 344 61.32 -45.18 1.57
C THR H 344 61.19 -45.18 3.08
N GLN H 345 62.21 -44.67 3.78
CA GLN H 345 62.14 -44.62 5.24
C GLN H 345 61.07 -43.67 5.71
N LEU H 346 60.85 -42.56 4.99
CA LEU H 346 59.80 -41.62 5.36
C LEU H 346 58.43 -42.22 5.15
N ILE H 347 58.25 -42.99 4.07
CA ILE H 347 56.99 -43.67 3.84
C ILE H 347 56.75 -44.72 4.92
N GLU H 348 57.81 -45.45 5.31
CA GLU H 348 57.67 -46.43 6.38
C GLU H 348 57.32 -45.78 7.70
N MET H 349 57.87 -44.59 7.96
CA MET H 349 57.52 -43.85 9.17
C MET H 349 56.07 -43.40 9.13
N PHE H 350 55.63 -42.85 8.00
CA PHE H 350 54.24 -42.39 7.89
C PHE H 350 53.26 -43.55 7.95
N CYS H 351 53.70 -44.76 7.58
CA CYS H 351 52.85 -45.93 7.68
C CYS H 351 52.48 -46.25 9.12
N HIS H 352 53.25 -45.77 10.09
CA HIS H 352 52.97 -45.99 11.51
C HIS H 352 52.34 -44.77 12.17
N GLN H 353 51.66 -43.93 11.40
CA GLN H 353 51.04 -42.71 11.92
C GLN H 353 49.53 -42.91 12.03
N THR H 354 48.96 -42.44 13.13
CA THR H 354 47.53 -42.54 13.35
C THR H 354 46.79 -41.46 12.58
N ASP H 355 45.52 -41.73 12.35
CA ASP H 355 44.70 -40.78 11.66
C ASP H 355 44.67 -39.58 12.51
N ARG H 356 44.61 -39.78 13.80
CA ARG H 356 44.48 -38.66 14.67
C ARG H 356 45.69 -37.79 14.53
N GLU H 357 46.85 -38.40 14.43
CA GLU H 357 48.06 -37.65 14.33
C GLU H 357 48.19 -37.01 12.98
N TYR H 358 47.75 -37.70 11.95
CA TYR H 358 47.83 -37.15 10.62
C TYR H 358 47.06 -35.89 10.58
N ARG H 359 45.88 -35.89 11.16
CA ARG H 359 45.05 -34.73 11.08
C ARG H 359 45.72 -33.57 11.75
N ILE H 360 46.44 -33.81 12.84
CA ILE H 360 47.18 -32.76 13.48
C ILE H 360 48.34 -32.30 12.62
N MET H 361 48.99 -33.20 11.92
CA MET H 361 50.14 -32.85 11.12
C MET H 361 49.77 -31.91 10.03
N MET H 362 48.50 -31.83 9.71
CA MET H 362 48.07 -31.02 8.59
C MET H 362 48.34 -29.56 8.77
N GLY H 363 48.71 -29.16 9.96
CA GLY H 363 49.08 -27.78 10.17
C GLY H 363 50.31 -27.44 9.38
N THR H 364 51.06 -28.43 8.95
CA THR H 364 52.27 -28.21 8.20
C THR H 364 52.07 -28.17 6.70
N ASP H 365 50.84 -28.12 6.23
CA ASP H 365 50.53 -28.05 4.81
C ASP H 365 51.08 -26.78 4.23
N ILE H 366 51.59 -26.83 3.01
CA ILE H 366 52.20 -25.67 2.40
C ILE H 366 51.18 -24.67 1.90
N ARG H 367 49.97 -25.09 1.64
CA ARG H 367 48.89 -24.23 1.15
C ARG H 367 48.30 -23.38 2.27
N ILE H 368 48.14 -23.95 3.45
CA ILE H 368 47.57 -23.24 4.59
C ILE H 368 48.45 -23.46 5.83
N PRO H 369 49.62 -22.87 5.90
CA PRO H 369 50.47 -23.06 7.09
C PRO H 369 49.86 -22.38 8.31
N ARG H 370 49.78 -23.13 9.40
CA ARG H 370 49.26 -22.64 10.65
C ARG H 370 50.38 -22.11 11.52
N ASP H 371 50.07 -21.08 12.30
CA ASP H 371 51.05 -20.47 13.20
C ASP H 371 51.64 -21.53 14.12
N PRO H 372 52.96 -21.77 14.06
CA PRO H 372 53.54 -22.82 14.92
C PRO H 372 53.35 -22.56 16.39
N LEU H 373 53.32 -21.30 16.82
CA LEU H 373 53.04 -21.00 18.23
C LEU H 373 51.67 -21.52 18.63
N ALA H 374 50.66 -21.29 17.79
CA ALA H 374 49.33 -21.81 18.08
C ALA H 374 49.29 -23.32 17.98
N MET H 375 50.07 -23.90 17.06
CA MET H 375 50.10 -25.35 16.90
C MET H 375 50.70 -26.02 18.13
N ARG H 376 51.68 -25.39 18.76
CA ARG H 376 52.40 -25.98 19.88
C ARG H 376 51.99 -25.36 21.21
N MET H 377 50.85 -24.69 21.26
CA MET H 377 50.36 -24.12 22.51
C MET H 377 49.87 -25.23 23.45
N ARG H 378 49.65 -24.84 24.70
CA ARG H 378 49.12 -25.74 25.72
C ARG H 378 47.67 -25.40 26.00
N GLU H 379 46.94 -26.38 26.55
CA GLU H 379 45.53 -26.16 26.86
C GLU H 379 45.37 -25.06 27.92
N ASP H 380 46.35 -24.92 28.81
CA ASP H 380 46.27 -23.88 29.83
C ASP H 380 46.27 -22.48 29.20
N GLN H 381 47.08 -22.29 28.14
CA GLN H 381 47.11 -21.00 27.47
C GLN H 381 45.88 -20.79 26.60
N ILE H 382 45.40 -21.86 25.95
CA ILE H 382 44.25 -21.73 25.06
C ILE H 382 42.99 -21.43 25.86
N LYS H 383 42.87 -21.99 27.07
CA LYS H 383 41.70 -21.73 27.90
C LYS H 383 41.62 -20.26 28.29
N GLN H 384 42.77 -19.58 28.33
CA GLN H 384 42.78 -18.15 28.66
C GLN H 384 42.27 -17.27 27.53
N ILE H 385 42.07 -17.83 26.33
CA ILE H 385 41.61 -17.03 25.20
C ILE H 385 40.20 -16.50 25.48
N TRP H 386 39.29 -17.38 25.88
CA TRP H 386 37.92 -16.98 26.18
C TRP H 386 37.71 -16.65 27.66
N GLY H 387 38.66 -17.00 28.53
CA GLY H 387 38.57 -16.66 29.94
C GLY H 387 38.39 -17.83 30.88
N GLY H 388 38.73 -19.05 30.47
CA GLY H 388 38.61 -20.20 31.34
C GLY H 388 37.22 -20.82 31.28
N ASP H 389 37.01 -21.80 32.16
CA ASP H 389 35.75 -22.51 32.19
C ASP H 389 34.61 -21.55 32.60
N PRO H 390 33.43 -21.72 32.01
CA PRO H 390 32.31 -20.84 32.36
C PRO H 390 31.85 -21.08 33.79
N VAL H 391 31.35 -20.01 34.42
CA VAL H 391 30.84 -20.12 35.78
C VAL H 391 29.62 -21.03 35.82
N TYR H 392 28.70 -20.85 34.88
CA TYR H 392 27.52 -21.69 34.82
C TYR H 392 27.89 -23.03 34.17
N PRO H 393 27.53 -24.16 34.79
CA PRO H 393 27.95 -25.46 34.25
C PRO H 393 27.36 -25.71 32.88
N THR H 394 28.21 -26.20 31.97
CA THR H 394 27.76 -26.51 30.62
C THR H 394 26.86 -27.74 30.59
N ILE H 395 27.02 -28.63 31.58
CA ILE H 395 26.24 -29.87 31.61
C ILE H 395 24.74 -29.61 31.65
N ASN H 396 24.32 -28.42 32.12
CA ASN H 396 22.91 -28.09 32.10
C ASN H 396 22.38 -27.95 30.67
N TYR H 397 23.19 -27.35 29.79
CA TYR H 397 22.76 -27.18 28.40
C TYR H 397 22.87 -28.47 27.61
N ILE H 398 23.82 -29.33 27.97
CA ILE H 398 24.07 -30.55 27.21
C ILE H 398 22.86 -31.48 27.30
N GLN H 399 22.47 -32.04 26.15
CA GLN H 399 21.33 -32.94 26.08
C GLN H 399 21.63 -34.03 25.08
N ASP H 400 21.18 -35.25 25.38
CA ASP H 400 21.42 -36.38 24.51
C ASP H 400 20.66 -36.20 23.20
N PRO H 401 21.33 -36.46 22.07
CA PRO H 401 20.64 -36.26 20.77
C PRO H 401 19.44 -37.18 20.57
N ASP H 402 19.62 -38.48 20.78
CA ASP H 402 18.52 -39.45 20.65
C ASP H 402 17.89 -39.69 22.03
N GLU H 403 17.22 -38.67 22.53
CA GLU H 403 16.56 -38.70 23.83
C GLU H 403 15.08 -38.39 23.65
N VAL H 404 14.24 -39.26 24.18
CA VAL H 404 12.80 -39.05 24.16
C VAL H 404 12.42 -38.21 25.38
N ILE H 405 11.84 -37.04 25.13
CA ILE H 405 11.52 -36.11 26.21
C ILE H 405 10.39 -36.70 27.06
N ASP H 406 10.67 -36.88 28.35
CA ASP H 406 9.66 -37.34 29.29
C ASP H 406 8.86 -36.14 29.78
N TYR H 407 7.57 -36.10 29.43
CA TYR H 407 6.71 -35.00 29.82
C TYR H 407 6.21 -35.11 31.26
N ARG H 408 6.65 -36.12 32.00
CA ARG H 408 6.32 -36.27 33.41
C ARG H 408 7.45 -35.77 34.32
N GLY H 409 8.33 -34.94 33.80
CA GLY H 409 9.44 -34.42 34.58
C GLY H 409 9.02 -33.27 35.47
N PRO H 410 9.99 -32.75 36.23
CA PRO H 410 9.67 -31.65 37.16
C PRO H 410 9.48 -30.32 36.47
N ASP H 411 9.95 -30.15 35.24
CA ASP H 411 9.86 -28.87 34.54
C ASP H 411 8.61 -28.77 33.65
N PHE H 412 7.80 -29.81 33.57
CA PHE H 412 6.59 -29.80 32.77
C PHE H 412 5.36 -29.73 33.67
N HIS H 413 4.29 -29.16 33.13
CA HIS H 413 3.05 -29.00 33.88
C HIS H 413 2.30 -30.32 33.94
N GLU H 414 1.15 -30.28 34.63
CA GLU H 414 0.31 -31.46 34.74
C GLU H 414 -0.27 -31.82 33.37
N PRO H 415 -0.56 -33.10 33.13
CA PRO H 415 -1.13 -33.50 31.84
C PRO H 415 -2.45 -32.80 31.58
N THR H 416 -2.67 -32.47 30.31
CA THR H 416 -3.89 -31.76 29.93
C THR H 416 -5.08 -32.71 29.93
N PRO H 417 -6.13 -32.41 30.70
CA PRO H 417 -7.30 -33.28 30.71
C PRO H 417 -8.20 -33.04 29.51
N ASN H 418 -8.72 -34.13 28.93
CA ASN H 418 -9.66 -34.00 27.83
C ASN H 418 -10.89 -33.24 28.29
N MET H 419 -11.34 -32.28 27.45
CA MET H 419 -12.43 -31.40 27.86
C MET H 419 -13.70 -32.17 28.16
N LEU H 420 -14.06 -33.12 27.30
CA LEU H 420 -15.29 -33.89 27.51
C LEU H 420 -15.23 -34.69 28.80
N ALA H 421 -14.12 -35.41 29.02
CA ALA H 421 -13.98 -36.21 30.23
C ALA H 421 -13.92 -35.33 31.47
N TYR H 422 -13.23 -34.19 31.36
CA TYR H 422 -13.14 -33.28 32.50
C TYR H 422 -14.50 -32.71 32.88
N LEU H 423 -15.33 -32.40 31.88
CA LEU H 423 -16.66 -31.88 32.16
C LEU H 423 -17.59 -32.98 32.65
N LYS H 424 -17.37 -34.22 32.21
CA LYS H 424 -18.20 -35.32 32.68
C LYS H 424 -17.89 -35.70 34.12
N GLU H 425 -16.60 -35.69 34.48
CA GLU H 425 -16.22 -36.12 35.83
C GLU H 425 -16.74 -35.15 36.88
N HIS H 426 -16.77 -33.85 36.57
CA HIS H 426 -17.26 -32.86 37.51
C HIS H 426 -18.77 -32.69 37.48
N GLY H 427 -19.46 -33.35 36.56
CA GLY H 427 -20.90 -33.25 36.47
C GLY H 427 -21.42 -32.14 35.59
N LYS H 428 -20.55 -31.46 34.84
CA LYS H 428 -21.01 -30.39 33.97
C LYS H 428 -21.81 -30.93 32.79
N ILE H 429 -21.36 -32.03 32.20
CA ILE H 429 -22.03 -32.65 31.06
C ILE H 429 -22.41 -34.07 31.45
N ILE H 430 -23.69 -34.39 31.31
CA ILE H 430 -24.16 -35.74 31.64
C ILE H 430 -24.03 -36.65 30.42
N SER H 431 -24.09 -37.95 30.65
CA SER H 431 -24.04 -38.92 29.57
C SER H 431 -25.42 -39.06 28.93
N ARG H 432 -25.43 -39.72 27.76
CA ARG H 432 -26.70 -39.95 27.06
C ARG H 432 -27.61 -40.88 27.84
N GLU H 433 -27.01 -41.79 28.63
CA GLU H 433 -27.82 -42.73 29.41
C GLU H 433 -28.64 -42.01 30.47
N GLU H 434 -28.04 -41.02 31.14
CA GLU H 434 -28.77 -40.29 32.17
C GLU H 434 -29.93 -39.50 31.58
N LEU H 435 -29.69 -38.83 30.45
CA LEU H 435 -30.76 -38.08 29.80
C LEU H 435 -31.87 -39.02 29.31
N GLU H 436 -31.48 -40.18 28.77
CA GLU H 436 -32.48 -41.15 28.32
C GLU H 436 -33.32 -41.66 29.49
N LYS H 437 -32.68 -41.94 30.62
CA LYS H 437 -33.42 -42.40 31.80
C LYS H 437 -34.35 -41.31 32.33
N ILE H 438 -33.89 -40.06 32.33
CA ILE H 438 -34.73 -38.96 32.79
C ILE H 438 -35.93 -38.78 31.87
N LEU H 439 -35.71 -38.86 30.56
CA LEU H 439 -36.82 -38.71 29.61
C LEU H 439 -37.80 -39.88 29.73
N ALA H 440 -37.29 -41.10 29.92
CA ALA H 440 -38.17 -42.25 30.10
C ALA H 440 -38.99 -42.12 31.38
N LYS H 441 -38.37 -41.64 32.46
CA LYS H 441 -39.11 -41.42 33.71
C LYS H 441 -40.18 -40.36 33.54
N GLU H 442 -39.85 -39.26 32.83
CA GLU H 442 -40.83 -38.21 32.61
C GLU H 442 -41.99 -38.71 31.75
N LYS H 443 -41.69 -39.57 30.77
CA LYS H 443 -42.75 -40.11 29.92
C LYS H 443 -43.63 -41.09 30.69
N THR H 444 -43.01 -41.92 31.54
CA THR H 444 -43.79 -42.86 32.34
C THR H 444 -44.66 -42.13 33.36
N GLU H 445 -44.16 -41.04 33.92
CA GLU H 445 -44.96 -40.26 34.86
C GLU H 445 -46.17 -39.63 34.17
N GLU H 446 -46.03 -39.29 32.89
CA GLU H 446 -47.13 -38.68 32.15
C GLU H 446 -48.00 -39.75 31.48
N PHE I 111 60.91 -40.63 45.77
CA PHE I 111 60.72 -40.80 47.21
C PHE I 111 59.72 -39.81 47.83
N PRO I 112 59.84 -38.51 47.52
CA PRO I 112 58.86 -37.56 48.06
C PRO I 112 57.47 -37.79 47.47
N TYR I 113 56.45 -37.54 48.29
CA TYR I 113 55.08 -37.68 47.85
C TYR I 113 54.77 -36.65 46.77
N PRO I 114 53.74 -36.90 45.95
CA PRO I 114 53.36 -35.91 44.93
C PRO I 114 53.09 -34.54 45.53
N ASN I 115 53.30 -33.51 44.71
CA ASN I 115 53.22 -32.14 45.21
C ASN I 115 51.84 -31.76 45.74
N PRO I 116 50.73 -32.07 45.09
CA PRO I 116 49.41 -31.78 45.69
C PRO I 116 49.18 -32.65 46.92
N PRO I 117 48.95 -32.04 48.08
CA PRO I 117 48.76 -32.84 49.29
C PRO I 117 47.49 -33.69 49.22
N LEU I 118 47.65 -34.97 49.52
CA LEU I 118 46.53 -35.89 49.46
C LEU I 118 45.71 -35.83 50.75
N VAL I 119 44.41 -36.04 50.61
CA VAL I 119 43.48 -36.09 51.73
C VAL I 119 42.71 -37.40 51.67
N ILE I 120 42.02 -37.71 52.75
CA ILE I 120 41.25 -38.95 52.87
C ILE I 120 39.84 -38.61 53.30
N CYS I 121 38.86 -39.13 52.56
CA CYS I 121 37.45 -39.04 52.92
C CYS I 121 36.99 -40.41 53.39
N PHE I 122 36.56 -40.50 54.65
CA PHE I 122 36.20 -41.76 55.28
C PHE I 122 34.72 -41.74 55.63
N GLY I 123 34.03 -42.80 55.25
CA GLY I 123 32.61 -42.91 55.52
C GLY I 123 31.97 -43.90 54.56
N ALA I 124 30.69 -43.66 54.27
CA ALA I 124 29.90 -44.53 53.41
C ALA I 124 29.70 -43.87 52.06
N ALA I 125 29.82 -44.66 50.99
CA ALA I 125 29.61 -44.17 49.63
C ALA I 125 28.13 -44.30 49.29
N GLN I 126 27.48 -43.16 49.03
CA GLN I 126 26.06 -43.12 48.71
C GLN I 126 25.84 -42.18 47.54
N LYS I 127 24.88 -42.52 46.68
CA LYS I 127 24.66 -41.75 45.46
C LYS I 127 24.23 -40.32 45.78
N GLU I 128 23.07 -40.17 46.43
CA GLU I 128 22.51 -38.85 46.70
C GLU I 128 21.93 -38.76 48.11
N PHE I 129 22.61 -39.35 49.09
CA PHE I 129 22.08 -39.39 50.44
C PHE I 129 22.08 -38.01 51.09
N VAL I 130 21.04 -37.71 51.85
CA VAL I 130 20.91 -36.47 52.61
C VAL I 130 20.72 -36.84 54.07
N PRO I 131 21.75 -36.73 54.92
CA PRO I 131 21.59 -37.15 56.32
C PRO I 131 20.81 -36.14 57.16
N THR I 132 20.97 -34.85 56.89
CA THR I 132 20.40 -33.79 57.71
C THR I 132 18.91 -33.69 57.42
N VAL I 133 18.09 -34.30 58.27
CA VAL I 133 16.64 -34.28 58.14
C VAL I 133 16.04 -33.74 59.43
N ARG I 134 15.17 -32.74 59.32
CA ARG I 134 14.43 -32.19 60.44
C ARG I 134 12.98 -31.98 60.01
N VAL I 135 12.22 -31.27 60.84
CA VAL I 135 10.81 -31.02 60.60
C VAL I 135 10.66 -29.65 59.97
N SER I 136 10.18 -29.62 58.73
CA SER I 136 9.95 -28.37 58.02
C SER I 136 8.52 -27.90 58.24
N HIS I 137 8.37 -26.59 58.49
CA HIS I 137 7.04 -26.03 58.72
C HIS I 137 6.27 -25.92 57.41
N GLU I 138 6.93 -25.51 56.33
CA GLU I 138 6.28 -25.34 55.04
C GLU I 138 6.29 -26.65 54.26
N GLN I 139 5.11 -27.03 53.73
CA GLN I 139 4.96 -28.25 52.97
C GLN I 139 4.24 -27.94 51.66
N MET I 140 4.71 -28.57 50.58
CA MET I 140 4.10 -28.43 49.26
C MET I 140 3.15 -29.58 48.99
N HIS I 141 2.67 -29.65 47.75
CA HIS I 141 1.74 -30.70 47.36
C HIS I 141 2.38 -32.06 47.52
N GLN I 142 1.59 -33.01 48.02
CA GLN I 142 2.12 -34.35 48.31
C GLN I 142 2.50 -35.10 47.04
N ASP I 143 1.69 -34.98 45.99
CA ASP I 143 1.89 -35.74 44.77
C ASP I 143 2.60 -34.97 43.67
N LYS I 144 2.37 -33.66 43.55
CA LYS I 144 2.96 -32.88 42.46
C LYS I 144 4.39 -32.53 42.83
N TYR I 145 5.36 -33.21 42.22
CA TYR I 145 6.77 -32.95 42.45
C TYR I 145 7.30 -31.84 41.54
N SER I 146 6.43 -31.17 40.79
CA SER I 146 6.82 -30.03 39.98
C SER I 146 6.69 -28.71 40.73
N GLU I 147 6.14 -28.74 41.94
CA GLU I 147 6.03 -27.57 42.80
C GLU I 147 7.01 -27.61 43.96
N TRP I 148 7.83 -28.65 44.05
CA TRP I 148 8.81 -28.79 45.12
C TRP I 148 10.05 -27.93 44.91
N LYS I 149 10.23 -27.39 43.70
CA LYS I 149 11.35 -26.47 43.47
C LYS I 149 11.13 -25.13 44.16
N MET I 150 9.88 -24.79 44.50
CA MET I 150 9.61 -23.59 45.27
C MET I 150 10.20 -23.65 46.66
N LEU I 151 10.55 -24.85 47.10
CA LEU I 151 11.14 -25.01 48.43
C LEU I 151 12.62 -25.01 48.33
N GLN I 152 13.18 -25.29 47.16
CA GLN I 152 14.60 -25.15 46.99
C GLN I 152 14.87 -23.68 47.02
N TRP I 153 13.98 -22.90 46.46
CA TRP I 153 14.14 -21.46 46.41
C TRP I 153 14.20 -20.86 47.80
N ASN I 154 13.22 -21.10 48.66
CA ASN I 154 13.32 -20.64 50.04
C ASN I 154 13.44 -21.93 50.85
N PRO I 155 14.71 -22.38 51.11
CA PRO I 155 14.74 -23.69 51.78
C PRO I 155 14.62 -23.54 53.28
N PRO I 156 14.32 -24.61 53.99
CA PRO I 156 14.33 -24.56 55.46
C PRO I 156 15.74 -24.25 55.97
N GLU I 157 15.81 -23.57 57.11
CA GLU I 157 17.08 -23.12 57.69
C GLU I 157 18.13 -24.23 57.74
N PHE I 158 17.73 -25.43 58.18
CA PHE I 158 18.69 -26.52 58.34
C PHE I 158 19.14 -27.07 56.98
N VAL I 159 18.33 -26.92 55.94
CA VAL I 159 18.64 -27.51 54.64
C VAL I 159 19.04 -26.41 53.67
N ARG I 160 19.57 -25.29 54.18
CA ARG I 160 20.01 -24.22 53.31
C ARG I 160 21.21 -24.62 52.47
N ALA I 161 22.18 -25.29 53.07
CA ALA I 161 23.35 -25.82 52.35
C ALA I 161 23.67 -27.20 52.88
N PRO I 162 22.86 -28.20 52.51
CA PRO I 162 23.07 -29.55 53.04
C PRO I 162 24.35 -30.18 52.53
N GLY I 163 24.89 -31.09 53.32
CA GLY I 163 26.02 -31.89 52.91
C GLY I 163 25.63 -33.35 52.87
N GLY I 164 26.35 -34.10 52.05
CA GLY I 164 26.01 -35.49 51.82
C GLY I 164 27.11 -36.47 52.16
N PRO I 165 27.27 -37.49 51.34
CA PRO I 165 28.25 -38.54 51.63
C PRO I 165 29.67 -38.02 51.51
N PRO I 166 30.63 -38.68 52.17
CA PRO I 166 32.03 -38.25 52.04
C PRO I 166 32.57 -38.37 50.63
N SER I 167 32.00 -39.27 49.82
CA SER I 167 32.47 -39.44 48.45
C SER I 167 32.26 -38.17 47.63
N ASN I 168 31.16 -37.45 47.88
CA ASN I 168 30.93 -36.19 47.18
C ASN I 168 32.02 -35.18 47.52
N VAL I 169 32.49 -35.18 48.77
CA VAL I 169 33.55 -34.27 49.18
C VAL I 169 34.83 -34.57 48.40
N ALA I 170 35.17 -35.85 48.26
CA ALA I 170 36.37 -36.22 47.51
C ALA I 170 36.22 -35.87 46.04
N ILE I 171 35.03 -36.10 45.47
CA ILE I 171 34.81 -35.75 44.07
C ILE I 171 34.98 -34.26 43.84
N SER I 172 34.39 -33.44 44.72
CA SER I 172 34.54 -31.99 44.58
C SER I 172 35.98 -31.55 44.77
N HIS I 173 36.67 -32.14 45.75
CA HIS I 173 38.07 -31.81 45.99
C HIS I 173 38.92 -32.10 44.75
N VAL I 174 38.70 -33.25 44.12
CA VAL I 174 39.46 -33.59 42.92
C VAL I 174 39.09 -32.65 41.78
N ARG I 175 37.81 -32.30 41.66
CA ARG I 175 37.40 -31.40 40.58
C ARG I 175 37.94 -29.99 40.81
N LEU I 176 38.05 -29.57 42.07
CA LEU I 176 38.61 -28.26 42.40
C LEU I 176 40.13 -28.24 42.35
N GLY I 177 40.76 -29.29 41.82
CA GLY I 177 42.21 -29.35 41.78
C GLY I 177 42.79 -29.98 43.03
N GLY I 178 43.54 -31.04 42.87
CA GLY I 178 44.16 -31.70 44.00
C GLY I 178 44.05 -33.21 43.87
N ARG I 179 44.45 -33.88 44.94
CA ARG I 179 44.45 -35.34 45.00
C ARG I 179 43.71 -35.79 46.25
N ALA I 180 42.88 -36.81 46.11
CA ALA I 180 42.09 -37.30 47.23
C ALA I 180 41.86 -38.81 47.07
N ALA I 181 41.54 -39.46 48.18
CA ALA I 181 41.29 -40.89 48.20
C ALA I 181 40.12 -41.18 49.12
N PHE I 182 39.37 -42.22 48.76
CA PHE I 182 38.20 -42.64 49.52
C PHE I 182 38.51 -43.93 50.26
N MET I 183 38.18 -43.97 51.55
CA MET I 183 38.44 -45.13 52.40
C MET I 183 37.10 -45.68 52.89
N GLY I 184 36.74 -46.86 52.41
CA GLY I 184 35.50 -47.51 52.81
C GLY I 184 35.40 -48.86 52.16
N LYS I 185 34.26 -49.51 52.38
CA LYS I 185 33.98 -50.81 51.80
C LYS I 185 32.67 -50.81 51.05
N VAL I 186 32.67 -51.40 49.86
CA VAL I 186 31.47 -51.57 49.04
C VAL I 186 31.44 -53.00 48.53
N GLY I 187 30.23 -53.56 48.42
CA GLY I 187 30.10 -54.93 47.98
C GLY I 187 30.42 -55.12 46.52
N ASN I 188 30.45 -56.39 46.11
CA ASN I 188 30.73 -56.75 44.73
C ASN I 188 29.50 -56.69 43.84
N ASP I 189 28.43 -56.05 44.31
CA ASP I 189 27.22 -55.91 43.50
C ASP I 189 27.42 -54.86 42.41
N GLU I 190 26.39 -54.70 41.58
CA GLU I 190 26.47 -53.75 40.48
C GLU I 190 26.54 -52.31 40.99
N PHE I 191 25.88 -52.02 42.12
CA PHE I 191 25.89 -50.67 42.64
C PHE I 191 27.27 -50.27 43.14
N GLY I 192 27.95 -51.17 43.85
CA GLY I 192 29.28 -50.87 44.34
C GLY I 192 30.27 -50.64 43.21
N GLN I 193 30.24 -51.51 42.21
CA GLN I 193 31.12 -51.33 41.05
C GLN I 193 30.77 -50.08 40.26
N GLU I 194 29.48 -49.72 40.21
CA GLU I 194 29.07 -48.49 39.54
C GLU I 194 29.65 -47.27 40.26
N MET I 195 29.57 -47.25 41.60
CA MET I 195 30.13 -46.13 42.35
C MET I 195 31.64 -46.08 42.24
N VAL I 196 32.29 -47.25 42.22
CA VAL I 196 33.74 -47.28 42.07
C VAL I 196 34.15 -46.75 40.69
N LEU I 197 33.41 -47.15 39.65
CA LEU I 197 33.70 -46.63 38.31
C LEU I 197 33.45 -45.13 38.23
N LEU I 198 32.40 -44.64 38.90
CA LEU I 198 32.12 -43.21 38.92
C LEU I 198 33.26 -42.44 39.59
N MET I 199 33.78 -42.99 40.70
CA MET I 199 34.88 -42.33 41.39
C MET I 199 36.17 -42.38 40.56
N ASN I 200 36.39 -43.49 39.85
CA ASN I 200 37.63 -43.63 39.10
C ASN I 200 37.62 -42.75 37.85
N LYS I 201 36.46 -42.59 37.21
CA LYS I 201 36.39 -41.73 36.03
C LYS I 201 36.70 -40.28 36.39
N GLU I 202 36.37 -39.87 37.60
CA GLU I 202 36.68 -38.53 38.08
C GLU I 202 38.02 -38.45 38.80
N LYS I 203 38.89 -39.45 38.59
CA LYS I 203 40.26 -39.45 39.11
C LYS I 203 40.28 -39.37 40.63
N VAL I 204 39.56 -40.29 41.26
CA VAL I 204 39.61 -40.46 42.71
C VAL I 204 40.21 -41.83 43.01
N GLN I 205 41.13 -41.84 43.96
CA GLN I 205 41.86 -43.06 44.32
C GLN I 205 40.93 -44.03 45.05
N THR I 206 41.07 -45.30 44.72
CA THR I 206 40.26 -46.34 45.35
C THR I 206 41.09 -47.49 45.90
N ARG I 207 42.40 -47.32 46.10
CA ARG I 207 43.24 -48.37 46.65
C ARG I 207 42.89 -48.65 48.11
N ALA I 208 42.12 -47.75 48.73
CA ALA I 208 41.64 -47.93 50.09
C ALA I 208 40.19 -48.40 50.12
N VAL I 209 39.64 -48.78 48.97
CA VAL I 209 38.28 -49.29 48.86
C VAL I 209 38.35 -50.80 48.72
N LYS I 210 37.62 -51.51 49.57
CA LYS I 210 37.64 -52.97 49.60
C LYS I 210 36.33 -53.54 49.08
N PHE I 211 36.41 -54.74 48.51
CA PHE I 211 35.28 -55.44 47.95
C PHE I 211 34.98 -56.69 48.77
N ASP I 212 33.73 -56.83 49.20
CA ASP I 212 33.28 -58.01 49.94
C ASP I 212 32.12 -58.64 49.18
N ASP I 213 32.29 -59.89 48.76
CA ASP I 213 31.22 -60.57 48.03
C ASP I 213 30.13 -61.05 48.97
N SER I 214 30.45 -61.20 50.26
CA SER I 214 29.50 -61.75 51.21
C SER I 214 28.29 -60.84 51.45
N MET I 215 28.44 -59.53 51.21
CA MET I 215 27.37 -58.58 51.46
C MET I 215 27.16 -57.70 50.23
N ARG I 216 25.97 -57.11 50.16
CA ARG I 216 25.58 -56.25 49.05
C ARG I 216 25.43 -54.81 49.52
N THR I 217 25.98 -53.88 48.74
CA THR I 217 26.03 -52.49 49.15
C THR I 217 24.64 -51.85 49.09
N GLY I 218 24.33 -51.06 50.12
CA GLY I 218 23.14 -50.22 50.11
C GLY I 218 21.94 -50.80 50.82
N CYS I 219 21.93 -52.09 51.12
CA CYS I 219 20.78 -52.76 51.70
C CYS I 219 21.14 -53.27 53.08
N THR I 220 20.31 -52.91 54.07
CA THR I 220 20.50 -53.31 55.46
C THR I 220 19.30 -54.12 55.92
N HIS I 221 19.52 -55.39 56.22
CA HIS I 221 18.43 -56.24 56.67
C HIS I 221 17.95 -55.83 58.06
N MET I 222 16.64 -55.82 58.24
CA MET I 222 16.04 -55.44 59.52
C MET I 222 14.83 -56.32 59.80
N LYS I 223 14.29 -56.16 61.00
CA LYS I 223 13.12 -56.92 61.45
C LYS I 223 12.15 -55.96 62.11
N ILE I 224 10.86 -56.07 61.76
CA ILE I 224 9.87 -55.15 62.29
C ILE I 224 9.65 -55.38 63.79
N LYS I 225 9.30 -56.60 64.17
CA LYS I 225 9.11 -56.98 65.57
C LYS I 225 8.16 -56.01 66.29
N PHE I 226 6.93 -55.97 65.79
CA PHE I 226 5.93 -55.06 66.33
C PHE I 226 5.48 -55.52 67.71
N GLU I 227 5.74 -54.70 68.72
CA GLU I 227 5.27 -54.95 70.07
C GLU I 227 5.00 -53.63 70.80
N ASP I 228 3.74 -53.19 70.76
CA ASP I 228 3.25 -51.90 71.26
C ASP I 228 3.81 -50.74 70.43
N GLY I 229 4.64 -51.03 69.43
CA GLY I 229 5.22 -50.00 68.58
C GLY I 229 6.13 -50.64 67.57
N LYS I 230 6.40 -49.91 66.49
CA LYS I 230 7.22 -50.40 65.40
C LYS I 230 8.69 -50.16 65.77
N MET I 231 9.30 -51.13 66.44
CA MET I 231 10.68 -51.02 66.90
C MET I 231 11.54 -51.98 66.09
N LYS I 232 12.32 -51.44 65.16
CA LYS I 232 13.15 -52.24 64.28
C LYS I 232 14.50 -52.54 64.92
N VAL I 233 15.19 -53.54 64.37
CA VAL I 233 16.52 -53.92 64.83
C VAL I 233 17.30 -54.40 63.62
N GLU I 234 18.62 -54.24 63.67
CA GLU I 234 19.49 -54.53 62.54
C GLU I 234 20.01 -55.96 62.65
N LYS I 235 19.57 -56.82 61.73
CA LYS I 235 20.10 -58.18 61.68
C LYS I 235 21.48 -58.19 61.05
N VAL I 236 21.62 -57.58 59.87
CA VAL I 236 22.89 -57.44 59.18
C VAL I 236 23.10 -55.96 58.85
N LYS I 237 24.33 -55.61 58.51
CA LYS I 237 24.68 -54.25 58.15
C LYS I 237 25.26 -54.22 56.75
N GLU I 238 25.15 -53.08 56.10
CA GLU I 238 25.64 -52.90 54.74
C GLU I 238 27.16 -52.76 54.75
N PRO I 239 27.81 -53.10 53.63
CA PRO I 239 29.27 -52.89 53.54
C PRO I 239 29.67 -51.44 53.69
N ALA I 240 28.82 -50.50 53.29
CA ALA I 240 29.11 -49.09 53.46
C ALA I 240 29.29 -48.74 54.93
N GLU I 241 28.64 -49.48 55.83
CA GLU I 241 28.73 -49.24 57.26
C GLU I 241 29.52 -50.32 57.99
N ASP I 242 30.21 -51.21 57.25
CA ASP I 242 30.96 -52.31 57.84
C ASP I 242 32.39 -52.30 57.27
N SER I 243 33.29 -51.60 57.94
CA SER I 243 34.70 -51.59 57.61
C SER I 243 35.50 -52.05 58.83
N LEU I 244 36.30 -53.10 58.63
CA LEU I 244 37.08 -53.67 59.72
C LEU I 244 38.31 -52.82 60.01
N SER I 245 38.54 -52.53 61.29
CA SER I 245 39.68 -51.71 61.67
C SER I 245 41.00 -52.40 61.36
N SER I 246 41.04 -53.73 61.45
CA SER I 246 42.31 -54.44 61.34
C SER I 246 42.79 -54.53 59.91
N SER I 247 42.03 -55.19 59.04
CA SER I 247 42.51 -55.57 57.71
C SER I 247 41.89 -54.76 56.59
N GLU I 248 41.10 -53.72 56.90
CA GLU I 248 40.48 -52.90 55.87
C GLU I 248 40.94 -51.46 55.91
N LEU I 249 42.10 -51.19 56.50
CA LEU I 249 42.68 -49.85 56.53
C LEU I 249 44.03 -49.89 55.83
N ASN I 250 44.15 -49.12 54.74
CA ASN I 250 45.42 -49.02 54.02
C ASN I 250 46.31 -48.02 54.73
N LEU I 251 47.51 -48.47 55.13
CA LEU I 251 48.41 -47.63 55.90
C LEU I 251 49.17 -46.62 55.05
N ASP I 252 49.45 -46.94 53.78
CA ASP I 252 50.16 -45.99 52.93
C ASP I 252 49.33 -44.74 52.68
N VAL I 253 48.03 -44.91 52.42
CA VAL I 253 47.16 -43.75 52.20
C VAL I 253 47.08 -42.91 53.46
N LEU I 254 47.12 -43.55 54.64
CA LEU I 254 47.14 -42.81 55.88
C LEU I 254 48.46 -42.06 56.07
N LYS I 255 49.57 -42.64 55.59
CA LYS I 255 50.86 -41.96 55.67
C LYS I 255 50.88 -40.73 54.76
N GLU I 256 50.40 -40.89 53.53
CA GLU I 256 50.45 -39.78 52.57
C GLU I 256 49.46 -38.68 52.93
N ALA I 257 48.35 -39.04 53.56
CA ALA I 257 47.30 -38.07 53.85
C ALA I 257 47.76 -37.02 54.86
N ARG I 258 47.49 -35.76 54.56
CA ARG I 258 47.70 -34.67 55.50
C ARG I 258 46.42 -34.25 56.21
N ILE I 259 45.25 -34.55 55.64
CA ILE I 259 43.97 -34.23 56.24
C ILE I 259 43.09 -35.47 56.19
N PHE I 260 42.43 -35.77 57.31
CA PHE I 260 41.55 -36.93 57.43
C PHE I 260 40.12 -36.44 57.64
N HIS I 261 39.26 -36.70 56.66
CA HIS I 261 37.89 -36.21 56.68
C HIS I 261 36.91 -37.36 56.91
N PHE I 262 35.92 -37.12 57.76
CA PHE I 262 34.87 -38.10 58.03
C PHE I 262 33.68 -37.37 58.64
N ASN I 263 32.51 -37.99 58.54
CA ASN I 263 31.27 -37.42 59.04
C ASN I 263 30.77 -38.23 60.22
N SER I 264 29.78 -37.67 60.93
CA SER I 264 29.19 -38.35 62.07
C SER I 264 28.33 -39.54 61.68
N GLU I 265 28.12 -39.78 60.38
CA GLU I 265 27.32 -40.91 59.95
C GLU I 265 27.95 -42.22 60.38
N VAL I 266 29.29 -42.28 60.45
CA VAL I 266 29.97 -43.49 60.88
C VAL I 266 29.72 -43.75 62.36
N LEU I 267 29.42 -42.70 63.13
CA LEU I 267 29.19 -42.89 64.56
C LEU I 267 27.88 -43.61 64.84
N THR I 268 26.95 -43.60 63.89
CA THR I 268 25.68 -44.28 64.10
C THR I 268 25.86 -45.79 64.22
N SER I 269 26.74 -46.37 63.40
CA SER I 269 26.99 -47.79 63.45
C SER I 269 27.87 -48.14 64.66
N SER I 270 27.92 -49.43 64.98
CA SER I 270 28.70 -49.93 66.10
C SER I 270 29.92 -50.72 65.64
N SER I 271 30.10 -50.87 64.33
CA SER I 271 31.24 -51.57 63.76
C SER I 271 32.21 -50.64 63.03
N MET I 272 31.89 -49.35 62.94
CA MET I 272 32.77 -48.39 62.28
C MET I 272 33.37 -47.36 63.21
N ARG I 273 32.87 -47.24 64.46
CA ARG I 273 33.47 -46.29 65.40
C ARG I 273 34.90 -46.68 65.73
N SER I 274 35.14 -47.97 66.01
CA SER I 274 36.50 -48.42 66.29
C SER I 274 37.40 -48.24 65.07
N THR I 275 36.87 -48.50 63.87
CA THR I 275 37.65 -48.30 62.66
C THR I 275 38.02 -46.83 62.48
N LEU I 276 37.08 -45.93 62.73
CA LEU I 276 37.36 -44.50 62.60
C LEU I 276 38.39 -44.06 63.63
N PHE I 277 38.28 -44.55 64.87
CA PHE I 277 39.26 -44.19 65.89
C PHE I 277 40.65 -44.72 65.55
N LYS I 278 40.71 -45.95 65.04
CA LYS I 278 42.00 -46.52 64.63
C LYS I 278 42.61 -45.73 63.48
N ALA I 279 41.78 -45.35 62.50
CA ALA I 279 42.28 -44.55 61.38
C ALA I 279 42.75 -43.18 61.83
N ILE I 280 42.04 -42.56 62.77
CA ILE I 280 42.46 -41.27 63.31
C ILE I 280 43.80 -41.41 64.02
N SER I 281 43.94 -42.46 64.83
CA SER I 281 45.20 -42.67 65.54
C SER I 281 46.35 -42.91 64.57
N LEU I 282 46.12 -43.70 63.53
CA LEU I 282 47.17 -43.97 62.56
C LEU I 282 47.54 -42.71 61.78
N SER I 283 46.54 -41.88 61.43
CA SER I 283 46.82 -40.65 60.72
C SER I 283 47.61 -39.67 61.58
N LYS I 284 47.24 -39.56 62.86
CA LYS I 284 47.99 -38.69 63.77
C LYS I 284 49.37 -39.25 64.04
N LYS I 285 49.55 -40.57 63.91
CA LYS I 285 50.87 -41.17 64.13
C LYS I 285 51.87 -40.69 63.10
N PHE I 286 51.43 -40.47 61.85
CA PHE I 286 52.32 -40.06 60.78
C PHE I 286 52.31 -38.56 60.54
N GLY I 287 51.51 -37.81 61.29
CA GLY I 287 51.49 -36.35 61.20
C GLY I 287 50.28 -35.76 60.52
N GLY I 288 49.28 -36.56 60.19
CA GLY I 288 48.11 -36.04 59.51
C GLY I 288 47.17 -35.29 60.44
N LEU I 289 46.29 -34.50 59.84
CA LEU I 289 45.29 -33.73 60.57
C LEU I 289 43.92 -34.36 60.37
N VAL I 290 43.01 -34.04 61.28
CA VAL I 290 41.67 -34.63 61.30
C VAL I 290 40.65 -33.54 61.03
N PHE I 291 39.92 -33.68 59.94
CA PHE I 291 38.81 -32.80 59.61
C PHE I 291 37.50 -33.50 59.94
N PHE I 292 36.68 -32.86 60.79
CA PHE I 292 35.43 -33.45 61.26
C PHE I 292 34.27 -32.55 60.84
N ASP I 293 33.49 -33.01 59.88
CA ASP I 293 32.25 -32.36 59.48
C ASP I 293 31.11 -33.12 60.14
N LEU I 294 30.30 -32.42 60.94
CA LEU I 294 29.26 -33.10 61.72
C LEU I 294 28.25 -33.78 60.82
N ASN I 295 27.57 -33.01 59.96
CA ASN I 295 26.53 -33.53 59.07
C ASN I 295 25.60 -34.50 59.82
N LEU I 296 24.95 -33.96 60.84
CA LEU I 296 24.21 -34.78 61.77
C LEU I 296 23.08 -35.52 61.05
N PRO I 297 22.97 -36.84 61.24
CA PRO I 297 21.86 -37.58 60.65
C PRO I 297 20.58 -37.39 61.46
N LEU I 298 19.53 -38.08 61.03
CA LEU I 298 18.23 -37.92 61.66
C LEU I 298 18.22 -38.32 63.14
N PRO I 299 18.76 -39.49 63.55
CA PRO I 299 18.68 -39.83 64.98
C PRO I 299 19.44 -38.87 65.89
N LEU I 300 20.46 -38.19 65.37
CA LEU I 300 21.27 -37.29 66.19
C LEU I 300 20.58 -35.97 66.52
N TRP I 301 19.34 -35.72 66.09
CA TRP I 301 18.65 -34.47 66.40
C TRP I 301 17.63 -34.62 67.50
N ARG I 302 17.67 -35.72 68.26
CA ARG I 302 16.68 -35.93 69.31
C ARG I 302 16.90 -35.00 70.49
N SER I 303 18.07 -35.09 71.12
CA SER I 303 18.38 -34.29 72.30
C SER I 303 19.83 -33.86 72.24
N ARG I 304 20.11 -32.65 72.72
CA ARG I 304 21.48 -32.13 72.67
C ARG I 304 22.42 -32.94 73.56
N ASP I 305 21.90 -33.47 74.67
CA ASP I 305 22.75 -34.19 75.61
C ASP I 305 23.25 -35.51 75.01
N GLU I 306 22.35 -36.28 74.41
CA GLU I 306 22.75 -37.56 73.83
C GLU I 306 23.71 -37.38 72.67
N THR I 307 23.42 -36.42 71.78
CA THR I 307 24.30 -36.18 70.65
C THR I 307 25.65 -35.63 71.09
N ARG I 308 25.66 -34.82 72.15
CA ARG I 308 26.92 -34.28 72.66
C ARG I 308 27.76 -35.36 73.31
N ASN I 309 27.13 -36.25 74.07
CA ASN I 309 27.88 -37.34 74.71
C ASN I 309 28.35 -38.36 73.69
N LEU I 310 27.57 -38.58 72.64
CA LEU I 310 27.94 -39.58 71.63
C LEU I 310 29.10 -39.10 70.77
N ILE I 311 29.06 -37.83 70.35
CA ILE I 311 30.08 -37.29 69.45
C ILE I 311 31.23 -36.63 70.18
N LYS I 312 31.31 -36.77 71.50
CA LYS I 312 32.37 -36.13 72.27
C LYS I 312 33.73 -36.74 71.93
N GLU I 313 33.78 -38.07 71.72
CA GLU I 313 35.04 -38.72 71.45
C GLU I 313 35.64 -38.26 70.12
N ALA I 314 34.82 -38.17 69.08
CA ALA I 314 35.32 -37.68 67.79
C ALA I 314 35.59 -36.18 67.84
N TRP I 315 34.85 -35.44 68.68
CA TRP I 315 35.09 -34.01 68.81
C TRP I 315 36.44 -33.73 69.47
N GLU I 316 36.82 -34.57 70.44
CA GLU I 316 38.06 -34.34 71.17
C GLU I 316 39.28 -34.51 70.28
N GLN I 317 39.25 -35.49 69.37
CA GLN I 317 40.41 -35.81 68.54
C GLN I 317 40.30 -35.21 67.14
N ALA I 318 39.67 -34.05 67.00
CA ALA I 318 39.51 -33.40 65.70
C ALA I 318 40.20 -32.04 65.75
N ASN I 319 41.14 -31.82 64.82
CA ASN I 319 41.85 -30.55 64.76
C ASN I 319 41.02 -29.49 64.07
N ILE I 320 40.33 -29.87 62.99
CA ILE I 320 39.51 -28.95 62.20
C ILE I 320 38.07 -29.48 62.24
N ILE I 321 37.15 -28.63 62.65
CA ILE I 321 35.74 -29.01 62.79
C ILE I 321 34.90 -27.98 62.04
N GLU I 322 34.02 -28.45 61.17
CA GLU I 322 33.05 -27.61 60.47
C GLU I 322 31.65 -28.02 60.90
N VAL I 323 30.87 -27.07 61.40
CA VAL I 323 29.51 -27.32 61.86
C VAL I 323 28.58 -26.28 61.27
N SER I 324 27.34 -26.66 61.04
CA SER I 324 26.34 -25.72 60.56
C SER I 324 25.88 -24.81 61.69
N ARG I 325 25.23 -23.71 61.31
CA ARG I 325 24.68 -22.79 62.31
C ARG I 325 23.59 -23.45 63.14
N GLN I 326 22.71 -24.20 62.48
CA GLN I 326 21.64 -24.89 63.20
C GLN I 326 22.20 -25.95 64.13
N GLU I 327 23.23 -26.69 63.70
CA GLU I 327 23.83 -27.68 64.57
C GLU I 327 24.50 -27.04 65.78
N LEU I 328 25.23 -25.94 65.56
CA LEU I 328 25.90 -25.25 66.66
C LEU I 328 24.88 -24.71 67.65
N GLU I 329 23.76 -24.16 67.16
CA GLU I 329 22.71 -23.69 68.07
C GLU I 329 22.07 -24.84 68.82
N PHE I 330 21.82 -25.96 68.13
CA PHE I 330 21.23 -27.12 68.79
C PHE I 330 22.13 -27.64 69.90
N LEU I 331 23.45 -27.58 69.69
CA LEU I 331 24.39 -27.97 70.74
C LEU I 331 24.59 -26.90 71.81
N LEU I 332 24.03 -25.70 71.61
CA LEU I 332 24.29 -24.56 72.50
C LEU I 332 22.97 -23.87 72.85
N ASP I 333 21.99 -24.66 73.29
CA ASP I 333 20.71 -24.13 73.76
C ASP I 333 20.01 -23.32 72.67
N GLU I 334 19.60 -24.07 71.63
CA GLU I 334 18.99 -23.47 70.44
C GLU I 334 17.87 -22.49 70.80
N GLU I 335 17.11 -22.78 71.86
CA GLU I 335 16.03 -21.89 72.24
C GLU I 335 16.52 -20.52 72.65
N HIS I 336 17.72 -20.44 73.24
CA HIS I 336 18.28 -19.15 73.63
C HIS I 336 18.53 -18.28 72.40
N TYR I 337 19.19 -18.83 71.39
CA TYR I 337 19.45 -18.07 70.17
C TYR I 337 18.16 -17.79 69.40
N GLU I 338 17.19 -18.69 69.50
CA GLU I 338 15.90 -18.46 68.87
C GLU I 338 15.19 -17.27 69.50
N ARG I 339 15.26 -17.15 70.82
CA ARG I 339 14.70 -15.97 71.50
C ARG I 339 15.52 -14.72 71.20
N LYS I 340 16.84 -14.89 71.02
CA LYS I 340 17.69 -13.74 70.72
C LYS I 340 17.37 -13.15 69.35
N ARG I 341 17.23 -13.99 68.33
CA ARG I 341 17.00 -13.48 66.98
C ARG I 341 15.64 -12.81 66.88
N ASN I 342 14.70 -13.18 67.75
CA ASN I 342 13.37 -12.61 67.75
C ASN I 342 13.25 -11.36 68.61
N TYR I 343 14.34 -10.89 69.21
CA TYR I 343 14.29 -9.70 70.05
C TYR I 343 14.12 -8.46 69.19
N ARG I 344 13.21 -7.58 69.60
CA ARG I 344 12.95 -6.33 68.91
C ARG I 344 12.99 -5.20 69.92
N PRO I 345 13.64 -4.07 69.62
CA PRO I 345 13.65 -2.96 70.58
C PRO I 345 12.25 -2.36 70.70
N GLN I 346 11.83 -2.10 71.93
CA GLN I 346 10.46 -1.63 72.18
C GLN I 346 10.31 -0.16 71.81
N TYR I 347 11.19 0.69 72.34
CA TYR I 347 11.07 2.14 72.17
C TYR I 347 11.95 2.68 71.04
N PHE I 348 13.25 2.43 71.11
CA PHE I 348 14.18 2.93 70.09
C PHE I 348 15.33 1.95 69.93
N ALA I 349 15.90 1.94 68.74
CA ALA I 349 17.01 1.05 68.44
C ALA I 349 18.33 1.61 68.97
N GLU I 350 19.35 0.77 69.00
CA GLU I 350 20.67 1.16 69.47
C GLU I 350 21.73 1.06 68.38
N ASN I 351 21.33 0.77 67.13
CA ASN I 351 22.28 0.63 66.05
C ASN I 351 21.54 0.83 64.73
N PHE I 352 22.31 0.90 63.65
CA PHE I 352 21.72 1.09 62.32
C PHE I 352 21.08 -0.19 61.81
N GLU I 353 21.63 -1.34 62.18
CA GLU I 353 21.09 -2.60 61.70
C GLU I 353 19.67 -2.82 62.18
N GLN I 354 19.37 -2.45 63.43
CA GLN I 354 18.04 -2.64 63.98
C GLN I 354 17.03 -1.71 63.32
N THR I 355 17.48 -0.56 62.82
CA THR I 355 16.56 0.39 62.21
C THR I 355 16.04 -0.12 60.86
N LYS I 356 16.90 -0.76 60.08
CA LYS I 356 16.54 -1.23 58.75
C LYS I 356 15.91 -2.63 58.76
N GLN I 357 16.03 -3.37 59.86
CA GLN I 357 15.38 -4.68 60.03
C GLN I 357 15.77 -5.64 58.90
N ARG I 358 17.06 -5.97 58.84
CA ARG I 358 17.56 -6.95 57.89
C ARG I 358 17.60 -8.32 58.56
N ARG I 359 17.98 -9.33 57.78
CA ARG I 359 18.06 -10.69 58.32
C ARG I 359 19.18 -10.76 59.36
N ASP I 360 18.99 -11.64 60.34
CA ASP I 360 19.93 -11.74 61.45
C ASP I 360 21.14 -12.57 61.05
N TYR I 361 22.34 -12.01 61.24
CA TYR I 361 23.60 -12.72 61.05
C TYR I 361 24.43 -12.54 62.32
N TYR I 362 24.19 -13.42 63.29
CA TYR I 362 24.85 -13.28 64.58
C TYR I 362 26.24 -13.89 64.55
N HIS I 363 27.22 -13.15 65.06
CA HIS I 363 28.58 -13.63 65.23
C HIS I 363 28.78 -14.07 66.67
N TYR I 364 28.99 -15.36 66.87
CA TYR I 364 29.10 -15.91 68.21
C TYR I 364 30.45 -15.53 68.82
N THR I 365 30.40 -15.02 70.05
CA THR I 365 31.63 -14.67 70.75
C THR I 365 32.38 -15.92 71.16
N PRO I 366 33.71 -15.84 71.28
CA PRO I 366 34.48 -17.03 71.72
C PRO I 366 34.07 -17.54 73.09
N ALA I 367 33.52 -16.67 73.94
CA ALA I 367 33.04 -17.11 75.24
C ALA I 367 31.90 -18.11 75.10
N GLU I 368 31.00 -17.89 74.13
CA GLU I 368 29.89 -18.81 73.92
C GLU I 368 30.39 -20.15 73.40
N ILE I 369 31.42 -20.15 72.56
CA ILE I 369 31.96 -21.38 72.00
C ILE I 369 33.00 -22.02 72.91
N ALA I 370 33.28 -21.43 74.07
CA ALA I 370 34.27 -22.01 74.98
C ALA I 370 33.91 -23.43 75.45
N PRO I 371 32.67 -23.76 75.78
CA PRO I 371 32.39 -25.16 76.18
C PRO I 371 32.71 -26.17 75.10
N LEU I 372 32.59 -25.81 73.83
CA LEU I 372 32.87 -26.72 72.73
C LEU I 372 34.31 -26.61 72.23
N TRP I 373 35.17 -25.88 72.94
CA TRP I 373 36.55 -25.68 72.53
C TRP I 373 37.48 -26.57 73.36
N HIS I 374 38.41 -27.22 72.68
CA HIS I 374 39.42 -28.05 73.33
C HIS I 374 40.81 -27.58 72.91
N ASP I 375 41.83 -28.14 73.56
CA ASP I 375 43.20 -27.70 73.33
C ASP I 375 43.66 -28.01 71.91
N GLY I 376 43.35 -29.20 71.41
CA GLY I 376 43.81 -29.62 70.10
C GLY I 376 43.06 -29.04 68.92
N LEU I 377 42.17 -28.08 69.14
CA LEU I 377 41.38 -27.51 68.07
C LEU I 377 42.14 -26.34 67.43
N LYS I 378 42.35 -26.41 66.12
CA LYS I 378 43.03 -25.34 65.41
C LYS I 378 42.04 -24.35 64.79
N LEU I 379 41.10 -24.86 63.98
CA LEU I 379 40.13 -24.02 63.30
C LEU I 379 38.74 -24.62 63.44
N LEU I 380 37.75 -23.75 63.62
CA LEU I 380 36.35 -24.13 63.72
C LEU I 380 35.53 -23.26 62.79
N PHE I 381 34.84 -23.89 61.84
CA PHE I 381 34.07 -23.18 60.83
C PHE I 381 32.58 -23.37 61.09
N VAL I 382 31.85 -22.25 61.18
CA VAL I 382 30.41 -22.26 61.38
C VAL I 382 29.80 -21.65 60.13
N THR I 383 29.34 -22.51 59.21
CA THR I 383 28.76 -22.06 57.96
C THR I 383 27.29 -21.70 58.16
N ASP I 384 26.87 -20.61 57.53
CA ASP I 384 25.49 -20.14 57.58
C ASP I 384 24.74 -20.41 56.27
N GLY I 385 25.11 -21.47 55.55
CA GLY I 385 24.44 -21.84 54.33
C GLY I 385 24.85 -21.01 53.13
N THR I 386 26.15 -21.01 52.84
CA THR I 386 26.71 -20.26 51.72
C THR I 386 26.28 -18.80 51.71
N LEU I 387 26.02 -18.24 52.90
CA LEU I 387 25.68 -16.83 53.02
C LEU I 387 26.53 -16.09 54.03
N ARG I 388 27.02 -16.74 55.08
CA ARG I 388 27.98 -16.20 56.01
C ARG I 388 28.88 -17.34 56.46
N LEU I 389 30.09 -17.00 56.88
CA LEU I 389 31.03 -18.02 57.31
C LEU I 389 31.84 -17.47 58.47
N HIS I 390 31.85 -18.22 59.57
CA HIS I 390 32.53 -17.81 60.78
C HIS I 390 33.71 -18.75 61.01
N TYR I 391 34.83 -18.16 61.44
CA TYR I 391 36.03 -18.92 61.74
C TYR I 391 36.50 -18.60 63.14
N TYR I 392 37.01 -19.60 63.82
CA TYR I 392 37.46 -19.44 65.20
C TYR I 392 38.82 -20.10 65.37
N SER I 393 39.72 -19.38 66.02
CA SER I 393 41.08 -19.84 66.25
C SER I 393 41.53 -19.38 67.63
N PRO I 394 42.61 -19.95 68.20
CA PRO I 394 43.06 -19.48 69.51
C PRO I 394 43.39 -18.00 69.53
N SER I 395 43.90 -17.46 68.42
CA SER I 395 44.32 -16.06 68.40
C SER I 395 43.19 -15.13 67.98
N PHE I 396 42.59 -15.37 66.81
CA PHE I 396 41.65 -14.43 66.23
C PHE I 396 40.33 -15.11 65.89
N ASP I 397 39.27 -14.31 65.87
CA ASP I 397 37.93 -14.73 65.49
C ASP I 397 37.33 -13.72 64.53
N GLY I 398 36.50 -14.19 63.60
CA GLY I 398 35.89 -13.30 62.65
C GLY I 398 34.78 -13.97 61.87
N VAL I 399 34.33 -13.28 60.83
CA VAL I 399 33.23 -13.75 59.98
C VAL I 399 33.50 -13.31 58.55
N VAL I 400 33.28 -14.21 57.59
CA VAL I 400 33.45 -13.93 56.18
C VAL I 400 32.07 -13.75 55.54
N VAL I 401 31.88 -12.63 54.86
CA VAL I 401 30.61 -12.32 54.23
C VAL I 401 30.47 -13.08 52.92
N GLY I 402 29.26 -13.57 52.65
CA GLY I 402 28.99 -14.28 51.42
C GLY I 402 27.63 -13.94 50.86
N THR I 403 27.22 -14.62 49.79
CA THR I 403 25.94 -14.35 49.16
C THR I 403 25.42 -15.63 48.52
N GLU I 404 24.11 -15.66 48.29
CA GLU I 404 23.45 -16.77 47.62
C GLU I 404 22.57 -16.24 46.50
N ASP I 405 22.65 -16.87 45.34
CA ASP I 405 21.81 -16.47 44.21
C ASP I 405 21.24 -17.69 43.51
N VAL I 406 20.53 -18.54 44.23
CA VAL I 406 19.91 -19.72 43.64
C VAL I 406 18.84 -19.30 42.64
N LEU I 407 18.19 -18.16 42.87
CA LEU I 407 17.10 -17.69 42.01
C LEU I 407 17.52 -17.37 40.58
N ILE I 408 18.81 -17.15 40.35
CA ILE I 408 19.28 -16.79 39.02
C ILE I 408 18.91 -17.89 38.03
N THR I 409 18.98 -19.15 38.42
CA THR I 409 18.53 -20.23 37.56
C THR I 409 17.43 -20.93 38.32
N PRO I 410 16.17 -20.47 38.13
CA PRO I 410 15.07 -21.03 38.92
C PRO I 410 14.77 -22.50 38.68
N PHE I 411 14.83 -22.93 37.44
CA PHE I 411 14.46 -24.32 37.13
C PHE I 411 15.32 -25.45 37.71
N THR I 412 16.64 -25.30 37.73
CA THR I 412 17.43 -26.36 38.34
C THR I 412 17.46 -26.22 39.86
N CYS I 413 18.06 -25.15 40.37
CA CYS I 413 17.99 -24.88 41.81
C CYS I 413 18.29 -26.00 42.82
N ASP I 414 19.35 -26.77 42.65
CA ASP I 414 19.56 -27.83 43.64
C ASP I 414 20.72 -27.57 44.57
N ARG I 415 20.45 -27.54 45.87
CA ARG I 415 21.49 -27.24 46.85
C ARG I 415 22.14 -28.50 47.40
N THR I 416 21.72 -29.65 46.90
CA THR I 416 22.23 -30.93 47.41
C THR I 416 23.76 -31.02 47.64
N GLY I 417 24.57 -30.43 46.77
CA GLY I 417 26.00 -30.57 46.92
C GLY I 417 26.77 -29.33 47.32
N SER I 418 26.12 -28.35 47.95
CA SER I 418 26.80 -27.10 48.28
C SER I 418 27.81 -27.31 49.42
N GLY I 419 27.37 -27.93 50.51
CA GLY I 419 28.23 -28.09 51.67
C GLY I 419 29.46 -28.93 51.38
N ASP I 420 29.29 -29.99 50.58
CA ASP I 420 30.43 -30.81 50.19
C ASP I 420 31.45 -30.00 49.39
N ALA I 421 30.98 -29.15 48.48
CA ALA I 421 31.88 -28.30 47.71
C ALA I 421 32.58 -27.29 48.61
N VAL I 422 31.87 -26.75 49.60
CA VAL I 422 32.49 -25.81 50.53
C VAL I 422 33.59 -26.50 51.33
N VAL I 423 33.31 -27.70 51.84
CA VAL I 423 34.32 -28.44 52.59
C VAL I 423 35.51 -28.78 51.70
N ALA I 424 35.24 -29.14 50.44
CA ALA I 424 36.32 -29.48 49.52
C ALA I 424 37.21 -28.26 49.24
N GLY I 425 36.60 -27.10 49.03
CA GLY I 425 37.39 -25.90 48.82
C GLY I 425 38.20 -25.51 50.05
N ILE I 426 37.60 -25.66 51.23
CA ILE I 426 38.32 -25.38 52.47
C ILE I 426 39.52 -26.29 52.60
N MET I 427 39.35 -27.59 52.36
CA MET I 427 40.47 -28.52 52.46
C MET I 427 41.53 -28.23 51.41
N ARG I 428 41.11 -27.88 50.20
CA ARG I 428 42.07 -27.54 49.14
C ARG I 428 42.92 -26.35 49.55
N LYS I 429 42.28 -25.28 50.02
CA LYS I 429 43.02 -24.09 50.41
C LYS I 429 43.91 -24.35 51.63
N LEU I 430 43.45 -25.21 52.54
CA LEU I 430 44.28 -25.55 53.69
C LEU I 430 45.49 -26.37 53.29
N THR I 431 45.33 -27.26 52.31
CA THR I 431 46.47 -28.07 51.85
C THR I 431 47.43 -27.25 51.02
N THR I 432 46.94 -26.23 50.31
CA THR I 432 47.78 -25.40 49.47
C THR I 432 48.37 -24.21 50.21
N GLN I 433 47.55 -23.42 50.90
CA GLN I 433 48.03 -22.25 51.62
C GLN I 433 48.32 -22.61 53.06
N PRO I 434 49.57 -22.57 53.51
CA PRO I 434 49.89 -22.93 54.89
C PRO I 434 49.80 -21.77 55.89
N GLU I 435 49.55 -20.55 55.43
CA GLU I 435 49.48 -19.39 56.30
C GLU I 435 48.05 -19.07 56.74
N MET I 436 47.09 -19.93 56.38
CA MET I 436 45.71 -19.69 56.77
C MET I 436 45.53 -19.83 58.28
N TYR I 437 46.31 -20.72 58.91
CA TYR I 437 46.21 -20.91 60.35
C TYR I 437 46.71 -19.67 61.09
N HIS I 438 47.78 -19.06 60.59
CA HIS I 438 48.42 -17.98 61.33
C HIS I 438 47.84 -16.62 60.95
N ASP I 439 47.54 -16.41 59.66
CA ASP I 439 47.10 -15.12 59.16
C ASP I 439 45.59 -15.14 58.93
N GLN I 440 44.92 -14.03 59.31
CA GLN I 440 43.46 -13.98 59.26
C GLN I 440 42.97 -13.53 57.89
N ASP I 441 43.63 -12.52 57.31
CA ASP I 441 43.20 -12.00 56.01
C ASP I 441 43.38 -13.06 54.92
N VAL I 442 44.49 -13.79 54.95
CA VAL I 442 44.69 -14.89 54.01
C VAL I 442 43.60 -15.94 54.21
N LEU I 443 43.22 -16.19 55.47
CA LEU I 443 42.16 -17.15 55.77
C LEU I 443 40.85 -16.71 55.12
N GLU I 444 40.51 -15.42 55.22
CA GLU I 444 39.27 -14.93 54.63
C GLU I 444 39.32 -14.98 53.10
N ARG I 445 40.45 -14.57 52.52
CA ARG I 445 40.56 -14.60 51.07
C ARG I 445 40.48 -16.01 50.53
N GLN I 446 40.95 -17.00 51.31
CA GLN I 446 40.84 -18.39 50.89
C GLN I 446 39.45 -18.96 51.12
N LEU I 447 38.75 -18.51 52.18
CA LEU I 447 37.39 -18.98 52.41
C LEU I 447 36.42 -18.42 51.38
N ARG I 448 36.73 -17.25 50.82
CA ARG I 448 35.93 -16.74 49.70
C ARG I 448 35.91 -17.73 48.54
N PHE I 449 36.99 -18.47 48.34
CA PHE I 449 37.03 -19.50 47.31
C PHE I 449 36.00 -20.59 47.56
N ALA I 450 35.91 -21.08 48.80
CA ALA I 450 34.93 -22.10 49.13
C ALA I 450 33.52 -21.55 49.04
N ILE I 451 33.33 -20.27 49.39
CA ILE I 451 32.02 -19.65 49.24
C ILE I 451 31.60 -19.64 47.78
N ALA I 452 32.51 -19.23 46.88
CA ALA I 452 32.20 -19.24 45.46
C ALA I 452 31.95 -20.65 44.95
N ALA I 453 32.68 -21.63 45.49
CA ALA I 453 32.47 -23.02 45.09
C ALA I 453 31.06 -23.48 45.46
N GLY I 454 30.61 -23.16 46.67
CA GLY I 454 29.25 -23.50 47.05
C GLY I 454 28.22 -22.79 46.20
N ILE I 455 28.46 -21.50 45.89
CA ILE I 455 27.54 -20.75 45.04
C ILE I 455 27.41 -21.42 43.68
N ILE I 456 28.52 -21.87 43.09
CA ILE I 456 28.45 -22.55 41.81
C ILE I 456 27.74 -23.91 41.96
N SER I 457 27.98 -24.60 43.06
CA SER I 457 27.41 -25.95 43.23
C SER I 457 25.90 -25.99 43.42
N GLN I 458 25.29 -24.84 43.69
CA GLN I 458 23.85 -24.80 43.93
C GLN I 458 23.01 -24.63 42.67
N TRP I 459 23.67 -24.47 41.52
CA TRP I 459 22.93 -24.22 40.29
C TRP I 459 22.59 -25.46 39.47
N THR I 460 22.94 -26.65 39.96
CA THR I 460 22.72 -27.86 39.16
C THR I 460 22.17 -29.05 39.94
N ILE I 461 21.16 -29.72 39.40
CA ILE I 461 20.59 -30.91 40.03
C ILE I 461 21.65 -32.00 39.98
N GLY I 462 21.81 -32.72 41.09
CA GLY I 462 22.83 -33.75 41.17
C GLY I 462 24.09 -33.24 41.82
N ALA I 463 24.44 -33.82 42.98
CA ALA I 463 25.64 -33.38 43.68
C ALA I 463 26.89 -33.68 42.87
N VAL I 464 27.01 -34.91 42.35
CA VAL I 464 28.17 -35.28 41.56
C VAL I 464 28.12 -34.65 40.18
N ARG I 465 26.92 -34.40 39.65
CA ARG I 465 26.80 -33.84 38.31
C ARG I 465 27.22 -32.38 38.28
N GLY I 466 26.66 -31.56 39.17
CA GLY I 466 26.98 -30.15 39.21
C GLY I 466 28.02 -29.76 40.24
N PHE I 467 29.25 -30.23 40.06
CA PHE I 467 30.35 -29.86 40.94
C PHE I 467 31.29 -28.90 40.23
N PRO I 468 31.69 -27.82 40.88
CA PRO I 468 32.49 -26.80 40.19
C PRO I 468 33.94 -27.23 40.01
N THR I 469 34.58 -26.62 39.01
CA THR I 469 36.01 -26.77 38.81
C THR I 469 36.75 -25.58 39.40
N GLU I 470 38.09 -25.67 39.39
CA GLU I 470 38.89 -24.61 39.99
C GLU I 470 38.79 -23.31 39.18
N SER I 471 38.80 -23.42 37.85
CA SER I 471 38.74 -22.23 37.01
C SER I 471 37.42 -21.49 37.18
N ALA I 472 36.30 -22.23 37.19
CA ALA I 472 35.00 -21.59 37.37
C ALA I 472 34.89 -20.92 38.74
N THR I 473 35.42 -21.57 39.77
CA THR I 473 35.37 -20.99 41.11
C THR I 473 36.20 -19.72 41.19
N GLN I 474 37.40 -19.73 40.59
CA GLN I 474 38.22 -18.51 40.57
C GLN I 474 37.53 -17.41 39.78
N ASN I 475 36.89 -17.75 38.67
CA ASN I 475 36.18 -16.75 37.88
C ASN I 475 35.04 -16.13 38.68
N LEU I 476 34.24 -16.97 39.37
CA LEU I 476 33.14 -16.43 40.16
C LEU I 476 33.66 -15.60 41.33
N LYS I 477 34.76 -16.03 41.95
CA LYS I 477 35.35 -15.25 43.05
C LYS I 477 35.78 -13.88 42.57
N GLU I 478 36.41 -13.81 41.39
CA GLU I 478 36.85 -12.53 40.87
C GLU I 478 35.67 -11.67 40.43
N GLN I 479 34.61 -12.30 39.93
CA GLN I 479 33.47 -11.52 39.46
C GLN I 479 32.64 -10.97 40.63
N VAL I 480 32.47 -11.75 41.69
CA VAL I 480 31.61 -11.33 42.79
C VAL I 480 32.32 -10.32 43.68
N TYR I 481 33.58 -10.58 44.02
CA TYR I 481 34.33 -9.75 44.95
C TYR I 481 35.13 -8.71 44.20
N VAL I 482 35.29 -7.54 44.82
CA VAL I 482 36.07 -6.44 44.26
C VAL I 482 37.54 -6.83 44.19
N PRO I 483 38.36 -6.17 43.36
CA PRO I 483 39.77 -6.58 43.25
C PRO I 483 40.53 -6.53 44.57
N SER I 484 40.19 -5.61 45.46
CA SER I 484 40.91 -5.51 46.72
C SER I 484 40.69 -6.74 47.59
N MET I 485 39.47 -7.29 47.57
CA MET I 485 39.14 -8.39 48.47
C MET I 485 39.74 -9.72 48.02
N TRP I 486 39.80 -9.99 46.72
CA TRP I 486 40.36 -11.26 46.28
C TRP I 486 41.89 -11.14 46.19
N PRO J 87 47.02 -3.45 -63.29
CA PRO J 87 47.02 -2.09 -62.75
C PRO J 87 46.18 -1.13 -63.59
N HIS J 88 44.92 -0.95 -63.21
CA HIS J 88 44.04 -0.05 -63.94
C HIS J 88 44.46 1.40 -63.70
N ASP J 89 44.40 2.20 -64.76
CA ASP J 89 44.76 3.61 -64.67
C ASP J 89 43.63 4.40 -64.00
N THR J 90 43.93 5.02 -62.87
CA THR J 90 42.97 5.79 -62.10
C THR J 90 43.60 7.12 -61.71
N PRO J 91 42.78 8.15 -61.47
CA PRO J 91 43.34 9.44 -61.04
C PRO J 91 44.15 9.36 -59.76
N ALA J 92 43.88 8.38 -58.90
CA ALA J 92 44.68 8.21 -57.70
C ALA J 92 46.01 7.53 -58.00
N SER J 93 46.03 6.62 -58.97
CA SER J 93 47.23 5.84 -59.25
C SER J 93 48.37 6.72 -59.74
N GLN J 94 48.06 7.78 -60.47
CA GLN J 94 49.11 8.64 -61.03
C GLN J 94 49.87 9.36 -59.92
N LEU J 95 49.19 9.69 -58.83
CA LEU J 95 49.83 10.35 -57.70
C LEU J 95 50.49 9.32 -56.77
N GLU J 96 51.18 9.83 -55.76
CA GLU J 96 51.88 9.01 -54.78
C GLU J 96 51.21 9.14 -53.43
N LEU J 97 51.29 8.08 -52.62
CA LEU J 97 50.67 8.07 -51.31
C LEU J 97 51.37 9.05 -50.38
N ALA J 98 50.63 9.58 -49.41
CA ALA J 98 51.14 10.56 -48.49
C ALA J 98 51.89 9.89 -47.34
N ASP J 99 52.43 10.72 -46.44
CA ASP J 99 53.15 10.20 -45.29
C ASP J 99 52.18 9.54 -44.33
N PRO J 100 52.59 8.44 -43.69
CA PRO J 100 51.74 7.78 -42.68
C PRO J 100 51.47 8.71 -41.52
N ASP J 101 52.44 9.55 -41.16
CA ASP J 101 52.30 10.45 -40.03
C ASP J 101 51.13 11.41 -40.20
N PHE J 102 50.86 11.85 -41.43
CA PHE J 102 49.79 12.82 -41.63
C PHE J 102 48.48 12.27 -41.12
N TYR J 103 48.16 11.03 -41.45
CA TYR J 103 46.95 10.41 -40.89
C TYR J 103 47.10 10.16 -39.40
N LYS J 104 48.28 9.74 -38.96
CA LYS J 104 48.47 9.38 -37.55
C LYS J 104 48.23 10.48 -36.52
N ILE J 105 48.66 11.70 -36.80
CA ILE J 105 48.49 12.75 -35.81
C ILE J 105 47.01 12.98 -35.57
N GLY J 106 46.20 12.94 -36.62
CA GLY J 106 44.77 13.04 -36.46
C GLY J 106 44.19 11.84 -35.74
N TYR J 107 44.67 10.64 -36.07
CA TYR J 107 44.10 9.42 -35.50
C TYR J 107 44.23 9.32 -33.99
N VAL J 108 45.38 9.71 -33.44
CA VAL J 108 45.58 9.65 -32.01
C VAL J 108 44.70 10.68 -31.31
N ARG J 109 44.17 11.63 -32.08
CA ARG J 109 43.31 12.66 -31.52
C ARG J 109 41.86 12.42 -31.91
N SER J 110 41.53 11.20 -32.34
CA SER J 110 40.15 10.81 -32.70
C SER J 110 39.63 11.16 -34.09
N PHE J 111 40.47 11.71 -34.96
CA PHE J 111 40.02 11.94 -36.34
C PHE J 111 39.93 10.58 -36.99
N ARG J 112 38.83 10.32 -37.69
CA ARG J 112 38.63 9.02 -38.30
C ARG J 112 38.28 9.13 -39.77
N ALA J 113 38.87 8.27 -40.59
CA ALA J 113 38.59 8.28 -42.02
C ALA J 113 38.16 6.89 -42.48
N TYR J 114 37.04 6.81 -43.19
CA TYR J 114 36.56 5.52 -43.62
C TYR J 114 36.40 5.49 -45.12
N GLY J 115 37.17 4.64 -45.79
CA GLY J 115 37.03 4.49 -47.22
C GLY J 115 37.82 5.42 -48.10
N ILE J 116 38.70 6.22 -47.54
CA ILE J 116 39.41 7.19 -48.33
C ILE J 116 40.90 7.13 -48.12
N GLU J 117 41.66 7.57 -49.11
CA GLU J 117 43.11 7.60 -48.96
C GLU J 117 43.67 8.98 -49.26
N PHE J 118 44.73 9.36 -48.58
CA PHE J 118 45.36 10.66 -48.82
C PHE J 118 46.60 10.45 -49.67
N ARG J 119 46.62 11.08 -50.84
CA ARG J 119 47.73 10.96 -51.78
C ARG J 119 48.28 12.34 -52.10
N GLU J 120 49.59 12.50 -51.95
CA GLU J 120 50.25 13.76 -52.24
C GLU J 120 50.67 13.81 -53.72
N GLY J 121 50.80 15.03 -54.23
CA GLY J 121 51.18 15.25 -55.60
C GLY J 121 51.84 16.60 -55.81
N PRO J 122 52.14 16.94 -57.06
CA PRO J 122 52.76 18.24 -57.33
C PRO J 122 51.87 19.42 -56.96
N ASP J 123 50.56 19.32 -57.22
CA ASP J 123 49.65 20.40 -56.84
C ASP J 123 49.46 20.46 -55.33
N GLY J 124 49.36 19.31 -54.68
CA GLY J 124 49.18 19.26 -53.25
C GLY J 124 48.47 17.98 -52.86
N TYR J 125 48.09 17.93 -51.58
CA TYR J 125 47.36 16.78 -51.06
C TYR J 125 45.95 16.72 -51.64
N GLY J 126 45.44 15.50 -51.77
CA GLY J 126 44.09 15.29 -52.28
C GLY J 126 43.52 14.04 -51.65
N VAL J 127 42.20 13.92 -51.74
CA VAL J 127 41.46 12.80 -51.16
C VAL J 127 40.91 11.94 -52.30
N PHE J 128 41.18 10.64 -52.22
CA PHE J 128 40.74 9.69 -53.23
C PHE J 128 40.03 8.52 -52.56
N ALA J 129 39.20 7.83 -53.34
CA ALA J 129 38.47 6.68 -52.83
C ALA J 129 39.31 5.43 -52.90
N SER J 130 39.05 4.49 -51.98
CA SER J 130 39.73 3.20 -51.95
C SER J 130 38.73 2.04 -51.86
N ARG J 131 37.49 2.27 -52.24
CA ARG J 131 36.46 1.24 -52.17
C ARG J 131 35.34 1.62 -53.14
N ASP J 132 34.71 0.61 -53.70
CA ASP J 132 33.63 0.78 -54.66
C ASP J 132 32.32 0.93 -53.91
N VAL J 133 31.64 2.06 -54.09
CA VAL J 133 30.40 2.36 -53.40
C VAL J 133 29.28 2.44 -54.42
N GLU J 134 28.30 1.56 -54.28
CA GLU J 134 27.12 1.58 -55.14
C GLU J 134 26.18 2.69 -54.67
N PRO J 135 25.23 3.10 -55.51
CA PRO J 135 24.28 4.14 -55.08
C PRO J 135 23.55 3.74 -53.80
N LEU J 136 23.62 4.62 -52.81
CA LEU J 136 23.12 4.35 -51.47
C LEU J 136 21.82 5.11 -51.23
N ARG J 137 21.01 4.59 -50.32
CA ARG J 137 19.76 5.26 -49.96
C ARG J 137 20.02 6.53 -49.16
N ARG J 138 21.08 6.52 -48.34
CA ARG J 138 21.44 7.66 -47.51
C ARG J 138 22.94 7.90 -47.59
N ALA J 139 23.36 9.06 -47.10
CA ALA J 139 24.76 9.46 -47.17
C ALA J 139 25.62 8.57 -46.30
N ARG J 140 26.88 8.40 -46.72
CA ARG J 140 27.87 7.63 -45.96
C ARG J 140 28.98 8.58 -45.51
N VAL J 141 29.40 8.43 -44.27
CA VAL J 141 30.37 9.33 -43.64
C VAL J 141 31.77 8.82 -43.96
N ILE J 142 32.54 9.63 -44.68
CA ILE J 142 33.92 9.25 -44.98
C ILE J 142 34.88 9.87 -43.96
N MET J 143 34.55 11.05 -43.44
CA MET J 143 35.42 11.74 -42.50
C MET J 143 34.63 12.12 -41.25
N GLU J 144 35.23 11.92 -40.10
CA GLU J 144 34.70 12.41 -38.82
C GLU J 144 35.79 13.24 -38.16
N ILE J 145 35.58 14.55 -38.11
CA ILE J 145 36.60 15.49 -37.64
C ILE J 145 36.11 16.11 -36.33
N PRO J 146 36.79 15.87 -35.21
CA PRO J 146 36.33 16.44 -33.93
C PRO J 146 36.49 17.95 -33.90
N LEU J 147 35.75 18.57 -32.97
CA LEU J 147 35.79 20.01 -32.79
C LEU J 147 37.05 20.48 -32.07
N GLU J 148 37.69 19.61 -31.30
CA GLU J 148 38.87 20.01 -30.54
C GLU J 148 40.12 20.14 -31.40
N LEU J 149 40.04 19.83 -32.69
CA LEU J 149 41.15 20.02 -33.62
C LEU J 149 40.92 21.19 -34.57
N MET J 150 39.86 21.96 -34.37
CA MET J 150 39.45 23.01 -35.30
C MET J 150 39.60 24.37 -34.64
N LEU J 151 39.62 25.40 -35.50
CA LEU J 151 39.63 26.79 -35.06
C LEU J 151 38.37 27.46 -35.58
N THR J 152 37.54 27.97 -34.67
CA THR J 152 36.23 28.49 -35.03
C THR J 152 35.99 29.85 -34.39
N ILE J 153 35.53 30.80 -35.20
CA ILE J 153 35.17 32.13 -34.73
C ILE J 153 33.76 32.43 -35.21
N SER J 154 32.93 32.98 -34.31
CA SER J 154 31.55 33.30 -34.66
C SER J 154 31.51 34.47 -35.63
N LYS J 155 30.43 34.52 -36.41
CA LYS J 155 30.31 35.56 -37.43
C LYS J 155 29.86 36.89 -36.84
N LYS J 156 28.87 36.87 -35.95
CA LYS J 156 28.27 38.08 -35.45
C LYS J 156 29.18 38.77 -34.44
N LEU J 157 28.69 39.87 -33.88
CA LEU J 157 29.53 40.72 -33.02
C LEU J 157 30.06 40.01 -31.78
N PRO J 158 29.28 39.22 -31.03
CA PRO J 158 29.87 38.49 -29.89
C PRO J 158 30.80 37.41 -30.41
N TRP J 159 32.11 37.62 -30.24
CA TRP J 159 33.12 36.69 -30.73
C TRP J 159 33.26 35.55 -29.73
N MET J 160 32.74 34.38 -30.08
CA MET J 160 32.75 33.21 -29.22
C MET J 160 33.67 32.15 -29.82
N PHE J 161 34.75 31.85 -29.12
CA PHE J 161 35.70 30.81 -29.54
C PHE J 161 35.37 29.52 -28.79
N PHE J 162 34.60 28.64 -29.45
CA PHE J 162 34.20 27.38 -28.85
C PHE J 162 35.39 26.44 -28.71
N PRO J 163 36.31 26.37 -29.69
CA PRO J 163 37.64 25.85 -29.38
C PRO J 163 38.44 26.92 -28.65
N ASP J 164 38.19 27.07 -27.36
CA ASP J 164 38.64 28.23 -26.61
C ASP J 164 40.11 28.02 -26.26
N ILE J 165 40.99 28.43 -27.17
CA ILE J 165 42.43 28.37 -26.92
C ILE J 165 43.00 29.71 -26.49
N ILE J 166 42.22 30.78 -26.56
CA ILE J 166 42.66 32.12 -26.19
C ILE J 166 42.26 32.35 -24.74
N PRO J 167 43.20 32.55 -23.83
CA PRO J 167 42.83 32.84 -22.44
C PRO J 167 42.27 34.25 -22.31
N VAL J 168 41.61 34.48 -21.18
CA VAL J 168 40.99 35.78 -20.91
C VAL J 168 42.08 36.79 -20.58
N GLY J 169 41.92 38.00 -21.07
CA GLY J 169 42.87 39.07 -20.83
C GLY J 169 44.02 39.14 -21.82
N HIS J 170 44.14 38.16 -22.71
CA HIS J 170 45.22 38.19 -23.69
C HIS J 170 44.96 39.30 -24.71
N PRO J 171 46.00 40.06 -25.07
CA PRO J 171 45.80 41.17 -26.02
C PRO J 171 45.52 40.71 -27.44
N ILE J 172 45.70 39.41 -27.74
CA ILE J 172 45.31 38.92 -29.06
C ILE J 172 43.81 39.06 -29.25
N PHE J 173 43.04 38.95 -28.16
CA PHE J 173 41.60 39.22 -28.26
C PHE J 173 41.33 40.69 -28.49
N ASP J 174 42.18 41.56 -27.93
CA ASP J 174 42.04 42.99 -28.19
C ASP J 174 42.32 43.30 -29.65
N ILE J 175 43.25 42.57 -30.26
CA ILE J 175 43.53 42.74 -31.69
C ILE J 175 42.37 42.21 -32.52
N ILE J 176 41.85 41.04 -32.15
CA ILE J 176 40.76 40.43 -32.92
C ILE J 176 39.51 41.28 -32.85
N ASN J 177 39.17 41.80 -31.66
CA ASN J 177 37.93 42.56 -31.49
C ASN J 177 37.99 43.90 -32.19
N SER J 178 39.18 44.46 -32.39
CA SER J 178 39.34 45.76 -33.03
C SER J 178 39.29 45.62 -34.55
N THR J 179 38.19 45.05 -35.03
CA THR J 179 37.97 44.78 -36.44
C THR J 179 36.50 44.97 -36.76
N ASN J 180 36.21 45.31 -38.01
CA ASN J 180 34.81 45.45 -38.43
C ASN J 180 34.15 44.07 -38.47
N PRO J 181 32.95 43.92 -37.91
CA PRO J 181 32.34 42.58 -37.84
C PRO J 181 31.98 41.99 -39.20
N GLU J 182 31.55 42.83 -40.14
CA GLU J 182 30.94 42.31 -41.36
C GLU J 182 31.99 42.01 -42.44
N THR J 183 32.83 42.99 -42.78
CA THR J 183 33.63 42.86 -44.00
C THR J 183 34.86 41.99 -43.79
N ASP J 184 35.63 42.23 -42.74
CA ASP J 184 36.92 41.59 -42.55
C ASP J 184 36.77 40.46 -41.52
N SER J 185 36.76 39.21 -42.01
CA SER J 185 36.75 38.04 -41.16
C SER J 185 38.03 37.23 -41.23
N ASP J 186 38.82 37.39 -42.30
CA ASP J 186 40.05 36.63 -42.45
C ASP J 186 41.12 37.10 -41.48
N LEU J 187 41.05 38.36 -41.04
CA LEU J 187 42.03 38.87 -40.09
C LEU J 187 41.94 38.12 -38.76
N ARG J 188 40.73 37.94 -38.25
CA ARG J 188 40.55 37.24 -36.98
C ARG J 188 40.98 35.78 -37.09
N LEU J 189 40.64 35.13 -38.21
CA LEU J 189 41.08 33.75 -38.41
C LEU J 189 42.59 33.65 -38.49
N ALA J 190 43.24 34.63 -39.13
CA ALA J 190 44.70 34.62 -39.21
C ALA J 190 45.32 34.81 -37.83
N CYS J 191 44.78 35.73 -37.04
CA CYS J 191 45.29 35.92 -35.68
C CYS J 191 45.09 34.66 -34.84
N LEU J 192 43.94 34.02 -34.98
CA LEU J 192 43.68 32.79 -34.23
C LEU J 192 44.63 31.67 -34.66
N LEU J 193 44.91 31.56 -35.96
CA LEU J 193 45.83 30.54 -36.44
C LEU J 193 47.25 30.81 -35.94
N LEU J 194 47.66 32.08 -35.93
CA LEU J 194 48.98 32.41 -35.40
C LEU J 194 49.08 32.06 -33.92
N TYR J 195 48.05 32.38 -33.14
CA TYR J 195 48.10 32.06 -31.72
C TYR J 195 48.06 30.56 -31.49
N ALA J 196 47.32 29.82 -32.32
CA ALA J 196 47.31 28.37 -32.21
C ALA J 196 48.68 27.79 -32.53
N PHE J 197 49.37 28.36 -33.52
CA PHE J 197 50.76 27.98 -33.76
C PHE J 197 51.63 28.30 -32.55
N ASP J 198 51.32 29.39 -31.84
CA ASP J 198 52.06 29.73 -30.64
C ASP J 198 51.62 28.89 -29.45
N CYS J 199 50.32 28.61 -29.35
CA CYS J 199 49.79 27.89 -28.20
C CYS J 199 50.32 26.46 -28.15
N LYS J 200 50.80 26.07 -26.98
CA LYS J 200 51.40 24.75 -26.82
C LYS J 200 50.34 23.65 -26.81
N ASP J 201 50.81 22.41 -26.93
CA ASP J 201 49.98 21.20 -26.97
C ASP J 201 48.71 21.40 -27.82
N ASN J 202 48.90 22.01 -28.99
CA ASN J 202 47.80 22.24 -29.93
C ASN J 202 48.03 21.40 -31.19
N PHE J 203 46.93 20.92 -31.74
CA PHE J 203 47.02 20.08 -32.94
C PHE J 203 47.55 20.87 -34.13
N TRP J 204 47.25 22.17 -34.19
CA TRP J 204 47.69 22.97 -35.33
C TRP J 204 49.20 23.16 -35.34
N GLN J 205 49.86 23.07 -34.19
CA GLN J 205 51.32 23.14 -34.17
C GLN J 205 51.93 22.02 -35.02
N LEU J 206 51.35 20.83 -34.94
CA LEU J 206 51.83 19.73 -35.76
C LEU J 206 51.26 19.79 -37.17
N TYR J 207 50.02 20.28 -37.31
CA TYR J 207 49.37 20.30 -38.61
C TYR J 207 49.93 21.37 -39.54
N GLY J 208 50.59 22.40 -38.99
CA GLY J 208 51.12 23.46 -39.84
C GLY J 208 52.24 23.00 -40.75
N ASP J 209 52.95 21.93 -40.37
CA ASP J 209 54.03 21.43 -41.21
C ASP J 209 53.49 20.92 -42.54
N PHE J 210 52.30 20.31 -42.53
CA PHE J 210 51.69 19.83 -43.76
C PHE J 210 50.98 20.92 -44.53
N LEU J 211 50.75 22.09 -43.92
CA LEU J 211 50.14 23.19 -44.63
C LEU J 211 51.07 23.67 -45.75
N PRO J 212 50.50 24.19 -46.84
CA PRO J 212 51.35 24.68 -47.94
C PRO J 212 52.17 25.89 -47.52
N SER J 213 53.44 25.88 -47.89
CA SER J 213 54.34 26.98 -47.56
C SER J 213 54.05 28.19 -48.43
N ASP J 214 54.86 29.24 -48.24
CA ASP J 214 54.69 30.46 -49.03
C ASP J 214 54.92 30.19 -50.52
N ASP J 215 55.84 29.28 -50.84
CA ASP J 215 56.09 28.94 -52.23
C ASP J 215 54.99 28.04 -52.78
N GLU J 216 54.52 27.08 -51.97
CA GLU J 216 53.51 26.15 -52.43
C GLU J 216 52.13 26.79 -52.50
N CYS J 217 51.89 27.85 -51.74
CA CYS J 217 50.59 28.50 -51.74
C CYS J 217 50.32 29.15 -53.09
N THR J 218 49.08 29.02 -53.56
CA THR J 218 48.65 29.55 -54.84
C THR J 218 47.82 30.82 -54.74
N SER J 219 47.64 31.35 -53.52
CA SER J 219 46.87 32.56 -53.35
C SER J 219 47.62 33.77 -53.94
N PHE J 220 46.85 34.75 -54.39
CA PHE J 220 47.41 35.94 -55.03
C PHE J 220 47.83 37.01 -54.03
N LEU J 221 47.62 36.78 -52.74
CA LEU J 221 48.19 37.68 -51.75
C LEU J 221 49.72 37.57 -51.73
N LEU J 222 50.24 36.36 -51.92
CA LEU J 222 51.67 36.12 -52.04
C LEU J 222 52.07 36.11 -53.51
N ALA J 223 51.89 37.28 -54.14
CA ALA J 223 52.16 37.41 -55.56
C ALA J 223 52.86 38.74 -55.82
N THR J 224 53.72 38.75 -56.84
CA THR J 224 54.45 39.95 -57.22
C THR J 224 53.60 40.81 -58.16
N GLU J 225 54.10 42.02 -58.42
CA GLU J 225 53.41 42.92 -59.34
C GLU J 225 53.45 42.38 -60.77
N GLU J 226 54.49 41.60 -61.10
CA GLU J 226 54.56 41.00 -62.42
C GLU J 226 53.37 40.07 -62.68
N ASP J 227 52.97 39.30 -61.67
CA ASP J 227 51.83 38.40 -61.83
C ASP J 227 50.53 39.19 -62.02
N LEU J 228 50.33 40.24 -61.24
CA LEU J 228 49.14 41.06 -61.38
C LEU J 228 49.09 41.74 -62.73
N LEU J 229 50.25 42.11 -63.28
CA LEU J 229 50.29 42.69 -64.62
C LEU J 229 50.01 41.63 -65.68
N GLU J 230 50.52 40.43 -65.49
CA GLU J 230 50.24 39.34 -66.42
C GLU J 230 48.79 38.88 -66.36
N LEU J 231 48.08 39.20 -65.27
CA LEU J 231 46.67 38.83 -65.17
C LEU J 231 45.85 39.40 -66.32
N GLN J 232 46.27 40.55 -66.85
CA GLN J 232 45.62 41.27 -67.96
C GLN J 232 44.22 41.75 -67.57
N ASP J 233 43.86 41.70 -66.29
CA ASP J 233 42.58 42.20 -65.81
C ASP J 233 42.86 43.27 -64.77
N GLU J 234 42.41 44.50 -65.06
CA GLU J 234 42.72 45.62 -64.18
C GLU J 234 41.93 45.54 -62.88
N LYS J 235 40.66 45.10 -62.96
CA LYS J 235 39.82 45.05 -61.77
C LYS J 235 40.36 44.05 -60.75
N LEU J 236 40.67 42.83 -61.20
CA LEU J 236 41.14 41.80 -60.28
C LEU J 236 42.50 42.16 -59.69
N ALA J 237 43.40 42.68 -60.53
CA ALA J 237 44.71 43.10 -60.04
C ALA J 237 44.58 44.21 -59.02
N SER J 238 43.70 45.18 -59.27
CA SER J 238 43.49 46.27 -58.33
C SER J 238 42.92 45.76 -57.01
N THR J 239 41.97 44.82 -57.07
CA THR J 239 41.39 44.28 -55.84
C THR J 239 42.42 43.51 -55.04
N MET J 240 43.26 42.72 -55.71
CA MET J 240 44.29 41.97 -54.99
C MET J 240 45.34 42.90 -54.39
N ARG J 241 45.71 43.95 -55.13
CA ARG J 241 46.65 44.92 -54.59
C ARG J 241 46.05 45.63 -53.37
N GLU J 242 44.76 45.95 -53.43
CA GLU J 242 44.10 46.59 -52.29
C GLU J 242 44.04 45.65 -51.09
N GLN J 243 43.80 44.36 -51.32
CA GLN J 243 43.80 43.41 -50.21
C GLN J 243 45.18 43.27 -49.60
N GLN J 244 46.23 43.24 -50.43
CA GLN J 244 47.58 43.19 -49.90
C GLN J 244 47.91 44.45 -49.10
N GLN J 245 47.42 45.58 -49.57
CA GLN J 245 47.65 46.84 -48.85
C GLN J 245 46.94 46.80 -47.50
N ARG J 246 45.72 46.27 -47.48
CA ARG J 246 44.99 46.14 -46.21
C ARG J 246 45.74 45.23 -45.25
N ALA J 247 46.27 44.12 -45.75
CA ALA J 247 47.04 43.22 -44.89
C ALA J 247 48.26 43.92 -44.31
N LEU J 248 49.00 44.63 -45.16
CA LEU J 248 50.20 45.32 -44.70
C LEU J 248 49.85 46.41 -43.68
N GLU J 249 48.76 47.15 -43.92
CA GLU J 249 48.36 48.20 -43.00
C GLU J 249 47.94 47.63 -41.66
N PHE J 250 47.19 46.52 -41.68
CA PHE J 250 46.78 45.89 -40.42
C PHE J 250 47.99 45.37 -39.65
N TRP J 251 48.96 44.78 -40.35
CA TRP J 251 50.16 44.30 -39.67
C TRP J 251 50.95 45.46 -39.07
N GLU J 252 51.08 46.56 -39.82
CA GLU J 252 51.82 47.72 -39.31
C GLU J 252 51.11 48.41 -38.16
N LYS J 253 49.77 48.36 -38.12
CA LYS J 253 49.05 49.01 -37.03
C LYS J 253 49.06 48.15 -35.77
N ASN J 254 48.66 46.88 -35.89
CA ASN J 254 48.54 46.05 -34.70
C ASN J 254 49.91 45.60 -34.18
N TRP J 255 50.82 45.22 -35.07
CA TRP J 255 52.14 44.76 -34.67
C TRP J 255 53.17 45.89 -34.71
N HIS J 256 52.99 46.85 -33.79
CA HIS J 256 53.94 47.93 -33.66
C HIS J 256 55.06 47.53 -32.69
N SER J 257 56.04 48.42 -32.54
CA SER J 257 57.21 48.11 -31.71
C SER J 257 56.83 48.01 -30.24
N ALA J 258 55.93 48.87 -29.77
CA ALA J 258 55.55 48.87 -28.36
C ALA J 258 54.67 47.69 -27.97
N VAL J 259 54.31 46.83 -28.91
CA VAL J 259 53.45 45.69 -28.65
C VAL J 259 54.19 44.72 -27.74
N PRO J 260 53.49 43.96 -26.89
CA PRO J 260 54.17 43.00 -26.02
C PRO J 260 54.87 41.91 -26.80
N LEU J 261 55.79 41.21 -26.13
CA LEU J 261 56.57 40.18 -26.80
C LEU J 261 55.71 38.99 -27.22
N LYS J 262 54.67 38.69 -26.43
CA LYS J 262 53.79 37.57 -26.77
C LYS J 262 53.05 37.82 -28.07
N ILE J 263 52.76 39.08 -28.39
CA ILE J 263 52.16 39.40 -29.68
C ILE J 263 53.23 39.43 -30.77
N LYS J 264 54.40 40.00 -30.47
CA LYS J 264 55.43 40.17 -31.47
C LYS J 264 55.95 38.82 -31.97
N ARG J 265 56.02 37.83 -31.09
CA ARG J 265 56.50 36.51 -31.51
C ARG J 265 55.51 35.81 -32.43
N LEU J 266 54.26 36.26 -32.46
CA LEU J 266 53.28 35.65 -33.37
C LEU J 266 53.66 35.89 -34.82
N ALA J 267 53.73 37.17 -35.24
CA ALA J 267 54.12 37.54 -36.59
C ALA J 267 55.23 38.58 -36.50
N ARG J 268 56.47 38.12 -36.43
CA ARG J 268 57.60 39.03 -36.38
C ARG J 268 57.79 39.77 -37.69
N ASP J 269 57.56 39.08 -38.81
CA ASP J 269 57.64 39.65 -40.14
C ASP J 269 56.26 39.74 -40.77
N PRO J 270 56.02 40.73 -41.64
CA PRO J 270 54.69 40.83 -42.27
C PRO J 270 54.40 39.69 -43.23
N GLU J 271 55.43 39.04 -43.77
CA GLU J 271 55.20 37.90 -44.66
C GLU J 271 54.50 36.76 -43.93
N ARG J 272 54.81 36.55 -42.65
CA ARG J 272 54.12 35.53 -41.88
C ARG J 272 52.64 35.85 -41.73
N PHE J 273 52.31 37.12 -41.50
CA PHE J 273 50.90 37.50 -41.37
C PHE J 273 50.19 37.38 -42.72
N ILE J 274 50.87 37.72 -43.81
CA ILE J 274 50.27 37.57 -45.14
C ILE J 274 50.02 36.10 -45.44
N TRP J 275 50.96 35.23 -45.06
CA TRP J 275 50.76 33.80 -45.26
C TRP J 275 49.62 33.28 -44.40
N ALA J 276 49.49 33.79 -43.18
CA ALA J 276 48.38 33.40 -42.32
C ALA J 276 47.04 33.82 -42.93
N MET J 277 46.98 35.04 -43.48
CA MET J 277 45.77 35.49 -44.15
C MET J 277 45.48 34.65 -45.38
N CYS J 278 46.52 34.25 -46.11
CA CYS J 278 46.33 33.38 -47.28
C CYS J 278 45.75 32.04 -46.86
N ILE J 279 46.29 31.44 -45.80
CA ILE J 279 45.78 30.16 -45.33
C ILE J 279 44.35 30.30 -44.85
N ALA J 280 44.03 31.42 -44.18
CA ALA J 280 42.68 31.64 -43.69
C ALA J 280 41.69 31.79 -44.85
N GLN J 281 42.06 32.57 -45.87
CA GLN J 281 41.15 32.84 -46.97
C GLN J 281 40.97 31.60 -47.85
N SER J 282 42.06 30.90 -48.16
CA SER J 282 42.01 29.78 -49.09
C SER J 282 41.45 28.51 -48.47
N ARG J 283 41.31 28.45 -47.15
CA ARG J 283 40.86 27.24 -46.48
C ARG J 283 39.82 27.53 -45.41
N SER J 284 38.92 28.48 -45.68
CA SER J 284 37.85 28.83 -44.75
C SER J 284 36.57 28.08 -45.12
N ILE J 285 35.84 27.63 -44.10
CA ILE J 285 34.55 26.99 -44.29
C ILE J 285 33.51 27.75 -43.49
N ASN J 286 32.40 28.08 -44.14
CA ASN J 286 31.29 28.77 -43.52
C ASN J 286 30.14 27.79 -43.35
N LEU J 287 29.94 27.32 -42.11
CA LEU J 287 28.92 26.34 -41.80
C LEU J 287 28.20 26.76 -40.52
N GLN J 288 26.98 26.25 -40.37
CA GLN J 288 26.20 26.46 -39.15
C GLN J 288 26.41 25.27 -38.23
N MET J 289 26.80 25.56 -36.98
CA MET J 289 27.12 24.53 -36.02
C MET J 289 26.32 24.73 -34.75
N ARG J 290 26.02 23.63 -34.08
CA ARG J 290 25.26 23.63 -32.83
C ARG J 290 26.06 22.92 -31.77
N ILE J 291 26.44 23.65 -30.72
CA ILE J 291 27.14 23.08 -29.57
C ILE J 291 26.30 23.32 -28.34
N GLY J 292 25.91 22.24 -27.66
CA GLY J 292 25.03 22.37 -26.52
C GLY J 292 23.67 22.87 -26.95
N ALA J 293 23.26 24.01 -26.38
CA ALA J 293 21.97 24.61 -26.68
C ALA J 293 22.07 25.78 -27.66
N LEU J 294 23.27 26.23 -28.00
CA LEU J 294 23.44 27.39 -28.85
C LEU J 294 23.62 26.97 -30.30
N VAL J 295 22.81 27.56 -31.19
CA VAL J 295 22.91 27.34 -32.63
C VAL J 295 23.37 28.65 -33.26
N GLN J 296 24.53 28.64 -33.91
CA GLN J 296 25.08 29.85 -34.50
C GLN J 296 25.76 29.51 -35.83
N ASP J 297 26.06 30.55 -36.59
CA ASP J 297 26.85 30.45 -37.81
C ASP J 297 28.23 31.04 -37.54
N ALA J 298 29.27 30.37 -38.06
CA ALA J 298 30.63 30.73 -37.73
C ALA J 298 31.55 30.39 -38.89
N ASN J 299 32.76 30.96 -38.84
CA ASN J 299 33.82 30.69 -39.80
C ASN J 299 34.85 29.80 -39.12
N LEU J 300 35.10 28.62 -39.70
CA LEU J 300 35.92 27.61 -39.07
C LEU J 300 37.07 27.20 -39.97
N LEU J 301 38.21 26.88 -39.35
CA LEU J 301 39.36 26.28 -40.03
C LEU J 301 39.44 24.84 -39.56
N VAL J 302 39.03 23.92 -40.41
CA VAL J 302 38.88 22.51 -40.05
C VAL J 302 40.01 21.72 -40.71
N PRO J 303 40.80 20.97 -39.96
CA PRO J 303 41.86 20.16 -40.58
C PRO J 303 41.28 18.93 -41.25
N TYR J 304 41.98 18.47 -42.29
CA TYR J 304 41.70 17.30 -43.11
C TYR J 304 40.47 17.49 -43.99
N ALA J 305 39.77 18.62 -43.91
CA ALA J 305 38.66 18.91 -44.80
C ALA J 305 39.04 19.91 -45.88
N ASP J 306 40.18 20.58 -45.76
CA ASP J 306 40.65 21.50 -46.77
C ASP J 306 41.54 20.84 -47.81
N MET J 307 41.82 19.54 -47.66
CA MET J 307 42.61 18.79 -48.63
C MET J 307 41.75 18.21 -49.75
N MET J 308 40.47 18.57 -49.80
CA MET J 308 39.57 18.13 -50.85
C MET J 308 39.49 19.20 -51.92
N ASN J 309 39.64 18.80 -53.18
CA ASN J 309 39.69 19.75 -54.26
C ASN J 309 38.28 20.23 -54.63
N HIS J 310 38.22 21.23 -55.50
CA HIS J 310 36.97 21.87 -55.88
C HIS J 310 36.40 21.25 -57.16
N SER J 311 35.08 21.11 -57.19
CA SER J 311 34.38 20.64 -58.38
C SER J 311 32.97 21.21 -58.37
N PHE J 312 32.42 21.40 -59.57
CA PHE J 312 31.07 21.92 -59.72
C PHE J 312 30.02 20.83 -59.73
N GLN J 313 30.43 19.56 -59.74
CA GLN J 313 29.53 18.42 -59.57
C GLN J 313 30.05 17.63 -58.39
N PRO J 314 29.75 18.08 -57.16
CA PRO J 314 30.41 17.52 -55.98
C PRO J 314 29.96 16.09 -55.70
N ASN J 315 30.84 15.36 -55.03
CA ASN J 315 30.53 14.02 -54.54
C ASN J 315 30.30 13.98 -53.04
N CYS J 316 30.66 15.04 -52.32
CA CYS J 316 30.55 15.07 -50.86
C CYS J 316 30.15 16.47 -50.42
N PHE J 317 29.72 16.57 -49.16
CA PHE J 317 29.32 17.83 -48.56
C PHE J 317 29.65 17.81 -47.08
N PHE J 318 29.78 19.01 -46.49
CA PHE J 318 30.17 19.16 -45.09
C PHE J 318 28.92 19.26 -44.22
N HIS J 319 28.57 18.14 -43.60
CA HIS J 319 27.49 18.11 -42.62
C HIS J 319 28.06 18.19 -41.21
N TRP J 320 27.23 18.64 -40.28
CA TRP J 320 27.63 18.84 -38.89
C TRP J 320 26.85 17.91 -37.98
N ARG J 321 27.53 17.32 -37.01
CA ARG J 321 26.92 16.46 -36.00
C ARG J 321 27.06 17.15 -34.65
N PHE J 322 25.91 17.46 -34.02
CA PHE J 322 25.94 18.24 -32.80
C PHE J 322 26.14 17.36 -31.56
N LYS J 323 25.64 16.11 -31.61
CA LYS J 323 25.75 15.25 -30.44
C LYS J 323 27.20 14.88 -30.14
N ASP J 324 27.93 14.43 -31.14
CA ASP J 324 29.35 14.12 -30.97
C ASP J 324 30.24 15.33 -31.14
N ARG J 325 29.68 16.48 -31.53
CA ARG J 325 30.43 17.71 -31.72
C ARG J 325 31.58 17.51 -32.70
N MET J 326 31.24 16.93 -33.85
CA MET J 326 32.20 16.63 -34.90
C MET J 326 31.66 17.07 -36.25
N LEU J 327 32.58 17.47 -37.13
CA LEU J 327 32.23 17.77 -38.51
C LEU J 327 32.43 16.52 -39.37
N GLU J 328 31.41 16.17 -40.13
CA GLU J 328 31.42 14.93 -40.90
C GLU J 328 31.24 15.24 -42.39
N VAL J 329 32.08 14.61 -43.21
CA VAL J 329 31.98 14.72 -44.66
C VAL J 329 31.25 13.48 -45.16
N MET J 330 30.15 13.69 -45.87
CA MET J 330 29.28 12.60 -46.30
C MET J 330 29.12 12.63 -47.81
N ILE J 331 29.21 11.44 -48.44
CA ILE J 331 29.01 11.32 -49.87
C ILE J 331 27.54 11.57 -50.19
N ASN J 332 27.29 12.23 -51.34
CA ASN J 332 25.93 12.47 -51.77
C ASN J 332 25.20 11.15 -52.01
N ALA J 333 23.94 11.10 -51.60
CA ALA J 333 23.14 9.90 -51.76
C ALA J 333 22.74 9.72 -53.22
N GLY J 334 22.63 8.45 -53.62
CA GLY J 334 22.26 8.12 -54.98
C GLY J 334 23.36 8.26 -56.01
N GLN J 335 24.59 8.50 -55.58
CA GLN J 335 25.73 8.65 -56.48
C GLN J 335 26.65 7.45 -56.33
N ARG J 336 27.20 7.01 -57.47
CA ARG J 336 28.06 5.84 -57.51
C ARG J 336 29.51 6.28 -57.55
N ILE J 337 30.29 5.81 -56.58
CA ILE J 337 31.71 6.14 -56.46
C ILE J 337 32.51 4.87 -56.66
N ARG J 338 33.48 4.91 -57.58
CA ARG J 338 34.34 3.78 -57.88
C ARG J 338 35.74 4.05 -57.35
N LYS J 339 36.51 2.96 -57.19
CA LYS J 339 37.86 3.08 -56.68
C LYS J 339 38.73 3.92 -57.59
N GLY J 340 39.50 4.83 -57.00
CA GLY J 340 40.35 5.72 -57.75
C GLY J 340 39.78 7.10 -58.01
N ASP J 341 38.49 7.30 -57.78
CA ASP J 341 37.90 8.62 -57.98
C ASP J 341 38.35 9.58 -56.88
N GLU J 342 38.29 10.87 -57.20
CA GLU J 342 38.71 11.92 -56.28
C GLU J 342 37.49 12.52 -55.60
N MET J 343 37.51 12.50 -54.27
CA MET J 343 36.44 13.13 -53.50
C MET J 343 36.56 14.65 -53.61
N THR J 344 35.45 15.31 -53.93
CA THR J 344 35.45 16.73 -54.21
C THR J 344 34.28 17.40 -53.49
N VAL J 345 34.47 18.67 -53.13
CA VAL J 345 33.43 19.49 -52.51
C VAL J 345 33.39 20.84 -53.22
N ASP J 346 32.27 21.52 -53.06
CA ASP J 346 32.01 22.77 -53.76
C ASP J 346 32.19 23.96 -52.83
N TYR J 347 33.00 24.93 -53.26
CA TYR J 347 33.13 26.21 -52.56
C TYR J 347 32.42 27.27 -53.39
N MET J 348 31.62 28.10 -52.74
CA MET J 348 30.97 29.24 -53.40
C MET J 348 30.15 28.80 -54.60
N ALA J 349 29.10 28.03 -54.38
CA ALA J 349 28.27 27.51 -55.45
C ALA J 349 27.46 28.65 -56.06
N GLY J 350 27.86 29.07 -57.26
CA GLY J 350 27.22 30.18 -57.93
C GLY J 350 28.07 31.43 -58.07
N GLN J 351 29.38 31.31 -58.04
CA GLN J 351 30.28 32.46 -58.17
C GLN J 351 31.11 32.34 -59.44
N LYS J 352 31.54 33.50 -59.94
CA LYS J 352 32.36 33.53 -61.14
C LYS J 352 33.80 33.15 -60.82
N ASN J 353 34.60 32.99 -61.89
CA ASN J 353 36.00 32.67 -61.71
C ASN J 353 36.78 33.79 -61.03
N ASN J 354 36.26 35.01 -61.06
CA ASN J 354 36.93 36.12 -60.39
C ASN J 354 37.03 35.87 -58.88
N PHE J 355 35.92 35.48 -58.25
CA PHE J 355 35.95 35.22 -56.82
C PHE J 355 36.84 34.03 -56.47
N PHE J 356 36.84 33.00 -57.33
CA PHE J 356 37.71 31.85 -57.09
C PHE J 356 39.18 32.26 -57.16
N MET J 357 39.52 33.05 -58.18
CA MET J 357 40.91 33.50 -58.38
C MET J 357 41.31 34.48 -57.29
N GLN J 358 40.34 35.17 -56.71
CA GLN J 358 40.62 36.13 -55.66
C GLN J 358 40.86 35.44 -54.32
N ARG J 359 39.99 34.50 -53.94
CA ARG J 359 40.05 33.91 -52.62
C ARG J 359 40.93 32.66 -52.56
N TYR J 360 40.75 31.72 -53.49
CA TYR J 360 41.49 30.48 -53.48
C TYR J 360 42.62 30.44 -54.51
N GLY J 361 42.72 31.46 -55.37
CA GLY J 361 43.74 31.45 -56.40
C GLY J 361 43.57 30.32 -57.40
N PHE J 362 42.34 30.06 -57.82
CA PHE J 362 42.03 28.94 -58.70
C PHE J 362 41.09 29.41 -59.80
N SER J 363 41.13 28.70 -60.93
CA SER J 363 40.26 28.99 -62.06
C SER J 363 39.88 27.68 -62.74
N SER J 364 38.66 27.64 -63.26
CA SER J 364 38.16 26.45 -63.93
C SER J 364 37.57 26.81 -65.29
N PRO J 365 37.93 26.07 -66.34
CA PRO J 365 37.36 26.38 -67.66
C PRO J 365 35.91 25.96 -67.80
N VAL J 366 35.44 25.04 -66.95
CA VAL J 366 34.08 24.52 -67.05
C VAL J 366 33.16 25.17 -66.00
N ASN J 367 33.51 26.35 -65.52
CA ASN J 367 32.67 27.04 -64.55
C ASN J 367 31.32 27.38 -65.17
N PRO J 368 30.22 26.86 -64.63
CA PRO J 368 28.90 27.14 -65.22
C PRO J 368 28.32 28.49 -64.84
N TRP J 369 29.01 29.28 -64.02
CA TRP J 369 28.49 30.56 -63.55
C TRP J 369 29.28 31.75 -64.10
N ASP J 370 30.10 31.53 -65.13
CA ASP J 370 30.85 32.63 -65.71
C ASP J 370 29.94 33.53 -66.53
N VAL J 371 30.20 34.83 -66.46
CA VAL J 371 29.40 35.84 -67.15
C VAL J 371 30.29 36.59 -68.12
N ILE J 372 29.86 36.68 -69.37
CA ILE J 372 30.56 37.42 -70.42
C ILE J 372 29.68 38.58 -70.83
N HIS J 373 30.16 39.80 -70.62
CA HIS J 373 29.35 41.00 -70.85
C HIS J 373 29.29 41.28 -72.35
N PHE J 374 28.12 41.04 -72.94
CA PHE J 374 27.87 41.33 -74.35
C PHE J 374 26.91 42.50 -74.46
N THR J 375 27.34 43.57 -75.16
CA THR J 375 26.52 44.74 -75.38
C THR J 375 25.81 44.73 -76.72
N GLY J 376 25.89 43.62 -77.45
CA GLY J 376 25.23 43.56 -78.75
C GLY J 376 23.72 43.57 -78.60
N ASP J 377 23.05 44.26 -79.53
CA ASP J 377 21.59 44.33 -79.50
C ASP J 377 20.96 42.99 -79.86
N ALA J 378 21.73 42.11 -80.51
CA ALA J 378 21.20 40.82 -80.93
C ALA J 378 20.84 39.95 -79.73
N LYS J 379 19.84 39.09 -79.92
CA LYS J 379 19.37 38.17 -78.89
C LYS J 379 19.11 36.81 -79.50
N ILE J 380 19.70 35.77 -78.92
CA ILE J 380 19.45 34.41 -79.36
C ILE J 380 18.21 33.86 -78.67
N HIS J 381 17.65 32.79 -79.23
CA HIS J 381 16.49 32.15 -78.62
C HIS J 381 16.95 31.14 -77.58
N LEU J 382 16.49 31.33 -76.34
CA LEU J 382 16.97 30.51 -75.23
C LEU J 382 16.44 29.07 -75.34
N ASP J 383 15.15 28.92 -75.67
CA ASP J 383 14.56 27.59 -75.71
C ASP J 383 15.19 26.72 -76.79
N THR J 384 15.33 27.26 -78.00
CA THR J 384 15.94 26.48 -79.08
C THR J 384 17.40 26.16 -78.77
N PHE J 385 18.10 27.09 -78.11
CA PHE J 385 19.48 26.84 -77.72
C PHE J 385 19.57 25.67 -76.74
N LEU J 386 18.76 25.71 -75.68
CA LEU J 386 18.76 24.61 -74.70
C LEU J 386 18.31 23.31 -75.34
N SER J 387 17.45 23.39 -76.36
CA SER J 387 17.00 22.18 -77.05
C SER J 387 18.12 21.57 -77.88
N VAL J 388 18.79 22.39 -78.70
CA VAL J 388 19.84 21.86 -79.56
C VAL J 388 21.02 21.39 -78.74
N PHE J 389 21.23 21.97 -77.56
CA PHE J 389 22.32 21.57 -76.68
C PHE J 389 21.84 20.69 -75.53
N ASN J 390 20.58 20.26 -75.55
CA ASN J 390 20.04 19.30 -74.60
C ASN J 390 20.29 19.72 -73.15
N ILE J 391 19.84 20.93 -72.82
CA ILE J 391 19.89 21.46 -71.47
C ILE J 391 18.48 21.46 -70.90
N SER J 392 18.31 20.85 -69.73
CA SER J 392 17.00 20.70 -69.12
C SER J 392 17.04 21.23 -67.69
N GLY J 393 15.91 21.80 -67.26
CA GLY J 393 15.77 22.33 -65.93
C GLY J 393 15.47 23.82 -65.95
N LEU J 394 15.24 24.34 -64.75
CA LEU J 394 14.94 25.76 -64.57
C LEU J 394 16.21 26.58 -64.73
N PRO J 395 16.08 27.89 -64.96
CA PRO J 395 17.29 28.74 -65.07
C PRO J 395 18.18 28.69 -63.84
N GLY J 396 17.65 28.30 -62.68
CA GLY J 396 18.45 28.16 -61.49
C GLY J 396 19.17 26.84 -61.36
N GLU J 397 18.80 25.85 -62.16
CA GLU J 397 19.43 24.53 -62.13
C GLU J 397 19.48 24.00 -63.55
N TYR J 398 20.67 24.00 -64.15
CA TYR J 398 20.87 23.52 -65.50
C TYR J 398 21.79 22.32 -65.49
N TYR J 399 21.39 21.27 -66.19
CA TYR J 399 22.21 20.07 -66.32
C TYR J 399 21.97 19.45 -67.69
N HIS J 400 23.00 18.77 -68.18
CA HIS J 400 22.93 18.08 -69.46
C HIS J 400 22.28 16.72 -69.27
N ASN J 401 21.13 16.53 -69.92
CA ASN J 401 20.36 15.29 -69.78
C ASN J 401 21.03 14.22 -70.64
N SER J 402 22.02 13.54 -70.12
CA SER J 402 22.77 12.59 -70.93
C SER J 402 21.98 11.34 -71.26
N ARG J 403 20.76 11.28 -70.79
CA ARG J 403 19.92 10.15 -71.04
C ARG J 403 19.29 10.37 -72.36
N LEU J 404 19.10 11.62 -72.73
CA LEU J 404 18.50 11.97 -74.00
C LEU J 404 19.67 12.17 -74.88
N SER J 405 20.81 12.38 -74.28
CA SER J 405 22.00 12.63 -75.06
C SER J 405 22.49 11.43 -75.82
N ASN J 406 22.25 10.22 -75.28
CA ASN J 406 22.73 9.00 -75.91
C ASN J 406 24.19 9.12 -76.27
N ASP J 407 25.04 9.30 -75.26
CA ASP J 407 26.49 9.49 -75.50
C ASP J 407 26.75 10.55 -76.55
N GLY J 408 27.59 10.24 -77.53
CA GLY J 408 27.87 11.18 -78.61
C GLY J 408 28.31 12.55 -78.16
N ASP J 409 27.39 13.51 -78.13
CA ASP J 409 27.71 14.87 -77.73
C ASP J 409 28.39 14.98 -76.38
N SER J 410 29.65 15.34 -76.39
CA SER J 410 30.34 15.58 -75.15
C SER J 410 30.74 17.02 -75.22
N PHE J 411 30.48 17.68 -76.35
CA PHE J 411 30.75 19.11 -76.38
C PHE J 411 30.04 19.84 -75.24
N VAL J 412 28.90 19.31 -74.79
CA VAL J 412 28.13 19.97 -73.74
C VAL J 412 28.85 19.81 -72.41
N ASP J 413 28.96 20.90 -71.68
CA ASP J 413 29.64 20.94 -70.38
C ASP J 413 29.23 22.24 -69.69
N GLY J 414 29.90 22.55 -68.57
CA GLY J 414 29.57 23.75 -67.85
C GLY J 414 29.81 25.02 -68.64
N ALA J 415 30.71 24.96 -69.63
CA ALA J 415 31.02 26.14 -70.43
C ALA J 415 29.80 26.60 -71.23
N ILE J 416 29.12 25.65 -71.90
CA ILE J 416 27.94 26.02 -72.69
C ILE J 416 26.80 26.43 -71.77
N ILE J 417 26.73 25.87 -70.57
CA ILE J 417 25.71 26.29 -69.61
C ILE J 417 25.94 27.75 -69.20
N ALA J 418 27.19 28.09 -68.86
CA ALA J 418 27.51 29.47 -68.53
C ALA J 418 27.26 30.39 -69.71
N ALA J 419 27.51 29.90 -70.94
CA ALA J 419 27.21 30.69 -72.13
C ALA J 419 25.71 30.98 -72.23
N ALA J 420 24.89 29.93 -72.16
CA ALA J 420 23.44 30.11 -72.24
C ALA J 420 22.94 31.03 -71.12
N ARG J 421 23.61 31.01 -69.97
CA ARG J 421 23.23 31.91 -68.89
C ARG J 421 23.61 33.35 -69.21
N THR J 422 24.78 33.57 -69.81
CA THR J 422 25.27 34.92 -70.01
C THR J 422 24.81 35.49 -71.36
N LEU J 423 24.55 34.63 -72.34
CA LEU J 423 24.18 35.11 -73.66
C LEU J 423 22.85 35.86 -73.61
N PRO J 424 22.72 36.95 -74.35
CA PRO J 424 21.43 37.66 -74.39
C PRO J 424 20.36 36.81 -75.06
N THR J 425 19.25 36.63 -74.37
CA THR J 425 18.21 35.71 -74.82
C THR J 425 16.86 36.40 -74.81
N TRP J 426 15.98 35.96 -75.69
CA TRP J 426 14.62 36.48 -75.81
C TRP J 426 13.64 35.31 -75.80
N SER J 427 12.57 35.44 -75.01
CA SER J 427 11.52 34.43 -74.94
C SER J 427 10.17 35.14 -74.94
N ASP J 428 9.39 34.92 -76.00
CA ASP J 428 8.09 35.55 -76.15
C ASP J 428 7.04 34.48 -76.38
N GLY J 429 6.50 33.95 -75.30
CA GLY J 429 5.46 32.93 -75.41
C GLY J 429 5.92 31.72 -76.20
N ASP J 430 5.12 31.33 -77.19
CA ASP J 430 5.42 30.19 -78.04
C ASP J 430 5.71 30.60 -79.48
N LEU J 431 6.13 31.84 -79.70
CA LEU J 431 6.48 32.27 -81.05
C LEU J 431 7.70 31.49 -81.54
N PRO J 432 7.65 30.92 -82.73
CA PRO J 432 8.79 30.15 -83.24
C PRO J 432 9.90 31.07 -83.73
N PRO J 433 11.16 30.67 -83.57
CA PRO J 433 12.26 31.52 -84.02
C PRO J 433 12.34 31.60 -85.54
N ILE J 434 12.86 32.71 -86.03
CA ILE J 434 13.06 32.94 -87.46
C ILE J 434 14.51 32.62 -87.79
N PRO J 435 14.79 31.84 -88.83
CA PRO J 435 16.19 31.46 -89.11
C PRO J 435 17.06 32.64 -89.53
N SER J 436 16.52 33.57 -90.31
CA SER J 436 17.33 34.71 -90.77
C SER J 436 17.70 35.63 -89.62
N LEU J 437 16.74 35.94 -88.74
CA LEU J 437 17.03 36.79 -87.59
C LEU J 437 18.02 36.12 -86.65
N GLU J 438 17.88 34.82 -86.42
CA GLU J 438 18.81 34.13 -85.55
C GLU J 438 20.20 34.05 -86.17
N ARG J 439 20.27 33.92 -87.50
CA ARG J 439 21.57 33.89 -88.17
C ARG J 439 22.25 35.25 -88.07
N LYS J 440 21.51 36.34 -88.26
CA LYS J 440 22.07 37.67 -88.05
C LYS J 440 22.53 37.85 -86.61
N ALA J 441 21.75 37.33 -85.65
CA ALA J 441 22.12 37.46 -84.25
C ALA J 441 23.41 36.70 -83.95
N VAL J 442 23.55 35.48 -84.46
CA VAL J 442 24.73 34.69 -84.15
C VAL J 442 25.95 35.27 -84.87
N LYS J 443 25.76 35.85 -86.05
CA LYS J 443 26.91 36.46 -86.72
C LYS J 443 27.36 37.72 -86.01
N GLU J 444 26.42 38.52 -85.49
CA GLU J 444 26.79 39.68 -84.69
C GLU J 444 27.49 39.25 -83.40
N LEU J 445 26.99 38.18 -82.77
CA LEU J 445 27.63 37.69 -81.55
C LEU J 445 29.04 37.18 -81.84
N GLN J 446 29.23 36.50 -82.96
CA GLN J 446 30.57 36.02 -83.33
C GLN J 446 31.51 37.19 -83.60
N GLU J 447 31.00 38.24 -84.24
CA GLU J 447 31.83 39.43 -84.46
C GLU J 447 32.24 40.06 -83.13
N GLU J 448 31.29 40.19 -82.19
CA GLU J 448 31.60 40.79 -80.90
C GLU J 448 32.58 39.91 -80.12
N CYS J 449 32.43 38.58 -80.23
CA CYS J 449 33.34 37.68 -79.53
C CYS J 449 34.75 37.74 -80.12
N HIS J 450 34.84 37.84 -81.44
CA HIS J 450 36.16 38.01 -82.07
C HIS J 450 36.79 39.32 -81.65
N GLN J 451 35.99 40.38 -81.54
CA GLN J 451 36.50 41.65 -81.03
C GLN J 451 37.06 41.49 -79.63
N MET J 452 36.27 40.90 -78.72
CA MET J 452 36.71 40.74 -77.33
C MET J 452 37.96 39.86 -77.24
N LEU J 453 38.06 38.84 -78.10
CA LEU J 453 39.25 38.01 -78.11
C LEU J 453 40.47 38.77 -78.62
N ALA J 454 40.27 39.64 -79.63
CA ALA J 454 41.38 40.44 -80.14
C ALA J 454 41.80 41.51 -79.12
N GLU J 455 40.91 41.85 -78.19
CA GLU J 455 41.25 42.83 -77.17
C GLU J 455 42.45 42.38 -76.33
N PHE J 456 42.49 41.10 -75.98
CA PHE J 456 43.61 40.58 -75.20
C PHE J 456 44.84 40.44 -76.10
N PRO J 457 46.00 40.97 -75.70
CA PRO J 457 47.17 40.89 -76.58
C PRO J 457 47.85 39.54 -76.53
N THR J 458 47.07 38.49 -76.76
CA THR J 458 47.58 37.11 -76.75
C THR J 458 46.57 36.15 -77.35
N THR J 459 47.01 34.92 -77.63
CA THR J 459 46.15 33.88 -78.18
C THR J 459 46.26 32.63 -77.31
N SER J 460 45.38 31.68 -77.57
CA SER J 460 45.38 30.43 -76.80
C SER J 460 46.67 29.64 -77.02
N ASP J 461 47.15 29.59 -78.26
CA ASP J 461 48.37 28.85 -78.55
C ASP J 461 49.58 29.47 -77.87
N GLU J 462 49.65 30.81 -77.87
CA GLU J 462 50.77 31.48 -77.19
C GLU J 462 50.73 31.23 -75.70
N ASP J 463 49.55 31.28 -75.08
CA ASP J 463 49.44 31.02 -73.65
C ASP J 463 49.81 29.58 -73.33
N GLN J 464 49.35 28.62 -74.14
CA GLN J 464 49.70 27.22 -73.92
C GLN J 464 51.20 27.00 -74.07
N LYS J 465 51.82 27.65 -75.06
CA LYS J 465 53.25 27.49 -75.27
C LYS J 465 54.03 28.11 -74.11
N ILE J 466 53.59 29.25 -73.60
CA ILE J 466 54.24 29.86 -72.44
C ILE J 466 54.08 28.97 -71.22
N LEU J 467 52.92 28.30 -71.09
CA LEU J 467 52.70 27.42 -69.97
C LEU J 467 53.62 26.20 -70.02
N ASP J 468 53.71 25.55 -71.19
CA ASP J 468 54.53 24.36 -71.28
C ASP J 468 56.02 24.70 -71.27
N SER J 469 56.36 25.94 -71.67
CA SER J 469 57.76 26.34 -71.71
C SER J 469 58.34 26.44 -70.29
N MET J 470 57.50 26.77 -69.31
CA MET J 470 57.94 26.89 -67.93
C MET J 470 57.39 25.74 -67.09
N PRO J 471 58.13 24.64 -66.96
CA PRO J 471 57.64 23.54 -66.11
C PRO J 471 57.63 23.88 -64.64
N ASP J 472 58.70 24.49 -64.14
CA ASP J 472 58.80 24.90 -62.74
C ASP J 472 58.89 26.42 -62.67
N CYS J 473 57.90 27.04 -62.05
CA CYS J 473 57.85 28.49 -61.94
C CYS J 473 56.94 28.88 -60.78
N ARG J 474 56.75 30.18 -60.61
CA ARG J 474 55.88 30.69 -59.57
C ARG J 474 54.45 30.20 -59.79
N ARG J 475 53.80 29.78 -58.69
CA ARG J 475 52.43 29.29 -58.78
C ARG J 475 51.47 30.39 -59.17
N THR J 476 51.76 31.63 -58.77
CA THR J 476 50.87 32.75 -59.10
C THR J 476 50.87 33.04 -60.59
N LEU J 477 52.05 33.03 -61.21
CA LEU J 477 52.12 33.26 -62.65
C LEU J 477 51.42 32.14 -63.42
N GLU J 478 51.59 30.90 -62.98
CA GLU J 478 50.88 29.79 -63.60
C GLU J 478 49.37 29.95 -63.46
N ALA J 479 48.91 30.37 -62.29
CA ALA J 479 47.48 30.60 -62.09
C ALA J 479 46.99 31.73 -63.00
N ALA J 480 47.79 32.78 -63.17
CA ALA J 480 47.39 33.88 -64.03
C ALA J 480 47.26 33.45 -65.48
N ILE J 481 48.27 32.74 -65.99
CA ILE J 481 48.22 32.30 -67.39
C ILE J 481 47.11 31.27 -67.58
N LYS J 482 46.83 30.47 -66.55
CA LYS J 482 45.73 29.52 -66.64
C LYS J 482 44.39 30.23 -66.67
N TYR J 483 44.24 31.30 -65.90
CA TYR J 483 43.02 32.10 -65.94
C TYR J 483 42.82 32.73 -67.32
N ARG J 484 43.89 33.30 -67.88
CA ARG J 484 43.83 33.85 -69.22
C ARG J 484 43.42 32.79 -70.24
N LEU J 485 44.06 31.62 -70.19
CA LEU J 485 43.75 30.54 -71.12
C LEU J 485 42.32 30.06 -70.95
N HIS J 486 41.83 30.00 -69.70
CA HIS J 486 40.47 29.54 -69.46
C HIS J 486 39.46 30.54 -70.01
N ARG J 487 39.70 31.83 -69.84
CA ARG J 487 38.78 32.82 -70.39
C ARG J 487 38.79 32.79 -71.92
N LYS J 488 39.98 32.66 -72.51
CA LYS J 488 40.06 32.58 -73.97
C LYS J 488 39.36 31.33 -74.51
N LEU J 489 39.57 30.20 -73.84
CA LEU J 489 38.88 28.97 -74.25
C LEU J 489 37.38 29.07 -74.06
N LEU J 490 36.94 29.78 -73.02
CA LEU J 490 35.50 30.00 -72.84
C LEU J 490 34.92 30.81 -73.98
N ILE J 491 35.62 31.88 -74.38
CA ILE J 491 35.13 32.69 -75.51
C ILE J 491 35.11 31.87 -76.79
N GLU J 492 36.17 31.08 -77.02
CA GLU J 492 36.23 30.25 -78.22
C GLU J 492 35.10 29.22 -78.22
N LYS J 493 34.81 28.63 -77.06
CA LYS J 493 33.75 27.63 -76.99
C LYS J 493 32.39 28.28 -77.14
N VAL J 494 32.24 29.52 -76.70
CA VAL J 494 31.00 30.26 -76.96
C VAL J 494 30.82 30.46 -78.46
N ILE J 495 31.89 30.84 -79.16
CA ILE J 495 31.82 31.00 -80.61
C ILE J 495 31.43 29.68 -81.27
N GLN J 496 32.07 28.59 -80.85
CA GLN J 496 31.79 27.29 -81.44
C GLN J 496 30.36 26.84 -81.16
N ALA J 497 29.85 27.14 -79.96
CA ALA J 497 28.48 26.79 -79.62
C ALA J 497 27.48 27.60 -80.43
N LEU J 498 27.77 28.88 -80.65
CA LEU J 498 26.91 29.68 -81.52
C LEU J 498 26.91 29.15 -82.95
N ASP J 499 28.08 28.71 -83.43
CA ASP J 499 28.15 28.14 -84.77
C ASP J 499 27.35 26.84 -84.85
N ILE J 500 27.47 25.99 -83.84
CA ILE J 500 26.73 24.73 -83.81
C ILE J 500 25.23 25.00 -83.74
N TYR J 501 24.83 26.02 -82.99
CA TYR J 501 23.41 26.39 -82.94
C TYR J 501 22.92 26.85 -84.31
N GLN J 502 23.69 27.72 -84.97
CA GLN J 502 23.31 28.17 -86.31
C GLN J 502 23.21 27.01 -87.28
N ASP J 503 24.07 25.99 -87.12
CA ASP J 503 24.05 24.85 -88.01
C ASP J 503 22.84 23.95 -87.72
N ARG J 504 22.61 23.63 -86.45
CA ARG J 504 21.62 22.61 -86.11
C ARG J 504 20.20 23.16 -86.10
N ILE J 505 20.04 24.49 -85.99
CA ILE J 505 18.70 25.07 -86.00
C ILE J 505 17.99 24.78 -87.31
N LEU J 506 18.75 24.61 -88.39
CA LEU J 506 18.20 24.31 -89.70
C LEU J 506 18.33 22.82 -89.98
N PHE J 507 17.35 22.07 -89.51
CA PHE J 507 17.31 20.62 -89.72
C PHE J 507 15.99 20.21 -90.38
N ILE K 128 62.63 47.06 -11.47
CA ILE K 128 62.37 47.07 -12.91
C ILE K 128 63.48 47.81 -13.64
N VAL K 129 64.04 47.15 -14.67
CA VAL K 129 65.12 47.75 -15.43
C VAL K 129 64.61 48.83 -16.37
N ASP K 130 63.35 48.72 -16.78
CA ASP K 130 62.61 49.63 -17.67
C ASP K 130 63.05 49.55 -19.13
N TYR K 131 63.96 48.65 -19.48
CA TYR K 131 64.34 48.43 -20.87
C TYR K 131 64.14 46.96 -21.22
N ARG K 132 63.50 46.71 -22.35
CA ARG K 132 63.28 45.36 -22.75
C ARG K 132 64.47 44.73 -23.41
N ILE K 133 65.07 43.71 -22.81
CA ILE K 133 66.27 43.06 -23.31
C ILE K 133 65.89 42.12 -24.44
N ASN K 134 66.88 41.70 -25.21
CA ASN K 134 66.67 40.73 -26.29
C ASN K 134 66.90 39.34 -25.74
N GLU K 135 65.82 38.58 -25.58
CA GLU K 135 65.87 37.25 -24.97
C GLU K 135 66.57 36.22 -25.84
N GLU K 136 66.95 36.57 -27.07
CA GLU K 136 67.71 35.65 -27.91
C GLU K 136 69.12 35.43 -27.36
N GLU K 137 69.67 36.43 -26.67
CA GLU K 137 71.00 36.33 -26.08
C GLU K 137 70.97 35.95 -24.61
N PHE K 138 69.90 35.32 -24.13
CA PHE K 138 69.77 34.93 -22.74
C PHE K 138 69.26 33.50 -22.64
N HIS K 139 69.56 32.87 -21.50
CA HIS K 139 69.03 31.56 -21.18
C HIS K 139 67.70 31.72 -20.46
N LYS K 140 66.63 31.25 -21.10
CA LYS K 140 65.28 31.37 -20.55
C LYS K 140 64.97 30.10 -19.76
N ILE K 141 64.87 30.23 -18.44
CA ILE K 141 64.54 29.12 -17.56
C ILE K 141 63.16 29.37 -16.99
N SER K 142 62.26 28.40 -17.17
CA SER K 142 60.87 28.52 -16.76
C SER K 142 60.67 27.87 -15.39
N LEU K 143 59.91 28.55 -14.53
CA LEU K 143 59.57 28.04 -13.22
C LEU K 143 58.07 28.07 -13.06
N LEU K 144 57.59 27.66 -11.89
CA LEU K 144 56.15 27.63 -11.63
C LEU K 144 55.56 29.03 -11.64
N ASP K 145 56.21 29.96 -10.94
CA ASP K 145 55.71 31.32 -10.81
C ASP K 145 56.66 32.38 -11.34
N CYS K 146 57.80 31.98 -11.91
CA CYS K 146 58.80 32.93 -12.37
C CYS K 146 59.48 32.42 -13.63
N ASP K 147 60.18 33.33 -14.31
CA ASP K 147 61.03 33.00 -15.43
C ASP K 147 62.39 33.67 -15.23
N PHE K 148 63.45 32.88 -15.31
CA PHE K 148 64.80 33.34 -15.02
C PHE K 148 65.60 33.45 -16.31
N PHE K 149 66.29 34.58 -16.47
CA PHE K 149 67.09 34.86 -17.65
C PHE K 149 68.55 35.01 -17.27
N ILE K 150 69.42 34.30 -17.98
CA ILE K 150 70.86 34.38 -17.77
C ILE K 150 71.53 34.54 -19.13
N ARG K 151 72.46 35.49 -19.22
CA ARG K 151 73.11 35.80 -20.49
C ARG K 151 73.96 34.62 -20.97
N LYS K 152 73.83 34.31 -22.25
CA LYS K 152 74.57 33.20 -22.85
C LYS K 152 75.62 33.72 -23.82
N PRO K 153 76.91 33.54 -23.54
CA PRO K 153 77.94 33.89 -24.52
C PRO K 153 77.84 33.00 -25.73
N PRO K 154 78.32 33.46 -26.90
CA PRO K 154 78.28 32.61 -28.09
C PRO K 154 79.11 31.35 -27.89
N ASP K 155 78.47 30.21 -28.15
CA ASP K 155 79.09 28.91 -27.89
C ASP K 155 78.49 27.89 -28.84
N PRO K 156 79.25 26.85 -29.19
CA PRO K 156 78.66 25.79 -30.03
C PRO K 156 77.55 25.03 -29.33
N ASP K 157 77.77 24.58 -28.10
CA ASP K 157 76.75 23.93 -27.30
C ASP K 157 76.28 24.88 -26.22
N ASN K 158 74.96 25.02 -26.08
CA ASN K 158 74.37 26.03 -25.20
C ASN K 158 74.45 25.55 -23.74
N ASP K 159 75.67 25.63 -23.21
CA ASP K 159 75.93 25.26 -21.81
C ASP K 159 76.84 26.25 -21.10
N VAL K 160 77.07 27.42 -21.70
CA VAL K 160 77.89 28.47 -21.09
C VAL K 160 76.97 29.54 -20.55
N TYR K 161 77.18 29.91 -19.29
CA TYR K 161 76.31 30.86 -18.59
C TYR K 161 77.11 32.04 -18.10
N ASP K 162 76.52 33.23 -18.19
CA ASP K 162 77.12 34.46 -17.70
C ASP K 162 76.24 35.02 -16.60
N PHE K 163 76.71 34.91 -15.35
CA PHE K 163 75.93 35.32 -14.19
C PHE K 163 76.05 36.80 -13.87
N ARG K 164 76.78 37.57 -14.68
CA ARG K 164 76.90 38.99 -14.43
C ARG K 164 75.56 39.70 -14.64
N GLU K 165 74.85 39.36 -15.71
CA GLU K 165 73.54 39.91 -16.01
C GLU K 165 72.49 38.82 -15.86
N MET K 166 71.49 39.07 -15.01
CA MET K 166 70.41 38.13 -14.80
C MET K 166 69.14 38.89 -14.44
N TYR K 167 68.00 38.35 -14.86
CA TYR K 167 66.72 39.00 -14.65
C TYR K 167 65.66 37.95 -14.31
N VAL K 168 64.63 38.38 -13.59
CA VAL K 168 63.50 37.54 -13.23
C VAL K 168 62.23 38.25 -13.66
N THR K 169 61.30 37.49 -14.22
CA THR K 169 60.05 38.02 -14.76
C THR K 169 58.88 37.20 -14.25
N PRO K 170 57.69 37.81 -14.17
CA PRO K 170 56.48 37.03 -13.88
C PRO K 170 56.21 36.01 -14.98
N PRO K 171 55.35 35.02 -14.73
CA PRO K 171 55.13 33.98 -15.73
C PRO K 171 54.57 34.55 -17.03
N ASP K 172 55.33 34.38 -18.10
CA ASP K 172 54.97 34.87 -19.44
C ASP K 172 54.67 36.37 -19.42
N THR K 173 55.62 37.13 -18.89
CA THR K 173 55.52 38.58 -18.83
C THR K 173 56.82 39.20 -19.32
N ASP K 174 56.70 40.37 -19.95
CA ASP K 174 57.85 41.08 -20.52
C ASP K 174 58.35 42.18 -19.59
N ILE K 175 57.91 42.21 -18.34
CA ILE K 175 58.34 43.21 -17.37
C ILE K 175 59.52 42.61 -16.61
N TYR K 176 60.74 43.02 -16.96
CA TYR K 176 61.93 42.46 -16.35
C TYR K 176 62.18 43.10 -14.98
N ALA K 177 62.96 42.40 -14.16
CA ALA K 177 63.31 42.87 -12.83
C ALA K 177 64.64 42.26 -12.44
N ILE K 178 65.17 42.72 -11.31
CA ILE K 178 66.47 42.27 -10.81
C ILE K 178 66.22 41.20 -9.73
N PRO K 179 66.80 40.01 -9.85
CA PRO K 179 66.60 38.98 -8.84
C PRO K 179 67.41 39.26 -7.59
N ARG K 180 67.09 38.51 -6.53
CA ARG K 180 67.78 38.63 -5.25
C ARG K 180 69.04 37.79 -5.27
N VAL K 181 70.20 38.44 -5.32
CA VAL K 181 71.48 37.76 -5.26
C VAL K 181 71.84 37.52 -3.79
N LEU K 182 71.60 36.31 -3.31
CA LEU K 182 71.83 35.96 -1.91
C LEU K 182 73.14 35.22 -1.68
N ALA K 183 73.98 35.10 -2.70
CA ALA K 183 75.26 34.40 -2.57
C ALA K 183 76.21 34.98 -3.59
N PRO K 184 77.52 34.90 -3.32
CA PRO K 184 78.50 35.36 -4.31
C PRO K 184 78.38 34.58 -5.61
N MET K 185 78.10 35.29 -6.69
CA MET K 185 77.88 34.68 -7.98
C MET K 185 79.17 34.65 -8.79
N PRO K 186 79.37 33.63 -9.62
CA PRO K 186 80.60 33.58 -10.42
C PRO K 186 80.68 34.72 -11.42
N GLN K 187 81.82 35.39 -11.43
CA GLN K 187 82.04 36.54 -12.30
C GLN K 187 82.77 36.18 -13.58
N LYS K 188 82.94 34.89 -13.86
CA LYS K 188 83.62 34.43 -15.07
C LYS K 188 82.76 33.37 -15.75
N TYR K 189 83.01 33.18 -17.04
CA TYR K 189 82.26 32.19 -17.81
C TYR K 189 82.52 30.79 -17.30
N ILE K 190 81.45 30.04 -17.07
CA ILE K 190 81.53 28.66 -16.60
C ILE K 190 80.53 27.82 -17.37
N ARG K 191 80.84 26.53 -17.50
CA ARG K 191 79.99 25.58 -18.20
C ARG K 191 79.21 24.77 -17.17
N CYS K 192 77.88 24.87 -17.21
CA CYS K 192 77.02 24.26 -16.21
C CYS K 192 75.97 23.38 -16.87
N ALA K 193 75.40 22.48 -16.07
CA ALA K 193 74.35 21.57 -16.51
C ALA K 193 73.08 21.88 -15.75
N MET K 194 72.00 22.12 -16.48
CA MET K 194 70.72 22.49 -15.87
C MET K 194 69.92 21.25 -15.49
N SER K 195 69.23 21.35 -14.36
CA SER K 195 68.34 20.29 -13.89
C SER K 195 67.10 20.94 -13.30
N ASP K 196 66.04 20.15 -13.17
CA ASP K 196 64.76 20.64 -12.69
C ASP K 196 64.30 19.82 -11.49
N TYR K 197 63.68 20.50 -10.54
CA TYR K 197 63.17 19.89 -9.32
C TYR K 197 61.74 20.33 -9.09
N GLY K 198 60.85 19.36 -8.85
CA GLY K 198 59.45 19.67 -8.64
C GLY K 198 58.63 18.41 -8.47
N CYS K 199 57.31 18.60 -8.50
CA CYS K 199 56.35 17.52 -8.29
C CYS K 199 55.25 17.61 -9.33
N TYR K 200 54.84 16.45 -9.85
CA TYR K 200 53.80 16.37 -10.86
C TYR K 200 52.44 16.59 -10.22
N ASN K 201 51.65 17.50 -10.80
CA ASN K 201 50.30 17.77 -10.33
C ASN K 201 49.31 17.16 -11.32
N VAL K 202 48.81 15.97 -10.99
CA VAL K 202 47.83 15.27 -11.81
C VAL K 202 46.45 15.58 -11.25
N THR K 203 45.71 16.44 -11.95
CA THR K 203 44.39 16.86 -11.50
C THR K 203 43.31 16.10 -12.26
N GLU K 204 42.07 16.47 -11.98
CA GLU K 204 40.89 15.85 -12.61
C GLU K 204 40.01 16.95 -13.17
N PRO K 205 40.25 17.38 -14.41
CA PRO K 205 39.48 18.48 -14.99
C PRO K 205 38.04 18.08 -15.21
N PRO K 206 37.09 19.01 -15.01
CA PRO K 206 35.68 18.68 -15.23
C PRO K 206 35.41 18.36 -16.70
N ILE K 207 34.55 17.37 -16.92
CA ILE K 207 34.21 16.93 -18.27
C ILE K 207 32.93 17.63 -18.70
N ASP K 208 33.05 18.54 -19.67
CA ASP K 208 31.90 19.23 -20.24
C ASP K 208 31.76 18.96 -21.73
N ALA K 209 32.44 17.95 -22.26
CA ALA K 209 32.41 17.65 -23.69
C ALA K 209 32.45 16.15 -23.84
N PRO K 210 32.04 15.61 -24.99
CA PRO K 210 32.15 14.17 -25.21
C PRO K 210 33.57 13.65 -25.09
N ARG K 211 34.50 14.18 -25.90
CA ARG K 211 35.89 13.74 -25.87
C ARG K 211 36.77 14.63 -25.00
N ASP K 212 36.19 15.24 -23.97
CA ASP K 212 36.97 16.06 -23.06
C ASP K 212 38.01 15.20 -22.33
N PRO K 213 39.22 15.71 -22.12
CA PRO K 213 40.26 14.89 -21.50
C PRO K 213 39.87 14.44 -20.10
N MET K 214 40.32 13.23 -19.74
CA MET K 214 40.06 12.66 -18.42
C MET K 214 41.03 13.13 -17.36
N TYR K 215 42.19 13.68 -17.75
CA TYR K 215 43.20 14.07 -16.78
C TYR K 215 44.03 15.21 -17.35
N LYS K 216 44.72 15.92 -16.46
CA LYS K 216 45.64 16.99 -16.83
C LYS K 216 46.89 16.86 -15.99
N SER K 217 48.05 16.75 -16.64
CA SER K 217 49.32 16.54 -15.98
C SER K 217 50.21 17.76 -16.20
N GLU K 218 50.81 18.26 -15.12
CA GLU K 218 51.70 19.41 -15.18
C GLU K 218 52.99 19.08 -14.43
N ARG K 219 54.12 19.47 -15.01
CA ARG K 219 55.41 19.20 -14.37
C ARG K 219 55.58 20.01 -13.10
N GLU K 220 55.26 21.30 -13.14
CA GLU K 220 55.34 22.19 -11.98
C GLU K 220 56.75 22.22 -11.39
N VAL K 221 57.68 22.78 -12.17
CA VAL K 221 59.05 22.91 -11.71
C VAL K 221 59.12 23.91 -10.57
N SER K 222 59.86 23.58 -9.53
CA SER K 222 60.01 24.44 -8.35
C SER K 222 61.42 24.97 -8.16
N LYS K 223 62.44 24.13 -8.32
CA LYS K 223 63.82 24.54 -8.17
C LYS K 223 64.63 24.05 -9.36
N VAL K 224 65.54 24.90 -9.83
CA VAL K 224 66.44 24.58 -10.93
C VAL K 224 67.87 24.53 -10.40
N PHE K 225 68.58 23.45 -10.72
CA PHE K 225 69.94 23.25 -10.23
C PHE K 225 70.92 23.39 -11.39
N LEU K 226 71.92 24.25 -11.20
CA LEU K 226 72.98 24.46 -12.18
C LEU K 226 74.27 23.86 -11.61
N THR K 227 74.75 22.80 -12.25
CA THR K 227 75.95 22.09 -11.81
C THR K 227 77.09 22.39 -12.77
N LYS K 228 78.11 23.09 -12.26
CA LYS K 228 79.26 23.44 -13.09
C LYS K 228 80.02 22.19 -13.51
N HIS K 229 80.42 22.14 -14.78
CA HIS K 229 81.24 21.06 -15.28
C HIS K 229 82.65 21.16 -14.70
N TYR K 230 83.24 20.00 -14.44
CA TYR K 230 84.59 19.97 -13.88
C TYR K 230 85.59 20.54 -14.87
N ARG K 231 86.29 21.59 -14.45
CA ARG K 231 87.28 22.29 -15.28
C ARG K 231 86.67 22.86 -16.55
N ASN K 232 85.37 23.14 -16.54
CA ASN K 232 84.65 23.72 -17.68
C ASN K 232 84.82 22.87 -18.94
N ARG K 233 84.95 21.56 -18.77
CA ARG K 233 85.11 20.67 -19.90
C ARG K 233 83.77 20.46 -20.61
N ARG K 234 83.86 20.11 -21.89
CA ARG K 234 82.67 19.88 -22.69
C ARG K 234 82.12 18.48 -22.45
N ALA K 235 80.86 18.28 -22.84
CA ALA K 235 80.21 16.99 -22.62
C ALA K 235 80.85 15.91 -23.48
N GLY K 236 81.31 16.25 -24.68
CA GLY K 236 81.92 15.31 -25.59
C GLY K 236 83.37 15.00 -25.32
N ASP K 237 83.96 15.56 -24.27
CA ASP K 237 85.36 15.30 -23.97
C ASP K 237 85.52 13.86 -23.46
N PRO K 238 86.70 13.25 -23.65
CA PRO K 238 86.91 11.90 -23.13
C PRO K 238 86.75 11.82 -21.62
N GLU K 239 87.23 12.83 -20.89
CA GLU K 239 87.05 12.89 -19.44
C GLU K 239 86.06 14.00 -19.12
N PHE K 240 84.84 13.61 -18.73
CA PHE K 240 83.78 14.54 -18.42
C PHE K 240 83.17 14.18 -17.08
N ALA K 241 83.17 15.16 -16.16
CA ALA K 241 82.58 14.96 -14.84
C ALA K 241 81.93 16.26 -14.39
N LEU K 242 80.95 16.12 -13.50
CA LEU K 242 80.23 17.26 -12.95
C LEU K 242 80.83 17.63 -11.60
N ASP K 243 81.01 18.93 -11.39
CA ASP K 243 81.59 19.46 -10.16
C ASP K 243 80.47 19.68 -9.16
N PHE K 244 80.29 18.73 -8.25
CA PHE K 244 79.20 18.76 -7.28
C PHE K 244 79.49 19.69 -6.10
N GLU K 245 80.58 20.45 -6.16
CA GLU K 245 80.92 21.40 -5.12
C GLU K 245 80.44 22.81 -5.41
N GLU K 246 79.97 23.07 -6.63
CA GLU K 246 79.49 24.39 -7.05
C GLU K 246 78.11 24.21 -7.66
N ILE K 247 77.07 24.28 -6.81
CA ILE K 247 75.69 24.11 -7.22
C ILE K 247 74.96 25.42 -6.97
N TYR K 248 74.26 25.91 -8.00
CA TYR K 248 73.44 27.11 -7.89
C TYR K 248 71.98 26.73 -8.06
N VAL K 249 71.16 27.10 -7.07
CA VAL K 249 69.74 26.78 -7.07
C VAL K 249 68.95 28.04 -7.36
N ILE K 250 67.79 27.86 -8.01
CA ILE K 250 66.88 28.95 -8.31
C ILE K 250 65.51 28.60 -7.74
N ASP K 251 64.96 29.51 -6.94
CA ASP K 251 63.70 29.28 -6.25
C ASP K 251 62.63 30.22 -6.82
N SER K 252 61.51 29.64 -7.26
CA SER K 252 60.44 30.45 -7.83
C SER K 252 59.68 31.19 -6.74
N LYS K 253 59.54 30.59 -5.56
CA LYS K 253 58.78 31.22 -4.49
C LYS K 253 59.46 32.47 -3.98
N THR K 254 60.77 32.42 -3.78
CA THR K 254 61.53 33.55 -3.23
C THR K 254 62.12 34.44 -4.31
N LYS K 255 62.04 34.05 -5.58
CA LYS K 255 62.59 34.82 -6.69
C LYS K 255 64.06 35.15 -6.47
N SER K 256 64.81 34.16 -5.97
CA SER K 256 66.20 34.36 -5.59
C SER K 256 67.06 33.22 -6.10
N ILE K 257 68.32 33.54 -6.40
CA ILE K 257 69.32 32.56 -6.81
C ILE K 257 70.44 32.57 -5.78
N THR K 258 70.80 31.40 -5.28
CA THR K 258 71.84 31.28 -4.26
C THR K 258 72.67 30.03 -4.54
N ARG K 259 73.76 29.90 -3.79
CA ARG K 259 74.69 28.79 -3.93
C ARG K 259 74.40 27.74 -2.87
N ALA K 260 74.38 26.47 -3.28
CA ALA K 260 74.07 25.40 -2.37
C ALA K 260 75.24 25.07 -1.46
N LYS K 261 74.93 24.50 -0.31
CA LYS K 261 75.94 24.05 0.66
C LYS K 261 76.00 22.53 0.63
N VAL K 262 77.11 21.99 0.14
CA VAL K 262 77.31 20.55 0.04
C VAL K 262 78.20 20.09 1.19
N VAL K 263 78.08 18.81 1.54
CA VAL K 263 78.86 18.22 2.61
C VAL K 263 79.65 17.04 2.06
N VAL K 264 80.90 17.30 1.67
CA VAL K 264 81.73 16.24 1.10
C VAL K 264 82.08 15.23 2.18
N THR K 265 81.74 13.96 1.92
CA THR K 265 82.05 12.87 2.84
C THR K 265 82.85 11.76 2.17
N VAL K 266 83.17 11.90 0.89
CA VAL K 266 83.96 10.88 0.20
C VAL K 266 85.44 11.05 0.57
N PRO K 267 86.14 9.99 0.93
CA PRO K 267 87.56 10.14 1.29
C PRO K 267 88.39 10.60 0.11
N GLY K 268 89.41 11.40 0.41
CA GLY K 268 90.29 11.92 -0.60
C GLY K 268 90.44 13.43 -0.54
N GLY K 269 89.55 14.10 0.19
CA GLY K 269 89.62 15.54 0.29
C GLY K 269 89.36 16.20 -1.05
N ARG K 270 90.29 17.05 -1.47
CA ARG K 270 90.20 17.73 -2.76
C ARG K 270 90.86 16.94 -3.89
N ASN K 271 91.59 15.88 -3.57
CA ASN K 271 92.22 15.03 -4.57
C ASN K 271 91.35 13.85 -4.97
N ARG K 272 90.15 13.76 -4.44
CA ARG K 272 89.25 12.67 -4.78
C ARG K 272 88.88 12.71 -6.26
N ASP K 273 88.87 11.55 -6.89
CA ASP K 273 88.50 11.47 -8.30
C ASP K 273 87.02 11.76 -8.48
N ARG K 274 86.68 12.52 -9.52
CA ARG K 274 85.31 12.89 -9.79
C ARG K 274 84.54 11.84 -10.58
N LYS K 275 85.21 10.79 -11.05
CA LYS K 275 84.52 9.73 -11.78
C LYS K 275 83.68 8.84 -10.87
N ASN K 276 83.89 8.90 -9.56
CA ASN K 276 83.10 8.15 -8.59
C ASN K 276 82.56 9.12 -7.54
N ASP K 277 81.37 9.68 -7.82
CA ASP K 277 80.70 10.59 -6.91
C ASP K 277 79.20 10.46 -7.10
N LEU K 278 78.46 10.68 -6.02
CA LEU K 278 77.01 10.67 -6.04
C LEU K 278 76.50 11.83 -5.19
N LEU K 279 75.66 12.67 -5.78
CA LEU K 279 75.08 13.82 -5.09
C LEU K 279 73.68 13.47 -4.63
N VAL K 280 73.47 13.41 -3.32
CA VAL K 280 72.18 13.09 -2.72
C VAL K 280 71.50 14.38 -2.31
N ILE K 281 70.30 14.61 -2.85
CA ILE K 281 69.52 15.82 -2.59
C ILE K 281 68.25 15.41 -1.87
N ARG K 282 68.09 15.87 -0.63
CA ARG K 282 66.92 15.58 0.19
C ARG K 282 66.41 16.86 0.82
N ASP K 283 65.34 16.72 1.61
CA ASP K 283 64.76 17.83 2.37
C ASP K 283 64.35 18.99 1.46
N ASN K 284 63.65 18.64 0.37
CA ASN K 284 63.11 19.61 -0.57
C ASN K 284 64.22 20.50 -1.13
N GLY K 285 65.31 19.87 -1.57
CA GLY K 285 66.40 20.59 -2.19
C GLY K 285 67.26 21.40 -1.25
N ASN K 286 67.20 21.12 0.06
CA ASN K 286 67.98 21.88 1.04
C ASN K 286 69.18 21.12 1.58
N SER K 287 69.26 19.80 1.37
CA SER K 287 70.35 18.99 1.87
C SER K 287 71.13 18.41 0.70
N PHE K 288 72.41 18.74 0.61
CA PHE K 288 73.29 18.26 -0.45
C PHE K 288 74.46 17.52 0.18
N LYS K 289 74.67 16.28 -0.24
CA LYS K 289 75.75 15.45 0.27
C LYS K 289 76.43 14.71 -0.88
N ILE K 290 77.76 14.65 -0.82
CA ILE K 290 78.55 13.96 -1.82
C ILE K 290 79.08 12.67 -1.18
N ILE K 291 78.57 11.53 -1.66
CA ILE K 291 78.97 10.22 -1.13
C ILE K 291 79.44 9.36 -2.29
N PRO K 292 80.21 8.29 -2.04
CA PRO K 292 80.62 7.41 -3.13
C PRO K 292 79.44 6.76 -3.81
N SER K 293 79.67 6.36 -5.07
CA SER K 293 78.60 5.77 -5.86
C SER K 293 78.21 4.39 -5.33
N GLU K 294 79.18 3.62 -4.84
CA GLU K 294 78.88 2.29 -4.33
C GLU K 294 78.03 2.37 -3.07
N GLU K 295 78.25 3.39 -2.24
CA GLU K 295 77.49 3.57 -1.01
C GLU K 295 76.20 4.36 -1.30
N ARG K 296 75.27 3.67 -1.96
CA ARG K 296 73.98 4.24 -2.29
C ARG K 296 72.87 3.31 -1.82
N ASP K 297 71.67 3.88 -1.68
CA ASP K 297 70.49 3.13 -1.27
C ASP K 297 69.51 3.04 -2.43
N ASP K 298 68.97 1.85 -2.65
CA ASP K 298 67.98 1.65 -3.70
C ASP K 298 66.70 2.41 -3.33
N PRO K 299 65.89 2.77 -4.34
CA PRO K 299 64.65 3.52 -4.04
C PRO K 299 63.73 2.81 -3.06
N THR K 300 63.65 1.48 -3.13
CA THR K 300 62.84 0.73 -2.18
C THR K 300 63.30 0.99 -0.75
N THR K 301 64.61 1.07 -0.53
CA THR K 301 65.14 1.25 0.81
C THR K 301 64.71 2.61 1.40
N VAL K 302 64.88 3.69 0.64
CA VAL K 302 64.54 5.01 1.16
C VAL K 302 63.03 5.15 1.30
N ILE K 303 62.27 4.56 0.38
CA ILE K 303 60.81 4.60 0.50
C ILE K 303 60.36 3.89 1.77
N GLU K 304 60.91 2.70 2.03
CA GLU K 304 60.55 1.96 3.23
C GLU K 304 61.01 2.68 4.49
N LYS K 305 62.17 3.33 4.44
CA LYS K 305 62.65 4.08 5.59
C LYS K 305 61.70 5.22 5.93
N GLU K 306 61.31 6.02 4.93
CA GLU K 306 60.42 7.15 5.21
C GLU K 306 59.05 6.66 5.65
N GLU K 307 58.52 5.61 5.01
CA GLU K 307 57.24 5.06 5.41
C GLU K 307 57.29 4.54 6.85
N TRP K 308 58.37 3.85 7.23
CA TRP K 308 58.49 3.33 8.57
C TRP K 308 58.58 4.45 9.60
N LYS K 309 59.34 5.51 9.28
CA LYS K 309 59.44 6.64 10.20
C LYS K 309 58.07 7.30 10.40
N LYS K 310 57.37 7.59 9.31
CA LYS K 310 56.06 8.23 9.43
C LYS K 310 55.08 7.33 10.17
N SER K 311 55.11 6.02 9.91
CA SER K 311 54.19 5.10 10.58
C SER K 311 54.51 5.01 12.08
N ARG K 312 55.79 4.98 12.44
CA ARG K 312 56.16 4.96 13.85
C ARG K 312 55.68 6.23 14.55
N GLN K 313 55.89 7.39 13.93
CA GLN K 313 55.45 8.63 14.54
C GLN K 313 53.93 8.66 14.72
N ASP K 314 53.19 8.26 13.68
CA ASP K 314 51.74 8.27 13.76
C ASP K 314 51.22 7.26 14.78
N MET K 315 51.86 6.10 14.87
CA MET K 315 51.42 5.08 15.82
C MET K 315 51.68 5.53 17.25
N GLU K 316 52.83 6.16 17.51
CA GLU K 316 53.08 6.70 18.83
C GLU K 316 52.09 7.81 19.17
N ARG K 317 51.79 8.68 18.20
CA ARG K 317 50.80 9.73 18.42
C ARG K 317 49.43 9.14 18.76
N HIS K 318 49.06 8.05 18.09
CA HIS K 318 47.76 7.43 18.34
C HIS K 318 47.73 6.76 19.70
N LEU K 319 48.80 6.04 20.06
CA LEU K 319 48.82 5.29 21.31
C LEU K 319 49.11 6.15 22.53
N ARG K 320 49.54 7.40 22.34
CA ARG K 320 49.83 8.25 23.49
C ARG K 320 48.57 8.54 24.31
N LYS K 321 47.42 8.66 23.66
CA LYS K 321 46.20 9.03 24.37
C LYS K 321 45.69 7.93 25.30
N LEU K 322 46.19 6.71 25.15
CA LEU K 322 45.76 5.62 26.02
C LEU K 322 46.32 5.82 27.42
N ARG K 323 45.51 5.50 28.43
CA ARG K 323 45.89 5.76 29.82
C ARG K 323 47.00 4.84 30.31
N ASP K 324 47.38 3.83 29.54
CA ASP K 324 48.48 2.94 29.90
C ASP K 324 49.71 3.16 29.03
N PHE K 325 49.80 4.29 28.33
CA PHE K 325 50.95 4.55 27.47
C PHE K 325 52.24 4.68 28.28
N SER K 326 52.13 5.17 29.51
CA SER K 326 53.31 5.37 30.34
C SER K 326 54.00 4.03 30.65
N VAL K 327 53.26 3.10 31.24
CA VAL K 327 53.81 1.76 31.53
C VAL K 327 53.50 0.90 30.32
N SER K 328 54.39 0.96 29.33
CA SER K 328 54.23 0.21 28.09
C SER K 328 55.60 -0.04 27.48
N ASN K 329 55.63 -0.85 26.43
CA ASN K 329 56.87 -1.19 25.76
C ASN K 329 56.57 -1.41 24.27
N TRP K 330 57.31 -0.71 23.42
CA TRP K 330 57.15 -0.89 21.97
C TRP K 330 57.95 -2.09 21.51
N PHE K 331 57.26 -3.11 21.02
CA PHE K 331 57.92 -4.32 20.58
C PHE K 331 57.72 -4.54 19.08
N LYS L 48 -57.72 33.13 86.40
CA LYS L 48 -56.67 33.52 87.34
C LYS L 48 -56.92 32.93 88.72
N PHE L 49 -56.12 31.94 89.09
CA PHE L 49 -56.23 31.33 90.42
C PHE L 49 -55.81 32.33 91.49
N GLU L 50 -56.41 32.19 92.67
CA GLU L 50 -56.06 33.01 93.82
C GLU L 50 -55.58 32.12 94.96
N LEU L 51 -54.78 32.71 95.84
CA LEU L 51 -54.28 31.97 96.99
C LEU L 51 -55.43 31.57 97.91
N MET L 52 -55.41 30.30 98.33
CA MET L 52 -56.47 29.79 99.19
C MET L 52 -55.99 29.78 100.64
N PRO L 53 -56.76 30.32 101.57
CA PRO L 53 -56.33 30.33 102.96
C PRO L 53 -56.34 28.93 103.54
N PRO L 54 -55.48 28.66 104.52
CA PRO L 54 -55.48 27.34 105.17
C PRO L 54 -56.75 27.14 105.98
N PRO L 55 -57.10 25.89 106.29
CA PRO L 55 -58.32 25.67 107.09
C PRO L 55 -58.21 26.21 108.51
N TYR L 56 -57.10 25.95 109.17
CA TYR L 56 -56.90 26.45 110.53
C TYR L 56 -56.55 27.92 110.53
N PRO L 57 -56.84 28.63 111.63
CA PRO L 57 -56.40 30.02 111.75
C PRO L 57 -54.87 30.10 111.79
N MET L 58 -54.29 30.82 110.84
CA MET L 58 -52.85 30.82 110.66
C MET L 58 -52.13 31.39 111.89
N ASN L 59 -52.72 32.40 112.53
CA ASN L 59 -52.06 33.05 113.65
C ASN L 59 -51.90 32.12 114.85
N ALA L 60 -52.97 31.39 115.21
CA ALA L 60 -52.98 30.58 116.41
C ALA L 60 -53.18 29.09 116.11
N LEU L 61 -52.71 28.60 114.96
CA LEU L 61 -52.95 27.20 114.62
C LEU L 61 -52.21 26.26 115.55
N GLU L 62 -50.87 26.28 115.52
CA GLU L 62 -50.07 25.27 116.21
C GLU L 62 -48.95 25.96 116.99
N PRO L 63 -48.79 25.65 118.27
CA PRO L 63 -47.65 26.21 119.01
C PRO L 63 -46.31 25.70 118.53
N HIS L 64 -46.28 24.62 117.76
CA HIS L 64 -45.04 24.07 117.23
C HIS L 64 -44.59 24.75 115.94
N MET L 65 -45.46 25.53 115.31
CA MET L 65 -45.13 26.29 114.11
C MET L 65 -45.46 27.76 114.37
N SER L 66 -44.43 28.60 114.34
CA SER L 66 -44.61 30.01 114.65
C SER L 66 -45.44 30.71 113.57
N HIS L 67 -46.27 31.60 114.08
CA HIS L 67 -47.16 32.31 113.20
C HIS L 67 -46.33 33.25 112.45
N THR L 68 -45.21 33.73 112.98
CA THR L 68 -44.40 34.59 112.16
C THR L 68 -43.97 33.72 111.02
N THR L 69 -43.53 32.53 111.37
CA THR L 69 -43.05 31.62 110.36
C THR L 69 -44.18 31.25 109.44
N PHE L 70 -45.35 31.01 110.02
CA PHE L 70 -46.40 30.51 109.19
C PHE L 70 -46.67 31.56 108.18
N GLU L 71 -46.75 32.79 108.64
CA GLU L 71 -47.12 33.83 107.75
C GLU L 71 -46.14 33.96 106.67
N TYR L 72 -44.87 34.01 107.02
CA TYR L 72 -43.95 34.30 105.96
C TYR L 72 -44.06 33.22 104.95
N HIS L 73 -43.99 31.98 105.40
CA HIS L 73 -43.92 30.95 104.42
C HIS L 73 -45.12 30.95 103.55
N TRP L 74 -46.27 30.93 104.16
CA TRP L 74 -47.44 30.73 103.34
C TRP L 74 -47.60 31.83 102.41
N GLY L 75 -47.54 33.02 102.95
CA GLY L 75 -47.90 34.09 102.09
C GLY L 75 -46.97 34.20 100.97
N LYS L 76 -45.70 34.20 101.29
CA LYS L 76 -44.82 34.51 100.22
C LYS L 76 -44.91 33.47 99.18
N HIS L 77 -44.84 32.24 99.60
CA HIS L 77 -44.75 31.24 98.57
C HIS L 77 -45.97 31.17 97.73
N HIS L 78 -47.12 31.17 98.37
CA HIS L 78 -48.30 30.98 97.57
C HIS L 78 -48.49 32.12 96.65
N ARG L 79 -48.27 33.31 97.15
CA ARG L 79 -48.56 34.46 96.33
C ARG L 79 -47.66 34.44 95.16
N ALA L 80 -46.39 34.18 95.40
CA ALA L 80 -45.46 34.27 94.32
C ALA L 80 -45.84 33.28 93.29
N TYR L 81 -46.10 32.04 93.71
CA TYR L 81 -46.32 31.05 92.70
C TYR L 81 -47.53 31.43 91.89
N VAL L 82 -48.61 31.80 92.57
CA VAL L 82 -49.81 32.06 91.79
C VAL L 82 -49.63 33.22 90.85
N ASP L 83 -49.04 34.32 91.30
CA ASP L 83 -48.95 35.46 90.42
C ASP L 83 -48.06 35.13 89.25
N ASN L 84 -46.97 34.43 89.52
CA ASN L 84 -46.04 34.15 88.47
C ASN L 84 -46.79 33.25 87.55
N LEU L 85 -47.43 32.26 88.18
CA LEU L 85 -48.19 31.33 87.34
C LEU L 85 -49.28 32.05 86.56
N ASN L 86 -50.01 32.96 87.22
CA ASN L 86 -51.04 33.72 86.52
C ASN L 86 -50.45 34.59 85.43
N LYS L 87 -49.25 35.14 85.68
CA LYS L 87 -48.58 35.96 84.66
C LYS L 87 -48.17 35.11 83.47
N GLN L 88 -47.64 33.92 83.70
CA GLN L 88 -47.12 33.09 82.63
C GLN L 88 -48.18 32.27 81.92
N ILE L 89 -49.40 32.19 82.46
CA ILE L 89 -50.49 31.50 81.76
C ILE L 89 -51.51 32.45 81.16
N ASP L 90 -51.39 33.75 81.43
CA ASP L 90 -52.35 34.71 80.89
C ASP L 90 -52.19 34.81 79.37
N GLY L 91 -53.31 34.87 78.67
CA GLY L 91 -53.28 34.92 77.21
C GLY L 91 -52.70 33.68 76.58
N THR L 92 -53.01 32.51 77.14
CA THR L 92 -52.49 31.25 76.64
C THR L 92 -53.59 30.19 76.71
N GLU L 93 -53.36 29.08 76.00
CA GLU L 93 -54.32 27.99 75.99
C GLU L 93 -54.45 27.33 77.37
N LEU L 94 -53.39 27.38 78.17
CA LEU L 94 -53.42 26.76 79.49
C LEU L 94 -54.41 27.44 80.43
N ASP L 95 -54.73 28.71 80.18
CA ASP L 95 -55.66 29.42 81.05
C ASP L 95 -57.05 28.81 80.97
N GLY L 96 -57.78 28.91 82.08
CA GLY L 96 -59.10 28.31 82.16
C GLY L 96 -59.09 26.83 82.51
N MET L 97 -57.95 26.28 82.90
CA MET L 97 -57.82 24.88 83.27
C MET L 97 -57.38 24.76 84.72
N THR L 98 -57.55 23.57 85.27
CA THR L 98 -57.12 23.31 86.64
C THR L 98 -55.61 23.19 86.73
N LEU L 99 -55.11 23.14 87.97
CA LEU L 99 -53.66 23.02 88.17
C LEU L 99 -53.14 21.68 87.66
N GLU L 100 -53.90 20.60 87.88
CA GLU L 100 -53.44 19.28 87.46
C GLU L 100 -53.27 19.20 85.95
N ASP L 101 -54.21 19.81 85.25
CA ASP L 101 -54.13 19.82 83.80
C ASP L 101 -52.83 20.48 83.49
N ILE L 102 -52.64 21.68 84.03
CA ILE L 102 -51.42 22.41 83.77
C ILE L 102 -50.22 21.58 84.18
N ILE L 103 -50.23 21.01 85.39
CA ILE L 103 -49.12 20.20 85.86
C ILE L 103 -48.79 19.15 84.84
N LEU L 104 -49.78 18.39 84.39
CA LEU L 104 -49.47 17.31 83.49
C LEU L 104 -49.03 17.79 82.11
N ILE L 105 -49.55 18.92 81.67
CA ILE L 105 -49.17 19.46 80.37
C ILE L 105 -47.77 20.04 80.43
N THR L 106 -47.51 20.86 81.42
CA THR L 106 -46.21 21.53 81.48
C THR L 106 -45.11 20.64 81.99
N LEU L 113 -41.77 22.53 81.31
CA LEU L 113 -42.01 23.83 80.68
C LEU L 113 -41.99 24.96 81.74
N PRO L 114 -41.86 26.27 81.32
CA PRO L 114 -41.85 27.24 82.42
C PRO L 114 -43.11 27.26 83.28
N PRO L 115 -44.33 27.03 82.73
CA PRO L 115 -45.41 27.02 83.73
C PRO L 115 -45.53 25.72 84.51
N PHE L 116 -44.47 24.94 84.67
CA PHE L 116 -44.59 23.75 85.51
C PHE L 116 -44.17 23.97 86.93
N ASN L 117 -42.92 24.35 87.12
CA ASN L 117 -42.42 24.49 88.46
C ASN L 117 -43.32 25.34 89.36
N ASN L 118 -43.88 26.43 88.85
CA ASN L 118 -44.64 27.29 89.74
C ASN L 118 -45.95 26.63 90.11
N ALA L 119 -46.60 26.04 89.11
CA ALA L 119 -47.89 25.44 89.37
C ALA L 119 -47.79 24.31 90.36
N ALA L 120 -46.80 23.46 90.19
CA ALA L 120 -46.69 22.30 91.04
C ALA L 120 -46.45 22.76 92.45
N GLN L 121 -45.62 23.77 92.61
CA GLN L 121 -45.28 24.20 93.95
C GLN L 121 -46.48 24.71 94.70
N ALA L 122 -47.30 25.51 94.03
CA ALA L 122 -48.52 26.00 94.67
C ALA L 122 -49.45 24.86 94.99
N TRP L 123 -49.59 23.94 94.04
CA TRP L 123 -50.49 22.82 94.22
C TRP L 123 -49.98 22.00 95.38
N ASN L 124 -48.68 21.79 95.41
CA ASN L 124 -48.09 21.02 96.49
C ASN L 124 -48.28 21.76 97.79
N HIS L 125 -48.06 23.07 97.77
CA HIS L 125 -48.17 23.83 98.99
C HIS L 125 -49.57 23.80 99.56
N GLN L 126 -50.57 23.98 98.72
CA GLN L 126 -51.93 23.94 99.20
C GLN L 126 -52.28 22.56 99.72
N PHE L 127 -51.81 21.53 99.04
CA PHE L 127 -52.09 20.16 99.45
C PHE L 127 -51.47 20.03 100.81
N PHE L 128 -50.28 20.59 100.96
CA PHE L 128 -49.57 20.50 102.23
C PHE L 128 -50.33 21.18 103.36
N TRP L 129 -50.89 22.34 103.09
CA TRP L 129 -51.65 23.02 104.12
C TRP L 129 -52.84 22.15 104.45
N GLU L 130 -53.58 21.73 103.43
CA GLU L 130 -54.78 20.95 103.68
C GLU L 130 -54.47 19.63 104.37
N SER L 131 -53.28 19.09 104.13
CA SER L 131 -52.92 17.81 104.73
C SER L 131 -52.86 17.82 106.24
N MET L 132 -52.98 18.98 106.89
CA MET L 132 -52.81 19.07 108.33
C MET L 132 -53.87 19.97 108.94
N LYS L 133 -54.26 19.66 110.17
CA LYS L 133 -55.09 20.51 111.00
C LYS L 133 -54.47 20.62 112.38
N PRO L 134 -54.83 21.63 113.17
CA PRO L 134 -54.11 21.87 114.43
C PRO L 134 -54.65 20.99 115.55
N SER L 135 -54.86 19.70 115.23
CA SER L 135 -55.29 18.70 116.21
C SER L 135 -55.40 17.32 115.60
N GLY L 136 -55.62 16.30 116.43
CA GLY L 136 -55.99 14.97 115.97
C GLY L 136 -54.85 14.07 115.57
N GLY L 137 -53.60 14.54 115.60
CA GLY L 137 -52.48 13.73 115.17
C GLY L 137 -52.14 12.64 116.16
N GLY L 138 -51.36 11.67 115.68
CA GLY L 138 -50.87 10.62 116.55
C GLY L 138 -51.05 9.19 116.06
N LYS L 139 -52.15 8.90 115.37
CA LYS L 139 -52.42 7.55 114.91
C LYS L 139 -53.52 7.58 113.86
N PRO L 140 -53.38 6.81 112.79
CA PRO L 140 -54.47 6.72 111.79
C PRO L 140 -55.44 5.59 112.14
N SER L 141 -56.54 5.50 111.41
CA SER L 141 -57.55 4.47 111.64
C SER L 141 -58.34 4.26 110.36
N GLY L 142 -59.27 3.31 110.43
CA GLY L 142 -60.11 3.01 109.27
C GLY L 142 -59.36 2.16 108.27
N GLU L 143 -59.65 2.38 106.98
CA GLU L 143 -58.98 1.62 105.92
C GLU L 143 -57.51 1.97 105.86
N LEU L 144 -57.13 3.14 106.35
CA LEU L 144 -55.72 3.52 106.38
C LEU L 144 -54.89 2.49 107.14
N LEU L 145 -55.34 2.09 108.33
CA LEU L 145 -54.60 1.11 109.10
C LEU L 145 -54.53 -0.23 108.39
N GLN L 146 -55.63 -0.65 107.77
CA GLN L 146 -55.63 -1.92 107.05
C GLN L 146 -54.61 -1.92 105.93
N LEU L 147 -54.64 -0.87 105.09
CA LEU L 147 -53.68 -0.78 104.00
C LEU L 147 -52.25 -0.66 104.50
N ILE L 148 -52.05 0.04 105.64
CA ILE L 148 -50.70 0.22 106.16
C ILE L 148 -50.13 -1.11 106.66
N ASN L 149 -50.91 -1.85 107.44
CA ASN L 149 -50.40 -3.12 107.98
C ASN L 149 -50.33 -4.19 106.89
N ARG L 150 -51.12 -4.04 105.82
CA ARG L 150 -51.05 -5.00 104.74
C ARG L 150 -49.75 -4.86 103.96
N ASP L 151 -49.39 -3.63 103.58
CA ASP L 151 -48.20 -3.39 102.79
C ASP L 151 -46.97 -3.14 103.65
N PHE L 152 -47.02 -2.12 104.51
CA PHE L 152 -45.85 -1.78 105.32
C PHE L 152 -45.64 -2.80 106.43
N GLY L 153 -46.72 -3.30 107.03
CA GLY L 153 -46.68 -4.26 108.11
C GLY L 153 -47.11 -3.69 109.44
N SER L 154 -46.92 -2.41 109.66
CA SER L 154 -47.28 -1.75 110.92
C SER L 154 -47.25 -0.25 110.70
N PHE L 155 -47.89 0.47 111.64
CA PHE L 155 -47.90 1.93 111.56
C PHE L 155 -46.54 2.51 111.90
N GLU L 156 -45.84 1.93 112.87
CA GLU L 156 -44.51 2.41 113.21
C GLU L 156 -43.53 2.23 112.07
N ALA L 157 -43.65 1.13 111.31
CA ALA L 157 -42.80 0.95 110.15
C ALA L 157 -43.06 2.02 109.10
N PHE L 158 -44.33 2.37 108.88
CA PHE L 158 -44.66 3.43 107.94
C PHE L 158 -44.10 4.77 108.40
N VAL L 159 -44.22 5.07 109.71
CA VAL L 159 -43.69 6.32 110.23
C VAL L 159 -42.17 6.38 110.06
N LYS L 160 -41.48 5.27 110.35
CA LYS L 160 -40.03 5.24 110.20
C LYS L 160 -39.63 5.40 108.74
N GLU L 161 -40.37 4.78 107.83
CA GLU L 161 -40.06 4.92 106.40
C GLU L 161 -40.27 6.35 105.94
N PHE L 162 -41.36 6.99 106.37
CA PHE L 162 -41.60 8.39 106.00
C PHE L 162 -40.50 9.28 106.55
N LYS L 163 -40.06 9.03 107.78
CA LYS L 163 -38.99 9.83 108.37
C LYS L 163 -37.68 9.64 107.62
N ALA L 164 -37.33 8.40 107.29
CA ALA L 164 -36.08 8.08 106.62
C ALA L 164 -36.11 8.41 105.13
N ALA L 165 -37.28 8.77 104.60
CA ALA L 165 -37.38 9.29 103.24
C ALA L 165 -37.39 10.81 103.21
N ALA L 166 -37.97 11.45 104.23
CA ALA L 166 -37.94 12.90 104.30
C ALA L 166 -36.56 13.40 104.72
N ALA L 167 -35.85 12.63 105.55
CA ALA L 167 -34.54 13.06 106.04
C ALA L 167 -33.49 13.02 104.93
N THR L 168 -33.56 12.01 104.06
CA THR L 168 -32.53 11.77 103.06
C THR L 168 -32.85 12.41 101.71
N GLN L 169 -33.61 13.50 101.70
CA GLN L 169 -33.93 14.17 100.44
C GLN L 169 -32.71 14.86 99.86
N PHE L 170 -31.85 15.40 100.72
CA PHE L 170 -30.61 16.08 100.33
C PHE L 170 -30.90 17.26 99.39
N GLY L 171 -31.62 18.24 99.95
CA GLY L 171 -31.87 19.47 99.23
C GLY L 171 -33.32 19.90 99.25
N SER L 172 -33.81 20.35 98.11
CA SER L 172 -35.19 20.82 98.03
C SER L 172 -36.11 19.72 97.54
N GLY L 173 -37.04 19.30 98.39
CA GLY L 173 -37.93 18.22 98.01
C GLY L 173 -39.23 18.09 98.79
N TRP L 174 -40.15 17.28 98.29
CA TRP L 174 -41.38 17.02 99.02
C TRP L 174 -41.41 15.51 99.20
N ALA L 175 -41.79 15.03 100.38
CA ALA L 175 -41.93 13.59 100.56
C ALA L 175 -43.39 13.22 100.33
N TRP L 176 -43.68 12.00 99.89
CA TRP L 176 -45.06 11.68 99.55
C TRP L 176 -45.39 10.25 99.95
N LEU L 177 -46.60 10.07 100.44
CA LEU L 177 -47.23 8.76 100.57
C LEU L 177 -48.31 8.67 99.50
N ALA L 178 -48.19 7.68 98.61
CA ALA L 178 -49.05 7.60 97.45
C ALA L 178 -49.68 6.22 97.34
N TYR L 179 -50.88 6.20 96.77
CA TYR L 179 -51.60 4.98 96.46
C TYR L 179 -51.39 4.67 94.99
N LYS L 180 -50.67 3.60 94.70
CA LYS L 180 -50.16 3.33 93.36
C LYS L 180 -51.26 2.73 92.49
N ALA L 181 -51.83 3.57 91.62
CA ALA L 181 -52.78 3.12 90.60
C ALA L 181 -52.36 3.77 89.28
N ASN L 182 -51.44 3.11 88.57
CA ASN L 182 -50.87 3.63 87.35
C ASN L 182 -51.24 2.74 86.17
N ARG L 183 -51.40 3.36 85.01
CA ARG L 183 -51.70 2.66 83.76
C ARG L 183 -50.73 3.17 82.70
N LEU L 184 -49.83 2.29 82.25
CA LEU L 184 -48.83 2.69 81.28
C LEU L 184 -49.41 2.70 79.86
N ASN L 185 -48.78 3.49 78.99
CA ASN L 185 -49.19 3.60 77.60
C ASN L 185 -48.15 3.02 76.64
N VAL L 186 -47.29 2.12 77.11
CA VAL L 186 -46.23 1.54 76.29
C VAL L 186 -46.33 0.02 76.36
N GLY L 187 -46.54 -0.60 75.20
CA GLY L 187 -46.49 -2.05 75.11
C GLY L 187 -47.51 -2.74 75.99
N ASN L 188 -47.10 -3.86 76.58
CA ASN L 188 -47.99 -4.72 77.37
C ASN L 188 -48.19 -4.15 78.78
N THR L 189 -48.92 -3.05 78.85
CA THR L 189 -49.21 -2.43 80.14
C THR L 189 -50.18 -3.27 80.95
N SER L 190 -51.12 -3.93 80.29
CA SER L 190 -52.12 -4.73 80.98
C SER L 190 -51.47 -5.91 81.69
N ASN L 191 -52.03 -6.27 82.84
CA ASN L 191 -51.51 -7.36 83.65
C ASN L 191 -52.44 -8.55 83.59
N PRO L 192 -52.00 -9.68 83.03
CA PRO L 192 -52.83 -10.89 83.05
C PRO L 192 -52.97 -11.44 84.46
N HIS L 193 -54.11 -12.07 84.72
CA HIS L 193 -54.47 -12.59 86.04
C HIS L 193 -54.39 -11.48 87.06
N PRO L 194 -54.94 -10.30 86.78
CA PRO L 194 -54.88 -9.20 87.75
C PRO L 194 -55.71 -9.50 88.98
N THR L 195 -55.23 -9.03 90.13
CA THR L 195 -55.89 -9.29 91.40
C THR L 195 -55.53 -8.18 92.36
N ASP L 196 -55.85 -8.41 93.64
CA ASP L 196 -55.49 -7.48 94.69
C ASP L 196 -53.98 -7.41 94.86
N GLU L 197 -53.54 -6.48 95.71
CA GLU L 197 -52.14 -6.26 96.06
C GLU L 197 -51.37 -5.62 94.92
N ASP L 198 -52.04 -5.41 93.77
CA ASP L 198 -51.40 -4.70 92.67
C ASP L 198 -51.30 -3.21 92.98
N LYS L 199 -52.40 -2.61 93.45
CA LYS L 199 -52.37 -1.24 93.93
C LYS L 199 -51.87 -1.22 95.36
N LYS L 200 -50.79 -0.46 95.60
CA LYS L 200 -50.11 -0.51 96.87
C LYS L 200 -49.82 0.91 97.33
N LEU L 201 -49.54 1.05 98.64
CA LEU L 201 -49.13 2.32 99.22
C LEU L 201 -47.62 2.40 99.20
N VAL L 202 -47.08 3.37 98.47
CA VAL L 202 -45.64 3.52 98.29
C VAL L 202 -45.23 4.89 98.81
N VAL L 203 -44.14 4.91 99.57
CA VAL L 203 -43.55 6.15 100.08
C VAL L 203 -42.43 6.55 99.14
N VAL L 204 -42.62 7.67 98.43
CA VAL L 204 -41.68 8.13 97.43
C VAL L 204 -41.13 9.49 97.83
N LYS L 205 -39.92 9.78 97.37
CA LYS L 205 -39.29 11.08 97.56
C LYS L 205 -39.17 11.76 96.20
N THR L 206 -39.53 13.05 96.15
CA THR L 206 -39.52 13.78 94.91
C THR L 206 -38.55 14.95 94.99
N PRO L 207 -37.86 15.28 93.89
CA PRO L 207 -37.01 16.46 93.87
C PRO L 207 -37.83 17.75 93.77
N ASN L 208 -37.12 18.86 93.68
CA ASN L 208 -37.76 20.18 93.68
C ASN L 208 -38.78 20.30 92.56
N ALA L 209 -39.97 20.79 92.93
CA ALA L 209 -41.08 21.07 92.00
C ALA L 209 -41.67 19.80 91.40
N VAL L 210 -41.17 18.63 91.81
CA VAL L 210 -41.71 17.37 91.31
C VAL L 210 -42.80 16.88 92.25
N ASN L 211 -43.90 16.42 91.66
CA ASN L 211 -45.00 15.81 92.38
C ASN L 211 -45.32 14.44 91.78
N PRO L 212 -45.89 13.52 92.57
CA PRO L 212 -46.21 12.18 92.04
C PRO L 212 -47.33 12.17 91.02
N LEU L 213 -47.96 13.31 90.82
CA LEU L 213 -49.04 13.41 89.87
C LEU L 213 -48.50 13.12 88.52
N VAL L 214 -47.20 13.39 88.36
CA VAL L 214 -46.63 13.24 87.03
C VAL L 214 -46.46 11.81 86.57
N TRP L 215 -46.40 10.88 87.51
CA TRP L 215 -46.33 9.49 87.07
C TRP L 215 -47.62 8.76 87.37
N ASP L 216 -48.77 9.40 87.12
CA ASP L 216 -50.08 8.77 87.32
C ASP L 216 -50.31 8.26 88.75
N TYR L 217 -49.46 8.64 89.69
CA TYR L 217 -49.70 8.24 91.07
C TYR L 217 -50.72 9.17 91.72
N SER L 218 -51.28 8.71 92.84
CA SER L 218 -52.30 9.45 93.57
C SER L 218 -51.72 10.00 94.86
N PRO L 219 -51.76 11.31 95.07
CA PRO L 219 -51.12 11.89 96.26
C PRO L 219 -52.00 11.86 97.50
N LEU L 220 -51.49 11.28 98.59
CA LEU L 220 -52.29 11.17 99.80
C LEU L 220 -51.76 12.09 100.90
N LEU L 221 -50.47 11.98 101.22
CA LEU L 221 -49.90 12.77 102.32
C LEU L 221 -48.55 13.40 101.97
N THR L 222 -48.31 14.63 102.41
CA THR L 222 -47.09 15.33 102.04
C THR L 222 -46.33 16.05 103.13
N ILE L 223 -45.01 15.96 103.14
CA ILE L 223 -44.22 16.74 104.08
C ILE L 223 -43.43 17.64 103.17
N ASP L 224 -43.39 18.94 103.47
CA ASP L 224 -42.62 19.85 102.67
C ASP L 224 -41.24 19.89 103.27
N VAL L 225 -40.32 19.10 102.71
CA VAL L 225 -38.95 19.14 103.18
C VAL L 225 -38.18 20.19 102.41
N TRP L 226 -38.46 21.44 102.69
CA TRP L 226 -37.74 22.52 102.05
C TRP L 226 -37.34 23.32 103.25
N GLU L 227 -36.30 24.09 103.12
CA GLU L 227 -35.78 24.83 104.27
C GLU L 227 -36.77 25.82 104.81
N HIS L 228 -37.55 26.45 103.96
CA HIS L 228 -38.42 27.50 104.45
C HIS L 228 -39.34 27.00 105.54
N ALA L 229 -39.77 25.76 105.43
CA ALA L 229 -40.73 25.24 106.39
C ALA L 229 -40.20 25.23 107.81
N TYR L 230 -38.95 24.86 108.02
CA TYR L 230 -38.45 24.70 109.38
C TYR L 230 -37.24 25.54 109.74
N TYR L 231 -36.50 25.98 108.74
CA TYR L 231 -35.28 26.73 109.01
C TYR L 231 -35.61 28.00 109.75
N LEU L 232 -36.68 28.66 109.32
CA LEU L 232 -37.04 29.90 109.95
C LEU L 232 -37.61 29.59 111.29
N ASP L 233 -38.59 28.70 111.32
CA ASP L 233 -39.26 28.36 112.56
C ASP L 233 -38.30 28.06 113.68
N PHE L 234 -37.45 27.07 113.46
CA PHE L 234 -36.57 26.62 114.52
C PHE L 234 -35.14 26.50 114.06
N ARG L 235 -34.25 26.11 114.97
CA ARG L 235 -32.86 25.88 114.59
C ARG L 235 -32.97 24.81 113.55
N ASN L 236 -32.12 24.83 112.54
CA ASN L 236 -32.31 23.90 111.43
C ASN L 236 -31.87 22.48 111.63
N ARG L 237 -32.58 21.75 112.47
CA ARG L 237 -32.31 20.34 112.61
C ARG L 237 -33.57 19.80 111.97
N ARG L 238 -33.45 19.13 110.84
CA ARG L 238 -34.64 18.67 110.14
C ARG L 238 -35.33 17.49 110.86
N PRO L 239 -34.55 16.54 111.47
CA PRO L 239 -35.31 15.47 112.13
C PRO L 239 -36.34 15.98 113.11
N ASP L 240 -36.07 17.08 113.80
CA ASP L 240 -37.04 17.64 114.73
C ASP L 240 -38.32 17.94 114.00
N TYR L 241 -38.24 18.71 112.94
CA TYR L 241 -39.45 19.10 112.22
C TYR L 241 -40.17 17.89 111.69
N ILE L 242 -39.42 16.93 111.19
CA ILE L 242 -40.02 15.72 110.68
C ILE L 242 -40.70 14.97 111.80
N SER L 243 -40.06 14.88 112.95
CA SER L 243 -40.64 14.12 114.04
C SER L 243 -41.92 14.80 114.51
N ILE L 244 -41.90 16.12 114.63
CA ILE L 244 -43.08 16.84 115.08
C ILE L 244 -44.21 16.71 114.08
N PHE L 245 -43.89 16.71 112.79
CA PHE L 245 -44.92 16.53 111.79
C PHE L 245 -45.53 15.17 112.00
N MET L 246 -44.69 14.18 112.19
CA MET L 246 -45.20 12.84 112.31
C MET L 246 -45.90 12.67 113.63
N GLU L 247 -45.72 13.64 114.50
CA GLU L 247 -46.33 13.53 115.82
C GLU L 247 -47.59 14.38 115.94
N LYS L 248 -47.48 15.69 115.77
CA LYS L 248 -48.48 16.62 116.30
C LYS L 248 -49.19 17.45 115.25
N LEU L 249 -49.01 17.17 113.97
CA LEU L 249 -49.77 17.97 113.01
C LEU L 249 -50.48 17.14 111.95
N VAL L 250 -50.01 15.93 111.68
CA VAL L 250 -50.58 15.13 110.60
C VAL L 250 -52.06 14.84 110.88
N SER L 251 -52.88 15.03 109.85
CA SER L 251 -54.33 14.80 109.94
C SER L 251 -54.66 13.59 109.06
N TRP L 252 -55.15 12.51 109.68
CA TRP L 252 -55.41 11.28 108.96
C TRP L 252 -56.80 11.26 108.32
N GLU L 253 -57.68 12.17 108.71
CA GLU L 253 -59.03 12.19 108.14
C GLU L 253 -59.00 12.61 106.68
N ALA L 254 -58.21 13.64 106.35
CA ALA L 254 -58.05 14.03 104.96
C ALA L 254 -57.39 12.93 104.15
N VAL L 255 -56.46 12.18 104.78
CA VAL L 255 -55.83 11.06 104.10
C VAL L 255 -56.86 9.97 103.79
N SER L 256 -57.76 9.71 104.74
CA SER L 256 -58.81 8.72 104.49
C SER L 256 -59.73 9.18 103.37
N SER L 257 -60.09 10.46 103.36
CA SER L 257 -60.94 10.99 102.30
C SER L 257 -60.26 10.88 100.93
N ARG L 258 -58.96 11.19 100.88
CA ARG L 258 -58.24 11.12 99.61
C ARG L 258 -58.05 9.67 99.17
N LEU L 259 -57.89 8.74 100.12
CA LEU L 259 -57.82 7.33 99.79
C LEU L 259 -59.15 6.86 99.22
N GLU L 260 -60.26 7.33 99.78
CA GLU L 260 -61.58 7.02 99.22
C GLU L 260 -61.71 7.56 97.80
N VAL L 261 -61.26 8.79 97.57
CA VAL L 261 -61.32 9.38 96.23
C VAL L 261 -60.46 8.59 95.26
N ALA L 262 -59.29 8.14 95.72
CA ALA L 262 -58.40 7.38 94.84
C ALA L 262 -59.00 6.03 94.49
N LYS L 263 -59.60 5.35 95.47
CA LYS L 263 -60.26 4.08 95.19
C LYS L 263 -61.48 4.27 94.29
N ALA L 264 -62.13 5.42 94.37
CA ALA L 264 -63.23 5.71 93.45
C ALA L 264 -62.74 5.94 92.03
N LYS L 265 -61.63 6.67 91.88
CA LYS L 265 -61.07 6.90 90.55
C LYS L 265 -60.55 5.60 89.94
N ALA L 266 -59.91 4.76 90.76
CA ALA L 266 -59.45 3.46 90.27
C ALA L 266 -60.63 2.60 89.83
N ALA L 267 -61.72 2.62 90.60
CA ALA L 267 -62.91 1.86 90.22
C ALA L 267 -63.51 2.39 88.93
N GLU L 268 -63.53 3.71 88.75
CA GLU L 268 -64.10 4.27 87.52
C GLU L 268 -63.22 3.92 86.32
N ARG L 269 -61.89 3.86 86.51
CA ARG L 269 -61.02 3.45 85.42
C ARG L 269 -61.22 1.97 85.10
N GLU L 270 -61.38 1.13 86.12
CA GLU L 270 -61.63 -0.29 85.89
C GLU L 270 -62.96 -0.50 85.17
N GLU L 271 -63.97 0.31 85.50
CA GLU L 271 -65.26 0.17 84.82
C GLU L 271 -65.21 0.74 83.41
N GLU L 272 -64.36 1.74 83.17
CA GLU L 272 -64.15 2.23 81.81
C GLU L 272 -63.49 1.16 80.95
N GLU L 273 -62.55 0.41 81.55
CA GLU L 273 -61.96 -0.72 80.82
C GLU L 273 -63.03 -1.76 80.44
N GLU L 274 -63.93 -2.07 81.37
CA GLU L 274 -64.99 -3.04 81.08
C GLU L 274 -65.94 -2.49 80.03
N ARG L 275 -66.23 -1.18 80.07
CA ARG L 275 -67.08 -0.58 79.05
C ARG L 275 -66.43 -0.69 77.67
N LYS L 276 -65.12 -0.44 77.59
CA LYS L 276 -64.42 -0.56 76.31
C LYS L 276 -64.43 -2.01 75.83
N LYS L 277 -64.27 -2.97 76.76
CA LYS L 277 -64.35 -4.37 76.37
C LYS L 277 -65.73 -4.73 75.84
N ARG L 278 -66.78 -4.21 76.48
CA ARG L 278 -68.13 -4.49 76.00
C ARG L 278 -68.37 -3.87 74.64
N GLU L 279 -67.87 -2.65 74.41
CA GLU L 279 -67.97 -2.04 73.10
C GLU L 279 -67.23 -2.85 72.06
N LYS L 280 -66.10 -3.45 72.45
CA LYS L 280 -65.38 -4.35 71.54
C LYS L 280 -66.21 -5.58 71.22
N GLU L 281 -66.84 -6.18 72.24
CA GLU L 281 -67.68 -7.36 71.99
C GLU L 281 -68.91 -7.01 71.17
N GLU L 282 -69.45 -5.80 71.36
CA GLU L 282 -70.62 -5.37 70.61
C GLU L 282 -70.20 -4.61 69.35
N GLY M 63 -13.33 -40.88 39.36
CA GLY M 63 -12.12 -41.28 38.68
C GLY M 63 -12.38 -42.21 37.50
N LYS M 64 -13.65 -42.37 37.16
CA LYS M 64 -14.01 -43.23 36.04
C LYS M 64 -13.68 -42.58 34.70
N TYR M 65 -14.01 -41.29 34.55
CA TYR M 65 -13.82 -40.62 33.27
C TYR M 65 -12.36 -40.22 33.06
N VAL M 66 -11.73 -39.66 34.10
CA VAL M 66 -10.34 -39.22 34.04
C VAL M 66 -9.51 -40.11 34.96
N ARG M 67 -8.39 -40.61 34.44
CA ARG M 67 -7.50 -41.44 35.24
C ARG M 67 -6.64 -40.58 36.16
N GLU M 68 -6.29 -41.13 37.31
CA GLU M 68 -5.44 -40.41 38.26
C GLU M 68 -4.02 -40.33 37.72
N ASP M 69 -3.39 -39.16 37.92
CA ASP M 69 -2.04 -38.96 37.41
C ASP M 69 -1.00 -39.72 38.23
N TYR M 70 -1.17 -39.76 39.54
CA TYR M 70 -0.22 -40.40 40.45
C TYR M 70 -0.85 -41.63 41.06
N LEU M 71 -0.10 -42.73 41.10
CA LEU M 71 -0.61 -44.02 41.56
C LEU M 71 -0.11 -44.40 42.94
N VAL M 72 0.76 -43.60 43.55
CA VAL M 72 1.29 -43.86 44.89
C VAL M 72 0.55 -42.98 45.88
N LYS M 73 0.02 -43.59 46.94
CA LYS M 73 -0.80 -42.88 47.92
C LYS M 73 0.02 -42.58 49.17
N LYS M 74 -0.29 -41.45 49.80
CA LYS M 74 0.38 -41.03 51.03
C LYS M 74 -0.38 -41.59 52.22
N VAL M 75 0.16 -42.62 52.84
CA VAL M 75 -0.45 -43.23 54.01
C VAL M 75 0.16 -42.65 55.28
N SER M 76 -0.54 -42.80 56.40
CA SER M 76 -0.08 -42.30 57.68
C SER M 76 0.71 -43.40 58.40
N ALA M 77 1.10 -43.12 59.64
CA ALA M 77 1.86 -44.11 60.41
C ALA M 77 0.95 -45.24 60.89
N LYS M 78 -0.29 -44.93 61.28
CA LYS M 78 -1.23 -45.96 61.68
C LYS M 78 -1.53 -46.92 60.54
N ASP M 79 -1.61 -46.39 59.31
CA ASP M 79 -1.83 -47.24 58.15
C ASP M 79 -0.68 -48.22 57.95
N ILE M 80 0.57 -47.74 58.11
CA ILE M 80 1.72 -48.62 57.97
C ILE M 80 1.73 -49.67 59.07
N GLN M 81 1.39 -49.26 60.30
CA GLN M 81 1.36 -50.21 61.40
C GLN M 81 0.31 -51.30 61.17
N GLU M 82 -0.85 -50.90 60.63
CA GLU M 82 -1.90 -51.87 60.35
C GLU M 82 -1.51 -52.78 59.19
N LEU M 83 -0.83 -52.25 58.18
CA LEU M 83 -0.39 -53.07 57.06
C LEU M 83 0.65 -54.09 57.50
N ILE M 84 1.61 -53.67 58.33
CA ILE M 84 2.63 -54.60 58.81
C ILE M 84 2.02 -55.62 59.76
N LYS M 85 1.10 -55.18 60.62
CA LYS M 85 0.48 -56.11 61.57
C LYS M 85 -0.41 -57.12 60.87
N GLY M 86 -1.10 -56.70 59.82
CA GLY M 86 -1.99 -57.57 59.08
C GLY M 86 -1.23 -58.53 58.18
N GLU M 87 -2.00 -59.26 57.38
CA GLU M 87 -1.47 -60.24 56.44
C GLU M 87 -1.45 -59.65 55.04
N ARG M 88 -0.37 -59.92 54.30
CA ARG M 88 -0.19 -59.40 52.95
C ARG M 88 0.09 -60.55 51.99
N ASN M 89 -0.43 -60.43 50.77
CA ASN M 89 -0.16 -61.41 49.72
C ASN M 89 0.76 -60.88 48.63
N VAL M 90 1.16 -59.61 48.72
CA VAL M 90 2.05 -59.00 47.72
C VAL M 90 3.17 -58.27 48.46
N PRO M 91 4.34 -58.09 47.84
CA PRO M 91 5.41 -57.33 48.51
C PRO M 91 4.99 -55.91 48.79
N LEU M 92 5.57 -55.33 49.84
CA LEU M 92 5.26 -53.98 50.27
C LEU M 92 6.51 -53.12 50.18
N ILE M 93 6.36 -51.90 49.68
CA ILE M 93 7.46 -50.96 49.55
C ILE M 93 7.05 -49.66 50.25
N ILE M 94 7.85 -49.24 51.22
CA ILE M 94 7.61 -48.03 51.99
C ILE M 94 8.67 -47.01 51.63
N ASP M 95 8.24 -45.79 51.31
CA ASP M 95 9.15 -44.72 50.89
C ASP M 95 8.95 -43.52 51.79
N PHE M 96 10.05 -43.03 52.36
CA PHE M 96 9.97 -41.85 53.21
C PHE M 96 10.43 -40.69 52.37
N TYR M 97 9.70 -39.60 52.36
CA TYR M 97 10.08 -38.51 51.52
C TYR M 97 9.81 -37.24 52.21
N ALA M 98 10.32 -36.15 51.68
CA ALA M 98 9.99 -34.85 52.21
C ALA M 98 9.97 -33.97 51.02
N THR M 99 9.12 -32.98 51.04
CA THR M 99 8.99 -32.13 49.91
C THR M 99 10.29 -31.38 49.71
N TRP M 100 10.93 -31.00 50.79
CA TRP M 100 12.19 -30.29 50.72
C TRP M 100 13.39 -30.99 50.10
N CYS M 101 13.57 -32.28 50.29
CA CYS M 101 14.77 -32.92 49.77
C CYS M 101 14.79 -32.95 48.27
N GLY M 102 15.88 -32.50 47.69
CA GLY M 102 16.02 -32.57 46.26
C GLY M 102 16.12 -33.95 45.67
N PRO M 103 16.88 -34.84 46.31
CA PRO M 103 16.99 -36.12 45.66
C PRO M 103 15.66 -36.81 45.54
N CYS M 104 14.76 -36.55 46.45
CA CYS M 104 13.49 -37.23 46.48
C CYS M 104 12.65 -36.98 45.26
N ILE M 105 12.85 -35.88 44.58
CA ILE M 105 12.09 -35.58 43.39
C ILE M 105 12.33 -36.66 42.36
N LEU M 106 13.55 -37.16 42.25
CA LEU M 106 13.85 -38.24 41.31
C LEU M 106 13.32 -39.58 41.78
N MET M 107 13.60 -39.96 43.00
CA MET M 107 13.11 -41.17 43.64
C MET M 107 11.61 -41.35 43.42
N ALA M 108 10.85 -40.26 43.51
CA ALA M 108 9.41 -40.34 43.29
C ALA M 108 9.09 -40.74 41.86
N GLN M 109 9.85 -40.23 40.88
CA GLN M 109 9.62 -40.63 39.50
C GLN M 109 9.90 -42.11 39.29
N GLU M 110 10.99 -42.61 39.87
CA GLU M 110 11.31 -44.03 39.74
C GLU M 110 10.28 -44.90 40.45
N LEU M 111 9.75 -44.43 41.59
CA LEU M 111 8.70 -45.16 42.27
C LEU M 111 7.42 -45.18 41.45
N GLU M 112 7.12 -44.07 40.76
CA GLU M 112 5.97 -44.05 39.85
C GLU M 112 6.17 -45.07 38.72
N MET M 113 7.36 -45.10 38.13
CA MET M 113 7.62 -46.08 37.08
C MET M 113 7.51 -47.51 37.60
N LEU M 114 7.99 -47.76 38.82
CA LEU M 114 7.92 -49.10 39.39
C LEU M 114 6.47 -49.49 39.68
N ALA M 115 5.66 -48.54 40.15
CA ALA M 115 4.25 -48.80 40.41
C ALA M 115 3.51 -49.08 39.11
N VAL M 116 3.89 -48.40 38.03
CA VAL M 116 3.29 -48.68 36.73
C VAL M 116 3.70 -50.07 36.25
N GLU M 117 4.97 -50.43 36.44
CA GLU M 117 5.44 -51.74 36.01
C GLU M 117 4.80 -52.86 36.84
N TYR M 118 4.53 -52.60 38.11
CA TYR M 118 3.90 -53.57 39.00
C TYR M 118 2.51 -53.05 39.35
N GLU M 119 1.53 -53.37 38.51
CA GLU M 119 0.19 -52.81 38.67
C GLU M 119 -0.48 -53.32 39.94
N SER M 120 -0.55 -54.65 40.11
CA SER M 120 -1.22 -55.21 41.28
C SER M 120 -0.42 -56.34 41.91
N ASN M 121 0.84 -56.54 41.49
CA ASN M 121 1.70 -57.56 42.07
C ASN M 121 2.51 -57.06 43.25
N ALA M 122 2.39 -55.78 43.58
CA ALA M 122 3.11 -55.19 44.71
C ALA M 122 2.42 -53.91 45.13
N LEU M 123 2.56 -53.58 46.41
CA LEU M 123 1.95 -52.40 47.00
C LEU M 123 3.03 -51.37 47.30
N ILE M 124 2.87 -50.16 46.79
CA ILE M 124 3.84 -49.08 46.97
C ILE M 124 3.14 -47.92 47.66
N VAL M 125 3.67 -47.51 48.80
CA VAL M 125 3.12 -46.39 49.57
C VAL M 125 4.27 -45.46 49.95
N LYS M 126 3.90 -44.21 50.26
CA LYS M 126 4.87 -43.19 50.64
C LYS M 126 4.43 -42.53 51.94
N VAL M 127 5.41 -42.23 52.80
CA VAL M 127 5.16 -41.59 54.08
C VAL M 127 5.96 -40.30 54.14
N ASP M 128 5.30 -39.21 54.51
CA ASP M 128 5.95 -37.92 54.62
C ASP M 128 6.63 -37.79 55.99
N THR M 129 7.93 -37.53 55.97
CA THR M 129 8.68 -37.43 57.23
C THR M 129 8.25 -36.20 58.03
N ASP M 130 7.80 -35.14 57.35
CA ASP M 130 7.36 -33.95 58.05
C ASP M 130 6.11 -34.22 58.87
N ASP M 131 5.20 -35.04 58.35
CA ASP M 131 3.97 -35.35 59.08
C ASP M 131 4.21 -36.38 60.17
N GLU M 132 5.07 -37.37 59.92
CA GLU M 132 5.41 -38.40 60.88
C GLU M 132 6.93 -38.43 61.06
N TYR M 133 7.43 -37.60 61.98
CA TYR M 133 8.87 -37.55 62.23
C TYR M 133 9.28 -38.60 63.25
N GLU M 134 8.48 -38.76 64.31
CA GLU M 134 8.82 -39.74 65.34
C GLU M 134 8.75 -41.15 64.78
N PHE M 135 7.76 -41.43 63.93
CA PHE M 135 7.66 -42.77 63.33
C PHE M 135 8.85 -43.04 62.43
N ALA M 136 9.28 -42.05 61.64
CA ALA M 136 10.44 -42.24 60.79
C ALA M 136 11.72 -42.43 61.61
N ARG M 137 11.82 -41.72 62.74
CA ARG M 137 12.98 -41.88 63.60
C ARG M 137 13.00 -43.26 64.25
N ASP M 138 11.83 -43.78 64.62
CA ASP M 138 11.77 -45.11 65.21
C ASP M 138 12.08 -46.21 64.21
N MET M 139 11.95 -45.94 62.92
CA MET M 139 12.26 -46.90 61.88
C MET M 139 13.73 -46.92 61.50
N GLN M 140 14.58 -46.20 62.26
CA GLN M 140 16.01 -46.11 61.98
C GLN M 140 16.28 -45.61 60.57
N VAL M 141 15.68 -44.46 60.26
CA VAL M 141 15.83 -43.81 58.95
C VAL M 141 16.85 -42.70 59.11
N ARG M 142 18.02 -42.85 58.48
CA ARG M 142 19.06 -41.84 58.60
C ARG M 142 18.77 -40.63 57.72
N GLY M 143 18.42 -40.86 56.47
CA GLY M 143 18.27 -39.74 55.56
C GLY M 143 17.12 -39.89 54.65
N LEU M 144 16.83 -38.88 53.88
CA LEU M 144 15.64 -38.97 53.10
C LEU M 144 15.48 -39.93 51.93
N PRO M 145 16.48 -40.10 51.09
CA PRO M 145 16.18 -41.06 50.04
C PRO M 145 16.25 -42.50 50.56
N THR M 146 15.33 -42.93 51.43
CA THR M 146 15.33 -44.23 52.07
C THR M 146 14.12 -45.02 51.58
N LEU M 147 14.32 -46.30 51.27
CA LEU M 147 13.27 -47.19 50.82
C LEU M 147 13.23 -48.41 51.73
N TYR M 148 12.05 -48.77 52.20
CA TYR M 148 11.84 -49.95 53.02
C TYR M 148 11.13 -51.01 52.20
N PHE M 149 11.75 -52.18 52.05
CA PHE M 149 11.19 -53.29 51.30
C PHE M 149 10.68 -54.34 52.28
N ILE M 150 9.37 -54.47 52.39
CA ILE M 150 8.74 -55.43 53.28
C ILE M 150 8.35 -56.66 52.46
N SER M 151 8.77 -57.83 52.93
CA SER M 151 8.47 -59.08 52.24
C SER M 151 7.06 -59.54 52.57
N PRO M 152 6.47 -60.46 51.72
CA PRO M 152 5.10 -60.81 52.06
C PRO M 152 5.05 -61.76 53.20
N ASP M 153 5.85 -62.82 53.15
CA ASP M 153 5.95 -63.77 54.25
C ASP M 153 6.52 -63.08 55.44
N PRO M 154 5.92 -63.25 56.61
CA PRO M 154 6.40 -62.48 57.75
C PRO M 154 7.59 -63.03 58.53
N ASN M 155 8.35 -63.94 57.97
CA ASN M 155 9.45 -64.47 58.73
C ASN M 155 10.70 -63.86 58.17
N LYS M 156 10.69 -63.58 56.88
CA LYS M 156 11.85 -62.98 56.22
C LYS M 156 12.13 -61.58 56.79
N ASP M 157 13.33 -61.10 56.53
CA ASP M 157 13.80 -59.82 57.04
C ASP M 157 13.59 -58.72 56.02
N ALA M 158 13.17 -57.56 56.48
CA ALA M 158 12.98 -56.41 55.61
C ALA M 158 14.32 -55.85 55.16
N ILE M 159 14.33 -55.31 53.94
CA ILE M 159 15.52 -54.69 53.36
C ILE M 159 15.31 -53.19 53.33
N ARG M 160 16.28 -52.45 53.87
CA ARG M 160 16.26 -51.00 53.88
C ARG M 160 17.38 -50.47 52.99
N THR M 161 17.02 -49.61 52.03
CA THR M 161 17.98 -49.03 51.12
C THR M 161 17.98 -47.52 51.29
N GLU M 162 19.17 -46.93 51.20
CA GLU M 162 19.36 -45.50 51.43
C GLU M 162 20.09 -44.89 50.24
N GLY M 163 19.64 -43.70 49.83
CA GLY M 163 20.20 -43.02 48.69
C GLY M 163 19.52 -43.43 47.39
N LEU M 164 19.86 -42.70 46.33
CA LEU M 164 19.32 -43.00 45.02
C LEU M 164 19.90 -44.32 44.50
N ILE M 165 19.01 -45.24 44.13
CA ILE M 165 19.41 -46.54 43.61
C ILE M 165 18.74 -46.74 42.25
N PRO M 166 19.36 -47.47 41.33
CA PRO M 166 18.75 -47.67 40.01
C PRO M 166 17.47 -48.48 40.10
N ILE M 167 16.60 -48.27 39.12
CA ILE M 167 15.32 -48.96 39.10
C ILE M 167 15.52 -50.45 38.94
N GLN M 168 16.56 -50.85 38.20
CA GLN M 168 16.84 -52.28 38.04
C GLN M 168 17.20 -52.92 39.37
N MET M 169 17.89 -52.17 40.24
CA MET M 169 18.20 -52.69 41.56
C MET M 169 16.93 -52.93 42.36
N MET M 170 15.98 -51.99 42.30
CA MET M 170 14.69 -52.19 42.98
C MET M 170 13.98 -53.41 42.43
N ARG M 171 13.97 -53.56 41.10
CA ARG M 171 13.31 -54.72 40.50
C ARG M 171 13.94 -56.02 40.96
N ASP M 172 15.28 -56.09 40.96
CA ASP M 172 15.97 -57.30 41.40
C ASP M 172 15.70 -57.59 42.86
N ILE M 173 15.69 -56.56 43.71
CA ILE M 173 15.39 -56.76 45.13
C ILE M 173 13.99 -57.32 45.30
N ILE M 174 13.00 -56.71 44.64
CA ILE M 174 11.61 -57.17 44.76
C ILE M 174 11.48 -58.60 44.25
N ASN M 175 12.21 -58.93 43.18
CA ASN M 175 12.04 -60.25 42.57
C ASN M 175 12.71 -61.34 43.39
N ASN M 176 13.92 -61.09 43.91
CA ASN M 176 14.71 -62.12 44.57
C ASN M 176 14.70 -62.00 46.08
N ASP M 177 15.05 -60.84 46.63
CA ASP M 177 15.20 -60.71 48.08
C ASP M 177 13.85 -60.83 48.79
N LEU M 178 12.81 -60.21 48.25
CA LEU M 178 11.49 -60.28 48.87
C LEU M 178 10.74 -61.53 48.42
N GLU N 232 -94.06 9.03 -46.03
CA GLU N 232 -94.85 10.14 -46.55
C GLU N 232 -94.03 11.42 -46.62
N PRO N 233 -92.84 11.34 -47.21
CA PRO N 233 -92.00 12.54 -47.31
C PRO N 233 -92.55 13.58 -48.27
N LYS N 234 -93.21 13.15 -49.35
CA LYS N 234 -93.80 14.04 -50.33
C LYS N 234 -94.74 13.22 -51.20
N PHE N 235 -95.28 13.84 -52.24
CA PHE N 235 -96.21 13.16 -53.15
C PHE N 235 -96.12 13.82 -54.52
N ARG N 236 -96.71 13.14 -55.51
CA ARG N 236 -96.75 13.63 -56.90
C ARG N 236 -95.36 13.88 -57.45
N MET N 237 -94.41 13.01 -57.09
CA MET N 237 -93.05 13.13 -57.60
C MET N 237 -92.45 11.78 -57.97
N SER N 238 -93.23 10.70 -58.02
CA SER N 238 -92.74 9.38 -58.35
C SER N 238 -93.27 8.88 -59.69
N LEU N 239 -93.68 9.79 -60.57
CA LEU N 239 -94.21 9.42 -61.87
C LEU N 239 -93.77 10.44 -62.91
N ALA N 240 -93.63 9.97 -64.16
CA ALA N 240 -93.23 10.86 -65.24
C ALA N 240 -94.33 11.85 -65.59
N GLU N 241 -95.60 11.43 -65.49
CA GLU N 241 -96.70 12.34 -65.78
C GLU N 241 -96.77 13.50 -64.79
N LEU N 242 -96.37 13.26 -63.53
CA LEU N 242 -96.36 14.33 -62.54
C LEU N 242 -95.33 15.39 -62.90
N LEU N 243 -94.15 14.96 -63.37
CA LEU N 243 -93.14 15.93 -63.79
C LEU N 243 -93.53 16.61 -65.10
N ASP N 244 -94.22 15.88 -65.98
CA ASP N 244 -94.66 16.50 -67.24
C ASP N 244 -95.73 17.56 -66.99
N GLU N 245 -96.63 17.32 -66.03
CA GLU N 245 -97.65 18.31 -65.70
C GLU N 245 -97.06 19.55 -65.03
N SER N 246 -95.88 19.43 -64.42
CA SER N 246 -95.23 20.56 -63.77
C SER N 246 -94.44 21.43 -64.74
N ARG N 247 -94.67 21.29 -66.04
CA ARG N 247 -93.99 22.09 -67.07
C ARG N 247 -92.47 21.90 -67.00
N VAL N 248 -92.03 20.68 -66.72
CA VAL N 248 -90.61 20.35 -66.67
C VAL N 248 -90.22 19.91 -68.08
N VAL N 249 -89.88 20.89 -68.92
CA VAL N 249 -89.50 20.60 -70.31
C VAL N 249 -87.98 20.63 -70.42
N PRO N 250 -87.31 19.47 -70.44
CA PRO N 250 -85.85 19.45 -70.57
C PRO N 250 -85.35 19.31 -72.00
N LEU N 251 -86.24 19.05 -72.97
CA LEU N 251 -85.95 18.89 -74.38
C LEU N 251 -85.08 17.66 -74.68
N SER N 252 -84.73 16.87 -73.67
CA SER N 252 -83.92 15.67 -73.88
C SER N 252 -84.11 14.76 -72.68
N VAL N 253 -84.71 13.59 -72.92
CA VAL N 253 -84.98 12.62 -71.86
C VAL N 253 -84.84 11.21 -72.43
N TYR N 254 -84.57 10.26 -71.54
CA TYR N 254 -84.42 8.85 -71.89
C TYR N 254 -85.48 8.07 -71.13
N GLY N 255 -86.42 7.48 -71.87
CA GLY N 255 -87.49 6.71 -71.27
C GLY N 255 -88.48 7.56 -70.50
N ASP N 256 -88.58 7.33 -69.19
CA ASP N 256 -89.50 8.08 -68.34
C ASP N 256 -89.02 7.99 -66.91
N LEU N 257 -89.57 8.87 -66.06
CA LEU N 257 -89.22 8.92 -64.65
C LEU N 257 -90.00 7.86 -63.88
N GLU N 258 -89.69 6.61 -64.18
CA GLU N 258 -90.33 5.47 -63.52
C GLU N 258 -89.73 5.14 -62.17
N VAL N 259 -88.59 5.74 -61.81
CA VAL N 259 -87.96 5.46 -60.52
C VAL N 259 -88.81 6.02 -59.41
N GLY N 260 -88.90 5.28 -58.30
CA GLY N 260 -89.68 5.70 -57.16
C GLY N 260 -88.98 6.76 -56.31
N ILE N 261 -89.54 7.96 -56.29
CA ILE N 261 -88.96 9.07 -55.53
C ILE N 261 -90.10 9.79 -54.82
N SER N 262 -89.98 9.95 -53.50
CA SER N 262 -91.00 10.64 -52.73
C SER N 262 -91.08 12.11 -53.13
N GLY N 263 -89.96 12.81 -53.03
CA GLY N 263 -89.91 14.21 -53.42
C GLY N 263 -88.64 14.58 -54.15
N VAL N 264 -88.76 15.18 -55.32
CA VAL N 264 -87.60 15.59 -56.10
C VAL N 264 -86.93 16.78 -55.44
N GLN N 265 -85.61 16.74 -55.33
CA GLN N 265 -84.83 17.80 -54.71
C GLN N 265 -83.80 18.31 -55.70
N HIS N 266 -83.78 19.64 -55.90
CA HIS N 266 -82.81 20.23 -56.79
C HIS N 266 -81.39 20.09 -56.25
N ASP N 267 -81.22 20.24 -54.95
CA ASP N 267 -79.92 20.07 -54.33
C ASP N 267 -79.52 18.61 -54.29
N SER N 268 -78.23 18.34 -54.55
CA SER N 268 -77.74 16.96 -54.53
C SER N 268 -77.75 16.39 -53.12
N ARG N 269 -77.41 17.21 -52.12
CA ARG N 269 -77.40 16.74 -50.74
C ARG N 269 -78.82 16.44 -50.25
N LEU N 270 -79.78 17.26 -50.67
CA LEU N 270 -81.17 17.04 -50.24
C LEU N 270 -81.77 15.81 -50.92
N VAL N 271 -81.35 15.51 -52.14
CA VAL N 271 -81.86 14.34 -52.85
C VAL N 271 -81.23 13.07 -52.31
N GLU N 272 -81.91 11.95 -52.53
CA GLU N 272 -81.45 10.65 -52.09
C GLU N 272 -81.11 9.78 -53.29
N SER N 273 -80.65 8.56 -53.00
CA SER N 273 -80.30 7.62 -54.06
C SER N 273 -81.56 7.15 -54.78
N GLY N 274 -81.45 7.00 -56.10
CA GLY N 274 -82.58 6.56 -56.90
C GLY N 274 -83.70 7.57 -57.04
N ASP N 275 -83.40 8.85 -56.81
CA ASP N 275 -84.39 9.91 -56.89
C ASP N 275 -83.93 10.96 -57.91
N LEU N 276 -84.89 11.46 -58.70
CA LEU N 276 -84.58 12.47 -59.70
C LEU N 276 -84.18 13.78 -59.02
N PHE N 277 -83.08 14.37 -59.49
CA PHE N 277 -82.57 15.63 -58.96
C PHE N 277 -82.47 16.63 -60.10
N VAL N 278 -83.27 17.70 -60.01
CA VAL N 278 -83.28 18.74 -61.04
C VAL N 278 -82.09 19.66 -60.83
N CYS N 279 -81.80 20.49 -61.83
CA CYS N 279 -80.68 21.41 -61.73
C CYS N 279 -80.99 22.51 -60.73
N CYS N 280 -79.98 22.87 -59.93
CA CYS N 280 -80.10 23.91 -58.92
C CYS N 280 -79.42 25.18 -59.42
N VAL N 281 -80.16 26.27 -59.44
CA VAL N 281 -79.65 27.56 -59.91
C VAL N 281 -79.08 28.33 -58.72
N GLY N 282 -77.83 28.72 -58.81
CA GLY N 282 -77.20 29.46 -57.74
C GLY N 282 -75.86 30.02 -58.18
N ARG N 283 -75.41 31.05 -57.46
CA ARG N 283 -74.14 31.68 -57.79
C ARG N 283 -72.97 30.77 -57.41
N LYS N 284 -73.08 30.05 -56.30
CA LYS N 284 -72.01 29.16 -55.87
C LYS N 284 -71.97 27.89 -56.70
N THR N 285 -73.10 27.20 -56.81
CA THR N 285 -73.21 25.96 -57.57
C THR N 285 -74.08 26.20 -58.78
N ASP N 286 -73.52 25.96 -59.97
CA ASP N 286 -74.25 26.14 -61.22
C ASP N 286 -75.03 24.86 -61.56
N GLY N 287 -75.58 24.81 -62.76
CA GLY N 287 -76.35 23.63 -63.16
C GLY N 287 -75.47 22.43 -63.42
N HIS N 288 -74.32 22.63 -64.06
CA HIS N 288 -73.43 21.51 -64.36
C HIS N 288 -72.84 20.92 -63.09
N LEU N 289 -72.41 21.78 -62.16
CA LEU N 289 -71.86 21.28 -60.90
C LEU N 289 -72.93 20.56 -60.09
N TYR N 290 -74.15 21.08 -60.09
CA TYR N 290 -75.24 20.42 -59.38
C TYR N 290 -75.56 19.05 -59.99
N LEU N 291 -75.57 18.97 -61.33
CA LEU N 291 -75.82 17.69 -61.98
C LEU N 291 -74.70 16.70 -61.69
N SER N 292 -73.45 17.17 -61.67
CA SER N 292 -72.33 16.29 -61.36
C SER N 292 -72.42 15.78 -59.93
N GLU N 293 -72.75 16.66 -58.98
CA GLU N 293 -72.88 16.24 -57.59
C GLU N 293 -74.05 15.26 -57.42
N ALA N 294 -75.13 15.46 -58.17
CA ALA N 294 -76.26 14.55 -58.10
C ALA N 294 -75.90 13.18 -58.67
N ASP N 295 -75.20 13.16 -59.80
CA ASP N 295 -74.76 11.89 -60.37
C ASP N 295 -73.76 11.17 -59.47
N LYS N 296 -72.93 11.94 -58.76
CA LYS N 296 -71.99 11.31 -57.83
C LYS N 296 -72.72 10.76 -56.60
N ARG N 297 -73.73 11.48 -56.12
CA ARG N 297 -74.49 11.03 -54.96
C ARG N 297 -75.45 9.89 -55.25
N GLY N 298 -75.69 9.59 -56.53
CA GLY N 298 -76.56 8.50 -56.91
C GLY N 298 -77.95 8.89 -57.35
N ALA N 299 -78.15 10.14 -57.75
CA ALA N 299 -79.47 10.57 -58.22
C ALA N 299 -79.80 9.93 -59.55
N VAL N 300 -81.07 9.56 -59.74
CA VAL N 300 -81.48 8.87 -60.95
C VAL N 300 -81.39 9.81 -62.16
N ALA N 301 -81.86 11.04 -62.01
CA ALA N 301 -81.86 12.02 -63.08
C ALA N 301 -81.07 13.24 -62.66
N VAL N 302 -80.28 13.78 -63.59
CA VAL N 302 -79.50 14.99 -63.38
C VAL N 302 -79.74 15.93 -64.55
N VAL N 303 -80.06 17.18 -64.25
CA VAL N 303 -80.37 18.20 -65.26
C VAL N 303 -79.17 19.12 -65.39
N ALA N 304 -78.78 19.39 -66.64
CA ALA N 304 -77.64 20.27 -66.92
C ALA N 304 -77.79 20.83 -68.32
N SER N 305 -76.99 21.85 -68.61
CA SER N 305 -77.05 22.47 -69.94
C SER N 305 -76.50 21.53 -71.00
N LYS N 306 -75.42 20.83 -70.70
CA LYS N 306 -74.81 19.88 -71.63
C LYS N 306 -75.21 18.46 -71.26
N GLU N 307 -74.72 17.50 -72.05
CA GLU N 307 -75.03 16.10 -71.81
C GLU N 307 -74.32 15.62 -70.53
N ILE N 308 -75.09 15.09 -69.59
CA ILE N 308 -74.57 14.60 -68.32
C ILE N 308 -74.75 13.09 -68.27
N ASP N 309 -73.70 12.38 -67.87
CA ASP N 309 -73.74 10.92 -67.77
C ASP N 309 -74.18 10.53 -66.35
N ILE N 310 -75.46 10.78 -66.07
CA ILE N 310 -76.00 10.48 -64.75
C ILE N 310 -76.21 8.99 -64.57
N GLU N 311 -76.54 8.26 -65.64
CA GLU N 311 -76.81 6.83 -65.56
C GLU N 311 -75.56 5.99 -65.30
N GLU N 312 -74.38 6.62 -65.23
CA GLU N 312 -73.16 5.86 -65.01
C GLU N 312 -73.00 5.43 -63.55
N THR N 313 -73.48 6.24 -62.61
CA THR N 313 -73.36 5.95 -61.18
C THR N 313 -74.69 6.21 -60.49
N LEU N 314 -75.77 5.71 -61.09
CA LEU N 314 -77.11 5.88 -60.55
C LEU N 314 -77.81 4.53 -60.48
N GLY N 315 -78.94 4.49 -59.76
CA GLY N 315 -79.73 3.28 -59.67
C GLY N 315 -80.70 3.08 -60.82
N CYS N 316 -81.04 4.13 -61.54
CA CYS N 316 -81.94 4.06 -62.68
C CYS N 316 -81.26 4.69 -63.88
N LYS N 317 -81.32 3.99 -65.03
CA LYS N 317 -80.67 4.49 -66.23
C LYS N 317 -81.39 5.68 -66.84
N ALA N 318 -82.67 5.87 -66.50
CA ALA N 318 -83.44 6.98 -67.05
C ALA N 318 -83.00 8.30 -66.43
N LEU N 319 -82.76 9.30 -67.28
CA LEU N 319 -82.36 10.62 -66.81
C LEU N 319 -82.87 11.66 -67.79
N VAL N 320 -82.82 12.93 -67.37
CA VAL N 320 -83.27 14.04 -68.19
C VAL N 320 -82.42 15.27 -67.88
N ILE N 321 -81.79 15.85 -68.91
CA ILE N 321 -80.94 17.01 -68.76
C ILE N 321 -81.73 18.24 -69.23
N VAL N 322 -81.97 19.17 -68.31
CA VAL N 322 -82.68 20.41 -68.60
C VAL N 322 -81.67 21.52 -68.77
N GLU N 323 -81.74 22.21 -69.92
CA GLU N 323 -80.80 23.28 -70.21
C GLU N 323 -81.09 24.56 -69.43
N ASP N 324 -82.25 24.66 -68.78
CA ASP N 324 -82.62 25.82 -68.01
C ASP N 324 -82.49 25.49 -66.53
N THR N 325 -81.54 26.14 -65.85
CA THR N 325 -81.32 25.87 -64.43
C THR N 325 -82.46 26.41 -63.57
N ASN N 326 -82.93 27.62 -63.87
CA ASN N 326 -84.02 28.21 -63.09
C ASN N 326 -85.31 27.43 -63.27
N ALA N 327 -85.62 27.04 -64.50
CA ALA N 327 -86.84 26.26 -64.74
C ALA N 327 -86.76 24.90 -64.06
N VAL N 328 -85.57 24.27 -64.07
CA VAL N 328 -85.41 22.99 -63.40
C VAL N 328 -85.57 23.14 -61.89
N LEU N 329 -84.99 24.20 -61.31
CA LEU N 329 -85.14 24.43 -59.88
C LEU N 329 -86.57 24.74 -59.50
N ALA N 330 -87.32 25.40 -60.39
CA ALA N 330 -88.73 25.68 -60.12
C ALA N 330 -89.57 24.41 -60.22
N VAL N 331 -89.29 23.57 -61.22
CA VAL N 331 -90.05 22.33 -61.40
C VAL N 331 -89.61 21.22 -60.48
N LEU N 332 -88.53 21.42 -59.72
CA LEU N 332 -88.07 20.40 -58.78
C LEU N 332 -89.13 20.09 -57.74
N ALA N 333 -89.79 21.12 -57.22
CA ALA N 333 -90.90 20.91 -56.28
C ALA N 333 -92.12 20.39 -57.03
N ALA N 334 -92.76 19.37 -56.46
CA ALA N 334 -93.92 18.78 -57.09
C ALA N 334 -95.08 19.77 -57.14
N SER N 335 -96.00 19.52 -58.08
CA SER N 335 -97.16 20.40 -58.23
C SER N 335 -98.06 20.32 -57.01
N PHE N 336 -98.43 19.11 -56.59
CA PHE N 336 -99.25 18.96 -55.40
C PHE N 336 -98.51 19.38 -54.13
N TYR N 337 -97.18 19.25 -54.14
CA TYR N 337 -96.41 19.68 -52.97
C TYR N 337 -96.39 21.20 -52.85
N ARG N 338 -96.20 21.91 -53.96
CA ARG N 338 -96.18 23.37 -53.94
C ARG N 338 -97.57 23.98 -53.82
N HIS N 339 -98.61 23.26 -54.26
CA HIS N 339 -99.97 23.78 -54.20
C HIS N 339 -100.48 23.79 -52.77
N PRO N 340 -100.16 22.77 -51.96
CA PRO N 340 -100.69 22.72 -50.59
C PRO N 340 -100.13 23.82 -49.72
N SER N 341 -98.81 24.03 -49.78
CA SER N 341 -98.19 25.07 -48.97
C SER N 341 -98.62 26.46 -49.43
N LYS N 342 -98.89 26.63 -50.72
CA LYS N 342 -99.34 27.93 -51.23
C LYS N 342 -100.80 28.17 -50.91
N SER N 343 -101.60 27.11 -50.76
CA SER N 343 -103.02 27.26 -50.51
C SER N 343 -103.34 27.39 -49.03
N MET N 344 -102.59 26.67 -48.17
CA MET N 344 -102.86 26.70 -46.73
C MET N 344 -102.65 28.09 -46.16
N THR N 345 -101.40 28.57 -46.18
CA THR N 345 -101.03 29.88 -45.67
C THR N 345 -99.56 30.10 -45.99
N LEU N 346 -99.10 31.34 -45.79
CA LEU N 346 -97.71 31.69 -46.01
C LEU N 346 -97.44 33.04 -45.37
N ILE N 347 -96.32 33.14 -44.67
CA ILE N 347 -95.91 34.37 -43.97
C ILE N 347 -94.41 34.49 -44.09
N GLY N 348 -93.93 35.51 -44.82
CA GLY N 348 -92.52 35.75 -44.99
C GLY N 348 -92.11 37.02 -44.24
N ILE N 349 -90.99 36.91 -43.52
CA ILE N 349 -90.45 38.01 -42.73
C ILE N 349 -88.97 38.12 -43.05
N THR N 350 -88.60 39.11 -43.86
CA THR N 350 -87.22 39.35 -44.26
C THR N 350 -86.83 40.75 -43.81
N GLY N 351 -86.11 40.85 -42.69
CA GLY N 351 -85.69 42.12 -42.16
C GLY N 351 -84.21 42.13 -41.86
N THR N 352 -83.66 43.35 -41.76
CA THR N 352 -82.24 43.51 -41.47
C THR N 352 -81.93 43.12 -40.03
N ASN N 353 -82.67 43.70 -39.08
CA ASN N 353 -82.48 43.42 -37.67
C ASN N 353 -83.83 43.15 -37.00
N GLY N 354 -83.87 42.11 -36.18
CA GLY N 354 -85.10 41.77 -35.48
C GLY N 354 -86.12 41.03 -36.33
N LYS N 355 -85.66 40.19 -37.25
CA LYS N 355 -86.59 39.42 -38.07
C LYS N 355 -87.04 38.16 -37.37
N THR N 356 -86.11 37.45 -36.72
CA THR N 356 -86.47 36.23 -36.00
C THR N 356 -87.31 36.51 -34.77
N THR N 357 -87.20 37.71 -34.18
CA THR N 357 -88.02 38.05 -33.02
C THR N 357 -89.48 38.25 -33.42
N THR N 358 -89.72 38.73 -34.64
CA THR N 358 -91.09 38.93 -35.12
C THR N 358 -91.65 37.70 -35.81
N SER N 359 -90.78 36.86 -36.39
CA SER N 359 -91.27 35.65 -37.06
C SER N 359 -91.92 34.70 -36.07
N TYR N 360 -91.25 34.45 -34.94
CA TYR N 360 -91.83 33.57 -33.92
C TYR N 360 -93.08 34.17 -33.30
N LEU N 361 -93.11 35.49 -33.15
CA LEU N 361 -94.31 36.14 -32.62
C LEU N 361 -95.49 35.97 -33.57
N ILE N 362 -95.26 36.13 -34.87
CA ILE N 362 -96.33 35.94 -35.84
C ILE N 362 -96.77 34.48 -35.88
N LYS N 363 -95.81 33.56 -35.74
CA LYS N 363 -96.16 32.14 -35.70
C LYS N 363 -97.01 31.81 -34.49
N ALA N 364 -96.66 32.37 -33.33
CA ALA N 364 -97.46 32.15 -32.12
C ALA N 364 -98.84 32.77 -32.25
N MET N 365 -98.93 33.94 -32.88
CA MET N 365 -100.24 34.56 -33.10
C MET N 365 -101.10 33.71 -34.02
N TYR N 366 -100.52 33.16 -35.09
CA TYR N 366 -101.27 32.30 -35.99
C TYR N 366 -101.68 31.00 -35.29
N GLU N 367 -100.83 30.47 -34.41
CA GLU N 367 -101.18 29.26 -33.68
C GLU N 367 -102.30 29.52 -32.69
N ALA N 368 -102.28 30.68 -32.03
CA ALA N 368 -103.36 31.04 -31.11
C ALA N 368 -104.65 31.35 -31.86
N MET N 369 -104.55 31.79 -33.11
CA MET N 369 -105.74 32.06 -33.90
C MET N 369 -106.54 30.79 -34.19
N GLY N 370 -105.87 29.65 -34.22
CA GLY N 370 -106.55 28.39 -34.45
C GLY N 370 -106.00 27.60 -35.63
N LEU N 371 -104.90 28.07 -36.21
CA LEU N 371 -104.28 27.42 -37.36
C LEU N 371 -102.84 27.09 -37.00
N ARG N 372 -102.51 25.79 -37.04
CA ARG N 372 -101.15 25.36 -36.76
C ARG N 372 -100.24 25.70 -37.92
N THR N 373 -99.08 26.29 -37.62
CA THR N 373 -98.13 26.70 -38.65
C THR N 373 -96.75 26.77 -38.04
N GLY N 374 -95.74 26.79 -38.91
CA GLY N 374 -94.36 26.90 -38.47
C GLY N 374 -93.65 28.01 -39.21
N MET N 375 -92.65 28.58 -38.53
CA MET N 375 -91.87 29.69 -39.06
C MET N 375 -90.40 29.27 -39.11
N LEU N 376 -89.83 29.29 -40.32
CA LEU N 376 -88.43 28.93 -40.49
C LEU N 376 -87.53 30.09 -40.11
N SER N 377 -86.38 29.75 -39.53
CA SER N 377 -85.39 30.73 -39.08
C SER N 377 -84.02 30.36 -39.64
N THR N 378 -83.04 31.22 -39.38
CA THR N 378 -81.68 30.95 -39.86
C THR N 378 -81.03 29.81 -39.09
N VAL N 379 -81.36 29.67 -37.80
CA VAL N 379 -80.78 28.60 -36.99
C VAL N 379 -81.36 27.25 -37.41
N GLY N 380 -82.68 27.16 -37.56
CA GLY N 380 -83.32 25.93 -37.95
C GLY N 380 -84.37 26.12 -39.01
N TYR N 381 -84.42 25.22 -39.99
CA TYR N 381 -85.38 25.28 -41.08
C TYR N 381 -86.67 24.58 -40.63
N TYR N 382 -87.74 25.36 -40.48
CA TYR N 382 -89.04 24.83 -40.04
C TYR N 382 -90.09 25.32 -41.03
N ILE N 383 -90.42 24.47 -42.01
CA ILE N 383 -91.44 24.84 -43.00
C ILE N 383 -92.81 24.91 -42.33
N TYR N 384 -93.20 23.85 -41.62
CA TYR N 384 -94.48 23.82 -40.92
C TYR N 384 -94.34 22.95 -39.68
N GLY N 385 -95.14 23.27 -38.67
CA GLY N 385 -95.12 22.55 -37.42
C GLY N 385 -94.26 23.22 -36.37
N ASP N 386 -94.46 22.79 -35.12
CA ASP N 386 -93.70 23.35 -34.01
C ASP N 386 -92.24 22.91 -34.06
N ASN N 387 -91.99 21.65 -34.41
CA ASN N 387 -90.63 21.15 -34.49
C ASN N 387 -89.89 21.78 -35.68
N LYS N 388 -88.56 21.81 -35.56
CA LYS N 388 -87.70 22.37 -36.60
C LYS N 388 -86.61 21.36 -36.93
N LEU N 389 -86.45 21.07 -38.21
CA LEU N 389 -85.44 20.12 -38.65
C LEU N 389 -84.07 20.79 -38.70
N GLU N 390 -83.03 19.98 -38.45
CA GLU N 390 -81.67 20.50 -38.45
C GLU N 390 -81.21 20.76 -39.88
N SER N 391 -80.69 21.97 -40.12
CA SER N 391 -80.20 22.36 -41.42
C SER N 391 -78.85 23.05 -41.26
N PRO N 392 -77.84 22.69 -42.06
CA PRO N 392 -76.53 23.33 -41.93
C PRO N 392 -76.56 24.80 -42.34
N HIS N 393 -77.10 25.08 -43.51
CA HIS N 393 -77.18 26.44 -44.00
C HIS N 393 -78.34 27.18 -43.36
N THR N 394 -78.30 28.52 -43.46
CA THR N 394 -79.38 29.34 -42.90
C THR N 394 -80.67 29.14 -43.65
N THR N 395 -80.59 28.96 -44.97
CA THR N 395 -81.77 28.72 -45.80
C THR N 395 -81.61 27.39 -46.52
N PRO N 396 -82.49 26.42 -46.28
CA PRO N 396 -82.34 25.11 -46.96
C PRO N 396 -82.77 25.17 -48.42
N ASP N 397 -82.70 24.03 -49.10
CA ASP N 397 -83.09 23.97 -50.50
C ASP N 397 -84.59 24.23 -50.64
N ALA N 398 -84.96 24.89 -51.75
CA ALA N 398 -86.36 25.21 -51.98
C ALA N 398 -87.19 23.95 -52.19
N VAL N 399 -86.67 22.98 -52.95
CA VAL N 399 -87.41 21.76 -53.21
C VAL N 399 -87.58 20.95 -51.93
N LEU N 400 -86.51 20.84 -51.14
CA LEU N 400 -86.60 20.11 -49.87
C LEU N 400 -87.56 20.80 -48.90
N VAL N 401 -87.53 22.14 -48.87
CA VAL N 401 -88.44 22.87 -48.00
C VAL N 401 -89.88 22.66 -48.44
N GLN N 402 -90.13 22.67 -49.74
CA GLN N 402 -91.48 22.43 -50.24
C GLN N 402 -91.95 21.01 -49.93
N LYS N 403 -91.04 20.03 -50.06
CA LYS N 403 -91.39 18.65 -49.73
C LYS N 403 -91.71 18.50 -48.25
N LEU N 404 -90.92 19.13 -47.37
CA LEU N 404 -91.20 19.07 -45.95
C LEU N 404 -92.52 19.76 -45.61
N MET N 405 -92.80 20.90 -46.26
CA MET N 405 -94.06 21.60 -46.03
C MET N 405 -95.24 20.75 -46.47
N ALA N 406 -95.11 20.05 -47.60
CA ALA N 406 -96.18 19.18 -48.07
C ALA N 406 -96.38 18.00 -47.13
N LYS N 407 -95.28 17.41 -46.65
CA LYS N 407 -95.39 16.30 -45.70
C LYS N 407 -96.05 16.75 -44.40
N MET N 408 -95.77 17.98 -43.97
CA MET N 408 -96.39 18.48 -42.74
C MET N 408 -97.86 18.79 -42.96
N VAL N 409 -98.20 19.43 -44.09
CA VAL N 409 -99.60 19.76 -44.37
C VAL N 409 -100.43 18.52 -44.63
N HIS N 410 -99.82 17.43 -45.08
CA HIS N 410 -100.57 16.19 -45.28
C HIS N 410 -101.10 15.64 -43.95
N ASN N 411 -100.28 15.68 -42.91
CA ASN N 411 -100.70 15.21 -41.59
C ASN N 411 -99.78 15.83 -40.55
N GLY N 412 -100.37 16.55 -39.59
CA GLY N 412 -99.62 17.15 -38.50
C GLY N 412 -99.47 18.65 -38.57
N THR N 413 -99.98 19.31 -39.62
CA THR N 413 -99.87 20.75 -39.74
C THR N 413 -100.99 21.25 -40.65
N GLU N 414 -101.61 22.36 -40.25
CA GLU N 414 -102.69 22.95 -41.03
C GLU N 414 -102.21 24.05 -41.98
N ALA N 415 -101.06 24.65 -41.71
CA ALA N 415 -100.52 25.71 -42.55
C ALA N 415 -99.01 25.56 -42.65
N LEU N 416 -98.47 25.92 -43.82
CA LEU N 416 -97.05 25.80 -44.11
C LEU N 416 -96.55 27.17 -44.57
N VAL N 417 -96.07 27.97 -43.61
CA VAL N 417 -95.55 29.31 -43.88
C VAL N 417 -94.04 29.22 -44.04
N MET N 418 -93.54 29.73 -45.17
CA MET N 418 -92.11 29.72 -45.46
C MET N 418 -91.56 31.12 -45.22
N GLU N 419 -90.77 31.27 -44.15
CA GLU N 419 -90.18 32.54 -43.78
C GLU N 419 -88.66 32.46 -43.91
N ALA N 420 -88.08 33.40 -44.64
CA ALA N 420 -86.64 33.46 -44.84
C ALA N 420 -86.16 34.88 -44.65
N SER N 421 -84.86 35.01 -44.38
CA SER N 421 -84.24 36.31 -44.16
C SER N 421 -84.00 37.00 -45.50
N SER N 422 -83.30 38.14 -45.48
CA SER N 422 -83.02 38.88 -46.70
C SER N 422 -82.12 38.08 -47.63
N HIS N 423 -81.08 37.44 -47.09
CA HIS N 423 -80.19 36.64 -47.92
C HIS N 423 -80.91 35.42 -48.48
N GLY N 424 -81.74 34.77 -47.68
CA GLY N 424 -82.51 33.63 -48.17
C GLY N 424 -83.50 34.01 -49.24
N LEU N 425 -84.12 35.20 -49.10
CA LEU N 425 -85.06 35.66 -50.11
C LEU N 425 -84.34 36.06 -51.40
N ALA N 426 -83.14 36.63 -51.27
CA ALA N 426 -82.38 37.01 -52.46
C ALA N 426 -81.78 35.81 -53.16
N LEU N 427 -81.51 34.73 -52.42
CA LEU N 427 -80.93 33.54 -53.04
C LEU N 427 -81.97 32.80 -53.88
N GLY N 428 -83.21 32.75 -53.41
CA GLY N 428 -84.27 32.08 -54.13
C GLY N 428 -84.97 31.01 -53.31
N ARG N 429 -84.74 31.01 -52.00
CA ARG N 429 -85.38 30.03 -51.13
C ARG N 429 -86.86 30.32 -50.96
N CYS N 430 -87.18 31.50 -50.42
CA CYS N 430 -88.58 31.90 -50.24
C CYS N 430 -89.16 32.55 -51.47
N ASP N 431 -88.35 32.81 -52.51
CA ASP N 431 -88.88 33.43 -53.72
C ASP N 431 -89.77 32.48 -54.51
N LYS N 432 -89.42 31.20 -54.52
CA LYS N 432 -90.19 30.20 -55.26
C LYS N 432 -91.32 29.62 -54.41
N VAL N 433 -92.13 30.50 -53.83
CA VAL N 433 -93.26 30.09 -53.00
C VAL N 433 -94.25 31.25 -52.95
N ASP N 434 -95.53 30.92 -53.13
CA ASP N 434 -96.59 31.91 -53.08
C ASP N 434 -96.76 32.41 -51.65
N PHE N 435 -96.37 33.65 -51.39
CA PHE N 435 -96.42 34.24 -50.05
C PHE N 435 -97.74 34.99 -49.89
N ASP N 436 -98.51 34.60 -48.88
CA ASP N 436 -99.78 35.29 -48.62
C ASP N 436 -99.53 36.66 -48.00
N ILE N 437 -98.58 36.76 -47.08
CA ILE N 437 -98.23 38.01 -46.42
C ILE N 437 -96.71 38.14 -46.44
N ALA N 438 -96.21 39.22 -47.04
CA ALA N 438 -94.77 39.48 -47.15
C ALA N 438 -94.48 40.86 -46.54
N VAL N 439 -94.13 40.88 -45.26
CA VAL N 439 -93.83 42.10 -44.55
C VAL N 439 -92.37 42.06 -44.10
N PHE N 440 -91.77 43.24 -43.97
CA PHE N 440 -90.39 43.39 -43.55
C PHE N 440 -90.33 44.01 -42.17
N THR N 441 -89.59 43.38 -41.26
CA THR N 441 -89.46 43.90 -39.90
C THR N 441 -88.55 45.13 -39.87
N ASN N 442 -87.47 45.10 -40.63
CA ASN N 442 -86.54 46.23 -40.68
C ASN N 442 -85.88 46.23 -42.05
N LEU N 443 -86.19 47.24 -42.86
CA LEU N 443 -85.65 47.37 -44.22
C LEU N 443 -84.46 48.29 -44.19
N THR N 444 -83.30 47.78 -44.63
CA THR N 444 -82.07 48.54 -44.66
C THR N 444 -81.15 47.91 -45.71
N ARG N 445 -79.89 48.36 -45.73
CA ARG N 445 -78.91 47.84 -46.68
C ARG N 445 -78.54 46.42 -46.27
N ASP N 446 -79.09 45.43 -46.99
CA ASP N 446 -78.83 44.02 -46.71
C ASP N 446 -78.19 43.38 -47.92
N HIS N 447 -77.18 42.55 -47.67
CA HIS N 447 -76.44 41.84 -48.72
C HIS N 447 -75.85 42.81 -49.73
N LEU N 448 -75.31 43.92 -49.24
CA LEU N 448 -74.70 44.92 -50.13
C LEU N 448 -73.41 44.39 -50.75
N ASP N 449 -72.64 43.63 -49.98
CA ASP N 449 -71.40 43.08 -50.51
C ASP N 449 -71.63 41.85 -51.38
N PHE N 450 -72.71 41.10 -51.12
CA PHE N 450 -72.99 39.90 -51.89
C PHE N 450 -73.70 40.23 -53.19
N HIS N 451 -74.85 40.92 -53.11
CA HIS N 451 -75.59 41.27 -54.30
C HIS N 451 -74.89 42.34 -55.12
N GLY N 452 -74.09 43.20 -54.48
CA GLY N 452 -73.38 44.25 -55.16
C GLY N 452 -74.16 45.53 -55.37
N THR N 453 -75.38 45.62 -54.85
CA THR N 453 -76.21 46.82 -55.02
C THR N 453 -77.15 46.92 -53.83
N GLU N 454 -77.37 48.16 -53.37
CA GLU N 454 -78.25 48.39 -52.25
C GLU N 454 -79.70 48.14 -52.64
N GLU N 455 -80.52 47.84 -51.64
CA GLU N 455 -81.95 47.57 -51.80
C GLU N 455 -82.23 46.40 -52.75
N GLU N 456 -81.28 45.48 -52.88
CA GLU N 456 -81.48 44.32 -53.75
C GLU N 456 -82.40 43.29 -53.09
N TYR N 457 -82.19 43.01 -51.80
CA TYR N 457 -83.05 42.06 -51.11
C TYR N 457 -84.48 42.57 -51.00
N ARG N 458 -84.64 43.87 -50.75
CA ARG N 458 -85.98 44.45 -50.68
C ARG N 458 -86.68 44.36 -52.03
N ASP N 459 -85.95 44.63 -53.13
CA ASP N 459 -86.53 44.52 -54.45
C ASP N 459 -86.90 43.07 -54.77
N ALA N 460 -86.06 42.11 -54.37
CA ALA N 460 -86.37 40.71 -54.60
C ALA N 460 -87.61 40.29 -53.81
N LYS N 461 -87.73 40.75 -52.56
CA LYS N 461 -88.90 40.43 -51.77
C LYS N 461 -90.16 41.05 -52.38
N ALA N 462 -90.05 42.29 -52.87
CA ALA N 462 -91.21 42.93 -53.49
C ALA N 462 -91.61 42.19 -54.76
N LYS N 463 -90.64 41.73 -55.55
CA LYS N 463 -90.96 40.98 -56.76
C LYS N 463 -91.60 39.64 -56.42
N LEU N 464 -91.09 38.96 -55.39
CA LEU N 464 -91.69 37.69 -54.97
C LEU N 464 -93.10 37.89 -54.44
N PHE N 465 -93.36 39.00 -53.76
CA PHE N 465 -94.71 39.28 -53.27
C PHE N 465 -95.65 39.64 -54.42
N ALA N 466 -95.14 40.37 -55.42
CA ALA N 466 -95.97 40.74 -56.56
C ALA N 466 -96.22 39.56 -57.49
N ARG N 467 -95.35 38.54 -57.48
CA ARG N 467 -95.57 37.36 -58.31
C ARG N 467 -96.86 36.66 -57.91
N MET N 468 -97.07 36.47 -56.61
CA MET N 468 -98.28 35.86 -56.07
C MET N 468 -98.87 36.81 -55.03
N VAL N 469 -99.80 37.66 -55.45
CA VAL N 469 -100.43 38.64 -54.58
C VAL N 469 -101.94 38.56 -54.76
N ASP N 470 -102.67 38.76 -53.66
CA ASP N 470 -104.12 38.75 -53.66
C ASP N 470 -104.67 40.06 -53.11
N PRO N 471 -105.90 40.42 -53.47
CA PRO N 471 -106.46 41.70 -52.99
C PRO N 471 -106.79 41.61 -51.50
N ALA N 472 -106.33 42.61 -50.75
CA ALA N 472 -106.57 42.73 -49.31
C ALA N 472 -106.07 41.53 -48.53
N ARG N 473 -105.03 40.85 -49.03
CA ARG N 473 -104.46 39.68 -48.36
C ARG N 473 -103.01 39.87 -47.94
N HIS N 474 -102.24 40.64 -48.69
CA HIS N 474 -100.83 40.87 -48.38
C HIS N 474 -100.69 42.05 -47.44
N ARG N 475 -99.84 41.90 -46.43
CA ARG N 475 -99.60 42.93 -45.43
C ARG N 475 -98.23 43.57 -45.66
N LYS N 476 -98.20 44.90 -45.64
CA LYS N 476 -96.97 45.67 -45.84
C LYS N 476 -96.57 46.40 -44.55
N ILE N 477 -96.75 45.74 -43.41
CA ILE N 477 -96.42 46.35 -42.13
C ILE N 477 -94.91 46.47 -42.01
N VAL N 478 -94.42 47.71 -41.92
CA VAL N 478 -93.00 47.98 -41.83
C VAL N 478 -92.81 49.38 -41.26
N ASN N 479 -91.63 49.64 -40.72
CA ASN N 479 -91.34 50.95 -40.16
C ASN N 479 -91.32 52.01 -41.26
N ILE N 480 -92.05 53.10 -41.05
CA ILE N 480 -92.12 54.17 -42.04
C ILE N 480 -90.84 54.98 -42.08
N ASP N 481 -90.01 54.91 -41.04
CA ASP N 481 -88.77 55.67 -41.02
C ASP N 481 -87.76 55.14 -42.03
N ASP N 482 -87.85 53.85 -42.36
CA ASP N 482 -86.91 53.25 -43.30
C ASP N 482 -87.35 53.56 -44.73
N PRO N 483 -86.49 54.15 -45.57
CA PRO N 483 -86.90 54.42 -46.95
C PRO N 483 -87.01 53.16 -47.79
N ASN N 484 -86.21 52.14 -47.50
CA ASN N 484 -86.32 50.89 -48.26
C ASN N 484 -87.66 50.23 -48.06
N ALA N 485 -88.26 50.36 -46.87
CA ALA N 485 -89.58 49.79 -46.64
C ALA N 485 -90.63 50.46 -47.52
N ALA N 486 -90.59 51.80 -47.62
CA ALA N 486 -91.52 52.49 -48.49
C ALA N 486 -91.26 52.18 -49.95
N PHE N 487 -89.99 52.02 -50.33
CA PHE N 487 -89.66 51.67 -51.71
C PHE N 487 -90.20 50.28 -52.07
N PHE N 488 -90.12 49.34 -51.12
CA PHE N 488 -90.65 48.00 -51.38
C PHE N 488 -92.17 48.00 -51.38
N LEU N 489 -92.78 48.81 -50.52
CA LEU N 489 -94.25 48.88 -50.49
C LEU N 489 -94.80 49.56 -51.73
N ALA N 490 -94.03 50.47 -52.34
CA ALA N 490 -94.49 51.12 -53.56
C ALA N 490 -94.59 50.14 -54.73
N GLN N 491 -93.70 49.16 -54.79
CA GLN N 491 -93.74 48.17 -55.85
C GLN N 491 -94.77 47.09 -55.52
N GLY N 492 -95.20 46.39 -56.57
CA GLY N 492 -96.19 45.34 -56.43
C GLY N 492 -97.59 45.82 -56.70
N ASN N 493 -98.54 44.96 -56.38
CA ASN N 493 -99.95 45.27 -56.60
C ASN N 493 -100.41 46.31 -55.57
N PRO N 494 -101.04 47.41 -56.00
CA PRO N 494 -101.49 48.41 -55.02
C PRO N 494 -102.72 48.00 -54.24
N ASP N 495 -103.45 46.97 -54.69
CA ASP N 495 -104.65 46.53 -53.98
C ASP N 495 -104.34 45.83 -52.67
N VAL N 496 -103.09 45.47 -52.43
CA VAL N 496 -102.70 44.79 -51.19
C VAL N 496 -102.81 45.78 -50.03
N PRO N 497 -103.17 45.32 -48.83
CA PRO N 497 -103.28 46.25 -47.70
C PRO N 497 -101.91 46.72 -47.23
N ILE N 498 -101.81 48.03 -46.98
CA ILE N 498 -100.58 48.66 -46.54
C ILE N 498 -100.81 49.28 -45.17
N VAL N 499 -99.80 49.21 -44.31
CA VAL N 499 -99.89 49.76 -42.95
C VAL N 499 -98.48 49.99 -42.45
N THR N 500 -98.34 50.89 -41.48
CA THR N 500 -97.06 51.24 -40.89
C THR N 500 -97.07 50.92 -39.42
N PHE N 501 -95.91 50.45 -38.91
CA PHE N 501 -95.77 50.08 -37.51
C PHE N 501 -94.86 51.04 -36.75
N ALA N 502 -94.61 52.22 -37.29
CA ALA N 502 -93.75 53.19 -36.63
C ALA N 502 -94.45 53.78 -35.41
N MET N 503 -93.67 54.03 -34.35
CA MET N 503 -94.20 54.58 -33.12
C MET N 503 -94.23 56.10 -33.13
N GLU N 504 -93.16 56.74 -33.63
CA GLU N 504 -93.10 58.19 -33.66
C GLU N 504 -94.00 58.78 -34.75
N ASN N 505 -94.22 58.05 -35.83
CA ASN N 505 -95.05 58.55 -36.92
C ASN N 505 -96.51 58.60 -36.50
N LYS N 506 -97.17 59.71 -36.84
CA LYS N 506 -98.57 59.88 -36.49
C LYS N 506 -99.49 59.18 -37.47
N SER N 507 -99.05 58.99 -38.71
CA SER N 507 -99.87 58.30 -39.70
C SER N 507 -100.07 56.83 -39.35
N ALA N 508 -99.08 56.21 -38.70
CA ALA N 508 -99.20 54.81 -38.30
C ALA N 508 -100.18 54.63 -37.15
N ASP N 509 -100.46 55.68 -36.38
CA ASP N 509 -101.38 55.67 -35.26
C ASP N 509 -100.94 54.75 -34.13
N VAL N 510 -99.74 54.19 -34.20
CA VAL N 510 -99.20 53.30 -33.17
C VAL N 510 -98.26 54.11 -32.29
N HIS N 511 -98.31 53.85 -30.98
CA HIS N 511 -97.48 54.55 -30.02
C HIS N 511 -97.42 53.75 -28.74
N PRO N 512 -96.29 53.76 -28.01
CA PRO N 512 -96.25 53.01 -26.74
C PRO N 512 -97.18 53.57 -25.68
N LEU N 513 -97.09 54.88 -25.41
CA LEU N 513 -97.95 55.56 -24.44
C LEU N 513 -97.88 54.88 -23.06
N LYS N 514 -96.70 54.41 -22.69
CA LYS N 514 -96.51 53.75 -21.42
C LYS N 514 -95.03 53.78 -21.06
N PHE N 515 -94.75 53.78 -19.76
CA PHE N 515 -93.38 53.78 -19.23
C PHE N 515 -93.27 52.61 -18.26
N GLN N 516 -92.98 51.43 -18.81
CA GLN N 516 -92.81 50.22 -18.01
C GLN N 516 -91.60 49.40 -18.48
N LEU N 517 -90.58 50.07 -19.00
CA LEU N 517 -89.40 49.38 -19.49
C LEU N 517 -88.63 48.76 -18.32
N SER N 518 -88.27 47.49 -18.48
CA SER N 518 -87.52 46.78 -17.45
C SER N 518 -86.80 45.61 -18.09
N LEU N 519 -85.82 45.07 -17.37
CA LEU N 519 -85.06 43.93 -17.87
C LEU N 519 -85.90 42.67 -17.92
N PHE N 520 -86.89 42.55 -17.02
CA PHE N 520 -87.73 41.36 -16.96
C PHE N 520 -88.90 41.44 -17.94
N GLU N 521 -89.63 42.54 -17.95
CA GLU N 521 -90.77 42.71 -18.83
C GLU N 521 -91.00 44.19 -19.10
N THR N 522 -91.28 44.52 -20.36
CA THR N 522 -91.54 45.90 -20.79
C THR N 522 -92.90 45.92 -21.49
N GLN N 523 -93.95 46.13 -20.70
CA GLN N 523 -95.31 46.16 -21.23
C GLN N 523 -95.68 47.58 -21.64
N VAL N 524 -96.35 47.69 -22.79
CA VAL N 524 -96.78 48.97 -23.33
C VAL N 524 -98.26 48.90 -23.64
N LEU N 525 -98.93 50.05 -23.53
CA LEU N 525 -100.37 50.15 -23.80
C LEU N 525 -100.53 50.81 -25.17
N VAL N 526 -100.48 49.99 -26.22
CA VAL N 526 -100.61 50.50 -27.58
C VAL N 526 -102.02 51.03 -27.80
N ASN N 527 -102.11 52.24 -28.34
CA ASN N 527 -103.39 52.90 -28.62
C ASN N 527 -103.46 53.17 -30.12
N THR N 528 -103.99 52.20 -30.86
CA THR N 528 -104.11 52.29 -32.31
C THR N 528 -105.48 51.78 -32.72
N PRO N 529 -106.01 52.26 -33.86
CA PRO N 529 -107.33 51.77 -34.29
C PRO N 529 -107.29 50.34 -34.81
N GLN N 530 -106.24 49.97 -35.54
CA GLN N 530 -106.11 48.62 -36.07
C GLN N 530 -105.30 47.71 -35.14
N GLY N 531 -104.27 48.25 -34.50
CA GLY N 531 -103.46 47.45 -33.62
C GLY N 531 -104.18 47.10 -32.33
N ILE N 532 -103.66 46.07 -31.65
CA ILE N 532 -104.26 45.63 -30.40
C ILE N 532 -103.91 46.61 -29.28
N LEU N 533 -104.67 46.51 -28.18
CA LEU N 533 -104.45 47.40 -27.05
C LEU N 533 -103.17 47.02 -26.30
N GLU N 534 -103.11 45.79 -25.81
CA GLU N 534 -101.94 45.33 -25.06
C GLU N 534 -100.80 45.00 -26.02
N ILE N 535 -99.57 45.15 -25.53
CA ILE N 535 -98.37 44.87 -26.30
C ILE N 535 -97.60 43.75 -25.61
N SER N 536 -96.57 43.26 -26.30
CA SER N 536 -95.74 42.18 -25.78
C SER N 536 -94.59 42.73 -24.95
N SER N 537 -94.18 41.97 -23.95
CA SER N 537 -93.07 42.34 -23.09
C SER N 537 -91.76 41.99 -23.78
N GLY N 538 -90.99 43.00 -24.16
CA GLY N 538 -89.73 42.81 -24.86
C GLY N 538 -88.54 43.11 -23.95
N LEU N 539 -87.45 42.40 -24.19
CA LEU N 539 -86.25 42.60 -23.39
C LEU N 539 -85.50 43.86 -23.81
N LEU N 540 -85.50 44.18 -25.09
CA LEU N 540 -84.80 45.36 -25.59
C LEU N 540 -85.70 46.58 -25.51
N GLY N 541 -85.06 47.75 -25.55
CA GLY N 541 -85.77 49.01 -25.44
C GLY N 541 -86.50 49.41 -26.70
N ARG N 542 -85.79 49.43 -27.83
CA ARG N 542 -86.35 49.84 -29.10
C ARG N 542 -86.49 48.70 -30.10
N HIS N 543 -85.54 47.76 -30.12
CA HIS N 543 -85.62 46.65 -31.07
C HIS N 543 -86.78 45.73 -30.74
N ASN N 544 -86.89 45.30 -29.48
CA ASN N 544 -87.99 44.43 -29.08
C ASN N 544 -89.32 45.15 -29.18
N ILE N 545 -89.35 46.45 -28.87
CA ILE N 545 -90.59 47.22 -28.99
C ILE N 545 -91.01 47.30 -30.45
N TYR N 546 -90.05 47.53 -31.35
CA TYR N 546 -90.37 47.58 -32.77
C TYR N 546 -90.85 46.22 -33.28
N ASN N 547 -90.23 45.13 -32.80
CA ASN N 547 -90.68 43.80 -33.20
C ASN N 547 -92.10 43.52 -32.71
N ILE N 548 -92.41 43.92 -31.47
CA ILE N 548 -93.75 43.73 -30.94
C ILE N 548 -94.76 44.56 -31.72
N LEU N 549 -94.39 45.78 -32.08
CA LEU N 549 -95.29 46.63 -32.86
C LEU N 549 -95.53 46.06 -34.26
N ALA N 550 -94.49 45.47 -34.86
CA ALA N 550 -94.66 44.86 -36.18
C ALA N 550 -95.49 43.59 -36.09
N ALA N 551 -95.35 42.82 -35.01
CA ALA N 551 -96.13 41.60 -34.86
C ALA N 551 -97.58 41.87 -34.44
N VAL N 552 -97.84 43.02 -33.81
CA VAL N 552 -99.21 43.35 -33.42
C VAL N 552 -100.10 43.49 -34.64
N ALA N 553 -99.55 44.02 -35.74
CA ALA N 553 -100.33 44.16 -36.97
C ALA N 553 -100.71 42.80 -37.54
N VAL N 554 -99.76 41.87 -37.58
CA VAL N 554 -100.05 40.53 -38.09
C VAL N 554 -101.02 39.80 -37.16
N GLY N 555 -100.93 40.05 -35.85
CA GLY N 555 -101.85 39.43 -34.93
C GLY N 555 -103.26 39.98 -35.03
N ILE N 556 -103.39 41.28 -35.31
CA ILE N 556 -104.71 41.89 -35.45
C ILE N 556 -105.33 41.64 -36.82
N ALA N 557 -104.50 41.36 -37.84
CA ALA N 557 -105.05 41.07 -39.15
C ALA N 557 -105.92 39.81 -39.13
N VAL N 558 -105.49 38.79 -38.38
CA VAL N 558 -106.28 37.57 -38.27
C VAL N 558 -107.49 37.78 -37.36
N GLY N 559 -107.26 38.32 -36.17
CA GLY N 559 -108.34 38.57 -35.24
C GLY N 559 -108.33 39.98 -34.68
N ALA N 560 -109.45 40.69 -34.82
CA ALA N 560 -109.56 42.05 -34.34
C ALA N 560 -109.52 42.09 -32.81
N PRO N 561 -109.97 41.04 -32.14
CA PRO N 561 -109.93 41.05 -30.67
C PRO N 561 -108.50 40.96 -30.15
N LEU N 562 -108.21 41.77 -29.13
CA LEU N 562 -106.89 41.80 -28.53
C LEU N 562 -106.64 40.66 -27.56
N GLU N 563 -107.67 39.89 -27.20
CA GLU N 563 -107.48 38.78 -26.28
C GLU N 563 -106.68 37.65 -26.91
N ASP N 564 -106.74 37.52 -28.23
CA ASP N 564 -106.00 36.45 -28.91
C ASP N 564 -104.50 36.72 -28.91
N ILE N 565 -104.07 37.97 -28.68
CA ILE N 565 -102.65 38.30 -28.69
C ILE N 565 -101.95 37.96 -27.39
N VAL N 566 -102.66 37.39 -26.41
CA VAL N 566 -102.05 37.05 -25.14
C VAL N 566 -101.00 35.97 -25.32
N LYS N 567 -101.30 34.94 -26.13
CA LYS N 567 -100.34 33.88 -26.38
C LYS N 567 -99.11 34.41 -27.12
N GLY N 568 -99.33 35.32 -28.08
CA GLY N 568 -98.21 35.92 -28.78
C GLY N 568 -97.33 36.75 -27.87
N ILE N 569 -97.94 37.52 -26.97
CA ILE N 569 -97.17 38.31 -26.02
C ILE N 569 -96.39 37.41 -25.08
N GLU N 570 -97.00 36.29 -24.64
CA GLU N 570 -96.29 35.36 -23.78
C GLU N 570 -95.13 34.72 -24.50
N GLU N 571 -95.31 34.34 -25.78
CA GLU N 571 -94.23 33.74 -26.53
C GLU N 571 -93.11 34.75 -26.83
N VAL N 572 -93.46 36.03 -26.97
CA VAL N 572 -92.43 37.05 -27.16
C VAL N 572 -91.67 37.29 -25.86
N ASP N 573 -92.36 37.26 -24.72
CA ASP N 573 -91.72 37.41 -23.42
C ASP N 573 -91.11 36.11 -22.91
N ALA N 574 -91.19 35.03 -23.68
CA ALA N 574 -90.66 33.73 -23.28
C ALA N 574 -89.13 33.66 -23.31
N VAL N 575 -88.45 34.78 -23.53
CA VAL N 575 -86.99 34.85 -23.56
C VAL N 575 -86.46 33.91 -24.63
N PRO N 576 -86.64 34.21 -25.91
CA PRO N 576 -86.17 33.30 -26.96
C PRO N 576 -84.65 33.23 -27.05
N GLY N 577 -84.14 32.52 -28.05
CA GLY N 577 -82.72 32.30 -28.20
C GLY N 577 -81.87 33.55 -28.32
N ARG N 578 -82.15 34.36 -29.35
CA ARG N 578 -81.46 35.63 -29.55
C ARG N 578 -81.57 36.51 -28.30
N CYS N 579 -80.42 37.01 -27.85
CA CYS N 579 -80.32 37.90 -26.67
C CYS N 579 -81.17 37.39 -25.51
N GLU N 580 -80.83 36.19 -25.04
CA GLU N 580 -81.56 35.56 -23.94
C GLU N 580 -81.61 36.46 -22.73
N LEU N 581 -82.74 36.40 -22.01
CA LEU N 581 -82.99 37.27 -20.87
C LEU N 581 -82.18 36.77 -19.66
N ILE N 582 -82.33 37.46 -18.53
CA ILE N 582 -81.62 37.09 -17.32
C ILE N 582 -82.22 35.82 -16.73
N ASP N 583 -81.41 35.09 -15.98
CA ASP N 583 -81.88 33.86 -15.33
C ASP N 583 -82.95 34.20 -14.29
N GLU N 584 -83.86 33.25 -14.07
CA GLU N 584 -84.94 33.41 -13.11
C GLU N 584 -84.51 33.19 -11.67
N GLU N 585 -83.23 32.87 -11.43
CA GLU N 585 -82.76 32.70 -10.06
C GLU N 585 -82.62 34.05 -9.38
N GLN N 586 -82.80 34.05 -8.06
CA GLN N 586 -82.65 35.28 -7.29
C GLN N 586 -81.19 35.71 -7.29
N ALA N 587 -80.86 36.64 -8.17
CA ALA N 587 -79.49 37.11 -8.32
C ALA N 587 -79.49 38.31 -9.25
N PHE N 588 -78.31 38.90 -9.44
CA PHE N 588 -78.15 40.04 -10.33
C PHE N 588 -78.34 39.62 -11.78
N GLY N 589 -78.47 40.61 -12.65
CA GLY N 589 -78.76 40.33 -14.05
C GLY N 589 -77.59 39.65 -14.74
N VAL N 590 -77.89 38.54 -15.41
CA VAL N 590 -76.91 37.80 -16.21
C VAL N 590 -77.56 37.44 -17.54
N ILE N 591 -77.07 38.05 -18.62
CA ILE N 591 -77.67 37.89 -19.93
C ILE N 591 -76.66 37.26 -20.87
N VAL N 592 -77.16 36.47 -21.82
CA VAL N 592 -76.34 35.81 -22.82
C VAL N 592 -76.69 36.39 -24.18
N ASP N 593 -75.68 36.88 -24.90
CA ASP N 593 -75.88 37.51 -26.19
C ASP N 593 -74.90 36.94 -27.20
N TYR N 594 -75.31 36.93 -28.47
CA TYR N 594 -74.42 36.47 -29.54
C TYR N 594 -73.76 37.67 -30.20
N ALA N 595 -72.87 38.36 -29.47
CA ALA N 595 -72.17 39.53 -29.99
C ALA N 595 -70.85 39.08 -30.63
N HIS N 596 -70.96 38.59 -31.85
CA HIS N 596 -69.81 38.13 -32.61
C HIS N 596 -69.22 39.22 -33.51
N THR N 597 -69.81 40.41 -33.53
CA THR N 597 -69.33 41.52 -34.32
C THR N 597 -69.19 42.76 -33.46
N PRO N 598 -68.30 43.69 -33.83
CA PRO N 598 -68.14 44.92 -33.02
C PRO N 598 -69.40 45.76 -32.96
N ASP N 599 -70.11 45.92 -34.07
CA ASP N 599 -71.32 46.74 -34.08
C ASP N 599 -72.39 46.14 -33.17
N ALA N 600 -72.60 44.82 -33.24
CA ALA N 600 -73.57 44.18 -32.37
C ALA N 600 -73.15 44.29 -30.92
N LEU N 601 -71.85 44.15 -30.64
CA LEU N 601 -71.36 44.29 -29.27
C LEU N 601 -71.65 45.68 -28.72
N SER N 602 -71.35 46.72 -29.52
CA SER N 602 -71.60 48.09 -29.07
C SER N 602 -73.09 48.37 -28.91
N ARG N 603 -73.91 47.83 -29.80
CA ARG N 603 -75.36 48.02 -29.70
C ARG N 603 -75.91 47.35 -28.44
N LEU N 604 -75.46 46.13 -28.15
CA LEU N 604 -75.92 45.43 -26.96
C LEU N 604 -75.42 46.11 -25.69
N LEU N 605 -74.19 46.64 -25.72
CA LEU N 605 -73.69 47.40 -24.58
C LEU N 605 -74.46 48.68 -24.35
N ASP N 606 -74.86 49.38 -25.42
CA ASP N 606 -75.71 50.55 -25.25
C ASP N 606 -77.09 50.17 -24.71
N TYR N 607 -77.66 49.07 -25.21
CA TYR N 607 -78.95 48.62 -24.71
C TYR N 607 -78.88 48.26 -23.22
N VAL N 608 -77.78 47.63 -22.80
CA VAL N 608 -77.63 47.27 -21.39
C VAL N 608 -77.30 48.48 -20.54
N ARG N 609 -76.61 49.47 -21.09
CA ARG N 609 -76.33 50.70 -20.35
C ARG N 609 -77.60 51.51 -20.14
N GLU N 610 -78.51 51.48 -21.11
CA GLU N 610 -79.80 52.16 -20.95
C GLU N 610 -80.56 51.64 -19.74
N LEU N 611 -80.62 50.31 -19.59
CA LEU N 611 -81.35 49.73 -18.47
C LEU N 611 -80.49 49.62 -17.22
N GLY N 612 -79.19 49.38 -17.39
CA GLY N 612 -78.31 49.11 -16.28
C GLY N 612 -78.15 50.27 -15.30
N PRO N 613 -78.58 50.06 -14.05
CA PRO N 613 -78.43 51.12 -13.06
C PRO N 613 -77.03 51.22 -12.47
N ARG N 614 -76.25 50.14 -12.52
CA ARG N 614 -74.97 50.10 -11.85
C ARG N 614 -73.91 49.42 -12.73
N ARG N 615 -72.78 49.04 -12.13
CA ARG N 615 -71.64 48.53 -12.87
C ARG N 615 -72.06 47.43 -13.84
N VAL N 616 -71.52 47.50 -15.06
CA VAL N 616 -71.82 46.54 -16.12
C VAL N 616 -70.56 45.74 -16.42
N ILE N 617 -70.66 44.42 -16.30
CA ILE N 617 -69.54 43.51 -16.52
C ILE N 617 -69.82 42.71 -17.78
N THR N 618 -68.84 42.66 -18.68
CA THR N 618 -68.96 41.94 -19.94
C THR N 618 -67.85 40.91 -20.06
N VAL N 619 -68.16 39.78 -20.69
CA VAL N 619 -67.20 38.71 -20.94
C VAL N 619 -67.44 38.18 -22.34
N PHE N 620 -66.39 38.19 -23.17
CA PHE N 620 -66.49 37.73 -24.54
C PHE N 620 -65.10 37.40 -25.06
N GLY N 621 -65.07 36.81 -26.26
CA GLY N 621 -63.80 36.49 -26.88
C GLY N 621 -63.95 36.44 -28.39
N CYS N 622 -62.83 36.60 -29.09
CA CYS N 622 -62.86 36.55 -30.54
C CYS N 622 -62.74 35.12 -30.99
N ALA N 623 -62.58 34.94 -32.29
CA ALA N 623 -62.50 33.60 -32.81
C ALA N 623 -61.14 33.40 -33.41
N GLY N 624 -60.56 32.23 -33.17
CA GLY N 624 -59.26 31.96 -33.76
C GLY N 624 -59.43 31.98 -35.26
N GLU N 625 -58.50 32.62 -35.96
CA GLU N 625 -58.52 32.65 -37.42
C GLU N 625 -59.65 33.51 -37.97
N SER N 626 -60.32 34.27 -37.10
CA SER N 626 -61.33 35.20 -37.60
C SER N 626 -60.59 36.45 -38.05
N ASP N 627 -61.31 37.43 -38.58
CA ASP N 627 -60.63 38.65 -38.95
C ASP N 627 -60.08 39.20 -37.66
N ARG N 628 -58.80 39.56 -37.65
CA ARG N 628 -58.19 40.05 -36.44
C ARG N 628 -58.35 41.56 -36.39
N GLY N 629 -58.87 42.14 -37.46
CA GLY N 629 -59.10 43.57 -37.49
C GLY N 629 -60.12 43.88 -36.43
N LYS N 630 -61.09 43.00 -36.24
CA LYS N 630 -62.11 43.20 -35.24
C LYS N 630 -61.54 43.26 -33.84
N ARG N 631 -60.48 42.51 -33.58
CA ARG N 631 -60.00 42.42 -32.22
C ARG N 631 -59.59 43.68 -31.46
N PRO N 632 -58.80 44.56 -32.09
CA PRO N 632 -58.47 45.72 -31.27
C PRO N 632 -59.68 46.58 -30.91
N ILE N 633 -60.56 46.83 -31.86
CA ILE N 633 -61.68 47.73 -31.61
C ILE N 633 -62.65 47.21 -30.56
N MET N 634 -62.99 45.94 -30.62
CA MET N 634 -63.98 45.39 -29.71
C MET N 634 -63.57 45.56 -28.27
N ALA N 635 -62.33 45.18 -27.93
CA ALA N 635 -61.84 45.36 -26.58
C ALA N 635 -61.98 46.81 -26.12
N LYS N 636 -61.66 47.75 -27.00
CA LYS N 636 -61.82 49.17 -26.66
C LYS N 636 -63.29 49.53 -26.49
N ILE N 637 -64.16 49.02 -27.36
CA ILE N 637 -65.58 49.31 -27.27
C ILE N 637 -66.16 48.78 -25.96
N ALA N 638 -65.67 47.61 -25.52
CA ALA N 638 -66.15 47.06 -24.26
C ALA N 638 -65.60 47.84 -23.08
N THR N 639 -64.30 48.17 -23.11
CA THR N 639 -63.69 48.89 -21.99
C THR N 639 -64.27 50.28 -21.84
N ASP N 640 -64.76 50.87 -22.94
CA ASP N 640 -65.36 52.20 -22.87
C ASP N 640 -66.64 52.18 -22.05
N LYS N 641 -67.58 51.30 -22.42
CA LYS N 641 -68.89 51.31 -21.77
C LYS N 641 -68.87 50.56 -20.44
N SER N 642 -68.19 49.42 -20.38
CA SER N 642 -68.21 48.56 -19.21
C SER N 642 -67.12 48.97 -18.22
N ASP N 643 -67.49 49.02 -16.94
CA ASP N 643 -66.52 49.37 -15.91
C ASP N 643 -65.55 48.23 -15.65
N VAL N 644 -66.04 46.99 -15.68
CA VAL N 644 -65.22 45.81 -15.45
C VAL N 644 -65.39 44.88 -16.64
N THR N 645 -64.29 44.62 -17.35
CA THR N 645 -64.30 43.76 -18.53
C THR N 645 -63.33 42.61 -18.33
N ILE N 646 -63.83 41.38 -18.50
CA ILE N 646 -63.02 40.18 -18.40
C ILE N 646 -62.95 39.55 -19.78
N LEU N 647 -61.75 39.46 -20.33
CA LEU N 647 -61.53 38.91 -21.67
C LEU N 647 -61.00 37.48 -21.55
N THR N 648 -61.64 36.56 -22.27
CA THR N 648 -61.21 35.16 -22.31
C THR N 648 -61.43 34.62 -23.71
N SER N 649 -60.75 33.54 -24.05
CA SER N 649 -60.86 33.02 -25.43
C SER N 649 -62.14 32.23 -25.65
N ASP N 650 -63.14 32.85 -26.26
CA ASP N 650 -64.39 32.14 -26.55
C ASP N 650 -64.20 30.97 -27.52
N ASN N 651 -63.49 31.18 -28.60
CA ASN N 651 -63.19 30.08 -29.50
C ASN N 651 -61.74 30.15 -29.93
N PRO N 652 -60.92 29.23 -29.42
CA PRO N 652 -59.52 29.22 -29.84
C PRO N 652 -59.38 28.92 -31.31
N LYS N 653 -60.11 27.95 -31.83
CA LYS N 653 -60.08 27.69 -33.27
C LYS N 653 -58.67 27.61 -33.86
N THR N 654 -57.82 26.76 -33.30
CA THR N 654 -56.44 26.59 -33.78
C THR N 654 -55.55 27.83 -33.70
N GLU N 655 -55.74 28.64 -32.67
CA GLU N 655 -54.85 29.78 -32.46
C GLU N 655 -54.59 29.83 -30.97
N ASP N 656 -53.42 30.28 -30.56
CA ASP N 656 -53.09 30.24 -29.15
C ASP N 656 -54.02 31.12 -28.34
N PRO N 657 -54.46 30.65 -27.14
CA PRO N 657 -55.36 31.59 -26.46
C PRO N 657 -54.68 32.90 -26.08
N LEU N 658 -53.47 32.82 -25.53
CA LEU N 658 -52.75 34.04 -25.13
C LEU N 658 -52.33 34.84 -26.36
N ASP N 659 -52.18 34.18 -27.51
CA ASP N 659 -51.76 34.88 -28.72
C ASP N 659 -52.81 35.85 -29.23
N ILE N 660 -54.10 35.53 -29.09
CA ILE N 660 -55.15 36.42 -29.56
C ILE N 660 -55.53 37.42 -28.48
N LEU N 661 -55.36 37.05 -27.21
CA LEU N 661 -55.64 37.98 -26.13
C LEU N 661 -54.69 39.16 -26.14
N ASP N 662 -53.44 38.94 -26.56
CA ASP N 662 -52.50 40.04 -26.69
C ASP N 662 -52.93 41.00 -27.80
N ASP N 663 -53.37 40.45 -28.93
CA ASP N 663 -53.87 41.31 -30.01
C ASP N 663 -55.12 42.06 -29.57
N MET N 664 -55.94 41.45 -28.72
CA MET N 664 -57.12 42.12 -28.20
C MET N 664 -56.74 43.26 -27.27
N LEU N 665 -55.81 43.01 -26.34
CA LEU N 665 -55.35 44.05 -25.43
C LEU N 665 -54.54 45.13 -26.11
N ALA N 666 -54.01 44.86 -27.31
CA ALA N 666 -53.31 45.89 -28.06
C ALA N 666 -54.23 47.07 -28.38
N GLY N 667 -55.53 46.83 -28.43
CA GLY N 667 -56.47 47.91 -28.72
C GLY N 667 -56.52 48.94 -27.60
N VAL N 668 -56.41 48.50 -26.35
CA VAL N 668 -56.44 49.41 -25.21
C VAL N 668 -55.07 49.92 -24.82
N GLY N 669 -54.01 49.42 -25.44
CA GLY N 669 -52.66 49.88 -25.19
C GLY N 669 -51.81 48.95 -24.35
N TRP N 670 -52.38 47.88 -23.82
CA TRP N 670 -51.64 46.95 -22.98
C TRP N 670 -51.14 45.76 -23.79
N SER N 671 -50.15 45.07 -23.23
CA SER N 671 -49.60 43.85 -23.80
C SER N 671 -49.68 42.74 -22.76
N MET N 672 -49.51 41.50 -23.22
CA MET N 672 -49.56 40.36 -22.30
C MET N 672 -48.43 40.40 -21.30
N GLN N 673 -47.25 40.87 -21.70
CA GLN N 673 -46.14 40.97 -20.76
C GLN N 673 -46.46 41.95 -19.64
N ASP N 674 -47.07 43.09 -19.98
CA ASP N 674 -47.45 44.06 -18.96
C ASP N 674 -48.50 43.50 -18.01
N TYR N 675 -49.57 43.00 -18.64
CA TYR N 675 -50.68 42.54 -17.84
C TYR N 675 -50.13 41.60 -16.83
N LEU N 676 -49.28 40.71 -17.30
CA LEU N 676 -48.73 39.73 -16.40
C LEU N 676 -47.87 40.38 -15.34
N LYS N 677 -47.06 41.36 -15.72
CA LYS N 677 -46.27 42.06 -14.71
C LYS N 677 -47.16 42.83 -13.76
N HIS N 678 -48.20 43.46 -14.29
CA HIS N 678 -49.15 44.15 -13.44
C HIS N 678 -49.80 43.10 -12.63
N GLY N 679 -50.03 41.94 -13.23
CA GLY N 679 -50.64 40.82 -12.54
C GLY N 679 -49.80 40.27 -11.43
N GLU N 680 -48.49 40.28 -11.62
CA GLU N 680 -47.61 39.81 -10.59
C GLU N 680 -47.87 40.73 -9.44
N ASN N 681 -47.99 42.02 -9.74
CA ASN N 681 -48.34 42.95 -8.69
C ASN N 681 -49.80 42.67 -8.35
N ASP N 682 -50.20 42.87 -7.11
CA ASP N 682 -51.61 42.71 -6.79
C ASP N 682 -52.45 43.81 -7.42
N TYR N 683 -51.83 44.92 -7.78
CA TYR N 683 -52.60 46.08 -8.23
C TYR N 683 -53.50 45.99 -9.46
N TYR N 684 -53.04 45.40 -10.57
CA TYR N 684 -53.89 45.41 -11.77
C TYR N 684 -54.42 46.80 -12.03
N PRO N 685 -53.53 47.78 -12.28
CA PRO N 685 -54.01 49.16 -12.37
C PRO N 685 -55.14 49.40 -13.34
N PRO N 686 -56.14 50.20 -12.93
CA PRO N 686 -57.31 50.46 -13.76
C PRO N 686 -57.05 51.32 -14.98
N LEU N 687 -57.83 51.11 -16.02
CA LEU N 687 -57.70 51.90 -17.24
C LEU N 687 -57.73 53.42 -16.95
N PRO N 688 -56.98 54.24 -17.73
CA PRO N 688 -56.97 55.68 -17.41
C PRO N 688 -58.35 56.30 -17.33
N ASN N 689 -59.34 55.74 -18.03
CA ASN N 689 -60.70 56.28 -17.98
C ASN N 689 -61.41 55.96 -16.66
N GLY N 690 -60.82 55.14 -15.80
CA GLY N 690 -61.43 54.78 -14.54
C GLY N 690 -62.11 53.44 -14.51
N HIS N 691 -61.90 52.60 -15.52
CA HIS N 691 -62.48 51.27 -15.58
C HIS N 691 -61.38 50.23 -15.43
N ARG N 692 -61.76 49.04 -14.94
CA ARG N 692 -60.82 47.97 -14.67
C ARG N 692 -60.91 46.90 -15.75
N LEU N 693 -59.76 46.47 -16.26
CA LEU N 693 -59.67 45.42 -17.25
C LEU N 693 -58.97 44.21 -16.66
N PHE N 694 -59.48 43.02 -17.02
CA PHE N 694 -58.98 41.77 -16.47
C PHE N 694 -58.90 40.75 -17.59
N LEU N 695 -57.93 39.84 -17.49
CA LEU N 695 -57.67 38.87 -18.54
C LEU N 695 -57.50 37.48 -17.94
N HIS N 696 -58.14 36.50 -18.58
CA HIS N 696 -57.94 35.09 -18.24
C HIS N 696 -57.97 34.28 -19.51
N ASP N 697 -57.43 33.06 -19.44
CA ASP N 697 -57.31 32.19 -20.60
C ASP N 697 -58.39 31.12 -20.69
N ILE N 698 -59.02 30.76 -19.58
CA ILE N 698 -60.05 29.72 -19.57
C ILE N 698 -61.42 30.39 -19.53
N ARG N 699 -62.32 29.97 -20.42
CA ARG N 699 -63.62 30.60 -20.52
C ARG N 699 -64.52 30.26 -19.34
N ARG N 700 -64.43 29.01 -18.85
CA ARG N 700 -65.29 28.58 -17.75
C ARG N 700 -65.01 29.37 -16.47
N VAL N 701 -63.74 29.46 -16.08
CA VAL N 701 -63.40 30.17 -14.86
C VAL N 701 -63.66 31.66 -15.02
N ALA N 702 -63.51 32.19 -16.23
CA ALA N 702 -63.82 33.59 -16.47
C ALA N 702 -65.31 33.86 -16.29
N VAL N 703 -66.15 33.00 -16.87
CA VAL N 703 -67.59 33.18 -16.73
C VAL N 703 -68.00 33.01 -15.26
N ARG N 704 -67.37 32.08 -14.56
CA ARG N 704 -67.68 31.88 -13.14
C ARG N 704 -67.27 33.08 -12.28
N CYS N 705 -66.11 33.68 -12.55
CA CYS N 705 -65.70 34.86 -11.80
C CYS N 705 -66.57 36.06 -12.15
N ALA N 706 -67.02 36.15 -13.41
CA ALA N 706 -67.91 37.24 -13.79
C ALA N 706 -69.27 37.10 -13.14
N VAL N 707 -69.79 35.86 -13.04
CA VAL N 707 -71.08 35.62 -12.41
C VAL N 707 -71.00 35.64 -10.89
N ALA N 708 -69.80 35.51 -10.33
CA ALA N 708 -69.60 35.61 -8.90
C ALA N 708 -69.29 37.04 -8.45
N MET N 709 -68.83 37.89 -9.37
CA MET N 709 -68.57 39.30 -9.08
C MET N 709 -69.80 40.09 -9.51
N GLY N 710 -70.68 40.40 -8.57
CA GLY N 710 -71.90 41.11 -8.87
C GLY N 710 -72.40 41.90 -7.67
N GLU N 711 -73.25 42.87 -7.96
CA GLU N 711 -73.88 43.68 -6.93
C GLU N 711 -75.39 43.60 -7.11
N GLU N 712 -76.12 44.21 -6.18
CA GLU N 712 -77.58 44.19 -6.25
C GLU N 712 -78.09 44.80 -7.55
N GLY N 713 -77.55 45.95 -7.94
CA GLY N 713 -77.93 46.60 -9.17
C GLY N 713 -77.03 46.35 -10.35
N ASP N 714 -75.86 45.76 -10.12
CA ASP N 714 -74.93 45.49 -11.22
C ASP N 714 -75.44 44.34 -12.08
N ILE N 715 -75.03 44.32 -13.35
CA ILE N 715 -75.45 43.32 -14.31
C ILE N 715 -74.22 42.76 -15.01
N VAL N 716 -74.27 41.47 -15.33
CA VAL N 716 -73.21 40.80 -16.07
C VAL N 716 -73.77 40.38 -17.43
N VAL N 717 -72.99 40.58 -18.48
CA VAL N 717 -73.42 40.28 -19.85
C VAL N 717 -72.41 39.33 -20.48
N VAL N 718 -72.87 38.16 -20.88
CA VAL N 718 -72.04 37.19 -21.59
C VAL N 718 -72.30 37.35 -23.09
N ALA N 719 -71.28 37.78 -23.83
CA ALA N 719 -71.42 38.10 -25.24
C ALA N 719 -70.70 37.14 -26.17
N GLY N 720 -70.30 35.96 -25.68
CA GLY N 720 -69.54 35.05 -26.53
C GLY N 720 -70.41 34.26 -27.49
N LYS N 721 -71.35 33.48 -26.95
CA LYS N 721 -72.20 32.58 -27.76
C LYS N 721 -73.64 32.67 -27.24
N GLY N 722 -74.46 33.48 -27.91
CA GLY N 722 -75.83 33.62 -27.49
C GLY N 722 -76.68 32.40 -27.82
N HIS N 723 -76.56 31.88 -29.04
CA HIS N 723 -77.37 30.76 -29.51
C HIS N 723 -76.43 29.65 -29.99
N GLU N 724 -75.41 29.36 -29.18
CA GLU N 724 -74.44 28.31 -29.51
C GLU N 724 -73.91 27.72 -28.22
N THR N 725 -73.69 26.40 -28.24
CA THR N 725 -73.19 25.71 -27.06
C THR N 725 -71.97 24.84 -27.39
N TYR N 726 -71.26 25.13 -28.48
CA TYR N 726 -70.11 24.36 -28.89
C TYR N 726 -68.84 25.20 -28.72
N GLN N 727 -67.86 24.65 -28.01
CA GLN N 727 -66.55 25.26 -27.85
C GLN N 727 -65.50 24.33 -28.42
N ILE N 728 -64.73 24.84 -29.38
CA ILE N 728 -63.74 24.04 -30.10
C ILE N 728 -62.37 24.66 -29.88
N GLU N 729 -61.53 23.96 -29.13
CA GLU N 729 -60.14 24.35 -28.91
C GLU N 729 -59.26 23.42 -29.73
N GLY N 730 -58.73 23.92 -30.84
CA GLY N 730 -57.98 23.06 -31.75
C GLY N 730 -58.90 22.05 -32.40
N ASP N 731 -58.46 20.79 -32.43
CA ASP N 731 -59.28 19.75 -33.04
C ASP N 731 -60.42 19.32 -32.12
N LYS N 732 -60.18 19.32 -30.81
CA LYS N 732 -61.19 18.88 -29.86
C LYS N 732 -62.35 19.87 -29.81
N LYS N 733 -63.56 19.34 -29.58
CA LYS N 733 -64.77 20.13 -29.48
C LYS N 733 -65.53 19.72 -28.23
N GLU N 734 -65.90 20.70 -27.40
CA GLU N 734 -66.60 20.46 -26.16
C GLU N 734 -67.91 21.24 -26.12
N PHE N 735 -68.94 20.63 -25.55
CA PHE N 735 -70.25 21.26 -25.40
C PHE N 735 -70.56 21.66 -23.96
N PHE N 736 -69.54 21.86 -23.13
CA PHE N 736 -69.77 22.19 -21.73
C PHE N 736 -70.31 23.61 -21.58
N ASP N 737 -69.96 24.50 -22.51
CA ASP N 737 -70.39 25.89 -22.43
C ASP N 737 -71.90 25.98 -22.64
N ASP N 738 -72.60 26.54 -21.65
CA ASP N 738 -74.03 26.72 -21.72
C ASP N 738 -74.46 27.70 -20.64
N ARG N 739 -75.73 28.13 -20.72
CA ARG N 739 -76.27 29.05 -19.71
C ARG N 739 -76.39 28.37 -18.36
N GLU N 740 -76.56 27.05 -18.35
CA GLU N 740 -76.63 26.31 -17.09
C GLU N 740 -75.33 26.44 -16.29
N GLU N 741 -74.19 26.57 -16.98
CA GLU N 741 -72.93 26.82 -16.28
C GLU N 741 -72.97 28.15 -15.53
N CYS N 742 -73.57 29.18 -16.14
CA CYS N 742 -73.70 30.46 -15.47
C CYS N 742 -74.70 30.39 -14.32
N ARG N 743 -75.79 29.64 -14.52
CA ARG N 743 -76.78 29.49 -13.45
C ARG N 743 -76.19 28.74 -12.25
N GLU N 744 -75.35 27.74 -12.51
CA GLU N 744 -74.70 27.03 -11.42
C GLU N 744 -73.79 27.96 -10.61
N ALA N 745 -73.16 28.93 -11.28
CA ALA N 745 -72.32 29.89 -10.58
C ALA N 745 -73.15 30.76 -9.65
N LEU N 746 -74.28 31.26 -10.14
CA LEU N 746 -75.16 32.06 -9.28
C LEU N 746 -75.72 31.22 -8.13
N GLN N 747 -75.92 29.91 -8.37
CA GLN N 747 -76.43 29.04 -7.31
C GLN N 747 -75.38 28.81 -6.23
N TYR N 748 -74.13 28.60 -6.64
CA TYR N 748 -73.07 28.20 -5.72
C TYR N 748 -72.20 29.36 -5.24
N VAL N 749 -72.49 30.60 -5.64
CA VAL N 749 -71.72 31.74 -5.17
C VAL N 749 -71.90 31.93 -3.67
N ASP N 750 -73.00 31.41 -3.10
CA ASP N 750 -73.23 31.53 -1.68
C ASP N 750 -72.17 30.81 -0.86
N GLU N 751 -71.65 29.69 -1.35
CA GLU N 751 -70.61 28.98 -0.61
C GLU N 751 -69.33 29.81 -0.54
N LEU N 752 -68.93 30.40 -1.67
CA LEU N 752 -67.73 31.24 -1.68
C LEU N 752 -67.94 32.49 -0.84
N HIS N 753 -69.16 33.03 -0.81
CA HIS N 753 -69.44 34.20 0.00
C HIS N 753 -69.36 33.86 1.49
N GLN N 754 -69.91 32.72 1.88
CA GLN N 754 -69.87 32.31 3.29
C GLN N 754 -68.44 31.96 3.71
N ALA N 755 -67.67 31.35 2.81
CA ALA N 755 -66.30 30.97 3.16
C ALA N 755 -65.42 32.19 3.38
N GLY N 756 -65.72 33.31 2.72
CA GLY N 756 -64.94 34.51 2.87
C GLY N 756 -64.18 34.96 1.63
N ILE N 757 -64.34 34.29 0.50
CA ILE N 757 -63.64 34.69 -0.71
C ILE N 757 -64.21 36.01 -1.21
N ASP N 758 -63.33 36.88 -1.69
CA ASP N 758 -63.70 38.19 -2.18
C ASP N 758 -63.57 38.22 -3.70
N THR N 759 -64.67 38.56 -4.37
CA THR N 759 -64.73 38.60 -5.83
C THR N 759 -64.80 40.01 -6.38
N SER N 760 -64.61 41.03 -5.53
CA SER N 760 -64.68 42.40 -6.00
C SER N 760 -63.64 42.69 -7.08
N GLU N 761 -62.44 42.15 -6.92
CA GLU N 761 -61.37 42.30 -7.90
C GLU N 761 -60.93 40.91 -8.36
N PHE N 762 -60.25 40.89 -9.52
CA PHE N 762 -59.76 39.61 -10.03
C PHE N 762 -58.75 38.93 -9.11
N PRO N 763 -57.80 39.63 -8.47
CA PRO N 763 -57.01 38.95 -7.42
C PRO N 763 -57.86 38.73 -6.19
N TRP N 764 -58.31 37.49 -6.01
CA TRP N 764 -59.24 37.14 -4.94
C TRP N 764 -58.48 37.05 -3.61
N ARG N 765 -58.98 37.77 -2.61
CA ARG N 765 -58.43 37.64 -1.27
C ARG N 765 -58.98 36.39 -0.60
N LEU N 766 -58.09 35.55 -0.11
CA LEU N 766 -58.44 34.32 0.59
C LEU N 766 -57.91 34.38 2.01
N PRO N 767 -58.53 33.68 2.94
CA PRO N 767 -58.04 33.68 4.33
C PRO N 767 -56.62 33.13 4.40
N GLU N 768 -55.72 33.94 4.97
CA GLU N 768 -54.30 33.61 5.09
C GLU N 768 -53.69 33.29 3.73
N ARG O 70 47.56 -3.05 -30.43
CA ARG O 70 46.75 -4.26 -30.43
C ARG O 70 47.04 -5.11 -29.19
N ILE O 71 46.06 -5.23 -28.31
CA ILE O 71 46.26 -6.02 -27.09
C ILE O 71 46.29 -7.51 -27.45
N PRO O 72 47.17 -8.31 -26.86
CA PRO O 72 47.33 -9.69 -27.34
C PRO O 72 46.20 -10.63 -26.96
N PHE O 73 45.53 -10.38 -25.82
CA PHE O 73 44.64 -11.36 -25.21
C PHE O 73 43.21 -10.79 -25.21
N LEU O 74 42.80 -10.25 -26.34
CA LEU O 74 41.46 -9.68 -26.49
C LEU O 74 40.62 -10.42 -27.52
N GLU O 75 40.93 -11.69 -27.80
CA GLU O 75 40.15 -12.44 -28.79
C GLU O 75 38.80 -12.85 -28.21
N GLU O 76 38.81 -13.48 -27.04
CA GLU O 76 37.57 -14.02 -26.47
C GLU O 76 36.59 -12.90 -26.11
N GLN O 77 37.12 -11.75 -25.68
CA GLN O 77 36.24 -10.64 -25.33
C GLN O 77 35.48 -10.13 -26.54
N VAL O 78 36.19 -9.89 -27.66
CA VAL O 78 35.52 -9.43 -28.87
C VAL O 78 34.57 -10.50 -29.39
N ARG O 79 34.97 -11.78 -29.29
CA ARG O 79 34.10 -12.87 -29.71
C ARG O 79 32.80 -12.86 -28.92
N LYS O 80 32.89 -12.67 -27.60
CA LYS O 80 31.69 -12.67 -26.77
C LYS O 80 30.84 -11.43 -27.03
N ILE O 81 31.49 -10.29 -27.29
CA ILE O 81 30.74 -9.08 -27.63
C ILE O 81 29.94 -9.28 -28.91
N ARG O 82 30.56 -9.92 -29.92
CA ARG O 82 29.86 -10.16 -31.18
C ARG O 82 28.74 -11.18 -30.99
N ASP O 83 29.00 -12.24 -30.23
CA ASP O 83 28.03 -13.32 -30.10
C ASP O 83 26.83 -12.91 -29.25
N GLY O 84 27.06 -12.16 -28.17
CA GLY O 84 25.98 -11.85 -27.25
C GLY O 84 24.91 -10.96 -27.86
N GLY O 85 25.32 -9.92 -28.57
CA GLY O 85 24.36 -9.00 -29.17
C GLY O 85 24.60 -7.55 -28.81
N LYS O 86 25.76 -7.26 -28.21
CA LYS O 86 26.09 -5.88 -27.90
C LYS O 86 26.31 -5.04 -29.15
N LEU O 87 26.57 -5.70 -30.29
CA LEU O 87 26.66 -5.01 -31.56
C LEU O 87 25.38 -4.23 -31.84
N LEU O 88 24.23 -4.80 -31.47
CA LEU O 88 22.96 -4.11 -31.65
C LEU O 88 22.91 -2.83 -30.84
N THR O 89 23.38 -2.88 -29.59
CA THR O 89 23.39 -1.68 -28.76
C THR O 89 24.32 -0.63 -29.32
N MET O 90 25.51 -1.05 -29.79
CA MET O 90 26.45 -0.10 -30.38
C MET O 90 25.85 0.55 -31.62
N ASP O 91 25.17 -0.23 -32.46
CA ASP O 91 24.58 0.32 -33.67
C ASP O 91 23.43 1.25 -33.34
N ILE O 92 22.65 0.93 -32.30
CA ILE O 92 21.57 1.81 -31.88
C ILE O 92 22.12 3.14 -31.39
N HIS O 93 23.18 3.10 -30.60
CA HIS O 93 23.81 4.34 -30.14
C HIS O 93 24.37 5.14 -31.32
N ARG O 94 24.98 4.46 -32.28
CA ARG O 94 25.54 5.16 -33.43
C ARG O 94 24.45 5.80 -34.27
N LEU O 95 23.32 5.12 -34.42
CA LEU O 95 22.20 5.67 -35.20
C LEU O 95 21.43 6.74 -34.44
N LEU O 96 21.50 6.76 -33.12
CA LEU O 96 20.90 7.83 -32.32
C LEU O 96 21.82 9.03 -32.17
N LEU O 97 23.11 8.86 -32.42
CA LEU O 97 24.04 9.98 -32.47
C LEU O 97 23.90 10.82 -33.73
N ASN O 98 23.01 10.43 -34.65
CA ASN O 98 22.76 11.16 -35.88
C ASN O 98 21.30 11.57 -36.01
N GLU O 99 20.63 11.79 -34.88
CA GLU O 99 19.21 12.10 -34.88
C GLU O 99 18.92 13.08 -33.76
N ASP O 100 18.14 14.12 -34.07
CA ASP O 100 17.80 15.11 -33.05
C ASP O 100 16.80 14.54 -32.05
N ASN O 101 15.67 14.05 -32.54
CA ASN O 101 14.61 13.52 -31.69
C ASN O 101 14.56 12.00 -31.85
N ARG O 102 14.70 11.29 -30.73
CA ARG O 102 14.71 9.83 -30.78
C ARG O 102 13.32 9.27 -31.07
N PHE O 103 12.27 10.01 -30.73
CA PHE O 103 10.91 9.52 -30.96
C PHE O 103 10.59 9.43 -32.45
N ASP O 104 11.00 10.44 -33.22
CA ASP O 104 10.82 10.39 -34.67
C ASP O 104 11.64 9.26 -35.29
N PHE O 105 12.83 9.01 -34.75
CA PHE O 105 13.63 7.88 -35.23
C PHE O 105 12.94 6.55 -34.95
N VAL O 106 12.34 6.41 -33.76
CA VAL O 106 11.59 5.20 -33.43
C VAL O 106 10.41 5.03 -34.39
N ASN O 107 9.67 6.12 -34.65
CA ASN O 107 8.53 6.03 -35.56
C ASN O 107 8.98 5.68 -36.98
N GLU O 108 10.10 6.23 -37.43
CA GLU O 108 10.61 5.92 -38.77
C GLU O 108 11.02 4.46 -38.87
N ILE O 109 11.72 3.94 -37.84
CA ILE O 109 12.10 2.53 -37.84
C ILE O 109 10.87 1.65 -37.84
N ALA O 110 9.85 2.03 -37.07
CA ALA O 110 8.62 1.25 -37.02
C ALA O 110 7.93 1.23 -38.38
N ALA O 111 7.86 2.37 -39.05
CA ALA O 111 7.24 2.42 -40.38
C ALA O 111 8.02 1.60 -41.39
N GLU O 112 9.35 1.66 -41.34
CA GLU O 112 10.16 0.89 -42.27
C GLU O 112 10.01 -0.61 -42.03
N ALA O 113 9.96 -1.01 -40.75
CA ALA O 113 9.74 -2.42 -40.44
C ALA O 113 8.35 -2.87 -40.85
N LYS O 114 7.35 -2.01 -40.72
CA LYS O 114 6.01 -2.35 -41.19
C LYS O 114 5.99 -2.55 -42.70
N GLN O 115 6.69 -1.67 -43.43
CA GLN O 115 6.79 -1.84 -44.88
C GLN O 115 7.49 -3.15 -45.23
N TYR O 116 8.59 -3.47 -44.52
CA TYR O 116 9.30 -4.73 -44.77
C TYR O 116 8.40 -5.92 -44.52
N VAL O 117 7.61 -5.89 -43.44
CA VAL O 117 6.72 -7.01 -43.14
C VAL O 117 5.63 -7.13 -44.19
N GLU O 118 5.06 -6.00 -44.61
CA GLU O 118 3.99 -6.03 -45.60
C GLU O 118 4.51 -6.51 -46.95
N ASN O 119 5.78 -6.25 -47.25
CA ASN O 119 6.34 -6.69 -48.53
C ASN O 119 6.52 -8.19 -48.57
N ASN O 120 7.09 -8.78 -47.52
CA ASN O 120 7.38 -10.22 -47.45
C ASN O 120 7.00 -10.75 -46.08
N ARG O 121 5.80 -11.35 -45.98
CA ARG O 121 5.35 -11.90 -44.71
C ARG O 121 6.11 -13.19 -44.38
N ASP O 122 6.17 -14.12 -45.32
CA ASP O 122 6.75 -15.43 -45.04
C ASP O 122 8.25 -15.34 -44.77
N GLU O 123 8.90 -14.25 -45.21
CA GLU O 123 10.33 -14.10 -44.98
C GLU O 123 10.65 -14.03 -43.50
N TYR O 124 9.80 -13.38 -42.72
CA TYR O 124 10.04 -13.20 -41.29
C TYR O 124 9.25 -14.24 -40.48
N GLY O 125 9.56 -14.28 -39.19
CA GLY O 125 8.97 -15.25 -38.28
C GLY O 125 10.01 -15.84 -37.37
N ALA O 126 11.22 -15.99 -37.90
CA ALA O 126 12.41 -16.30 -37.12
C ALA O 126 13.48 -15.23 -37.31
N LYS O 127 13.32 -14.36 -38.30
CA LYS O 127 14.20 -13.23 -38.55
C LYS O 127 13.39 -11.96 -38.33
N LYS O 128 13.92 -11.05 -37.52
CA LYS O 128 13.19 -9.86 -37.10
C LYS O 128 13.33 -8.76 -38.14
N ALA O 129 12.20 -8.16 -38.51
CA ALA O 129 12.21 -7.10 -39.51
C ALA O 129 12.91 -5.85 -38.98
N ILE O 130 12.77 -5.58 -37.68
CA ILE O 130 13.42 -4.41 -37.10
C ILE O 130 14.94 -4.58 -37.11
N LEU O 131 15.42 -5.77 -36.74
CA LEU O 131 16.85 -6.05 -36.84
C LEU O 131 17.31 -6.00 -38.29
N HIS O 132 16.46 -6.42 -39.23
CA HIS O 132 16.81 -6.33 -40.65
C HIS O 132 16.95 -4.88 -41.08
N VAL O 133 16.05 -4.00 -40.63
CA VAL O 133 16.16 -2.59 -40.95
C VAL O 133 17.44 -2.00 -40.38
N LEU O 134 17.74 -2.33 -39.12
CA LEU O 134 18.96 -1.83 -38.49
C LEU O 134 20.21 -2.34 -39.18
N SER O 135 20.24 -3.60 -39.61
CA SER O 135 21.37 -4.13 -40.35
C SER O 135 21.51 -3.51 -41.72
N ASN O 136 20.40 -3.24 -42.43
CA ASN O 136 20.50 -2.55 -43.70
C ASN O 136 21.03 -1.14 -43.53
N ARG O 137 20.59 -0.44 -42.48
CA ARG O 137 21.08 0.92 -42.24
C ARG O 137 22.54 0.92 -41.85
N MET O 138 22.99 -0.11 -41.13
CA MET O 138 24.41 -0.19 -40.77
C MET O 138 25.26 -0.56 -41.98
N ASN O 139 24.77 -1.45 -42.84
CA ASN O 139 25.53 -1.84 -44.02
C ASN O 139 25.61 -0.70 -45.02
N ASP O 140 24.55 0.11 -45.13
CA ASP O 140 24.56 1.25 -46.02
C ASP O 140 25.47 2.37 -45.51
N ALA O 141 25.97 2.28 -44.28
CA ALA O 141 26.84 3.29 -43.70
C ALA O 141 28.32 2.89 -43.75
N GLY O 142 28.63 1.75 -44.36
CA GLY O 142 30.01 1.31 -44.47
C GLY O 142 30.45 0.29 -43.43
N VAL O 143 29.57 -0.09 -42.51
CA VAL O 143 29.88 -1.04 -41.45
C VAL O 143 29.20 -2.35 -41.76
N TYR O 144 29.98 -3.42 -41.87
CA TYR O 144 29.42 -4.73 -42.20
C TYR O 144 28.74 -5.33 -40.97
N ARG O 145 27.48 -5.70 -41.14
CA ARG O 145 26.70 -6.34 -40.08
C ARG O 145 25.93 -7.50 -40.69
N ALA O 146 25.80 -8.59 -39.94
CA ALA O 146 25.02 -9.73 -40.40
C ALA O 146 23.57 -9.33 -40.62
N GLU O 147 22.92 -9.98 -41.58
CA GLU O 147 21.54 -9.68 -41.89
C GLU O 147 20.65 -9.95 -40.69
N ALA O 148 20.00 -8.88 -40.20
CA ALA O 148 19.13 -8.91 -39.03
C ALA O 148 19.84 -9.38 -37.77
N TYR O 149 21.18 -9.28 -37.73
CA TYR O 149 21.98 -9.66 -36.57
C TYR O 149 21.72 -11.12 -36.16
N MET O 150 21.46 -11.98 -37.14
CA MET O 150 21.15 -13.38 -36.89
C MET O 150 22.36 -14.24 -37.24
N GLU O 151 22.85 -14.98 -36.25
CA GLU O 151 23.96 -15.91 -36.43
C GLU O 151 23.58 -17.26 -35.85
N SER O 152 24.19 -18.31 -36.42
CA SER O 152 23.94 -19.67 -36.00
C SER O 152 25.20 -20.24 -35.36
N ASP O 153 25.00 -21.16 -34.43
CA ASP O 153 26.12 -21.78 -33.73
C ASP O 153 26.70 -22.91 -34.57
N PRO O 154 27.93 -22.78 -35.07
CA PRO O 154 28.50 -23.89 -35.87
C PRO O 154 28.84 -25.10 -35.03
N PHE O 155 29.00 -24.94 -33.73
CA PHE O 155 29.37 -26.04 -32.83
C PHE O 155 28.17 -26.76 -32.25
N LYS O 156 26.98 -26.57 -32.82
CA LYS O 156 25.80 -27.27 -32.33
C LYS O 156 25.99 -28.77 -32.44
N PRO O 157 25.60 -29.55 -31.42
CA PRO O 157 25.81 -31.01 -31.52
C PRO O 157 24.94 -31.67 -32.58
N GLY O 158 23.64 -31.38 -32.58
CA GLY O 158 22.73 -31.96 -33.54
C GLY O 158 21.35 -31.35 -33.45
N PRO O 159 20.42 -31.86 -34.27
CA PRO O 159 19.05 -31.36 -34.20
C PRO O 159 18.39 -31.71 -32.88
N GLY O 160 17.61 -30.77 -32.36
CA GLY O 160 16.96 -30.91 -31.07
C GLY O 160 17.83 -30.60 -29.88
N TYR O 161 19.11 -30.30 -30.08
CA TYR O 161 20.02 -29.94 -29.01
C TYR O 161 20.16 -28.43 -28.97
N MET O 162 19.87 -27.85 -27.81
CA MET O 162 19.91 -26.40 -27.62
C MET O 162 20.87 -26.06 -26.51
N LYS O 163 21.62 -24.97 -26.69
CA LYS O 163 22.58 -24.54 -25.68
C LYS O 163 21.86 -23.98 -24.47
N ASP O 164 22.50 -24.11 -23.32
CA ASP O 164 21.99 -23.59 -22.06
C ASP O 164 22.82 -22.38 -21.66
N GLU O 165 22.23 -21.19 -21.77
CA GLU O 165 22.93 -19.94 -21.48
C GLU O 165 22.67 -19.56 -20.03
N LEU O 166 23.69 -19.72 -19.18
CA LEU O 166 23.58 -19.41 -17.77
C LEU O 166 23.60 -17.90 -17.53
N GLU P 41 -5.57 -6.84 87.99
CA GLU P 41 -5.39 -7.12 89.41
C GLU P 41 -6.58 -6.60 90.22
N LYS P 42 -7.09 -5.45 89.80
CA LYS P 42 -8.25 -4.86 90.46
C LYS P 42 -9.49 -5.67 90.11
N PRO P 43 -10.37 -5.98 91.07
CA PRO P 43 -11.55 -6.79 90.76
C PRO P 43 -12.50 -6.06 89.82
N LEU P 44 -13.19 -6.85 88.98
CA LEU P 44 -14.08 -6.26 87.99
C LEU P 44 -15.22 -5.49 88.63
N GLU P 45 -15.61 -5.86 89.85
CA GLU P 45 -16.65 -5.10 90.56
C GLU P 45 -16.22 -3.65 90.76
N GLU P 46 -14.92 -3.42 90.97
CA GLU P 46 -14.44 -2.06 91.14
C GLU P 46 -14.42 -1.30 89.82
N LEU P 47 -14.07 -1.99 88.72
CA LEU P 47 -14.01 -1.33 87.42
C LEU P 47 -15.38 -0.86 86.97
N TYR P 48 -16.38 -1.75 87.05
CA TYR P 48 -17.73 -1.44 86.59
C TYR P 48 -18.60 -0.87 87.71
N ASN P 49 -18.01 -0.50 88.84
CA ASN P 49 -18.72 0.13 89.95
C ASN P 49 -19.86 -0.75 90.46
N VAL P 50 -19.64 -2.06 90.42
CA VAL P 50 -20.62 -3.04 90.88
C VAL P 50 -20.40 -3.26 92.38
N ARG P 51 -21.31 -2.73 93.18
CA ARG P 51 -21.22 -2.82 94.64
C ARG P 51 -21.97 -4.06 95.11
N VAL P 52 -21.26 -4.95 95.80
CA VAL P 52 -21.82 -6.20 96.28
C VAL P 52 -21.53 -6.32 97.77
N GLU P 53 -22.56 -6.62 98.55
CA GLU P 53 -22.45 -6.81 99.99
C GLU P 53 -22.61 -8.30 100.29
N ARG P 54 -21.51 -8.96 100.65
CA ARG P 54 -21.50 -10.40 100.88
C ARG P 54 -21.76 -10.70 102.35
N ASN P 55 -22.55 -11.74 102.60
CA ASN P 55 -22.91 -12.18 103.95
C ASN P 55 -23.58 -11.05 104.73
N VAL P 56 -24.68 -10.54 104.19
CA VAL P 56 -25.43 -9.49 104.85
C VAL P 56 -26.09 -10.05 106.11
N THR P 57 -26.19 -9.21 107.14
CA THR P 57 -26.78 -9.63 108.40
C THR P 57 -28.30 -9.59 108.32
N LYS P 58 -28.94 -10.17 109.34
CA LYS P 58 -30.41 -10.21 109.37
C LYS P 58 -30.99 -8.81 109.55
N ASP P 59 -30.31 -7.96 110.33
CA ASP P 59 -30.78 -6.58 110.49
C ASP P 59 -30.68 -5.83 109.18
N ARG P 60 -29.63 -6.09 108.39
CA ARG P 60 -29.51 -5.45 107.08
C ARG P 60 -30.62 -5.91 106.15
N LEU P 61 -30.95 -7.21 106.18
CA LEU P 61 -32.04 -7.71 105.36
C LEU P 61 -33.38 -7.13 105.81
N MET P 62 -33.51 -6.86 107.10
CA MET P 62 -34.75 -6.25 107.60
C MET P 62 -34.93 -4.84 107.03
N GLU P 63 -33.83 -4.10 106.89
CA GLU P 63 -33.90 -2.77 106.30
C GLU P 63 -34.10 -2.87 104.79
N LEU P 64 -34.53 -1.75 104.20
CA LEU P 64 -34.79 -1.56 102.78
C LEU P 64 -35.98 -2.39 102.29
N GLY P 65 -36.64 -3.15 103.15
CA GLY P 65 -37.79 -3.92 102.72
C GLY P 65 -37.45 -5.05 101.76
N VAL P 66 -36.41 -5.81 102.08
CA VAL P 66 -35.97 -6.91 101.24
C VAL P 66 -37.06 -7.98 101.20
N PRO P 67 -37.79 -8.18 102.30
CA PRO P 67 -38.87 -9.19 102.27
C PRO P 67 -40.03 -8.79 101.37
N ARG P 68 -40.28 -7.51 101.20
CA ARG P 68 -41.40 -7.02 100.39
C ARG P 68 -41.02 -6.81 98.93
N TRP P 69 -39.81 -7.15 98.53
CA TRP P 69 -39.41 -7.00 97.14
C TRP P 69 -40.05 -8.07 96.27
N SER P 70 -40.18 -7.75 94.99
CA SER P 70 -40.68 -8.72 94.03
C SER P 70 -39.67 -9.85 93.83
N MET P 71 -40.19 -11.03 93.48
CA MET P 71 -39.36 -12.21 93.32
C MET P 71 -39.22 -12.58 91.85
N TRP P 72 -38.09 -13.22 91.53
CA TRP P 72 -37.80 -13.68 90.19
C TRP P 72 -36.97 -14.95 90.28
N LYS P 73 -37.21 -15.88 89.36
CA LYS P 73 -36.52 -17.17 89.39
C LYS P 73 -36.27 -17.67 87.99
N THR P 74 -35.25 -18.51 87.86
CA THR P 74 -34.83 -19.04 86.56
C THR P 74 -34.16 -20.39 86.79
N GLY P 75 -33.90 -21.10 85.68
CA GLY P 75 -33.19 -22.37 85.73
C GLY P 75 -31.81 -22.26 85.12
N LYS P 76 -31.67 -22.74 83.88
CA LYS P 76 -30.42 -22.63 83.13
C LYS P 76 -30.71 -21.86 81.85
N CYS P 77 -30.15 -20.66 81.75
CA CYS P 77 -30.40 -19.80 80.58
C CYS P 77 -29.39 -18.66 80.58
N LYS P 78 -29.37 -17.93 79.47
CA LYS P 78 -28.52 -16.76 79.30
C LYS P 78 -29.41 -15.54 79.10
N LEU P 79 -29.35 -14.59 80.03
CA LEU P 79 -30.21 -13.42 79.98
C LEU P 79 -29.37 -12.18 79.67
N PRO P 80 -29.38 -11.68 78.43
CA PRO P 80 -28.77 -10.39 78.16
C PRO P 80 -29.69 -9.27 78.63
N TRP P 81 -29.15 -8.35 79.43
CA TRP P 81 -29.97 -7.28 80.00
C TRP P 81 -29.16 -5.99 80.07
N ASP P 82 -29.84 -4.89 79.80
CA ASP P 82 -29.28 -3.55 79.92
C ASP P 82 -30.03 -2.82 81.02
N TRP P 83 -29.30 -2.35 82.02
CA TRP P 83 -29.90 -1.69 83.18
C TRP P 83 -30.08 -0.21 82.86
N HIS P 84 -31.33 0.19 82.64
CA HIS P 84 -31.66 1.60 82.49
C HIS P 84 -31.78 2.33 83.82
N VAL P 85 -31.80 1.58 84.93
CA VAL P 85 -31.83 2.14 86.28
C VAL P 85 -31.06 1.21 87.19
N ASP P 86 -30.74 1.70 88.38
CA ASP P 86 -30.08 0.87 89.37
C ASP P 86 -31.05 -0.19 89.91
N GLN P 87 -30.51 -1.37 90.17
CA GLN P 87 -31.30 -2.51 90.62
C GLN P 87 -30.60 -3.20 91.78
N LEU P 88 -31.30 -3.34 92.89
CA LEU P 88 -30.78 -4.02 94.08
C LEU P 88 -31.34 -5.44 94.08
N VAL P 89 -30.45 -6.43 94.05
CA VAL P 89 -30.82 -7.83 93.90
C VAL P 89 -30.27 -8.61 95.10
N TYR P 90 -31.15 -9.33 95.78
CA TYR P 90 -30.77 -10.26 96.83
C TYR P 90 -30.96 -11.68 96.32
N ILE P 91 -29.86 -12.33 95.94
CA ILE P 91 -29.89 -13.68 95.41
C ILE P 91 -30.09 -14.63 96.58
N GLU P 92 -31.17 -15.41 96.55
CA GLU P 92 -31.54 -16.21 97.72
C GLU P 92 -30.98 -17.62 97.66
N GLU P 93 -31.16 -18.31 96.53
CA GLU P 93 -30.91 -19.74 96.45
C GLU P 93 -29.74 -20.10 95.54
N GLY P 94 -29.76 -19.64 94.29
CA GLY P 94 -28.85 -20.15 93.26
C GLY P 94 -27.51 -19.45 93.29
N GLU P 95 -26.85 -19.41 92.13
CA GLU P 95 -25.56 -18.77 91.96
C GLU P 95 -25.47 -18.22 90.53
N VAL P 96 -25.01 -16.98 90.41
CA VAL P 96 -24.95 -16.29 89.13
C VAL P 96 -23.55 -15.74 88.92
N ARG P 97 -23.00 -15.96 87.72
CA ARG P 97 -21.74 -15.37 87.29
C ARG P 97 -22.00 -14.51 86.08
N VAL P 98 -21.68 -13.23 86.18
CA VAL P 98 -22.00 -12.24 85.14
C VAL P 98 -20.72 -11.81 84.46
N VAL P 99 -20.75 -11.72 83.14
CA VAL P 99 -19.62 -11.26 82.33
C VAL P 99 -19.97 -9.90 81.75
N PRO P 100 -19.05 -8.95 81.74
CA PRO P 100 -19.31 -7.68 81.05
C PRO P 100 -19.34 -7.87 79.55
N GLU P 101 -19.97 -6.92 78.87
CA GLU P 101 -20.05 -6.98 77.41
C GLU P 101 -18.65 -6.89 76.79
N GLY P 102 -18.29 -7.92 76.03
CA GLY P 102 -17.00 -7.97 75.38
C GLY P 102 -15.84 -8.38 76.27
N SER P 103 -16.10 -8.76 77.51
CA SER P 103 -15.05 -9.12 78.46
C SER P 103 -14.94 -10.64 78.57
N GLN P 104 -13.71 -11.12 78.70
CA GLN P 104 -13.43 -12.54 78.86
C GLN P 104 -13.33 -12.97 80.31
N ARG P 105 -13.74 -12.10 81.24
CA ARG P 105 -13.70 -12.40 82.67
C ARG P 105 -15.11 -12.25 83.23
N PHE P 106 -15.34 -12.88 84.38
CA PHE P 106 -16.67 -12.92 84.99
C PHE P 106 -16.61 -12.48 86.44
N MET P 107 -17.77 -12.07 86.96
CA MET P 107 -17.96 -11.77 88.37
C MET P 107 -18.96 -12.76 88.94
N GLN P 108 -18.59 -13.42 90.04
CA GLN P 108 -19.39 -14.46 90.64
C GLN P 108 -19.97 -13.97 91.97
N PHE P 109 -21.26 -14.18 92.17
CA PHE P 109 -21.94 -13.82 93.41
C PHE P 109 -22.62 -15.05 93.98
N VAL P 110 -22.71 -15.11 95.31
CA VAL P 110 -23.25 -16.27 96.00
C VAL P 110 -24.56 -15.89 96.68
N ALA P 111 -25.26 -16.88 97.24
CA ALA P 111 -26.58 -16.65 97.82
C ALA P 111 -26.55 -15.71 99.03
N GLY P 112 -25.38 -15.37 99.54
CA GLY P 112 -25.29 -14.45 100.66
C GLY P 112 -24.89 -13.06 100.26
N ASP P 113 -25.06 -12.72 98.98
CA ASP P 113 -24.61 -11.45 98.43
C ASP P 113 -25.80 -10.55 98.09
N LEU P 114 -25.65 -9.26 98.38
CA LEU P 114 -26.58 -8.23 97.95
C LEU P 114 -25.88 -7.38 96.90
N VAL P 115 -26.27 -7.55 95.64
CA VAL P 115 -25.58 -6.94 94.51
C VAL P 115 -26.45 -5.84 93.93
N ARG P 116 -25.86 -4.66 93.76
CA ARG P 116 -26.53 -3.52 93.12
C ARG P 116 -25.89 -3.29 91.76
N TYR P 117 -26.71 -3.37 90.70
CA TYR P 117 -26.21 -3.19 89.35
C TYR P 117 -26.27 -1.72 88.95
N PRO P 118 -25.19 -1.16 88.41
CA PRO P 118 -25.18 0.27 88.07
C PRO P 118 -26.01 0.57 86.85
N LYS P 119 -26.24 1.87 86.63
CA LYS P 119 -26.98 2.33 85.47
C LYS P 119 -26.13 2.18 84.21
N TRP P 120 -26.81 2.01 83.08
CA TRP P 120 -26.17 1.83 81.77
C TRP P 120 -25.24 0.61 81.75
N PHE P 121 -25.59 -0.43 82.50
CA PHE P 121 -24.80 -1.64 82.56
C PHE P 121 -25.29 -2.63 81.52
N GLU P 122 -24.38 -3.06 80.63
CA GLU P 122 -24.67 -4.08 79.64
C GLU P 122 -23.84 -5.30 79.94
N ALA P 123 -24.50 -6.40 80.30
CA ALA P 123 -23.80 -7.61 80.70
C ALA P 123 -24.71 -8.81 80.46
N ASP P 124 -24.10 -9.99 80.45
CA ASP P 124 -24.80 -11.25 80.23
C ASP P 124 -24.75 -12.08 81.51
N LEU P 125 -25.92 -12.57 81.93
CA LEU P 125 -26.05 -13.38 83.14
C LEU P 125 -26.34 -14.83 82.74
N TYR P 126 -25.56 -15.75 83.28
CA TYR P 126 -25.71 -17.18 83.01
C TYR P 126 -26.06 -17.90 84.30
N PHE P 127 -26.92 -18.91 84.19
CA PHE P 127 -27.32 -19.73 85.33
C PHE P 127 -27.20 -21.19 84.96
N ASN P 128 -26.98 -22.03 85.98
CA ASN P 128 -26.82 -23.45 85.79
C ASN P 128 -27.72 -24.30 86.69
N ASP P 129 -28.52 -23.68 87.54
CA ASP P 129 -29.38 -24.41 88.47
C ASP P 129 -30.49 -23.45 88.90
N PHE P 130 -31.35 -23.92 89.81
CA PHE P 130 -32.43 -23.09 90.31
C PHE P 130 -31.87 -21.84 90.97
N TYR P 131 -32.30 -20.68 90.49
CA TYR P 131 -31.79 -19.39 90.96
C TYR P 131 -32.98 -18.49 91.26
N GLN P 132 -33.13 -18.13 92.54
CA GLN P 132 -34.23 -17.28 92.98
C GLN P 132 -33.67 -16.01 93.59
N GLU P 133 -34.16 -14.86 93.14
CA GLU P 133 -33.69 -13.56 93.60
C GLU P 133 -34.87 -12.68 93.96
N ARG P 134 -34.57 -11.63 94.72
CA ARG P 134 -35.52 -10.57 95.03
C ARG P 134 -34.96 -9.26 94.52
N TYR P 135 -35.67 -8.65 93.57
CA TYR P 135 -35.17 -7.49 92.83
C TYR P 135 -35.98 -6.25 93.16
N SER P 136 -35.30 -5.11 93.27
CA SER P 136 -35.93 -3.82 93.47
C SER P 136 -35.21 -2.78 92.63
N PHE P 137 -35.90 -2.21 91.64
CA PHE P 137 -35.34 -1.17 90.80
C PHE P 137 -35.54 0.19 91.47
N ARG P 138 -34.43 0.87 91.77
CA ARG P 138 -34.46 2.14 92.46
C ARG P 138 -34.03 3.27 91.53
N ALA P 139 -34.62 4.44 91.72
CA ALA P 139 -34.26 5.64 90.97
C ALA P 139 -33.15 6.39 91.70
N TYR P 140 -32.86 7.59 91.22
CA TYR P 140 -31.85 8.43 91.85
C TYR P 140 -32.23 8.70 93.30
N GLY P 141 -31.38 8.26 94.21
CA GLY P 141 -31.69 8.21 95.63
C GLY P 141 -31.92 6.79 96.09
N ASP P 142 -32.69 6.67 97.16
CA ASP P 142 -33.03 5.35 97.70
C ASP P 142 -34.49 5.02 97.44
N ARG T 11 64.65 -39.93 -5.46
CA ARG T 11 65.38 -40.77 -6.40
C ARG T 11 64.44 -41.57 -7.28
N THR T 12 63.15 -41.53 -6.94
CA THR T 12 62.14 -42.34 -7.60
C THR T 12 60.76 -41.75 -7.37
N LEU T 13 59.72 -42.44 -7.82
CA LEU T 13 58.34 -42.04 -7.59
C LEU T 13 57.57 -43.25 -7.09
N GLN T 14 57.15 -43.20 -5.82
CA GLN T 14 56.55 -44.35 -5.17
C GLN T 14 55.25 -43.93 -4.49
N TRP T 15 54.35 -44.90 -4.34
CA TRP T 15 53.10 -44.73 -3.61
C TRP T 15 52.84 -45.98 -2.78
N LYS T 16 52.18 -45.79 -1.64
CA LYS T 16 51.84 -46.91 -0.77
C LYS T 16 50.61 -46.54 0.05
N CYS T 17 49.97 -47.55 0.62
CA CYS T 17 48.76 -47.39 1.40
C CYS T 17 49.16 -47.24 2.87
N VAL T 18 48.96 -46.05 3.42
CA VAL T 18 49.35 -45.79 4.80
C VAL T 18 48.45 -46.56 5.76
N GLU T 19 47.14 -46.37 5.65
CA GLU T 19 46.20 -47.03 6.54
C GLU T 19 45.05 -47.60 5.74
N SER T 20 44.52 -48.73 6.22
CA SER T 20 43.32 -49.34 5.68
C SER T 20 42.40 -49.68 6.84
N ARG T 21 41.22 -49.06 6.87
CA ARG T 21 40.29 -49.18 7.99
C ARG T 21 38.92 -49.56 7.47
N THR T 22 38.40 -50.69 7.95
CA THR T 22 37.04 -51.10 7.66
C THR T 22 36.20 -50.79 8.90
N ASP T 23 35.72 -49.55 8.99
CA ASP T 23 34.93 -49.13 10.14
C ASP T 23 33.57 -49.82 10.15
N SER T 24 33.05 -50.13 8.96
CA SER T 24 31.79 -50.84 8.84
C SER T 24 31.77 -51.53 7.49
N LYS T 25 30.77 -52.39 7.28
CA LYS T 25 30.64 -53.09 6.01
C LYS T 25 30.20 -52.17 4.88
N ARG T 26 29.71 -50.97 5.21
CA ARG T 26 29.36 -49.97 4.21
C ARG T 26 30.17 -48.68 4.37
N LEU T 27 31.31 -48.75 5.04
CA LEU T 27 32.18 -47.59 5.22
C LEU T 27 33.63 -48.06 5.28
N TYR T 28 34.46 -47.51 4.40
CA TYR T 28 35.86 -47.87 4.32
C TYR T 28 36.71 -46.60 4.33
N TYR T 29 37.96 -46.77 4.76
CA TYR T 29 38.91 -45.66 4.84
C TYR T 29 40.25 -46.11 4.30
N GLY T 30 40.89 -45.24 3.53
CA GLY T 30 42.21 -45.52 2.99
C GLY T 30 43.02 -44.25 2.88
N ARG T 31 44.33 -44.39 3.08
CA ARG T 31 45.25 -43.27 3.03
C ARG T 31 46.47 -43.65 2.21
N PHE T 32 46.83 -42.78 1.27
CA PHE T 32 47.91 -43.03 0.34
C PHE T 32 48.85 -41.82 0.32
N ILE T 33 50.12 -42.08 0.02
CA ILE T 33 51.15 -41.06 0.06
C ILE T 33 51.93 -41.08 -1.25
N LEU T 34 52.04 -39.92 -1.89
CA LEU T 34 52.93 -39.70 -3.01
C LEU T 34 54.05 -38.78 -2.56
N SER T 35 55.13 -39.38 -2.04
CA SER T 35 56.17 -38.66 -1.32
C SER T 35 57.02 -37.78 -2.23
N PRO T 36 57.66 -38.32 -3.28
CA PRO T 36 58.64 -37.47 -4.01
C PRO T 36 58.06 -36.68 -5.18
N LEU T 37 57.19 -35.73 -4.86
CA LEU T 37 56.52 -34.94 -5.89
C LEU T 37 57.12 -33.54 -5.96
N MET T 38 57.13 -32.98 -7.17
CA MET T 38 57.75 -31.69 -7.41
C MET T 38 56.82 -30.55 -6.97
N LYS T 39 57.19 -29.32 -7.37
CA LYS T 39 56.56 -28.14 -6.79
C LYS T 39 55.11 -27.98 -7.24
N GLY T 40 54.88 -27.93 -8.55
CA GLY T 40 53.56 -27.57 -9.06
C GLY T 40 52.71 -28.76 -9.46
N GLN T 41 53.24 -29.97 -9.31
CA GLN T 41 52.49 -31.16 -9.69
C GLN T 41 51.54 -31.60 -8.58
N ALA T 42 51.91 -31.29 -7.32
CA ALA T 42 51.14 -31.81 -6.18
C ALA T 42 49.71 -31.27 -6.17
N ASP T 43 49.55 -29.95 -6.33
CA ASP T 43 48.22 -29.36 -6.28
C ASP T 43 47.36 -29.80 -7.46
N THR T 44 47.95 -29.90 -8.66
CA THR T 44 47.21 -30.36 -9.83
C THR T 44 46.74 -31.79 -9.64
N ILE T 45 47.65 -32.68 -9.23
CA ILE T 45 47.28 -34.08 -9.02
C ILE T 45 46.19 -34.18 -7.95
N GLY T 46 46.32 -33.41 -6.87
CA GLY T 46 45.33 -33.48 -5.81
C GLY T 46 43.96 -33.02 -6.26
N ILE T 47 43.88 -31.89 -6.94
CA ILE T 47 42.56 -31.38 -7.35
C ILE T 47 41.96 -32.29 -8.42
N ALA T 48 42.79 -32.83 -9.32
CA ALA T 48 42.28 -33.73 -10.34
C ALA T 48 41.76 -35.02 -9.73
N MET T 49 42.50 -35.59 -8.78
CA MET T 49 42.04 -36.81 -8.11
C MET T 49 40.77 -36.55 -7.31
N ARG T 50 40.67 -35.38 -6.69
CA ARG T 50 39.45 -35.06 -5.94
C ARG T 50 38.25 -34.94 -6.87
N ARG T 51 38.41 -34.26 -8.00
CA ARG T 51 37.29 -34.11 -8.92
C ARG T 51 36.95 -35.44 -9.60
N ALA T 52 37.93 -36.34 -9.72
CA ALA T 52 37.68 -37.64 -10.34
C ALA T 52 36.94 -38.57 -9.37
N LEU T 53 37.41 -38.64 -8.12
CA LEU T 53 36.76 -39.50 -7.14
C LEU T 53 35.31 -39.09 -6.89
N LEU T 54 35.03 -37.79 -6.96
CA LEU T 54 33.69 -37.27 -6.70
C LEU T 54 33.09 -36.80 -8.03
N GLY T 55 32.28 -37.66 -8.65
CA GLY T 55 31.56 -37.32 -9.85
C GLY T 55 31.98 -38.08 -11.09
N GLU T 56 33.17 -38.69 -11.09
CA GLU T 56 33.64 -39.43 -12.26
C GLU T 56 33.76 -40.92 -11.99
N ILE T 57 33.29 -41.39 -10.83
CA ILE T 57 33.24 -42.81 -10.52
C ILE T 57 31.78 -43.23 -10.47
N GLU T 58 31.46 -44.35 -11.11
CA GLU T 58 30.10 -44.80 -11.28
C GLU T 58 29.86 -46.08 -10.48
N GLY T 59 28.59 -46.30 -10.14
CA GLY T 59 28.21 -47.46 -9.36
C GLY T 59 26.87 -48.04 -9.80
N THR T 60 26.33 -48.95 -9.00
CA THR T 60 25.06 -49.61 -9.30
C THR T 60 24.13 -49.49 -8.10
N CYS T 61 22.86 -49.21 -8.37
CA CYS T 61 21.86 -49.09 -7.31
C CYS T 61 20.50 -49.52 -7.86
N ILE T 62 19.56 -49.71 -6.95
CA ILE T 62 18.20 -50.07 -7.33
C ILE T 62 17.51 -48.84 -7.91
N THR T 63 16.87 -49.01 -9.06
CA THR T 63 16.23 -47.89 -9.76
C THR T 63 14.72 -48.02 -9.88
N ARG T 64 14.16 -49.22 -9.74
CA ARG T 64 12.72 -49.40 -9.89
C ARG T 64 12.25 -50.52 -8.97
N VAL T 65 11.10 -50.31 -8.34
CA VAL T 65 10.51 -51.26 -7.40
C VAL T 65 9.07 -51.51 -7.82
N LYS T 66 8.69 -52.78 -7.92
CA LYS T 66 7.33 -53.17 -8.29
C LYS T 66 6.69 -53.90 -7.12
N SER T 67 5.57 -53.36 -6.64
CA SER T 67 4.82 -53.93 -5.53
C SER T 67 3.57 -54.60 -6.04
N GLU T 68 3.08 -55.61 -5.30
CA GLU T 68 2.02 -56.47 -5.83
C GLU T 68 0.66 -55.78 -5.79
N LYS T 69 0.15 -55.51 -4.58
CA LYS T 69 -1.25 -55.13 -4.39
C LYS T 69 -1.38 -53.91 -3.48
N VAL T 70 -0.60 -52.88 -3.75
CA VAL T 70 -0.67 -51.62 -3.02
C VAL T 70 -1.43 -50.62 -3.88
N PRO T 71 -2.35 -49.83 -3.32
CA PRO T 71 -3.03 -48.81 -4.14
C PRO T 71 -2.09 -47.70 -4.59
N HIS T 72 -1.34 -47.11 -3.67
CA HIS T 72 -0.39 -46.06 -3.98
C HIS T 72 0.81 -46.16 -3.06
N GLU T 73 1.81 -45.32 -3.33
CA GLU T 73 3.06 -45.32 -2.57
C GLU T 73 2.98 -44.48 -1.31
N TYR T 74 1.80 -44.01 -0.91
CA TYR T 74 1.61 -43.22 0.29
C TYR T 74 0.52 -43.86 1.16
N SER T 75 0.61 -45.18 1.30
CA SER T 75 -0.36 -45.93 2.09
C SER T 75 0.38 -46.96 2.92
N THR T 76 -0.37 -47.68 3.75
CA THR T 76 0.17 -48.69 4.65
C THR T 76 -0.41 -50.05 4.30
N ILE T 77 0.43 -51.07 4.38
CA ILE T 77 0.03 -52.46 4.11
C ILE T 77 0.00 -53.21 5.44
N THR T 78 -1.05 -53.99 5.64
CA THR T 78 -1.20 -54.74 6.89
C THR T 78 -0.08 -55.76 7.04
N GLY T 79 0.45 -55.86 8.26
CA GLY T 79 1.52 -56.79 8.55
C GLY T 79 2.91 -56.22 8.46
N ILE T 80 3.05 -54.95 8.09
CA ILE T 80 4.35 -54.29 7.96
C ILE T 80 4.31 -53.00 8.74
N GLN T 81 5.35 -52.75 9.54
CA GLN T 81 5.43 -51.55 10.36
C GLN T 81 5.68 -50.29 9.55
N GLU T 82 6.19 -50.40 8.32
CA GLU T 82 6.57 -49.25 7.52
C GLU T 82 5.64 -49.10 6.33
N SER T 83 5.42 -47.86 5.92
CA SER T 83 4.61 -47.58 4.74
C SER T 83 5.41 -47.89 3.48
N VAL T 84 4.72 -47.78 2.33
CA VAL T 84 5.37 -48.04 1.06
C VAL T 84 6.50 -47.05 0.81
N HIS T 85 6.29 -45.78 1.22
CA HIS T 85 7.33 -44.77 1.04
C HIS T 85 8.56 -45.09 1.88
N GLU T 86 8.35 -45.55 3.11
CA GLU T 86 9.48 -45.92 3.95
C GLU T 86 10.23 -47.12 3.37
N ILE T 87 9.50 -48.08 2.79
CA ILE T 87 10.15 -49.22 2.17
C ILE T 87 10.97 -48.78 0.96
N LEU T 88 10.44 -47.83 0.18
CA LEU T 88 11.19 -47.30 -0.94
C LEU T 88 12.45 -46.57 -0.47
N MET T 89 12.32 -45.78 0.59
CA MET T 89 13.49 -45.07 1.12
C MET T 89 14.53 -46.05 1.65
N ASN T 90 14.09 -47.16 2.24
CA ASN T 90 15.04 -48.16 2.73
C ASN T 90 15.73 -48.88 1.57
N LEU T 91 14.98 -49.22 0.53
CA LEU T 91 15.59 -49.84 -0.65
C LEU T 91 16.50 -48.88 -1.38
N LYS T 92 16.28 -47.58 -1.23
CA LYS T 92 17.12 -46.59 -1.89
C LYS T 92 18.56 -46.64 -1.39
N GLU T 93 18.76 -47.07 -0.15
CA GLU T 93 20.09 -47.09 0.47
C GLU T 93 20.70 -48.48 0.48
N ILE T 94 20.42 -49.29 -0.55
CA ILE T 94 20.96 -50.64 -0.65
C ILE T 94 22.17 -50.59 -1.57
N ILE T 95 23.34 -50.86 -1.01
CA ILE T 95 24.59 -50.79 -1.77
C ILE T 95 24.81 -52.10 -2.52
N LEU T 96 25.13 -51.98 -3.81
CA LEU T 96 25.35 -53.14 -4.66
C LEU T 96 26.69 -52.98 -5.39
N ARG T 97 27.18 -54.09 -5.94
CA ARG T 97 28.43 -54.13 -6.67
C ARG T 97 28.22 -54.84 -8.00
N SER T 98 28.59 -54.15 -9.09
CA SER T 98 28.46 -54.70 -10.42
C SER T 98 29.45 -54.00 -11.34
N ASN T 99 29.89 -54.72 -12.38
CA ASN T 99 30.88 -54.22 -13.31
C ASN T 99 30.40 -54.22 -14.76
N LEU T 100 29.10 -54.47 -14.99
CA LEU T 100 28.55 -54.50 -16.34
C LEU T 100 27.36 -53.57 -16.42
N TYR T 101 27.20 -52.92 -17.57
CA TYR T 101 26.10 -51.99 -17.80
C TYR T 101 24.85 -52.74 -18.24
N GLY T 102 23.71 -52.06 -18.13
CA GLY T 102 22.43 -52.62 -18.49
C GLY T 102 21.52 -52.77 -17.29
N THR T 103 20.29 -53.20 -17.59
CA THR T 103 19.28 -53.41 -16.57
C THR T 103 19.17 -54.89 -16.24
N SER T 104 19.09 -55.20 -14.94
CA SER T 104 18.91 -56.57 -14.47
C SER T 104 17.72 -56.60 -13.53
N ASP T 105 17.24 -57.82 -13.26
CA ASP T 105 16.04 -58.02 -12.47
C ASP T 105 16.37 -58.77 -11.19
N ALA T 106 15.78 -58.33 -10.08
CA ALA T 106 15.92 -58.99 -8.79
C ALA T 106 14.53 -59.10 -8.17
N SER T 107 14.45 -59.82 -7.06
CA SER T 107 13.18 -60.01 -6.37
C SER T 107 13.43 -60.29 -4.90
N ILE T 108 12.39 -60.09 -4.10
CA ILE T 108 12.42 -60.35 -2.66
C ILE T 108 11.22 -61.23 -2.32
N CYS T 109 11.48 -62.44 -1.84
CA CYS T 109 10.43 -63.42 -1.52
C CYS T 109 10.65 -63.92 -0.09
N VAL T 110 10.07 -63.21 0.87
CA VAL T 110 10.13 -63.61 2.27
C VAL T 110 8.71 -63.85 2.76
N LYS T 111 8.58 -64.68 3.79
CA LYS T 111 7.27 -65.00 4.35
C LYS T 111 7.41 -65.27 5.84
N GLY T 112 6.33 -65.04 6.56
CA GLY T 112 6.31 -65.25 7.99
C GLY T 112 6.73 -64.03 8.77
N PRO T 113 6.43 -64.00 10.06
CA PRO T 113 6.82 -62.85 10.89
C PRO T 113 8.33 -62.80 11.07
N GLY T 114 8.88 -61.59 10.93
CA GLY T 114 10.31 -61.42 11.08
C GLY T 114 10.75 -60.09 10.47
N SER T 115 12.01 -60.05 10.05
CA SER T 115 12.59 -58.85 9.45
C SER T 115 13.23 -59.23 8.12
N VAL T 116 12.80 -58.56 7.05
CA VAL T 116 13.35 -58.78 5.72
C VAL T 116 14.53 -57.83 5.52
N THR T 117 15.67 -58.38 5.13
CA THR T 117 16.90 -57.62 4.96
C THR T 117 17.42 -57.83 3.53
N ALA T 118 18.61 -57.30 3.27
CA ALA T 118 19.23 -57.43 1.96
C ALA T 118 19.64 -58.86 1.64
N GLN T 119 19.72 -59.74 2.64
CA GLN T 119 20.06 -61.13 2.38
C GLN T 119 18.94 -61.86 1.66
N ASP T 120 17.69 -61.46 1.90
CA ASP T 120 16.56 -62.11 1.23
C ASP T 120 16.58 -61.83 -0.28
N ILE T 121 17.22 -60.73 -0.69
CA ILE T 121 17.26 -60.37 -2.10
C ILE T 121 18.04 -61.42 -2.88
N ILE T 122 17.42 -61.95 -3.92
CA ILE T 122 18.07 -62.85 -4.86
C ILE T 122 18.55 -62.03 -6.04
N LEU T 123 19.82 -62.21 -6.41
CA LEU T 123 20.49 -61.36 -7.38
C LEU T 123 20.95 -62.18 -8.56
N PRO T 124 21.12 -61.54 -9.72
CA PRO T 124 21.80 -62.19 -10.85
C PRO T 124 23.23 -62.53 -10.48
N PRO T 125 23.89 -63.42 -11.23
CA PRO T 125 25.26 -63.80 -10.86
C PRO T 125 26.24 -62.64 -10.90
N TYR T 126 25.97 -61.62 -11.72
CA TYR T 126 26.91 -60.50 -11.84
C TYR T 126 26.79 -59.55 -10.66
N VAL T 127 25.57 -59.31 -10.17
CA VAL T 127 25.38 -58.37 -9.07
C VAL T 127 25.61 -59.08 -7.73
N GLU T 128 26.13 -58.32 -6.77
CA GLU T 128 26.34 -58.83 -5.42
C GLU T 128 25.95 -57.76 -4.42
N ILE T 129 25.74 -58.18 -3.17
CA ILE T 129 25.42 -57.28 -2.08
C ILE T 129 26.67 -57.10 -1.22
N VAL T 130 26.77 -55.92 -0.60
CA VAL T 130 27.94 -55.57 0.20
C VAL T 130 27.62 -55.74 1.68
N ASP T 131 26.62 -54.99 2.16
CA ASP T 131 26.34 -54.97 3.60
C ASP T 131 25.63 -56.26 4.04
N ASN T 132 24.63 -56.70 3.27
CA ASN T 132 23.97 -57.98 3.44
C ASN T 132 23.09 -58.02 4.69
N THR T 133 23.08 -56.94 5.47
CA THR T 133 22.30 -56.89 6.70
C THR T 133 21.50 -55.59 6.83
N GLN T 134 21.29 -54.86 5.74
CA GLN T 134 20.54 -53.62 5.81
C GLN T 134 19.05 -53.91 6.02
N HIS T 135 18.40 -53.01 6.75
CA HIS T 135 17.01 -53.20 7.15
C HIS T 135 16.10 -52.68 6.05
N ILE T 136 15.43 -53.60 5.35
CA ILE T 136 14.48 -53.21 4.31
C ILE T 136 13.12 -52.90 4.92
N ALA T 137 12.58 -53.84 5.69
CA ALA T 137 11.28 -53.68 6.31
C ALA T 137 11.14 -54.65 7.46
N SER T 138 10.10 -54.45 8.27
CA SER T 138 9.84 -55.26 9.45
C SER T 138 8.41 -55.81 9.36
N LEU T 139 8.28 -57.13 9.47
CA LEU T 139 6.98 -57.79 9.43
C LEU T 139 6.59 -58.22 10.83
N THR T 140 5.40 -57.79 11.27
CA THR T 140 4.88 -58.13 12.59
C THR T 140 3.70 -59.10 12.52
N GLU T 141 3.52 -59.76 11.38
CA GLU T 141 2.44 -60.73 11.23
C GLU T 141 2.85 -61.71 10.13
N PRO T 142 2.29 -62.92 10.12
CA PRO T 142 2.63 -63.86 9.04
C PRO T 142 2.03 -63.44 7.72
N ILE T 143 2.87 -62.83 6.86
CA ILE T 143 2.44 -62.32 5.57
C ILE T 143 3.48 -62.73 4.55
N ASP T 144 3.06 -62.84 3.29
CA ASP T 144 3.95 -63.15 2.19
C ASP T 144 4.33 -61.86 1.49
N PHE T 145 5.60 -61.51 1.57
CA PHE T 145 6.11 -60.25 1.04
C PHE T 145 6.86 -60.54 -0.26
N CYS T 146 6.29 -60.12 -1.38
CA CYS T 146 6.88 -60.31 -2.70
C CYS T 146 7.02 -58.96 -3.38
N ILE T 147 8.24 -58.64 -3.81
CA ILE T 147 8.52 -57.38 -4.47
C ILE T 147 9.57 -57.61 -5.56
N GLY T 148 9.48 -56.82 -6.62
CA GLY T 148 10.41 -56.90 -7.73
C GLY T 148 11.31 -55.69 -7.76
N LEU T 149 12.56 -55.91 -8.19
CA LEU T 149 13.57 -54.87 -8.21
C LEU T 149 14.30 -54.86 -9.54
N GLN T 150 14.58 -53.66 -10.05
CA GLN T 150 15.40 -53.47 -11.24
C GLN T 150 16.70 -52.80 -10.84
N ILE T 151 17.82 -53.40 -11.25
CA ILE T 151 19.15 -52.92 -10.90
C ILE T 151 19.82 -52.38 -12.15
N GLU T 152 20.34 -51.17 -12.06
CA GLU T 152 20.99 -50.51 -13.18
C GLU T 152 22.29 -49.88 -12.70
N ARG T 153 23.23 -49.72 -13.64
CA ARG T 153 24.54 -49.12 -13.37
C ARG T 153 24.67 -47.85 -14.18
N ASN T 154 24.85 -46.72 -13.49
CA ASN T 154 24.98 -45.43 -14.14
C ASN T 154 25.92 -44.57 -13.30
N ARG T 155 25.95 -43.27 -13.58
CA ARG T 155 26.81 -42.32 -12.88
C ARG T 155 26.00 -41.12 -12.43
N GLY T 156 26.48 -40.47 -11.37
CA GLY T 156 25.80 -39.30 -10.86
C GLY T 156 24.49 -39.67 -10.17
N TYR T 157 23.57 -38.71 -10.14
CA TYR T 157 22.25 -38.90 -9.58
C TYR T 157 21.20 -38.91 -10.68
N LEU T 158 20.15 -39.70 -10.49
CA LEU T 158 19.12 -39.91 -11.50
C LEU T 158 17.80 -39.38 -10.98
N ILE T 159 17.18 -38.47 -11.73
CA ILE T 159 15.87 -37.95 -11.38
C ILE T 159 14.80 -38.94 -11.85
N LYS T 160 13.85 -39.25 -10.97
CA LYS T 160 12.78 -40.19 -11.29
C LYS T 160 11.79 -39.48 -12.22
N THR T 161 12.14 -39.40 -13.50
CA THR T 161 11.29 -38.72 -14.47
C THR T 161 10.01 -39.49 -14.79
N PRO T 162 10.02 -40.81 -15.03
CA PRO T 162 8.74 -41.45 -15.44
C PRO T 162 7.86 -41.83 -14.25
N HIS T 163 7.33 -40.82 -13.58
CA HIS T 163 6.35 -41.08 -12.53
C HIS T 163 5.07 -41.67 -13.11
N ASN T 164 4.62 -41.14 -14.25
CA ASN T 164 3.49 -41.70 -14.97
C ASN T 164 4.03 -42.78 -15.90
N PHE T 165 3.82 -44.03 -15.52
CA PHE T 165 4.38 -45.16 -16.26
C PHE T 165 3.51 -46.39 -15.99
N GLN T 166 4.02 -47.57 -16.35
CA GLN T 166 3.31 -48.81 -16.12
C GLN T 166 2.91 -48.94 -14.66
N ASP T 167 1.65 -49.30 -14.44
CA ASP T 167 1.10 -49.36 -13.08
C ASP T 167 1.78 -50.46 -12.28
N GLY T 168 1.80 -50.28 -10.96
CA GLY T 168 2.38 -51.24 -10.05
C GLY T 168 3.87 -51.14 -9.87
N SER T 169 4.55 -50.29 -10.64
CA SER T 169 5.99 -50.11 -10.53
C SER T 169 6.27 -48.65 -10.14
N TYR T 170 7.02 -48.46 -9.05
CA TYR T 170 7.36 -47.14 -8.58
C TYR T 170 8.84 -46.85 -8.79
N PRO T 171 9.18 -45.74 -9.43
CA PRO T 171 10.60 -45.42 -9.64
C PRO T 171 11.20 -44.65 -8.48
N ILE T 172 12.39 -45.06 -8.04
CA ILE T 172 13.09 -44.42 -6.93
C ILE T 172 14.36 -43.77 -7.50
N ASP T 173 14.56 -42.50 -7.15
CA ASP T 173 15.78 -41.82 -7.53
C ASP T 173 16.98 -42.47 -6.86
N ALA T 174 18.08 -42.58 -7.61
CA ALA T 174 19.26 -43.28 -7.12
C ALA T 174 20.49 -42.41 -7.31
N VAL T 175 21.40 -42.51 -6.34
CA VAL T 175 22.68 -41.81 -6.39
C VAL T 175 23.77 -42.86 -6.60
N PHE T 176 24.46 -42.76 -7.73
CA PHE T 176 25.46 -43.74 -8.12
C PHE T 176 26.87 -43.34 -7.73
N MET T 177 27.03 -42.52 -6.69
CA MET T 177 28.34 -42.08 -6.23
C MET T 177 28.86 -43.03 -5.16
N PRO T 178 29.89 -43.83 -5.47
CA PRO T 178 30.41 -44.76 -4.46
C PRO T 178 31.27 -44.08 -3.41
N VAL T 179 32.06 -43.08 -3.81
CA VAL T 179 32.97 -42.40 -2.90
C VAL T 179 32.18 -41.38 -2.09
N ARG T 180 32.24 -41.49 -0.77
CA ARG T 180 31.51 -40.57 0.09
C ARG T 180 32.21 -39.23 0.20
N ASN T 181 33.50 -39.23 0.56
CA ASN T 181 34.25 -38.01 0.73
C ASN T 181 35.71 -38.26 0.39
N ALA T 182 36.43 -37.18 0.12
CA ALA T 182 37.84 -37.26 -0.22
C ALA T 182 38.54 -36.01 0.28
N ASN T 183 39.84 -36.14 0.55
CA ASN T 183 40.64 -35.04 1.06
C ASN T 183 42.10 -35.28 0.70
N HIS T 184 42.84 -34.19 0.57
CA HIS T 184 44.27 -34.25 0.23
C HIS T 184 45.00 -33.15 0.96
N SER T 185 46.28 -33.42 1.27
CA SER T 185 47.15 -32.46 1.94
C SER T 185 48.53 -32.55 1.32
N ILE T 186 49.20 -31.40 1.21
CA ILE T 186 50.50 -31.30 0.56
C ILE T 186 51.50 -30.76 1.58
N HIS T 187 52.38 -31.63 2.06
CA HIS T 187 53.42 -31.25 2.99
C HIS T 187 54.76 -31.14 2.27
N SER T 188 55.61 -30.24 2.74
CA SER T 188 56.89 -30.01 2.11
C SER T 188 57.85 -31.16 2.41
N TYR T 189 58.92 -31.23 1.62
CA TYR T 189 59.93 -32.27 1.76
C TYR T 189 61.25 -31.74 2.32
N GLY T 190 61.44 -30.42 2.35
CA GLY T 190 62.65 -29.83 2.89
C GLY T 190 63.91 -30.27 2.16
N ASN T 191 63.96 -30.04 0.86
CA ASN T 191 65.10 -30.44 0.04
C ASN T 191 65.93 -29.25 -0.44
N GLY T 192 65.76 -28.09 0.18
CA GLY T 192 66.56 -26.92 -0.16
C GLY T 192 66.09 -26.19 -1.40
N ASN T 193 66.95 -26.11 -2.42
CA ASN T 193 66.60 -25.38 -3.63
C ASN T 193 65.44 -26.05 -4.37
N GLU T 194 65.51 -27.37 -4.53
CA GLU T 194 64.45 -28.12 -5.21
C GLU T 194 63.28 -28.26 -4.26
N LYS T 195 62.25 -27.43 -4.45
CA LYS T 195 61.08 -27.40 -3.56
C LYS T 195 60.16 -28.57 -3.90
N GLN T 196 60.53 -29.74 -3.38
CA GLN T 196 59.70 -30.92 -3.51
C GLN T 196 58.71 -31.00 -2.34
N GLU T 197 57.59 -31.67 -2.58
CA GLU T 197 56.54 -31.78 -1.58
C GLU T 197 56.02 -33.20 -1.53
N ILE T 198 55.25 -33.49 -0.49
CA ILE T 198 54.66 -34.80 -0.25
C ILE T 198 53.15 -34.67 -0.37
N LEU T 199 52.53 -35.63 -1.07
CA LEU T 199 51.09 -35.64 -1.27
C LEU T 199 50.45 -36.75 -0.46
N PHE T 200 49.30 -36.45 0.14
CA PHE T 200 48.53 -37.43 0.89
C PHE T 200 47.10 -37.44 0.35
N LEU T 201 46.49 -38.62 0.31
CA LEU T 201 45.12 -38.78 -0.19
C LEU T 201 44.33 -39.62 0.79
N GLU T 202 43.13 -39.15 1.14
CA GLU T 202 42.20 -39.87 2.01
C GLU T 202 40.93 -40.13 1.23
N ILE T 203 40.55 -41.41 1.13
CA ILE T 203 39.37 -41.82 0.36
C ILE T 203 38.41 -42.54 1.30
N TRP T 204 37.14 -42.14 1.25
CA TRP T 204 36.07 -42.79 2.01
C TRP T 204 35.08 -43.37 1.02
N THR T 205 35.08 -44.69 0.88
CA THR T 205 34.17 -45.39 -0.01
C THR T 205 32.98 -45.93 0.80
N ASN T 206 32.10 -46.69 0.15
CA ASN T 206 30.91 -47.21 0.80
C ASN T 206 30.83 -48.74 0.75
N GLY T 207 31.93 -49.42 0.41
CA GLY T 207 31.96 -50.86 0.38
C GLY T 207 31.84 -51.47 -1.00
N SER T 208 31.30 -50.73 -1.97
CA SER T 208 31.20 -51.25 -3.33
C SER T 208 32.58 -51.51 -3.92
N LEU T 209 33.56 -50.68 -3.59
CA LEU T 209 34.93 -50.86 -4.03
C LEU T 209 35.87 -50.31 -2.98
N THR T 210 37.05 -50.93 -2.87
CA THR T 210 38.03 -50.50 -1.89
C THR T 210 38.63 -49.16 -2.30
N PRO T 211 39.18 -48.40 -1.34
CA PRO T 211 39.78 -47.11 -1.68
C PRO T 211 40.90 -47.21 -2.70
N LYS T 212 41.70 -48.27 -2.68
CA LYS T 212 42.75 -48.43 -3.69
C LYS T 212 42.14 -48.63 -5.08
N GLU T 213 41.08 -49.43 -5.17
CA GLU T 213 40.41 -49.62 -6.45
C GLU T 213 39.78 -48.32 -6.92
N ALA T 214 39.23 -47.52 -5.99
CA ALA T 214 38.68 -46.23 -6.37
C ALA T 214 39.77 -45.29 -6.89
N LEU T 215 40.94 -45.31 -6.24
CA LEU T 215 42.07 -44.50 -6.70
C LEU T 215 42.49 -44.91 -8.11
N HIS T 216 42.64 -46.21 -8.35
CA HIS T 216 43.05 -46.70 -9.66
C HIS T 216 42.01 -46.37 -10.72
N GLU T 217 40.72 -46.51 -10.38
CA GLU T 217 39.67 -46.21 -11.35
C GLU T 217 39.63 -44.71 -11.66
N ALA T 218 39.83 -43.87 -10.66
CA ALA T 218 39.88 -42.42 -10.91
C ALA T 218 41.06 -42.06 -11.80
N SER T 219 42.23 -42.67 -11.54
CA SER T 219 43.39 -42.42 -12.39
C SER T 219 43.14 -42.87 -13.82
N ARG T 220 42.55 -44.06 -14.00
CA ARG T 220 42.28 -44.54 -15.34
C ARG T 220 41.23 -43.68 -16.05
N ASN T 221 40.25 -43.17 -15.31
CA ASN T 221 39.26 -42.29 -15.92
C ASN T 221 39.87 -40.97 -16.34
N LEU T 222 40.78 -40.41 -15.52
CA LEU T 222 41.47 -39.19 -15.91
C LEU T 222 42.32 -39.42 -17.16
N ILE T 223 43.02 -40.56 -17.22
CA ILE T 223 43.83 -40.85 -18.41
C ILE T 223 42.93 -41.03 -19.63
N ASP T 224 41.77 -41.67 -19.46
CA ASP T 224 40.84 -41.84 -20.58
C ASP T 224 40.30 -40.50 -21.05
N LEU T 225 40.09 -39.57 -20.12
CA LEU T 225 39.59 -38.25 -20.51
C LEU T 225 40.67 -37.44 -21.22
N PHE T 226 41.94 -37.64 -20.84
CA PHE T 226 43.00 -36.83 -21.41
C PHE T 226 43.60 -37.45 -22.67
N ILE T 227 43.30 -38.71 -22.95
CA ILE T 227 43.78 -39.40 -24.14
C ILE T 227 43.31 -38.76 -25.44
N PRO T 228 42.02 -38.40 -25.61
CA PRO T 228 41.56 -37.96 -26.94
C PRO T 228 42.34 -36.80 -27.53
N PHE T 229 42.98 -35.96 -26.69
CA PHE T 229 43.77 -34.86 -27.23
C PHE T 229 44.99 -35.36 -28.00
N LEU T 230 45.39 -36.62 -27.82
CA LEU T 230 46.52 -37.19 -28.52
C LEU T 230 46.12 -37.97 -29.77
N HIS T 231 44.83 -37.96 -30.13
CA HIS T 231 44.37 -38.56 -31.36
C HIS T 231 44.53 -37.57 -32.52
N MET T 232 44.29 -38.07 -33.73
CA MET T 232 44.37 -37.21 -34.90
C MET T 232 43.16 -36.28 -34.94
N GLU T 233 43.36 -35.11 -35.53
CA GLU T 233 42.31 -34.10 -35.59
C GLU T 233 41.20 -34.53 -36.53
N GLU T 234 39.97 -34.25 -36.12
CA GLU T 234 38.79 -34.62 -36.91
C GLU T 234 38.66 -33.73 -38.13
N LEU T 248 35.58 -45.92 -36.29
CA LEU T 248 36.01 -47.02 -35.46
C LEU T 248 36.40 -48.22 -36.31
N SER T 249 36.92 -47.95 -37.51
CA SER T 249 37.31 -48.99 -38.44
C SER T 249 38.79 -48.88 -38.78
N PRO T 250 39.46 -50.02 -39.00
CA PRO T 250 40.90 -49.97 -39.31
C PRO T 250 41.19 -49.48 -40.73
N PHE T 251 40.19 -49.44 -41.61
CA PHE T 251 40.37 -49.03 -43.00
C PHE T 251 39.67 -47.70 -43.28
N THR T 252 39.77 -46.76 -42.34
CA THR T 252 39.14 -45.46 -42.54
C THR T 252 39.93 -44.61 -43.53
N PHE T 253 41.26 -44.70 -43.50
CA PHE T 253 42.08 -43.88 -44.40
C PHE T 253 41.90 -44.29 -45.85
N HIS T 254 41.81 -45.60 -46.10
CA HIS T 254 41.59 -46.06 -47.47
C HIS T 254 40.23 -45.60 -48.00
N ASP T 255 39.19 -45.68 -47.17
CA ASP T 255 37.87 -45.22 -47.59
C ASP T 255 37.86 -43.72 -47.84
N LYS T 256 38.52 -42.95 -46.97
CA LYS T 256 38.58 -41.51 -47.17
C LYS T 256 39.31 -41.16 -48.46
N LEU T 257 40.44 -41.82 -48.73
CA LEU T 257 41.16 -41.54 -49.97
C LEU T 257 40.36 -41.94 -51.20
N ALA T 258 39.68 -43.09 -51.14
CA ALA T 258 38.85 -43.51 -52.26
C ALA T 258 37.73 -42.51 -52.52
N LYS T 259 37.07 -42.05 -51.47
CA LYS T 259 36.02 -41.05 -51.64
C LYS T 259 36.57 -39.76 -52.20
N LEU T 260 37.73 -39.32 -51.71
CA LEU T 260 38.32 -38.06 -52.18
C LEU T 260 38.67 -38.13 -53.66
N ILE T 261 39.21 -39.27 -54.10
CA ILE T 261 39.64 -39.38 -55.50
C ILE T 261 38.44 -39.65 -56.41
N LYS T 262 37.39 -40.25 -55.88
CA LYS T 262 36.27 -40.65 -56.72
C LYS T 262 35.22 -39.56 -56.86
N ASN T 263 34.97 -38.80 -55.79
CA ASN T 263 33.82 -37.91 -55.77
C ASN T 263 33.94 -36.79 -56.80
N LYS T 264 34.95 -35.93 -56.65
CA LYS T 264 35.04 -34.75 -57.48
C LYS T 264 36.47 -34.23 -57.46
N LYS T 265 36.83 -33.48 -58.51
CA LYS T 265 38.12 -32.82 -58.57
C LYS T 265 38.15 -31.64 -57.59
N LYS T 266 39.35 -31.10 -57.39
CA LYS T 266 39.68 -30.03 -56.45
C LYS T 266 39.61 -30.54 -55.01
N ILE T 267 39.24 -31.80 -54.79
CA ILE T 267 39.27 -32.41 -53.47
C ILE T 267 40.37 -33.47 -53.48
N ALA T 268 40.50 -34.16 -54.61
CA ALA T 268 41.61 -35.08 -54.78
C ALA T 268 42.94 -34.33 -54.89
N LEU T 269 42.88 -33.08 -55.34
CA LEU T 269 44.07 -32.24 -55.36
C LEU T 269 44.63 -32.05 -53.96
N LYS T 270 43.76 -32.02 -52.95
CA LYS T 270 44.24 -31.94 -51.57
C LYS T 270 45.02 -33.18 -51.19
N SER T 271 44.60 -34.34 -51.68
CA SER T 271 45.27 -35.60 -51.38
C SER T 271 46.61 -35.75 -52.08
N ILE T 272 47.01 -34.78 -52.91
CA ILE T 272 48.28 -34.80 -53.61
C ILE T 272 49.23 -33.88 -52.85
N PHE T 273 50.37 -34.42 -52.41
CA PHE T 273 51.33 -33.69 -51.61
C PHE T 273 52.56 -33.33 -52.44
N ILE T 274 53.39 -32.45 -51.87
CA ILE T 274 54.64 -32.07 -52.51
C ILE T 274 55.57 -33.28 -52.62
N ASP T 275 55.41 -34.26 -51.73
CA ASP T 275 56.23 -35.47 -51.77
C ASP T 275 56.11 -36.18 -53.11
N GLN T 276 54.89 -36.33 -53.63
CA GLN T 276 54.70 -37.04 -54.89
C GLN T 276 55.22 -36.24 -56.07
N SER T 277 55.10 -34.92 -56.03
CA SER T 277 55.61 -34.05 -57.08
C SER T 277 57.13 -34.03 -57.00
N GLU T 278 57.80 -34.56 -58.02
CA GLU T 278 59.26 -34.58 -58.05
C GLU T 278 59.80 -33.17 -57.92
N LEU T 279 60.67 -32.97 -56.93
CA LEU T 279 61.26 -31.67 -56.64
C LEU T 279 62.65 -31.88 -56.06
N PRO T 280 63.56 -30.93 -56.29
CA PRO T 280 64.88 -31.01 -55.65
C PRO T 280 64.77 -30.85 -54.14
N SER T 281 65.85 -31.22 -53.46
CA SER T 281 65.85 -31.22 -52.00
C SER T 281 65.70 -29.81 -51.44
N ARG T 282 66.35 -28.83 -52.05
CA ARG T 282 66.31 -27.47 -51.54
C ARG T 282 64.89 -26.92 -51.52
N ILE T 283 64.20 -26.97 -52.66
CA ILE T 283 62.86 -26.41 -52.75
C ILE T 283 61.90 -27.20 -51.87
N TYR T 284 62.07 -28.53 -51.82
CA TYR T 284 61.20 -29.34 -50.98
C TYR T 284 61.33 -28.96 -49.51
N ASN T 285 62.57 -28.87 -49.03
CA ASN T 285 62.78 -28.54 -47.62
C ASN T 285 62.33 -27.11 -47.31
N CYS T 286 62.54 -26.19 -48.25
CA CYS T 286 62.10 -24.81 -48.02
C CYS T 286 60.58 -24.71 -47.96
N LEU T 287 59.88 -25.47 -48.80
CA LEU T 287 58.42 -25.47 -48.76
C LEU T 287 57.91 -26.18 -47.51
N LYS T 288 58.60 -27.23 -47.07
CA LYS T 288 58.22 -27.89 -45.82
C LYS T 288 58.40 -26.96 -44.62
N MET T 289 59.47 -26.17 -44.62
CA MET T 289 59.66 -25.19 -43.56
C MET T 289 58.62 -24.08 -43.63
N SER T 290 58.10 -23.80 -44.82
CA SER T 290 57.10 -22.77 -45.02
C SER T 290 55.67 -23.27 -44.77
N ASN T 291 55.54 -24.44 -44.14
CA ASN T 291 54.23 -25.02 -43.81
C ASN T 291 53.39 -25.24 -45.07
N ILE T 292 54.05 -25.62 -46.17
CA ILE T 292 53.38 -25.94 -47.42
C ILE T 292 53.57 -27.43 -47.67
N TYR T 293 52.48 -28.19 -47.58
CA TYR T 293 52.53 -29.64 -47.70
C TYR T 293 51.78 -30.16 -48.91
N THR T 294 50.53 -29.75 -49.10
CA THR T 294 49.75 -30.23 -50.23
C THR T 294 49.94 -29.32 -51.45
N LEU T 295 49.56 -29.85 -52.62
CA LEU T 295 49.69 -29.08 -53.85
C LEU T 295 48.72 -27.92 -53.89
N LEU T 296 47.57 -28.05 -53.21
CA LEU T 296 46.60 -26.96 -53.19
C LEU T 296 47.16 -25.74 -52.48
N ASP T 297 47.91 -25.95 -51.39
CA ASP T 297 48.53 -24.82 -50.71
C ASP T 297 49.58 -24.15 -51.59
N LEU T 298 50.30 -24.94 -52.39
CA LEU T 298 51.28 -24.37 -53.31
C LEU T 298 50.60 -23.57 -54.41
N LEU T 299 49.46 -24.06 -54.91
CA LEU T 299 48.75 -23.34 -55.97
C LEU T 299 48.12 -22.06 -55.44
N ASN T 300 47.55 -22.10 -54.23
CA ASN T 300 46.92 -20.92 -53.67
C ASN T 300 47.93 -19.83 -53.35
N ASN T 301 49.13 -20.22 -52.93
CA ASN T 301 50.17 -19.26 -52.62
C ASN T 301 50.69 -18.60 -53.90
N SER T 302 51.02 -17.31 -53.79
CA SER T 302 51.47 -16.55 -54.95
C SER T 302 52.96 -16.73 -55.19
N GLN T 303 53.41 -16.31 -56.37
CA GLN T 303 54.83 -16.38 -56.70
C GLN T 303 55.64 -15.42 -55.84
N GLU T 304 55.07 -14.26 -55.52
CA GLU T 304 55.75 -13.32 -54.64
C GLU T 304 55.94 -13.92 -53.26
N ASP T 305 54.96 -14.68 -52.78
CA ASP T 305 55.10 -15.35 -51.49
C ASP T 305 56.15 -16.44 -51.54
N LEU T 306 56.28 -17.11 -52.69
CA LEU T 306 57.35 -18.10 -52.86
C LEU T 306 58.72 -17.42 -52.83
N MET T 307 58.84 -16.27 -53.49
CA MET T 307 60.11 -15.54 -53.46
C MET T 307 60.37 -14.95 -52.08
N LYS T 308 59.32 -14.76 -51.29
CA LYS T 308 59.46 -14.12 -49.98
C LYS T 308 60.27 -14.99 -49.02
N ILE T 309 60.18 -16.31 -49.15
CA ILE T 309 60.83 -17.20 -48.19
C ILE T 309 62.34 -17.11 -48.33
N GLU T 310 63.04 -17.38 -47.24
CA GLU T 310 64.49 -17.29 -47.22
C GLU T 310 65.12 -18.44 -48.02
N HIS T 311 66.37 -18.21 -48.44
CA HIS T 311 67.14 -19.20 -49.21
C HIS T 311 66.40 -19.63 -50.47
N PHE T 312 65.80 -18.66 -51.17
CA PHE T 312 65.07 -18.92 -52.40
C PHE T 312 65.53 -17.93 -53.47
N ARG T 313 65.42 -18.35 -54.73
CA ARG T 313 65.83 -17.53 -55.85
C ARG T 313 64.79 -17.65 -56.96
N SER T 314 64.92 -16.79 -57.98
CA SER T 314 64.00 -16.82 -59.10
C SER T 314 64.18 -18.06 -59.96
N GLU T 315 65.35 -18.70 -59.89
CA GLU T 315 65.61 -19.88 -60.71
C GLU T 315 64.70 -21.03 -60.34
N ASP T 316 64.53 -21.30 -59.04
CA ASP T 316 63.69 -22.41 -58.62
C ASP T 316 62.22 -22.18 -58.94
N VAL T 317 61.81 -20.91 -59.06
CA VAL T 317 60.42 -20.62 -59.39
C VAL T 317 60.07 -21.14 -60.77
N LYS T 318 60.96 -20.94 -61.74
CA LYS T 318 60.74 -21.48 -63.08
C LYS T 318 60.69 -23.00 -63.05
N ARG T 319 61.55 -23.63 -62.26
CA ARG T 319 61.55 -25.08 -62.14
C ARG T 319 60.23 -25.60 -61.60
N ILE T 320 59.76 -25.02 -60.49
CA ILE T 320 58.54 -25.53 -59.86
C ILE T 320 57.34 -25.25 -60.77
N LEU T 321 57.33 -24.09 -61.45
CA LEU T 321 56.23 -23.80 -62.37
C LEU T 321 56.23 -24.78 -63.55
N GLY T 322 57.41 -25.09 -64.08
CA GLY T 322 57.47 -26.03 -65.18
C GLY T 322 57.03 -27.43 -64.80
N ILE T 323 57.48 -27.91 -63.63
CA ILE T 323 57.13 -29.26 -63.23
C ILE T 323 55.68 -29.32 -62.75
N LEU T 324 55.10 -28.19 -62.38
CA LEU T 324 53.67 -28.16 -62.08
C LEU T 324 52.84 -28.17 -63.37
N GLU T 325 53.27 -27.42 -64.38
CA GLU T 325 52.59 -27.47 -65.67
C GLU T 325 52.73 -28.86 -66.30
N LYS T 326 53.82 -29.54 -66.02
CA LYS T 326 54.03 -30.89 -66.53
C LYS T 326 53.18 -31.91 -65.78
N ASN U 6 42.94 6.87 -23.09
CA ASN U 6 43.60 7.67 -22.07
C ASN U 6 42.81 7.64 -20.76
N LEU U 7 43.30 6.86 -19.80
CA LEU U 7 42.66 6.73 -18.50
C LEU U 7 43.69 6.92 -17.41
N VAL U 8 43.25 7.47 -16.27
CA VAL U 8 44.15 7.66 -15.15
C VAL U 8 44.46 6.32 -14.48
N PHE U 9 45.58 6.29 -13.77
CA PHE U 9 45.99 5.14 -12.98
C PHE U 9 45.84 5.48 -11.50
N HIS U 10 45.05 4.69 -10.79
CA HIS U 10 44.70 4.96 -9.40
C HIS U 10 45.54 4.09 -8.48
N ASN U 11 46.22 4.71 -7.52
CA ASN U 11 46.97 4.01 -6.49
C ASN U 11 46.37 4.19 -5.10
N LYS U 12 45.08 4.54 -5.02
CA LYS U 12 44.41 4.75 -3.75
C LYS U 12 43.20 3.83 -3.64
N ALA U 13 42.64 3.76 -2.44
CA ALA U 13 41.49 2.91 -2.21
C ALA U 13 40.26 3.44 -2.95
N ILE U 14 39.54 2.52 -3.58
CA ILE U 14 38.33 2.86 -4.33
C ILE U 14 37.12 2.52 -3.48
N ASN U 15 36.20 3.46 -3.34
CA ASN U 15 35.01 3.30 -2.54
C ASN U 15 33.77 3.56 -3.38
N GLY U 16 32.60 3.52 -2.74
CA GLY U 16 31.35 3.71 -3.46
C GLY U 16 31.24 5.07 -4.12
N THR U 17 31.61 6.14 -3.41
CA THR U 17 31.55 7.46 -4.00
C THR U 17 32.58 7.61 -5.11
N ALA U 18 33.77 7.04 -4.92
CA ALA U 18 34.77 7.06 -5.99
C ALA U 18 34.29 6.28 -7.20
N MET U 19 33.63 5.15 -6.97
CA MET U 19 33.08 4.37 -8.09
C MET U 19 32.00 5.15 -8.83
N LYS U 20 31.12 5.84 -8.08
CA LYS U 20 30.09 6.63 -8.73
C LYS U 20 30.69 7.77 -9.54
N ARG U 21 31.70 8.43 -8.99
CA ARG U 21 32.39 9.48 -9.73
C ARG U 21 33.01 8.93 -11.02
N LEU U 22 33.70 7.79 -10.91
CA LEU U 22 34.35 7.20 -12.08
C LEU U 22 33.32 6.80 -13.13
N ILE U 23 32.19 6.26 -12.71
CA ILE U 23 31.16 5.85 -13.66
C ILE U 23 30.55 7.07 -14.33
N SER U 24 30.33 8.15 -13.58
CA SER U 24 29.82 9.38 -14.18
C SER U 24 30.80 9.94 -15.19
N ARG U 25 32.10 9.94 -14.86
CA ARG U 25 33.09 10.47 -15.78
C ARG U 25 33.20 9.60 -17.04
N LEU U 26 33.07 8.28 -16.87
CA LEU U 26 33.10 7.39 -18.03
C LEU U 26 31.88 7.59 -18.91
N ILE U 27 30.71 7.81 -18.30
CA ILE U 27 29.51 8.11 -19.07
C ILE U 27 29.69 9.42 -19.83
N ASP U 28 30.34 10.41 -19.21
CA ASP U 28 30.55 11.69 -19.88
C ASP U 28 31.55 11.55 -21.03
N HIS U 29 32.62 10.80 -20.83
CA HIS U 29 33.69 10.74 -21.83
C HIS U 29 33.35 9.77 -22.94
N PHE U 30 33.18 8.48 -22.61
CA PHE U 30 33.00 7.45 -23.62
C PHE U 30 31.53 7.22 -23.99
N GLY U 31 30.58 7.77 -23.24
CA GLY U 31 29.18 7.50 -23.48
C GLY U 31 28.68 6.28 -22.73
N MET U 32 27.36 6.10 -22.79
CA MET U 32 26.74 5.00 -22.07
C MET U 32 27.07 3.65 -22.71
N ALA U 33 27.28 3.64 -24.03
CA ALA U 33 27.53 2.38 -24.73
C ALA U 33 28.80 1.71 -24.23
N TYR U 34 29.92 2.44 -24.18
CA TYR U 34 31.15 1.87 -23.67
C TYR U 34 31.05 1.63 -22.17
N THR U 35 30.32 2.50 -21.46
CA THR U 35 30.22 2.38 -20.01
C THR U 35 29.50 1.10 -19.61
N SER U 36 28.55 0.64 -20.43
CA SER U 36 27.87 -0.61 -20.13
C SER U 36 28.85 -1.78 -20.08
N HIS U 37 29.68 -1.92 -21.12
CA HIS U 37 30.65 -3.00 -21.15
C HIS U 37 31.72 -2.82 -20.07
N ILE U 38 32.15 -1.59 -19.83
CA ILE U 38 33.12 -1.34 -18.76
C ILE U 38 32.55 -1.78 -17.42
N LEU U 39 31.28 -1.47 -17.17
CA LEU U 39 30.66 -1.82 -15.90
C LEU U 39 30.47 -3.33 -15.78
N ASP U 40 30.13 -4.00 -16.89
CA ASP U 40 30.03 -5.46 -16.85
C ASP U 40 31.38 -6.09 -16.52
N GLN U 41 32.45 -5.62 -17.15
CA GLN U 41 33.78 -6.17 -16.85
C GLN U 41 34.19 -5.88 -15.42
N VAL U 42 33.87 -4.68 -14.92
CA VAL U 42 34.18 -4.34 -13.54
C VAL U 42 33.41 -5.23 -12.57
N LYS U 43 32.14 -5.50 -12.87
CA LYS U 43 31.35 -6.40 -12.03
C LYS U 43 31.94 -7.80 -12.03
N THR U 44 32.35 -8.30 -13.19
CA THR U 44 32.96 -9.62 -13.26
C THR U 44 34.23 -9.69 -12.43
N LEU U 45 35.11 -8.70 -12.58
CA LEU U 45 36.36 -8.69 -11.82
C LEU U 45 36.11 -8.57 -10.33
N GLY U 46 35.13 -7.76 -9.93
CA GLY U 46 34.78 -7.59 -8.54
C GLY U 46 34.27 -8.86 -7.91
N PHE U 47 33.34 -9.53 -8.60
CA PHE U 47 32.84 -10.81 -8.10
C PHE U 47 33.98 -11.83 -8.00
N GLN U 48 34.84 -11.89 -9.01
CA GLN U 48 35.96 -12.82 -8.98
C GLN U 48 36.85 -12.58 -7.77
N GLN U 49 37.23 -11.32 -7.54
CA GLN U 49 38.15 -11.03 -6.44
C GLN U 49 37.48 -11.22 -5.08
N ALA U 50 36.19 -10.90 -4.99
CA ALA U 50 35.46 -11.12 -3.73
C ALA U 50 35.40 -12.62 -3.41
N THR U 51 35.16 -13.45 -4.43
CA THR U 51 35.16 -14.89 -4.22
C THR U 51 36.54 -15.38 -3.84
N ALA U 52 37.59 -14.83 -4.47
CA ALA U 52 38.94 -15.27 -4.18
C ALA U 52 39.35 -14.94 -2.74
N THR U 53 39.05 -13.72 -2.28
CA THR U 53 39.48 -13.32 -0.95
C THR U 53 38.56 -13.91 0.13
N SER U 54 37.26 -13.98 -0.15
CA SER U 54 36.27 -14.59 0.75
C SER U 54 36.29 -13.91 2.13
N ILE U 55 35.89 -12.63 2.11
CA ILE U 55 35.73 -11.89 3.34
C ILE U 55 34.63 -12.53 4.18
N SER U 56 34.79 -12.49 5.50
CA SER U 56 33.82 -13.07 6.42
C SER U 56 33.90 -12.35 7.75
N LEU U 57 32.83 -12.47 8.54
CA LEU U 57 32.74 -11.82 9.83
C LEU U 57 32.51 -12.88 10.91
N GLY U 58 33.25 -12.74 12.02
CA GLY U 58 33.15 -13.68 13.11
C GLY U 58 32.95 -12.97 14.43
N ILE U 59 32.91 -13.77 15.50
CA ILE U 59 32.66 -13.23 16.83
C ILE U 59 33.83 -12.37 17.29
N ASP U 60 35.05 -12.92 17.24
CA ASP U 60 36.24 -12.18 17.67
C ASP U 60 36.58 -11.04 16.72
N ASP U 61 35.93 -10.95 15.58
CA ASP U 61 36.22 -9.92 14.59
C ASP U 61 35.55 -8.58 14.90
N LEU U 62 34.64 -8.55 15.87
CA LEU U 62 34.00 -7.32 16.31
C LEU U 62 34.88 -6.71 17.39
N LEU U 63 35.72 -5.76 17.00
CA LEU U 63 36.75 -5.20 17.87
C LEU U 63 36.26 -3.92 18.52
N THR U 64 36.19 -3.92 19.85
CA THR U 64 35.86 -2.73 20.61
C THR U 64 37.11 -1.89 20.83
N ILE U 65 36.91 -0.59 21.02
CA ILE U 65 38.00 0.34 21.29
C ILE U 65 38.65 -0.06 22.61
N PRO U 66 39.97 0.09 22.76
CA PRO U 66 40.64 -0.39 23.98
C PRO U 66 40.40 0.48 25.21
N SER U 67 39.45 1.42 25.17
CA SER U 67 39.19 2.30 26.29
C SER U 67 37.72 2.30 26.70
N LYS U 68 36.94 1.30 26.30
CA LYS U 68 35.53 1.26 26.68
C LYS U 68 35.37 0.97 28.17
N GLY U 69 36.18 0.04 28.70
CA GLY U 69 36.02 -0.33 30.09
C GLY U 69 36.29 0.82 31.05
N TRP U 70 37.41 1.52 30.84
CA TRP U 70 37.73 2.66 31.70
C TRP U 70 36.64 3.72 31.65
N LEU U 71 36.15 4.03 30.45
CA LEU U 71 35.16 5.08 30.30
C LEU U 71 33.83 4.69 30.97
N VAL U 72 33.36 3.48 30.71
CA VAL U 72 32.12 3.03 31.34
C VAL U 72 32.28 2.98 32.86
N GLN U 73 33.46 2.57 33.33
CA GLN U 73 33.66 2.48 34.78
C GLN U 73 33.64 3.86 35.44
N ASP U 74 34.32 4.84 34.85
CA ASP U 74 34.30 6.17 35.45
C ASP U 74 32.92 6.79 35.34
N ALA U 75 32.19 6.52 34.24
CA ALA U 75 30.84 7.04 34.12
C ALA U 75 29.92 6.48 35.19
N GLU U 76 29.96 5.17 35.41
CA GLU U 76 29.09 4.57 36.43
C GLU U 76 29.54 4.98 37.83
N GLN U 77 30.84 5.22 38.02
CA GLN U 77 31.31 5.72 39.31
C GLN U 77 30.76 7.11 39.59
N GLN U 78 30.82 8.01 38.60
CA GLN U 78 30.23 9.33 38.77
C GLN U 78 28.73 9.26 39.00
N SER U 79 28.06 8.33 38.30
CA SER U 79 26.62 8.16 38.49
C SER U 79 26.30 7.72 39.91
N LEU U 80 27.08 6.78 40.45
CA LEU U 80 26.85 6.32 41.82
C LEU U 80 27.12 7.43 42.83
N ILE U 81 28.20 8.21 42.60
CA ILE U 81 28.49 9.32 43.51
C ILE U 81 27.35 10.33 43.48
N LEU U 82 26.83 10.64 42.29
CA LEU U 82 25.73 11.59 42.19
C LEU U 82 24.46 11.05 42.85
N GLU U 83 24.20 9.75 42.72
CA GLU U 83 23.04 9.17 43.39
C GLU U 83 23.19 9.27 44.90
N LYS U 84 24.38 8.97 45.42
CA LYS U 84 24.62 9.08 46.86
C LYS U 84 24.41 10.51 47.34
N HIS U 85 24.90 11.49 46.59
CA HIS U 85 24.74 12.88 47.01
C HIS U 85 23.31 13.36 46.83
N HIS U 86 22.57 12.79 45.89
CA HIS U 86 21.15 13.11 45.75
C HIS U 86 20.37 12.56 46.94
N HIS U 87 20.73 11.38 47.42
CA HIS U 87 20.11 10.86 48.64
C HIS U 87 20.43 11.75 49.84
N TYR U 88 21.61 12.36 49.84
CA TYR U 88 21.97 13.27 50.93
C TYR U 88 21.22 14.59 50.84
N GLY U 89 20.91 15.03 49.62
CA GLY U 89 20.22 16.30 49.42
C GLY U 89 21.05 17.39 48.79
N ASN U 90 22.26 17.08 48.32
CA ASN U 90 23.11 18.11 47.73
C ASN U 90 22.60 18.53 46.36
N VAL U 91 21.99 17.61 45.61
CA VAL U 91 21.44 17.90 44.29
C VAL U 91 20.01 17.41 44.24
N HIS U 92 19.25 17.99 43.31
CA HIS U 92 17.85 17.60 43.12
C HIS U 92 17.71 16.73 41.88
N ALA U 93 16.45 16.38 41.58
CA ALA U 93 16.18 15.35 40.58
C ALA U 93 16.59 15.78 39.17
N VAL U 94 16.27 17.02 38.79
CA VAL U 94 16.53 17.44 37.42
C VAL U 94 18.03 17.50 37.14
N GLU U 95 18.83 17.86 38.16
CA GLU U 95 20.28 17.86 37.97
C GLU U 95 20.81 16.46 37.75
N LYS U 96 20.29 15.50 38.52
CA LYS U 96 20.70 14.10 38.33
C LYS U 96 20.31 13.60 36.94
N LEU U 97 19.09 13.90 36.51
CA LEU U 97 18.64 13.48 35.19
C LEU U 97 19.53 14.06 34.09
N ARG U 98 19.76 15.38 34.14
CA ARG U 98 20.62 16.02 33.14
C ARG U 98 22.02 15.43 33.17
N GLN U 99 22.60 15.25 34.36
CA GLN U 99 23.96 14.74 34.45
C GLN U 99 24.06 13.35 33.85
N SER U 100 23.14 12.45 34.21
CA SER U 100 23.20 11.09 33.69
C SER U 100 23.03 11.07 32.17
N ILE U 101 22.00 11.77 31.66
CA ILE U 101 21.77 11.78 30.22
C ILE U 101 22.98 12.34 29.48
N GLU U 102 23.51 13.46 29.96
CA GLU U 102 24.64 14.09 29.28
C GLU U 102 25.88 13.20 29.32
N ILE U 103 26.19 12.60 30.46
CA ILE U 103 27.42 11.82 30.57
C ILE U 103 27.32 10.57 29.72
N TRP U 104 26.15 9.93 29.68
CA TRP U 104 26.05 8.70 28.89
C TRP U 104 26.02 9.02 27.40
N TYR U 105 25.35 10.11 27.00
CA TYR U 105 25.38 10.52 25.60
C TYR U 105 26.79 10.88 25.17
N ALA U 106 27.54 11.59 26.03
CA ALA U 106 28.91 11.94 25.69
C ALA U 106 29.81 10.72 25.59
N THR U 107 29.61 9.75 26.48
CA THR U 107 30.39 8.51 26.41
C THR U 107 30.10 7.77 25.11
N SER U 108 28.82 7.63 24.75
CA SER U 108 28.47 6.95 23.51
C SER U 108 29.04 7.67 22.30
N GLU U 109 28.96 9.00 22.29
CA GLU U 109 29.46 9.77 21.16
C GLU U 109 30.98 9.65 21.05
N TYR U 110 31.68 9.68 22.18
CA TYR U 110 33.13 9.52 22.13
C TYR U 110 33.52 8.12 21.66
N LEU U 111 32.76 7.10 22.08
CA LEU U 111 33.03 5.75 21.60
C LEU U 111 32.84 5.66 20.09
N ARG U 112 31.74 6.21 19.59
CA ARG U 112 31.50 6.18 18.14
C ARG U 112 32.55 6.98 17.39
N GLN U 113 33.02 8.08 17.98
CA GLN U 113 34.05 8.88 17.35
C GLN U 113 35.38 8.15 17.29
N GLU U 114 35.75 7.45 18.35
CA GLU U 114 37.01 6.73 18.39
C GLU U 114 36.95 5.36 17.73
N MET U 115 35.75 4.91 17.34
CA MET U 115 35.63 3.63 16.65
C MET U 115 36.47 3.59 15.37
N ASN U 116 36.26 4.57 14.48
CA ASN U 116 36.89 4.56 13.16
C ASN U 116 38.41 4.71 13.21
N PRO U 117 38.97 5.65 13.99
CA PRO U 117 40.44 5.72 14.05
C PRO U 117 41.09 4.47 14.59
N ASN U 118 40.44 3.79 15.55
CA ASN U 118 40.96 2.53 16.05
C ASN U 118 41.05 1.49 14.93
N PHE U 119 40.00 1.37 14.13
CA PHE U 119 40.01 0.42 13.02
C PHE U 119 41.07 0.80 11.99
N ARG U 120 41.21 2.10 11.70
CA ARG U 120 42.18 2.53 10.69
C ARG U 120 43.61 2.28 11.15
N MET U 121 43.89 2.49 12.44
CA MET U 121 45.26 2.42 12.90
C MET U 121 45.67 1.00 13.27
N THR U 122 44.84 0.30 14.06
CA THR U 122 45.22 -1.00 14.61
C THR U 122 44.97 -2.16 13.65
N ASP U 123 43.75 -2.31 13.14
CA ASP U 123 43.38 -3.41 12.25
C ASP U 123 42.78 -2.82 10.98
N PRO U 124 43.63 -2.33 10.07
CA PRO U 124 43.10 -1.69 8.86
C PRO U 124 42.33 -2.63 7.97
N PHE U 125 42.69 -3.91 7.94
CA PHE U 125 42.05 -4.90 7.09
C PHE U 125 40.96 -5.68 7.83
N ASN U 126 40.32 -5.07 8.82
CA ASN U 126 39.25 -5.74 9.53
C ASN U 126 38.02 -5.86 8.61
N PRO U 127 37.40 -7.04 8.54
CA PRO U 127 36.24 -7.21 7.63
C PRO U 127 35.11 -6.22 7.90
N VAL U 128 34.76 -5.99 9.17
CA VAL U 128 33.72 -5.01 9.46
C VAL U 128 34.17 -3.63 9.01
N HIS U 129 35.44 -3.29 9.23
CA HIS U 129 35.96 -2.00 8.79
C HIS U 129 35.95 -1.90 7.28
N ILE U 130 36.28 -3.01 6.59
CA ILE U 130 36.24 -3.00 5.12
C ILE U 130 34.82 -2.77 4.62
N MET U 131 33.84 -3.47 5.20
CA MET U 131 32.46 -3.32 4.78
C MET U 131 31.95 -1.91 5.06
N SER U 132 32.38 -1.31 6.17
CA SER U 132 31.90 0.03 6.50
C SER U 132 32.56 1.09 5.63
N PHE U 133 33.87 0.98 5.40
CA PHE U 133 34.58 2.03 4.68
C PHE U 133 34.34 1.94 3.18
N SER U 134 34.23 0.73 2.64
CA SER U 134 34.02 0.57 1.21
C SER U 134 32.68 1.16 0.77
N GLY U 135 31.67 1.08 1.63
CA GLY U 135 30.34 1.53 1.31
C GLY U 135 29.39 0.44 0.89
N ALA U 136 29.80 -0.83 0.98
CA ALA U 136 28.97 -1.93 0.52
C ALA U 136 27.70 -2.07 1.36
N ARG U 137 27.87 -2.31 2.66
CA ARG U 137 26.74 -2.45 3.56
C ARG U 137 27.17 -2.04 4.96
N GLY U 138 26.30 -1.27 5.62
CA GLY U 138 26.56 -0.81 6.97
C GLY U 138 26.73 0.69 7.04
N ASN U 139 26.79 1.17 8.28
CA ASN U 139 26.98 2.59 8.54
C ASN U 139 27.68 2.73 9.89
N ALA U 140 28.20 3.92 10.16
CA ALA U 140 28.88 4.17 11.43
C ALA U 140 27.97 3.93 12.62
N SER U 141 26.70 4.36 12.51
CA SER U 141 25.75 4.11 13.59
C SER U 141 25.49 2.62 13.78
N GLN U 142 25.33 1.89 12.67
CA GLN U 142 25.04 0.46 12.77
C GLN U 142 26.22 -0.32 13.34
N VAL U 143 27.45 0.03 12.91
CA VAL U 143 28.62 -0.64 13.45
C VAL U 143 28.84 -0.24 14.90
N HIS U 144 28.41 0.97 15.29
CA HIS U 144 28.50 1.36 16.70
C HIS U 144 27.61 0.47 17.57
N GLN U 145 26.48 0.02 17.04
CA GLN U 145 25.63 -0.91 17.78
C GLN U 145 26.31 -2.26 17.95
N LEU U 146 27.16 -2.64 16.99
CA LEU U 146 27.77 -3.96 17.03
C LEU U 146 29.01 -3.98 17.92
N VAL U 147 29.89 -3.00 17.76
CA VAL U 147 31.21 -3.02 18.42
C VAL U 147 31.33 -1.95 19.48
N GLY U 148 30.33 -1.12 19.68
CA GLY U 148 30.39 -0.09 20.70
C GLY U 148 29.32 -0.24 21.76
N MET U 149 28.41 0.73 21.84
CA MET U 149 27.27 0.65 22.74
C MET U 149 26.06 1.27 22.06
N ARG U 150 24.88 0.83 22.47
CA ARG U 150 23.63 1.32 21.90
C ARG U 150 23.22 2.67 22.47
N GLY U 151 23.88 3.15 23.53
CA GLY U 151 23.58 4.45 24.08
C GLY U 151 22.19 4.51 24.70
N LEU U 152 21.67 5.72 24.84
CA LEU U 152 20.37 5.90 25.49
C LEU U 152 19.21 5.88 24.52
N MET U 153 18.44 4.81 24.51
CA MET U 153 17.25 4.77 23.67
C MET U 153 16.16 5.65 24.25
N SER U 154 15.28 6.15 23.38
CA SER U 154 14.22 7.05 23.84
C SER U 154 12.90 6.32 23.93
N ASP U 155 12.23 6.45 25.07
CA ASP U 155 10.94 5.80 25.26
C ASP U 155 9.84 6.52 24.50
N PRO U 156 8.66 5.90 24.38
CA PRO U 156 7.56 6.50 23.62
C PRO U 156 7.14 7.82 24.23
N GLN U 157 6.63 8.75 23.42
CA GLN U 157 6.26 10.10 23.89
C GLN U 157 7.50 10.97 24.07
N GLY U 158 8.62 10.56 23.46
CA GLY U 158 9.82 11.37 23.51
C GLY U 158 10.39 11.65 24.88
N GLN U 159 10.31 10.67 25.78
CA GLN U 159 10.89 10.84 27.11
C GLN U 159 12.02 9.84 27.23
N MET U 160 13.19 10.30 27.65
CA MET U 160 14.33 9.40 27.74
C MET U 160 14.14 8.31 28.77
N ILE U 161 14.58 7.10 28.45
CA ILE U 161 14.44 5.97 29.37
C ILE U 161 15.23 6.21 30.65
N ASP U 162 16.41 6.82 30.53
CA ASP U 162 17.27 7.13 31.69
C ASP U 162 18.08 5.93 32.15
N LEU U 163 17.97 4.82 31.43
CA LEU U 163 18.78 3.67 31.76
C LEU U 163 19.64 3.43 30.54
N PRO U 164 20.96 3.42 30.71
CA PRO U 164 21.82 3.30 29.53
C PRO U 164 22.06 1.88 29.07
N ILE U 165 22.19 1.70 27.77
CA ILE U 165 22.52 0.37 27.25
C ILE U 165 24.03 0.31 27.09
N GLN U 166 24.70 -0.26 28.09
CA GLN U 166 26.16 -0.31 28.13
C GLN U 166 26.73 -1.51 27.39
N SER U 167 25.89 -2.33 26.77
CA SER U 167 26.34 -3.53 26.06
C SER U 167 25.93 -3.45 24.59
N ASN U 168 26.80 -3.98 23.74
CA ASN U 168 26.53 -4.06 22.32
C ASN U 168 25.94 -5.43 21.99
N LEU U 169 25.82 -5.74 20.70
CA LEU U 169 25.28 -7.03 20.29
C LEU U 169 26.29 -8.17 20.39
N ARG U 170 27.59 -7.85 20.48
CA ARG U 170 28.58 -8.91 20.66
C ARG U 170 28.58 -9.40 22.11
N GLU U 171 28.64 -8.47 23.07
CA GLU U 171 28.62 -8.87 24.47
C GLU U 171 27.26 -9.44 24.86
N GLY U 172 26.18 -8.88 24.32
CA GLY U 172 24.85 -9.35 24.63
C GLY U 172 24.10 -8.42 25.57
N LEU U 173 22.94 -7.94 25.14
CA LEU U 173 22.15 -7.03 25.96
C LEU U 173 21.48 -7.80 27.10
N SER U 174 21.12 -7.06 28.14
CA SER U 174 20.36 -7.61 29.24
C SER U 174 18.87 -7.63 28.89
N LEU U 175 18.08 -8.18 29.80
CA LEU U 175 16.63 -8.22 29.59
C LEU U 175 16.04 -6.81 29.55
N THR U 176 16.44 -5.96 30.48
CA THR U 176 15.92 -4.59 30.51
C THR U 176 16.34 -3.82 29.27
N GLU U 177 17.60 -3.97 28.85
CA GLU U 177 18.07 -3.26 27.66
C GLU U 177 17.34 -3.73 26.41
N TYR U 178 17.04 -5.03 26.33
CA TYR U 178 16.29 -5.54 25.19
C TYR U 178 14.87 -5.00 25.20
N ILE U 179 14.24 -4.96 26.38
CA ILE U 179 12.89 -4.40 26.48
C ILE U 179 12.90 -2.93 26.07
N ILE U 180 13.97 -2.21 26.40
CA ILE U 180 14.09 -0.81 26.01
C ILE U 180 14.24 -0.68 24.50
N SER U 181 15.07 -1.54 23.89
CA SER U 181 15.25 -1.50 22.44
C SER U 181 13.98 -1.90 21.70
N CYS U 182 13.09 -2.64 22.36
CA CYS U 182 11.79 -2.92 21.76
C CYS U 182 11.01 -1.64 21.46
N TYR U 183 11.18 -0.62 22.29
CA TYR U 183 10.55 0.68 22.02
C TYR U 183 11.05 1.24 20.69
N GLY U 184 12.36 1.20 20.46
CA GLY U 184 12.89 1.69 19.20
C GLY U 184 12.41 0.86 18.02
N ALA U 185 12.31 -0.46 18.21
CA ALA U 185 11.85 -1.32 17.12
C ALA U 185 10.40 -1.05 16.73
N ARG U 186 9.52 -0.88 17.73
CA ARG U 186 8.13 -0.60 17.44
C ARG U 186 7.97 0.75 16.73
N LYS U 187 8.69 1.77 17.22
CA LYS U 187 8.67 3.07 16.55
C LYS U 187 9.17 2.94 15.12
N GLY U 188 10.21 2.14 14.90
CA GLY U 188 10.74 1.96 13.56
C GLY U 188 9.72 1.34 12.61
N VAL U 189 9.04 0.29 13.07
CA VAL U 189 8.12 -0.40 12.15
C VAL U 189 6.88 0.46 11.88
N VAL U 190 6.35 1.13 12.90
CA VAL U 190 5.19 1.99 12.66
C VAL U 190 5.59 3.19 11.80
N ASP U 191 6.81 3.69 11.98
CA ASP U 191 7.33 4.75 11.13
C ASP U 191 7.44 4.29 9.68
N THR U 192 7.90 3.05 9.48
CA THR U 192 7.98 2.50 8.13
C THR U 192 6.62 2.44 7.47
N ALA U 193 5.61 1.95 8.19
CA ALA U 193 4.27 1.85 7.63
C ALA U 193 3.71 3.23 7.27
N VAL U 194 3.75 4.16 8.23
CA VAL U 194 3.21 5.50 7.98
C VAL U 194 3.97 6.20 6.88
N ARG U 195 5.28 5.99 6.81
CA ARG U 195 6.10 6.62 5.78
C ARG U 195 5.74 6.08 4.40
N THR U 196 5.56 4.77 4.27
CA THR U 196 5.15 4.21 2.98
C THR U 196 3.80 4.78 2.55
N SER U 197 2.83 4.82 3.46
CA SER U 197 1.52 5.34 3.10
C SER U 197 1.59 6.81 2.69
N ASP U 198 2.29 7.63 3.47
CA ASP U 198 2.36 9.06 3.18
C ASP U 198 3.14 9.31 1.88
N ALA U 199 4.20 8.55 1.64
CA ALA U 199 4.96 8.72 0.41
C ALA U 199 4.12 8.34 -0.80
N GLY U 200 3.34 7.27 -0.70
CA GLY U 200 2.45 6.91 -1.80
C GLY U 200 1.43 8.00 -2.08
N TYR U 201 0.78 8.51 -1.04
CA TYR U 201 -0.22 9.56 -1.23
C TYR U 201 0.41 10.81 -1.81
N LEU U 202 1.57 11.22 -1.30
CA LEU U 202 2.24 12.42 -1.79
C LEU U 202 2.67 12.26 -3.24
N THR U 203 3.17 11.07 -3.60
CA THR U 203 3.56 10.83 -4.99
C THR U 203 2.35 10.91 -5.90
N ARG U 204 1.16 10.54 -5.48
CA ARG U 204 0.03 10.59 -6.39
C ARG U 204 -0.43 11.97 -6.70
N ARG U 205 -0.64 12.79 -5.69
CA ARG U 205 -1.17 14.12 -5.90
C ARG U 205 -0.30 14.97 -6.75
N LEU U 206 0.99 14.89 -6.55
CA LEU U 206 1.90 15.73 -7.28
C LEU U 206 1.80 15.44 -8.75
N VAL U 207 1.70 14.18 -9.10
CA VAL U 207 1.70 13.85 -10.50
C VAL U 207 0.49 14.49 -11.11
N GLU U 208 -0.64 14.48 -10.44
CA GLU U 208 -1.83 15.02 -11.05
C GLU U 208 -1.73 16.48 -11.37
N VAL U 209 -1.16 17.25 -10.48
CA VAL U 209 -1.13 18.67 -10.72
C VAL U 209 -0.30 18.99 -11.94
N VAL U 210 0.80 18.30 -12.14
CA VAL U 210 1.71 18.65 -13.21
C VAL U 210 1.70 17.66 -14.36
N GLN U 211 0.66 16.86 -14.45
CA GLN U 211 0.59 15.84 -15.47
C GLN U 211 0.60 16.41 -16.85
N HIS U 212 -0.11 17.49 -17.06
CA HIS U 212 -0.24 18.06 -18.38
C HIS U 212 1.02 18.54 -19.05
N ILE U 213 1.96 19.09 -18.30
CA ILE U 213 3.13 19.69 -18.92
C ILE U 213 3.97 18.77 -19.79
N VAL U 214 4.30 19.22 -21.00
CA VAL U 214 5.10 18.44 -21.93
C VAL U 214 5.84 19.45 -22.79
N VAL U 215 7.08 19.18 -23.16
CA VAL U 215 7.87 20.06 -24.00
C VAL U 215 7.34 19.99 -25.42
N ARG U 216 6.78 21.11 -25.90
CA ARG U 216 6.17 21.15 -27.22
C ARG U 216 6.73 22.26 -28.10
N ARG U 217 7.70 23.03 -27.60
CA ARG U 217 8.29 24.13 -28.37
C ARG U 217 9.79 24.16 -28.12
N THR U 218 10.52 24.65 -29.13
CA THR U 218 11.97 24.82 -28.96
C THR U 218 12.28 26.09 -28.19
N ASP U 219 11.50 27.15 -28.42
CA ASP U 219 11.68 28.41 -27.72
C ASP U 219 10.36 29.14 -27.71
N CYS U 220 10.06 29.81 -26.58
CA CYS U 220 8.82 30.56 -26.45
C CYS U 220 9.01 32.06 -26.69
N GLY U 221 10.24 32.56 -26.60
CA GLY U 221 10.52 33.95 -26.87
C GLY U 221 10.65 34.84 -25.66
N THR U 222 10.72 34.29 -24.45
CA THR U 222 10.83 35.11 -23.25
C THR U 222 12.22 35.75 -23.16
N ALA U 223 12.24 37.02 -22.76
CA ALA U 223 13.48 37.77 -22.58
C ALA U 223 13.83 37.96 -21.11
N ARG U 224 13.11 37.31 -20.20
CA ARG U 224 13.33 37.48 -18.77
C ARG U 224 13.93 36.21 -18.17
N GLY U 225 14.76 36.39 -17.15
CA GLY U 225 15.36 35.28 -16.47
C GLY U 225 15.67 35.64 -15.03
N ILE U 226 15.66 34.63 -14.17
CA ILE U 226 15.94 34.83 -12.76
C ILE U 226 17.43 35.10 -12.57
N SER U 227 17.76 35.93 -11.59
CA SER U 227 19.13 36.29 -11.28
C SER U 227 19.60 35.46 -10.08
N VAL U 228 20.62 34.63 -10.31
CA VAL U 228 21.16 33.77 -9.27
C VAL U 228 22.46 34.38 -8.77
N SER U 229 22.50 34.74 -7.50
CA SER U 229 23.66 35.34 -6.88
C SER U 229 24.00 34.62 -5.58
N PRO U 230 25.28 34.36 -5.32
CA PRO U 230 25.64 33.63 -4.10
C PRO U 230 25.36 34.40 -2.83
N ARG U 231 25.78 35.67 -2.75
CA ARG U 231 25.67 36.43 -1.51
C ARG U 231 24.23 36.62 -1.05
N ASN U 232 23.25 36.33 -1.91
CA ASN U 232 21.85 36.48 -1.51
C ASN U 232 21.48 35.44 -0.45
N GLY U 233 21.93 34.20 -0.62
CA GLY U 233 21.58 33.12 0.27
C GLY U 233 22.73 32.53 1.05
N MET U 234 23.61 33.40 1.56
CA MET U 234 24.78 33.09 2.38
C MET U 234 25.90 32.45 1.56
N MET U 235 25.74 32.32 0.25
CA MET U 235 26.79 31.83 -0.65
C MET U 235 27.26 30.40 -0.33
N PRO U 236 26.40 29.40 -0.46
CA PRO U 236 26.89 28.02 -0.49
C PRO U 236 27.42 27.68 -1.89
N GLU U 237 28.67 27.22 -1.93
CA GLU U 237 29.29 26.94 -3.22
C GLU U 237 28.63 25.75 -3.91
N ARG U 238 28.44 24.65 -3.18
CA ARG U 238 27.85 23.45 -3.77
C ARG U 238 26.42 23.73 -4.25
N ILE U 239 25.65 24.48 -3.45
CA ILE U 239 24.27 24.79 -3.84
C ILE U 239 24.25 25.70 -5.06
N PHE U 240 25.16 26.67 -5.12
CA PHE U 240 25.25 27.54 -6.28
C PHE U 240 25.59 26.76 -7.54
N ILE U 241 26.53 25.81 -7.42
CA ILE U 241 26.92 25.00 -8.57
C ILE U 241 25.75 24.12 -9.01
N GLN U 242 25.05 23.50 -8.05
CA GLN U 242 23.91 22.68 -8.41
C GLN U 242 22.79 23.50 -9.04
N THR U 243 22.64 24.75 -8.62
CA THR U 243 21.61 25.60 -9.20
C THR U 243 21.96 26.01 -10.63
N LEU U 244 23.22 26.37 -10.88
CA LEU U 244 23.60 26.84 -12.20
C LEU U 244 23.65 25.70 -13.22
N ILE U 245 24.13 24.52 -12.80
CA ILE U 245 24.29 23.41 -13.73
C ILE U 245 22.94 22.99 -14.29
N GLY U 246 22.87 22.85 -15.62
CA GLY U 246 21.69 22.38 -16.29
C GLY U 246 20.78 23.45 -16.84
N ARG U 247 21.04 24.72 -16.54
CA ARG U 247 20.17 25.81 -16.98
C ARG U 247 20.72 26.45 -18.26
N VAL U 248 19.84 27.17 -18.94
CA VAL U 248 20.17 27.87 -20.18
C VAL U 248 20.26 29.37 -19.87
N LEU U 249 21.35 29.99 -20.31
CA LEU U 249 21.55 31.42 -20.05
C LEU U 249 20.52 32.25 -20.81
N ALA U 250 20.09 33.35 -20.19
CA ALA U 250 19.17 34.30 -20.80
C ALA U 250 19.83 35.64 -21.09
N ASP U 251 21.07 35.85 -20.64
CA ASP U 251 21.78 37.09 -20.89
C ASP U 251 23.27 36.80 -20.97
N ASP U 252 23.98 37.60 -21.76
CA ASP U 252 25.40 37.39 -21.94
C ASP U 252 26.18 37.81 -20.70
N ILE U 253 27.23 37.06 -20.39
CA ILE U 253 28.12 37.36 -19.26
C ILE U 253 29.41 37.94 -19.83
N TYR U 254 29.75 39.15 -19.39
CA TYR U 254 30.91 39.87 -19.89
C TYR U 254 31.90 40.10 -18.76
N MET U 255 33.16 39.72 -18.99
CA MET U 255 34.27 40.07 -18.13
C MET U 255 35.22 40.93 -18.94
N GLY U 256 35.01 42.24 -18.89
CA GLY U 256 35.70 43.15 -19.77
C GLY U 256 35.15 43.09 -21.18
N PRO U 257 36.01 43.26 -22.18
CA PRO U 257 35.53 43.16 -23.57
C PRO U 257 35.09 41.75 -23.95
N ARG U 258 35.74 40.73 -23.38
CA ARG U 258 35.44 39.35 -23.76
C ARG U 258 34.12 38.89 -23.15
N CYS U 259 33.40 38.06 -23.91
CA CYS U 259 32.14 37.48 -23.46
C CYS U 259 32.39 36.02 -23.09
N ILE U 260 32.17 35.69 -21.81
CA ILE U 260 32.41 34.33 -21.33
C ILE U 260 31.38 33.37 -21.93
N ALA U 261 30.10 33.75 -21.91
CA ALA U 261 29.04 32.91 -22.42
C ALA U 261 27.90 33.78 -22.91
N THR U 262 27.34 33.43 -24.06
CA THR U 262 26.28 34.21 -24.69
C THR U 262 24.91 33.67 -24.30
N ARG U 263 23.88 34.26 -24.89
CA ARG U 263 22.50 33.86 -24.63
C ARG U 263 22.21 32.52 -25.32
N ASN U 264 21.20 31.82 -24.79
CA ASN U 264 20.75 30.54 -25.33
C ASN U 264 21.87 29.50 -25.30
N GLN U 265 22.68 29.54 -24.26
CA GLN U 265 23.76 28.58 -24.07
C GLN U 265 23.52 27.80 -22.78
N ASP U 266 23.86 26.51 -22.83
CA ASP U 266 23.62 25.59 -21.72
C ASP U 266 24.82 25.61 -20.78
N ILE U 267 24.57 25.99 -19.52
CA ILE U 267 25.65 26.06 -18.55
C ILE U 267 26.13 24.66 -18.18
N GLY U 268 27.44 24.53 -17.95
CA GLY U 268 28.02 23.28 -17.54
C GLY U 268 28.96 23.49 -16.37
N ILE U 269 29.50 22.37 -15.87
CA ILE U 269 30.39 22.44 -14.71
C ILE U 269 31.59 23.32 -14.99
N GLY U 270 32.13 23.28 -16.21
CA GLY U 270 33.22 24.16 -16.57
C GLY U 270 32.83 25.62 -16.56
N LEU U 271 31.63 25.94 -17.07
CA LEU U 271 31.16 27.31 -17.05
C LEU U 271 30.94 27.79 -15.63
N VAL U 272 30.40 26.94 -14.75
CA VAL U 272 30.20 27.32 -13.37
C VAL U 272 31.53 27.57 -12.68
N ASN U 273 32.53 26.73 -12.98
CA ASN U 273 33.86 26.92 -12.39
C ASN U 273 34.49 28.22 -12.89
N ARG U 274 34.33 28.52 -14.17
CA ARG U 274 34.85 29.79 -14.70
C ARG U 274 34.14 30.98 -14.06
N PHE U 275 32.83 30.86 -13.81
CA PHE U 275 32.09 31.95 -13.20
C PHE U 275 32.54 32.18 -11.75
N ILE U 276 32.71 31.10 -10.98
CA ILE U 276 33.12 31.26 -9.60
C ILE U 276 34.58 31.68 -9.51
N THR U 277 35.38 31.35 -10.53
CA THR U 277 36.77 31.82 -10.56
C THR U 277 36.84 33.30 -10.87
N PHE U 278 36.09 33.75 -11.87
CA PHE U 278 36.07 35.16 -12.26
C PHE U 278 35.16 36.00 -11.38
N ARG U 279 34.51 35.38 -10.39
CA ARG U 279 33.61 36.08 -9.46
C ARG U 279 32.52 36.83 -10.22
N ALA U 280 31.72 36.08 -10.96
CA ALA U 280 30.67 36.68 -11.76
C ALA U 280 29.58 37.28 -10.88
N GLN U 281 28.95 38.34 -11.38
CA GLN U 281 27.84 39.01 -10.73
C GLN U 281 26.55 38.27 -11.06
N PRO U 282 25.40 38.60 -10.41
CA PRO U 282 24.15 37.86 -10.67
C PRO U 282 23.89 37.50 -12.12
N ILE U 283 23.64 36.22 -12.36
CA ILE U 283 23.56 35.65 -13.71
C ILE U 283 22.10 35.39 -14.05
N SER U 284 21.70 35.76 -15.26
CA SER U 284 20.34 35.54 -15.76
C SER U 284 20.28 34.19 -16.45
N ILE U 285 19.51 33.27 -15.89
CA ILE U 285 19.33 31.94 -16.45
C ILE U 285 17.84 31.70 -16.71
N ARG U 286 17.56 30.73 -17.57
CA ARG U 286 16.19 30.35 -17.85
C ARG U 286 15.71 29.32 -16.84
N THR U 287 14.39 29.30 -16.61
CA THR U 287 13.79 28.45 -15.60
C THR U 287 12.33 28.26 -15.96
N PRO U 288 11.71 27.18 -15.48
CA PRO U 288 10.26 27.02 -15.67
C PRO U 288 9.44 28.18 -15.14
N PHE U 289 10.00 29.00 -14.25
CA PHE U 289 9.28 30.17 -13.75
C PHE U 289 9.13 31.23 -14.84
N THR U 290 10.21 31.51 -15.58
CA THR U 290 10.18 32.59 -16.57
C THR U 290 9.54 32.17 -17.89
N CYS U 291 8.93 31.00 -17.96
CA CYS U 291 8.29 30.57 -19.19
C CYS U 291 7.05 31.42 -19.48
N ARG U 292 6.65 31.45 -20.74
CA ARG U 292 5.52 32.25 -21.20
C ARG U 292 4.21 31.48 -21.23
N SER U 293 4.19 30.26 -20.70
CA SER U 293 2.97 29.46 -20.69
C SER U 293 2.96 28.57 -19.46
N THR U 294 1.76 28.21 -19.03
CA THR U 294 1.57 27.34 -17.87
C THR U 294 1.13 25.93 -18.25
N SER U 295 0.57 25.75 -19.44
CA SER U 295 0.17 24.41 -19.87
C SER U 295 1.37 23.62 -20.39
N TRP U 296 2.38 24.31 -20.91
CA TRP U 296 3.55 23.67 -21.49
C TRP U 296 4.76 24.56 -21.30
N ILE U 297 5.95 23.95 -21.45
CA ILE U 297 7.19 24.70 -21.42
C ILE U 297 7.97 24.42 -22.70
N CYS U 298 9.13 25.05 -22.86
CA CYS U 298 9.96 24.87 -24.04
C CYS U 298 11.31 24.28 -23.63
N ARG U 299 12.10 23.93 -24.65
CA ARG U 299 13.38 23.28 -24.41
C ARG U 299 14.34 24.19 -23.66
N LEU U 300 14.38 25.48 -24.04
CA LEU U 300 15.34 26.39 -23.42
C LEU U 300 14.94 26.74 -21.99
N CYS U 301 13.64 26.87 -21.72
CA CYS U 301 13.20 27.17 -20.37
C CYS U 301 13.48 26.02 -19.42
N TYR U 302 13.29 24.78 -19.90
CA TYR U 302 13.61 23.62 -19.06
C TYR U 302 15.11 23.44 -18.94
N GLY U 303 15.80 23.35 -20.06
CA GLY U 303 17.25 23.18 -20.05
C GLY U 303 17.67 21.76 -20.41
N ARG U 304 18.81 21.37 -19.85
CA ARG U 304 19.38 20.06 -20.13
C ARG U 304 18.50 18.96 -19.56
N SER U 305 18.39 17.87 -20.32
CA SER U 305 17.60 16.73 -19.86
C SER U 305 18.35 15.96 -18.77
N PRO U 306 17.64 15.50 -17.74
CA PRO U 306 18.33 14.71 -16.70
C PRO U 306 18.73 13.33 -17.17
N THR U 307 18.08 12.81 -18.22
CA THR U 307 18.34 11.45 -18.65
C THR U 307 19.71 11.30 -19.29
N HIS U 308 19.97 12.05 -20.36
CA HIS U 308 21.17 11.84 -21.17
C HIS U 308 22.17 12.98 -21.06
N GLY U 309 21.72 14.22 -20.98
CA GLY U 309 22.64 15.33 -20.87
C GLY U 309 22.61 16.29 -22.04
N ASP U 310 21.43 16.45 -22.65
CA ASP U 310 21.26 17.40 -23.74
C ASP U 310 19.90 18.08 -23.55
N LEU U 311 19.59 19.01 -24.46
CA LEU U 311 18.29 19.67 -24.42
C LEU U 311 17.16 18.66 -24.50
N VAL U 312 16.11 18.91 -23.71
CA VAL U 312 14.94 18.03 -23.75
C VAL U 312 14.34 18.03 -25.14
N GLU U 313 14.14 16.84 -25.69
CA GLU U 313 13.56 16.72 -27.02
C GLU U 313 12.06 16.97 -26.96
N LEU U 314 11.50 17.36 -28.10
CA LEU U 314 10.07 17.62 -28.16
C LEU U 314 9.28 16.35 -27.94
N GLY U 315 8.21 16.46 -27.15
CA GLY U 315 7.37 15.33 -26.83
C GLY U 315 7.63 14.70 -25.48
N GLU U 316 8.73 15.05 -24.81
CA GLU U 316 9.02 14.50 -23.50
C GLU U 316 8.08 15.09 -22.45
N ALA U 317 7.65 14.23 -21.53
CA ALA U 317 6.77 14.63 -20.44
C ALA U 317 7.60 14.80 -19.18
N VAL U 318 7.90 16.05 -18.90
CA VAL U 318 8.74 16.36 -17.79
C VAL U 318 7.94 16.52 -16.55
N GLY U 319 6.66 16.71 -16.70
CA GLY U 319 5.82 16.84 -15.54
C GLY U 319 5.74 15.59 -14.73
N ILE U 320 5.55 14.46 -15.38
CA ILE U 320 5.48 13.21 -14.66
C ILE U 320 6.82 12.93 -14.06
N ILE U 321 7.88 13.20 -14.79
CA ILE U 321 9.19 12.88 -14.31
C ILE U 321 9.49 13.61 -13.02
N ALA U 322 9.19 14.89 -12.97
CA ALA U 322 9.44 15.68 -11.77
C ALA U 322 8.66 15.13 -10.58
N GLY U 323 7.39 14.78 -10.80
CA GLY U 323 6.59 14.21 -9.72
C GLY U 323 7.22 12.94 -9.16
N GLN U 324 7.68 12.05 -10.04
CA GLN U 324 8.31 10.82 -9.58
C GLN U 324 9.64 11.11 -8.89
N SER U 325 10.42 12.05 -9.43
CA SER U 325 11.73 12.36 -8.86
C SER U 325 11.58 13.02 -7.48
N ILE U 326 10.42 13.62 -7.21
CA ILE U 326 10.19 14.19 -5.89
C ILE U 326 9.57 13.15 -4.95
N GLY U 327 8.76 12.25 -5.50
CA GLY U 327 8.06 11.29 -4.66
C GLY U 327 8.94 10.13 -4.22
N GLU U 328 9.74 9.60 -5.13
CA GLU U 328 10.56 8.43 -4.80
C GLU U 328 11.53 8.67 -3.65
N PRO U 329 12.28 9.76 -3.58
CA PRO U 329 13.13 10.00 -2.40
C PRO U 329 12.38 10.40 -1.15
N GLY U 330 11.05 10.56 -1.23
CA GLY U 330 10.27 10.90 -0.05
C GLY U 330 10.26 9.80 1.00
N THR U 331 10.62 8.58 0.62
CA THR U 331 10.71 7.49 1.59
C THR U 331 11.76 7.78 2.65
N GLN U 332 12.92 8.27 2.24
CA GLN U 332 14.00 8.58 3.18
C GLN U 332 13.66 9.80 4.02
N ALA U 349 28.13 21.43 21.88
CA ALA U 349 28.79 21.44 23.18
C ALA U 349 29.94 20.45 23.20
N GLU U 350 31.10 20.87 22.70
CA GLU U 350 32.27 20.01 22.67
C GLU U 350 32.85 19.86 24.07
N HIS U 351 33.36 18.67 24.37
CA HIS U 351 33.94 18.35 25.66
C HIS U 351 35.44 18.18 25.50
N VAL U 352 36.22 19.02 26.18
CA VAL U 352 37.67 18.92 26.15
C VAL U 352 38.10 17.78 27.05
N ARG U 353 39.02 16.95 26.56
CA ARG U 353 39.49 15.79 27.30
C ARG U 353 41.01 15.88 27.49
N ALA U 354 41.47 15.31 28.59
CA ALA U 354 42.89 15.35 28.91
C ALA U 354 43.69 14.54 27.90
N PRO U 355 44.75 15.11 27.31
CA PRO U 355 45.54 14.34 26.35
C PRO U 355 46.36 13.23 27.00
N SER U 356 46.77 13.41 28.25
CA SER U 356 47.57 12.40 28.94
C SER U 356 47.33 12.56 30.45
N ASN U 357 47.87 11.61 31.21
CA ASN U 357 47.73 11.62 32.65
C ASN U 357 48.72 12.61 33.26
N GLY U 358 48.23 13.53 34.07
CA GLY U 358 49.11 14.50 34.69
C GLY U 358 48.34 15.50 35.52
N LYS U 359 49.09 16.41 36.12
CA LYS U 359 48.52 17.45 36.96
C LYS U 359 48.06 18.63 36.12
N ILE U 360 47.02 19.32 36.60
CA ILE U 360 46.48 20.50 35.94
C ILE U 360 46.95 21.74 36.67
N LYS U 361 47.53 22.69 35.94
CA LYS U 361 48.07 23.93 36.50
C LYS U 361 47.48 25.10 35.75
N PHE U 362 46.76 25.96 36.47
CA PHE U 362 46.20 27.17 35.87
C PHE U 362 45.96 28.20 36.98
N ASN U 363 45.81 29.45 36.55
CA ASN U 363 45.61 30.56 37.48
C ASN U 363 44.12 30.71 37.77
N GLU U 364 43.72 30.43 39.02
CA GLU U 364 42.32 30.42 39.39
C GLU U 364 41.72 31.81 39.57
N ASP U 365 42.54 32.86 39.59
CA ASP U 365 42.01 34.20 39.79
C ASP U 365 41.28 34.74 38.56
N LEU U 366 41.59 34.22 37.37
CA LEU U 366 40.95 34.72 36.16
C LEU U 366 39.56 34.13 35.97
N VAL U 367 39.36 32.89 36.39
CA VAL U 367 38.08 32.21 36.24
C VAL U 367 37.17 32.58 37.40
N HIS U 368 35.87 32.62 37.14
CA HIS U 368 34.87 32.95 38.14
C HIS U 368 34.17 31.68 38.63
N PRO U 369 33.97 31.53 39.93
CA PRO U 369 33.27 30.34 40.44
C PRO U 369 31.81 30.33 40.02
N THR U 370 31.30 29.13 39.73
CA THR U 370 29.92 28.98 39.33
C THR U 370 29.47 27.56 39.66
N ARG U 371 28.18 27.29 39.43
CA ARG U 371 27.59 25.99 39.65
C ARG U 371 27.09 25.44 38.33
N THR U 372 27.54 24.23 37.98
CA THR U 372 27.14 23.61 36.72
C THR U 372 25.69 23.15 36.79
N ARG U 373 25.11 22.89 35.61
CA ARG U 373 23.74 22.40 35.53
C ARG U 373 23.59 20.99 36.09
N HIS U 374 24.69 20.27 36.28
CA HIS U 374 24.66 18.94 36.85
C HIS U 374 24.79 18.95 38.37
N GLY U 375 24.70 20.12 39.00
CA GLY U 375 24.85 20.23 40.43
C GLY U 375 26.28 20.25 40.92
N HIS U 376 27.26 20.16 40.02
CA HIS U 376 28.66 20.12 40.41
C HIS U 376 29.24 21.53 40.44
N PRO U 377 30.26 21.76 41.27
CA PRO U 377 30.94 23.08 41.26
C PRO U 377 31.98 23.16 40.15
N ALA U 378 32.11 24.34 39.55
CA ALA U 378 33.03 24.51 38.42
C ALA U 378 33.49 25.97 38.38
N PHE U 379 34.42 26.24 37.48
CA PHE U 379 34.95 27.59 37.26
C PHE U 379 34.48 28.08 35.90
N LEU U 380 33.75 29.19 35.89
CA LEU U 380 33.34 29.79 34.63
C LEU U 380 34.52 30.50 33.97
N CYS U 381 34.65 30.32 32.66
CA CYS U 381 35.72 30.93 31.88
C CYS U 381 35.12 31.90 30.89
N SER U 382 35.68 33.11 30.83
CA SER U 382 35.21 34.14 29.91
C SER U 382 36.33 34.78 29.11
N ILE U 383 37.59 34.48 29.42
CA ILE U 383 38.75 35.03 28.73
C ILE U 383 39.67 33.88 28.38
N ASP U 384 40.41 34.02 27.28
CA ASP U 384 41.36 33.01 26.82
C ASP U 384 42.38 32.68 27.90
N LEU U 385 42.37 31.43 28.35
CA LEU U 385 43.24 30.95 29.41
C LEU U 385 44.12 29.83 28.88
N TYR U 386 45.25 29.60 29.53
CA TYR U 386 46.17 28.54 29.20
C TYR U 386 46.33 27.62 30.40
N VAL U 387 45.94 26.36 30.24
CA VAL U 387 46.10 25.34 31.26
C VAL U 387 47.18 24.36 30.80
N THR U 388 47.98 23.86 31.73
CA THR U 388 49.08 22.97 31.41
C THR U 388 48.87 21.63 32.07
N ILE U 389 48.82 20.57 31.27
CA ILE U 389 48.76 19.20 31.77
C ILE U 389 50.20 18.72 31.94
N GLU U 390 50.66 18.67 33.19
CA GLU U 390 52.05 18.34 33.49
C GLU U 390 52.19 16.83 33.60
N SER U 391 52.85 16.23 32.62
CA SER U 391 53.02 14.80 32.52
C SER U 391 54.48 14.45 32.77
N GLU U 392 54.82 13.17 32.59
CA GLU U 392 56.17 12.71 32.86
C GLU U 392 57.19 13.35 31.93
N ASP U 393 56.83 13.52 30.65
CA ASP U 393 57.78 13.98 29.64
C ASP U 393 57.35 15.22 28.88
N ILE U 394 56.07 15.61 28.91
CA ILE U 394 55.61 16.69 28.04
C ILE U 394 54.54 17.54 28.73
N LEU U 395 54.33 18.74 28.21
CA LEU U 395 53.34 19.69 28.70
C LEU U 395 52.35 19.98 27.58
N HIS U 396 51.06 20.00 27.91
CA HIS U 396 50.00 20.23 26.94
C HIS U 396 49.20 21.47 27.32
N ASN U 397 48.85 22.27 26.31
CA ASN U 397 48.07 23.48 26.50
C ASN U 397 46.86 23.44 25.58
N VAL U 398 45.66 23.35 26.17
CA VAL U 398 44.42 23.32 25.42
C VAL U 398 43.33 24.02 26.22
N ASN U 399 42.73 25.06 25.64
CA ASN U 399 41.59 25.76 26.21
C ASN U 399 41.04 26.71 25.16
N ILE U 400 39.78 27.12 25.35
CA ILE U 400 39.08 27.95 24.37
C ILE U 400 38.51 29.17 25.08
N PRO U 401 38.68 30.37 24.55
CA PRO U 401 38.36 31.60 25.29
C PRO U 401 36.90 31.72 25.72
N PRO U 402 35.90 31.50 24.80
CA PRO U 402 34.52 31.87 25.16
C PRO U 402 33.94 31.16 26.37
N LYS U 403 32.69 31.51 26.70
CA LYS U 403 32.05 31.02 27.92
C LYS U 403 32.08 29.50 27.98
N SER U 404 32.88 28.96 28.89
CA SER U 404 33.03 27.52 29.04
C SER U 404 33.03 27.16 30.52
N LEU U 405 32.86 25.88 30.79
CA LEU U 405 32.83 25.35 32.15
C LEU U 405 34.08 24.55 32.41
N LEU U 406 34.85 24.95 33.42
CA LEU U 406 36.05 24.23 33.83
C LEU U 406 35.69 23.34 35.02
N LEU U 407 35.68 22.03 34.78
CA LEU U 407 35.23 21.06 35.76
C LEU U 407 36.39 20.47 36.55
N VAL U 408 37.51 21.20 36.63
CA VAL U 408 38.69 20.75 37.33
C VAL U 408 39.17 21.87 38.26
N GLN U 409 40.21 21.55 39.03
CA GLN U 409 40.79 22.50 39.98
C GLN U 409 42.31 22.51 39.80
N ASN U 410 42.92 23.60 40.25
CA ASN U 410 44.38 23.73 40.16
C ASN U 410 45.06 22.69 41.04
N ASP U 411 46.15 22.12 40.53
CA ASP U 411 46.98 21.08 41.13
C ASP U 411 46.27 19.73 41.17
N GLN U 412 45.05 19.62 40.66
CA GLN U 412 44.34 18.35 40.66
C GLN U 412 44.94 17.40 39.63
N TYR U 413 45.08 16.14 40.00
CA TYR U 413 45.56 15.10 39.10
C TYR U 413 44.38 14.48 38.35
N VAL U 414 44.53 14.36 37.04
CA VAL U 414 43.49 13.81 36.18
C VAL U 414 44.10 12.75 35.28
N GLU U 415 43.31 11.75 34.93
CA GLU U 415 43.73 10.69 34.02
C GLU U 415 43.43 11.09 32.57
N SER U 416 43.95 10.29 31.65
CA SER U 416 43.78 10.57 30.23
C SER U 416 42.31 10.51 29.83
N GLU U 417 41.98 11.23 28.77
CA GLU U 417 40.66 11.29 28.13
C GLU U 417 39.51 11.50 29.11
N GLN U 418 39.78 12.10 30.26
CA GLN U 418 38.72 12.54 31.17
C GLN U 418 38.25 13.94 30.77
N VAL U 419 37.00 14.24 31.09
CA VAL U 419 36.36 15.49 30.68
C VAL U 419 36.92 16.59 31.58
N ILE U 420 37.91 17.32 31.07
CA ILE U 420 38.50 18.42 31.83
C ILE U 420 37.55 19.62 31.84
N ALA U 421 37.01 19.98 30.68
CA ALA U 421 36.16 21.15 30.55
C ALA U 421 35.10 20.91 29.50
N GLU U 422 34.06 21.74 29.55
CA GLU U 422 32.97 21.72 28.58
C GLU U 422 32.92 23.08 27.91
N ILE U 423 33.08 23.09 26.58
CA ILE U 423 33.18 24.34 25.85
C ILE U 423 31.88 25.12 25.91
N ARG U 424 30.76 24.46 25.60
CA ARG U 424 29.42 25.05 25.70
C ARG U 424 29.27 26.30 24.84
N ALA U 425 30.09 26.42 23.78
CA ALA U 425 30.02 27.60 22.93
C ALA U 425 28.69 27.66 22.17
N GLY U 426 28.16 26.51 21.78
CA GLY U 426 26.91 26.48 21.05
C GLY U 426 25.76 26.93 21.94
N ILE U 427 25.19 28.09 21.65
CA ILE U 427 24.07 28.63 22.43
C ILE U 427 23.24 29.52 21.53
N SER U 428 21.93 29.30 21.55
CA SER U 428 21.01 30.08 20.73
C SER U 428 19.60 29.89 21.26
N THR U 429 18.69 30.74 20.80
CA THR U 429 17.30 30.63 21.19
C THR U 429 16.68 29.38 20.59
N LEU U 430 15.87 28.68 21.39
CA LEU U 430 15.24 27.43 20.99
C LEU U 430 13.74 27.68 20.82
N ASN U 431 13.26 27.66 19.57
CA ASN U 431 11.84 27.82 19.32
C ASN U 431 11.04 26.62 19.80
N PHE U 432 11.67 25.45 19.86
CA PHE U 432 11.02 24.23 20.31
C PHE U 432 11.22 23.99 21.80
N LYS U 433 11.63 25.00 22.56
CA LYS U 433 11.81 24.85 24.00
C LYS U 433 10.49 24.52 24.66
N GLU U 434 10.49 23.44 25.44
CA GLU U 434 9.29 22.95 26.12
C GLU U 434 9.52 22.94 27.62
N LYS U 435 8.54 23.44 28.36
CA LYS U 435 8.60 23.47 29.82
C LYS U 435 8.12 22.13 30.38
N VAL U 436 8.97 21.11 30.19
CA VAL U 436 8.63 19.78 30.68
C VAL U 436 8.67 19.75 32.20
N ARG U 437 7.71 19.06 32.79
CA ARG U 437 7.58 18.97 34.25
C ARG U 437 7.87 17.54 34.69
N LYS U 438 8.55 17.42 35.83
CA LYS U 438 8.85 16.14 36.43
C LYS U 438 8.40 16.16 37.89
N HIS U 439 7.93 15.02 38.36
CA HIS U 439 7.41 14.86 39.72
C HIS U 439 8.36 14.01 40.54
N ILE U 440 8.55 14.39 41.80
CA ILE U 440 9.35 13.62 42.74
C ILE U 440 8.41 12.83 43.64
N TYR U 441 8.62 11.52 43.67
CA TYR U 441 7.78 10.61 44.44
C TYR U 441 8.46 10.23 45.74
N SER U 442 7.72 10.30 46.84
CA SER U 442 8.27 9.92 48.13
C SER U 442 8.62 8.44 48.16
N ASP U 443 9.76 8.13 48.79
CA ASP U 443 10.24 6.76 48.90
C ASP U 443 9.97 6.15 50.26
N SER U 444 9.40 6.90 51.19
CA SER U 444 9.08 6.40 52.52
C SER U 444 7.89 7.18 53.07
N ASP U 445 7.13 6.51 53.94
CA ASP U 445 5.97 7.14 54.54
C ASP U 445 6.36 8.01 55.73
N GLY U 446 5.61 9.08 55.94
CA GLY U 446 5.87 9.95 57.07
C GLY U 446 5.17 11.28 56.93
N GLU U 447 5.71 12.28 57.62
CA GLU U 447 5.14 13.62 57.66
C GLU U 447 6.11 14.59 57.00
N MET U 448 5.57 15.74 56.58
CA MET U 448 6.33 16.76 55.89
C MET U 448 6.83 17.80 56.89
N HIS U 449 7.96 18.43 56.56
CA HIS U 449 8.52 19.51 57.37
C HIS U 449 9.34 20.45 56.50
N TRP U 450 9.13 21.74 56.68
CA TRP U 450 9.99 22.77 56.09
C TRP U 450 10.31 23.80 57.17
N SER U 451 11.58 24.20 57.25
CA SER U 451 11.97 25.17 58.27
C SER U 451 11.77 26.60 57.78
N THR U 452 12.41 26.97 56.67
CA THR U 452 12.36 28.33 56.15
C THR U 452 12.28 28.29 54.64
N ASP U 453 12.17 29.49 54.05
CA ASP U 453 12.16 29.71 52.61
C ASP U 453 11.00 29.01 51.90
N VAL U 454 9.89 28.82 52.60
CA VAL U 454 8.67 28.25 52.01
C VAL U 454 7.50 29.11 52.45
N TYR U 455 6.68 29.52 51.48
CA TYR U 455 5.50 30.32 51.80
C TYR U 455 4.53 29.52 52.66
N HIS U 456 4.01 30.18 53.70
CA HIS U 456 3.08 29.56 54.62
C HIS U 456 1.64 29.59 54.13
N ALA U 457 1.37 30.29 53.03
CA ALA U 457 0.03 30.38 52.48
C ALA U 457 -0.06 29.64 51.16
N PRO U 458 -1.13 28.90 50.92
CA PRO U 458 -1.25 28.17 49.64
C PRO U 458 -1.30 29.13 48.46
N GLU U 459 -0.82 28.66 47.32
CA GLU U 459 -0.81 29.48 46.11
C GLU U 459 -2.24 29.82 45.67
N PHE U 460 -3.18 28.92 45.91
CA PHE U 460 -4.58 29.11 45.57
C PHE U 460 -5.42 29.11 46.84
N THR U 461 -6.68 29.53 46.70
CA THR U 461 -7.58 29.57 47.84
C THR U 461 -7.83 28.17 48.39
N TYR U 462 -7.99 27.19 47.52
CA TYR U 462 -8.18 25.80 47.92
C TYR U 462 -7.08 24.94 47.32
N GLY U 463 -6.56 24.02 48.13
CA GLY U 463 -5.51 23.14 47.67
C GLY U 463 -4.30 23.13 48.59
N ASN U 464 -3.47 22.10 48.46
CA ASN U 464 -2.27 21.95 49.28
C ASN U 464 -1.01 22.47 48.60
N VAL U 465 -1.14 23.13 47.45
CA VAL U 465 0.03 23.60 46.73
C VAL U 465 0.66 24.78 47.46
N HIS U 466 1.96 24.69 47.70
CA HIS U 466 2.72 25.76 48.31
C HIS U 466 3.88 26.15 47.41
N LEU U 467 4.24 27.43 47.44
CA LEU U 467 5.31 27.96 46.62
C LEU U 467 6.52 28.29 47.48
N LEU U 468 7.70 28.20 46.86
CA LEU U 468 8.95 28.45 47.57
C LEU U 468 9.60 29.72 47.04
N PRO U 469 9.81 30.74 47.88
CA PRO U 469 10.51 31.94 47.40
C PRO U 469 11.99 31.70 47.14
N LYS U 470 12.66 30.92 47.99
CA LYS U 470 14.08 30.67 47.85
C LYS U 470 14.34 29.18 48.01
N THR U 471 15.59 28.79 47.76
CA THR U 471 15.99 27.39 47.89
C THR U 471 15.92 26.95 49.35
N SER U 472 15.46 25.73 49.56
CA SER U 472 15.33 25.17 50.90
C SER U 472 15.23 23.66 50.78
N HIS U 473 15.08 23.00 51.93
CA HIS U 473 14.95 21.55 52.00
C HIS U 473 13.58 21.18 52.56
N LEU U 474 13.08 20.02 52.13
CA LEU U 474 11.84 19.46 52.65
C LEU U 474 12.16 18.14 53.33
N TRP U 475 11.79 18.03 54.60
CA TRP U 475 12.15 16.89 55.43
C TRP U 475 10.93 15.99 55.62
N ILE U 476 11.10 14.70 55.35
CA ILE U 476 10.06 13.71 55.59
C ILE U 476 10.42 12.95 56.85
N LEU U 477 9.75 13.27 57.96
CA LEU U 477 9.97 12.55 59.21
C LEU U 477 9.34 11.17 59.10
N LEU U 478 10.18 10.14 59.16
CA LEU U 478 9.72 8.78 58.91
C LEU U 478 8.71 8.33 59.97
N GLY U 479 7.76 7.52 59.54
CA GLY U 479 6.73 7.02 60.43
C GLY U 479 5.73 6.21 59.64
N ARG U 480 4.81 5.58 60.37
CA ARG U 480 3.80 4.73 59.79
C ARG U 480 2.43 5.41 59.90
N PRO U 481 1.82 5.81 58.79
CA PRO U 481 0.51 6.46 58.86
C PRO U 481 -0.63 5.46 58.90
N CYS U 482 -1.45 5.52 59.93
CA CYS U 482 -2.60 4.62 60.08
C CYS U 482 -3.89 5.39 59.87
N ARG U 483 -4.98 4.63 59.67
CA ARG U 483 -6.31 5.18 59.51
C ARG U 483 -7.07 4.99 60.82
N SER U 484 -7.51 6.09 61.41
CA SER U 484 -8.15 6.07 62.72
C SER U 484 -9.60 6.52 62.59
N SER U 485 -10.52 5.67 63.05
CA SER U 485 -11.93 6.01 63.04
C SER U 485 -12.30 6.77 64.31
N LEU U 486 -13.53 7.27 64.35
CA LEU U 486 -13.99 8.03 65.52
C LEU U 486 -13.99 7.16 66.77
N VAL U 487 -14.28 5.86 66.61
CA VAL U 487 -14.32 4.98 67.77
C VAL U 487 -12.93 4.77 68.34
N TYR U 488 -11.94 4.57 67.46
CA TYR U 488 -10.58 4.29 67.94
C TYR U 488 -9.94 5.50 68.59
N LEU U 489 -10.31 6.70 68.14
CA LEU U 489 -9.69 7.92 68.67
C LEU U 489 -9.95 8.10 70.15
N SER U 490 -11.05 7.53 70.67
CA SER U 490 -11.35 7.69 72.08
C SER U 490 -10.35 6.95 72.97
N ILE U 491 -9.89 5.78 72.53
CA ILE U 491 -8.98 4.97 73.33
C ILE U 491 -7.55 5.22 72.87
N HIS U 492 -7.35 5.41 71.56
CA HIS U 492 -6.03 5.67 71.00
C HIS U 492 -5.79 7.18 70.99
N LYS U 493 -4.86 7.63 71.82
CA LYS U 493 -4.57 9.05 71.95
C LYS U 493 -3.07 9.27 71.86
N ASP U 494 -2.65 10.51 72.09
CA ASP U 494 -1.25 10.88 71.95
C ASP U 494 -0.38 10.14 72.95
N GLN U 495 0.80 9.72 72.50
CA GLN U 495 1.82 9.09 73.34
C GLN U 495 1.28 7.84 74.04
N ASP U 496 0.72 6.94 73.25
CA ASP U 496 0.25 5.65 73.75
C ASP U 496 1.10 4.55 73.16
N GLN U 497 1.62 3.67 74.02
CA GLN U 497 2.46 2.57 73.59
C GLN U 497 1.60 1.31 73.44
N MET U 498 1.55 0.77 72.22
CA MET U 498 0.77 -0.42 71.94
C MET U 498 1.66 -1.66 71.97
N ASN U 499 1.15 -2.72 72.60
CA ASN U 499 1.87 -3.98 72.74
C ASN U 499 3.25 -3.78 73.39
N SER U 557 -44.40 -42.25 68.05
CA SER U 557 -45.15 -41.98 66.84
C SER U 557 -46.35 -41.07 67.12
N PRO U 558 -47.45 -41.32 66.42
CA PRO U 558 -48.66 -40.51 66.62
C PRO U 558 -49.41 -40.93 67.88
N ILE U 559 -50.48 -40.21 68.19
CA ILE U 559 -51.31 -40.46 69.35
C ILE U 559 -52.77 -40.35 68.93
N LEU U 560 -53.65 -40.80 69.83
CA LEU U 560 -55.08 -40.72 69.55
C LEU U 560 -55.60 -39.30 69.67
N HIS U 561 -55.16 -38.58 70.70
CA HIS U 561 -55.56 -37.18 70.90
C HIS U 561 -54.46 -36.29 70.35
N GLU U 562 -54.59 -35.92 69.07
CA GLU U 562 -53.61 -35.09 68.39
C GLU U 562 -54.04 -33.63 68.51
N ASN U 563 -53.42 -32.90 69.43
CA ASN U 563 -53.67 -31.48 69.65
C ASN U 563 -52.33 -30.76 69.47
N SER U 564 -52.04 -30.35 68.24
CA SER U 564 -50.78 -29.68 67.94
C SER U 564 -50.67 -28.31 68.59
N ASP U 565 -51.80 -27.74 69.03
CA ASP U 565 -51.74 -26.43 69.68
C ASP U 565 -51.03 -26.52 71.02
N LEU U 566 -51.30 -27.57 71.79
CA LEU U 566 -50.67 -27.74 73.10
C LEU U 566 -49.20 -28.14 73.00
N LEU U 567 -48.69 -28.39 71.80
CA LEU U 567 -47.28 -28.76 71.62
C LEU U 567 -46.52 -27.71 70.83
N SER U 568 -47.09 -26.55 70.59
CA SER U 568 -46.44 -25.47 69.86
C SER U 568 -46.55 -24.18 70.65
N LYS U 569 -45.44 -23.44 70.71
CA LYS U 569 -45.38 -22.19 71.45
C LYS U 569 -44.88 -21.08 70.53
N ARG U 570 -45.43 -19.88 70.69
CA ARG U 570 -45.07 -18.72 69.89
C ARG U 570 -44.32 -17.73 70.78
N ARG U 571 -43.18 -17.26 70.29
CA ARG U 571 -42.35 -16.29 71.00
C ARG U 571 -42.10 -15.09 70.09
N ARG U 572 -41.42 -14.08 70.64
CA ARG U 572 -41.12 -12.88 69.88
C ARG U 572 -40.18 -13.18 68.73
N ASN U 573 -40.64 -12.94 67.50
CA ASN U 573 -39.86 -13.18 66.29
C ASN U 573 -39.41 -14.63 66.19
N LYS U 574 -40.26 -15.54 66.65
CA LYS U 574 -39.94 -16.97 66.62
C LYS U 574 -41.25 -17.76 66.70
N PHE U 575 -41.56 -18.50 65.64
CA PHE U 575 -42.76 -19.32 65.59
C PHE U 575 -42.36 -20.77 65.39
N ILE U 576 -42.68 -21.61 66.38
CA ILE U 576 -42.34 -23.03 66.34
C ILE U 576 -43.64 -23.80 66.14
N ILE U 577 -43.76 -24.47 65.00
CA ILE U 577 -44.93 -25.26 64.66
C ILE U 577 -44.49 -26.71 64.50
N PRO U 578 -45.14 -27.67 65.17
CA PRO U 578 -44.74 -29.08 65.03
C PRO U 578 -45.39 -29.70 63.80
N LEU U 579 -44.55 -30.13 62.85
CA LEU U 579 -45.05 -30.76 61.64
C LEU U 579 -45.55 -32.17 61.95
N HIS U 580 -46.71 -32.51 61.41
CA HIS U 580 -47.30 -33.83 61.61
C HIS U 580 -47.85 -34.39 60.31
N ILE U 595 -54.27 -28.73 57.92
CA ILE U 595 -53.70 -27.86 56.90
C ILE U 595 -52.22 -28.21 56.67
N SER U 596 -51.71 -27.84 55.50
CA SER U 596 -50.33 -28.09 55.12
C SER U 596 -49.65 -26.77 54.81
N ILE U 597 -48.31 -26.79 54.89
CA ILE U 597 -47.49 -25.61 54.67
C ILE U 597 -46.32 -25.97 53.78
N GLU U 598 -45.88 -25.00 52.98
CA GLU U 598 -44.76 -25.17 52.08
C GLU U 598 -43.83 -23.97 52.17
N ILE U 599 -42.53 -24.23 52.00
CA ILE U 599 -41.52 -23.18 52.09
C ILE U 599 -40.68 -23.18 50.81
N PRO U 600 -39.97 -22.10 50.51
CA PRO U 600 -39.12 -22.08 49.31
C PRO U 600 -37.96 -23.05 49.41
N VAL U 601 -37.23 -23.18 48.29
CA VAL U 601 -36.08 -24.08 48.26
C VAL U 601 -35.01 -23.64 49.23
N ASN U 602 -34.67 -22.34 49.21
CA ASN U 602 -33.65 -21.83 50.13
C ASN U 602 -34.17 -21.78 51.55
N GLY U 603 -35.49 -21.67 51.73
CA GLY U 603 -36.09 -21.59 53.05
C GLY U 603 -36.39 -20.20 53.53
N ILE U 604 -36.05 -19.17 52.76
CA ILE U 604 -36.32 -17.80 53.18
C ILE U 604 -37.75 -17.41 52.78
N PHE U 605 -38.30 -16.43 53.51
CA PHE U 605 -39.62 -15.90 53.23
C PHE U 605 -39.51 -14.41 52.94
N ARG U 606 -40.55 -13.87 52.31
CA ARG U 606 -40.60 -12.46 51.93
C ARG U 606 -41.87 -11.83 52.50
N ARG U 607 -42.05 -10.55 52.22
CA ARG U 607 -43.24 -9.85 52.67
C ARG U 607 -44.48 -10.36 51.93
N ASN U 608 -45.56 -10.56 52.67
CA ASN U 608 -46.83 -11.07 52.12
C ASN U 608 -46.61 -12.40 51.41
N SER U 609 -45.86 -13.29 52.04
CA SER U 609 -45.53 -14.59 51.48
C SER U 609 -46.44 -15.66 52.09
N ILE U 610 -47.24 -16.30 51.25
CA ILE U 610 -48.11 -17.37 51.71
C ILE U 610 -47.27 -18.59 52.08
N LEU U 611 -47.54 -19.14 53.27
CA LEU U 611 -46.77 -20.28 53.75
C LEU U 611 -47.64 -21.52 53.86
N ALA U 612 -48.80 -21.39 54.50
CA ALA U 612 -49.72 -22.50 54.71
C ALA U 612 -50.97 -22.35 53.87
N TYR U 613 -51.55 -23.47 53.48
CA TYR U 613 -52.79 -23.52 52.71
C TYR U 613 -53.86 -24.18 53.56
N PHE U 614 -55.04 -23.56 53.62
CA PHE U 614 -56.13 -24.01 54.46
C PHE U 614 -57.39 -24.23 53.64
N ASP U 615 -57.25 -24.92 52.50
CA ASP U 615 -58.40 -25.26 51.68
C ASP U 615 -59.32 -26.19 52.44
N ASP U 616 -60.55 -25.73 52.68
CA ASP U 616 -61.50 -26.50 53.48
C ASP U 616 -62.47 -27.25 52.58
N PRO U 617 -62.64 -28.56 52.78
CA PRO U 617 -63.59 -29.31 51.95
C PRO U 617 -65.04 -29.02 52.29
N ARG U 618 -65.31 -28.34 53.41
CA ARG U 618 -66.69 -28.00 53.75
C ARG U 618 -67.31 -27.07 52.72
N TYR U 619 -66.52 -26.12 52.20
CA TYR U 619 -66.98 -25.20 51.18
C TYR U 619 -66.90 -25.78 49.78
N ARG U 620 -66.37 -26.99 49.62
CA ARG U 620 -66.27 -27.61 48.31
C ARG U 620 -67.63 -28.05 47.81
N ARG U 621 -67.76 -28.18 46.49
CA ARG U 621 -69.01 -28.56 45.86
C ARG U 621 -68.74 -29.62 44.80
N LYS U 622 -69.59 -30.64 44.76
CA LYS U 622 -69.45 -31.68 43.74
C LYS U 622 -70.11 -31.26 42.43
N SER U 623 -71.17 -30.48 42.49
CA SER U 623 -71.87 -30.05 41.29
C SER U 623 -70.97 -29.17 40.42
N SER U 624 -71.18 -29.25 39.11
CA SER U 624 -70.37 -28.48 38.17
C SER U 624 -70.65 -26.98 38.30
N GLY U 625 -71.83 -26.61 38.80
CA GLY U 625 -72.16 -25.19 38.94
C GLY U 625 -71.29 -24.54 39.98
N ILE U 626 -70.75 -23.37 39.64
CA ILE U 626 -69.86 -22.63 40.53
C ILE U 626 -70.55 -21.35 40.97
N ILE U 627 -70.23 -20.91 42.19
CA ILE U 627 -70.82 -19.68 42.72
C ILE U 627 -70.18 -18.47 42.05
N LYS U 628 -71.00 -17.48 41.73
CA LYS U 628 -70.50 -16.26 41.09
C LYS U 628 -71.30 -15.04 41.54
N ASP U 661 -70.83 -10.32 49.97
CA ASP U 661 -71.31 -10.85 51.24
C ASP U 661 -71.77 -12.31 51.08
N ARG U 662 -72.42 -12.61 49.96
CA ARG U 662 -72.91 -13.95 49.69
C ARG U 662 -72.88 -14.21 48.20
N PHE U 663 -72.68 -15.46 47.83
CA PHE U 663 -72.61 -15.88 46.44
C PHE U 663 -73.71 -16.90 46.15
N PHE U 664 -74.13 -16.94 44.90
CA PHE U 664 -75.17 -17.86 44.44
C PHE U 664 -74.58 -18.84 43.45
N PHE U 665 -74.80 -20.13 43.70
CA PHE U 665 -74.30 -21.20 42.85
C PHE U 665 -75.48 -21.94 42.23
N ILE U 666 -75.56 -21.92 40.91
CA ILE U 666 -76.63 -22.59 40.17
C ILE U 666 -76.05 -23.88 39.58
N PRO U 667 -76.39 -25.05 40.13
CA PRO U 667 -75.83 -26.29 39.57
C PRO U 667 -76.47 -26.62 38.23
N GLU U 668 -75.62 -27.02 37.28
CA GLU U 668 -76.06 -27.38 35.93
C GLU U 668 -75.35 -28.64 35.49
N GLU U 669 -76.11 -29.56 34.90
CA GLU U 669 -75.55 -30.83 34.43
C GLU U 669 -74.89 -30.60 33.07
N VAL U 670 -73.56 -30.69 33.04
CA VAL U 670 -72.78 -30.49 31.83
C VAL U 670 -72.08 -31.80 31.48
N HIS U 671 -72.22 -32.23 30.23
CA HIS U 671 -71.62 -33.46 29.75
C HIS U 671 -70.73 -33.15 28.56
N ILE U 672 -69.45 -33.47 28.68
CA ILE U 672 -68.47 -33.22 27.62
C ILE U 672 -68.26 -34.53 26.87
N LEU U 673 -68.81 -34.62 25.66
CA LEU U 673 -68.71 -35.80 24.82
C LEU U 673 -67.85 -35.52 23.59
N PRO U 674 -67.33 -36.56 22.95
CA PRO U 674 -66.52 -36.36 21.75
C PRO U 674 -67.37 -35.93 20.57
N GLY U 675 -66.68 -35.50 19.51
CA GLY U 675 -67.37 -35.08 18.30
C GLY U 675 -68.05 -36.22 17.57
N SER U 676 -67.46 -37.41 17.62
CA SER U 676 -68.00 -38.58 16.96
C SER U 676 -68.98 -39.36 17.83
N SER U 677 -69.46 -38.77 18.92
CA SER U 677 -70.39 -39.43 19.82
C SER U 677 -71.82 -39.15 19.37
N SER U 678 -72.63 -40.21 19.31
CA SER U 678 -74.02 -40.09 18.89
C SER U 678 -74.87 -39.62 20.07
N ILE U 679 -75.53 -38.47 19.90
CA ILE U 679 -76.37 -37.91 20.95
C ILE U 679 -77.81 -38.33 20.70
N MET U 680 -78.46 -38.83 21.74
CA MET U 680 -79.85 -39.27 21.65
C MET U 680 -80.84 -38.18 22.05
N VAL U 681 -80.39 -36.95 22.23
CA VAL U 681 -81.24 -35.85 22.63
C VAL U 681 -81.10 -34.72 21.60
N ARG U 682 -82.18 -33.97 21.43
CA ARG U 682 -82.20 -32.86 20.49
C ARG U 682 -81.89 -31.54 21.19
N ASN U 683 -81.41 -30.58 20.41
CA ASN U 683 -81.07 -29.27 20.96
C ASN U 683 -82.33 -28.53 21.38
N ASN U 684 -82.22 -27.79 22.49
CA ASN U 684 -83.32 -27.00 23.05
C ASN U 684 -84.54 -27.85 23.39
N SER U 685 -84.35 -29.13 23.67
CA SER U 685 -85.44 -30.03 24.01
C SER U 685 -85.52 -30.22 25.51
N ILE U 686 -86.75 -30.40 26.00
CA ILE U 686 -87.00 -30.60 27.43
C ILE U 686 -86.97 -32.11 27.70
N VAL U 687 -85.98 -32.54 28.48
CA VAL U 687 -85.81 -33.94 28.83
C VAL U 687 -86.07 -34.12 30.32
N GLY U 688 -86.74 -35.22 30.67
CA GLY U 688 -87.07 -35.51 32.05
C GLY U 688 -85.94 -36.22 32.77
N VAL U 689 -86.27 -36.76 33.94
CA VAL U 689 -85.29 -37.49 34.74
C VAL U 689 -84.97 -38.82 34.07
N ASP U 690 -83.74 -39.28 34.27
CA ASP U 690 -83.25 -40.55 33.73
C ASP U 690 -83.37 -40.59 32.20
N THR U 691 -83.22 -39.45 31.55
CA THR U 691 -83.30 -39.37 30.10
C THR U 691 -82.01 -39.90 29.48
N GLN U 692 -82.15 -40.83 28.54
CA GLN U 692 -81.00 -41.43 27.88
C GLN U 692 -80.44 -40.43 26.87
N ILE U 693 -79.36 -39.74 27.25
CA ILE U 693 -78.72 -38.78 26.36
C ILE U 693 -77.74 -39.45 25.41
N THR U 694 -77.04 -40.47 25.88
CA THR U 694 -76.09 -41.20 25.05
C THR U 694 -76.34 -42.70 25.14
N LEU U 695 -75.43 -43.50 24.56
CA LEU U 695 -75.59 -44.94 24.59
C LEU U 695 -75.45 -45.50 26.01
N ASN U 696 -74.57 -44.89 26.82
CA ASN U 696 -74.35 -45.35 28.19
C ASN U 696 -74.38 -44.20 29.18
N LEU U 697 -74.93 -43.04 28.80
CA LEU U 697 -75.01 -41.88 29.67
C LEU U 697 -76.46 -41.45 29.80
N ARG U 698 -76.93 -41.35 31.05
CA ARG U 698 -78.31 -40.95 31.34
C ARG U 698 -78.31 -39.61 32.06
N SER U 699 -79.34 -38.81 31.79
CA SER U 699 -79.45 -37.51 32.43
C SER U 699 -79.82 -37.67 33.90
N ARG U 700 -79.11 -36.95 34.77
CA ARG U 700 -79.35 -37.02 36.20
C ARG U 700 -80.44 -36.07 36.67
N VAL U 701 -80.61 -34.93 35.99
CA VAL U 701 -81.61 -33.94 36.35
C VAL U 701 -82.42 -33.58 35.12
N GLY U 702 -83.68 -33.25 35.34
CA GLY U 702 -84.58 -32.88 34.25
C GLY U 702 -84.60 -31.38 34.03
N GLY U 703 -84.56 -30.99 32.76
CA GLY U 703 -84.57 -29.58 32.42
C GLY U 703 -84.35 -29.39 30.93
N LEU U 704 -83.94 -28.18 30.56
CA LEU U 704 -83.69 -27.86 29.16
C LEU U 704 -82.30 -28.34 28.77
N VAL U 705 -82.23 -29.10 27.67
CA VAL U 705 -80.98 -29.66 27.17
C VAL U 705 -80.41 -28.72 26.12
N ARG U 706 -79.16 -28.29 26.33
CA ARG U 706 -78.46 -27.42 25.39
C ARG U 706 -77.25 -28.16 24.85
N VAL U 707 -77.19 -28.29 23.53
CA VAL U 707 -76.11 -29.01 22.85
C VAL U 707 -75.25 -27.99 22.13
N GLU U 708 -74.02 -27.81 22.60
CA GLU U 708 -73.05 -26.90 22.00
C GLU U 708 -72.03 -27.73 21.24
N ARG U 709 -72.08 -27.68 19.91
CA ARG U 709 -71.18 -28.45 19.05
C ARG U 709 -69.96 -27.61 18.73
N LYS U 710 -68.82 -27.96 19.32
CA LYS U 710 -67.57 -27.26 19.07
C LYS U 710 -66.84 -27.92 17.91
N LYS U 711 -65.56 -27.57 17.72
CA LYS U 711 -64.78 -28.14 16.62
C LYS U 711 -64.54 -29.63 16.83
N LYS U 712 -63.95 -30.00 17.97
CA LYS U 712 -63.62 -31.39 18.26
C LYS U 712 -64.21 -31.86 19.58
N ARG U 713 -65.26 -31.21 20.07
CA ARG U 713 -65.88 -31.59 21.33
C ARG U 713 -67.37 -31.27 21.27
N ILE U 714 -68.17 -32.15 21.87
CA ILE U 714 -69.61 -31.98 21.96
C ILE U 714 -69.96 -31.62 23.38
N GLU U 715 -70.46 -30.39 23.58
CA GLU U 715 -70.80 -29.89 24.91
C GLU U 715 -72.31 -29.95 25.09
N LEU U 716 -72.77 -30.83 25.99
CA LEU U 716 -74.18 -30.99 26.30
C LEU U 716 -74.44 -30.45 27.70
N LYS U 717 -75.31 -29.46 27.79
CA LYS U 717 -75.65 -28.81 29.06
C LYS U 717 -77.14 -29.03 29.34
N ILE U 718 -77.44 -29.44 30.57
CA ILE U 718 -78.81 -29.67 31.00
C ILE U 718 -79.11 -28.66 32.10
N PHE U 719 -79.89 -27.63 31.78
CA PHE U 719 -80.26 -26.59 32.72
C PHE U 719 -81.53 -27.02 33.45
N SER U 720 -81.38 -27.52 34.67
CA SER U 720 -82.52 -27.99 35.45
C SER U 720 -83.29 -26.80 36.02
N GLY U 721 -84.61 -26.88 35.94
CA GLY U 721 -85.45 -25.82 36.44
C GLY U 721 -86.86 -25.96 35.93
N ASP U 722 -87.75 -25.16 36.53
CA ASP U 722 -89.17 -25.16 36.15
C ASP U 722 -89.39 -24.19 34.99
N ILE U 723 -90.01 -24.69 33.93
CA ILE U 723 -90.29 -23.86 32.76
C ILE U 723 -91.59 -23.10 32.99
N HIS U 724 -91.52 -21.79 32.94
CA HIS U 724 -92.68 -20.92 33.15
C HIS U 724 -92.88 -20.02 31.94
N PHE U 725 -94.13 -19.80 31.56
CA PHE U 725 -94.46 -18.97 30.42
C PHE U 725 -94.75 -17.56 30.91
N PRO U 726 -93.85 -16.59 30.68
CA PRO U 726 -94.12 -15.22 31.13
C PRO U 726 -95.20 -14.56 30.29
N GLY U 727 -96.01 -13.74 30.95
CA GLY U 727 -97.10 -13.05 30.30
C GLY U 727 -96.63 -11.83 29.52
N GLU U 728 -97.61 -11.07 29.03
CA GLU U 728 -97.29 -9.87 28.26
C GLU U 728 -96.70 -8.78 29.14
N THR U 729 -97.26 -8.59 30.33
CA THR U 729 -96.76 -7.57 31.25
C THR U 729 -95.44 -7.94 31.89
N ASP U 730 -95.05 -9.22 31.83
CA ASP U 730 -93.80 -9.68 32.43
C ASP U 730 -92.65 -9.29 31.50
N LYS U 731 -92.23 -8.02 31.61
CA LYS U 731 -91.14 -7.49 30.80
C LYS U 731 -89.79 -7.74 31.46
N ILE U 732 -89.48 -9.02 31.64
CA ILE U 732 -88.23 -9.42 32.27
C ILE U 732 -87.09 -9.30 31.26
N SER U 733 -85.88 -9.11 31.79
CA SER U 733 -84.70 -9.00 30.92
C SER U 733 -84.42 -10.32 30.23
N ARG U 734 -84.25 -10.26 28.90
CA ARG U 734 -84.01 -11.48 28.13
C ARG U 734 -82.62 -12.03 28.39
N HIS U 735 -81.58 -11.24 28.14
CA HIS U 735 -80.20 -11.70 28.26
C HIS U 735 -79.63 -11.53 29.65
N THR U 736 -80.22 -10.66 30.48
CA THR U 736 -79.72 -10.40 31.83
C THR U 736 -80.53 -11.22 32.83
N GLY U 737 -79.93 -12.29 33.33
CA GLY U 737 -80.61 -13.10 34.33
C GLY U 737 -80.66 -12.40 35.67
N VAL U 738 -81.81 -12.50 36.33
CA VAL U 738 -82.04 -11.85 37.62
C VAL U 738 -82.33 -12.94 38.65
N LEU U 739 -81.70 -12.82 39.82
CA LEU U 739 -81.91 -13.76 40.91
C LEU U 739 -82.91 -13.17 41.90
N ILE U 740 -83.87 -13.98 42.31
CA ILE U 740 -84.93 -13.56 43.24
C ILE U 740 -84.62 -14.14 44.61
N PRO U 741 -84.56 -13.32 45.66
CA PRO U 741 -84.30 -13.85 47.01
C PRO U 741 -85.59 -14.32 47.66
N PRO U 742 -85.52 -14.77 48.91
CA PRO U 742 -86.75 -15.21 49.59
C PRO U 742 -87.66 -14.07 49.96
N GLY U 743 -88.80 -13.96 49.28
CA GLY U 743 -89.73 -12.88 49.56
C GLY U 743 -90.50 -13.12 50.86
N THR U 744 -90.63 -12.05 51.64
CA THR U 744 -91.32 -12.11 52.93
C THR U 744 -92.83 -12.12 52.66
N GLY U 745 -93.36 -13.33 52.50
CA GLY U 745 -94.78 -13.47 52.26
C GLY U 745 -95.59 -13.12 53.48
N LYS U 746 -96.75 -12.51 53.25
CA LYS U 746 -97.63 -12.11 54.34
C LYS U 746 -98.25 -13.34 55.00
N ARG U 747 -98.31 -13.33 56.34
CA ARG U 747 -98.88 -14.45 57.08
C ARG U 747 -100.41 -14.52 56.95
N ASN U 748 -101.05 -13.49 56.40
CA ASN U 748 -102.50 -13.51 56.26
C ASN U 748 -102.93 -14.60 55.28
N SER U 749 -102.28 -14.67 54.13
CA SER U 749 -102.62 -15.68 53.12
C SER U 749 -102.18 -17.05 53.61
N LYS U 750 -103.14 -17.98 53.71
CA LYS U 750 -102.83 -19.32 54.21
C LYS U 750 -102.18 -20.18 53.12
N GLU U 751 -102.77 -20.17 51.92
CA GLU U 751 -102.28 -21.00 50.82
C GLU U 751 -101.03 -20.43 50.15
N SER U 752 -100.44 -19.37 50.70
CA SER U 752 -99.24 -18.77 50.13
C SER U 752 -98.02 -19.58 50.57
N LYS U 753 -97.54 -20.44 49.68
CA LYS U 753 -96.37 -21.26 49.98
C LYS U 753 -95.13 -20.37 50.03
N LYS U 754 -94.53 -20.24 51.21
CA LYS U 754 -93.36 -19.39 51.39
C LYS U 754 -92.15 -20.07 50.76
N VAL U 755 -91.50 -19.38 49.82
CA VAL U 755 -90.31 -19.87 49.15
C VAL U 755 -89.11 -19.52 50.03
N LYS U 756 -88.61 -20.49 50.79
CA LYS U 756 -87.50 -20.26 51.69
C LYS U 756 -86.14 -20.31 50.98
N ASN U 757 -86.10 -20.84 49.76
CA ASN U 757 -84.85 -20.95 49.01
C ASN U 757 -84.86 -19.96 47.85
N TRP U 758 -83.71 -19.35 47.59
CA TRP U 758 -83.59 -18.40 46.49
C TRP U 758 -83.57 -19.14 45.16
N ILE U 759 -84.22 -18.54 44.16
CA ILE U 759 -84.29 -19.12 42.82
C ILE U 759 -83.70 -18.14 41.82
N TYR U 760 -83.06 -18.69 40.79
CA TYR U 760 -82.45 -17.91 39.72
C TYR U 760 -83.31 -18.04 38.47
N VAL U 761 -83.90 -16.92 38.04
CA VAL U 761 -84.77 -16.89 36.88
C VAL U 761 -83.94 -16.51 35.66
N GLN U 762 -83.89 -17.40 34.68
CA GLN U 762 -83.15 -17.16 33.44
C GLN U 762 -84.11 -17.26 32.27
N ARG U 763 -84.04 -16.28 31.37
CA ARG U 763 -84.91 -16.23 30.20
C ARG U 763 -84.26 -16.99 29.06
N ILE U 764 -84.93 -18.06 28.60
CA ILE U 764 -84.44 -18.88 27.50
C ILE U 764 -85.26 -18.54 26.26
N THR U 765 -84.59 -18.05 25.23
CA THR U 765 -85.26 -17.66 23.99
C THR U 765 -84.86 -18.60 22.85
N PRO U 766 -85.46 -19.78 22.76
CA PRO U 766 -85.12 -20.68 21.64
C PRO U 766 -85.62 -20.17 20.30
N SER U 767 -86.76 -19.49 20.27
CA SER U 767 -87.33 -18.95 19.05
C SER U 767 -87.34 -17.42 19.14
N LYS U 768 -87.35 -16.78 17.96
CA LYS U 768 -87.36 -15.33 17.91
C LYS U 768 -88.69 -14.76 18.38
N LYS U 769 -89.77 -15.52 18.25
CA LYS U 769 -91.10 -15.06 18.65
C LYS U 769 -91.57 -15.66 19.97
N LYS U 770 -91.05 -16.81 20.36
CA LYS U 770 -91.45 -17.48 21.60
C LYS U 770 -90.27 -17.56 22.53
N PHE U 771 -90.45 -17.09 23.77
CA PHE U 771 -89.42 -17.12 24.79
C PHE U 771 -89.99 -17.70 26.07
N PHE U 772 -89.16 -18.43 26.81
CA PHE U 772 -89.55 -19.07 28.05
C PHE U 772 -88.63 -18.61 29.18
N VAL U 773 -89.13 -18.75 30.41
CA VAL U 773 -88.39 -18.37 31.61
C VAL U 773 -88.16 -19.63 32.44
N LEU U 774 -86.89 -19.91 32.75
CA LEU U 774 -86.51 -21.07 33.54
C LEU U 774 -86.04 -20.62 34.91
N VAL U 775 -86.64 -21.21 35.95
CA VAL U 775 -86.29 -20.89 37.34
C VAL U 775 -85.34 -21.98 37.81
N ARG U 776 -84.04 -21.72 37.65
CA ARG U 776 -83.02 -22.67 38.06
C ARG U 776 -82.76 -22.56 39.57
N PRO U 777 -82.19 -23.60 40.16
CA PRO U 777 -81.91 -23.56 41.60
C PRO U 777 -80.70 -22.69 41.91
N VAL U 778 -80.51 -22.43 43.20
CA VAL U 778 -79.40 -21.61 43.68
C VAL U 778 -78.88 -22.21 44.98
N VAL U 779 -77.63 -21.84 45.32
CA VAL U 779 -76.97 -22.31 46.53
C VAL U 779 -76.53 -21.09 47.34
N THR U 780 -76.14 -21.34 48.58
CA THR U 780 -75.72 -20.30 49.51
C THR U 780 -74.22 -20.44 49.76
N TYR U 781 -73.47 -19.38 49.46
CA TYR U 781 -72.04 -19.32 49.72
C TYR U 781 -71.71 -17.94 50.29
N GLU U 782 -71.50 -17.87 51.60
CA GLU U 782 -71.26 -16.63 52.30
C GLU U 782 -69.79 -16.52 52.66
N ILE U 783 -69.18 -15.38 52.31
CA ILE U 783 -67.77 -15.16 52.64
C ILE U 783 -67.62 -14.80 54.11
N THR U 784 -68.48 -13.91 54.61
CA THR U 784 -68.39 -13.49 56.01
C THR U 784 -68.75 -14.62 56.95
N ASP U 785 -69.78 -15.39 56.63
CA ASP U 785 -70.19 -16.51 57.47
C ASP U 785 -69.31 -17.73 57.19
N GLY U 786 -68.74 -18.29 58.25
CA GLY U 786 -67.89 -19.46 58.11
C GLY U 786 -66.42 -19.16 58.26
N ILE U 787 -65.86 -19.48 59.42
CA ILE U 787 -64.44 -19.27 59.70
C ILE U 787 -63.95 -20.49 60.48
N ASN U 788 -63.18 -21.35 59.81
CA ASN U 788 -62.66 -22.58 60.41
C ASN U 788 -61.16 -22.64 60.18
N LEU U 789 -60.40 -22.69 61.27
CA LEU U 789 -58.95 -22.78 61.19
C LEU U 789 -58.44 -23.51 62.43
N ALA U 790 -57.56 -24.48 62.21
CA ALA U 790 -57.01 -25.25 63.33
C ALA U 790 -56.04 -24.40 64.13
N THR U 791 -56.11 -24.54 65.45
CA THR U 791 -55.23 -23.79 66.34
C THR U 791 -53.78 -24.23 66.16
N LEU U 792 -52.92 -23.31 65.73
CA LEU U 792 -51.52 -23.60 65.49
C LEU U 792 -50.64 -23.28 66.69
N PHE U 793 -50.90 -22.16 67.37
CA PHE U 793 -50.11 -21.77 68.53
C PHE U 793 -50.96 -21.81 69.79
N PRO U 794 -50.37 -22.18 70.94
CA PRO U 794 -51.17 -22.24 72.16
C PRO U 794 -51.50 -20.86 72.66
N PRO U 795 -52.71 -20.65 73.17
CA PRO U 795 -53.05 -19.35 73.74
C PRO U 795 -52.41 -19.15 75.10
N ASP U 796 -51.94 -17.93 75.34
CA ASP U 796 -51.24 -17.58 76.56
C ASP U 796 -51.83 -16.32 77.16
N PRO U 797 -51.81 -16.18 78.49
CA PRO U 797 -52.38 -14.97 79.10
C PRO U 797 -51.59 -13.71 78.76
N LEU U 798 -50.26 -13.79 78.75
CA LEU U 798 -49.40 -12.66 78.43
C LEU U 798 -48.69 -12.94 77.12
N GLN U 799 -48.91 -12.07 76.13
CA GLN U 799 -48.26 -12.19 74.84
C GLN U 799 -47.46 -10.92 74.55
N GLU U 800 -46.28 -11.10 73.96
CA GLU U 800 -45.39 -10.00 73.66
C GLU U 800 -45.71 -9.46 72.26
N ARG U 801 -44.89 -8.54 71.78
CA ARG U 801 -45.07 -7.93 70.46
C ARG U 801 -43.84 -8.19 69.61
N ASP U 802 -44.06 -8.54 68.35
CA ASP U 802 -42.98 -8.84 67.42
C ASP U 802 -43.27 -8.18 66.08
N ASN U 803 -42.21 -7.92 65.31
CA ASN U 803 -42.37 -7.29 64.01
C ASN U 803 -43.06 -8.23 63.03
N VAL U 804 -42.75 -9.52 63.11
CA VAL U 804 -43.38 -10.49 62.20
C VAL U 804 -44.85 -10.63 62.54
N GLN U 805 -45.69 -10.60 61.50
CA GLN U 805 -47.13 -10.73 61.65
C GLN U 805 -47.64 -11.80 60.70
N LEU U 806 -48.86 -12.29 60.98
CA LEU U 806 -49.49 -13.32 60.18
C LEU U 806 -50.90 -12.89 59.81
N ARG U 807 -51.30 -13.20 58.57
CA ARG U 807 -52.62 -12.85 58.07
C ARG U 807 -53.18 -14.02 57.25
N ILE U 808 -54.48 -14.22 57.35
CA ILE U 808 -55.18 -15.28 56.63
C ILE U 808 -55.90 -14.66 55.44
N VAL U 809 -55.60 -15.17 54.24
CA VAL U 809 -56.17 -14.66 53.01
C VAL U 809 -57.01 -15.78 52.38
N ASN U 810 -58.27 -15.50 52.11
CA ASN U 810 -59.19 -16.44 51.48
C ASN U 810 -59.71 -15.82 50.19
N TYR U 811 -59.38 -16.44 49.07
CA TYR U 811 -59.76 -15.94 47.75
C TYR U 811 -60.50 -17.02 46.97
N ILE U 812 -61.29 -16.59 45.99
CA ILE U 812 -62.03 -17.52 45.16
C ILE U 812 -61.06 -18.28 44.25
N LEU U 813 -61.39 -19.54 43.99
CA LEU U 813 -60.52 -20.36 43.14
C LEU U 813 -60.55 -19.87 41.69
N TYR U 814 -61.72 -19.88 41.08
CA TYR U 814 -61.88 -19.46 39.69
C TYR U 814 -62.45 -18.05 39.62
N GLY U 815 -62.36 -17.46 38.43
CA GLY U 815 -62.86 -16.12 38.23
C GLY U 815 -64.37 -16.08 38.12
N ASN U 816 -64.93 -14.92 38.49
CA ASN U 816 -66.38 -14.75 38.42
C ASN U 816 -66.85 -14.64 36.98
N GLY U 817 -67.96 -15.31 36.68
CA GLY U 817 -68.54 -15.29 35.35
C GLY U 817 -68.01 -16.35 34.40
N LYS U 818 -66.95 -17.06 34.76
CA LYS U 818 -66.37 -18.11 33.92
C LYS U 818 -66.34 -19.42 34.67
N PRO U 819 -67.22 -20.37 34.36
CA PRO U 819 -67.18 -21.66 35.08
C PRO U 819 -66.25 -22.65 34.41
N ILE U 820 -65.34 -23.24 35.18
CA ILE U 820 -64.39 -24.21 34.67
C ILE U 820 -65.03 -25.59 34.68
N ARG U 821 -64.46 -26.49 33.89
CA ARG U 821 -64.98 -27.86 33.82
C ARG U 821 -64.70 -28.60 35.12
N GLY U 822 -65.68 -29.39 35.57
CA GLY U 822 -65.58 -30.12 36.80
C GLY U 822 -65.32 -31.59 36.56
N ILE U 823 -64.28 -32.11 37.19
CA ILE U 823 -63.93 -33.52 37.05
C ILE U 823 -64.93 -34.38 37.81
N SER U 824 -65.26 -35.55 37.24
CA SER U 824 -66.20 -36.44 37.91
C SER U 824 -65.54 -37.13 39.11
N ASP U 825 -64.22 -37.35 39.05
CA ASP U 825 -63.54 -38.04 40.14
C ASP U 825 -63.30 -37.12 41.33
N THR U 826 -62.82 -35.90 41.09
CA THR U 826 -62.50 -34.96 42.14
C THR U 826 -63.46 -33.77 42.08
N SER U 827 -64.05 -33.44 43.22
CA SER U 827 -64.98 -32.31 43.29
C SER U 827 -64.23 -30.99 43.28
N ILE U 828 -64.89 -29.96 42.76
CA ILE U 828 -64.30 -28.64 42.67
C ILE U 828 -64.32 -27.97 44.04
N GLN U 829 -63.36 -27.08 44.27
CA GLN U 829 -63.25 -26.33 45.52
C GLN U 829 -63.76 -24.92 45.27
N LEU U 830 -64.95 -24.63 45.78
CA LEU U 830 -65.55 -23.31 45.58
C LEU U 830 -64.77 -22.23 46.31
N VAL U 831 -64.58 -22.39 47.61
CA VAL U 831 -63.89 -21.42 48.44
C VAL U 831 -62.66 -22.07 49.05
N ARG U 832 -61.55 -21.34 49.06
CA ARG U 832 -60.30 -21.81 49.62
C ARG U 832 -59.73 -20.74 50.56
N THR U 833 -58.80 -21.17 51.41
CA THR U 833 -58.18 -20.29 52.38
C THR U 833 -56.68 -20.56 52.42
N CYS U 834 -55.92 -19.54 52.80
CA CYS U 834 -54.47 -19.65 52.90
C CYS U 834 -53.97 -18.69 53.97
N LEU U 835 -52.78 -18.98 54.49
CA LEU U 835 -52.14 -18.17 55.51
C LEU U 835 -50.84 -17.60 54.98
N VAL U 836 -50.59 -16.33 55.25
CA VAL U 836 -49.40 -15.63 54.80
C VAL U 836 -48.69 -15.02 55.99
N LEU U 837 -47.36 -14.93 55.91
CA LEU U 837 -46.52 -14.36 56.95
C LEU U 837 -45.87 -13.09 56.40
N ASN U 838 -46.30 -11.94 56.92
CA ASN U 838 -45.79 -10.65 56.48
C ASN U 838 -45.36 -9.84 57.69
N TRP U 839 -44.11 -9.40 57.70
CA TRP U 839 -43.62 -8.57 58.80
C TRP U 839 -44.26 -7.19 58.76
N ASN U 840 -44.39 -6.59 59.94
CA ASN U 840 -44.99 -5.26 60.04
C ASN U 840 -44.11 -4.24 59.34
N GLN U 841 -44.74 -3.37 58.56
CA GLN U 841 -44.05 -2.34 57.79
C GLN U 841 -44.47 -0.97 58.30
N ASP U 842 -43.47 -0.14 58.60
CA ASP U 842 -43.75 1.21 59.08
C ASP U 842 -44.30 2.08 57.95
N LYS U 843 -45.09 3.08 58.33
CA LYS U 843 -45.66 4.00 57.34
C LYS U 843 -44.57 4.80 56.66
N LYS U 844 -43.52 5.17 57.40
CA LYS U 844 -42.44 5.97 56.83
C LYS U 844 -41.61 5.14 55.84
N SER U 845 -41.19 3.95 56.25
CA SER U 845 -40.35 3.08 55.43
C SER U 845 -40.95 1.69 55.38
N SER U 846 -41.19 1.18 54.17
CA SER U 846 -41.73 -0.15 54.00
C SER U 846 -40.71 -1.19 54.44
N SER U 847 -41.19 -2.25 55.08
CA SER U 847 -40.34 -3.31 55.62
C SER U 847 -40.66 -4.62 54.91
N CYS U 848 -39.63 -5.34 54.50
CA CYS U 848 -39.78 -6.63 53.82
C CYS U 848 -39.42 -7.74 54.81
N GLU U 849 -40.31 -8.73 54.92
CA GLU U 849 -40.08 -9.82 55.84
C GLU U 849 -38.89 -10.67 55.41
N GLU U 850 -37.99 -10.92 56.37
CA GLU U 850 -36.82 -11.77 56.15
C GLU U 850 -36.84 -12.85 57.22
N ALA U 851 -37.52 -13.95 56.93
CA ALA U 851 -37.69 -15.05 57.87
C ALA U 851 -37.25 -16.35 57.21
N ARG U 852 -36.49 -17.16 57.95
CA ARG U 852 -36.04 -18.46 57.49
C ARG U 852 -36.53 -19.53 58.45
N ALA U 853 -36.80 -20.72 57.91
CA ALA U 853 -37.31 -21.84 58.69
C ALA U 853 -36.22 -22.88 58.84
N SER U 854 -35.93 -23.25 60.08
CA SER U 854 -34.92 -24.25 60.39
C SER U 854 -35.52 -25.33 61.28
N PHE U 855 -35.22 -26.59 60.98
CA PHE U 855 -35.75 -27.69 61.76
C PHE U 855 -35.11 -27.74 63.13
N VAL U 856 -35.93 -27.99 64.15
CA VAL U 856 -35.46 -28.16 65.52
C VAL U 856 -36.02 -29.46 66.05
N GLU U 857 -35.12 -30.34 66.51
CA GLU U 857 -35.50 -31.67 66.99
C GLU U 857 -34.92 -31.89 68.37
N ILE U 858 -35.78 -32.29 69.31
CA ILE U 858 -35.38 -32.65 70.66
C ILE U 858 -35.23 -34.16 70.69
N ARG U 859 -34.05 -34.64 71.07
CA ARG U 859 -33.73 -36.07 71.06
C ARG U 859 -33.96 -36.65 72.45
N THR U 860 -34.92 -37.55 72.55
CA THR U 860 -35.20 -38.25 73.79
C THR U 860 -35.29 -39.74 73.48
N ASN U 861 -34.20 -40.47 73.74
CA ASN U 861 -34.13 -41.91 73.49
C ASN U 861 -34.52 -42.26 72.05
N GLY U 862 -33.90 -41.56 71.11
CA GLY U 862 -34.17 -41.82 69.69
C GLY U 862 -35.53 -41.37 69.23
N LEU U 863 -36.05 -40.29 69.81
CA LEU U 863 -37.32 -39.70 69.39
C LEU U 863 -37.04 -38.29 68.86
N ILE U 864 -37.53 -38.00 67.66
CA ILE U 864 -37.29 -36.73 66.99
C ILE U 864 -38.59 -35.94 66.95
N ARG U 865 -38.51 -34.65 67.28
CA ARG U 865 -39.65 -33.75 67.23
C ARG U 865 -39.57 -32.95 65.93
N HIS U 866 -40.58 -33.12 65.07
CA HIS U 866 -40.63 -32.42 63.79
C HIS U 866 -41.24 -31.03 63.96
N PHE U 867 -40.63 -30.26 64.87
CA PHE U 867 -41.05 -28.89 65.14
C PHE U 867 -40.01 -27.94 64.56
N LEU U 868 -40.29 -27.41 63.38
CA LEU U 868 -39.37 -26.50 62.69
C LEU U 868 -39.70 -25.08 63.06
N ARG U 869 -38.87 -24.47 63.90
CA ARG U 869 -39.10 -23.09 64.32
C ARG U 869 -38.75 -22.13 63.19
N ILE U 870 -39.57 -21.10 63.04
CA ILE U 870 -39.38 -20.06 62.03
C ILE U 870 -39.09 -18.75 62.73
N ASN U 871 -37.92 -18.18 62.46
CA ASN U 871 -37.50 -16.92 63.05
C ASN U 871 -37.26 -15.90 61.96
N LEU U 872 -37.65 -14.66 62.24
CA LEU U 872 -37.51 -13.55 61.30
C LEU U 872 -36.33 -12.69 61.71
N VAL U 873 -35.39 -12.49 60.78
CA VAL U 873 -34.21 -11.67 61.02
C VAL U 873 -34.58 -10.22 60.81
N LYS U 874 -34.55 -9.44 61.89
CA LYS U 874 -34.91 -8.03 61.80
C LYS U 874 -33.85 -7.25 61.02
N SER U 875 -34.29 -6.18 60.35
CA SER U 875 -33.37 -5.35 59.60
C SER U 875 -32.31 -4.69 60.49
N PRO U 876 -32.59 -4.38 61.75
CA PRO U 876 -31.55 -3.78 62.60
C PRO U 876 -30.40 -4.75 62.82
N ILE U 877 -29.19 -4.30 62.49
CA ILE U 877 -28.01 -5.14 62.65
C ILE U 877 -27.68 -5.32 64.12
N SER U 878 -27.90 -4.29 64.94
CA SER U 878 -27.57 -4.33 66.34
C SER U 878 -28.81 -4.03 67.18
N TYR U 879 -28.79 -4.50 68.42
CA TYR U 879 -29.89 -4.27 69.33
C TYR U 879 -29.87 -2.85 69.88
N ILE U 880 -31.06 -2.30 70.12
CA ILE U 880 -31.15 -0.99 70.75
C ILE U 880 -30.70 -1.08 72.21
N GLY U 881 -31.10 -2.16 72.89
CA GLY U 881 -30.68 -2.37 74.27
C GLY U 881 -30.39 -3.83 74.50
N LYS U 882 -29.51 -4.09 75.47
CA LYS U 882 -29.13 -5.47 75.77
C LYS U 882 -30.31 -6.28 76.31
N ARG U 883 -31.25 -5.62 76.99
CA ARG U 883 -32.42 -6.32 77.50
C ARG U 883 -33.28 -6.86 76.36
N ASN U 884 -33.43 -6.08 75.30
CA ASN U 884 -34.19 -6.50 74.12
C ASN U 884 -33.32 -7.18 73.08
N ASP U 885 -32.09 -7.53 73.42
CA ASP U 885 -31.19 -8.16 72.46
C ASP U 885 -31.56 -9.63 72.26
N PRO U 886 -31.21 -10.21 71.13
CA PRO U 886 -31.49 -11.64 70.91
C PRO U 886 -30.65 -12.51 71.84
N SER U 887 -31.16 -13.72 72.10
CA SER U 887 -30.44 -14.64 72.99
C SER U 887 -29.12 -15.07 72.38
N GLY U 888 -29.10 -15.37 71.08
CA GLY U 888 -27.90 -15.80 70.42
C GLY U 888 -27.46 -14.86 69.30
N SER U 889 -26.28 -14.28 69.43
CA SER U 889 -25.70 -13.39 68.42
C SER U 889 -24.28 -13.85 68.13
N GLY U 890 -24.15 -14.78 67.19
CA GLY U 890 -22.84 -15.31 66.83
C GLY U 890 -22.88 -15.96 65.47
N LEU U 891 -21.69 -16.09 64.87
CA LEU U 891 -21.58 -16.76 63.57
C LEU U 891 -21.92 -18.24 63.69
N LEU U 892 -21.38 -18.91 64.72
CA LEU U 892 -21.61 -20.33 64.95
C LEU U 892 -22.06 -20.52 66.39
N SER U 893 -23.22 -21.15 66.58
CA SER U 893 -23.74 -21.39 67.92
C SER U 893 -22.90 -22.44 68.65
N ASP U 894 -22.48 -23.49 67.95
CA ASP U 894 -21.69 -24.54 68.58
C ASP U 894 -20.31 -24.02 68.98
N ASN U 895 -19.76 -23.10 68.22
CA ASN U 895 -18.44 -22.55 68.52
C ASN U 895 -18.48 -21.76 69.82
N GLY U 896 -17.52 -22.04 70.71
CA GLY U 896 -17.42 -21.36 71.99
C GLY U 896 -16.23 -20.44 72.15
N SER U 897 -15.57 -20.04 71.06
CA SER U 897 -14.43 -19.14 71.18
C SER U 897 -14.83 -17.79 71.74
N ASP U 898 -16.05 -17.34 71.43
CA ASP U 898 -16.52 -16.06 71.94
C ASP U 898 -16.72 -16.13 73.45
N CYS U 899 -16.41 -15.02 74.13
CA CYS U 899 -16.59 -14.97 75.58
C CYS U 899 -18.07 -15.06 75.95
N THR U 900 -18.94 -14.42 75.17
CA THR U 900 -20.37 -14.50 75.43
C THR U 900 -20.89 -15.92 75.21
N ASN U 901 -20.35 -16.61 74.21
CA ASN U 901 -20.78 -17.99 73.95
C ASN U 901 -20.36 -18.91 75.09
N ILE U 902 -19.22 -18.63 75.71
CA ILE U 902 -18.75 -19.47 76.81
C ILE U 902 -19.68 -19.32 78.01
N ASN U 903 -20.06 -20.46 78.58
CA ASN U 903 -20.93 -20.44 79.74
C ASN U 903 -20.17 -19.99 80.98
N PRO U 904 -20.85 -19.35 81.93
CA PRO U 904 -20.16 -18.92 83.16
C PRO U 904 -19.83 -20.08 84.09
N PHE U 905 -20.74 -21.05 84.22
CA PHE U 905 -20.48 -22.19 85.09
C PHE U 905 -19.30 -23.01 84.57
N SER U 906 -19.25 -23.24 83.26
CA SER U 906 -18.14 -23.95 82.63
C SER U 906 -17.35 -22.96 81.80
N SER U 907 -16.23 -22.47 82.37
CA SER U 907 -15.42 -21.46 81.73
C SER U 907 -14.21 -22.04 81.01
N ILE U 908 -14.30 -23.30 80.58
CA ILE U 908 -13.20 -23.91 79.83
C ILE U 908 -13.03 -23.21 78.49
N TYR U 909 -14.14 -22.84 77.84
CA TYR U 909 -14.07 -22.14 76.57
C TYR U 909 -13.49 -20.74 76.75
N SER U 910 -13.86 -20.06 77.84
CA SER U 910 -13.28 -18.75 78.11
C SER U 910 -11.78 -18.84 78.37
N TYR U 911 -11.35 -19.87 79.10
CA TYR U 911 -9.92 -20.06 79.33
C TYR U 911 -9.18 -20.38 78.04
N SER U 912 -9.79 -21.18 77.16
CA SER U 912 -9.17 -21.49 75.88
C SER U 912 -9.06 -20.24 75.01
N LYS U 913 -10.08 -19.38 75.05
CA LYS U 913 -10.04 -18.13 74.29
C LYS U 913 -8.97 -17.20 74.85
N ALA U 914 -8.87 -17.09 76.18
CA ALA U 914 -7.86 -16.23 76.78
C ALA U 914 -6.46 -16.76 76.53
N LYS U 915 -6.32 -18.08 76.37
CA LYS U 915 -5.00 -18.66 76.11
C LYS U 915 -4.46 -18.21 74.76
N ILE U 916 -5.35 -17.85 73.82
CA ILE U 916 -4.91 -17.39 72.51
C ILE U 916 -4.14 -16.09 72.66
N GLN U 917 -3.02 -15.99 71.94
CA GLN U 917 -2.18 -14.80 72.00
C GLN U 917 -2.79 -13.67 71.19
N GLN U 918 -2.38 -12.44 71.52
CA GLN U 918 -2.86 -11.27 70.81
C GLN U 918 -2.25 -11.19 69.41
N SER U 919 -2.93 -10.45 68.54
CA SER U 919 -2.47 -10.30 67.17
C SER U 919 -1.28 -9.34 67.10
N ILE U 920 -0.58 -9.38 65.96
CA ILE U 920 0.58 -8.52 65.73
C ILE U 920 0.22 -7.30 64.88
N ASN U 921 -1.05 -6.92 64.84
CA ASN U 921 -1.45 -5.77 64.04
C ASN U 921 -0.81 -4.49 64.56
N GLN U 922 -0.72 -4.34 65.87
CA GLN U 922 -0.06 -3.17 66.44
C GLN U 922 1.42 -3.17 66.07
N PRO U 923 1.95 -2.06 65.56
CA PRO U 923 3.35 -2.01 65.14
C PRO U 923 4.37 -1.90 66.28
N GLN U 924 3.95 -2.07 67.52
CA GLN U 924 4.83 -1.99 68.69
C GLN U 924 5.55 -0.64 68.72
N GLY U 925 4.75 0.43 68.72
CA GLY U 925 5.29 1.77 68.71
C GLY U 925 4.45 2.70 69.56
N THR U 926 4.76 3.99 69.46
CA THR U 926 4.07 5.04 70.19
C THR U 926 3.12 5.76 69.25
N ILE U 927 1.88 5.95 69.70
CA ILE U 927 0.87 6.61 68.89
C ILE U 927 1.14 8.11 68.92
N HIS U 928 1.56 8.65 67.78
CA HIS U 928 1.89 10.07 67.65
C HIS U 928 0.80 10.73 66.81
N THR U 929 -0.07 11.49 67.48
CA THR U 929 -1.17 12.16 66.79
C THR U 929 -0.66 13.36 66.00
N LEU U 930 -1.52 13.84 65.11
CA LEU U 930 -1.23 15.01 64.28
C LEU U 930 -2.12 16.16 64.69
N LEU U 931 -1.50 17.25 65.15
CA LEU U 931 -2.29 18.44 65.51
C LEU U 931 -2.82 19.14 64.28
N ASN U 932 -2.15 18.96 63.13
CA ASN U 932 -2.65 19.57 61.89
C ASN U 932 -4.00 18.98 61.51
N ARG U 933 -4.16 17.67 61.60
CA ARG U 933 -5.42 17.00 61.31
C ARG U 933 -6.31 16.86 62.52
N ASN U 934 -5.97 17.50 63.64
CA ASN U 934 -6.77 17.36 64.85
C ASN U 934 -8.15 17.99 64.69
N LYS U 935 -8.21 19.17 64.06
CA LYS U 935 -9.49 19.84 63.86
C LYS U 935 -10.39 19.04 62.92
N GLU U 936 -9.81 18.52 61.84
CA GLU U 936 -10.55 17.70 60.88
C GLU U 936 -10.45 16.24 61.31
N CYS U 937 -10.85 15.31 60.43
CA CYS U 937 -10.69 13.89 60.71
C CYS U 937 -9.23 13.58 61.01
N GLN U 938 -8.99 13.02 62.19
CA GLN U 938 -7.62 12.87 62.68
C GLN U 938 -6.91 11.70 62.01
N SER U 939 -5.58 11.75 62.06
CA SER U 939 -4.73 10.68 61.56
C SER U 939 -3.71 10.34 62.63
N LEU U 940 -3.05 9.19 62.46
CA LEU U 940 -2.10 8.69 63.44
C LEU U 940 -0.80 8.31 62.76
N ILE U 941 0.31 8.62 63.45
CA ILE U 941 1.64 8.21 63.04
C ILE U 941 2.21 7.34 64.15
N ILE U 942 2.75 6.18 63.77
CA ILE U 942 3.30 5.21 64.72
C ILE U 942 4.82 5.29 64.65
N LEU U 943 5.43 5.67 65.78
CA LEU U 943 6.88 5.77 65.88
C LEU U 943 7.41 4.55 66.61
N SER U 944 8.28 3.79 65.93
CA SER U 944 8.80 2.55 66.49
C SER U 944 10.33 2.55 66.47
N ALA U 945 10.94 1.41 66.79
CA ALA U 945 12.40 1.31 66.79
C ALA U 945 12.99 1.42 65.39
N ALA U 946 12.17 1.21 64.36
CA ALA U 946 12.67 1.37 62.99
C ALA U 946 12.85 2.84 62.63
N ASN U 947 12.05 3.69 63.25
CA ASN U 947 12.09 5.10 62.92
C ASN U 947 13.00 5.86 63.83
N CYS U 948 13.20 5.41 65.05
CA CYS U 948 14.00 6.16 66.00
C CYS U 948 15.20 5.39 66.49
N SER U 949 16.36 6.03 66.50
CA SER U 949 17.58 5.35 66.89
C SER U 949 18.38 6.12 67.91
N ARG U 950 19.21 5.43 68.67
CA ARG U 950 19.98 6.08 69.71
C ARG U 950 21.37 6.28 69.25
N MET U 951 21.83 7.52 69.24
CA MET U 951 23.16 7.82 68.74
C MET U 951 24.31 7.25 69.52
N GLY U 952 24.20 7.20 70.84
CA GLY U 952 25.26 6.58 71.61
C GLY U 952 26.00 7.56 72.46
N PRO U 953 27.11 7.15 73.08
CA PRO U 953 27.73 8.10 74.01
C PRO U 953 28.51 9.17 73.29
N PHE U 954 27.96 10.38 73.31
CA PHE U 954 28.60 11.49 72.62
C PHE U 954 29.93 11.95 73.18
N LYS U 955 30.02 12.05 74.50
CA LYS U 955 31.25 12.50 75.15
C LYS U 955 31.19 12.30 76.66
N SER U 978 19.03 15.99 99.97
CA SER U 978 19.26 16.19 98.53
C SER U 978 17.95 16.13 97.76
N LEU U 979 17.95 15.34 96.68
CA LEU U 979 16.76 15.19 95.85
C LEU U 979 15.74 14.34 96.58
N GLY U 980 14.63 14.96 96.99
CA GLY U 980 13.59 14.27 97.70
C GLY U 980 12.36 15.11 97.95
N PRO U 981 11.31 14.50 98.51
CA PRO U 981 10.08 15.24 98.82
C PRO U 981 10.24 16.12 100.05
N LEU U 982 10.75 17.34 99.84
CA LEU U 982 11.06 18.24 100.95
C LEU U 982 9.89 18.38 101.92
N GLY U 983 8.68 18.58 101.40
CA GLY U 983 7.53 18.70 102.27
C GLY U 983 6.27 18.91 101.46
N THR U 984 5.28 19.50 102.12
CA THR U 984 4.01 19.84 101.49
C THR U 984 3.54 21.19 102.02
N SER U 985 3.01 22.02 101.13
CA SER U 985 2.59 23.36 101.52
C SER U 985 1.39 23.32 102.44
N LEU U 986 1.33 24.28 103.36
CA LEU U 986 0.24 24.44 104.31
C LEU U 986 -0.70 25.55 103.89
N PRO U 987 -1.95 25.54 104.36
CA PRO U 987 -2.86 26.64 104.02
C PRO U 987 -2.38 27.97 104.57
N ILE U 988 -2.83 29.04 103.94
CA ILE U 988 -2.42 30.40 104.27
C ILE U 988 -3.59 31.10 104.96
N GLU U 989 -3.30 31.78 106.07
CA GLU U 989 -4.34 32.57 106.74
C GLU U 989 -4.68 33.82 105.93
N ASN U 990 -3.66 34.57 105.50
CA ASN U 990 -3.86 35.73 104.64
C ASN U 990 -3.99 35.27 103.19
N PHE U 991 -5.13 34.62 102.92
CA PHE U 991 -5.35 34.03 101.60
C PHE U 991 -5.49 35.10 100.52
N TYR U 992 -5.92 36.30 100.89
CA TYR U 992 -6.12 37.36 99.90
C TYR U 992 -4.82 37.74 99.21
N SER U 993 -3.69 37.64 99.91
CA SER U 993 -2.41 37.90 99.29
C SER U 993 -2.00 36.74 98.38
N SER U 994 -1.00 36.98 97.55
CA SER U 994 -0.53 35.98 96.60
C SER U 994 0.45 35.00 97.24
N TYR U 995 0.04 34.39 98.37
CA TYR U 995 0.91 33.43 99.03
C TYR U 995 0.62 32.01 98.57
N HIS U 996 -0.61 31.75 98.12
CA HIS U 996 -0.93 30.43 97.57
C HIS U 996 -0.08 30.12 96.36
N LEU U 997 0.27 31.15 95.58
CA LEU U 997 1.23 30.99 94.50
C LEU U 997 2.62 30.79 95.07
N ILE U 998 3.23 29.64 94.76
CA ILE U 998 4.57 29.34 95.27
C ILE U 998 5.64 30.16 94.58
N THR U 999 5.38 30.64 93.37
CA THR U 999 6.35 31.42 92.62
C THR U 999 5.60 32.39 91.72
N HIS U 1000 6.34 33.33 91.14
CA HIS U 1000 5.78 34.32 90.23
C HIS U 1000 6.52 34.26 88.90
N ASN U 1001 5.77 34.51 87.83
CA ASN U 1001 6.35 34.54 86.49
C ASN U 1001 7.06 35.86 86.25
N GLN U 1002 7.94 35.90 85.27
CA GLN U 1002 8.51 37.17 84.98
C GLN U 1002 7.41 37.76 84.17
N ILE U 1003 6.97 37.02 83.17
CA ILE U 1003 5.97 37.53 82.28
C ILE U 1003 4.58 37.77 82.83
N LEU U 1004 4.07 36.84 83.61
CA LEU U 1004 2.68 36.98 84.06
C LEU U 1004 2.40 37.72 85.36
N VAL U 1005 3.43 38.03 86.14
CA VAL U 1005 3.19 38.63 87.44
C VAL U 1005 2.50 39.95 87.29
N THR U 1006 2.82 40.68 86.23
CA THR U 1006 2.25 42.00 86.06
C THR U 1006 0.75 41.94 86.00
N ASN U 1007 0.21 40.94 85.34
CA ASN U 1007 -1.23 40.86 85.19
C ASN U 1007 -1.95 40.69 86.51
N TYR U 1008 -1.42 39.87 87.39
CA TYR U 1008 -2.15 39.60 88.62
C TYR U 1008 -1.68 40.28 89.88
N LEU U 1009 -0.45 40.76 89.91
CA LEU U 1009 0.07 41.34 91.15
C LEU U 1009 0.51 42.74 90.92
N GLN U 1010 -0.12 43.67 91.61
CA GLN U 1010 0.28 45.05 91.50
C GLN U 1010 1.68 45.10 92.05
N LEU U 1011 2.60 45.73 91.32
CA LEU U 1011 4.00 45.74 91.73
C LEU U 1011 4.30 46.82 92.75
N ASP U 1012 3.28 47.43 93.32
CA ASP U 1012 3.52 48.42 94.38
C ASP U 1012 4.18 47.73 95.55
N ASN U 1013 3.69 46.54 95.90
CA ASN U 1013 4.30 45.77 96.99
C ASN U 1013 5.71 45.33 96.62
N LEU U 1014 5.92 44.95 95.37
CA LEU U 1014 7.22 44.45 94.95
C LEU U 1014 8.15 45.51 94.39
N LYS U 1015 7.75 46.78 94.47
CA LYS U 1015 8.55 47.85 93.89
C LYS U 1015 9.93 47.93 94.52
N GLN U 1016 10.00 47.77 95.84
CA GLN U 1016 11.30 47.75 96.51
C GLN U 1016 12.09 46.54 96.03
N THR U 1017 13.40 46.68 95.86
CA THR U 1017 14.19 45.58 95.35
C THR U 1017 14.13 44.41 96.31
N PHE U 1018 13.87 43.21 95.80
CA PHE U 1018 13.79 42.01 96.64
C PHE U 1018 12.79 42.16 97.77
N GLN U 1019 11.68 42.85 97.52
CA GLN U 1019 10.65 43.02 98.53
C GLN U 1019 10.04 41.67 98.87
N VAL U 1020 9.81 40.86 97.84
CA VAL U 1020 9.26 39.53 98.06
C VAL U 1020 10.26 38.67 98.82
N ILE U 1021 9.77 37.88 99.77
CA ILE U 1021 10.68 37.08 100.58
C ILE U 1021 11.41 36.03 99.76
N LYS U 1022 12.71 35.88 100.02
CA LYS U 1022 13.50 34.86 99.32
C LYS U 1022 13.18 33.48 99.87
N PHE U 1023 13.49 32.45 99.09
CA PHE U 1023 13.21 31.07 99.51
C PHE U 1023 13.63 30.73 100.94
N LYS U 1024 12.66 30.40 101.80
CA LYS U 1024 12.99 29.96 103.15
C LYS U 1024 12.28 28.65 103.40
N TYR U 1025 12.83 27.83 104.28
CA TYR U 1025 12.21 26.55 104.61
C TYR U 1025 11.75 26.59 106.06
N TYR U 1026 10.44 26.64 106.28
CA TYR U 1026 9.93 26.67 107.64
C TYR U 1026 9.22 25.38 108.02
N LEU U 1027 9.90 24.51 108.76
CA LEU U 1027 9.32 23.21 109.09
C LEU U 1027 8.42 23.34 110.31
N MET U 1028 7.29 22.63 110.27
CA MET U 1028 6.34 22.62 111.37
C MET U 1028 6.12 21.19 111.84
N ASP U 1029 6.10 21.02 113.17
CA ASP U 1029 5.85 19.72 113.77
C ASP U 1029 4.35 19.47 113.89
N GLU U 1030 4.01 18.32 114.49
CA GLU U 1030 2.60 18.01 114.71
C GLU U 1030 1.95 18.96 115.70
N ASN U 1031 2.74 19.50 116.64
CA ASN U 1031 2.18 20.43 117.62
C ASN U 1031 1.88 21.79 116.99
N GLY U 1032 2.69 22.20 116.02
CA GLY U 1032 2.52 23.48 115.37
C GLY U 1032 3.61 24.50 115.65
N LYS U 1033 4.84 24.06 115.94
CA LYS U 1033 5.95 24.95 116.24
C LYS U 1033 6.87 25.02 115.03
N ILE U 1034 7.15 26.25 114.58
CA ILE U 1034 8.05 26.44 113.44
C ILE U 1034 9.47 26.11 113.86
N PHE U 1035 10.13 25.25 113.10
CA PHE U 1035 11.45 24.76 113.45
C PHE U 1035 12.37 24.79 112.23
N ASN U 1036 13.63 25.13 112.49
CA ASN U 1036 14.67 25.19 111.47
C ASN U 1036 16.00 25.40 112.17
N PRO U 1037 17.08 24.77 111.70
CA PRO U 1037 18.39 24.99 112.33
C PRO U 1037 18.80 26.45 112.27
N ASP U 1038 18.75 27.03 111.07
CA ASP U 1038 18.90 28.47 110.94
C ASP U 1038 17.54 29.15 111.03
N PRO U 1039 17.42 30.24 111.78
CA PRO U 1039 16.09 30.82 112.02
C PRO U 1039 15.32 31.16 110.76
N CYS U 1040 15.93 31.86 109.81
CA CYS U 1040 15.23 32.29 108.59
C CYS U 1040 16.10 32.11 107.37
N ARG U 1041 16.59 30.88 107.15
CA ARG U 1041 17.51 30.59 106.05
C ARG U 1041 16.96 29.37 105.31
N ASN U 1042 17.78 28.74 104.46
CA ASN U 1042 17.30 27.78 103.46
C ASN U 1042 17.89 26.40 103.73
N ILE U 1043 17.85 25.97 104.99
CA ILE U 1043 18.27 24.63 105.36
C ILE U 1043 17.07 23.70 105.20
N ILE U 1044 17.32 22.54 104.57
CA ILE U 1044 16.27 21.63 104.16
C ILE U 1044 16.40 20.32 104.94
N LEU U 1045 15.25 19.75 105.30
CA LEU U 1045 15.19 18.52 106.08
C LEU U 1045 14.93 17.35 105.14
N ASN U 1046 15.75 16.30 105.27
CA ASN U 1046 15.51 15.09 104.51
C ASN U 1046 14.36 14.31 105.13
N PRO U 1047 13.43 13.77 104.33
CA PRO U 1047 12.29 13.05 104.90
C PRO U 1047 12.67 11.71 105.52
N PHE U 1048 13.55 10.96 104.84
CA PHE U 1048 13.89 9.62 105.31
C PHE U 1048 14.83 9.67 106.51
N ASN U 1049 16.01 10.26 106.31
CA ASN U 1049 17.02 10.27 107.38
C ASN U 1049 16.61 11.20 108.52
N LEU U 1050 15.67 12.11 108.25
CA LEU U 1050 15.26 13.12 109.23
C LEU U 1050 16.44 13.98 109.67
N ASN U 1051 17.38 14.19 108.74
CA ASN U 1051 18.56 15.01 108.99
C ASN U 1051 18.57 16.16 107.99
N TRP U 1052 19.10 17.30 108.44
CA TRP U 1052 19.08 18.50 107.60
C TRP U 1052 20.23 18.46 106.59
N TYR U 1053 19.97 19.05 105.42
CA TYR U 1053 20.97 19.15 104.36
C TYR U 1053 20.72 20.42 103.57
N PHE U 1054 21.63 20.70 102.64
CA PHE U 1054 21.48 21.81 101.71
C PHE U 1054 21.18 21.28 100.31
N LEU U 1055 20.28 21.97 99.61
CA LEU U 1055 19.87 21.54 98.28
C LEU U 1055 20.90 21.83 97.20
N HIS U 1056 21.85 22.74 97.45
CA HIS U 1056 22.86 23.12 96.47
C HIS U 1056 22.20 23.64 95.19
N HIS U 1057 21.56 24.80 95.30
CA HIS U 1057 20.84 25.38 94.17
C HIS U 1057 21.79 25.65 92.99
N ASN U 1058 23.01 26.09 93.28
CA ASN U 1058 23.98 26.31 92.21
C ASN U 1058 24.35 25.00 91.53
N TYR U 1059 24.52 23.93 92.32
CA TYR U 1059 24.77 22.55 91.91
C TYR U 1059 26.19 22.34 91.38
N CYS U 1060 27.00 23.39 91.25
CA CYS U 1060 28.37 23.29 90.74
C CYS U 1060 28.39 22.54 89.40
N GLU U 1061 27.46 22.90 88.52
CA GLU U 1061 27.30 22.25 87.23
C GLU U 1061 27.74 23.18 86.12
N GLU U 1062 28.72 22.75 85.33
CA GLU U 1062 29.20 23.49 84.16
C GLU U 1062 29.28 22.51 82.99
N THR U 1063 28.15 22.34 82.29
CA THR U 1063 28.05 21.44 81.16
C THR U 1063 27.51 22.18 79.96
N SER U 1064 28.11 21.95 78.79
CA SER U 1064 27.70 22.57 77.54
C SER U 1064 27.13 21.50 76.63
N LYS U 1065 25.98 21.79 76.02
CA LYS U 1065 25.29 20.87 75.13
C LYS U 1065 25.68 21.18 73.69
N ILE U 1066 26.21 20.18 72.99
CA ILE U 1066 26.64 20.34 71.61
C ILE U 1066 25.53 19.94 70.63
N ILE U 1067 24.34 19.63 71.14
CA ILE U 1067 23.18 19.30 70.31
C ILE U 1067 21.92 19.71 71.06
N SER U 1068 21.09 20.53 70.43
CA SER U 1068 19.86 21.03 71.03
C SER U 1068 18.67 20.22 70.54
N LEU U 1069 17.61 20.22 71.34
CA LEU U 1069 16.42 19.46 71.01
C LEU U 1069 15.73 20.01 69.77
N GLY U 1070 15.35 19.12 68.86
CA GLY U 1070 14.60 19.50 67.69
C GLY U 1070 15.42 19.99 66.52
N GLN U 1071 16.74 19.88 66.57
CA GLN U 1071 17.60 20.36 65.49
C GLN U 1071 17.78 19.25 64.45
N PHE U 1072 17.47 19.56 63.20
CA PHE U 1072 17.68 18.61 62.11
C PHE U 1072 19.15 18.59 61.73
N ILE U 1073 19.75 17.40 61.79
CA ILE U 1073 21.18 17.23 61.52
C ILE U 1073 21.33 16.34 60.30
N CYS U 1074 21.95 16.86 59.26
CA CYS U 1074 22.17 16.08 58.04
C CYS U 1074 23.27 15.05 58.25
N GLU U 1075 23.55 14.28 57.22
CA GLU U 1075 24.63 13.31 57.27
C GLU U 1075 25.97 14.01 56.99
N ASN U 1076 27.04 13.36 57.45
CA ASN U 1076 28.43 13.82 57.29
C ASN U 1076 28.67 15.17 57.94
N VAL U 1077 27.83 15.59 58.89
CA VAL U 1077 28.02 16.87 59.55
C VAL U 1077 29.23 16.82 60.47
N CYS U 1078 29.51 15.65 61.06
CA CYS U 1078 30.67 15.44 61.91
C CYS U 1078 30.72 16.39 63.09
N ILE U 1079 29.80 16.21 64.04
CA ILE U 1079 29.81 16.99 65.28
C ILE U 1079 31.14 16.92 66.01
N ALA U 1080 31.92 15.86 65.83
CA ALA U 1080 33.25 15.77 66.42
C ALA U 1080 34.12 14.94 65.49
N LYS U 1081 35.43 15.00 65.73
CA LYS U 1081 36.36 14.23 64.91
C LYS U 1081 36.12 12.73 65.06
N ASN U 1082 35.66 12.30 66.23
CA ASN U 1082 35.48 10.87 66.49
C ASN U 1082 34.23 10.33 65.80
N GLY U 1083 33.05 10.86 66.15
CA GLY U 1083 31.81 10.32 65.66
C GLY U 1083 30.95 11.32 64.93
N PRO U 1084 30.63 11.03 63.67
CA PRO U 1084 29.72 11.88 62.92
C PRO U 1084 28.28 11.41 63.07
N PRO U 1085 27.35 12.32 63.35
CA PRO U 1085 25.93 11.94 63.39
C PRO U 1085 25.42 11.53 62.01
N LEU U 1086 24.27 10.88 62.00
CA LEU U 1086 23.73 10.34 60.76
C LEU U 1086 22.21 10.39 60.85
N LYS U 1087 21.53 9.67 59.95
CA LYS U 1087 20.09 9.45 59.86
C LYS U 1087 19.34 10.67 59.33
N SER U 1088 19.98 11.82 59.18
CA SER U 1088 19.37 13.02 58.61
C SER U 1088 18.00 13.32 59.24
N GLY U 1089 17.95 13.27 60.57
CA GLY U 1089 16.69 13.35 61.27
C GLY U 1089 16.71 14.38 62.39
N GLN U 1090 15.53 14.61 62.95
CA GLN U 1090 15.37 15.54 64.06
C GLN U 1090 15.67 14.85 65.38
N VAL U 1091 16.18 15.64 66.33
CA VAL U 1091 16.54 15.13 67.66
C VAL U 1091 15.28 15.20 68.53
N ILE U 1092 14.70 14.04 68.83
CA ILE U 1092 13.46 14.03 69.60
C ILE U 1092 13.74 13.87 71.10
N LEU U 1093 14.84 13.21 71.46
CA LEU U 1093 15.16 12.95 72.85
C LEU U 1093 16.63 13.27 73.11
N VAL U 1094 16.87 14.00 74.21
CA VAL U 1094 18.22 14.36 74.63
C VAL U 1094 18.40 13.86 76.06
N GLN U 1095 19.31 12.90 76.24
CA GLN U 1095 19.62 12.35 77.56
C GLN U 1095 20.98 12.84 78.03
N VAL U 1096 21.38 12.34 79.19
CA VAL U 1096 22.65 12.76 79.78
C VAL U 1096 23.82 12.32 78.90
N ASP U 1097 23.75 11.11 78.36
CA ASP U 1097 24.87 10.53 77.63
C ASP U 1097 24.51 10.05 76.23
N SER U 1098 23.26 10.25 75.80
CA SER U 1098 22.83 9.75 74.50
C SER U 1098 21.75 10.65 73.93
N ILE U 1099 21.64 10.62 72.61
CA ILE U 1099 20.64 11.40 71.87
C ILE U 1099 19.87 10.44 70.96
N VAL U 1100 18.56 10.65 70.88
CA VAL U 1100 17.68 9.84 70.03
C VAL U 1100 17.22 10.72 68.87
N ILE U 1101 17.42 10.24 67.65
CA ILE U 1101 17.09 10.97 66.44
C ILE U 1101 16.02 10.18 65.67
N ARG U 1102 14.91 10.85 65.36
CA ARG U 1102 13.87 10.28 64.51
C ARG U 1102 14.30 10.43 63.06
N SER U 1103 14.43 9.31 62.35
CA SER U 1103 15.00 9.31 61.02
C SER U 1103 14.16 10.15 60.05
N ALA U 1104 14.84 10.78 59.11
CA ALA U 1104 14.20 11.60 58.09
C ALA U 1104 15.13 11.71 56.90
N LYS U 1105 14.63 12.31 55.82
CA LYS U 1105 15.40 12.47 54.59
C LYS U 1105 15.16 13.85 53.98
N PRO U 1106 16.23 14.56 53.64
CA PRO U 1106 16.07 15.89 53.04
C PRO U 1106 15.80 15.82 51.55
N TYR U 1107 14.97 16.75 51.07
CA TYR U 1107 14.68 16.90 49.66
C TYR U 1107 14.97 18.34 49.25
N LEU U 1108 15.98 18.52 48.39
CA LEU U 1108 16.39 19.85 47.97
C LEU U 1108 15.47 20.35 46.86
N ALA U 1109 14.72 21.40 47.15
CA ALA U 1109 13.83 22.00 46.17
C ALA U 1109 14.51 23.21 45.53
N THR U 1110 13.79 23.93 44.67
CA THR U 1110 14.31 25.10 44.00
C THR U 1110 13.21 26.14 43.94
N PRO U 1111 13.57 27.42 43.79
CA PRO U 1111 12.55 28.46 43.66
C PRO U 1111 11.69 28.25 42.42
N GLY U 1112 10.41 28.53 42.56
CA GLY U 1112 9.44 28.30 41.51
C GLY U 1112 8.74 26.96 41.55
N ALA U 1113 9.25 26.00 42.33
CA ALA U 1113 8.62 24.71 42.46
C ALA U 1113 7.40 24.78 43.37
N THR U 1114 6.61 23.71 43.36
CA THR U 1114 5.37 23.62 44.13
C THR U 1114 5.45 22.45 45.09
N VAL U 1115 5.02 22.69 46.33
CA VAL U 1115 5.01 21.66 47.37
C VAL U 1115 3.58 21.17 47.54
N HIS U 1116 3.33 19.91 47.17
CA HIS U 1116 1.98 19.34 47.19
C HIS U 1116 1.69 18.74 48.57
N GLY U 1117 1.50 19.62 49.53
CA GLY U 1117 1.13 19.20 50.88
C GLY U 1117 1.27 20.35 51.86
N HIS U 1118 0.58 20.20 52.99
CA HIS U 1118 0.69 21.15 54.08
C HIS U 1118 1.83 20.73 55.00
N TYR U 1119 2.02 21.49 56.08
CA TYR U 1119 3.10 21.19 57.02
C TYR U 1119 2.89 19.81 57.66
N GLY U 1120 1.80 19.65 58.40
CA GLY U 1120 1.52 18.38 59.04
C GLY U 1120 0.64 17.47 58.22
N GLU U 1121 1.08 17.14 57.00
CA GLU U 1121 0.35 16.25 56.12
C GLU U 1121 1.14 14.97 55.91
N THR U 1122 0.47 13.83 56.07
CA THR U 1122 1.11 12.54 55.87
C THR U 1122 1.27 12.24 54.39
N LEU U 1123 2.46 11.76 54.00
CA LEU U 1123 2.74 11.35 52.64
C LEU U 1123 3.05 9.86 52.63
N TYR U 1124 2.34 9.12 51.80
CA TYR U 1124 2.58 7.70 51.63
C TYR U 1124 3.60 7.46 50.53
N GLU U 1125 4.11 6.23 50.48
CA GLU U 1125 5.08 5.87 49.45
C GLU U 1125 4.45 5.99 48.06
N GLY U 1126 5.18 6.63 47.15
CA GLY U 1126 4.68 6.87 45.82
C GLY U 1126 3.96 8.18 45.62
N ASP U 1127 3.67 8.91 46.70
CA ASP U 1127 3.01 10.20 46.58
C ASP U 1127 3.99 11.25 46.05
N THR U 1128 3.44 12.25 45.37
CA THR U 1128 4.23 13.31 44.76
C THR U 1128 4.47 14.41 45.79
N LEU U 1129 5.73 14.81 45.92
CA LEU U 1129 6.14 15.84 46.87
C LEU U 1129 6.31 17.20 46.21
N VAL U 1130 7.16 17.29 45.18
CA VAL U 1130 7.46 18.54 44.51
C VAL U 1130 7.46 18.30 43.01
N THR U 1131 7.04 19.31 42.25
CA THR U 1131 7.04 19.28 40.79
C THR U 1131 8.06 20.29 40.29
N PHE U 1132 9.03 19.81 39.53
CA PHE U 1132 10.07 20.66 38.95
C PHE U 1132 9.78 20.86 37.46
N ILE U 1133 9.88 22.11 37.00
CA ILE U 1133 9.60 22.40 35.59
C ILE U 1133 10.89 22.71 34.86
N TYR U 1134 11.70 21.68 34.64
CA TYR U 1134 12.95 21.87 33.91
C TYR U 1134 12.71 22.18 32.44
N GLU U 1135 13.44 23.15 31.91
CA GLU U 1135 13.31 23.45 30.49
C GLU U 1135 13.95 22.33 29.67
N LYS U 1136 13.32 21.97 28.56
CA LYS U 1136 14.03 21.41 27.42
C LYS U 1136 13.92 22.32 26.20
N GLY U 1145 9.99 16.49 8.47
CA GLY U 1145 10.42 15.75 7.29
C GLY U 1145 9.36 15.68 6.22
N LEU U 1146 8.92 14.46 5.92
CA LEU U 1146 7.88 14.29 4.91
C LEU U 1146 6.57 14.96 5.29
N PRO U 1147 6.09 14.93 6.54
CA PRO U 1147 4.93 15.77 6.89
C PRO U 1147 5.16 17.25 6.63
N LYS U 1148 6.38 17.73 6.88
CA LYS U 1148 6.68 19.12 6.58
C LYS U 1148 6.66 19.38 5.08
N VAL U 1149 7.07 18.38 4.28
CA VAL U 1149 7.00 18.52 2.83
C VAL U 1149 5.55 18.60 2.38
N GLU U 1150 4.67 17.83 2.98
CA GLU U 1150 3.30 17.86 2.51
C GLU U 1150 2.75 19.19 2.86
N GLN U 1151 3.13 19.70 4.01
CA GLN U 1151 2.56 20.94 4.47
C GLN U 1151 2.86 22.11 3.58
N VAL U 1152 4.10 22.24 3.13
CA VAL U 1152 4.39 23.39 2.33
C VAL U 1152 3.65 23.30 1.02
N LEU U 1153 3.63 22.13 0.41
CA LEU U 1153 3.03 21.98 -0.91
C LEU U 1153 1.55 22.24 -0.90
N GLU U 1154 0.84 21.74 0.08
CA GLU U 1154 -0.55 22.05 0.16
C GLU U 1154 -0.50 23.24 1.04
N VAL U 1155 -0.67 24.42 0.49
CA VAL U 1155 -0.48 25.61 1.29
C VAL U 1155 -1.72 25.87 2.07
N ARG U 1156 -1.84 25.20 3.20
CA ARG U 1156 -2.99 25.40 4.04
C ARG U 1156 -3.02 26.80 4.58
N SER U 1157 -1.88 27.30 5.05
CA SER U 1157 -1.82 28.65 5.57
C SER U 1157 -0.47 29.22 5.28
N VAL U 1158 -0.41 30.51 5.10
CA VAL U 1158 0.86 31.10 4.76
C VAL U 1158 1.65 31.27 6.06
N ASP U 1159 0.99 31.25 7.20
CA ASP U 1159 1.77 31.34 8.44
C ASP U 1159 2.53 30.05 8.71
N SER U 1160 1.97 28.97 8.19
CA SER U 1160 2.59 27.70 8.39
C SER U 1160 3.86 27.73 7.58
N ILE U 1161 3.79 28.17 6.34
CA ILE U 1161 4.99 28.13 5.55
C ILE U 1161 6.07 29.05 6.11
N SER U 1162 5.70 30.25 6.55
CA SER U 1162 6.68 31.14 7.16
C SER U 1162 5.99 32.31 7.80
N MET U 1163 6.51 32.80 8.91
CA MET U 1163 5.88 34.00 9.45
C MET U 1163 6.35 35.25 8.73
N ASN U 1164 7.64 35.31 8.38
CA ASN U 1164 8.17 36.46 7.66
C ASN U 1164 7.52 36.58 6.29
N LEU U 1165 7.23 35.45 5.64
CA LEU U 1165 6.57 35.49 4.33
C LEU U 1165 5.17 36.09 4.44
N GLU U 1166 4.39 35.63 5.42
CA GLU U 1166 3.05 36.19 5.62
C GLU U 1166 3.12 37.66 5.97
N LYS U 1167 4.07 38.05 6.82
CA LYS U 1167 4.22 39.45 7.20
C LYS U 1167 4.52 40.31 5.98
N ARG U 1168 5.48 39.88 5.15
CA ARG U 1168 5.82 40.66 3.97
C ARG U 1168 4.66 40.70 2.97
N ILE U 1169 3.94 39.59 2.83
CA ILE U 1169 2.83 39.55 1.88
C ILE U 1169 1.72 40.51 2.31
N GLU U 1170 1.36 40.48 3.60
CA GLU U 1170 0.31 41.40 4.06
C GLU U 1170 0.79 42.85 4.02
N GLY U 1171 2.08 43.08 4.27
CA GLY U 1171 2.62 44.42 4.14
C GLY U 1171 2.52 44.95 2.72
N TRP U 1172 2.86 44.11 1.74
CA TRP U 1172 2.71 44.52 0.34
C TRP U 1172 1.25 44.76 0.00
N ASN U 1173 0.37 43.82 0.38
CA ASN U 1173 -1.06 43.97 0.10
C ASN U 1173 -1.61 45.27 0.67
N LYS U 1174 -1.10 45.68 1.83
CA LYS U 1174 -1.60 46.91 2.44
C LYS U 1174 -0.99 48.15 1.79
N CYS U 1175 0.32 48.14 1.54
CA CYS U 1175 1.01 49.36 1.15
C CYS U 1175 0.87 49.64 -0.33
N ILE U 1176 0.90 48.61 -1.19
CA ILE U 1176 1.00 48.81 -2.62
C ILE U 1176 -0.23 49.51 -3.19
N THR U 1177 -1.35 49.53 -2.45
CA THR U 1177 -2.53 50.24 -2.92
C THR U 1177 -2.30 51.74 -2.94
N ARG U 1178 -1.51 52.25 -2.00
CA ARG U 1178 -1.21 53.67 -1.91
C ARG U 1178 -0.41 54.15 -3.12
N ILE U 1179 0.80 53.63 -3.28
CA ILE U 1179 1.69 54.11 -4.33
C ILE U 1179 1.40 53.38 -5.63
N LEU U 1180 1.89 53.94 -6.74
CA LEU U 1180 1.87 53.32 -8.06
C LEU U 1180 0.47 53.27 -8.66
N GLY U 1181 -0.52 53.78 -7.95
CA GLY U 1181 -1.86 53.89 -8.51
C GLY U 1181 -2.56 52.55 -8.68
N ILE U 1182 -3.63 52.60 -9.47
CA ILE U 1182 -4.50 51.46 -9.72
C ILE U 1182 -3.88 50.47 -10.71
N PRO U 1183 -3.38 50.88 -11.90
CA PRO U 1183 -3.04 49.88 -12.91
C PRO U 1183 -1.67 49.24 -12.71
N TRP U 1184 -0.76 49.97 -12.07
CA TRP U 1184 0.60 49.49 -11.86
C TRP U 1184 0.89 49.18 -10.40
N GLY U 1185 -0.15 48.95 -9.60
CA GLY U 1185 0.05 48.48 -8.24
C GLY U 1185 -0.24 47.01 -8.11
N PHE U 1186 -1.36 46.57 -8.69
CA PHE U 1186 -1.74 45.16 -8.61
C PHE U 1186 -0.73 44.28 -9.33
N LEU U 1187 -0.27 44.71 -10.50
CA LEU U 1187 0.66 43.90 -11.28
C LEU U 1187 1.99 43.74 -10.56
N ILE U 1188 2.53 44.84 -10.04
CA ILE U 1188 3.83 44.78 -9.38
C ILE U 1188 3.72 44.03 -8.05
N GLY U 1189 2.59 44.18 -7.35
CA GLY U 1189 2.41 43.41 -6.13
C GLY U 1189 2.31 41.93 -6.41
N ALA U 1190 1.61 41.55 -7.47
CA ALA U 1190 1.51 40.14 -7.85
C ALA U 1190 2.89 39.59 -8.23
N GLU U 1191 3.68 40.36 -8.98
CA GLU U 1191 5.01 39.89 -9.37
C GLU U 1191 5.91 39.74 -8.14
N LEU U 1192 5.88 40.71 -7.23
CA LEU U 1192 6.70 40.62 -6.03
C LEU U 1192 6.30 39.43 -5.17
N THR U 1193 4.99 39.21 -4.99
CA THR U 1193 4.53 38.07 -4.20
C THR U 1193 4.90 36.75 -4.87
N ILE U 1194 4.79 36.68 -6.20
CA ILE U 1194 5.18 35.47 -6.91
C ILE U 1194 6.65 35.17 -6.70
N ALA U 1195 7.50 36.19 -6.84
CA ALA U 1195 8.94 35.98 -6.67
C ALA U 1195 9.26 35.52 -5.25
N GLN U 1196 8.74 36.24 -4.25
CA GLN U 1196 9.05 35.89 -2.86
C GLN U 1196 8.51 34.52 -2.49
N SER U 1197 7.29 34.18 -2.94
CA SER U 1197 6.70 32.90 -2.59
C SER U 1197 7.44 31.76 -3.25
N ARG U 1198 7.79 31.90 -4.53
CA ARG U 1198 8.56 30.86 -5.21
C ARG U 1198 9.90 30.65 -4.52
N ILE U 1199 10.62 31.75 -4.23
CA ILE U 1199 11.92 31.62 -3.58
C ILE U 1199 11.77 30.94 -2.23
N SER U 1200 10.73 31.32 -1.51
CA SER U 1200 10.53 30.74 -0.22
C SER U 1200 10.08 29.33 -0.35
N LEU U 1201 9.14 29.06 -1.22
CA LEU U 1201 8.62 27.72 -1.29
C LEU U 1201 9.72 26.77 -1.69
N VAL U 1202 10.57 27.14 -2.61
CA VAL U 1202 11.67 26.27 -2.93
C VAL U 1202 12.67 26.14 -1.78
N ASN U 1203 13.29 27.24 -1.34
CA ASN U 1203 14.31 27.15 -0.31
C ASN U 1203 13.88 26.22 0.82
N LYS U 1204 12.62 26.32 1.26
CA LYS U 1204 12.14 25.48 2.34
C LYS U 1204 12.18 24.01 1.96
N ILE U 1205 11.62 23.66 0.80
CA ILE U 1205 11.57 22.26 0.39
C ILE U 1205 12.98 21.72 0.18
N GLN U 1206 13.86 22.52 -0.42
CA GLN U 1206 15.22 22.05 -0.67
C GLN U 1206 16.00 21.87 0.62
N GLN U 1207 15.79 22.76 1.60
CA GLN U 1207 16.44 22.59 2.90
C GLN U 1207 15.92 21.33 3.60
N VAL U 1208 14.61 21.09 3.54
CA VAL U 1208 14.05 19.90 4.17
C VAL U 1208 14.62 18.64 3.54
N TYR U 1209 14.82 18.67 2.22
CA TYR U 1209 15.36 17.49 1.53
C TYR U 1209 16.84 17.33 1.82
N ARG U 1210 17.59 18.43 1.90
CA ARG U 1210 19.02 18.34 2.11
C ARG U 1210 19.41 18.06 3.55
N SER U 1211 18.51 18.33 4.50
CA SER U 1211 18.82 18.03 5.90
C SER U 1211 19.01 16.53 6.11
N GLN U 1212 18.34 15.70 5.32
CA GLN U 1212 18.46 14.25 5.42
C GLN U 1212 19.47 13.67 4.44
N GLY U 1213 20.07 14.49 3.58
CA GLY U 1213 21.03 14.02 2.61
C GLY U 1213 20.47 13.72 1.24
N VAL U 1214 19.20 14.02 1.00
CA VAL U 1214 18.56 13.76 -0.30
C VAL U 1214 18.88 14.92 -1.22
N GLN U 1215 19.62 14.64 -2.29
CA GLN U 1215 20.05 15.66 -3.24
C GLN U 1215 19.12 15.63 -4.45
N ILE U 1216 18.29 16.67 -4.59
CA ILE U 1216 17.37 16.81 -5.71
C ILE U 1216 17.65 18.14 -6.40
N HIS U 1217 17.40 18.17 -7.70
CA HIS U 1217 17.61 19.37 -8.50
C HIS U 1217 16.41 20.29 -8.40
N ASN U 1218 16.69 21.59 -8.34
CA ASN U 1218 15.64 22.58 -8.12
C ASN U 1218 14.65 22.68 -9.28
N ARG U 1219 14.98 22.12 -10.44
CA ARG U 1219 14.09 22.24 -11.59
C ARG U 1219 12.78 21.48 -11.36
N HIS U 1220 12.87 20.27 -10.83
CA HIS U 1220 11.67 19.48 -10.55
C HIS U 1220 10.77 20.18 -9.55
N LEU U 1221 11.36 20.81 -8.53
CA LEU U 1221 10.57 21.56 -7.55
C LEU U 1221 9.96 22.81 -8.17
N GLU U 1222 10.65 23.38 -9.13
CA GLU U 1222 10.12 24.57 -9.79
C GLU U 1222 8.90 24.31 -10.64
N ILE U 1223 8.84 23.20 -11.33
CA ILE U 1223 7.72 22.98 -12.21
C ILE U 1223 6.47 22.89 -11.37
N ILE U 1224 6.53 22.18 -10.27
CA ILE U 1224 5.39 22.06 -9.40
C ILE U 1224 5.03 23.38 -8.80
N VAL U 1225 6.02 24.13 -8.37
CA VAL U 1225 5.75 25.38 -7.70
C VAL U 1225 5.05 26.32 -8.64
N ARG U 1226 5.41 26.31 -9.90
CA ARG U 1226 4.80 27.28 -10.78
C ARG U 1226 3.32 27.07 -10.76
N GLN U 1227 2.88 25.84 -10.78
CA GLN U 1227 1.46 25.59 -10.85
C GLN U 1227 0.76 26.13 -9.62
N ILE U 1228 1.38 26.02 -8.47
CA ILE U 1228 0.79 26.50 -7.24
C ILE U 1228 0.65 27.99 -7.29
N THR U 1229 1.65 28.66 -7.81
CA THR U 1229 1.63 30.09 -7.81
C THR U 1229 1.34 30.69 -9.17
N SER U 1230 0.47 30.05 -9.92
CA SER U 1230 0.22 30.55 -11.28
C SER U 1230 -1.16 31.16 -11.45
N LYS U 1231 -2.02 31.11 -10.45
CA LYS U 1231 -3.37 31.64 -10.55
C LYS U 1231 -3.55 32.81 -9.60
N VAL U 1232 -4.53 33.66 -9.91
CA VAL U 1232 -4.82 34.86 -9.16
C VAL U 1232 -6.31 34.88 -8.84
N LEU U 1233 -6.68 35.55 -7.74
CA LEU U 1233 -8.05 35.62 -7.29
C LEU U 1233 -8.55 37.05 -7.41
N VAL U 1234 -9.64 37.23 -8.17
CA VAL U 1234 -10.24 38.56 -8.30
C VAL U 1234 -10.94 38.94 -7.01
N SER U 1235 -10.76 40.20 -6.60
CA SER U 1235 -11.37 40.67 -5.36
C SER U 1235 -12.88 40.86 -5.56
N GLU U 1236 -13.59 40.92 -4.42
CA GLU U 1236 -15.05 41.02 -4.45
C GLU U 1236 -15.53 42.38 -4.95
N ASP U 1237 -14.66 43.39 -4.97
CA ASP U 1237 -15.11 44.74 -5.33
C ASP U 1237 -15.43 44.85 -6.81
N GLY U 1238 -14.61 44.25 -7.66
CA GLY U 1238 -14.75 44.40 -9.10
C GLY U 1238 -15.62 43.36 -9.78
N MET U 1239 -16.75 43.79 -10.31
CA MET U 1239 -17.65 42.93 -11.08
C MET U 1239 -17.96 43.60 -12.41
N SER U 1240 -17.73 42.89 -13.51
CA SER U 1240 -17.98 43.42 -14.84
C SER U 1240 -18.44 42.29 -15.75
N ASN U 1241 -18.67 42.63 -17.02
CA ASN U 1241 -19.08 41.60 -17.99
C ASN U 1241 -17.94 40.65 -18.31
N VAL U 1242 -16.69 41.10 -18.16
CA VAL U 1242 -15.56 40.25 -18.48
C VAL U 1242 -15.28 39.26 -17.35
N PHE U 1243 -15.28 39.74 -16.11
CA PHE U 1243 -14.91 38.91 -14.97
C PHE U 1243 -15.89 39.16 -13.82
N SER U 1244 -16.01 38.15 -12.95
CA SER U 1244 -16.87 38.18 -11.79
C SER U 1244 -16.05 38.05 -10.51
N PRO U 1245 -16.57 38.56 -9.39
CA PRO U 1245 -15.81 38.49 -8.13
C PRO U 1245 -15.67 37.05 -7.66
N GLY U 1246 -14.48 36.74 -7.14
CA GLY U 1246 -14.20 35.40 -6.63
C GLY U 1246 -13.71 34.42 -7.67
N GLU U 1247 -13.58 34.83 -8.93
CA GLU U 1247 -13.11 33.94 -9.97
C GLU U 1247 -11.59 33.74 -9.86
N LEU U 1248 -11.11 32.69 -10.50
CA LEU U 1248 -9.70 32.36 -10.54
C LEU U 1248 -9.22 32.39 -11.99
N ILE U 1249 -8.24 33.26 -12.27
CA ILE U 1249 -7.66 33.41 -13.59
C ILE U 1249 -6.15 33.20 -13.46
N GLY U 1250 -5.45 33.27 -14.59
CA GLY U 1250 -4.02 33.09 -14.64
C GLY U 1250 -3.30 34.41 -14.51
N LEU U 1251 -2.08 34.37 -13.94
CA LEU U 1251 -1.33 35.59 -13.69
C LEU U 1251 -1.03 36.33 -15.00
N LEU U 1252 -0.52 35.61 -16.00
CA LEU U 1252 -0.23 36.26 -17.28
C LEU U 1252 -1.51 36.78 -17.94
N ARG U 1253 -2.59 36.00 -17.89
CA ARG U 1253 -3.85 36.46 -18.44
C ARG U 1253 -4.38 37.68 -17.70
N ALA U 1254 -4.26 37.67 -16.36
CA ALA U 1254 -4.71 38.82 -15.57
C ALA U 1254 -3.91 40.06 -15.91
N GLU U 1255 -2.58 39.93 -16.05
CA GLU U 1255 -1.76 41.08 -16.39
C GLU U 1255 -2.08 41.60 -17.80
N ARG U 1256 -2.30 40.69 -18.75
CA ARG U 1256 -2.62 41.12 -20.10
C ARG U 1256 -3.99 41.77 -20.18
N MET U 1257 -4.94 41.32 -19.34
CA MET U 1257 -6.24 41.99 -19.29
C MET U 1257 -6.14 43.35 -18.61
N GLY U 1258 -5.31 43.46 -17.57
CA GLY U 1258 -5.13 44.74 -16.91
C GLY U 1258 -4.46 45.77 -17.81
N ARG U 1259 -3.49 45.32 -18.62
CA ARG U 1259 -2.85 46.23 -19.57
C ARG U 1259 -3.84 46.72 -20.62
N ALA U 1260 -4.78 45.87 -21.03
CA ALA U 1260 -5.66 46.22 -22.14
C ALA U 1260 -6.91 46.97 -21.65
N LEU U 1261 -7.52 46.50 -20.58
CA LEU U 1261 -8.83 46.98 -20.16
C LEU U 1261 -8.68 48.09 -19.12
N GLU U 1262 -9.33 49.23 -19.39
CA GLU U 1262 -9.35 50.30 -18.39
C GLU U 1262 -10.20 49.92 -17.19
N GLU U 1263 -11.19 49.06 -17.40
CA GLU U 1263 -12.04 48.59 -16.30
C GLU U 1263 -11.19 48.03 -15.16
N ALA U 1264 -11.38 48.59 -13.97
CA ALA U 1264 -10.55 48.21 -12.83
C ALA U 1264 -10.76 46.74 -12.48
N ILE U 1265 -9.68 45.96 -12.59
CA ILE U 1265 -9.68 44.55 -12.22
C ILE U 1265 -8.82 44.39 -10.98
N CYS U 1266 -9.45 44.09 -9.86
CA CYS U 1266 -8.76 43.95 -8.58
C CYS U 1266 -8.50 42.47 -8.33
N TYR U 1267 -7.23 42.08 -8.42
CA TYR U 1267 -6.84 40.70 -8.27
C TYR U 1267 -5.70 40.60 -7.26
N ARG U 1268 -5.74 39.54 -6.45
CA ARG U 1268 -4.73 39.29 -5.45
C ARG U 1268 -4.28 37.83 -5.55
N VAL U 1269 -3.03 37.60 -5.22
CA VAL U 1269 -2.40 36.30 -5.44
C VAL U 1269 -2.88 35.31 -4.39
N VAL U 1270 -3.42 34.20 -4.89
CA VAL U 1270 -3.86 33.16 -4.01
C VAL U 1270 -2.92 32.02 -4.27
N LEU U 1271 -2.17 31.61 -3.26
CA LEU U 1271 -1.33 30.47 -3.45
C LEU U 1271 -2.28 29.32 -3.31
N LEU U 1272 -2.27 28.41 -4.27
CA LEU U 1272 -3.22 27.31 -4.26
C LEU U 1272 -2.52 26.04 -3.94
N GLY U 1273 -3.08 25.27 -3.04
CA GLY U 1273 -2.46 24.02 -2.66
C GLY U 1273 -2.58 23.01 -3.75
N ILE U 1274 -1.65 22.07 -3.77
CA ILE U 1274 -1.66 21.03 -4.77
C ILE U 1274 -3.06 20.50 -5.04
N THR U 1275 -3.80 20.18 -4.00
CA THR U 1275 -5.09 19.56 -4.22
C THR U 1275 -6.05 20.53 -4.86
N ARG U 1276 -6.06 21.76 -4.40
CA ARG U 1276 -6.98 22.73 -4.94
C ARG U 1276 -6.67 22.95 -6.37
N ALA U 1277 -5.39 22.99 -6.69
CA ALA U 1277 -5.01 23.28 -8.04
C ALA U 1277 -5.54 22.25 -8.97
N SER U 1278 -5.45 21.00 -8.58
CA SER U 1278 -5.92 19.95 -9.43
C SER U 1278 -7.40 20.06 -9.63
N LEU U 1279 -8.11 20.40 -8.58
CA LEU U 1279 -9.55 20.47 -8.67
C LEU U 1279 -9.94 21.65 -9.52
N ASN U 1280 -9.00 22.51 -9.84
CA ASN U 1280 -9.31 23.61 -10.75
C ASN U 1280 -8.40 23.48 -11.96
N THR U 1281 -8.89 22.82 -13.01
CA THR U 1281 -8.11 22.58 -14.22
C THR U 1281 -9.02 22.76 -15.42
N GLN U 1282 -8.41 22.72 -16.61
CA GLN U 1282 -9.17 22.87 -17.85
C GLN U 1282 -9.91 21.60 -18.23
N SER U 1283 -9.53 20.45 -17.68
CA SER U 1283 -10.12 19.17 -18.03
C SER U 1283 -10.93 18.65 -16.85
N PHE U 1284 -12.20 18.32 -17.09
CA PHE U 1284 -13.06 17.83 -16.01
C PHE U 1284 -12.90 16.33 -15.80
N ILE U 1285 -12.26 15.62 -16.75
CA ILE U 1285 -12.16 14.17 -16.65
C ILE U 1285 -10.82 13.70 -16.11
N SER U 1286 -9.76 14.52 -16.20
CA SER U 1286 -8.45 14.08 -15.77
C SER U 1286 -8.15 14.47 -14.33
N GLU U 1287 -8.16 15.77 -14.04
CA GLU U 1287 -7.80 16.21 -12.70
C GLU U 1287 -9.01 16.49 -11.83
N ALA U 1288 -10.15 16.85 -12.42
CA ALA U 1288 -11.34 17.09 -11.62
C ALA U 1288 -11.92 15.79 -11.08
N SER U 1289 -11.85 14.72 -11.87
CA SER U 1289 -12.37 13.41 -11.47
C SER U 1289 -11.29 12.58 -10.79
N PHE U 1290 -10.75 13.10 -9.69
CA PHE U 1290 -9.76 12.39 -8.90
C PHE U 1290 -10.09 12.34 -7.41
N GLN U 1291 -10.71 13.39 -6.87
CA GLN U 1291 -11.15 13.35 -5.47
C GLN U 1291 -12.67 13.42 -5.37
N GLU U 1292 -13.27 14.46 -5.96
CA GLU U 1292 -14.72 14.66 -5.93
C GLU U 1292 -15.26 14.45 -7.33
N THR U 1293 -15.57 13.19 -7.65
CA THR U 1293 -16.04 12.87 -8.99
C THR U 1293 -17.45 13.39 -9.24
N ALA U 1294 -18.38 13.09 -8.33
CA ALA U 1294 -19.78 13.44 -8.55
C ALA U 1294 -19.98 14.95 -8.61
N ARG U 1295 -19.28 15.69 -7.74
CA ARG U 1295 -19.43 17.15 -7.73
C ARG U 1295 -19.00 17.77 -9.05
N VAL U 1296 -17.79 17.45 -9.51
CA VAL U 1296 -17.29 18.06 -10.73
C VAL U 1296 -18.07 17.55 -11.94
N LEU U 1297 -18.55 16.31 -11.88
CA LEU U 1297 -19.38 15.80 -12.96
C LEU U 1297 -20.70 16.56 -13.07
N ALA U 1298 -21.37 16.79 -11.94
CA ALA U 1298 -22.61 17.55 -11.96
C ALA U 1298 -22.35 18.99 -12.40
N LYS U 1299 -21.24 19.58 -11.95
CA LYS U 1299 -20.93 20.96 -12.34
C LYS U 1299 -20.69 21.06 -13.85
N ALA U 1300 -19.88 20.15 -14.41
CA ALA U 1300 -19.62 20.18 -15.84
C ALA U 1300 -20.88 19.87 -16.64
N ALA U 1301 -21.74 19.00 -16.11
CA ALA U 1301 -22.98 18.67 -16.81
C ALA U 1301 -23.93 19.87 -16.84
N LEU U 1302 -24.05 20.59 -15.72
CA LEU U 1302 -24.91 21.75 -15.70
C LEU U 1302 -24.34 22.89 -16.54
N ARG U 1303 -23.02 23.06 -16.52
CA ARG U 1303 -22.40 24.09 -17.35
C ARG U 1303 -22.39 23.70 -18.82
N GLY U 1304 -21.98 22.47 -19.13
CA GLY U 1304 -21.87 22.04 -20.51
C GLY U 1304 -20.44 22.15 -21.01
N ARG U 1305 -19.49 21.88 -20.11
CA ARG U 1305 -18.08 22.07 -20.43
C ARG U 1305 -17.65 21.17 -21.58
N ILE U 1306 -16.65 21.65 -22.33
CA ILE U 1306 -16.04 20.90 -23.42
C ILE U 1306 -14.55 20.78 -23.12
N ASP U 1307 -14.06 19.54 -23.12
CA ASP U 1307 -12.67 19.26 -22.79
C ASP U 1307 -11.92 18.85 -24.05
N TRP U 1308 -10.83 19.56 -24.35
CA TRP U 1308 -9.95 19.22 -25.46
C TRP U 1308 -8.81 18.36 -24.91
N LEU U 1309 -8.67 17.15 -25.46
CA LEU U 1309 -7.79 16.14 -24.87
C LEU U 1309 -6.32 16.47 -25.16
N LYS U 1310 -5.83 17.46 -24.42
CA LYS U 1310 -4.43 17.85 -24.45
C LYS U 1310 -3.65 17.31 -23.26
N GLY U 1311 -4.23 16.39 -22.49
CA GLY U 1311 -3.57 15.82 -21.33
C GLY U 1311 -3.41 14.32 -21.48
N LEU U 1312 -2.63 13.75 -20.56
CA LEU U 1312 -2.29 12.33 -20.65
C LEU U 1312 -3.45 11.45 -20.18
N LYS U 1313 -3.96 11.71 -18.98
CA LYS U 1313 -5.03 10.87 -18.44
C LYS U 1313 -6.30 10.99 -19.27
N GLU U 1314 -6.47 12.12 -19.98
CA GLU U 1314 -7.63 12.27 -20.84
C GLU U 1314 -7.60 11.26 -21.98
N ASN U 1315 -6.44 11.06 -22.60
CA ASN U 1315 -6.32 10.04 -23.64
C ASN U 1315 -6.26 8.64 -23.03
N VAL U 1316 -5.80 8.52 -21.79
CA VAL U 1316 -5.76 7.22 -21.12
C VAL U 1316 -7.17 6.71 -20.91
N VAL U 1317 -8.07 7.56 -20.40
CA VAL U 1317 -9.45 7.16 -20.18
C VAL U 1317 -10.12 6.82 -21.52
N LEU U 1318 -9.89 7.66 -22.53
CA LEU U 1318 -10.46 7.44 -23.85
C LEU U 1318 -9.85 6.24 -24.55
N GLY U 1319 -8.70 5.75 -24.10
CA GLY U 1319 -8.05 4.63 -24.76
C GLY U 1319 -7.50 5.00 -26.13
N GLY U 1320 -6.59 5.96 -26.17
CA GLY U 1320 -5.99 6.39 -27.41
C GLY U 1320 -4.50 6.65 -27.23
N VAL U 1321 -3.88 7.12 -28.30
CA VAL U 1321 -2.45 7.41 -28.28
C VAL U 1321 -2.21 8.67 -27.45
N ILE U 1322 -1.36 8.55 -26.43
CA ILE U 1322 -1.06 9.70 -25.57
C ILE U 1322 -0.10 10.62 -26.29
N PRO U 1323 -0.33 11.94 -26.29
CA PRO U 1323 0.56 12.87 -27.01
C PRO U 1323 1.85 13.14 -26.26
N VAL U 1324 2.59 12.06 -25.98
CA VAL U 1324 3.87 12.14 -25.29
C VAL U 1324 4.84 11.19 -25.98
N GLY U 1325 6.07 11.66 -26.20
CA GLY U 1325 7.08 10.82 -26.81
C GLY U 1325 6.71 10.47 -28.24
N THR U 1326 6.60 9.17 -28.51
CA THR U 1326 6.26 8.72 -29.85
C THR U 1326 4.86 9.17 -30.27
N GLY U 1327 4.00 9.51 -29.31
CA GLY U 1327 2.67 10.01 -29.61
C GLY U 1327 2.63 11.48 -29.96
N PHE U 1328 3.75 12.19 -29.83
CA PHE U 1328 3.84 13.59 -30.22
C PHE U 1328 4.28 13.67 -31.69
N LYS U 1329 3.40 14.21 -32.52
CA LYS U 1329 3.63 14.27 -33.96
C LYS U 1329 4.41 15.53 -34.28
N GLY U 1330 5.60 15.36 -34.85
CA GLY U 1330 6.45 16.49 -35.20
C GLY U 1330 7.06 16.38 -36.58
N GLU V 268 75.89 -27.69 -51.67
CA GLU V 268 75.49 -28.20 -50.37
C GLU V 268 74.33 -27.42 -49.78
N ASP V 269 73.21 -28.10 -49.55
CA ASP V 269 72.04 -27.50 -48.93
C ASP V 269 71.96 -27.79 -47.43
N ILE V 270 73.09 -28.16 -46.81
CA ILE V 270 73.09 -28.47 -45.38
C ILE V 270 72.76 -27.23 -44.56
N SER V 271 73.53 -26.15 -44.75
CA SER V 271 73.28 -24.93 -43.99
C SER V 271 72.02 -24.22 -44.47
N PHE V 272 71.60 -24.49 -45.71
CA PHE V 272 70.48 -23.76 -46.28
C PHE V 272 69.14 -24.20 -45.70
N SER V 273 68.93 -25.53 -45.69
CA SER V 273 67.65 -26.05 -45.25
C SER V 273 67.59 -27.33 -44.45
N TYR V 274 68.64 -27.71 -43.74
CA TYR V 274 68.50 -28.93 -42.93
C TYR V 274 67.53 -28.88 -41.73
N GLY V 275 67.54 -27.83 -40.93
CA GLY V 275 66.57 -27.72 -39.84
C GLY V 275 67.00 -28.35 -38.53
N TRP V 276 66.47 -27.91 -37.39
CA TRP V 276 66.98 -28.48 -36.16
C TRP V 276 66.69 -29.92 -35.85
N PRO V 277 65.43 -30.34 -35.95
CA PRO V 277 65.32 -31.73 -35.57
C PRO V 277 66.04 -32.52 -36.64
N PRO V 278 66.99 -33.35 -36.24
CA PRO V 278 67.71 -34.02 -37.32
C PRO V 278 66.81 -35.08 -37.93
N LEU V 279 66.97 -35.39 -39.20
CA LEU V 279 66.05 -36.32 -39.85
C LEU V 279 66.30 -37.77 -39.55
N VAL V 280 65.26 -38.55 -39.25
CA VAL V 280 65.49 -39.98 -39.10
C VAL V 280 64.95 -40.68 -40.35
N CYS V 281 65.62 -41.77 -40.73
CA CYS V 281 65.28 -42.49 -41.95
C CYS V 281 64.81 -43.90 -41.61
N CYS V 282 63.62 -44.26 -42.09
CA CYS V 282 63.07 -45.60 -41.93
C CYS V 282 63.15 -46.32 -43.26
N PHE V 283 63.69 -47.54 -43.25
CA PHE V 283 63.97 -48.26 -44.48
C PHE V 283 63.23 -49.58 -44.61
N GLY V 284 62.65 -50.09 -43.53
CA GLY V 284 62.20 -51.47 -43.51
C GLY V 284 61.12 -51.84 -44.51
N ALA V 285 59.88 -51.38 -44.29
CA ALA V 285 58.77 -51.73 -45.14
C ALA V 285 57.52 -50.96 -44.72
N ALA V 286 56.57 -50.86 -45.64
CA ALA V 286 55.28 -50.21 -45.39
C ALA V 286 54.20 -51.28 -45.47
N GLN V 287 53.61 -51.60 -44.32
CA GLN V 287 52.57 -52.61 -44.26
C GLN V 287 51.52 -52.18 -43.24
N HIS V 288 50.32 -52.74 -43.38
CA HIS V 288 49.19 -52.41 -42.53
C HIS V 288 48.86 -53.60 -41.63
N ALA V 289 48.98 -53.39 -40.32
CA ALA V 289 48.66 -54.39 -39.30
C ALA V 289 49.40 -55.70 -39.57
N PHE V 290 50.73 -55.60 -39.51
CA PHE V 290 51.62 -56.72 -39.76
C PHE V 290 52.38 -57.06 -38.49
N VAL V 291 52.49 -58.36 -38.19
CA VAL V 291 53.19 -58.84 -37.01
C VAL V 291 54.31 -59.77 -37.47
N PRO V 292 55.58 -59.44 -37.20
CA PRO V 292 56.66 -60.34 -37.63
C PRO V 292 56.63 -61.70 -36.93
N SER V 293 56.57 -61.70 -35.60
CA SER V 293 56.56 -62.95 -34.83
C SER V 293 56.03 -62.64 -33.44
N GLY V 294 55.96 -63.69 -32.62
CA GLY V 294 55.47 -63.55 -31.26
C GLY V 294 55.96 -64.65 -30.35
N ARG V 295 56.34 -64.29 -29.12
CA ARG V 295 56.87 -65.22 -28.15
C ARG V 295 56.14 -65.04 -26.82
N PRO V 296 55.94 -66.11 -26.06
CA PRO V 296 55.31 -65.98 -24.75
C PRO V 296 56.12 -65.06 -23.84
N SER V 297 55.41 -64.21 -23.10
CA SER V 297 56.05 -63.24 -22.23
C SER V 297 55.18 -63.03 -21.00
N ASN V 298 55.69 -62.23 -20.07
CA ASN V 298 55.02 -61.94 -18.82
C ASN V 298 54.78 -60.44 -18.69
N ARG V 299 53.80 -60.08 -17.86
CA ARG V 299 53.35 -58.71 -17.74
C ARG V 299 53.12 -58.39 -16.27
N LEU V 300 53.38 -57.14 -15.90
CA LEU V 300 53.14 -56.65 -14.55
C LEU V 300 51.73 -56.10 -14.48
N VAL V 301 50.85 -56.80 -13.76
CA VAL V 301 49.46 -56.40 -13.62
C VAL V 301 49.00 -56.70 -12.19
N ASP V 302 47.96 -55.99 -11.77
CA ASP V 302 47.35 -56.22 -10.47
C ASP V 302 46.37 -57.38 -10.60
N HIS V 303 46.76 -58.54 -10.06
CA HIS V 303 45.95 -59.75 -10.23
C HIS V 303 44.64 -59.66 -9.45
N GLU V 304 44.64 -58.92 -8.34
CA GLU V 304 43.41 -58.79 -7.56
C GLU V 304 42.36 -57.98 -8.32
N TRP V 305 42.77 -56.88 -8.95
CA TRP V 305 41.84 -56.09 -9.74
C TRP V 305 41.35 -56.86 -10.96
N HIS V 306 42.21 -57.74 -11.50
CA HIS V 306 41.79 -58.57 -12.63
C HIS V 306 40.77 -59.62 -12.20
N GLU V 307 41.00 -60.27 -11.05
CA GLU V 307 40.08 -61.30 -10.60
C GLU V 307 38.76 -60.69 -10.12
N ARG V 308 38.80 -59.44 -9.66
CA ARG V 308 37.56 -58.77 -9.26
C ARG V 308 36.74 -58.31 -10.46
N MET V 309 37.38 -58.06 -11.60
CA MET V 309 36.70 -57.63 -12.81
C MET V 309 37.03 -58.56 -13.98
N LYS V 310 36.98 -59.87 -13.73
CA LYS V 310 37.28 -60.83 -14.78
C LYS V 310 36.24 -60.80 -15.89
N ASP V 311 34.98 -60.53 -15.54
CA ASP V 311 33.92 -60.52 -16.55
C ASP V 311 34.02 -59.31 -17.46
N ALA V 312 34.29 -58.13 -16.88
CA ALA V 312 34.30 -56.91 -17.67
C ALA V 312 35.55 -56.78 -18.51
N ILE V 313 36.72 -56.91 -17.89
CA ILE V 313 37.99 -56.71 -18.58
C ILE V 313 38.29 -57.89 -19.49
N TRP V 314 38.94 -57.63 -20.61
CA TRP V 314 39.42 -58.66 -21.51
C TRP V 314 40.86 -59.00 -21.15
N ASP V 315 41.07 -60.20 -20.60
CA ASP V 315 42.40 -60.67 -20.23
C ASP V 315 42.75 -61.89 -21.08
N PRO V 316 43.84 -61.86 -21.84
CA PRO V 316 44.20 -63.04 -22.64
C PRO V 316 44.60 -64.21 -21.76
N GLU V 317 44.17 -65.40 -22.16
CA GLU V 317 44.50 -66.61 -21.39
C GLU V 317 46.00 -66.84 -21.37
N LYS V 318 46.65 -66.74 -22.53
CA LYS V 318 48.10 -66.85 -22.65
C LYS V 318 48.63 -65.54 -23.20
N PHE V 319 49.48 -64.87 -22.43
CA PHE V 319 50.00 -63.56 -22.80
C PHE V 319 51.19 -63.73 -23.74
N THR V 320 51.06 -63.19 -24.95
CA THR V 320 52.12 -63.23 -25.95
C THR V 320 52.20 -61.87 -26.62
N ARG V 321 53.41 -61.31 -26.69
CA ARG V 321 53.61 -59.99 -27.26
C ARG V 321 54.53 -60.09 -28.48
N ALA V 322 54.49 -59.06 -29.31
CA ALA V 322 55.28 -58.99 -30.52
C ALA V 322 56.45 -58.03 -30.33
N PRO V 323 57.60 -58.32 -30.97
CA PRO V 323 58.74 -57.40 -30.86
C PRO V 323 58.44 -56.00 -31.38
N GLY V 324 57.57 -55.89 -32.38
CA GLY V 324 57.21 -54.60 -32.92
C GLY V 324 56.28 -54.75 -34.11
N GLY V 325 56.11 -53.66 -34.83
CA GLY V 325 55.29 -53.67 -36.02
C GLY V 325 56.10 -53.60 -37.30
N CYS V 326 56.00 -52.46 -37.99
CA CYS V 326 56.77 -52.21 -39.20
C CYS V 326 57.43 -50.84 -39.09
N SER V 327 58.35 -50.57 -40.02
CA SER V 327 59.03 -49.29 -40.03
C SER V 327 58.07 -48.13 -40.29
N SER V 328 56.98 -48.39 -41.00
CA SER V 328 55.99 -47.35 -41.25
C SER V 328 55.33 -46.89 -39.96
N ASN V 329 54.96 -47.85 -39.09
CA ASN V 329 54.37 -47.49 -37.81
C ASN V 329 55.37 -46.73 -36.94
N VAL V 330 56.64 -47.13 -36.99
CA VAL V 330 57.68 -46.43 -36.24
C VAL V 330 57.79 -44.99 -36.72
N ALA V 331 57.77 -44.79 -38.05
CA ALA V 331 57.86 -43.44 -38.60
C ALA V 331 56.65 -42.61 -38.21
N VAL V 332 55.45 -43.22 -38.24
CA VAL V 332 54.24 -42.51 -37.87
C VAL V 332 54.31 -42.08 -36.40
N ALA V 333 54.76 -42.99 -35.53
CA ALA V 333 54.85 -42.66 -34.11
C ALA V 333 55.89 -41.57 -33.86
N LEU V 334 57.04 -41.66 -34.53
CA LEU V 334 58.08 -40.65 -34.34
C LEU V 334 57.63 -39.28 -34.84
N ALA V 335 56.86 -39.26 -35.92
CA ALA V 335 56.30 -38.00 -36.41
C ALA V 335 55.26 -37.46 -35.43
N SER V 336 54.46 -38.36 -34.85
CA SER V 336 53.48 -37.94 -33.84
C SER V 336 54.16 -37.40 -32.60
N LEU V 337 55.38 -37.85 -32.31
CA LEU V 337 56.16 -37.34 -31.19
C LEU V 337 56.85 -36.03 -31.49
N GLY V 338 56.64 -35.46 -32.68
CA GLY V 338 57.20 -34.18 -33.04
C GLY V 338 58.45 -34.24 -33.88
N GLY V 339 59.09 -35.40 -33.99
CA GLY V 339 60.30 -35.50 -34.77
C GLY V 339 60.04 -35.53 -36.27
N LYS V 340 61.08 -35.20 -37.03
CA LYS V 340 61.03 -35.21 -38.48
C LYS V 340 61.51 -36.57 -38.97
N VAL V 341 60.63 -37.30 -39.65
CA VAL V 341 60.92 -38.65 -40.11
C VAL V 341 60.81 -38.68 -41.63
N ALA V 342 61.62 -39.56 -42.23
CA ALA V 342 61.56 -39.82 -43.66
C ALA V 342 61.55 -41.33 -43.89
N PHE V 343 60.62 -41.78 -44.71
CA PHE V 343 60.45 -43.19 -44.99
C PHE V 343 60.99 -43.50 -46.38
N MET V 344 61.95 -44.41 -46.44
CA MET V 344 62.55 -44.84 -47.70
C MET V 344 62.12 -46.28 -48.00
N GLY V 345 61.70 -46.51 -49.24
CA GLY V 345 61.23 -47.81 -49.63
C GLY V 345 60.62 -47.77 -51.02
N LYS V 346 59.85 -48.81 -51.32
CA LYS V 346 59.21 -48.93 -52.62
C LYS V 346 57.85 -49.59 -52.46
N LEU V 347 56.83 -49.02 -53.12
CA LEU V 347 55.49 -49.60 -53.10
C LEU V 347 54.98 -49.77 -54.53
N GLY V 348 53.68 -50.01 -54.67
CA GLY V 348 53.06 -50.19 -55.96
C GLY V 348 52.10 -49.06 -56.31
N ASP V 349 51.76 -49.00 -57.60
CA ASP V 349 50.81 -48.03 -58.11
C ASP V 349 49.36 -48.43 -57.87
N ASP V 350 49.12 -49.51 -57.13
CA ASP V 350 47.77 -49.95 -56.84
C ASP V 350 47.13 -49.04 -55.79
N ASP V 351 45.86 -49.32 -55.49
CA ASP V 351 45.12 -48.48 -54.55
C ASP V 351 45.66 -48.61 -53.14
N PHE V 352 46.13 -49.81 -52.76
CA PHE V 352 46.60 -50.02 -51.41
C PHE V 352 47.90 -49.27 -51.14
N GLY V 353 48.81 -49.28 -52.11
CA GLY V 353 50.04 -48.52 -51.95
C GLY V 353 49.79 -47.02 -51.86
N GLN V 354 48.87 -46.52 -52.68
CA GLN V 354 48.52 -45.10 -52.60
C GLN V 354 47.86 -44.77 -51.28
N SER V 355 47.05 -45.69 -50.75
CA SER V 355 46.43 -45.47 -49.45
C SER V 355 47.47 -45.43 -48.34
N LEU V 356 48.46 -46.33 -48.40
CA LEU V 356 49.55 -46.30 -47.42
C LEU V 356 50.34 -45.01 -47.52
N VAL V 357 50.61 -44.54 -48.75
CA VAL V 357 51.35 -43.29 -48.93
C VAL V 357 50.56 -42.12 -48.37
N TYR V 358 49.24 -42.10 -48.62
CA TYR V 358 48.41 -41.03 -48.08
C TYR V 358 48.36 -41.07 -46.57
N PHE V 359 48.32 -42.28 -45.99
CA PHE V 359 48.33 -42.40 -44.53
C PHE V 359 49.63 -41.91 -43.94
N MET V 360 50.75 -42.18 -44.62
CA MET V 360 52.04 -41.68 -44.14
C MET V 360 52.14 -40.17 -44.28
N ASN V 361 51.61 -39.62 -45.38
CA ASN V 361 51.70 -38.18 -45.59
C ASN V 361 50.81 -37.40 -44.63
N ILE V 362 49.62 -37.93 -44.34
CA ILE V 362 48.71 -37.21 -43.45
C ILE V 362 49.24 -37.18 -42.04
N ASN V 363 50.13 -38.10 -41.68
CA ASN V 363 50.77 -38.13 -40.37
C ASN V 363 52.09 -37.37 -40.35
N LYS V 364 52.33 -36.52 -41.35
CA LYS V 364 53.52 -35.67 -41.41
C LYS V 364 54.80 -36.50 -41.46
N VAL V 365 54.83 -37.50 -42.33
CA VAL V 365 56.02 -38.31 -42.59
C VAL V 365 56.46 -38.05 -44.02
N GLN V 366 57.74 -37.73 -44.19
CA GLN V 366 58.28 -37.43 -45.51
C GLN V 366 58.31 -38.69 -46.36
N THR V 367 57.56 -38.69 -47.46
CA THR V 367 57.52 -39.81 -48.39
C THR V 367 58.16 -39.48 -49.73
N ARG V 368 59.09 -38.52 -49.76
CA ARG V 368 59.79 -38.21 -51.00
C ARG V 368 60.66 -39.38 -51.44
N SER V 369 61.18 -40.16 -50.49
CA SER V 369 62.00 -41.32 -50.78
C SER V 369 61.18 -42.57 -51.06
N VAL V 370 59.85 -42.46 -51.05
CA VAL V 370 58.99 -43.59 -51.38
C VAL V 370 58.82 -43.65 -52.89
N ARG V 371 59.07 -44.82 -53.46
CA ARG V 371 58.99 -45.03 -54.90
C ARG V 371 57.79 -45.90 -55.22
N LEU V 372 57.09 -45.56 -56.30
CA LEU V 372 55.87 -46.23 -56.72
C LEU V 372 56.06 -46.78 -58.12
N ASP V 373 55.95 -48.10 -58.26
CA ASP V 373 56.12 -48.77 -59.55
C ASP V 373 54.91 -49.65 -59.82
N SER V 374 54.38 -49.57 -61.05
CA SER V 374 53.17 -50.30 -61.38
C SER V 374 53.45 -51.76 -61.71
N LYS V 375 54.67 -52.07 -62.16
CA LYS V 375 54.96 -53.43 -62.59
C LYS V 375 54.97 -54.40 -61.42
N LYS V 376 55.18 -53.89 -60.21
CA LYS V 376 55.17 -54.71 -59.00
C LYS V 376 53.99 -54.32 -58.13
N ALA V 377 53.35 -55.31 -57.51
CA ALA V 377 52.22 -55.06 -56.63
C ALA V 377 52.69 -54.74 -55.22
N THR V 378 51.80 -54.14 -54.43
CA THR V 378 52.17 -53.67 -53.09
C THR V 378 52.40 -54.83 -52.14
N ALA V 379 51.42 -55.74 -52.03
CA ALA V 379 51.47 -56.83 -51.07
C ALA V 379 51.19 -58.19 -51.69
N ILE V 380 51.37 -58.34 -52.99
CA ILE V 380 51.11 -59.59 -53.69
C ILE V 380 52.44 -60.26 -53.99
N THR V 381 52.67 -61.44 -53.42
CA THR V 381 53.91 -62.19 -53.59
C THR V 381 53.59 -63.49 -54.33
N HIS V 382 53.81 -63.49 -55.64
CA HIS V 382 53.64 -64.71 -56.41
C HIS V 382 54.67 -65.75 -56.01
N MET V 383 54.21 -66.96 -55.74
CA MET V 383 55.09 -68.05 -55.33
C MET V 383 54.69 -69.33 -56.06
N LYS V 384 55.62 -70.29 -56.06
CA LYS V 384 55.43 -71.56 -56.77
C LYS V 384 55.07 -72.65 -55.78
N ILE V 385 54.30 -73.64 -56.27
CA ILE V 385 53.86 -74.74 -55.40
C ILE V 385 55.07 -75.53 -54.91
N GLY V 386 56.02 -75.81 -55.78
CA GLY V 386 57.22 -76.53 -55.40
C GLY V 386 57.04 -78.03 -55.49
N LYS V 387 58.04 -78.73 -54.94
CA LYS V 387 58.03 -80.19 -54.95
C LYS V 387 57.09 -80.74 -53.88
N ARG V 388 57.03 -82.06 -53.79
CA ARG V 388 56.20 -82.72 -52.79
C ARG V 388 56.66 -82.36 -51.39
N GLY V 389 55.72 -82.32 -50.45
CA GLY V 389 55.99 -81.96 -49.09
C GLY V 389 55.61 -80.55 -48.69
N GLY V 390 54.98 -79.80 -49.59
CA GLY V 390 54.56 -78.44 -49.27
C GLY V 390 55.66 -77.41 -49.24
N LEU V 391 56.80 -77.69 -49.85
CA LEU V 391 57.93 -76.76 -49.87
C LEU V 391 57.65 -75.68 -50.91
N ARG V 392 57.34 -74.48 -50.44
CA ARG V 392 57.05 -73.36 -51.33
C ARG V 392 58.33 -72.69 -51.79
N MET V 393 58.20 -71.80 -52.78
CA MET V 393 59.32 -71.03 -53.29
C MET V 393 58.80 -69.71 -53.84
N THR V 394 59.51 -68.63 -53.54
CA THR V 394 59.10 -67.29 -53.92
C THR V 394 59.85 -66.76 -55.14
N THR V 395 60.42 -67.65 -55.95
CA THR V 395 61.19 -67.22 -57.11
C THR V 395 60.30 -66.62 -58.20
N THR V 396 58.97 -66.76 -58.09
CA THR V 396 58.08 -66.28 -59.14
C THR V 396 58.19 -64.77 -59.31
N LYS V 397 57.82 -64.01 -58.28
CA LYS V 397 57.84 -62.55 -58.36
C LYS V 397 57.73 -61.97 -56.97
N PRO V 398 58.55 -60.98 -56.61
CA PRO V 398 58.44 -60.34 -55.29
C PRO V 398 57.21 -59.44 -55.22
N SER V 399 57.07 -58.78 -54.07
CA SER V 399 55.93 -57.93 -53.78
C SER V 399 56.30 -56.46 -53.62
N ALA V 400 57.39 -56.01 -54.26
CA ALA V 400 57.81 -54.61 -54.28
C ALA V 400 58.24 -54.11 -52.91
N GLU V 401 58.11 -54.96 -51.88
CA GLU V 401 58.63 -54.67 -50.57
C GLU V 401 60.00 -55.27 -50.34
N ASP V 402 60.32 -56.37 -51.04
CA ASP V 402 61.66 -56.93 -51.07
C ASP V 402 62.43 -56.52 -52.32
N SER V 403 61.82 -55.73 -53.20
CA SER V 403 62.44 -55.28 -54.44
C SER V 403 62.78 -53.81 -54.31
N LEU V 404 64.08 -53.50 -54.27
CA LEU V 404 64.54 -52.12 -54.25
C LEU V 404 65.97 -52.09 -54.76
N LEU V 405 66.19 -51.43 -55.90
CA LEU V 405 67.49 -51.43 -56.52
C LEU V 405 68.43 -50.46 -55.80
N LYS V 406 69.74 -50.77 -55.88
CA LYS V 406 70.73 -49.93 -55.24
C LYS V 406 70.76 -48.54 -55.87
N SER V 407 70.51 -48.46 -57.18
CA SER V 407 70.46 -47.16 -57.85
C SER V 407 69.23 -46.36 -57.44
N GLU V 408 68.19 -47.01 -56.93
CA GLU V 408 66.97 -46.34 -56.51
C GLU V 408 67.06 -45.72 -55.12
N ILE V 409 68.19 -45.90 -54.42
CA ILE V 409 68.35 -45.29 -53.11
C ILE V 409 68.52 -43.79 -53.27
N ASN V 410 67.77 -43.04 -52.46
CA ASN V 410 67.80 -41.57 -52.51
C ASN V 410 68.90 -41.08 -51.58
N ILE V 411 70.05 -40.70 -52.16
CA ILE V 411 71.18 -40.26 -51.37
C ILE V 411 70.91 -38.92 -50.69
N ASP V 412 69.98 -38.12 -51.23
CA ASP V 412 69.70 -36.81 -50.64
C ASP V 412 69.11 -36.96 -49.24
N VAL V 413 68.26 -37.96 -49.03
CA VAL V 413 67.72 -38.21 -47.70
C VAL V 413 68.80 -38.67 -46.75
N LEU V 414 69.68 -39.57 -47.22
CA LEU V 414 70.73 -40.09 -46.35
C LEU V 414 71.75 -39.02 -45.98
N LYS V 415 71.94 -38.03 -46.83
CA LYS V 415 72.85 -36.93 -46.50
C LYS V 415 72.32 -36.12 -45.32
N GLU V 416 71.03 -35.77 -45.35
CA GLU V 416 70.45 -35.00 -44.26
C GLU V 416 70.19 -35.85 -43.02
N ALA V 417 70.06 -37.16 -43.23
CA ALA V 417 69.79 -38.08 -42.12
C ALA V 417 70.93 -38.27 -41.19
N LYS V 418 70.69 -38.09 -39.91
CA LYS V 418 71.71 -38.39 -38.94
C LYS V 418 71.40 -39.65 -38.18
N MET V 419 70.34 -40.35 -38.56
CA MET V 419 70.01 -41.61 -37.92
C MET V 419 69.38 -42.53 -38.93
N PHE V 420 69.69 -43.82 -38.85
CA PHE V 420 69.20 -44.79 -39.82
C PHE V 420 68.54 -45.94 -39.08
N TYR V 421 67.28 -46.21 -39.42
CA TYR V 421 66.49 -47.25 -38.76
C TYR V 421 66.05 -48.27 -39.80
N PHE V 422 66.34 -49.54 -39.54
CA PHE V 422 65.86 -50.65 -40.35
C PHE V 422 65.64 -51.87 -39.46
N ASN V 423 65.04 -52.90 -40.04
CA ASN V 423 64.65 -54.10 -39.30
C ASN V 423 65.17 -55.34 -40.00
N THR V 424 65.03 -56.47 -39.33
CA THR V 424 65.47 -57.77 -39.87
C THR V 424 64.52 -58.31 -40.94
N PHE V 425 63.27 -57.84 -40.96
CA PHE V 425 62.32 -58.34 -41.96
C PHE V 425 62.78 -58.02 -43.38
N SER V 426 63.52 -56.92 -43.55
CA SER V 426 64.02 -56.57 -44.87
C SER V 426 65.10 -57.52 -45.33
N MET V 427 65.99 -57.93 -44.42
CA MET V 427 67.13 -58.77 -44.79
C MET V 427 66.73 -60.19 -45.18
N LEU V 428 65.45 -60.54 -45.11
CA LEU V 428 65.03 -61.90 -45.47
C LEU V 428 65.31 -62.18 -46.94
N ASP V 429 64.89 -61.29 -47.82
CA ASP V 429 65.16 -61.48 -49.24
C ASP V 429 66.64 -61.18 -49.54
N PRO V 430 67.28 -61.99 -50.37
CA PRO V 430 68.71 -61.75 -50.66
C PRO V 430 68.96 -60.43 -51.37
N ASN V 431 68.08 -60.03 -52.28
CA ASN V 431 68.23 -58.73 -52.95
C ASN V 431 67.97 -57.59 -51.97
N MET V 432 66.92 -57.71 -51.16
CA MET V 432 66.62 -56.67 -50.19
C MET V 432 67.67 -56.59 -49.08
N ARG V 433 68.31 -57.72 -48.75
CA ARG V 433 69.40 -57.67 -47.78
C ARG V 433 70.58 -56.89 -48.32
N LEU V 434 70.95 -57.15 -49.58
CA LEU V 434 72.02 -56.37 -50.20
C LEU V 434 71.65 -54.90 -50.27
N THR V 435 70.38 -54.60 -50.59
CA THR V 435 69.95 -53.21 -50.67
C THR V 435 70.05 -52.50 -49.32
N THR V 436 69.58 -53.16 -48.26
CA THR V 436 69.62 -52.51 -46.95
C THR V 436 71.05 -52.42 -46.41
N LEU V 437 71.91 -53.38 -46.77
CA LEU V 437 73.31 -53.27 -46.38
C LEU V 437 73.99 -52.11 -47.11
N ARG V 438 73.70 -51.94 -48.40
CA ARG V 438 74.22 -50.79 -49.13
C ARG V 438 73.74 -49.49 -48.52
N ALA V 439 72.45 -49.41 -48.16
CA ALA V 439 71.94 -48.20 -47.53
C ALA V 439 72.62 -47.93 -46.21
N THR V 440 72.82 -48.98 -45.39
CA THR V 440 73.44 -48.81 -44.09
C THR V 440 74.89 -48.33 -44.23
N LYS V 441 75.64 -48.93 -45.15
CA LYS V 441 77.03 -48.52 -45.31
C LYS V 441 77.14 -47.12 -45.91
N ILE V 442 76.21 -46.76 -46.80
CA ILE V 442 76.21 -45.40 -47.34
C ILE V 442 75.92 -44.38 -46.24
N SER V 443 74.97 -44.69 -45.36
CA SER V 443 74.66 -43.79 -44.26
C SER V 443 75.86 -43.68 -43.32
N LYS V 444 76.50 -44.81 -43.00
CA LYS V 444 77.65 -44.79 -42.10
C LYS V 444 78.82 -44.01 -42.70
N LYS V 445 78.96 -44.07 -44.03
CA LYS V 445 80.00 -43.29 -44.70
C LYS V 445 79.64 -41.81 -44.78
N LEU V 446 78.35 -41.48 -44.87
CA LEU V 446 77.88 -40.10 -44.90
C LEU V 446 77.59 -39.60 -43.50
N GLY V 447 78.08 -40.33 -42.50
CA GLY V 447 78.06 -39.86 -41.13
C GLY V 447 76.70 -39.90 -40.44
N GLY V 448 76.22 -41.10 -40.18
CA GLY V 448 75.01 -41.26 -39.40
C GLY V 448 75.11 -42.49 -38.52
N VAL V 449 74.40 -42.44 -37.40
CA VAL V 449 74.37 -43.54 -36.44
C VAL V 449 73.27 -44.51 -36.83
N VAL V 450 73.61 -45.79 -36.92
CA VAL V 450 72.68 -46.81 -37.39
C VAL V 450 71.93 -47.39 -36.21
N PHE V 451 70.61 -47.27 -36.23
CA PHE V 451 69.73 -47.89 -35.25
C PHE V 451 69.18 -49.18 -35.86
N TYR V 452 69.50 -50.31 -35.23
CA TYR V 452 69.09 -51.61 -35.72
C TYR V 452 68.14 -52.26 -34.72
N ASP V 453 66.88 -52.36 -35.11
CA ASP V 453 65.86 -53.03 -34.30
C ASP V 453 65.69 -54.44 -34.84
N VAL V 454 66.28 -55.41 -34.15
CA VAL V 454 66.23 -56.81 -34.57
C VAL V 454 64.88 -57.39 -34.14
N ASN V 455 64.05 -57.73 -35.13
CA ASN V 455 62.75 -58.36 -34.90
C ASN V 455 62.72 -59.62 -35.74
N LEU V 456 63.20 -60.71 -35.16
CA LEU V 456 63.31 -61.96 -35.90
C LEU V 456 61.93 -62.43 -36.36
N PRO V 457 61.71 -62.60 -37.66
CA PRO V 457 60.42 -63.09 -38.16
C PRO V 457 60.21 -64.55 -37.76
N PHE V 458 59.06 -65.07 -38.16
CA PHE V 458 58.69 -66.44 -37.79
C PHE V 458 59.70 -67.49 -38.26
N PRO V 459 60.21 -67.47 -39.51
CA PRO V 459 61.12 -68.55 -39.93
C PRO V 459 62.46 -68.54 -39.20
N LEU V 460 62.88 -67.41 -38.64
CA LEU V 460 64.20 -67.29 -38.04
C LEU V 460 64.24 -67.74 -36.58
N TRP V 461 63.21 -68.42 -36.09
CA TRP V 461 63.20 -68.96 -34.74
C TRP V 461 63.50 -70.45 -34.70
N GLU V 462 64.03 -71.02 -35.79
CA GLU V 462 64.31 -72.46 -35.81
C GLU V 462 65.56 -72.78 -35.00
N SER V 463 66.69 -72.15 -35.33
CA SER V 463 67.96 -72.44 -34.68
C SER V 463 68.63 -71.13 -34.28
N GLY V 464 69.23 -71.12 -33.08
CA GLY V 464 69.88 -69.92 -32.61
C GLY V 464 71.12 -69.57 -33.43
N ASP V 465 71.91 -70.58 -33.79
CA ASP V 465 73.12 -70.33 -34.56
C ASP V 465 72.79 -69.80 -35.95
N LYS V 466 71.79 -70.38 -36.60
CA LYS V 466 71.38 -69.90 -37.92
C LYS V 466 70.85 -68.47 -37.84
N ALA V 467 70.07 -68.16 -36.80
CA ALA V 467 69.56 -66.81 -36.63
C ALA V 467 70.70 -65.82 -36.39
N LYS V 468 71.71 -66.23 -35.61
CA LYS V 468 72.84 -65.34 -35.36
C LYS V 468 73.64 -65.10 -36.64
N THR V 469 73.93 -66.16 -37.40
CA THR V 469 74.68 -66.01 -38.64
C THR V 469 73.89 -65.18 -39.65
N PHE V 470 72.56 -65.31 -39.64
CA PHE V 470 71.74 -64.53 -40.57
C PHE V 470 71.81 -63.04 -40.25
N ILE V 471 71.89 -62.68 -38.96
CA ILE V 471 71.91 -61.29 -38.56
C ILE V 471 73.33 -60.88 -38.22
N GLN V 472 74.31 -61.63 -38.72
CA GLN V 472 75.72 -61.32 -38.48
C GLN V 472 76.27 -60.27 -39.44
N GLN V 473 75.63 -60.07 -40.59
CA GLN V 473 75.96 -58.90 -41.39
C GLN V 473 75.48 -57.63 -40.72
N ALA V 474 74.30 -57.67 -40.13
CA ALA V 474 73.89 -56.69 -39.14
C ALA V 474 74.63 -56.95 -37.83
N TRP V 475 74.30 -56.16 -36.81
CA TRP V 475 74.83 -56.23 -35.46
C TRP V 475 76.29 -55.75 -35.41
N ASP V 476 76.90 -55.46 -36.56
CA ASP V 476 78.27 -54.97 -36.61
C ASP V 476 78.40 -53.60 -37.26
N LEU V 477 77.45 -53.19 -38.10
CA LEU V 477 77.45 -51.88 -38.73
C LEU V 477 76.51 -50.90 -38.04
N ALA V 478 75.99 -51.26 -36.88
CA ALA V 478 75.05 -50.42 -36.14
C ALA V 478 75.67 -49.97 -34.83
N ASP V 479 75.20 -48.81 -34.35
CA ASP V 479 75.68 -48.24 -33.09
C ASP V 479 74.71 -48.46 -31.94
N ILE V 480 73.41 -48.45 -32.22
CA ILE V 480 72.38 -48.69 -31.20
C ILE V 480 71.53 -49.86 -31.67
N ILE V 481 71.38 -50.87 -30.81
CA ILE V 481 70.62 -52.08 -31.13
C ILE V 481 69.57 -52.27 -30.04
N GLU V 482 68.33 -52.51 -30.46
CA GLU V 482 67.24 -52.80 -29.54
C GLU V 482 66.83 -54.25 -29.70
N VAL V 483 66.84 -55.00 -28.59
CA VAL V 483 66.49 -56.41 -28.58
C VAL V 483 65.47 -56.64 -27.47
N THR V 484 64.63 -57.66 -27.66
CA THR V 484 63.69 -58.08 -26.63
C THR V 484 64.33 -59.15 -25.75
N LYS V 485 63.69 -59.40 -24.59
CA LYS V 485 64.23 -60.37 -23.66
C LYS V 485 64.22 -61.78 -24.26
N GLN V 486 63.12 -62.15 -24.93
CA GLN V 486 63.06 -63.47 -25.54
C GLN V 486 64.08 -63.61 -26.67
N GLU V 487 64.24 -62.55 -27.48
CA GLU V 487 65.24 -62.61 -28.53
C GLU V 487 66.66 -62.65 -27.97
N LEU V 488 66.89 -61.96 -26.86
CA LEU V 488 68.19 -62.02 -26.21
C LEU V 488 68.47 -63.43 -25.70
N GLU V 489 67.47 -64.08 -25.11
CA GLU V 489 67.64 -65.45 -24.63
C GLU V 489 67.84 -66.42 -25.79
N PHE V 490 67.19 -66.15 -26.92
CA PHE V 490 67.32 -67.04 -28.07
C PHE V 490 68.69 -66.90 -28.72
N LEU V 491 69.17 -65.66 -28.89
CA LEU V 491 70.48 -65.45 -29.48
C LEU V 491 71.59 -66.05 -28.62
N CYS V 492 71.48 -65.90 -27.31
CA CYS V 492 72.45 -66.51 -26.40
C CYS V 492 72.04 -67.96 -26.10
N GLY V 493 72.76 -68.58 -25.16
CA GLY V 493 72.46 -69.93 -24.74
C GLY V 493 71.51 -70.05 -23.58
N ILE V 494 70.95 -68.95 -23.10
CA ILE V 494 70.03 -68.99 -21.97
C ILE V 494 68.70 -69.57 -22.42
N LYS V 495 68.21 -70.56 -21.67
CA LYS V 495 66.91 -71.13 -21.93
C LYS V 495 65.88 -70.55 -20.98
N PRO V 496 64.69 -70.17 -21.45
CA PRO V 496 63.70 -69.55 -20.57
C PRO V 496 63.15 -70.56 -19.57
N SER V 497 63.19 -70.18 -18.29
CA SER V 497 62.66 -71.01 -17.20
C SER V 497 61.74 -70.13 -16.35
N GLU V 498 60.47 -70.06 -16.77
CA GLU V 498 59.45 -69.28 -16.08
C GLU V 498 58.12 -70.02 -16.19
N ARG V 499 57.23 -69.74 -15.24
CA ARG V 499 55.90 -70.35 -15.29
C ARG V 499 55.10 -69.80 -16.46
N PHE V 500 55.23 -68.50 -16.73
CA PHE V 500 54.68 -67.83 -17.91
C PHE V 500 53.17 -67.68 -17.85
N ASP V 501 52.54 -68.18 -16.78
CA ASP V 501 51.09 -68.03 -16.67
C ASP V 501 50.62 -67.87 -15.22
N THR V 502 51.52 -67.82 -14.25
CA THR V 502 51.11 -67.70 -12.86
C THR V 502 50.66 -66.28 -12.56
N LYS V 503 49.70 -66.16 -11.63
CA LYS V 503 49.11 -64.87 -11.28
C LYS V 503 49.88 -64.22 -10.13
N ASP V 504 51.18 -64.04 -10.35
CA ASP V 504 52.04 -63.40 -9.36
C ASP V 504 53.29 -62.89 -10.04
N ASN V 505 53.90 -61.88 -9.41
CA ASN V 505 55.20 -61.35 -9.81
C ASN V 505 56.20 -61.83 -8.76
N ASP V 506 56.96 -62.88 -9.11
CA ASP V 506 57.84 -63.55 -8.16
C ASP V 506 59.31 -63.22 -8.37
N ARG V 507 59.62 -62.15 -9.12
CA ARG V 507 60.99 -61.74 -9.42
C ARG V 507 61.79 -62.81 -10.16
N SER V 508 61.14 -63.88 -10.60
CA SER V 508 61.74 -64.83 -11.50
C SER V 508 61.56 -64.45 -12.96
N LYS V 509 60.70 -63.48 -13.24
CA LYS V 509 60.58 -62.83 -14.53
C LYS V 509 61.09 -61.41 -14.41
N PHE V 510 61.18 -60.73 -15.55
CA PHE V 510 61.68 -59.35 -15.61
C PHE V 510 63.06 -59.25 -14.96
N THR V 511 63.91 -60.24 -15.25
CA THR V 511 65.21 -60.37 -14.62
C THR V 511 66.27 -59.64 -15.44
N HIS V 512 67.14 -58.91 -14.75
CA HIS V 512 68.24 -58.19 -15.39
C HIS V 512 69.44 -59.11 -15.50
N TYR V 513 69.79 -59.48 -16.74
CA TYR V 513 70.91 -60.38 -16.95
C TYR V 513 72.24 -59.68 -16.65
N PRO V 514 73.24 -60.41 -16.17
CA PRO V 514 74.52 -59.80 -15.85
C PRO V 514 75.22 -59.30 -17.09
N PRO V 515 76.09 -58.29 -16.96
CA PRO V 515 76.81 -57.77 -18.14
C PRO V 515 77.74 -58.80 -18.77
N GLU V 516 78.19 -59.79 -18.00
CA GLU V 516 79.08 -60.80 -18.57
C GLU V 516 78.38 -61.63 -19.63
N VAL V 517 77.06 -61.81 -19.50
CA VAL V 517 76.30 -62.51 -20.53
C VAL V 517 76.19 -61.65 -21.79
N ILE V 518 76.11 -60.33 -21.61
CA ILE V 518 75.99 -59.41 -22.74
C ILE V 518 77.35 -59.25 -23.43
N ALA V 519 78.44 -59.48 -22.71
CA ALA V 519 79.77 -59.19 -23.25
C ALA V 519 80.12 -59.96 -24.52
N PRO V 520 79.81 -61.25 -24.69
CA PRO V 520 80.24 -61.94 -25.92
C PRO V 520 79.68 -61.32 -27.19
N LEU V 521 78.45 -60.80 -27.17
CA LEU V 521 77.84 -60.23 -28.35
C LEU V 521 78.14 -58.74 -28.52
N TRP V 522 79.07 -58.21 -27.74
CA TRP V 522 79.44 -56.80 -27.85
C TRP V 522 80.52 -56.61 -28.91
N HIS V 523 80.52 -55.44 -29.53
CA HIS V 523 81.50 -55.10 -30.55
C HIS V 523 81.94 -53.65 -30.39
N GLU V 524 82.94 -53.26 -31.18
CA GLU V 524 83.61 -51.98 -30.97
C GLU V 524 82.68 -50.80 -31.25
N ASN V 525 82.03 -50.79 -32.43
CA ASN V 525 81.21 -49.64 -32.79
C ASN V 525 79.92 -49.58 -31.97
N LEU V 526 79.59 -50.65 -31.26
CA LEU V 526 78.40 -50.63 -30.42
C LEU V 526 78.55 -49.64 -29.28
N LYS V 527 77.48 -48.89 -29.01
CA LYS V 527 77.47 -47.90 -27.95
C LYS V 527 76.48 -48.21 -26.84
N VAL V 528 75.22 -48.45 -27.18
CA VAL V 528 74.19 -48.78 -26.19
C VAL V 528 73.37 -49.95 -26.74
N LEU V 529 73.03 -50.88 -25.85
CA LEU V 529 72.18 -52.02 -26.18
C LEU V 529 70.96 -52.01 -25.27
N PHE V 530 69.78 -52.09 -25.86
CA PHE V 530 68.52 -52.00 -25.12
C PHE V 530 67.84 -53.37 -25.10
N VAL V 531 67.46 -53.81 -23.90
CA VAL V 531 66.67 -55.02 -23.71
C VAL V 531 65.33 -54.61 -23.14
N THR V 532 64.25 -54.90 -23.87
CA THR V 532 62.92 -54.42 -23.53
C THR V 532 61.98 -55.61 -23.36
N ASN V 533 61.49 -55.80 -22.13
CA ASN V 533 60.45 -56.80 -21.87
C ASN V 533 59.09 -56.10 -21.83
N GLY V 534 58.70 -55.58 -22.99
CA GLY V 534 57.50 -54.77 -23.06
C GLY V 534 57.71 -53.43 -22.40
N THR V 535 56.61 -52.80 -21.99
CA THR V 535 56.66 -51.53 -21.28
C THR V 535 56.74 -51.71 -19.77
N SER V 536 56.96 -52.93 -19.29
CA SER V 536 57.06 -53.18 -17.87
C SER V 536 58.47 -53.00 -17.33
N LYS V 537 59.48 -53.29 -18.14
CA LYS V 537 60.87 -53.14 -17.71
C LYS V 537 61.80 -53.09 -18.91
N ILE V 538 62.65 -52.07 -18.99
CA ILE V 538 63.60 -51.89 -20.07
C ILE V 538 64.99 -51.86 -19.48
N HIS V 539 65.87 -52.73 -20.00
CA HIS V 539 67.25 -52.79 -19.56
C HIS V 539 68.16 -52.23 -20.65
N TYR V 540 69.06 -51.33 -20.25
CA TYR V 540 70.06 -50.80 -21.17
C TYR V 540 71.44 -51.25 -20.70
N TYR V 541 72.29 -51.56 -21.67
CA TYR V 541 73.63 -52.05 -21.40
C TYR V 541 74.64 -51.15 -22.08
N THR V 542 75.66 -50.73 -21.33
CA THR V 542 76.72 -49.88 -21.84
C THR V 542 78.05 -50.43 -21.39
N LYS V 543 79.12 -50.03 -22.08
CA LYS V 543 80.45 -50.56 -21.77
C LYS V 543 80.90 -50.13 -20.37
N GLU V 544 80.34 -49.05 -19.85
CA GLU V 544 80.78 -48.49 -18.58
C GLU V 544 79.75 -48.63 -17.46
N HIS V 545 78.49 -48.91 -17.79
CA HIS V 545 77.45 -48.96 -16.77
C HIS V 545 76.25 -49.74 -17.30
N ASN V 546 75.44 -50.25 -16.37
CA ASN V 546 74.28 -51.04 -16.69
C ASN V 546 73.19 -50.79 -15.65
N SER V 547 71.95 -50.63 -16.12
CA SER V 547 70.83 -50.40 -15.22
C SER V 547 69.53 -50.72 -15.95
N ALA V 548 68.47 -50.85 -15.18
CA ALA V 548 67.15 -51.21 -15.71
C ALA V 548 66.08 -50.34 -15.06
N VAL V 549 65.18 -49.81 -15.87
CA VAL V 549 64.09 -48.94 -15.40
C VAL V 549 62.78 -49.69 -15.61
N LEU V 550 61.96 -49.76 -14.57
CA LEU V 550 60.67 -50.42 -14.65
C LEU V 550 59.61 -49.47 -15.20
N GLY V 551 58.48 -50.04 -15.61
CA GLY V 551 57.40 -49.25 -16.18
C GLY V 551 56.07 -49.95 -16.04
N LEU V 552 55.02 -49.21 -16.37
CA LEU V 552 53.66 -49.74 -16.30
C LEU V 552 53.32 -50.53 -17.56
N GLU V 553 52.60 -51.64 -17.37
CA GLU V 553 52.10 -52.41 -18.51
C GLU V 553 50.65 -52.86 -18.30
N ASP V 554 50.01 -52.47 -17.19
CA ASP V 554 48.61 -52.81 -16.95
C ASP V 554 47.75 -51.74 -17.61
N VAL V 555 47.40 -51.97 -18.87
CA VAL V 555 46.65 -50.99 -19.66
C VAL V 555 45.39 -51.66 -20.20
N PRO V 556 44.37 -50.88 -20.53
CA PRO V 556 43.19 -51.46 -21.17
C PRO V 556 43.54 -52.18 -22.46
N LEU V 557 43.26 -53.48 -22.49
CA LEU V 557 43.63 -54.33 -23.61
C LEU V 557 42.38 -54.91 -24.27
N THR V 558 42.35 -54.89 -25.60
CA THR V 558 41.22 -55.46 -26.33
C THR V 558 41.81 -56.67 -27.05
N PRO V 559 40.96 -57.50 -27.69
CA PRO V 559 41.55 -58.60 -28.45
C PRO V 559 42.45 -58.10 -29.57
N TYR V 560 42.06 -57.04 -30.25
CA TYR V 560 42.90 -56.46 -31.30
C TYR V 560 44.21 -55.93 -30.73
N THR V 561 44.17 -55.34 -29.55
CA THR V 561 45.38 -54.74 -28.95
C THR V 561 46.19 -55.71 -28.10
N SER V 562 45.77 -56.98 -28.03
CA SER V 562 46.47 -57.97 -27.21
C SER V 562 47.90 -58.20 -27.65
N ASP V 563 48.18 -57.99 -28.93
CA ASP V 563 49.52 -58.23 -29.48
C ASP V 563 50.64 -57.40 -28.85
N MET V 564 50.34 -56.19 -28.38
CA MET V 564 51.35 -55.30 -27.78
C MET V 564 52.33 -54.83 -28.82
N SER V 565 51.84 -54.59 -30.03
CA SER V 565 52.68 -54.12 -31.13
C SER V 565 52.97 -52.63 -31.03
N ALA V 566 51.95 -51.84 -30.65
CA ALA V 566 52.13 -50.39 -30.59
C ALA V 566 53.09 -50.00 -29.47
N SER V 567 53.20 -50.85 -28.43
CA SER V 567 54.10 -50.53 -27.32
C SER V 567 55.55 -50.48 -27.78
N GLY V 568 55.98 -51.47 -28.55
CA GLY V 568 57.35 -51.47 -29.05
C GLY V 568 57.61 -50.32 -30.01
N ASP V 569 56.64 -50.01 -30.87
CA ASP V 569 56.78 -48.87 -31.78
C ASP V 569 56.93 -47.57 -31.02
N GLY V 570 56.10 -47.36 -29.99
CA GLY V 570 56.23 -46.15 -29.19
C GLY V 570 57.54 -46.08 -28.44
N ILE V 571 57.98 -47.21 -27.90
CA ILE V 571 59.27 -47.26 -27.19
C ILE V 571 60.40 -46.87 -28.14
N ILE V 572 60.43 -47.48 -29.32
CA ILE V 572 61.49 -47.19 -30.28
C ILE V 572 61.42 -45.74 -30.74
N ALA V 573 60.21 -45.21 -30.96
CA ALA V 573 60.08 -43.83 -31.39
C ALA V 573 60.57 -42.87 -30.32
N GLY V 574 60.21 -43.10 -29.07
CA GLY V 574 60.69 -42.25 -27.99
C GLY V 574 62.19 -42.32 -27.82
N ILE V 575 62.77 -43.52 -27.92
CA ILE V 575 64.21 -43.68 -27.81
C ILE V 575 64.92 -42.93 -28.93
N ILE V 576 64.42 -43.08 -30.16
CA ILE V 576 65.04 -42.41 -31.30
C ILE V 576 64.94 -40.89 -31.14
N ARG V 577 63.77 -40.40 -30.72
CA ARG V 577 63.60 -38.97 -30.53
C ARG V 577 64.57 -38.43 -29.48
N MET V 578 64.65 -39.10 -28.33
CA MET V 578 65.51 -38.61 -27.26
C MET V 578 66.99 -38.68 -27.64
N LEU V 579 67.39 -39.73 -28.36
CA LEU V 579 68.79 -39.85 -28.74
C LEU V 579 69.17 -38.86 -29.83
N THR V 580 68.29 -38.66 -30.80
CA THR V 580 68.66 -37.81 -31.93
C THR V 580 68.77 -36.37 -31.52
N VAL V 581 67.97 -35.94 -30.57
CA VAL V 581 68.02 -34.58 -30.11
C VAL V 581 69.36 -34.21 -29.46
N GLN V 582 69.91 -35.09 -28.63
CA GLN V 582 71.22 -34.82 -28.02
C GLN V 582 72.19 -35.97 -28.31
N PRO V 583 72.76 -36.07 -29.54
CA PRO V 583 73.60 -37.23 -29.83
C PRO V 583 74.81 -37.36 -28.93
N HIS V 584 75.29 -36.24 -28.36
CA HIS V 584 76.50 -36.28 -27.54
C HIS V 584 76.26 -37.00 -26.22
N LEU V 585 75.01 -37.08 -25.76
CA LEU V 585 74.68 -37.69 -24.49
C LEU V 585 74.08 -39.09 -24.65
N MET V 586 74.50 -39.84 -25.66
CA MET V 586 73.98 -41.20 -25.84
C MET V 586 74.49 -42.14 -24.75
N THR V 587 75.69 -41.87 -24.23
CA THR V 587 76.30 -42.73 -23.22
C THR V 587 76.08 -42.25 -21.79
N ASP V 588 75.38 -41.13 -21.60
CA ASP V 588 75.16 -40.62 -20.26
C ASP V 588 74.11 -41.45 -19.52
N LYS V 589 74.33 -41.64 -18.21
CA LYS V 589 73.42 -42.46 -17.43
C LYS V 589 72.07 -41.78 -17.23
N GLY V 590 72.08 -40.54 -16.75
CA GLY V 590 70.83 -39.84 -16.49
C GLY V 590 70.02 -39.60 -17.75
N TYR V 591 70.70 -39.26 -18.85
CA TYR V 591 69.99 -39.05 -20.11
C TYR V 591 69.38 -40.35 -20.62
N LEU V 592 70.08 -41.47 -20.46
CA LEU V 592 69.53 -42.75 -20.87
C LEU V 592 68.34 -43.14 -20.00
N GLU V 593 68.41 -42.83 -18.70
CA GLU V 593 67.27 -43.11 -17.83
C GLU V 593 66.05 -42.27 -18.23
N ARG V 594 66.27 -40.98 -18.51
CA ARG V 594 65.18 -40.15 -19.00
C ARG V 594 64.63 -40.67 -20.32
N THR V 595 65.51 -41.12 -21.21
CA THR V 595 65.08 -41.68 -22.49
C THR V 595 64.22 -42.92 -22.28
N LEU V 596 64.62 -43.80 -21.37
CA LEU V 596 63.85 -45.01 -21.10
C LEU V 596 62.49 -44.68 -20.50
N LYS V 597 62.45 -43.71 -19.58
CA LYS V 597 61.17 -43.32 -19.00
C LYS V 597 60.25 -42.71 -20.05
N TYR V 598 60.80 -41.86 -20.92
CA TYR V 598 60.01 -41.27 -21.99
C TYR V 598 59.52 -42.35 -22.97
N ALA V 599 60.35 -43.35 -23.23
CA ALA V 599 59.93 -44.43 -24.13
C ALA V 599 58.83 -45.27 -23.52
N ILE V 600 58.91 -45.56 -22.22
CA ILE V 600 57.84 -46.30 -21.56
C ILE V 600 56.55 -45.50 -21.58
N SER V 601 56.64 -44.19 -21.33
CA SER V 601 55.45 -43.34 -21.39
C SER V 601 54.84 -43.33 -22.79
N CYS V 602 55.69 -43.22 -23.82
CA CYS V 602 55.18 -43.21 -25.19
C CYS V 602 54.55 -44.55 -25.56
N GLY V 603 55.14 -45.65 -25.10
CA GLY V 603 54.55 -46.96 -25.37
C GLY V 603 53.20 -47.13 -24.71
N VAL V 604 53.08 -46.71 -23.45
CA VAL V 604 51.79 -46.77 -22.78
C VAL V 604 50.76 -45.90 -23.49
N VAL V 605 51.18 -44.70 -23.90
CA VAL V 605 50.27 -43.80 -24.59
C VAL V 605 49.80 -44.40 -25.91
N ASP V 606 50.72 -45.00 -26.66
CA ASP V 606 50.34 -45.60 -27.95
C ASP V 606 49.44 -46.80 -27.76
N GLN V 607 49.67 -47.57 -26.69
CA GLN V 607 48.78 -48.70 -26.42
C GLN V 607 47.38 -48.22 -26.07
N TRP V 608 47.28 -47.18 -25.24
CA TRP V 608 45.97 -46.60 -24.94
C TRP V 608 45.29 -46.08 -26.19
N LEU V 609 46.06 -45.41 -27.06
CA LEU V 609 45.48 -44.85 -28.28
C LEU V 609 44.99 -45.94 -29.22
N GLN V 610 45.71 -47.05 -29.33
CA GLN V 610 45.25 -48.13 -30.18
C GLN V 610 44.06 -48.86 -29.57
N ALA V 611 44.01 -48.96 -28.24
CA ALA V 611 42.87 -49.59 -27.60
C ALA V 611 41.61 -48.74 -27.77
N ARG V 612 41.76 -47.42 -27.76
CA ARG V 612 40.60 -46.54 -27.91
C ARG V 612 40.19 -46.41 -29.38
N ARG V 613 41.16 -46.37 -30.29
CA ARG V 613 40.85 -46.23 -31.71
C ARG V 613 40.16 -47.49 -32.24
N LEU V 614 40.74 -48.65 -31.95
CA LEU V 614 40.17 -49.94 -32.33
C LEU V 614 39.51 -50.55 -31.09
N GLY V 615 38.17 -50.60 -31.10
CA GLY V 615 37.45 -51.02 -29.92
C GLY V 615 37.44 -52.51 -29.70
N TYR V 616 36.32 -53.04 -29.21
CA TYR V 616 36.21 -54.44 -28.89
C TYR V 616 35.38 -55.18 -29.94
N PRO V 617 35.69 -56.44 -30.20
CA PRO V 617 34.83 -57.23 -31.08
C PRO V 617 33.45 -57.38 -30.47
N PRO V 618 32.42 -57.59 -31.28
CA PRO V 618 31.07 -57.74 -30.74
C PRO V 618 30.95 -59.00 -29.90
N LYS V 619 30.10 -58.91 -28.87
CA LYS V 619 29.93 -60.02 -27.95
C LYS V 619 28.98 -61.06 -28.55
N GLU V 620 28.55 -62.03 -27.73
CA GLU V 620 27.70 -63.11 -28.23
C GLU V 620 26.46 -62.56 -28.92
N GLY V 621 25.91 -61.46 -28.42
CA GLY V 621 24.81 -60.79 -29.10
C GLY V 621 25.31 -59.67 -29.99
N MET V 622 25.43 -59.94 -31.29
CA MET V 622 25.99 -59.00 -32.26
C MET V 622 24.90 -58.59 -33.24
N GLU V 623 24.34 -57.40 -33.05
CA GLU V 623 23.33 -56.83 -33.94
C GLU V 623 23.72 -55.36 -34.19
N ASP V 624 25.00 -55.14 -34.48
CA ASP V 624 25.54 -53.80 -34.70
C ASP V 624 25.76 -53.59 -36.19
N ASP V 625 25.56 -52.35 -36.63
CA ASP V 625 25.82 -51.99 -38.02
C ASP V 625 27.28 -52.28 -38.37
N VAL V 626 27.47 -52.94 -39.51
CA VAL V 626 28.78 -53.42 -39.92
C VAL V 626 29.36 -52.49 -40.99
N VAL V 627 30.64 -52.18 -40.86
CA VAL V 627 31.38 -51.47 -41.90
C VAL V 627 31.87 -52.54 -42.88
N PRO V 628 32.45 -52.17 -44.05
CA PRO V 628 33.01 -53.21 -44.93
C PRO V 628 33.97 -54.16 -44.22
N ASP V 629 33.62 -55.44 -44.24
CA ASP V 629 34.37 -56.60 -43.72
C ASP V 629 34.74 -56.47 -42.24
N ASP V 630 34.19 -55.50 -41.50
CA ASP V 630 34.55 -55.34 -40.10
C ASP V 630 33.34 -54.86 -39.31
N HIS V 631 33.36 -55.15 -38.01
CA HIS V 631 32.35 -54.66 -37.07
C HIS V 631 32.99 -54.58 -35.69
N GLY V 632 33.00 -53.38 -35.11
CA GLY V 632 33.59 -53.17 -33.81
C GLY V 632 32.77 -52.26 -32.91
N ILE V 633 32.76 -52.54 -31.61
CA ILE V 633 31.98 -51.76 -30.67
C ILE V 633 32.91 -51.09 -29.66
N LYS V 634 32.35 -50.30 -28.76
CA LYS V 634 33.11 -49.56 -27.76
C LYS V 634 33.25 -50.36 -26.47
N SER V 635 34.00 -49.81 -25.52
CA SER V 635 34.19 -50.48 -24.25
C SER V 635 32.88 -50.52 -23.46
N VAL V 636 32.07 -49.47 -23.55
CA VAL V 636 30.80 -49.46 -22.84
C VAL V 636 29.82 -50.44 -23.48
N THR V 637 29.82 -50.53 -24.81
CA THR V 637 28.92 -51.45 -25.50
C THR V 637 29.29 -52.89 -25.21
N GLU V 638 30.59 -53.18 -25.07
CA GLU V 638 31.02 -54.55 -24.83
C GLU V 638 30.68 -54.99 -23.41
N ARG V 639 30.65 -54.05 -22.47
CA ARG V 639 30.38 -54.37 -21.06
C ARG V 639 28.86 -54.36 -20.78
N GLU V 640 28.17 -55.31 -21.41
CA GLU V 640 26.74 -55.50 -21.19
C GLU V 640 26.49 -56.79 -20.43
N TYR V 641 25.29 -56.91 -19.88
CA TYR V 641 24.93 -58.10 -19.13
C TYR V 641 24.89 -59.34 -20.02
N ARG V 642 24.31 -59.21 -21.21
CA ARG V 642 24.24 -60.32 -22.15
C ARG V 642 24.58 -59.88 -23.56
N ASP W 69 27.11 -70.28 -37.05
CA ASP W 69 28.51 -70.68 -37.02
C ASP W 69 29.33 -69.90 -38.03
N TYR W 70 30.53 -70.39 -38.33
CA TYR W 70 31.44 -69.76 -39.27
C TYR W 70 31.77 -70.72 -40.39
N LEU W 71 31.73 -70.23 -41.64
CA LEU W 71 32.05 -71.07 -42.78
C LEU W 71 33.51 -71.50 -42.76
N VAL W 72 34.40 -70.59 -42.38
CA VAL W 72 35.81 -70.94 -42.24
C VAL W 72 35.98 -71.93 -41.09
N LYS W 73 36.83 -72.93 -41.28
CA LYS W 73 37.00 -74.00 -40.31
C LYS W 73 38.48 -74.24 -40.06
N LYS W 74 38.78 -74.68 -38.84
CA LYS W 74 40.15 -75.02 -38.48
C LYS W 74 40.52 -76.37 -39.06
N VAL W 75 41.65 -76.43 -39.76
CA VAL W 75 42.10 -77.64 -40.45
C VAL W 75 43.57 -77.88 -40.11
N SER W 76 43.95 -79.14 -40.00
CA SER W 76 45.34 -79.49 -39.74
C SER W 76 46.17 -79.38 -41.01
N ALA W 77 47.49 -79.52 -40.85
CA ALA W 77 48.39 -79.43 -41.99
C ALA W 77 48.28 -80.66 -42.89
N LYS W 78 47.94 -81.83 -42.33
CA LYS W 78 47.86 -83.04 -43.12
C LYS W 78 46.72 -82.95 -44.15
N ASP W 79 45.55 -82.50 -43.72
CA ASP W 79 44.46 -82.34 -44.67
C ASP W 79 44.73 -81.24 -45.68
N ILE W 80 45.53 -80.23 -45.31
CA ILE W 80 45.94 -79.22 -46.28
C ILE W 80 46.84 -79.83 -47.33
N GLN W 81 47.76 -80.70 -46.92
CA GLN W 81 48.59 -81.42 -47.88
C GLN W 81 47.74 -82.30 -48.78
N GLU W 82 46.72 -82.95 -48.21
CA GLU W 82 45.84 -83.78 -49.02
C GLU W 82 45.06 -82.96 -50.03
N LEU W 83 44.60 -81.77 -49.62
CA LEU W 83 43.84 -80.91 -50.53
C LEU W 83 44.72 -80.36 -51.65
N ILE W 84 45.95 -79.95 -51.32
CA ILE W 84 46.84 -79.42 -52.36
C ILE W 84 47.31 -80.55 -53.28
N LYS W 85 47.39 -81.77 -52.76
CA LYS W 85 47.77 -82.91 -53.60
C LYS W 85 46.64 -83.27 -54.56
N GLY W 86 45.43 -83.44 -54.04
CA GLY W 86 44.31 -83.80 -54.89
C GLY W 86 43.78 -82.62 -55.69
N GLU W 87 43.19 -82.94 -56.84
CA GLU W 87 42.63 -81.91 -57.71
C GLU W 87 41.36 -81.33 -57.11
N ARG W 88 41.07 -80.08 -57.48
CA ARG W 88 39.87 -79.39 -57.01
C ARG W 88 39.39 -78.43 -58.09
N ASN W 89 38.10 -78.12 -58.04
CA ASN W 89 37.48 -77.22 -59.01
C ASN W 89 37.18 -75.85 -58.42
N VAL W 90 37.66 -75.56 -57.22
CA VAL W 90 37.42 -74.28 -56.57
C VAL W 90 38.75 -73.72 -56.05
N PRO W 91 38.94 -72.40 -56.03
CA PRO W 91 40.17 -71.84 -55.49
C PRO W 91 40.29 -72.14 -53.99
N LEU W 92 41.52 -72.41 -53.55
CA LEU W 92 41.79 -72.73 -52.16
C LEU W 92 42.44 -71.52 -51.49
N ILE W 93 41.82 -71.04 -50.42
CA ILE W 93 42.33 -69.91 -49.64
C ILE W 93 42.72 -70.44 -48.27
N ILE W 94 44.00 -70.29 -47.92
CA ILE W 94 44.53 -70.80 -46.66
C ILE W 94 44.99 -69.60 -45.84
N ASP W 95 44.50 -69.52 -44.60
CA ASP W 95 44.83 -68.42 -43.70
C ASP W 95 45.62 -68.95 -42.51
N PHE W 96 46.86 -68.50 -42.37
CA PHE W 96 47.67 -68.79 -41.20
C PHE W 96 47.36 -67.75 -40.13
N TYR W 97 46.87 -68.22 -38.98
CA TYR W 97 46.49 -67.31 -37.93
C TYR W 97 46.98 -67.83 -36.61
N ALA W 98 47.06 -66.95 -35.63
CA ALA W 98 47.43 -67.38 -34.31
C ALA W 98 46.47 -66.69 -33.40
N THR W 99 46.11 -67.32 -32.30
CA THR W 99 45.11 -66.74 -31.44
C THR W 99 45.62 -65.42 -30.92
N TRP W 100 46.89 -65.38 -30.58
CA TRP W 100 47.42 -64.19 -29.96
C TRP W 100 47.37 -62.94 -30.81
N CYS W 101 47.67 -63.04 -32.10
CA CYS W 101 47.74 -61.82 -32.89
C CYS W 101 46.45 -61.09 -33.06
N GLY W 102 46.47 -59.80 -32.83
CA GLY W 102 45.28 -58.99 -33.05
C GLY W 102 44.84 -58.84 -34.48
N PRO W 103 45.78 -58.60 -35.38
CA PRO W 103 45.29 -58.37 -36.74
C PRO W 103 44.57 -59.57 -37.29
N CYS W 104 45.04 -60.76 -36.96
CA CYS W 104 44.43 -61.94 -37.51
C CYS W 104 42.98 -62.08 -37.09
N ILE W 105 42.64 -61.64 -35.90
CA ILE W 105 41.25 -61.69 -35.45
C ILE W 105 40.38 -60.86 -36.36
N LEU W 106 40.85 -59.71 -36.81
CA LEU W 106 40.06 -58.93 -37.75
C LEU W 106 39.96 -59.64 -39.08
N MET W 107 41.06 -60.06 -39.66
CA MET W 107 41.11 -60.79 -40.93
C MET W 107 40.08 -61.92 -40.98
N ALA W 108 39.76 -62.51 -39.83
CA ALA W 108 38.76 -63.58 -39.80
C ALA W 108 37.39 -63.07 -40.22
N GLN W 109 37.06 -61.82 -39.85
CA GLN W 109 35.78 -61.24 -40.26
C GLN W 109 35.74 -61.01 -41.76
N GLU W 110 36.85 -60.54 -42.34
CA GLU W 110 36.92 -60.39 -43.79
C GLU W 110 36.77 -61.75 -44.47
N LEU W 111 37.42 -62.78 -43.93
CA LEU W 111 37.30 -64.12 -44.50
C LEU W 111 35.86 -64.62 -44.42
N GLU W 112 35.18 -64.36 -43.30
CA GLU W 112 33.79 -64.77 -43.17
C GLU W 112 32.90 -64.06 -44.17
N MET W 113 33.10 -62.74 -44.34
CA MET W 113 32.30 -62.00 -45.31
C MET W 113 32.59 -62.49 -46.73
N LEU W 114 33.84 -62.84 -47.02
CA LEU W 114 34.18 -63.34 -48.35
C LEU W 114 33.54 -64.71 -48.60
N ALA W 115 33.52 -65.56 -47.57
CA ALA W 115 32.86 -66.85 -47.69
C ALA W 115 31.36 -66.68 -47.87
N VAL W 116 30.79 -65.64 -47.26
CA VAL W 116 29.38 -65.33 -47.47
C VAL W 116 29.15 -64.89 -48.91
N GLU W 117 30.03 -64.03 -49.43
CA GLU W 117 29.88 -63.56 -50.80
C GLU W 117 30.11 -64.68 -51.80
N TYR W 118 31.01 -65.62 -51.49
CA TYR W 118 31.29 -66.77 -52.33
C TYR W 118 30.96 -68.03 -51.53
N GLU W 119 29.71 -68.47 -51.61
CA GLU W 119 29.26 -69.58 -50.78
C GLU W 119 29.93 -70.88 -51.19
N SER W 120 29.84 -71.24 -52.47
CA SER W 120 30.41 -72.47 -52.98
C SER W 120 31.45 -72.28 -54.06
N ASN W 121 31.71 -71.03 -54.49
CA ASN W 121 32.68 -70.80 -55.56
C ASN W 121 34.10 -71.01 -55.04
N ALA W 122 34.36 -70.68 -53.78
CA ALA W 122 35.68 -70.80 -53.19
C ALA W 122 35.60 -71.49 -51.83
N LEU W 123 36.74 -71.98 -51.37
CA LEU W 123 36.87 -72.64 -50.08
C LEU W 123 37.87 -71.87 -49.23
N ILE W 124 37.46 -71.50 -48.01
CA ILE W 124 38.30 -70.74 -47.10
C ILE W 124 38.57 -71.59 -45.87
N VAL W 125 39.84 -71.89 -45.62
CA VAL W 125 40.25 -72.68 -44.46
C VAL W 125 41.34 -71.91 -43.71
N LYS W 126 41.47 -72.22 -42.43
CA LYS W 126 42.45 -71.58 -41.57
C LYS W 126 43.22 -72.64 -40.80
N VAL W 127 44.49 -72.35 -40.52
CA VAL W 127 45.37 -73.24 -39.77
C VAL W 127 46.07 -72.43 -38.69
N ASP W 128 46.12 -72.98 -37.49
CA ASP W 128 46.77 -72.29 -36.37
C ASP W 128 48.29 -72.38 -36.52
N THR W 129 48.95 -71.22 -36.47
CA THR W 129 50.39 -71.18 -36.70
C THR W 129 51.16 -71.74 -35.51
N ASP W 130 50.65 -71.51 -34.29
CA ASP W 130 51.36 -71.97 -33.10
C ASP W 130 51.39 -73.49 -33.02
N ASP W 131 50.29 -74.15 -33.39
CA ASP W 131 50.25 -75.61 -33.34
C ASP W 131 51.06 -76.22 -34.48
N GLU W 132 51.04 -75.59 -35.64
CA GLU W 132 51.76 -76.08 -36.82
C GLU W 132 52.80 -75.02 -37.21
N TYR W 133 53.98 -75.10 -36.60
CA TYR W 133 55.01 -74.11 -36.86
C TYR W 133 55.94 -74.55 -38.00
N GLU W 134 56.24 -75.84 -38.08
CA GLU W 134 57.10 -76.33 -39.16
C GLU W 134 56.41 -76.19 -40.51
N PHE W 135 55.10 -76.48 -40.57
CA PHE W 135 54.37 -76.37 -41.82
C PHE W 135 54.35 -74.93 -42.32
N ALA W 136 54.14 -73.98 -41.42
CA ALA W 136 54.21 -72.57 -41.81
C ALA W 136 55.62 -72.18 -42.21
N ARG W 137 56.63 -72.72 -41.52
CA ARG W 137 58.02 -72.37 -41.81
C ARG W 137 58.42 -72.83 -43.21
N ASP W 138 58.02 -74.04 -43.60
CA ASP W 138 58.41 -74.53 -44.93
C ASP W 138 57.63 -73.83 -46.03
N MET W 139 56.47 -73.26 -45.70
CA MET W 139 55.66 -72.52 -46.67
C MET W 139 56.05 -71.05 -46.73
N GLN W 140 57.16 -70.66 -46.13
CA GLN W 140 57.65 -69.28 -46.12
C GLN W 140 56.60 -68.32 -45.55
N VAL W 141 56.18 -68.59 -44.33
CA VAL W 141 55.29 -67.69 -43.59
C VAL W 141 56.18 -66.70 -42.83
N ARG W 142 56.26 -65.47 -43.33
CA ARG W 142 57.12 -64.48 -42.71
C ARG W 142 56.40 -63.72 -41.60
N GLY W 143 55.08 -63.66 -41.66
CA GLY W 143 54.36 -62.89 -40.68
C GLY W 143 52.98 -63.40 -40.39
N LEU W 144 52.41 -62.98 -39.28
CA LEU W 144 51.11 -63.52 -38.92
C LEU W 144 49.87 -63.21 -39.74
N PRO W 145 49.70 -61.96 -40.16
CA PRO W 145 48.47 -61.79 -40.95
C PRO W 145 48.73 -62.08 -42.43
N THR W 146 48.95 -63.33 -42.80
CA THR W 146 49.26 -63.74 -44.17
C THR W 146 48.13 -64.58 -44.74
N LEU W 147 47.90 -64.45 -46.04
CA LEU W 147 46.87 -65.22 -46.74
C LEU W 147 47.49 -65.86 -47.96
N TYR W 148 47.18 -67.14 -48.17
CA TYR W 148 47.68 -67.90 -49.31
C TYR W 148 46.51 -68.21 -50.23
N PHE W 149 46.63 -67.78 -51.49
CA PHE W 149 45.61 -68.02 -52.51
C PHE W 149 46.14 -69.06 -53.49
N ILE W 150 45.45 -70.19 -53.58
CA ILE W 150 45.83 -71.29 -54.46
C ILE W 150 44.82 -71.36 -55.60
N SER W 151 45.32 -71.20 -56.83
CA SER W 151 44.45 -71.26 -57.99
C SER W 151 44.04 -72.70 -58.29
N PRO W 152 42.85 -72.89 -58.87
CA PRO W 152 42.43 -74.27 -59.22
C PRO W 152 43.38 -74.95 -60.20
N ASP W 153 43.81 -74.21 -61.22
CA ASP W 153 44.71 -74.79 -62.24
C ASP W 153 45.99 -75.17 -61.62
N PRO W 154 46.46 -76.39 -61.90
CA PRO W 154 47.67 -76.81 -61.22
C PRO W 154 48.89 -76.25 -61.86
N ASN W 155 48.73 -75.34 -62.81
CA ASN W 155 49.85 -74.81 -63.51
C ASN W 155 50.03 -73.38 -63.11
N LYS W 156 49.05 -72.77 -62.48
CA LYS W 156 49.23 -71.38 -62.18
C LYS W 156 49.94 -71.26 -60.86
N ASP W 157 50.41 -70.08 -60.54
CA ASP W 157 51.22 -69.87 -59.35
C ASP W 157 50.35 -69.45 -58.17
N ALA W 158 50.88 -69.63 -56.97
CA ALA W 158 50.18 -69.23 -55.76
C ALA W 158 50.41 -67.75 -55.46
N ILE W 159 49.44 -67.15 -54.77
CA ILE W 159 49.50 -65.74 -54.40
C ILE W 159 49.53 -65.65 -52.88
N ARG W 160 50.55 -64.97 -52.35
CA ARG W 160 50.70 -64.76 -50.92
C ARG W 160 50.58 -63.27 -50.64
N THR W 161 49.69 -62.92 -49.71
CA THR W 161 49.47 -61.53 -49.30
C THR W 161 49.80 -61.40 -47.82
N GLU W 162 50.74 -60.52 -47.50
CA GLU W 162 51.20 -60.30 -46.14
C GLU W 162 50.60 -59.02 -45.60
N GLY W 163 50.02 -59.11 -44.41
CA GLY W 163 49.43 -57.96 -43.74
C GLY W 163 47.93 -57.88 -43.97
N LEU W 164 47.29 -57.04 -43.14
CA LEU W 164 45.86 -56.83 -43.29
C LEU W 164 45.56 -56.11 -44.59
N ILE W 165 44.62 -56.65 -45.36
CA ILE W 165 44.35 -56.16 -46.70
C ILE W 165 42.86 -55.92 -46.88
N PRO W 166 42.45 -54.99 -47.76
CA PRO W 166 41.02 -54.76 -47.97
C PRO W 166 40.35 -55.95 -48.63
N ILE W 167 39.03 -56.03 -48.44
CA ILE W 167 38.27 -57.13 -49.00
C ILE W 167 38.16 -57.00 -50.51
N GLN W 168 38.18 -55.76 -51.02
CA GLN W 168 38.08 -55.55 -52.46
C GLN W 168 39.29 -56.12 -53.19
N MET W 169 40.47 -55.98 -52.58
CA MET W 169 41.67 -56.55 -53.19
C MET W 169 41.60 -58.08 -53.22
N MET W 170 41.09 -58.67 -52.14
CA MET W 170 40.92 -60.13 -52.11
C MET W 170 39.94 -60.59 -53.18
N ARG W 171 38.83 -59.85 -53.35
CA ARG W 171 37.87 -60.20 -54.39
C ARG W 171 38.50 -60.08 -55.77
N ASP W 172 39.25 -59.00 -56.03
CA ASP W 172 39.91 -58.84 -57.31
C ASP W 172 40.92 -59.97 -57.56
N ILE W 173 41.61 -60.40 -56.50
CA ILE W 173 42.60 -61.46 -56.65
C ILE W 173 41.92 -62.79 -56.98
N ILE W 174 40.87 -63.14 -56.24
CA ILE W 174 40.22 -64.43 -56.47
C ILE W 174 39.46 -64.43 -57.78
N ASN W 175 39.08 -63.24 -58.28
CA ASN W 175 38.40 -63.16 -59.56
C ASN W 175 39.39 -63.25 -60.72
N ASN W 176 40.41 -62.39 -60.72
CA ASN W 176 41.34 -62.36 -61.84
C ASN W 176 42.26 -63.58 -61.83
N ASP W 177 42.96 -63.81 -60.72
CA ASP W 177 43.89 -64.92 -60.62
C ASP W 177 43.60 -65.79 -59.41
#